data_5M45
#
_entry.id   5M45
#
_cell.length_a   86.915
_cell.length_b   139.733
_cell.length_c   165.827
_cell.angle_alpha   65.89
_cell.angle_beta   86.54
_cell.angle_gamma   88.69
#
_symmetry.space_group_name_H-M   'P 1'
#
loop_
_entity.id
_entity.type
_entity.pdbx_description
1 polymer 'Acetone carboxylase alpha subunit'
2 polymer 'Acetone carboxylase beta subunit'
3 polymer 'Acetone carboxylase gamma subunit'
4 non-polymer 'MANGANESE (II) ION'
5 non-polymer 'ACETATE ION'
6 non-polymer 3,6,9,12,15-PENTAOXAHEPTADECAN-1-OL
7 non-polymer 'MAGNESIUM ION'
8 non-polymer 'ADENOSINE MONOPHOSPHATE'
9 non-polymer 'ZINC ION'
10 water water
#
loop_
_entity_poly.entity_id
_entity_poly.type
_entity_poly.pdbx_seq_one_letter_code
_entity_poly.pdbx_strand_id
1 'polypeptide(L)'
;MNVTVDQSTLAGATRGIVRGGETLKEHRDRLMAATKATGRYAGLKTLELREREPILYNKLFSRLRAGVVDARETAKKIAA
SPIVEQEGELCFTLYNAAGDSLLTSTGIIIHVGTMGAAIKYMIENNWEANPGVHDKDIFCNNDSLIGNVHPCDIHTIVPI
FWEGELIGWVGGVTHVIDTGAVGPGSMATGQVQRFGDGYSITCRKVGANDTLFRDWLHESQRMVRTTRYWMLDERTRIAG
CHMIRKLVEEVVAEEGIEAYWKFAYEAVEHGRLGLQARIKAMTIPGTYRQVGFVDVPYAHEDVRVPSDFAKLDTIMHAPC
EMTIRRDGTWRLDFEGSSRWGWHTYNAHQVSFTSGIWVMMTQTLIPSEMINDGAAYGTEFRLPKGTWMNPDDRRVAFSYS
WHFLVSAWTALWRGLSRSYFGRGYLEEVNAGNANTSNWLQGGGFNQYDEIHAVNSFECAANGTGATAVQDGLSHAAAIWN
PEGDMGDMEIWELAEPLVYLGRQIKASSGGSGKYRGGCGFESLRMVWNAKDWTMFFMGNGHISSDWGLMGGYPAASGYRF
AAHKTNLKELIASGAEIPLGGDTDPENPTWDAMLPDAQIKRDKQAITTEEMFSDYDLYLNYMRGGPGFGDPLDREPQAVA
DDINGGYVLERFAGEVYGVVVRKGADGQYGVDETATAAARAQIRKDRLAKSVPVSEWMKGEREKILAKDAGTQVRQMFAA
SFKLGPRFEKDFRTFWDLPDSWTLPEEEIGVPTYGSRYSMDISELPDVHTVQFVEE
;
A,D,G,J
2 'polypeptide(L)'
;MNVPVGHLRNVQVLGIDAGGTMTDTFFVDQDGDFVVGKAQSTPQNEALGLIASSEDGLANWGMSLHEALAQLQTGVYSGT
AMLNRVVQRKGLKCGLIVNRGMEDFHRMGRAVQSHLGYAYEDRIHLNTHRYDPPLVPRHLTRGVVERTDMMGTQVIPLRE
DTARDAARDLIAADAEGIVISLLHSYKNPVNERRVRDIVLEEVEKSGKKIPVFASADYYPVRKETHRTNTTILEGYAAEP
SRQTLSKISNAFKERGTKFDFRVMATHGGTISWKAKELARTIVSGPIGGVIGAKYLGEVLGYKNIACSDIGGTSFDVALI
TQGEMTIKNDPDMARLVLSLPLVAMDSVGAGAGSFIRLDPYTRAIKLGPDSAGYRVGVCWKESGIETVTISDCHMVLGYL
NPDNFLGGAVKLDRQRSVDAIKAQIADPLGLSVEDAAAGVIELLDSDLRDYLRSMISGKGYSPASFVCFSYGGAGPVHTY
GYTEGLGFEDVIVPAWAAGFSAFGCAAADFEYRYDKSLDINMPTETPDTDKEKAAATLQAAWEELTKNVLEEFKLNGYSA
DQVTLQPGYRMQYRGQLNDLEIESPLAQAHTAADWDQLTDAFNATYGRVYAASARSPELGYSVTGAIMRGMVPIPKPKIP
KEPEEGETPPESAKIGTRKFYRKKRWVDAQLYHMESLRPGNRVMGPAVIESDATTFVVPDGFETWLDGHRLFHLREV
;
B,E,H,K
3 'polypeptide(L)'
;MAYTRSKIVDLVDGKIDPDTLHQMLSTPKDPERFVTYVEILQERMPWDDKIILPLGPKLFIVQQKVSKKWTVRCECGHDF
CDWKDNWKLHARVHVRDTPQKMEEIYPRLMAPTPSWQVIREYFCPECGTLHDVEAPTPWYPVIHDFSPDIEGFYQEWLGL
PVPERADA
;
C,F,I,L
#
# COMPACT_ATOMS: atom_id res chain seq x y z
N ARG A 15 -4.29 -12.00 -24.49
CA ARG A 15 -3.75 -11.35 -23.23
C ARG A 15 -2.49 -12.06 -22.79
N GLY A 16 -1.43 -11.30 -22.52
CA GLY A 16 -0.22 -11.90 -21.94
C GLY A 16 -0.41 -12.30 -20.48
N ILE A 17 0.38 -13.28 -20.05
CA ILE A 17 0.23 -13.86 -18.70
C ILE A 17 0.82 -13.07 -17.55
N VAL A 18 1.74 -12.13 -17.81
CA VAL A 18 2.35 -11.35 -16.69
C VAL A 18 1.28 -10.45 -16.07
N ARG A 19 1.36 -10.22 -14.76
CA ARG A 19 0.47 -9.25 -14.10
C ARG A 19 0.44 -7.92 -14.85
N GLY A 20 -0.76 -7.43 -15.17
CA GLY A 20 -0.96 -6.23 -15.99
C GLY A 20 -1.28 -6.51 -17.47
N GLY A 21 -0.99 -7.72 -17.96
CA GLY A 21 -1.38 -8.14 -19.31
C GLY A 21 -0.29 -8.21 -20.39
N GLU A 22 0.93 -7.81 -20.06
CA GLU A 22 2.03 -8.01 -21.00
C GLU A 22 2.34 -9.51 -21.15
N THR A 23 2.77 -9.92 -22.34
CA THR A 23 3.45 -11.23 -22.47
C THR A 23 4.81 -11.20 -21.71
N LEU A 24 5.34 -12.38 -21.42
CA LEU A 24 6.70 -12.48 -20.83
C LEU A 24 7.74 -11.70 -21.63
N LYS A 25 7.74 -11.86 -22.96
CA LYS A 25 8.72 -11.19 -23.83
C LYS A 25 8.51 -9.66 -23.87
N GLU A 26 7.24 -9.21 -23.98
CA GLU A 26 6.92 -7.77 -23.94
C GLU A 26 7.44 -7.13 -22.66
N HIS A 27 7.20 -7.81 -21.53
CA HIS A 27 7.59 -7.36 -20.21
C HIS A 27 9.13 -7.21 -20.09
N ARG A 28 9.84 -8.29 -20.37
CA ARG A 28 11.31 -8.26 -20.32
C ARG A 28 11.90 -7.23 -21.30
N ASP A 29 11.42 -7.19 -22.55
CA ASP A 29 11.96 -6.23 -23.53
C ASP A 29 11.82 -4.75 -23.06
N ARG A 30 10.69 -4.41 -22.43
CA ARG A 30 10.44 -3.06 -21.89
C ARG A 30 11.45 -2.75 -20.80
N LEU A 31 11.67 -3.70 -19.90
CA LEU A 31 12.63 -3.52 -18.81
C LEU A 31 14.09 -3.41 -19.28
N MET A 32 14.48 -4.22 -20.26
CA MET A 32 15.84 -4.17 -20.79
C MET A 32 16.11 -2.85 -21.55
N ALA A 33 15.12 -2.38 -22.28
CA ALA A 33 15.25 -1.09 -23.01
C ALA A 33 15.41 0.11 -22.06
N ALA A 34 14.67 0.09 -20.95
CA ALA A 34 14.77 1.17 -19.93
C ALA A 34 16.12 1.09 -19.19
N THR A 35 16.62 -0.13 -18.94
CA THR A 35 17.95 -0.33 -18.38
C THR A 35 19.04 0.27 -19.25
N LYS A 36 18.97 -0.01 -20.54
CA LYS A 36 19.90 0.53 -21.51
C LYS A 36 19.83 2.06 -21.66
N ALA A 37 18.62 2.61 -21.70
CA ALA A 37 18.43 4.06 -21.85
C ALA A 37 18.87 4.91 -20.65
N THR A 38 18.68 4.40 -19.44
CA THR A 38 18.92 5.16 -18.22
C THR A 38 20.18 4.76 -17.44
N GLY A 39 20.74 3.58 -17.68
CA GLY A 39 21.79 3.07 -16.83
C GLY A 39 21.35 2.55 -15.47
N ARG A 40 20.04 2.51 -15.18
CA ARG A 40 19.53 1.94 -13.93
C ARG A 40 18.64 0.74 -14.23
N TYR A 41 18.66 -0.30 -13.41
CA TYR A 41 17.81 -1.47 -13.67
C TYR A 41 16.32 -1.05 -13.79
N ALA A 42 15.70 -1.48 -14.89
CA ALA A 42 14.29 -1.23 -15.16
C ALA A 42 13.91 0.27 -15.28
N GLY A 43 14.89 1.16 -15.46
CA GLY A 43 14.63 2.61 -15.45
C GLY A 43 14.28 3.25 -14.12
N LEU A 44 14.55 2.54 -13.01
CA LEU A 44 14.23 3.00 -11.67
C LEU A 44 15.21 4.07 -11.18
N LYS A 45 14.87 5.34 -11.45
CA LYS A 45 15.63 6.51 -10.97
C LYS A 45 15.47 6.78 -9.48
N THR A 46 14.33 6.42 -8.94
CA THR A 46 14.13 6.41 -7.50
C THR A 46 13.57 5.02 -7.14
N LEU A 47 13.73 4.68 -5.88
CA LEU A 47 13.17 3.45 -5.30
C LEU A 47 12.06 3.80 -4.28
N GLU A 48 10.80 3.90 -4.75
CA GLU A 48 9.70 4.45 -3.91
C GLU A 48 9.47 3.65 -2.63
N LEU A 49 9.38 2.33 -2.73
CA LEU A 49 9.14 1.52 -1.56
C LEU A 49 10.31 1.68 -0.54
N ARG A 50 11.54 1.52 -1.03
CA ARG A 50 12.69 1.65 -0.15
C ARG A 50 12.80 3.02 0.54
N GLU A 51 12.56 4.08 -0.22
CA GLU A 51 12.75 5.43 0.29
C GLU A 51 11.57 5.91 1.14
N ARG A 52 10.34 5.64 0.71
CA ARG A 52 9.13 6.12 1.41
C ARG A 52 8.53 5.14 2.41
N GLU A 53 8.81 3.85 2.29
CA GLU A 53 8.27 2.84 3.20
C GLU A 53 9.39 1.89 3.69
N PRO A 54 10.45 2.44 4.33
CA PRO A 54 11.62 1.63 4.70
C PRO A 54 11.32 0.46 5.65
N ILE A 55 10.31 0.63 6.53
CA ILE A 55 9.96 -0.42 7.45
C ILE A 55 9.36 -1.63 6.68
N LEU A 56 8.42 -1.36 5.78
CA LEU A 56 7.86 -2.43 4.93
C LEU A 56 8.88 -3.07 3.98
N TYR A 57 9.76 -2.27 3.38
CA TYR A 57 10.86 -2.80 2.54
C TYR A 57 11.70 -3.83 3.31
N ASN A 58 12.08 -3.48 4.54
CA ASN A 58 12.90 -4.33 5.41
C ASN A 58 12.13 -5.59 5.84
N LYS A 59 10.82 -5.46 6.07
CA LYS A 59 10.04 -6.61 6.46
C LYS A 59 9.94 -7.66 5.33
N LEU A 60 9.73 -7.21 4.10
CA LEU A 60 9.70 -8.10 2.96
C LEU A 60 11.09 -8.75 2.78
N PHE A 61 12.14 -7.95 2.90
CA PHE A 61 13.53 -8.49 2.80
C PHE A 61 13.78 -9.63 3.81
N SER A 62 13.43 -9.36 5.06
CA SER A 62 13.66 -10.26 6.17
C SER A 62 12.89 -11.57 5.99
N ARG A 63 11.58 -11.47 5.71
CA ARG A 63 10.77 -12.67 5.54
C ARG A 63 11.16 -13.55 4.35
N LEU A 64 11.44 -12.91 3.23
CA LEU A 64 11.76 -13.64 1.99
C LEU A 64 13.19 -14.21 2.00
N ARG A 65 14.16 -13.47 2.56
CA ARG A 65 15.52 -14.01 2.68
C ARG A 65 15.52 -15.21 3.66
N ALA A 66 14.82 -15.09 4.79
CA ALA A 66 14.67 -16.20 5.72
C ALA A 66 13.96 -17.43 5.07
N GLY A 67 12.97 -17.15 4.23
CA GLY A 67 12.30 -18.19 3.46
C GLY A 67 13.19 -19.01 2.54
N VAL A 68 13.98 -18.33 1.71
CA VAL A 68 14.95 -19.04 0.84
C VAL A 68 16.06 -19.78 1.62
N VAL A 69 16.55 -19.17 2.70
CA VAL A 69 17.56 -19.83 3.57
C VAL A 69 16.96 -21.10 4.19
N ASP A 70 15.72 -20.99 4.69
CA ASP A 70 15.02 -22.09 5.32
C ASP A 70 14.71 -23.23 4.32
N ALA A 71 14.38 -22.89 3.09
CA ALA A 71 14.16 -23.93 2.07
C ALA A 71 15.40 -24.82 1.86
N ARG A 72 16.57 -24.19 1.74
CA ARG A 72 17.81 -24.95 1.60
C ARG A 72 18.11 -25.82 2.84
N GLU A 73 18.04 -25.21 4.03
CA GLU A 73 18.35 -25.90 5.28
C GLU A 73 17.42 -27.10 5.54
N THR A 74 16.14 -26.95 5.21
CA THR A 74 15.13 -27.99 5.45
C THR A 74 15.08 -29.06 4.35
N ALA A 75 14.98 -28.63 3.08
CA ALA A 75 14.80 -29.59 2.00
C ALA A 75 15.99 -30.54 1.81
N LYS A 76 17.21 -30.14 2.19
CA LYS A 76 18.37 -31.01 2.00
C LYS A 76 18.27 -32.33 2.82
N LYS A 77 17.44 -32.33 3.86
CA LYS A 77 17.23 -33.52 4.65
C LYS A 77 16.47 -34.65 3.96
N ILE A 78 15.93 -34.38 2.76
CA ILE A 78 15.30 -35.36 1.91
C ILE A 78 16.29 -36.29 1.20
N ALA A 79 17.48 -35.78 0.90
CA ALA A 79 18.40 -36.45 -0.01
C ALA A 79 19.09 -37.67 0.61
N ALA A 80 19.39 -38.67 -0.23
CA ALA A 80 20.26 -39.80 0.12
C ALA A 80 21.71 -39.54 -0.17
N SER A 81 22.00 -38.69 -1.14
CA SER A 81 23.37 -38.36 -1.53
C SER A 81 24.03 -37.38 -0.51
N PRO A 82 25.20 -37.74 0.05
CA PRO A 82 25.88 -36.82 0.97
C PRO A 82 26.29 -35.47 0.39
N ILE A 83 26.46 -35.41 -0.92
CA ILE A 83 26.76 -34.18 -1.66
C ILE A 83 25.71 -33.09 -1.33
N VAL A 84 24.45 -33.51 -1.32
CA VAL A 84 23.33 -32.61 -0.99
C VAL A 84 23.06 -32.56 0.54
N GLU A 85 22.88 -33.73 1.14
CA GLU A 85 22.42 -33.81 2.53
C GLU A 85 23.43 -33.28 3.59
N GLN A 86 24.72 -33.57 3.42
CA GLN A 86 25.74 -33.14 4.38
C GLN A 86 26.52 -31.92 3.85
N GLU A 87 27.12 -32.03 2.66
CA GLU A 87 27.89 -30.90 2.09
C GLU A 87 27.07 -29.65 1.71
N GLY A 88 25.77 -29.79 1.46
CA GLY A 88 24.93 -28.65 1.13
C GLY A 88 25.17 -28.07 -0.26
N GLU A 89 25.49 -28.92 -1.23
CA GLU A 89 25.67 -28.47 -2.64
C GLU A 89 24.31 -28.36 -3.35
N LEU A 90 23.52 -27.39 -2.89
CA LEU A 90 22.20 -27.05 -3.43
C LEU A 90 21.96 -25.55 -3.21
N CYS A 91 20.96 -25.02 -3.89
CA CYS A 91 20.63 -23.56 -3.83
C CYS A 91 19.18 -23.35 -4.25
N PHE A 92 18.49 -22.42 -3.59
CA PHE A 92 17.14 -21.97 -3.98
C PHE A 92 17.11 -20.44 -4.14
N THR A 93 16.47 -20.00 -5.23
CA THR A 93 16.52 -18.62 -5.64
C THR A 93 15.11 -18.12 -6.07
N LEU A 94 14.77 -16.88 -5.68
CA LEU A 94 13.49 -16.25 -6.00
C LEU A 94 13.69 -15.22 -7.13
N TYR A 95 12.89 -15.30 -8.20
CA TYR A 95 13.00 -14.42 -9.39
C TYR A 95 11.74 -13.57 -9.60
N ASN A 96 11.91 -12.38 -10.17
CA ASN A 96 10.80 -11.58 -10.71
C ASN A 96 10.33 -12.16 -12.08
N ALA A 97 9.24 -11.63 -12.64
CA ALA A 97 8.64 -12.16 -13.87
C ALA A 97 9.59 -12.17 -15.05
N ALA A 98 10.54 -11.23 -15.09
CA ALA A 98 11.53 -11.14 -16.17
C ALA A 98 12.72 -12.08 -16.02
N GLY A 99 12.72 -12.93 -14.98
CA GLY A 99 13.84 -13.85 -14.73
C GLY A 99 15.07 -13.28 -14.02
N ASP A 100 14.97 -12.07 -13.46
CA ASP A 100 16.04 -11.50 -12.64
C ASP A 100 15.87 -11.88 -11.15
N SER A 101 16.95 -12.31 -10.51
CA SER A 101 16.89 -12.77 -9.11
C SER A 101 16.75 -11.59 -8.17
N LEU A 102 15.92 -11.75 -7.14
CA LEU A 102 15.73 -10.79 -6.04
C LEU A 102 16.51 -11.17 -4.79
N LEU A 103 16.44 -12.44 -4.39
CA LEU A 103 17.06 -12.99 -3.16
C LEU A 103 17.43 -14.47 -3.40
N THR A 104 18.39 -14.96 -2.62
CA THR A 104 18.84 -16.35 -2.73
C THR A 104 19.31 -16.92 -1.40
N SER A 105 19.22 -18.24 -1.24
CA SER A 105 20.01 -18.94 -0.19
C SER A 105 21.50 -18.83 -0.53
N THR A 106 22.38 -19.24 0.39
CA THR A 106 23.78 -19.47 0.10
C THR A 106 23.91 -20.87 -0.55
N GLY A 107 25.13 -21.42 -0.60
CA GLY A 107 25.39 -22.71 -1.27
C GLY A 107 25.96 -22.48 -2.68
N ILE A 108 25.48 -23.25 -3.68
CA ILE A 108 26.06 -23.20 -5.03
C ILE A 108 25.42 -22.10 -5.87
N ILE A 109 25.77 -20.85 -5.53
CA ILE A 109 25.03 -19.69 -6.00
C ILE A 109 25.41 -19.24 -7.40
N ILE A 110 26.34 -19.92 -8.07
CA ILE A 110 26.53 -19.71 -9.53
C ILE A 110 25.21 -19.92 -10.27
N HIS A 111 24.33 -20.74 -9.71
CA HIS A 111 23.05 -21.04 -10.35
C HIS A 111 21.97 -19.97 -10.20
N VAL A 112 22.25 -18.93 -9.42
CA VAL A 112 21.43 -17.71 -9.45
C VAL A 112 21.38 -17.23 -10.92
N GLY A 113 22.56 -17.13 -11.55
CA GLY A 113 22.68 -16.75 -12.96
C GLY A 113 22.22 -17.78 -13.97
N THR A 114 22.61 -19.06 -13.78
CA THR A 114 22.22 -20.12 -14.76
C THR A 114 20.70 -20.34 -14.83
N MET A 115 20.03 -20.38 -13.70
CA MET A 115 18.56 -20.63 -13.67
C MET A 115 17.78 -19.41 -14.22
N GLY A 116 18.27 -18.20 -13.94
CA GLY A 116 17.69 -17.00 -14.56
C GLY A 116 17.84 -16.96 -16.07
N ALA A 117 19.03 -17.37 -16.56
CA ALA A 117 19.26 -17.47 -17.99
C ALA A 117 18.37 -18.53 -18.66
N ALA A 118 18.06 -19.62 -17.96
CA ALA A 118 17.11 -20.62 -18.48
C ALA A 118 15.68 -20.05 -18.57
N ILE A 119 15.26 -19.32 -17.54
CA ILE A 119 13.97 -18.62 -17.58
C ILE A 119 13.94 -17.63 -18.80
N LYS A 120 15.03 -16.88 -18.99
CA LYS A 120 15.07 -15.92 -20.09
C LYS A 120 15.05 -16.61 -21.48
N TYR A 121 15.64 -17.81 -21.60
CA TYR A 121 15.51 -18.61 -22.82
C TYR A 121 14.02 -18.95 -23.12
N MET A 122 13.29 -19.38 -22.10
CA MET A 122 11.84 -19.62 -22.23
C MET A 122 11.07 -18.37 -22.65
N ILE A 123 11.43 -17.24 -22.07
CA ILE A 123 10.82 -15.95 -22.42
C ILE A 123 11.06 -15.64 -23.91
N GLU A 124 12.31 -15.71 -24.32
CA GLU A 124 12.74 -15.32 -25.65
C GLU A 124 12.31 -16.28 -26.77
N ASN A 125 12.04 -17.54 -26.43
CA ASN A 125 11.64 -18.55 -27.42
C ASN A 125 10.12 -18.91 -27.38
N ASN A 126 9.32 -18.10 -26.70
CA ASN A 126 7.87 -18.18 -26.73
C ASN A 126 7.32 -19.50 -26.18
N TRP A 127 7.90 -19.94 -25.07
CA TRP A 127 7.32 -20.97 -24.24
C TRP A 127 5.89 -20.61 -23.81
N GLU A 128 5.59 -19.31 -23.69
CA GLU A 128 4.23 -18.87 -23.33
C GLU A 128 3.16 -19.40 -24.30
N ALA A 129 3.42 -19.39 -25.60
CA ALA A 129 2.47 -19.90 -26.57
C ALA A 129 2.51 -21.43 -26.73
N ASN A 130 3.69 -22.06 -26.56
CA ASN A 130 3.84 -23.53 -26.63
C ASN A 130 5.19 -23.88 -25.94
N PRO A 131 5.20 -24.73 -24.89
CA PRO A 131 4.06 -25.57 -24.42
C PRO A 131 3.10 -24.93 -23.44
N GLY A 132 3.22 -23.61 -23.23
CA GLY A 132 2.43 -22.88 -22.22
C GLY A 132 3.10 -22.84 -20.87
N VAL A 133 2.85 -21.77 -20.10
CA VAL A 133 3.37 -21.62 -18.73
C VAL A 133 2.17 -21.42 -17.84
N HIS A 134 1.81 -22.49 -17.10
CA HIS A 134 0.57 -22.55 -16.33
C HIS A 134 0.83 -22.71 -14.84
N ASP A 135 -0.08 -22.19 -14.05
CA ASP A 135 -0.04 -22.34 -12.58
C ASP A 135 0.02 -23.86 -12.26
N LYS A 136 0.95 -24.20 -11.36
CA LYS A 136 1.25 -25.59 -10.90
C LYS A 136 2.07 -26.46 -11.89
N ASP A 137 2.54 -25.86 -13.00
CA ASP A 137 3.49 -26.56 -13.87
C ASP A 137 4.83 -26.79 -13.14
N ILE A 138 5.57 -27.80 -13.57
CA ILE A 138 6.95 -28.06 -13.13
C ILE A 138 7.86 -28.20 -14.37
N PHE A 139 8.92 -27.37 -14.42
CA PHE A 139 9.93 -27.42 -15.46
C PHE A 139 11.25 -28.01 -14.91
N CYS A 140 11.97 -28.76 -15.73
CA CYS A 140 13.29 -29.23 -15.40
C CYS A 140 14.27 -28.85 -16.51
N ASN A 141 15.50 -28.53 -16.13
CA ASN A 141 16.51 -28.08 -17.09
C ASN A 141 17.93 -28.32 -16.60
N ASN A 142 18.83 -28.69 -17.53
CA ASN A 142 20.28 -28.68 -17.24
C ASN A 142 21.17 -28.32 -18.43
N ASP A 143 20.60 -27.75 -19.51
CA ASP A 143 21.28 -27.64 -20.79
C ASP A 143 22.39 -26.58 -20.79
N SER A 144 23.65 -27.01 -20.89
CA SER A 144 24.76 -26.08 -20.93
C SER A 144 24.82 -25.20 -22.19
N LEU A 145 24.15 -25.58 -23.28
CA LEU A 145 24.08 -24.69 -24.47
C LEU A 145 23.30 -23.39 -24.25
N ILE A 146 22.44 -23.34 -23.23
CA ILE A 146 21.72 -22.13 -22.86
C ILE A 146 22.22 -21.53 -21.53
N GLY A 147 23.36 -22.02 -21.02
CA GLY A 147 24.06 -21.34 -19.94
C GLY A 147 24.50 -22.10 -18.70
N ASN A 148 24.06 -23.34 -18.52
CA ASN A 148 24.38 -24.11 -17.30
C ASN A 148 25.90 -24.49 -17.21
N VAL A 149 26.37 -24.78 -15.98
CA VAL A 149 27.73 -25.19 -15.73
C VAL A 149 28.05 -26.54 -16.38
N HIS A 150 27.22 -27.53 -16.06
CA HIS A 150 27.41 -28.90 -16.58
C HIS A 150 26.15 -29.72 -16.35
N PRO A 151 26.01 -30.86 -17.03
CA PRO A 151 24.77 -31.66 -16.88
C PRO A 151 24.42 -32.13 -15.45
N CYS A 152 25.40 -32.39 -14.59
CA CYS A 152 25.12 -32.81 -13.22
C CYS A 152 24.44 -31.78 -12.29
N ASP A 153 24.38 -30.49 -12.69
CA ASP A 153 23.62 -29.52 -11.93
C ASP A 153 22.20 -29.42 -12.52
N ILE A 154 21.25 -30.09 -11.86
CA ILE A 154 19.90 -30.15 -12.36
C ILE A 154 19.03 -29.05 -11.73
N HIS A 155 18.32 -28.31 -12.58
CA HIS A 155 17.36 -27.26 -12.16
C HIS A 155 15.90 -27.77 -12.19
N THR A 156 15.13 -27.41 -11.16
CA THR A 156 13.66 -27.48 -11.15
C THR A 156 13.18 -26.02 -11.02
N ILE A 157 12.32 -25.60 -11.96
CA ILE A 157 11.81 -24.22 -12.06
C ILE A 157 10.25 -24.23 -12.06
N VAL A 158 9.64 -23.46 -11.15
CA VAL A 158 8.17 -23.40 -10.97
C VAL A 158 7.72 -21.91 -11.08
N PRO A 159 6.73 -21.62 -11.93
CA PRO A 159 6.18 -20.25 -11.98
C PRO A 159 5.30 -19.97 -10.77
N ILE A 160 5.26 -18.70 -10.38
CA ILE A 160 4.43 -18.22 -9.26
C ILE A 160 3.33 -17.28 -9.77
N PHE A 161 2.09 -17.60 -9.42
CA PHE A 161 0.88 -16.88 -9.88
C PHE A 161 0.15 -16.20 -8.69
N TRP A 162 -0.48 -15.08 -8.97
CA TRP A 162 -1.34 -14.38 -8.03
C TRP A 162 -2.58 -13.92 -8.80
N GLU A 163 -3.74 -14.41 -8.35
CA GLU A 163 -5.02 -14.11 -9.00
C GLU A 163 -5.01 -14.30 -10.51
N GLY A 164 -4.47 -15.43 -10.95
CA GLY A 164 -4.46 -15.82 -12.33
C GLY A 164 -3.38 -15.23 -13.21
N GLU A 165 -2.47 -14.42 -12.66
CA GLU A 165 -1.39 -13.82 -13.46
C GLU A 165 -0.02 -14.15 -12.85
N LEU A 166 1.00 -14.20 -13.71
CA LEU A 166 2.36 -14.56 -13.29
C LEU A 166 3.03 -13.38 -12.62
N ILE A 167 3.60 -13.61 -11.44
CA ILE A 167 4.29 -12.58 -10.69
C ILE A 167 5.76 -12.92 -10.36
N GLY A 168 6.24 -14.08 -10.78
CA GLY A 168 7.62 -14.51 -10.48
C GLY A 168 7.86 -15.97 -10.79
N TRP A 169 9.06 -16.42 -10.42
CA TRP A 169 9.45 -17.82 -10.55
C TRP A 169 10.32 -18.21 -9.35
N VAL A 170 10.40 -19.52 -9.05
CA VAL A 170 11.38 -20.01 -8.08
C VAL A 170 12.20 -21.14 -8.72
N GLY A 171 13.51 -21.08 -8.55
CA GLY A 171 14.41 -22.12 -9.05
C GLY A 171 15.12 -22.84 -7.91
N GLY A 172 15.26 -24.16 -8.05
CA GLY A 172 16.07 -24.97 -7.13
C GLY A 172 17.03 -25.89 -7.88
N VAL A 173 18.28 -25.94 -7.42
CA VAL A 173 19.34 -26.75 -8.06
C VAL A 173 19.97 -27.71 -7.06
N THR A 174 20.26 -28.93 -7.51
CA THR A 174 21.11 -29.88 -6.77
C THR A 174 22.20 -30.42 -7.70
N HIS A 175 23.43 -30.52 -7.22
CA HIS A 175 24.46 -31.31 -7.90
C HIS A 175 24.18 -32.80 -7.69
N VAL A 176 23.87 -33.54 -8.76
CA VAL A 176 23.62 -35.02 -8.68
C VAL A 176 24.90 -35.81 -8.96
N ILE A 177 24.93 -37.07 -8.52
CA ILE A 177 26.14 -37.88 -8.59
C ILE A 177 26.56 -38.14 -10.05
N ASP A 178 25.61 -38.54 -10.91
CA ASP A 178 25.90 -38.76 -12.31
C ASP A 178 24.68 -38.55 -13.19
N THR A 179 24.96 -38.26 -14.49
CA THR A 179 23.94 -38.13 -15.49
C THR A 179 24.12 -39.10 -16.68
N GLY A 180 24.80 -40.21 -16.46
CA GLY A 180 24.91 -41.21 -17.52
C GLY A 180 25.76 -40.73 -18.69
N ALA A 181 26.91 -40.14 -18.37
CA ALA A 181 27.96 -39.87 -19.37
C ALA A 181 28.78 -41.14 -19.58
N VAL A 182 29.60 -41.14 -20.63
CA VAL A 182 30.53 -42.24 -20.94
C VAL A 182 31.39 -42.61 -19.69
N GLY A 183 31.97 -41.61 -19.06
CA GLY A 183 32.71 -41.82 -17.81
C GLY A 183 31.80 -41.82 -16.56
N PRO A 184 32.08 -42.73 -15.60
CA PRO A 184 31.29 -42.84 -14.38
C PRO A 184 31.71 -41.89 -13.27
N GLY A 185 31.03 -40.76 -13.20
CA GLY A 185 31.29 -39.69 -12.23
C GLY A 185 30.56 -38.43 -12.65
N SER A 186 30.68 -37.36 -11.85
CA SER A 186 30.08 -36.06 -12.19
C SER A 186 30.97 -35.24 -13.13
N MET A 187 32.29 -35.30 -12.90
CA MET A 187 33.29 -34.51 -13.62
C MET A 187 34.02 -35.39 -14.65
N ALA A 188 33.21 -36.01 -15.51
CA ALA A 188 33.59 -37.21 -16.22
C ALA A 188 34.52 -36.93 -17.42
N THR A 189 35.37 -37.93 -17.69
CA THR A 189 36.22 -38.02 -18.85
C THR A 189 35.80 -39.25 -19.67
N GLY A 190 36.22 -39.29 -20.93
CA GLY A 190 35.93 -40.40 -21.85
C GLY A 190 35.30 -39.91 -23.11
N GLN A 191 34.16 -39.24 -22.98
CA GLN A 191 33.54 -38.51 -24.11
C GLN A 191 34.39 -37.26 -24.47
N VAL A 192 34.29 -36.81 -25.73
CA VAL A 192 34.93 -35.60 -26.22
C VAL A 192 34.00 -34.56 -26.86
N GLN A 193 32.70 -34.85 -26.82
CA GLN A 193 31.62 -34.07 -27.43
C GLN A 193 30.34 -34.22 -26.60
N ARG A 194 29.32 -33.43 -26.93
CA ARG A 194 27.97 -33.50 -26.33
C ARG A 194 27.40 -34.91 -26.35
N PHE A 195 27.71 -35.62 -27.44
CA PHE A 195 27.27 -37.01 -27.66
C PHE A 195 28.07 -37.95 -26.71
N GLY A 196 27.42 -38.35 -25.60
CA GLY A 196 28.12 -39.06 -24.50
C GLY A 196 28.44 -38.21 -23.25
N ASP A 197 28.04 -36.93 -23.23
CA ASP A 197 28.37 -36.00 -22.15
C ASP A 197 27.29 -36.03 -21.03
N GLY A 198 26.28 -36.90 -21.16
CA GLY A 198 25.23 -37.01 -20.15
C GLY A 198 23.82 -36.67 -20.66
N TYR A 199 22.84 -37.13 -19.93
CA TYR A 199 21.40 -36.81 -20.14
C TYR A 199 21.20 -35.28 -20.04
N SER A 200 20.76 -34.65 -21.14
CA SER A 200 20.67 -33.19 -21.26
C SER A 200 19.22 -32.82 -21.56
N ILE A 201 18.66 -31.94 -20.71
CA ILE A 201 17.23 -31.61 -20.65
C ILE A 201 17.09 -30.09 -20.96
N THR A 202 16.34 -29.73 -22.01
CA THR A 202 16.19 -28.30 -22.39
C THR A 202 14.83 -27.72 -21.97
N CYS A 203 14.77 -27.10 -20.79
CA CYS A 203 13.54 -26.46 -20.27
C CYS A 203 12.25 -27.32 -20.51
N ARG A 204 12.35 -28.58 -20.10
CA ARG A 204 11.25 -29.54 -20.33
C ARG A 204 10.13 -29.36 -19.32
N LYS A 205 8.88 -29.38 -19.77
CA LYS A 205 7.75 -29.45 -18.83
C LYS A 205 7.61 -30.92 -18.37
N VAL A 206 7.97 -31.18 -17.11
CA VAL A 206 8.01 -32.54 -16.54
C VAL A 206 6.82 -32.83 -15.59
N GLY A 207 5.96 -31.86 -15.37
CA GLY A 207 4.78 -32.02 -14.53
C GLY A 207 3.78 -30.90 -14.67
N ALA A 208 2.55 -31.20 -14.23
CA ALA A 208 1.47 -30.25 -14.20
C ALA A 208 0.54 -30.61 -13.03
N ASN A 209 -0.23 -29.64 -12.56
CA ASN A 209 -1.02 -29.79 -11.36
C ASN A 209 -0.17 -30.37 -10.18
N ASP A 210 1.06 -29.87 -10.07
CA ASP A 210 1.97 -30.24 -8.98
C ASP A 210 2.38 -31.72 -8.99
N THR A 211 2.23 -32.39 -10.13
CA THR A 211 2.39 -33.84 -10.23
C THR A 211 3.34 -34.17 -11.39
N LEU A 212 4.41 -34.93 -11.09
CA LEU A 212 5.36 -35.35 -12.14
C LEU A 212 4.77 -36.36 -13.15
N PHE A 213 5.10 -36.20 -14.42
CA PHE A 213 4.59 -37.11 -15.46
C PHE A 213 5.36 -38.44 -15.42
N ARG A 214 4.64 -39.54 -15.59
CA ARG A 214 5.23 -40.87 -15.52
C ARG A 214 6.25 -41.15 -16.65
N ASP A 215 6.00 -40.66 -17.88
CA ASP A 215 6.94 -40.85 -18.99
C ASP A 215 8.29 -40.22 -18.67
N TRP A 216 8.29 -39.01 -18.09
CA TRP A 216 9.51 -38.37 -17.58
C TRP A 216 10.21 -39.22 -16.50
N LEU A 217 9.43 -39.69 -15.54
CA LEU A 217 9.98 -40.49 -14.42
C LEU A 217 10.70 -41.75 -14.91
N HIS A 218 10.02 -42.54 -15.77
CA HIS A 218 10.59 -43.78 -16.27
C HIS A 218 11.86 -43.55 -17.14
N GLU A 219 11.82 -42.53 -17.99
CA GLU A 219 12.94 -42.23 -18.88
C GLU A 219 14.17 -41.75 -18.15
N SER A 220 13.99 -40.68 -17.37
CA SER A 220 15.08 -40.07 -16.61
C SER A 220 15.79 -41.08 -15.73
N GLN A 221 15.02 -41.93 -15.06
CA GLN A 221 15.57 -42.86 -14.07
C GLN A 221 16.46 -43.95 -14.67
N ARG A 222 16.23 -44.31 -15.94
CA ARG A 222 17.05 -45.32 -16.64
C ARG A 222 18.20 -44.73 -17.49
N MET A 223 18.33 -43.41 -17.52
CA MET A 223 19.44 -42.77 -18.23
C MET A 223 20.61 -42.37 -17.30
N VAL A 224 20.58 -42.81 -16.04
CA VAL A 224 21.63 -42.55 -15.05
C VAL A 224 21.99 -43.86 -14.32
N ARG A 225 23.21 -43.89 -13.76
CA ARG A 225 23.65 -44.99 -12.90
C ARG A 225 23.01 -44.95 -11.51
N THR A 226 23.05 -43.79 -10.87
CA THR A 226 22.68 -43.64 -9.43
C THR A 226 21.19 -43.30 -9.24
N THR A 227 20.33 -44.17 -9.78
CA THR A 227 18.87 -43.92 -9.86
C THR A 227 18.22 -43.45 -8.55
N ARG A 228 18.42 -44.19 -7.46
CA ARG A 228 17.76 -43.87 -6.18
C ARG A 228 18.21 -42.47 -5.68
N TYR A 229 19.50 -42.16 -5.86
CA TYR A 229 20.06 -40.87 -5.42
C TYR A 229 19.50 -39.73 -6.26
N TRP A 230 19.43 -39.96 -7.58
CA TRP A 230 18.73 -39.06 -8.54
C TRP A 230 17.28 -38.73 -8.09
N MET A 231 16.54 -39.77 -7.74
CA MET A 231 15.11 -39.65 -7.37
C MET A 231 14.92 -38.75 -6.12
N LEU A 232 15.75 -38.97 -5.09
CA LEU A 232 15.63 -38.18 -3.88
C LEU A 232 16.17 -36.72 -4.06
N ASP A 233 17.16 -36.51 -4.94
CA ASP A 233 17.58 -35.15 -5.30
C ASP A 233 16.45 -34.36 -5.99
N GLU A 234 15.66 -35.06 -6.81
CA GLU A 234 14.52 -34.43 -7.44
C GLU A 234 13.43 -34.01 -6.43
N ARG A 235 13.10 -34.89 -5.49
CA ARG A 235 12.13 -34.56 -4.44
C ARG A 235 12.62 -33.39 -3.57
N THR A 236 13.94 -33.35 -3.30
CA THR A 236 14.60 -32.21 -2.64
C THR A 236 14.34 -30.87 -3.34
N ARG A 237 14.50 -30.84 -4.66
CA ARG A 237 14.31 -29.60 -5.42
C ARG A 237 12.81 -29.17 -5.41
N ILE A 238 11.90 -30.12 -5.64
CA ILE A 238 10.47 -29.78 -5.67
C ILE A 238 9.99 -29.27 -4.29
N ALA A 239 10.47 -29.88 -3.20
CA ALA A 239 10.11 -29.45 -1.85
C ALA A 239 10.45 -27.99 -1.62
N GLY A 240 11.69 -27.61 -1.88
CA GLY A 240 12.10 -26.25 -1.65
C GLY A 240 11.38 -25.22 -2.56
N CYS A 241 11.20 -25.55 -3.81
CA CYS A 241 10.42 -24.71 -4.73
C CYS A 241 9.00 -24.45 -4.20
N HIS A 242 8.31 -25.51 -3.75
CA HIS A 242 6.93 -25.38 -3.24
C HIS A 242 6.84 -24.69 -1.87
N MET A 243 7.85 -24.89 -1.01
CA MET A 243 7.95 -24.13 0.26
C MET A 243 8.04 -22.62 -0.02
N ILE A 244 8.86 -22.24 -1.00
CA ILE A 244 9.03 -20.80 -1.33
C ILE A 244 7.77 -20.24 -2.00
N ARG A 245 7.18 -20.97 -2.96
CA ARG A 245 5.89 -20.54 -3.58
C ARG A 245 4.83 -20.24 -2.51
N LYS A 246 4.69 -21.14 -1.56
CA LYS A 246 3.72 -20.96 -0.48
C LYS A 246 4.01 -19.71 0.35
N LEU A 247 5.28 -19.52 0.71
CA LEU A 247 5.68 -18.32 1.47
C LEU A 247 5.38 -17.00 0.68
N VAL A 248 5.68 -16.97 -0.60
CA VAL A 248 5.37 -15.79 -1.42
C VAL A 248 3.84 -15.50 -1.40
N GLU A 249 3.03 -16.53 -1.55
CA GLU A 249 1.56 -16.38 -1.49
C GLU A 249 1.10 -15.78 -0.13
N GLU A 250 1.71 -16.23 0.97
CA GLU A 250 1.39 -15.73 2.31
C GLU A 250 1.80 -14.26 2.49
N VAL A 251 3.00 -13.92 2.02
CA VAL A 251 3.52 -12.55 2.08
C VAL A 251 2.65 -11.60 1.29
N VAL A 252 2.25 -11.99 0.08
CA VAL A 252 1.36 -11.17 -0.74
C VAL A 252 -0.02 -10.99 -0.06
N ALA A 253 -0.58 -12.09 0.47
CA ALA A 253 -1.87 -12.03 1.20
C ALA A 253 -1.78 -11.06 2.36
N GLU A 254 -0.71 -11.12 3.13
CA GLU A 254 -0.54 -10.25 4.29
C GLU A 254 -0.19 -8.77 3.99
N GLU A 255 0.74 -8.50 3.06
CA GLU A 255 1.23 -7.11 2.79
C GLU A 255 0.68 -6.45 1.54
N GLY A 256 0.01 -7.24 0.70
CA GLY A 256 -0.59 -6.73 -0.54
C GLY A 256 0.33 -6.86 -1.73
N ILE A 257 -0.26 -7.14 -2.87
CA ILE A 257 0.48 -7.34 -4.12
C ILE A 257 1.23 -6.09 -4.57
N GLU A 258 0.71 -4.90 -4.31
CA GLU A 258 1.37 -3.66 -4.81
C GLU A 258 2.77 -3.48 -4.19
N ALA A 259 2.88 -3.69 -2.88
CA ALA A 259 4.15 -3.61 -2.20
C ALA A 259 5.14 -4.70 -2.69
N TYR A 260 4.67 -5.94 -2.82
CA TYR A 260 5.54 -7.02 -3.31
C TYR A 260 6.01 -6.73 -4.74
N TRP A 261 5.10 -6.28 -5.58
CA TRP A 261 5.40 -5.94 -7.00
C TRP A 261 6.48 -4.84 -7.11
N LYS A 262 6.42 -3.84 -6.25
CA LYS A 262 7.52 -2.85 -6.18
C LYS A 262 8.86 -3.46 -5.73
N PHE A 263 8.85 -4.27 -4.67
CA PHE A 263 10.07 -4.90 -4.15
C PHE A 263 10.75 -5.77 -5.20
N ALA A 264 9.95 -6.49 -5.99
CA ALA A 264 10.47 -7.44 -6.95
C ALA A 264 11.38 -6.82 -8.05
N TYR A 265 11.28 -5.51 -8.29
CA TYR A 265 12.19 -4.78 -9.19
C TYR A 265 13.15 -3.85 -8.46
N GLU A 266 12.70 -3.18 -7.40
CA GLU A 266 13.56 -2.30 -6.62
C GLU A 266 14.75 -3.05 -5.99
N ALA A 267 14.54 -4.30 -5.55
CA ALA A 267 15.61 -5.07 -4.90
C ALA A 267 16.82 -5.30 -5.86
N VAL A 268 16.55 -5.42 -7.16
CA VAL A 268 17.60 -5.60 -8.15
C VAL A 268 18.41 -4.30 -8.33
N GLU A 269 17.72 -3.19 -8.52
CA GLU A 269 18.42 -1.89 -8.66
C GLU A 269 19.20 -1.53 -7.37
N HIS A 270 18.64 -1.87 -6.21
CA HIS A 270 19.35 -1.70 -4.92
C HIS A 270 20.70 -2.48 -4.93
N GLY A 271 20.66 -3.71 -5.41
CA GLY A 271 21.88 -4.51 -5.68
C GLY A 271 22.93 -3.84 -6.55
N ARG A 272 22.51 -3.28 -7.69
CA ARG A 272 23.42 -2.54 -8.59
C ARG A 272 24.05 -1.35 -7.87
N LEU A 273 23.23 -0.56 -7.21
CA LEU A 273 23.71 0.59 -6.39
C LEU A 273 24.77 0.18 -5.34
N GLY A 274 24.54 -0.96 -4.69
CA GLY A 274 25.45 -1.54 -3.67
C GLY A 274 26.83 -1.88 -4.25
N LEU A 275 26.87 -2.49 -5.44
CA LEU A 275 28.15 -2.76 -6.10
C LEU A 275 28.92 -1.48 -6.44
N GLN A 276 28.23 -0.53 -7.08
CA GLN A 276 28.84 0.75 -7.46
C GLN A 276 29.46 1.48 -6.23
N ALA A 277 28.72 1.50 -5.13
CA ALA A 277 29.20 2.15 -3.92
C ALA A 277 30.41 1.43 -3.32
N ARG A 278 30.38 0.09 -3.32
CA ARG A 278 31.49 -0.70 -2.80
C ARG A 278 32.77 -0.55 -3.64
N ILE A 279 32.62 -0.48 -4.96
CA ILE A 279 33.75 -0.23 -5.85
C ILE A 279 34.39 1.12 -5.53
N LYS A 280 33.58 2.16 -5.36
CA LYS A 280 34.13 3.51 -5.04
C LYS A 280 34.69 3.63 -3.63
N ALA A 281 34.20 2.82 -2.69
CA ALA A 281 34.70 2.82 -1.31
C ALA A 281 36.00 2.00 -1.10
N MET A 282 36.22 0.95 -1.91
CA MET A 282 37.24 -0.06 -1.63
C MET A 282 38.41 -0.12 -2.61
N THR A 283 38.19 0.29 -3.87
CA THR A 283 39.15 0.06 -4.94
C THR A 283 39.86 1.35 -5.39
N ILE A 284 40.47 1.34 -6.59
CA ILE A 284 41.17 2.47 -7.17
C ILE A 284 40.89 2.44 -8.69
N PRO A 285 40.52 3.57 -9.31
CA PRO A 285 40.33 3.56 -10.77
C PRO A 285 41.64 3.30 -11.51
N GLY A 286 41.56 2.63 -12.65
CA GLY A 286 42.75 2.23 -13.40
C GLY A 286 42.58 0.99 -14.26
N THR A 287 43.69 0.56 -14.87
CA THR A 287 43.71 -0.66 -15.66
C THR A 287 44.59 -1.71 -14.98
N TYR A 288 44.05 -2.92 -14.81
CA TYR A 288 44.70 -4.06 -14.14
C TYR A 288 44.83 -5.20 -15.17
N ARG A 289 46.03 -5.80 -15.30
CA ARG A 289 46.27 -6.85 -16.30
C ARG A 289 46.79 -8.12 -15.60
N GLN A 290 46.20 -9.26 -15.95
CA GLN A 290 46.52 -10.55 -15.33
C GLN A 290 46.11 -11.72 -16.24
N VAL A 291 46.55 -12.93 -15.90
CA VAL A 291 46.32 -14.10 -16.76
C VAL A 291 46.32 -15.39 -15.92
N GLY A 292 45.56 -16.39 -16.39
CA GLY A 292 45.62 -17.77 -15.86
C GLY A 292 45.71 -18.81 -16.97
N PHE A 293 46.20 -20.00 -16.60
CA PHE A 293 46.38 -21.15 -17.49
C PHE A 293 46.01 -22.47 -16.74
N VAL A 294 45.77 -23.55 -17.51
CA VAL A 294 45.77 -24.93 -16.99
C VAL A 294 46.04 -25.97 -18.11
N ASP A 295 46.47 -27.17 -17.71
CA ASP A 295 46.91 -28.22 -18.63
C ASP A 295 45.84 -29.22 -19.02
N VAL A 296 45.88 -29.66 -20.30
CA VAL A 296 45.05 -30.75 -20.82
C VAL A 296 45.96 -31.81 -21.50
N PRO A 297 46.50 -32.77 -20.69
CA PRO A 297 47.44 -33.77 -21.22
C PRO A 297 46.75 -34.99 -21.86
N TYR A 298 46.07 -34.76 -23.00
CA TYR A 298 45.29 -35.83 -23.66
C TYR A 298 46.13 -36.72 -24.57
N ALA A 299 47.40 -36.40 -24.78
CA ALA A 299 48.30 -37.28 -25.57
C ALA A 299 48.66 -38.59 -24.85
N HIS A 300 48.63 -38.59 -23.51
CA HIS A 300 49.08 -39.74 -22.71
C HIS A 300 48.21 -40.99 -23.00
N GLU A 301 48.83 -42.16 -22.97
CA GLU A 301 48.11 -43.41 -23.25
C GLU A 301 46.96 -43.75 -22.27
N ASP A 302 46.98 -43.22 -21.05
CA ASP A 302 45.93 -43.48 -20.07
C ASP A 302 44.71 -42.57 -20.23
N VAL A 303 44.71 -41.69 -21.24
CA VAL A 303 43.52 -40.98 -21.67
C VAL A 303 42.98 -41.70 -22.94
N ARG A 304 42.03 -42.61 -22.75
CA ARG A 304 41.53 -43.47 -23.83
C ARG A 304 40.26 -42.91 -24.42
N VAL A 305 40.41 -41.87 -25.23
CA VAL A 305 39.25 -41.25 -25.85
C VAL A 305 38.92 -41.93 -27.20
N PRO A 306 37.64 -41.97 -27.58
CA PRO A 306 37.19 -42.73 -28.74
C PRO A 306 37.28 -42.00 -30.08
N SER A 307 37.90 -40.83 -30.15
CA SER A 307 38.02 -40.01 -31.36
C SER A 307 39.48 -39.58 -31.50
N ASP A 308 40.14 -39.94 -32.61
CA ASP A 308 41.58 -39.63 -32.79
C ASP A 308 41.93 -38.12 -32.92
N PHE A 309 40.96 -37.31 -33.36
CA PHE A 309 41.16 -35.86 -33.48
C PHE A 309 41.25 -35.15 -32.10
N ALA A 310 40.95 -35.86 -31.00
CA ALA A 310 41.06 -35.35 -29.62
C ALA A 310 42.37 -35.68 -28.92
N LYS A 311 43.21 -36.53 -29.54
CA LYS A 311 44.45 -36.99 -28.91
C LYS A 311 45.58 -36.01 -29.12
N LEU A 312 45.65 -35.01 -28.26
CA LEU A 312 46.73 -34.02 -28.26
C LEU A 312 46.79 -33.30 -26.93
N ASP A 313 47.97 -32.76 -26.64
CA ASP A 313 48.24 -31.93 -25.46
C ASP A 313 47.92 -30.46 -25.75
N THR A 314 47.04 -29.85 -24.95
CA THR A 314 46.76 -28.42 -25.06
C THR A 314 46.80 -27.73 -23.67
N ILE A 315 46.82 -26.38 -23.72
CA ILE A 315 46.86 -25.50 -22.57
C ILE A 315 45.76 -24.42 -22.73
N MET A 316 44.95 -24.28 -21.68
CA MET A 316 43.97 -23.19 -21.59
C MET A 316 44.72 -21.84 -21.30
N HIS A 317 44.30 -20.80 -22.01
CA HIS A 317 44.79 -19.41 -21.87
C HIS A 317 43.59 -18.47 -21.58
N ALA A 318 43.68 -17.70 -20.47
CA ALA A 318 42.65 -16.72 -20.08
C ALA A 318 43.26 -15.39 -19.59
N PRO A 319 43.67 -14.52 -20.53
CA PRO A 319 44.11 -13.19 -20.14
C PRO A 319 42.90 -12.28 -19.88
N CYS A 320 43.03 -11.33 -18.94
CA CYS A 320 41.98 -10.40 -18.62
C CYS A 320 42.53 -8.97 -18.46
N GLU A 321 41.94 -8.04 -19.21
CA GLU A 321 42.14 -6.61 -19.02
C GLU A 321 40.95 -6.08 -18.20
N MET A 322 41.22 -5.65 -16.99
CA MET A 322 40.18 -5.20 -16.03
C MET A 322 40.29 -3.65 -15.91
N THR A 323 39.20 -2.93 -16.17
CA THR A 323 39.17 -1.47 -16.09
C THR A 323 38.15 -1.02 -15.03
N ILE A 324 38.59 -0.28 -14.00
CA ILE A 324 37.70 0.32 -13.01
C ILE A 324 37.64 1.81 -13.36
N ARG A 325 36.43 2.31 -13.59
CA ARG A 325 36.19 3.71 -14.00
C ARG A 325 35.90 4.66 -12.82
N ARG A 326 36.09 5.95 -13.05
CA ARG A 326 35.78 6.98 -12.06
C ARG A 326 34.35 6.97 -11.56
N ASP A 327 33.40 6.55 -12.40
CA ASP A 327 31.99 6.52 -12.01
C ASP A 327 31.58 5.27 -11.23
N GLY A 328 32.52 4.36 -10.97
CA GLY A 328 32.21 3.15 -10.20
C GLY A 328 31.67 1.97 -11.03
N THR A 329 31.65 2.11 -12.36
CA THR A 329 31.44 1.00 -13.28
C THR A 329 32.77 0.27 -13.47
N TRP A 330 32.69 -0.98 -13.92
CA TRP A 330 33.90 -1.74 -14.26
C TRP A 330 33.67 -2.72 -15.42
N ARG A 331 34.79 -3.14 -16.05
CA ARG A 331 34.77 -3.86 -17.29
C ARG A 331 35.84 -4.94 -17.28
N LEU A 332 35.47 -6.13 -17.75
CA LEU A 332 36.40 -7.26 -17.87
C LEU A 332 36.40 -7.79 -19.30
N ASP A 333 37.56 -7.73 -19.96
CA ASP A 333 37.72 -8.05 -21.39
C ASP A 333 38.71 -9.21 -21.51
N PHE A 334 38.27 -10.31 -22.12
CA PHE A 334 39.04 -11.55 -22.26
C PHE A 334 39.62 -11.80 -23.68
N GLU A 335 39.77 -10.73 -24.48
CA GLU A 335 40.52 -10.76 -25.72
C GLU A 335 41.85 -11.48 -25.56
N GLY A 336 42.12 -12.43 -26.43
CA GLY A 336 43.32 -13.23 -26.36
C GLY A 336 43.18 -14.65 -25.85
N SER A 337 41.99 -15.01 -25.37
CA SER A 337 41.75 -16.34 -24.81
C SER A 337 41.79 -17.43 -25.90
N SER A 338 42.08 -18.65 -25.46
CA SER A 338 42.17 -19.81 -26.36
C SER A 338 40.77 -20.35 -26.79
N ARG A 339 40.76 -21.31 -27.70
CA ARG A 339 39.56 -21.87 -28.33
C ARG A 339 38.97 -23.00 -27.49
N TRP A 340 37.66 -23.23 -27.66
CA TRP A 340 37.05 -24.50 -27.19
C TRP A 340 37.83 -25.71 -27.72
N GLY A 341 37.67 -26.86 -27.10
CA GLY A 341 38.36 -28.07 -27.57
C GLY A 341 37.60 -29.40 -27.40
N TRP A 342 38.27 -30.49 -27.79
CA TRP A 342 37.70 -31.83 -27.78
C TRP A 342 38.02 -32.51 -26.43
N HIS A 343 37.23 -32.13 -25.44
CA HIS A 343 37.39 -32.49 -24.02
C HIS A 343 36.11 -32.04 -23.29
N THR A 344 36.08 -32.20 -21.96
CA THR A 344 34.89 -31.86 -21.15
C THR A 344 35.02 -30.56 -20.32
N TYR A 345 35.88 -29.63 -20.76
CA TYR A 345 36.29 -28.42 -19.98
C TYR A 345 35.77 -27.11 -20.59
N ASN A 346 34.95 -27.18 -21.65
CA ASN A 346 34.37 -26.00 -22.27
C ASN A 346 33.29 -25.34 -21.40
N ALA A 347 32.98 -24.07 -21.68
CA ALA A 347 31.97 -23.36 -20.91
C ALA A 347 30.99 -22.53 -21.76
N HIS A 348 30.42 -21.48 -21.18
CA HIS A 348 29.37 -20.68 -21.81
C HIS A 348 29.45 -19.30 -21.20
N GLN A 349 29.00 -18.28 -21.93
CA GLN A 349 29.05 -16.90 -21.43
C GLN A 349 28.34 -16.73 -20.07
N VAL A 350 27.21 -17.39 -19.87
CA VAL A 350 26.46 -17.34 -18.62
C VAL A 350 27.22 -17.96 -17.44
N SER A 351 27.72 -19.19 -17.58
CA SER A 351 28.46 -19.81 -16.47
C SER A 351 29.77 -19.04 -16.17
N PHE A 352 30.47 -18.59 -17.21
CA PHE A 352 31.68 -17.83 -17.01
C PHE A 352 31.45 -16.51 -16.23
N THR A 353 30.49 -15.71 -16.65
CA THR A 353 30.20 -14.43 -16.00
C THR A 353 29.49 -14.57 -14.63
N SER A 354 28.64 -15.59 -14.50
CA SER A 354 28.01 -15.90 -13.18
C SER A 354 29.06 -16.28 -12.11
N GLY A 355 30.12 -16.99 -12.52
CA GLY A 355 31.21 -17.27 -11.60
C GLY A 355 32.00 -16.05 -11.15
N ILE A 356 32.17 -15.07 -12.05
CA ILE A 356 32.78 -13.79 -11.66
C ILE A 356 31.90 -13.10 -10.60
N TRP A 357 30.57 -13.19 -10.78
CA TRP A 357 29.59 -12.67 -9.82
C TRP A 357 29.74 -13.37 -8.46
N VAL A 358 29.92 -14.70 -8.47
CA VAL A 358 30.20 -15.48 -7.24
C VAL A 358 31.43 -14.92 -6.51
N MET A 359 32.52 -14.70 -7.25
CA MET A 359 33.72 -14.11 -6.67
C MET A 359 33.41 -12.74 -6.03
N MET A 360 32.69 -11.89 -6.75
CA MET A 360 32.26 -10.61 -6.18
C MET A 360 31.52 -10.73 -4.83
N THR A 361 30.62 -11.71 -4.70
CA THR A 361 29.89 -11.95 -3.44
C THR A 361 30.81 -12.30 -2.24
N GLN A 362 32.02 -12.79 -2.51
CA GLN A 362 32.96 -13.18 -1.47
C GLN A 362 33.94 -12.07 -1.03
N THR A 363 33.93 -10.92 -1.73
CA THR A 363 34.91 -9.85 -1.49
C THR A 363 34.32 -8.41 -1.59
N LEU A 364 33.64 -8.07 -2.69
CA LEU A 364 33.11 -6.71 -2.90
C LEU A 364 31.76 -6.47 -2.23
N ILE A 365 30.83 -7.40 -2.43
CA ILE A 365 29.42 -7.22 -2.00
C ILE A 365 28.84 -8.18 -0.93
N PRO A 366 29.66 -8.83 -0.08
CA PRO A 366 29.03 -9.77 0.89
C PRO A 366 27.97 -9.18 1.84
N SER A 367 28.03 -7.88 2.11
CA SER A 367 26.98 -7.25 2.95
C SER A 367 25.98 -6.35 2.19
N GLU A 368 25.93 -6.46 0.86
CA GLU A 368 24.92 -5.79 0.07
C GLU A 368 23.84 -6.81 -0.35
N MET A 369 22.89 -6.37 -1.16
CA MET A 369 21.90 -7.29 -1.73
C MET A 369 22.62 -8.29 -2.64
N ILE A 370 22.38 -9.59 -2.39
CA ILE A 370 22.99 -10.67 -3.19
C ILE A 370 21.90 -11.15 -4.19
N ASN A 371 21.98 -10.60 -5.41
CA ASN A 371 21.04 -10.85 -6.49
C ASN A 371 21.65 -10.39 -7.82
N ASP A 372 20.86 -10.33 -8.90
CA ASP A 372 21.37 -9.99 -10.23
C ASP A 372 21.78 -8.52 -10.44
N GLY A 373 21.48 -7.63 -9.48
CA GLY A 373 21.85 -6.23 -9.59
C GLY A 373 23.32 -5.98 -9.95
N ALA A 374 24.21 -6.70 -9.25
CA ALA A 374 25.65 -6.58 -9.51
C ALA A 374 26.09 -7.02 -10.92
N ALA A 375 25.36 -7.96 -11.54
CA ALA A 375 25.65 -8.29 -12.97
C ALA A 375 25.32 -7.13 -13.89
N TYR A 376 24.21 -6.45 -13.64
CA TYR A 376 23.87 -5.24 -14.41
C TYR A 376 24.91 -4.10 -14.21
N GLY A 377 25.67 -4.11 -13.11
CA GLY A 377 26.69 -3.10 -12.87
C GLY A 377 28.09 -3.45 -13.35
N THR A 378 28.23 -4.54 -14.10
CA THR A 378 29.53 -5.01 -14.64
C THR A 378 29.44 -5.20 -16.17
N GLU A 379 30.45 -4.75 -16.91
CA GLU A 379 30.52 -4.99 -18.37
C GLU A 379 31.48 -6.17 -18.65
N PHE A 380 31.06 -7.11 -19.53
CA PHE A 380 31.89 -8.25 -19.90
C PHE A 380 32.07 -8.31 -21.40
N ARG A 381 33.31 -8.59 -21.84
CA ARG A 381 33.60 -8.85 -23.25
C ARG A 381 34.32 -10.22 -23.42
N LEU A 382 33.62 -11.17 -24.05
CA LEU A 382 34.08 -12.53 -24.27
C LEU A 382 34.01 -12.84 -25.77
N PRO A 383 35.16 -12.78 -26.47
CA PRO A 383 35.06 -12.94 -27.92
C PRO A 383 34.46 -14.29 -28.33
N LYS A 384 33.59 -14.27 -29.34
CA LYS A 384 32.88 -15.47 -29.80
C LYS A 384 33.85 -16.48 -30.38
N GLY A 385 33.71 -17.74 -29.99
CA GLY A 385 34.64 -18.81 -30.40
C GLY A 385 35.70 -19.23 -29.40
N THR A 386 35.94 -18.42 -28.37
CA THR A 386 36.81 -18.79 -27.27
C THR A 386 36.17 -19.89 -26.42
N TRP A 387 36.95 -20.51 -25.54
CA TRP A 387 36.43 -21.58 -24.68
C TRP A 387 35.32 -21.12 -23.73
N MET A 388 35.37 -19.85 -23.29
CA MET A 388 34.33 -19.24 -22.44
C MET A 388 33.07 -18.72 -23.19
N ASN A 389 33.09 -18.69 -24.52
CA ASN A 389 31.90 -18.29 -25.34
C ASN A 389 31.95 -19.06 -26.68
N PRO A 390 31.80 -20.39 -26.61
CA PRO A 390 32.02 -21.20 -27.82
C PRO A 390 30.99 -20.99 -28.89
N ASP A 391 31.36 -21.30 -30.12
CA ASP A 391 30.51 -21.13 -31.31
C ASP A 391 30.22 -22.46 -32.02
N ASP A 392 30.21 -23.57 -31.26
CA ASP A 392 29.92 -24.89 -31.83
C ASP A 392 29.04 -25.71 -30.90
N ARG A 393 27.94 -26.22 -31.46
CA ARG A 393 26.92 -26.92 -30.69
C ARG A 393 27.31 -28.33 -30.27
N ARG A 394 28.51 -28.80 -30.63
CA ARG A 394 28.99 -30.14 -30.24
C ARG A 394 29.83 -30.21 -28.97
N VAL A 395 30.16 -29.07 -28.36
CA VAL A 395 31.13 -29.07 -27.26
C VAL A 395 30.59 -29.84 -26.04
N ALA A 396 31.51 -30.46 -25.29
CA ALA A 396 31.20 -31.11 -24.01
C ALA A 396 31.57 -30.22 -22.80
N PHE A 397 30.86 -30.45 -21.70
CA PHE A 397 30.85 -29.60 -20.51
C PHE A 397 31.02 -30.32 -19.15
N SER A 398 31.09 -31.64 -19.09
CA SER A 398 30.96 -32.34 -17.76
C SER A 398 31.88 -31.79 -16.67
N TYR A 399 33.09 -31.35 -17.03
CA TYR A 399 34.03 -30.76 -16.06
C TYR A 399 34.49 -29.35 -16.47
N SER A 400 33.48 -28.53 -16.79
CA SER A 400 33.59 -27.10 -17.10
C SER A 400 34.54 -26.37 -16.13
N TRP A 401 34.43 -26.73 -14.86
CA TRP A 401 35.23 -26.12 -13.80
C TRP A 401 36.73 -26.12 -14.05
N HIS A 402 37.27 -27.13 -14.69
CA HIS A 402 38.75 -27.22 -14.91
C HIS A 402 39.32 -25.91 -15.49
N PHE A 403 38.61 -25.39 -16.50
CA PHE A 403 38.95 -24.09 -17.09
C PHE A 403 38.43 -22.92 -16.28
N LEU A 404 37.18 -22.99 -15.84
CA LEU A 404 36.54 -21.87 -15.13
C LEU A 404 37.32 -21.41 -13.87
N VAL A 405 37.63 -22.37 -12.98
CA VAL A 405 38.29 -22.03 -11.70
C VAL A 405 39.73 -21.53 -11.91
N SER A 406 40.32 -21.92 -13.07
CA SER A 406 41.69 -21.57 -13.43
C SER A 406 41.77 -20.15 -14.06
N ALA A 407 40.67 -19.68 -14.65
CA ALA A 407 40.56 -18.30 -15.14
C ALA A 407 40.13 -17.30 -14.06
N TRP A 408 39.22 -17.69 -13.17
CA TRP A 408 38.69 -16.77 -12.14
C TRP A 408 39.76 -16.35 -11.10
N THR A 409 40.68 -17.25 -10.78
CA THR A 409 41.69 -16.98 -9.73
C THR A 409 42.51 -15.69 -9.98
N ALA A 410 42.83 -15.39 -11.23
CA ALA A 410 43.60 -14.18 -11.56
C ALA A 410 42.87 -12.87 -11.21
N LEU A 411 41.53 -12.88 -11.22
CA LEU A 411 40.75 -11.68 -10.94
C LEU A 411 40.88 -11.24 -9.48
N TRP A 412 41.03 -12.18 -8.55
CA TRP A 412 41.34 -11.83 -7.14
C TRP A 412 42.65 -11.02 -7.02
N ARG A 413 43.66 -11.36 -7.83
CA ARG A 413 44.92 -10.64 -7.79
C ARG A 413 44.78 -9.18 -8.22
N GLY A 414 44.04 -8.95 -9.31
CA GLY A 414 43.80 -7.56 -9.74
C GLY A 414 43.07 -6.74 -8.72
N LEU A 415 41.94 -7.26 -8.23
CA LEU A 415 41.20 -6.57 -7.17
C LEU A 415 42.04 -6.33 -5.93
N SER A 416 42.87 -7.31 -5.56
CA SER A 416 43.74 -7.14 -4.39
C SER A 416 44.79 -6.05 -4.54
N ARG A 417 45.22 -5.74 -5.76
CA ARG A 417 46.14 -4.60 -5.93
C ARG A 417 45.46 -3.28 -5.56
N SER A 418 44.16 -3.15 -5.87
CA SER A 418 43.37 -1.95 -5.50
C SER A 418 43.25 -1.85 -3.97
N TYR A 419 42.92 -2.98 -3.33
CA TYR A 419 42.79 -3.03 -1.87
C TYR A 419 44.10 -2.71 -1.16
N PHE A 420 45.19 -3.28 -1.66
CA PHE A 420 46.52 -3.09 -1.10
C PHE A 420 46.99 -1.64 -1.20
N GLY A 421 46.80 -1.06 -2.39
CA GLY A 421 47.14 0.35 -2.63
C GLY A 421 46.41 1.33 -1.74
N ARG A 422 45.14 1.04 -1.46
CA ARG A 422 44.30 1.92 -0.68
C ARG A 422 44.42 1.73 0.83
N GLY A 423 44.96 0.59 1.25
CA GLY A 423 45.12 0.29 2.70
C GLY A 423 44.13 -0.68 3.31
N TYR A 424 43.21 -1.22 2.50
CA TYR A 424 42.26 -2.27 2.96
C TYR A 424 42.94 -3.66 2.91
N LEU A 425 44.01 -3.79 3.68
CA LEU A 425 44.87 -4.99 3.66
C LEU A 425 44.10 -6.24 4.09
N GLU A 426 43.13 -6.04 4.98
CA GLU A 426 42.26 -7.16 5.44
C GLU A 426 41.51 -7.90 4.29
N GLU A 427 41.24 -7.20 3.20
CA GLU A 427 40.49 -7.76 2.05
C GLU A 427 41.37 -8.43 1.01
N VAL A 428 42.68 -8.21 1.05
CA VAL A 428 43.58 -8.82 0.08
C VAL A 428 43.47 -10.37 0.13
N ASN A 429 43.50 -11.01 -1.04
CA ASN A 429 43.51 -12.47 -1.14
C ASN A 429 44.18 -12.83 -2.46
N ALA A 430 45.27 -13.62 -2.40
CA ALA A 430 46.05 -13.94 -3.57
C ALA A 430 45.32 -14.82 -4.60
N GLY A 431 44.18 -15.43 -4.21
CA GLY A 431 43.31 -16.15 -5.14
C GLY A 431 42.86 -17.53 -4.68
N ASN A 432 41.95 -18.11 -5.46
CA ASN A 432 41.41 -19.44 -5.15
C ASN A 432 42.29 -20.58 -5.69
N ALA A 433 42.30 -21.68 -4.93
CA ALA A 433 42.91 -22.94 -5.36
C ALA A 433 42.22 -23.50 -6.58
N ASN A 434 42.93 -24.32 -7.31
CA ASN A 434 42.28 -25.23 -8.26
C ASN A 434 41.46 -26.27 -7.45
N THR A 435 40.17 -26.39 -7.77
CA THR A 435 39.26 -27.25 -6.99
C THR A 435 39.30 -28.70 -7.55
N SER A 436 40.28 -29.47 -7.09
CA SER A 436 40.54 -30.87 -7.55
C SER A 436 41.50 -31.51 -6.53
N ASN A 437 41.80 -32.81 -6.57
CA ASN A 437 41.28 -33.89 -7.45
C ASN A 437 39.84 -34.28 -7.18
N TRP A 438 39.14 -34.76 -8.22
CA TRP A 438 37.82 -35.39 -8.14
C TRP A 438 37.93 -36.93 -8.26
N LEU A 439 37.81 -37.61 -7.11
CA LEU A 439 37.82 -39.06 -7.06
C LEU A 439 36.51 -39.57 -7.69
N GLN A 440 36.63 -40.38 -8.72
CA GLN A 440 35.45 -40.86 -9.51
C GLN A 440 35.62 -42.33 -9.91
N GLY A 441 34.51 -42.95 -10.26
CA GLY A 441 34.46 -44.35 -10.66
C GLY A 441 33.08 -44.96 -10.62
N GLY A 442 32.98 -46.20 -11.07
CA GLY A 442 31.69 -46.90 -11.14
C GLY A 442 31.78 -48.41 -11.27
N GLY A 443 30.61 -49.04 -11.24
CA GLY A 443 30.45 -50.50 -11.25
C GLY A 443 29.45 -50.92 -10.18
N PHE A 444 29.67 -52.08 -9.56
CA PHE A 444 28.80 -52.55 -8.45
C PHE A 444 29.33 -52.19 -7.07
N ASN A 445 28.45 -51.69 -6.22
CA ASN A 445 28.83 -51.22 -4.88
C ASN A 445 28.58 -52.30 -3.79
N GLN A 446 28.70 -51.90 -2.53
CA GLN A 446 28.52 -52.82 -1.38
C GLN A 446 27.08 -53.33 -1.20
N TYR A 447 26.11 -52.68 -1.83
CA TYR A 447 24.70 -53.11 -1.81
C TYR A 447 24.34 -53.92 -3.06
N ASP A 448 25.33 -54.31 -3.87
CA ASP A 448 25.10 -55.07 -5.11
C ASP A 448 24.16 -54.37 -6.11
N GLU A 449 24.35 -53.07 -6.29
CA GLU A 449 23.62 -52.25 -7.25
C GLU A 449 24.61 -51.50 -8.16
N ILE A 450 24.14 -51.14 -9.34
CA ILE A 450 24.85 -50.30 -10.25
C ILE A 450 25.06 -48.94 -9.56
N HIS A 451 26.26 -48.39 -9.70
CA HIS A 451 26.66 -47.19 -8.95
C HIS A 451 27.78 -46.38 -9.61
N ALA A 452 27.89 -45.13 -9.15
CA ALA A 452 29.04 -44.27 -9.44
C ALA A 452 29.38 -43.45 -8.20
N VAL A 453 30.63 -43.03 -8.12
CA VAL A 453 31.11 -42.17 -7.03
C VAL A 453 31.70 -40.85 -7.59
N ASN A 454 31.65 -39.81 -6.74
CA ASN A 454 32.20 -38.51 -7.06
C ASN A 454 32.44 -37.76 -5.75
N SER A 455 33.64 -37.90 -5.18
CA SER A 455 33.92 -37.35 -3.86
C SER A 455 33.96 -35.82 -3.88
N PHE A 456 33.27 -35.22 -2.90
CA PHE A 456 33.33 -33.76 -2.66
C PHE A 456 34.33 -33.37 -1.52
N GLU A 457 35.37 -34.18 -1.33
CA GLU A 457 36.50 -33.78 -0.48
C GLU A 457 37.13 -32.48 -1.05
N CYS A 458 37.07 -32.24 -2.37
CA CYS A 458 37.63 -31.02 -2.95
C CYS A 458 36.65 -29.82 -2.95
N ALA A 459 35.65 -29.89 -2.07
CA ALA A 459 35.01 -28.71 -1.50
C ALA A 459 35.88 -28.00 -0.47
N ALA A 460 36.96 -28.65 -0.01
CA ALA A 460 37.76 -28.20 1.14
C ALA A 460 39.24 -28.10 0.74
N ASN A 461 39.55 -27.12 -0.11
CA ASN A 461 40.90 -26.85 -0.57
C ASN A 461 41.51 -25.66 0.21
N GLY A 462 42.80 -25.43 0.04
CA GLY A 462 43.45 -24.27 0.64
C GLY A 462 42.94 -22.95 0.04
N THR A 463 42.98 -21.88 0.84
CA THR A 463 42.63 -20.53 0.36
C THR A 463 43.89 -19.66 0.22
N GLY A 464 43.78 -18.62 -0.63
CA GLY A 464 44.86 -17.68 -0.81
C GLY A 464 45.25 -16.92 0.46
N ALA A 465 46.55 -16.69 0.64
CA ALA A 465 47.05 -15.82 1.72
C ALA A 465 46.58 -14.37 1.56
N THR A 466 46.53 -13.66 2.69
CA THR A 466 46.18 -12.23 2.68
C THR A 466 47.43 -11.36 2.92
N ALA A 467 47.26 -10.04 2.92
CA ALA A 467 48.34 -9.12 3.22
C ALA A 467 48.66 -9.03 4.73
N VAL A 468 47.84 -9.71 5.54
CA VAL A 468 47.89 -9.64 7.01
C VAL A 468 48.13 -11.00 7.70
N GLN A 469 47.74 -12.11 7.05
CA GLN A 469 47.82 -13.45 7.66
C GLN A 469 47.81 -14.57 6.62
N ASP A 470 48.21 -15.77 7.07
CA ASP A 470 48.18 -16.98 6.26
C ASP A 470 46.79 -17.32 5.73
N GLY A 471 46.74 -18.01 4.60
CA GLY A 471 45.50 -18.60 4.11
C GLY A 471 45.02 -19.74 5.02
N LEU A 472 43.78 -20.17 4.80
CA LEU A 472 43.20 -21.31 5.55
C LEU A 472 43.43 -22.63 4.83
N SER A 473 43.86 -23.65 5.58
CA SER A 473 44.07 -24.99 4.99
C SER A 473 42.72 -25.74 4.91
N HIS A 474 42.57 -26.55 3.86
CA HIS A 474 41.45 -27.52 3.70
C HIS A 474 40.09 -26.93 4.10
N ALA A 475 39.75 -25.80 3.47
CA ALA A 475 38.70 -24.89 3.97
C ALA A 475 37.55 -24.50 3.04
N ALA A 476 37.78 -24.41 1.73
CA ALA A 476 36.81 -23.80 0.81
C ALA A 476 37.07 -24.13 -0.68
N ALA A 477 36.11 -23.71 -1.50
CA ALA A 477 36.21 -23.75 -2.96
C ALA A 477 35.65 -22.45 -3.50
N ILE A 478 36.15 -21.99 -4.62
CA ILE A 478 35.59 -20.75 -5.27
C ILE A 478 34.06 -20.82 -5.50
N TRP A 479 33.54 -22.00 -5.86
CA TRP A 479 32.11 -22.19 -6.12
C TRP A 479 31.22 -22.38 -4.85
N ASN A 480 31.82 -22.46 -3.66
CA ASN A 480 31.10 -22.47 -2.38
C ASN A 480 32.08 -22.19 -1.24
N PRO A 481 32.05 -20.96 -0.66
CA PRO A 481 32.99 -20.63 0.40
C PRO A 481 32.72 -21.36 1.74
N GLU A 482 31.52 -21.92 1.92
CA GLU A 482 31.19 -22.74 3.12
C GLU A 482 31.70 -24.17 2.94
N GLY A 483 33.02 -24.33 2.99
CA GLY A 483 33.61 -25.64 2.71
C GLY A 483 33.25 -26.70 3.77
N ASP A 484 33.22 -27.95 3.31
CA ASP A 484 32.96 -29.11 4.14
C ASP A 484 33.56 -30.32 3.42
N MET A 485 34.44 -31.07 4.09
CA MET A 485 35.03 -32.28 3.53
C MET A 485 34.17 -33.55 3.72
N GLY A 486 33.11 -33.46 4.51
CA GLY A 486 32.27 -34.61 4.86
C GLY A 486 32.92 -35.54 5.87
N ASP A 487 32.10 -36.32 6.54
CA ASP A 487 32.56 -37.36 7.46
C ASP A 487 33.00 -38.61 6.72
N MET A 488 34.12 -39.17 7.14
CA MET A 488 34.61 -40.46 6.59
C MET A 488 33.52 -41.55 6.67
N GLU A 489 32.80 -41.60 7.80
CA GLU A 489 31.81 -42.66 8.00
C GLU A 489 30.60 -42.50 7.03
N ILE A 490 30.30 -41.26 6.67
CA ILE A 490 29.23 -40.95 5.71
C ILE A 490 29.67 -41.31 4.26
N TRP A 491 30.88 -40.89 3.85
CA TRP A 491 31.41 -41.28 2.53
C TRP A 491 31.48 -42.83 2.37
N GLU A 492 31.79 -43.54 3.46
CA GLU A 492 31.85 -45.01 3.42
C GLU A 492 30.49 -45.68 3.19
N LEU A 493 29.37 -44.99 3.49
CA LEU A 493 28.03 -45.47 3.13
C LEU A 493 27.68 -45.29 1.64
N ALA A 494 28.38 -44.36 0.98
CA ALA A 494 28.09 -44.00 -0.41
C ALA A 494 29.17 -44.43 -1.42
N GLU A 495 30.22 -45.15 -0.99
CA GLU A 495 31.34 -45.58 -1.87
C GLU A 495 31.83 -46.94 -1.39
N PRO A 496 32.16 -47.89 -2.29
CA PRO A 496 32.75 -49.18 -1.89
C PRO A 496 34.28 -49.06 -1.72
N LEU A 497 34.65 -48.23 -0.74
CA LEU A 497 36.03 -47.83 -0.45
C LEU A 497 36.14 -47.66 1.08
N VAL A 498 37.32 -47.92 1.64
CA VAL A 498 37.61 -47.59 3.04
C VAL A 498 38.84 -46.70 3.20
N TYR A 499 38.76 -45.79 4.18
CA TYR A 499 39.86 -44.90 4.52
C TYR A 499 41.02 -45.58 5.25
N LEU A 500 42.22 -45.47 4.68
CA LEU A 500 43.48 -45.78 5.38
C LEU A 500 44.29 -44.53 5.80
N GLY A 501 43.85 -43.34 5.38
CA GLY A 501 44.47 -42.10 5.83
C GLY A 501 43.62 -40.86 5.53
N ARG A 502 43.73 -39.86 6.40
CA ARG A 502 43.30 -38.49 6.12
C ARG A 502 44.28 -37.56 6.82
N GLN A 503 45.03 -36.75 6.05
CA GLN A 503 46.20 -36.00 6.56
C GLN A 503 46.28 -34.63 5.88
N ILE A 504 46.73 -33.62 6.61
CA ILE A 504 47.05 -32.31 6.05
C ILE A 504 48.22 -32.49 5.04
N LYS A 505 48.14 -31.80 3.88
CA LYS A 505 49.10 -32.05 2.74
C LYS A 505 50.33 -31.13 2.85
N ALA A 506 51.43 -31.67 3.35
CA ALA A 506 52.64 -30.90 3.58
C ALA A 506 53.20 -30.30 2.29
N SER A 507 53.60 -29.04 2.38
CA SER A 507 54.24 -28.26 1.30
C SER A 507 53.34 -28.03 0.09
N SER A 508 52.01 -28.12 0.29
CA SER A 508 51.06 -27.81 -0.80
C SER A 508 50.72 -26.29 -0.87
N GLY A 509 50.62 -25.62 0.28
CA GLY A 509 50.31 -24.19 0.29
C GLY A 509 51.44 -23.37 -0.31
N GLY A 510 51.07 -22.34 -1.08
CA GLY A 510 52.03 -21.50 -1.78
C GLY A 510 52.90 -20.70 -0.81
N SER A 511 54.22 -20.79 -1.02
CA SER A 511 55.18 -20.10 -0.15
C SER A 511 55.08 -18.56 -0.24
N GLY A 512 55.31 -17.93 0.91
CA GLY A 512 55.27 -16.47 0.97
C GLY A 512 55.58 -15.93 2.35
N LYS A 513 55.68 -14.61 2.44
CA LYS A 513 55.64 -13.94 3.75
C LYS A 513 54.46 -14.47 4.61
N TYR A 514 53.30 -14.53 3.97
CA TYR A 514 52.13 -15.28 4.45
C TYR A 514 51.92 -16.44 3.46
N ARG A 515 51.78 -17.64 4.02
CA ARG A 515 51.69 -18.89 3.27
C ARG A 515 50.23 -19.13 2.88
N GLY A 516 50.01 -19.57 1.65
CA GLY A 516 48.70 -20.06 1.26
C GLY A 516 48.27 -21.29 2.07
N GLY A 517 46.96 -21.49 2.16
CA GLY A 517 46.43 -22.65 2.84
C GLY A 517 46.92 -23.95 2.20
N CYS A 518 47.27 -24.93 3.02
CA CYS A 518 47.55 -26.28 2.51
C CYS A 518 46.23 -26.96 2.10
N GLY A 519 46.35 -27.91 1.16
CA GLY A 519 45.26 -28.86 0.94
C GLY A 519 45.31 -30.01 1.97
N PHE A 520 44.70 -31.14 1.62
CA PHE A 520 44.77 -32.38 2.42
C PHE A 520 44.71 -33.57 1.47
N GLU A 521 44.88 -34.77 2.02
CA GLU A 521 44.91 -35.98 1.24
C GLU A 521 44.25 -37.12 2.00
N SER A 522 43.69 -38.06 1.25
CA SER A 522 43.15 -39.29 1.82
C SER A 522 43.64 -40.50 0.99
N LEU A 523 44.03 -41.60 1.69
CA LEU A 523 44.38 -42.84 1.03
C LEU A 523 43.16 -43.75 1.14
N ARG A 524 42.69 -44.23 -0.01
CA ARG A 524 41.57 -45.19 -0.10
C ARG A 524 42.02 -46.59 -0.51
N MET A 525 41.37 -47.59 0.08
CA MET A 525 41.51 -48.98 -0.33
C MET A 525 40.15 -49.44 -0.86
N VAL A 526 40.14 -50.07 -2.04
CA VAL A 526 38.90 -50.62 -2.62
C VAL A 526 38.39 -51.78 -1.74
N TRP A 527 37.09 -51.79 -1.43
CA TRP A 527 36.53 -52.75 -0.48
C TRP A 527 35.00 -52.98 -0.69
N ASN A 528 34.63 -54.25 -0.89
CA ASN A 528 33.25 -54.67 -1.17
C ASN A 528 32.71 -54.08 -2.51
N ALA A 529 33.61 -53.83 -3.45
CA ALA A 529 33.26 -53.43 -4.84
C ALA A 529 33.35 -54.65 -5.78
N LYS A 530 32.56 -54.63 -6.87
CA LYS A 530 32.64 -55.64 -7.92
C LYS A 530 32.58 -54.99 -9.30
N ASP A 531 33.34 -55.55 -10.23
CA ASP A 531 33.38 -55.04 -11.60
C ASP A 531 33.57 -53.50 -11.61
N TRP A 532 34.60 -53.08 -10.89
CA TRP A 532 34.81 -51.70 -10.49
C TRP A 532 35.90 -51.00 -11.36
N THR A 533 35.70 -49.69 -11.61
CA THR A 533 36.70 -48.82 -12.30
C THR A 533 36.85 -47.48 -11.55
N MET A 534 38.02 -46.83 -11.69
CA MET A 534 38.23 -45.47 -11.15
C MET A 534 39.11 -44.64 -12.10
N PHE A 535 39.08 -43.33 -11.91
CA PHE A 535 39.92 -42.39 -12.68
C PHE A 535 40.18 -41.10 -11.89
N PHE A 536 41.14 -40.33 -12.38
CA PHE A 536 41.61 -39.07 -11.78
C PHE A 536 41.22 -37.88 -12.66
N MET A 537 40.95 -36.73 -12.04
CA MET A 537 40.65 -35.48 -12.76
C MET A 537 41.04 -34.25 -11.94
N GLY A 538 42.04 -33.52 -12.45
CA GLY A 538 42.57 -32.28 -11.84
C GLY A 538 43.76 -31.74 -12.63
N ASN A 539 44.29 -30.60 -12.18
CA ASN A 539 45.47 -29.98 -12.81
C ASN A 539 46.73 -30.78 -12.46
N GLY A 540 47.65 -30.89 -13.41
CA GLY A 540 48.86 -31.71 -13.28
C GLY A 540 50.14 -30.96 -13.49
N HIS A 541 50.44 -30.72 -14.77
CA HIS A 541 51.66 -29.99 -15.15
C HIS A 541 51.71 -28.49 -14.80
N ILE A 542 50.56 -27.87 -14.57
CA ILE A 542 50.42 -26.41 -14.36
C ILE A 542 49.64 -26.14 -13.06
N SER A 543 50.16 -25.22 -12.23
CA SER A 543 49.41 -24.62 -11.14
C SER A 543 48.63 -23.43 -11.70
N SER A 544 47.30 -23.41 -11.55
CA SER A 544 46.48 -22.33 -12.13
C SER A 544 46.58 -21.00 -11.34
N ASP A 545 46.59 -21.08 -10.01
CA ASP A 545 46.77 -19.91 -9.15
C ASP A 545 48.23 -19.39 -9.19
N TRP A 546 48.42 -18.09 -8.98
CA TRP A 546 49.75 -17.48 -8.81
C TRP A 546 49.74 -16.81 -7.42
N GLY A 547 50.91 -16.76 -6.79
CA GLY A 547 51.12 -15.91 -5.64
C GLY A 547 51.13 -14.42 -5.97
N LEU A 548 51.02 -13.58 -4.95
CA LEU A 548 50.87 -12.14 -5.12
C LEU A 548 52.02 -11.38 -4.45
N MET A 549 52.53 -10.36 -5.13
CA MET A 549 53.52 -9.41 -4.58
C MET A 549 54.75 -10.10 -3.95
N GLY A 550 55.19 -11.19 -4.59
CA GLY A 550 56.37 -11.93 -4.16
C GLY A 550 56.11 -13.38 -3.74
N GLY A 551 54.84 -13.70 -3.50
CA GLY A 551 54.43 -15.06 -3.16
C GLY A 551 54.43 -16.00 -4.36
N TYR A 552 54.39 -17.29 -4.07
CA TYR A 552 54.47 -18.37 -5.06
C TYR A 552 53.15 -19.11 -5.24
N PRO A 553 52.94 -19.78 -6.40
CA PRO A 553 51.78 -20.63 -6.59
C PRO A 553 51.78 -21.82 -5.61
N ALA A 554 50.58 -22.31 -5.29
CA ALA A 554 50.46 -23.62 -4.65
C ALA A 554 51.15 -24.71 -5.48
N ALA A 555 51.41 -25.85 -4.85
CA ALA A 555 51.86 -27.04 -5.56
C ALA A 555 50.85 -27.48 -6.62
N SER A 556 51.35 -28.17 -7.66
CA SER A 556 50.53 -28.73 -8.73
C SER A 556 50.21 -30.22 -8.42
N GLY A 557 49.56 -30.92 -9.34
CA GLY A 557 48.98 -32.24 -9.05
C GLY A 557 49.82 -33.41 -9.52
N TYR A 558 49.55 -34.58 -8.93
CA TYR A 558 50.11 -35.84 -9.36
C TYR A 558 49.16 -36.99 -8.99
N ARG A 559 49.44 -38.16 -9.58
CA ARG A 559 48.70 -39.40 -9.41
C ARG A 559 49.50 -40.42 -8.60
N PHE A 560 48.85 -41.08 -7.65
CA PHE A 560 49.29 -42.35 -7.05
C PHE A 560 48.15 -43.36 -7.02
N ALA A 561 48.37 -44.52 -7.64
CA ALA A 561 47.50 -45.67 -7.58
C ALA A 561 48.32 -46.95 -7.55
N ALA A 562 47.77 -48.00 -6.94
CA ALA A 562 48.47 -49.30 -6.85
C ALA A 562 47.52 -50.48 -7.06
N HIS A 563 47.88 -51.37 -8.00
CA HIS A 563 47.14 -52.58 -8.34
C HIS A 563 47.90 -53.84 -7.92
N LYS A 564 47.19 -54.95 -7.74
CA LYS A 564 47.76 -56.23 -7.33
C LYS A 564 48.70 -56.08 -6.15
N THR A 565 48.18 -55.40 -5.12
CA THR A 565 48.98 -54.98 -3.95
C THR A 565 49.43 -56.11 -3.04
N ASN A 566 48.70 -57.23 -3.06
CA ASN A 566 48.87 -58.33 -2.09
C ASN A 566 48.51 -57.91 -0.65
N LEU A 567 47.71 -56.86 -0.48
CA LEU A 567 47.42 -56.35 0.88
C LEU A 567 46.63 -57.34 1.75
N LYS A 568 45.79 -58.20 1.17
CA LYS A 568 45.09 -59.20 1.99
C LYS A 568 46.09 -60.04 2.84
N GLU A 569 47.13 -60.53 2.19
CA GLU A 569 48.18 -61.33 2.84
C GLU A 569 49.07 -60.48 3.75
N LEU A 570 49.39 -59.25 3.33
CA LEU A 570 50.20 -58.36 4.16
C LEU A 570 49.48 -57.97 5.45
N ILE A 571 48.18 -57.69 5.37
CA ILE A 571 47.36 -57.42 6.54
C ILE A 571 47.36 -58.64 7.49
N ALA A 572 47.06 -59.82 6.95
CA ALA A 572 46.98 -61.05 7.73
C ALA A 572 48.31 -61.46 8.37
N SER A 573 49.44 -61.21 7.73
CA SER A 573 50.73 -61.64 8.25
C SER A 573 51.35 -60.66 9.27
N GLY A 574 50.71 -59.51 9.51
CA GLY A 574 51.26 -58.49 10.40
C GLY A 574 52.36 -57.63 9.80
N ALA A 575 52.53 -57.63 8.48
CA ALA A 575 53.51 -56.77 7.80
C ALA A 575 53.12 -55.29 7.82
N GLU A 576 54.08 -54.40 7.58
CA GLU A 576 53.79 -52.95 7.52
C GLU A 576 52.79 -52.70 6.40
N ILE A 577 51.83 -51.83 6.67
CA ILE A 577 50.86 -51.43 5.62
C ILE A 577 50.82 -49.91 5.42
N PRO A 578 50.60 -49.46 4.17
CA PRO A 578 50.48 -48.01 3.92
C PRO A 578 49.30 -47.41 4.69
N LEU A 579 49.58 -46.36 5.48
CA LEU A 579 48.55 -45.59 6.19
C LEU A 579 48.90 -44.11 6.16
N GLY A 580 47.89 -43.25 6.37
CA GLY A 580 48.13 -41.79 6.38
C GLY A 580 48.20 -41.15 5.00
N GLY A 581 49.07 -40.13 4.87
CA GLY A 581 49.30 -39.43 3.61
C GLY A 581 50.66 -39.72 3.01
N ASP A 582 50.83 -39.31 1.76
CA ASP A 582 52.04 -39.44 0.97
C ASP A 582 52.90 -38.19 1.29
N THR A 583 53.49 -38.22 2.47
CA THR A 583 54.06 -37.03 3.10
C THR A 583 55.08 -36.26 2.22
N ASP A 584 56.02 -36.99 1.62
CA ASP A 584 57.02 -36.43 0.73
C ASP A 584 57.04 -37.30 -0.53
N PRO A 585 56.35 -36.86 -1.62
CA PRO A 585 56.25 -37.75 -2.78
C PRO A 585 57.56 -37.99 -3.53
N GLU A 586 58.58 -37.16 -3.26
CA GLU A 586 59.93 -37.37 -3.76
C GLU A 586 60.66 -38.47 -2.99
N ASN A 587 60.29 -38.67 -1.72
CA ASN A 587 60.90 -39.68 -0.82
C ASN A 587 59.79 -40.53 -0.17
N PRO A 588 59.03 -41.26 -0.98
CA PRO A 588 57.84 -41.95 -0.45
C PRO A 588 58.19 -43.16 0.42
N THR A 589 57.31 -43.50 1.37
CA THR A 589 57.50 -44.69 2.22
C THR A 589 56.62 -45.87 1.76
N TRP A 590 55.46 -45.60 1.13
CA TRP A 590 54.54 -46.67 0.79
C TRP A 590 55.05 -47.68 -0.26
N ASP A 591 55.77 -47.17 -1.24
CA ASP A 591 56.11 -47.99 -2.43
C ASP A 591 56.95 -49.23 -2.06
N ALA A 592 57.91 -49.05 -1.15
CA ALA A 592 58.74 -50.16 -0.68
C ALA A 592 57.98 -51.22 0.15
N MET A 593 56.81 -50.87 0.68
CA MET A 593 55.96 -51.79 1.45
C MET A 593 55.15 -52.73 0.53
N LEU A 594 55.12 -52.44 -0.78
CA LEU A 594 54.30 -53.16 -1.74
C LEU A 594 55.19 -53.71 -2.87
N PRO A 595 56.12 -54.64 -2.53
CA PRO A 595 57.08 -55.14 -3.52
C PRO A 595 56.44 -55.86 -4.72
N ASP A 596 55.21 -56.40 -4.59
CA ASP A 596 54.56 -57.11 -5.72
C ASP A 596 53.60 -56.22 -6.55
N ALA A 597 53.36 -54.98 -6.14
CA ALA A 597 52.33 -54.16 -6.77
C ALA A 597 52.75 -53.54 -8.12
N GLN A 598 51.76 -53.30 -8.97
CA GLN A 598 51.90 -52.43 -10.14
C GLN A 598 51.54 -51.01 -9.65
N ILE A 599 52.54 -50.13 -9.53
CA ILE A 599 52.33 -48.78 -9.02
C ILE A 599 52.37 -47.77 -10.15
N LYS A 600 51.40 -46.87 -10.20
CA LYS A 600 51.44 -45.72 -11.08
C LYS A 600 51.64 -44.45 -10.22
N ARG A 601 52.82 -43.84 -10.33
CA ARG A 601 53.18 -42.63 -9.58
C ARG A 601 53.81 -41.66 -10.58
N ASP A 602 53.05 -40.64 -10.99
CA ASP A 602 53.48 -39.78 -12.11
C ASP A 602 52.70 -38.49 -12.17
N LYS A 603 52.98 -37.63 -13.17
CA LYS A 603 52.28 -36.36 -13.35
C LYS A 603 50.91 -36.42 -14.07
N GLN A 604 50.41 -37.60 -14.39
CA GLN A 604 49.22 -37.71 -15.22
C GLN A 604 47.94 -37.57 -14.34
N ALA A 605 47.54 -36.33 -14.11
CA ALA A 605 46.45 -36.03 -13.18
C ALA A 605 45.05 -36.12 -13.79
N ILE A 606 45.00 -36.43 -15.08
CA ILE A 606 43.75 -36.71 -15.82
C ILE A 606 43.87 -38.09 -16.48
N THR A 607 42.88 -38.95 -16.21
CA THR A 607 42.80 -40.26 -16.82
C THR A 607 41.33 -40.61 -17.17
N THR A 608 41.16 -41.63 -18.00
CA THR A 608 39.85 -42.27 -18.21
C THR A 608 39.81 -43.54 -17.37
N GLU A 609 38.64 -44.11 -17.24
CA GLU A 609 38.39 -45.24 -16.34
C GLU A 609 39.35 -46.44 -16.54
N GLU A 610 39.82 -47.00 -15.42
CA GLU A 610 40.72 -48.15 -15.40
C GLU A 610 40.20 -49.16 -14.36
N MET A 611 40.34 -50.46 -14.64
CA MET A 611 39.89 -51.53 -13.72
C MET A 611 40.63 -51.45 -12.37
N PHE A 612 39.88 -51.48 -11.27
CA PHE A 612 40.42 -51.65 -9.92
C PHE A 612 39.69 -52.84 -9.25
N SER A 613 40.39 -53.51 -8.33
CA SER A 613 39.81 -54.59 -7.51
C SER A 613 40.00 -54.31 -6.03
N ASP A 614 39.25 -55.07 -5.20
CA ASP A 614 39.42 -55.02 -3.75
C ASP A 614 40.90 -55.18 -3.38
N TYR A 615 41.31 -54.36 -2.41
CA TYR A 615 42.68 -54.23 -1.87
C TYR A 615 43.64 -53.33 -2.70
N ASP A 616 43.19 -52.83 -3.85
CA ASP A 616 43.92 -51.78 -4.60
C ASP A 616 43.83 -50.42 -3.87
N LEU A 617 44.80 -49.53 -4.18
CA LEU A 617 44.91 -48.22 -3.52
C LEU A 617 44.76 -47.06 -4.49
N TYR A 618 44.17 -45.98 -3.99
CA TYR A 618 43.97 -44.71 -4.75
C TYR A 618 44.23 -43.55 -3.79
N LEU A 619 45.13 -42.62 -4.18
CA LEU A 619 45.40 -41.39 -3.39
C LEU A 619 44.54 -40.22 -3.89
N ASN A 620 43.66 -39.69 -3.05
CA ASN A 620 42.91 -38.45 -3.31
C ASN A 620 43.63 -37.22 -2.72
N TYR A 621 44.13 -36.34 -3.58
CA TYR A 621 44.96 -35.19 -3.18
C TYR A 621 44.22 -33.89 -3.53
N MET A 622 43.89 -33.11 -2.50
CA MET A 622 43.23 -31.80 -2.66
C MET A 622 44.25 -30.66 -2.63
N ARG A 623 44.10 -29.71 -3.54
CA ARG A 623 45.13 -28.65 -3.72
C ARG A 623 45.14 -27.54 -2.67
N GLY A 624 46.30 -26.93 -2.53
CA GLY A 624 46.49 -25.73 -1.73
C GLY A 624 46.20 -24.46 -2.51
N GLY A 625 46.27 -23.34 -1.78
CA GLY A 625 46.10 -21.98 -2.32
C GLY A 625 47.43 -21.19 -2.37
N PRO A 626 47.43 -20.08 -3.14
CA PRO A 626 48.63 -19.26 -3.37
C PRO A 626 49.11 -18.38 -2.19
N GLY A 627 50.41 -18.08 -2.20
CA GLY A 627 51.05 -17.29 -1.13
C GLY A 627 51.06 -15.77 -1.41
N PHE A 628 51.46 -15.01 -0.37
CA PHE A 628 51.59 -13.56 -0.40
C PHE A 628 52.94 -13.06 0.14
N GLY A 629 53.59 -12.17 -0.61
CA GLY A 629 54.84 -11.52 -0.17
C GLY A 629 56.11 -12.36 -0.30
N ASP A 630 57.26 -11.72 -0.14
CA ASP A 630 58.56 -12.38 -0.20
C ASP A 630 58.72 -13.38 0.96
N PRO A 631 58.97 -14.68 0.68
CA PRO A 631 59.18 -15.65 1.78
C PRO A 631 60.31 -15.29 2.71
N LEU A 632 61.28 -14.50 2.23
CA LEU A 632 62.39 -14.06 3.08
C LEU A 632 61.96 -13.09 4.21
N ASP A 633 60.75 -12.55 4.11
CA ASP A 633 60.17 -11.73 5.16
C ASP A 633 59.24 -12.48 6.11
N ARG A 634 59.05 -13.79 5.93
CA ARG A 634 58.19 -14.54 6.84
C ARG A 634 58.81 -14.56 8.24
N GLU A 635 57.96 -14.48 9.27
CA GLU A 635 58.38 -14.61 10.65
C GLU A 635 59.04 -15.96 10.92
N PRO A 636 60.33 -16.00 11.34
CA PRO A 636 60.98 -17.31 11.50
C PRO A 636 60.23 -18.34 12.38
N GLN A 637 59.61 -17.89 13.48
CA GLN A 637 58.85 -18.81 14.35
C GLN A 637 57.67 -19.46 13.60
N ALA A 638 57.08 -18.75 12.63
CA ALA A 638 55.96 -19.30 11.86
C ALA A 638 56.41 -20.46 10.95
N VAL A 639 57.67 -20.41 10.48
CA VAL A 639 58.27 -21.49 9.71
C VAL A 639 58.47 -22.70 10.65
N ALA A 640 59.05 -22.50 11.84
CA ALA A 640 59.20 -23.61 12.79
C ALA A 640 57.84 -24.24 13.18
N ASP A 641 56.84 -23.40 13.46
CA ASP A 641 55.47 -23.88 13.76
C ASP A 641 54.90 -24.72 12.60
N ASP A 642 55.11 -24.26 11.38
CA ASP A 642 54.66 -25.00 10.17
C ASP A 642 55.31 -26.40 10.04
N ILE A 643 56.62 -26.48 10.32
CA ILE A 643 57.29 -27.79 10.28
C ILE A 643 56.73 -28.70 11.37
N ASN A 644 56.60 -28.19 12.60
CA ASN A 644 56.05 -28.98 13.71
C ASN A 644 54.60 -29.40 13.46
N GLY A 645 53.83 -28.57 12.76
CA GLY A 645 52.42 -28.86 12.52
C GLY A 645 52.09 -29.68 11.27
N GLY A 646 53.11 -29.99 10.45
CA GLY A 646 52.90 -30.76 9.19
C GLY A 646 52.48 -29.95 7.96
N TYR A 647 52.63 -28.63 8.01
CA TYR A 647 52.30 -27.73 6.90
C TYR A 647 53.40 -27.56 5.85
N VAL A 648 54.65 -27.70 6.27
CA VAL A 648 55.83 -27.50 5.44
C VAL A 648 56.88 -28.57 5.78
N LEU A 649 57.45 -29.19 4.76
CA LEU A 649 58.56 -30.15 4.94
C LEU A 649 59.85 -29.45 5.37
N GLU A 650 60.53 -30.05 6.34
CA GLU A 650 61.73 -29.46 6.95
C GLU A 650 62.78 -28.96 5.92
N ARG A 651 63.00 -29.75 4.86
CA ARG A 651 64.02 -29.44 3.87
C ARG A 651 63.81 -28.17 3.06
N PHE A 652 62.60 -27.61 3.05
CA PHE A 652 62.39 -26.34 2.37
C PHE A 652 62.59 -25.10 3.26
N ALA A 653 62.73 -25.27 4.57
CA ALA A 653 62.88 -24.10 5.47
C ALA A 653 64.07 -23.22 5.08
N GLY A 654 65.21 -23.88 4.84
CA GLY A 654 66.44 -23.20 4.44
C GLY A 654 66.35 -22.61 3.06
N GLU A 655 66.00 -23.41 2.06
CA GLU A 655 66.07 -22.98 0.66
C GLU A 655 65.00 -21.91 0.30
N VAL A 656 63.78 -22.10 0.78
CA VAL A 656 62.67 -21.20 0.44
C VAL A 656 62.60 -19.97 1.34
N TYR A 657 62.66 -20.16 2.66
CA TYR A 657 62.42 -19.08 3.62
C TYR A 657 63.71 -18.53 4.26
N GLY A 658 64.84 -19.20 4.06
CA GLY A 658 66.11 -18.79 4.66
C GLY A 658 66.13 -18.97 6.17
N VAL A 659 65.31 -19.89 6.69
CA VAL A 659 65.21 -20.09 8.14
C VAL A 659 65.95 -21.36 8.53
N VAL A 660 66.83 -21.24 9.53
CA VAL A 660 67.57 -22.38 10.08
C VAL A 660 66.82 -22.88 11.32
N VAL A 661 66.36 -24.12 11.27
CA VAL A 661 65.74 -24.79 12.44
C VAL A 661 66.58 -25.94 12.94
N ARG A 662 66.39 -26.27 14.22
CA ARG A 662 67.02 -27.42 14.88
C ARG A 662 66.06 -28.07 15.86
N LYS A 663 66.20 -29.38 15.97
CA LYS A 663 65.35 -30.20 16.80
C LYS A 663 65.84 -30.09 18.24
N GLY A 664 64.93 -29.73 19.16
CA GLY A 664 65.25 -29.73 20.59
C GLY A 664 65.16 -31.13 21.21
N ALA A 665 65.39 -31.21 22.52
CA ALA A 665 65.30 -32.48 23.26
C ALA A 665 63.90 -33.13 23.20
N ASP A 666 62.84 -32.30 23.28
CA ASP A 666 61.46 -32.74 23.12
C ASP A 666 61.03 -33.17 21.70
N GLY A 667 61.94 -33.17 20.71
CA GLY A 667 61.58 -33.55 19.33
C GLY A 667 61.00 -32.42 18.48
N GLN A 668 60.79 -31.23 19.08
CA GLN A 668 60.21 -30.07 18.39
C GLN A 668 61.28 -29.17 17.77
N TYR A 669 61.06 -28.72 16.55
CA TYR A 669 61.96 -27.76 15.89
C TYR A 669 61.84 -26.35 16.48
N GLY A 670 62.98 -25.70 16.67
CA GLY A 670 63.04 -24.29 17.11
C GLY A 670 63.99 -23.49 16.21
N VAL A 671 63.92 -22.17 16.28
CA VAL A 671 64.68 -21.30 15.38
C VAL A 671 66.08 -20.99 15.93
N ASP A 672 67.10 -21.09 15.08
CA ASP A 672 68.44 -20.47 15.34
C ASP A 672 68.43 -19.07 14.72
N GLU A 673 68.27 -18.05 15.58
CA GLU A 673 68.07 -16.67 15.12
C GLU A 673 69.32 -16.09 14.42
N THR A 674 70.51 -16.38 14.93
CA THR A 674 71.77 -15.90 14.34
C THR A 674 72.05 -16.54 12.97
N ALA A 675 71.92 -17.86 12.90
CA ALA A 675 72.17 -18.59 11.67
C ALA A 675 71.11 -18.24 10.59
N THR A 676 69.88 -17.92 11.03
CA THR A 676 68.80 -17.49 10.11
C THR A 676 69.12 -16.11 9.48
N ALA A 677 69.59 -15.17 10.30
CA ALA A 677 69.98 -13.84 9.79
C ALA A 677 71.08 -13.97 8.73
N ALA A 678 72.07 -14.83 8.98
CA ALA A 678 73.17 -15.06 8.05
C ALA A 678 72.67 -15.74 6.78
N ALA A 679 71.78 -16.74 6.92
CA ALA A 679 71.23 -17.42 5.74
C ALA A 679 70.44 -16.48 4.81
N ARG A 680 69.66 -15.57 5.41
CA ARG A 680 68.89 -14.60 4.66
C ARG A 680 69.77 -13.55 3.96
N ALA A 681 70.81 -13.07 4.63
CA ALA A 681 71.81 -12.19 4.00
C ALA A 681 72.49 -12.86 2.78
N GLN A 682 72.80 -14.14 2.92
CA GLN A 682 73.41 -14.89 1.83
C GLN A 682 72.43 -15.15 0.64
N ILE A 683 71.18 -15.45 0.93
CA ILE A 683 70.17 -15.60 -0.14
C ILE A 683 69.99 -14.29 -0.96
N ARG A 684 70.03 -13.13 -0.30
CA ARG A 684 69.97 -11.86 -1.03
C ARG A 684 71.13 -11.74 -2.05
N LYS A 685 72.31 -12.14 -1.63
CA LYS A 685 73.43 -12.20 -2.58
C LYS A 685 73.28 -13.24 -3.69
N ASP A 686 72.78 -14.42 -3.34
CA ASP A 686 72.51 -15.47 -4.33
C ASP A 686 71.52 -15.00 -5.41
N ARG A 687 70.47 -14.30 -4.98
CA ARG A 687 69.47 -13.76 -5.92
C ARG A 687 70.08 -12.82 -6.95
N LEU A 688 70.98 -11.96 -6.52
CA LEU A 688 71.72 -11.08 -7.45
C LEU A 688 72.67 -11.86 -8.38
N ALA A 689 73.32 -12.88 -7.86
CA ALA A 689 74.27 -13.70 -8.64
C ALA A 689 73.60 -14.58 -9.72
N LYS A 690 72.46 -15.18 -9.40
CA LYS A 690 71.76 -16.08 -10.31
C LYS A 690 70.88 -15.39 -11.35
N SER A 691 70.51 -14.12 -11.14
CA SER A 691 69.59 -13.41 -12.00
C SER A 691 70.36 -12.69 -13.11
N VAL A 692 69.61 -12.24 -14.13
CA VAL A 692 70.13 -11.35 -15.16
C VAL A 692 69.17 -10.18 -15.36
N PRO A 693 69.66 -9.06 -15.94
CA PRO A 693 68.75 -7.98 -16.31
C PRO A 693 67.68 -8.53 -17.27
N VAL A 694 66.44 -8.10 -17.09
CA VAL A 694 65.31 -8.58 -17.88
C VAL A 694 65.52 -8.43 -19.40
N SER A 695 66.13 -7.34 -19.87
CA SER A 695 66.47 -7.22 -21.29
C SER A 695 67.32 -8.32 -21.83
N GLU A 696 68.28 -8.79 -21.01
CA GLU A 696 69.16 -9.87 -21.41
C GLU A 696 68.39 -11.18 -21.53
N TRP A 697 67.58 -11.51 -20.53
CA TRP A 697 66.74 -12.73 -20.60
C TRP A 697 65.78 -12.63 -21.83
N MET A 698 65.18 -11.46 -22.05
CA MET A 698 64.30 -11.25 -23.21
C MET A 698 64.97 -11.52 -24.57
N LYS A 699 66.23 -11.12 -24.70
CA LYS A 699 66.99 -11.37 -25.93
C LYS A 699 67.05 -12.87 -26.27
N GLY A 700 67.33 -13.71 -25.26
CA GLY A 700 67.39 -15.17 -25.48
C GLY A 700 66.03 -15.82 -25.74
N GLU A 701 64.99 -15.35 -25.03
CA GLU A 701 63.63 -15.87 -25.25
C GLU A 701 63.09 -15.52 -26.66
N ARG A 702 63.33 -14.28 -27.10
CA ARG A 702 63.00 -13.84 -28.45
C ARG A 702 63.62 -14.74 -29.57
N GLU A 703 64.88 -15.16 -29.38
CA GLU A 703 65.52 -16.09 -30.30
C GLU A 703 64.77 -17.42 -30.41
N LYS A 704 64.32 -17.95 -29.27
CA LYS A 704 63.53 -19.17 -29.28
C LYS A 704 62.18 -19.00 -29.98
N ILE A 705 61.52 -17.87 -29.78
CA ILE A 705 60.24 -17.59 -30.45
C ILE A 705 60.45 -17.56 -31.98
N LEU A 706 61.49 -16.82 -32.41
CA LEU A 706 61.81 -16.76 -33.86
C LEU A 706 62.08 -18.16 -34.44
N ALA A 707 62.77 -19.02 -33.68
CA ALA A 707 63.06 -20.39 -34.12
C ALA A 707 61.91 -21.40 -33.90
N LYS A 708 60.78 -20.96 -33.35
CA LYS A 708 59.66 -21.86 -33.00
C LYS A 708 60.01 -23.00 -32.02
N ASP A 709 60.90 -22.68 -31.08
CA ASP A 709 61.46 -23.62 -30.12
C ASP A 709 60.62 -23.60 -28.83
N ALA A 710 59.61 -24.47 -28.83
CA ALA A 710 58.78 -24.82 -27.66
C ALA A 710 57.94 -26.05 -28.02
N GLY A 711 57.39 -26.71 -27.01
CA GLY A 711 56.55 -27.88 -27.26
C GLY A 711 55.28 -27.57 -28.04
N THR A 712 54.70 -28.61 -28.64
CA THR A 712 53.50 -28.42 -29.47
C THR A 712 52.35 -27.78 -28.68
N GLN A 713 52.23 -28.11 -27.40
CA GLN A 713 51.17 -27.55 -26.57
C GLN A 713 51.30 -26.03 -26.37
N VAL A 714 52.52 -25.51 -26.27
CA VAL A 714 52.74 -24.07 -26.17
C VAL A 714 52.39 -23.35 -27.51
N ARG A 715 52.89 -23.90 -28.61
CA ARG A 715 52.62 -23.31 -29.94
C ARG A 715 51.13 -23.35 -30.32
N GLN A 716 50.44 -24.44 -30.01
CA GLN A 716 49.01 -24.52 -30.31
C GLN A 716 48.23 -23.44 -29.54
N MET A 717 48.57 -23.24 -28.27
CA MET A 717 47.91 -22.21 -27.44
C MET A 717 48.03 -20.79 -28.04
N PHE A 718 49.25 -20.37 -28.38
CA PHE A 718 49.45 -19.08 -29.05
C PHE A 718 48.77 -19.03 -30.42
N ALA A 719 48.87 -20.07 -31.25
CA ALA A 719 48.27 -19.99 -32.57
C ALA A 719 46.75 -19.80 -32.51
N ALA A 720 46.09 -20.55 -31.65
CA ALA A 720 44.62 -20.46 -31.52
C ALA A 720 44.19 -19.10 -30.91
N SER A 721 44.92 -18.64 -29.91
CA SER A 721 44.70 -17.34 -29.26
C SER A 721 44.85 -16.15 -30.27
N PHE A 722 45.88 -16.22 -31.12
CA PHE A 722 46.10 -15.19 -32.12
C PHE A 722 44.92 -15.06 -33.07
N LYS A 723 44.42 -16.20 -33.58
CA LYS A 723 43.30 -16.17 -34.53
C LYS A 723 42.02 -15.58 -33.94
N LEU A 724 41.67 -15.94 -32.71
CA LEU A 724 40.46 -15.39 -32.03
C LEU A 724 40.62 -13.97 -31.45
N GLY A 725 41.87 -13.51 -31.30
CA GLY A 725 42.21 -12.24 -30.65
C GLY A 725 43.30 -11.44 -31.38
N PRO A 726 42.93 -10.78 -32.48
CA PRO A 726 43.94 -10.00 -33.22
C PRO A 726 44.66 -8.90 -32.42
N ARG A 727 44.00 -8.31 -31.43
CA ARG A 727 44.67 -7.33 -30.58
C ARG A 727 45.78 -7.98 -29.74
N PHE A 728 45.57 -9.23 -29.30
CA PHE A 728 46.57 -10.00 -28.58
C PHE A 728 47.76 -10.34 -29.48
N GLU A 729 47.51 -10.75 -30.72
CA GLU A 729 48.59 -11.04 -31.65
C GLU A 729 49.46 -9.78 -31.88
N LYS A 730 48.80 -8.65 -32.09
CA LYS A 730 49.50 -7.39 -32.24
C LYS A 730 50.37 -7.02 -31.01
N ASP A 731 49.81 -7.17 -29.81
CA ASP A 731 50.53 -6.97 -28.51
C ASP A 731 51.79 -7.87 -28.42
N PHE A 732 51.62 -9.14 -28.71
CA PHE A 732 52.73 -10.12 -28.66
C PHE A 732 53.86 -9.77 -29.65
N ARG A 733 53.50 -9.44 -30.89
CA ARG A 733 54.47 -9.06 -31.93
C ARG A 733 55.24 -7.81 -31.54
N THR A 734 54.53 -6.83 -30.98
CA THR A 734 55.14 -5.59 -30.56
C THR A 734 56.08 -5.83 -29.37
N PHE A 735 55.61 -6.59 -28.38
CA PHE A 735 56.39 -6.83 -27.17
C PHE A 735 57.72 -7.51 -27.52
N TRP A 736 57.65 -8.53 -28.38
CA TRP A 736 58.85 -9.31 -28.78
C TRP A 736 59.58 -8.79 -30.03
N ASP A 737 59.13 -7.65 -30.56
CA ASP A 737 59.75 -7.00 -31.74
C ASP A 737 59.90 -7.98 -32.91
N LEU A 738 58.82 -8.68 -33.24
CA LEU A 738 58.86 -9.72 -34.29
C LEU A 738 58.59 -9.11 -35.66
N PRO A 739 59.33 -9.56 -36.69
CA PRO A 739 59.06 -9.09 -38.03
C PRO A 739 57.74 -9.67 -38.61
N ASP A 740 57.16 -8.96 -39.57
CA ASP A 740 55.98 -9.45 -40.28
C ASP A 740 56.16 -10.78 -41.02
N SER A 741 57.39 -11.11 -41.40
CA SER A 741 57.69 -12.41 -42.03
C SER A 741 57.57 -13.63 -41.07
N TRP A 742 57.60 -13.41 -39.75
CA TRP A 742 57.33 -14.48 -38.78
C TRP A 742 55.81 -14.70 -38.67
N THR A 743 55.35 -15.95 -38.83
CA THR A 743 53.95 -16.31 -38.66
C THR A 743 53.85 -17.66 -37.90
N LEU A 744 52.71 -17.88 -37.23
CA LEU A 744 52.45 -19.09 -36.44
C LEU A 744 51.07 -19.72 -36.78
N PRO A 745 50.93 -20.25 -38.00
CA PRO A 745 49.67 -20.94 -38.33
C PRO A 745 49.54 -22.28 -37.58
N GLU A 746 48.36 -22.53 -37.07
CA GLU A 746 48.13 -23.74 -36.26
C GLU A 746 48.37 -25.03 -37.05
N GLU A 747 48.10 -24.98 -38.35
CA GLU A 747 48.24 -26.15 -39.22
C GLU A 747 49.68 -26.61 -39.38
N GLU A 748 50.66 -25.77 -39.11
CA GLU A 748 52.06 -26.19 -39.33
C GLU A 748 52.64 -26.92 -38.12
N ILE A 749 51.90 -27.02 -37.02
CA ILE A 749 52.45 -27.62 -35.79
C ILE A 749 52.56 -29.17 -35.89
N GLY A 750 51.64 -29.80 -36.61
CA GLY A 750 51.61 -31.25 -36.74
C GLY A 750 50.66 -31.98 -35.81
N VAL A 751 49.72 -31.26 -35.21
CA VAL A 751 48.69 -31.88 -34.36
C VAL A 751 47.36 -31.71 -35.07
N PRO A 752 46.36 -32.53 -34.70
CA PRO A 752 45.00 -32.29 -35.26
C PRO A 752 44.44 -30.89 -34.92
N THR A 753 43.72 -30.30 -35.88
CA THR A 753 43.10 -28.98 -35.72
C THR A 753 41.61 -28.93 -36.16
N TYR A 754 40.90 -30.04 -35.96
CA TYR A 754 39.43 -30.08 -36.21
C TYR A 754 38.74 -29.06 -35.32
N GLY A 755 37.84 -28.30 -35.93
CA GLY A 755 37.15 -27.22 -35.29
C GLY A 755 37.82 -25.86 -35.28
N SER A 756 39.02 -25.73 -35.82
CA SER A 756 39.71 -24.43 -35.83
C SER A 756 39.11 -23.42 -36.81
N ARG A 757 38.48 -23.90 -37.88
CA ARG A 757 37.91 -23.05 -38.93
C ARG A 757 36.42 -23.31 -39.13
N TYR A 758 35.98 -24.56 -39.09
CA TYR A 758 34.58 -24.91 -39.28
C TYR A 758 33.87 -25.11 -37.95
N SER A 759 32.79 -24.35 -37.73
CA SER A 759 31.99 -24.46 -36.50
C SER A 759 30.51 -24.09 -36.80
N MET A 760 29.58 -24.66 -36.05
CA MET A 760 28.15 -24.40 -36.23
C MET A 760 27.52 -24.13 -34.86
N ASP A 761 27.10 -22.89 -34.65
CA ASP A 761 26.49 -22.44 -33.39
C ASP A 761 25.06 -22.97 -33.20
N ILE A 762 24.65 -23.15 -31.95
CA ILE A 762 23.27 -23.57 -31.62
C ILE A 762 22.20 -22.63 -32.21
N SER A 763 22.49 -21.33 -32.33
CA SER A 763 21.52 -20.40 -32.92
C SER A 763 21.26 -20.60 -34.43
N GLU A 764 22.06 -21.42 -35.11
CA GLU A 764 21.82 -21.79 -36.50
C GLU A 764 20.72 -22.85 -36.66
N LEU A 765 20.28 -23.52 -35.59
CA LEU A 765 19.20 -24.50 -35.73
C LEU A 765 17.82 -23.79 -35.77
N PRO A 766 16.80 -24.45 -36.36
CA PRO A 766 15.54 -23.70 -36.57
C PRO A 766 14.81 -23.31 -35.28
N ASP A 767 14.22 -22.12 -35.26
CA ASP A 767 13.41 -21.60 -34.12
C ASP A 767 14.22 -21.34 -32.82
N VAL A 768 15.54 -21.34 -32.87
CA VAL A 768 16.39 -21.08 -31.70
C VAL A 768 16.79 -19.58 -31.61
N HIS A 769 16.40 -18.94 -30.52
CA HIS A 769 16.74 -17.54 -30.25
C HIS A 769 17.61 -17.48 -28.98
N THR A 770 18.88 -17.15 -29.11
CA THR A 770 19.75 -17.17 -27.93
C THR A 770 19.72 -15.80 -27.25
N VAL A 771 19.92 -15.78 -25.93
CA VAL A 771 19.89 -14.52 -25.17
C VAL A 771 21.32 -13.99 -25.03
N GLN A 772 21.52 -12.71 -25.30
CA GLN A 772 22.86 -12.14 -25.28
C GLN A 772 23.11 -11.43 -23.94
N PHE A 773 24.19 -11.81 -23.24
CA PHE A 773 24.52 -11.21 -21.93
C PHE A 773 25.85 -10.45 -21.91
N VAL A 774 26.69 -10.57 -22.95
CA VAL A 774 28.03 -9.99 -22.99
C VAL A 774 28.29 -9.37 -24.37
N GLU A 775 29.33 -8.57 -24.48
CA GLU A 775 29.87 -8.14 -25.78
C GLU A 775 30.73 -9.26 -26.28
N GLU A 776 30.67 -9.57 -27.58
CA GLU A 776 31.39 -10.71 -28.15
C GLU A 776 32.09 -10.49 -29.48
N ARG B 9 0.20 -22.95 52.43
CA ARG B 9 0.83 -23.24 51.11
C ARG B 9 1.24 -24.69 50.99
N ASN B 10 0.97 -25.26 49.83
CA ASN B 10 1.41 -26.61 49.51
C ASN B 10 2.39 -26.49 48.32
N VAL B 11 3.68 -26.59 48.61
CA VAL B 11 4.74 -26.31 47.61
C VAL B 11 5.03 -27.57 46.80
N GLN B 12 4.92 -27.50 45.48
CA GLN B 12 4.90 -28.72 44.66
C GLN B 12 6.01 -28.94 43.63
N VAL B 13 6.61 -27.85 43.14
CA VAL B 13 7.63 -27.92 42.07
C VAL B 13 8.82 -27.04 42.44
N LEU B 14 10.03 -27.59 42.25
CA LEU B 14 11.28 -26.84 42.41
C LEU B 14 12.08 -26.88 41.11
N GLY B 15 12.49 -25.69 40.64
CA GLY B 15 13.46 -25.54 39.53
C GLY B 15 14.75 -24.84 40.00
N ILE B 16 15.89 -25.24 39.43
CA ILE B 16 17.23 -24.84 39.88
C ILE B 16 18.06 -24.36 38.69
N ASP B 17 18.87 -23.32 38.94
CA ASP B 17 19.92 -22.88 38.00
C ASP B 17 21.25 -22.61 38.77
N ALA B 18 22.13 -23.61 38.75
CA ALA B 18 23.42 -23.62 39.46
C ALA B 18 24.64 -23.35 38.56
N GLY B 19 25.83 -23.29 39.17
CA GLY B 19 27.11 -23.17 38.43
C GLY B 19 27.54 -21.78 37.99
N GLY B 20 26.65 -20.81 38.04
CA GLY B 20 27.10 -19.44 37.77
C GLY B 20 27.81 -18.85 38.97
N THR B 21 27.83 -17.54 39.00
CA THR B 21 28.28 -16.78 40.14
C THR B 21 27.29 -17.00 41.32
N MET B 22 25.98 -16.96 41.01
CA MET B 22 24.89 -17.05 42.00
C MET B 22 23.97 -18.21 41.63
N THR B 23 23.62 -19.05 42.60
CA THR B 23 22.68 -20.18 42.40
C THR B 23 21.22 -19.74 42.63
N ASP B 24 20.36 -19.98 41.66
CA ASP B 24 18.96 -19.51 41.72
C ASP B 24 18.00 -20.68 41.87
N THR B 25 16.94 -20.48 42.66
CA THR B 25 15.91 -21.48 42.88
C THR B 25 14.54 -20.85 42.62
N PHE B 26 13.59 -21.67 42.22
CA PHE B 26 12.26 -21.22 41.79
C PHE B 26 11.23 -22.25 42.29
N PHE B 27 10.36 -21.81 43.19
CA PHE B 27 9.36 -22.68 43.84
C PHE B 27 7.94 -22.32 43.37
N VAL B 28 7.14 -23.33 43.03
CA VAL B 28 5.75 -23.16 42.59
C VAL B 28 4.81 -23.93 43.52
N ASP B 29 3.73 -23.27 43.99
CA ASP B 29 2.74 -23.94 44.85
C ASP B 29 1.56 -24.50 44.03
N GLN B 30 0.60 -25.11 44.72
CA GLN B 30 -0.54 -25.76 44.03
C GLN B 30 -1.43 -24.82 43.21
N ASP B 31 -1.40 -23.53 43.54
CA ASP B 31 -2.17 -22.52 42.81
C ASP B 31 -1.36 -21.83 41.70
N GLY B 32 -0.11 -22.23 41.49
CA GLY B 32 0.76 -21.55 40.54
C GLY B 32 1.48 -20.30 41.04
N ASP B 33 1.33 -19.95 42.32
CA ASP B 33 2.10 -18.84 42.89
C ASP B 33 3.57 -19.24 43.00
N PHE B 34 4.49 -18.28 42.88
CA PHE B 34 5.93 -18.61 42.92
C PHE B 34 6.79 -17.65 43.73
N VAL B 35 7.94 -18.15 44.17
CA VAL B 35 9.01 -17.32 44.76
C VAL B 35 10.37 -17.75 44.24
N VAL B 36 11.32 -16.80 44.26
CA VAL B 36 12.65 -16.99 43.77
C VAL B 36 13.67 -16.82 44.90
N GLY B 37 14.63 -17.74 45.00
CA GLY B 37 15.75 -17.63 45.94
C GLY B 37 17.10 -17.40 45.24
N LYS B 38 18.03 -16.82 45.98
CA LYS B 38 19.41 -16.55 45.50
C LYS B 38 20.40 -16.86 46.62
N ALA B 39 21.58 -17.36 46.26
CA ALA B 39 22.73 -17.42 47.16
C ALA B 39 23.99 -17.57 46.31
N GLN B 40 25.12 -17.30 46.94
CA GLN B 40 26.42 -17.42 46.27
C GLN B 40 26.72 -18.90 45.93
N SER B 41 27.18 -19.16 44.70
CA SER B 41 27.48 -20.53 44.30
C SER B 41 28.72 -21.06 45.04
N THR B 42 28.70 -22.39 45.28
CA THR B 42 29.76 -23.11 45.99
C THR B 42 30.30 -24.25 45.11
N PRO B 43 31.24 -23.94 44.20
CA PRO B 43 31.64 -24.97 43.22
C PRO B 43 32.39 -26.19 43.81
N GLN B 44 32.95 -26.11 45.01
CA GLN B 44 33.48 -27.30 45.71
C GLN B 44 32.38 -28.37 46.01
N ASN B 45 31.14 -27.93 46.22
CA ASN B 45 30.00 -28.81 46.44
C ASN B 45 28.74 -27.99 46.25
N GLU B 46 28.13 -28.09 45.05
CA GLU B 46 27.05 -27.19 44.67
C GLU B 46 25.85 -27.25 45.63
N ALA B 47 25.69 -28.39 46.31
CA ALA B 47 24.61 -28.57 47.28
C ALA B 47 24.57 -27.51 48.38
N LEU B 48 25.73 -27.01 48.80
CA LEU B 48 25.76 -26.02 49.88
C LEU B 48 25.07 -24.71 49.47
N GLY B 49 25.46 -24.14 48.32
CA GLY B 49 24.80 -22.93 47.78
C GLY B 49 23.32 -23.15 47.41
N LEU B 50 23.01 -24.36 46.94
CA LEU B 50 21.65 -24.73 46.63
C LEU B 50 20.72 -24.74 47.86
N ILE B 51 21.18 -25.32 48.97
CA ILE B 51 20.47 -25.26 50.26
C ILE B 51 20.24 -23.80 50.72
N ALA B 52 21.32 -22.99 50.68
CA ALA B 52 21.22 -21.58 51.06
C ALA B 52 20.27 -20.79 50.17
N SER B 53 20.30 -21.04 48.86
CA SER B 53 19.38 -20.39 47.91
C SER B 53 17.94 -20.77 48.22
N SER B 54 17.71 -22.07 48.48
CA SER B 54 16.39 -22.60 48.82
C SER B 54 15.81 -21.93 50.07
N GLU B 55 16.61 -21.80 51.13
CA GLU B 55 16.15 -21.12 52.37
C GLU B 55 15.82 -19.66 52.14
N ASP B 56 16.63 -18.97 51.33
CA ASP B 56 16.38 -17.55 50.96
C ASP B 56 15.04 -17.42 50.20
N GLY B 57 14.77 -18.31 49.26
CA GLY B 57 13.53 -18.25 48.50
C GLY B 57 12.30 -18.50 49.36
N LEU B 58 12.35 -19.60 50.13
CA LEU B 58 11.22 -20.00 50.95
C LEU B 58 10.92 -19.03 52.08
N ALA B 59 11.93 -18.27 52.55
CA ALA B 59 11.69 -17.22 53.57
C ALA B 59 10.69 -16.13 53.11
N ASN B 60 10.57 -15.90 51.81
CA ASN B 60 9.53 -15.02 51.26
C ASN B 60 8.09 -15.51 51.52
N TRP B 61 7.92 -16.80 51.82
CA TRP B 61 6.62 -17.33 52.21
C TRP B 61 6.56 -17.66 53.71
N GLY B 62 7.52 -17.18 54.50
CA GLY B 62 7.63 -17.56 55.91
C GLY B 62 7.76 -19.05 56.15
N MET B 63 8.44 -19.74 55.25
CA MET B 63 8.48 -21.19 55.29
C MET B 63 9.92 -21.68 55.43
N SER B 64 10.08 -22.83 56.07
CA SER B 64 11.38 -23.46 56.25
C SER B 64 11.61 -24.54 55.18
N LEU B 65 12.87 -24.91 55.00
CA LEU B 65 13.23 -25.93 54.02
C LEU B 65 12.62 -27.29 54.40
N HIS B 66 12.69 -27.63 55.68
CA HIS B 66 12.06 -28.83 56.23
C HIS B 66 10.54 -28.96 55.83
N GLU B 67 9.76 -27.91 56.11
CA GLU B 67 8.31 -27.89 55.74
C GLU B 67 8.05 -28.12 54.26
N ALA B 68 8.76 -27.39 53.40
CA ALA B 68 8.48 -27.44 51.94
C ALA B 68 8.96 -28.73 51.28
N LEU B 69 10.11 -29.25 51.68
CA LEU B 69 10.71 -30.42 51.00
C LEU B 69 9.82 -31.65 51.03
N ALA B 70 9.13 -31.85 52.15
CA ALA B 70 8.14 -32.91 52.34
C ALA B 70 6.96 -32.85 51.35
N GLN B 71 6.56 -31.65 50.94
CA GLN B 71 5.42 -31.41 50.04
C GLN B 71 5.75 -31.55 48.55
N LEU B 72 7.02 -31.30 48.17
CA LEU B 72 7.42 -31.25 46.74
C LEU B 72 7.13 -32.56 46.01
N GLN B 73 6.54 -32.49 44.82
CA GLN B 73 6.28 -33.65 43.97
C GLN B 73 7.38 -33.91 42.97
N THR B 74 8.10 -32.86 42.58
CA THR B 74 9.16 -33.00 41.60
C THR B 74 10.15 -31.82 41.73
N GLY B 75 11.37 -32.07 41.25
CA GLY B 75 12.44 -31.09 41.20
C GLY B 75 13.24 -31.29 39.90
N VAL B 76 13.63 -30.21 39.26
CA VAL B 76 14.42 -30.22 38.03
C VAL B 76 15.71 -29.38 38.21
N TYR B 77 16.86 -30.04 38.03
CA TYR B 77 18.19 -29.39 38.11
C TYR B 77 18.61 -28.85 36.75
N SER B 78 19.22 -27.66 36.75
CA SER B 78 19.98 -27.18 35.59
C SER B 78 21.16 -26.34 36.08
N GLY B 79 22.12 -26.12 35.18
CA GLY B 79 23.30 -25.36 35.54
C GLY B 79 24.29 -25.11 34.41
N THR B 80 25.39 -24.43 34.74
CA THR B 80 26.36 -23.99 33.73
C THR B 80 27.80 -24.40 34.01
N ALA B 81 28.06 -25.18 35.07
CA ALA B 81 29.44 -25.60 35.38
C ALA B 81 30.17 -26.26 34.21
N MET B 82 29.48 -27.16 33.48
CA MET B 82 30.07 -27.85 32.33
C MET B 82 30.25 -26.91 31.14
N LEU B 83 29.19 -26.16 30.80
CA LEU B 83 29.25 -25.16 29.73
C LEU B 83 30.39 -24.16 29.91
N ASN B 84 30.62 -23.73 31.15
CA ASN B 84 31.69 -22.78 31.43
C ASN B 84 33.08 -23.29 31.04
N ARG B 85 33.30 -24.61 31.13
CA ARG B 85 34.58 -25.20 30.74
C ARG B 85 34.78 -25.14 29.23
N VAL B 86 33.67 -25.33 28.50
CA VAL B 86 33.69 -25.24 27.04
C VAL B 86 33.99 -23.80 26.55
N VAL B 87 33.21 -22.82 27.02
CA VAL B 87 33.34 -21.46 26.51
C VAL B 87 34.61 -20.73 26.92
N GLN B 88 35.18 -21.10 28.06
CA GLN B 88 36.47 -20.57 28.51
C GLN B 88 37.67 -21.34 27.93
N ARG B 89 37.41 -22.49 27.31
CA ARG B 89 38.44 -23.51 27.04
C ARG B 89 39.35 -23.81 28.26
N LYS B 90 38.71 -24.13 29.39
CA LYS B 90 39.40 -24.53 30.62
C LYS B 90 38.83 -25.85 31.08
N GLY B 91 39.33 -26.95 30.54
CA GLY B 91 38.82 -28.28 30.92
C GLY B 91 39.88 -29.23 31.40
N LEU B 92 39.48 -30.48 31.61
CA LEU B 92 40.40 -31.56 31.92
C LEU B 92 41.30 -31.80 30.69
N LYS B 93 42.59 -32.01 30.93
CA LYS B 93 43.54 -32.22 29.84
C LYS B 93 43.42 -33.64 29.21
N CYS B 94 42.65 -33.76 28.14
CA CYS B 94 42.40 -35.07 27.50
C CYS B 94 43.37 -35.40 26.40
N GLY B 95 43.75 -36.67 26.35
CA GLY B 95 44.38 -37.27 25.17
C GLY B 95 43.34 -38.00 24.33
N LEU B 96 43.71 -38.30 23.08
CA LEU B 96 42.79 -38.89 22.10
C LEU B 96 43.49 -40.06 21.37
N ILE B 97 42.80 -41.21 21.29
CA ILE B 97 43.25 -42.38 20.49
C ILE B 97 42.24 -42.63 19.36
N VAL B 98 42.72 -42.56 18.11
CA VAL B 98 41.92 -42.78 16.91
C VAL B 98 42.61 -43.83 16.01
N ASN B 99 42.11 -44.03 14.79
CA ASN B 99 42.78 -44.93 13.84
C ASN B 99 44.10 -44.33 13.30
N ARG B 100 45.15 -45.15 13.33
CA ARG B 100 46.43 -44.81 12.72
C ARG B 100 46.26 -44.41 11.24
N GLY B 101 46.86 -43.27 10.88
CA GLY B 101 46.69 -42.64 9.58
C GLY B 101 45.64 -41.51 9.54
N MET B 102 44.79 -41.42 10.59
CA MET B 102 43.71 -40.42 10.65
C MET B 102 43.80 -39.49 11.87
N GLU B 103 44.99 -39.42 12.47
CA GLU B 103 45.24 -38.56 13.64
C GLU B 103 44.85 -37.09 13.41
N ASP B 104 45.00 -36.60 12.17
CA ASP B 104 44.69 -35.20 11.85
C ASP B 104 43.16 -34.87 11.79
N PHE B 105 42.26 -35.86 11.80
CA PHE B 105 40.85 -35.54 11.52
C PHE B 105 40.21 -34.55 12.48
N HIS B 106 40.57 -34.66 13.75
CA HIS B 106 39.98 -33.81 14.79
C HIS B 106 40.36 -32.32 14.60
N ARG B 107 41.66 -32.05 14.44
CA ARG B 107 42.15 -30.69 14.26
C ARG B 107 41.77 -30.05 12.92
N MET B 108 41.47 -30.85 11.92
CA MET B 108 40.98 -30.31 10.61
C MET B 108 39.58 -29.71 10.72
N GLY B 109 38.81 -30.11 11.74
CA GLY B 109 37.48 -29.57 11.98
C GLY B 109 36.49 -29.77 10.84
N ARG B 110 36.75 -30.81 10.03
CA ARG B 110 35.97 -31.13 8.83
C ARG B 110 35.77 -29.95 7.85
N ALA B 111 36.66 -28.94 7.91
CA ALA B 111 36.52 -27.62 7.24
C ALA B 111 35.37 -26.74 7.77
N VAL B 112 34.22 -27.37 8.03
CA VAL B 112 33.01 -26.67 8.44
C VAL B 112 33.20 -25.80 9.70
N GLN B 113 34.06 -26.21 10.63
CA GLN B 113 34.27 -25.44 11.87
C GLN B 113 34.97 -24.07 11.66
N SER B 114 35.41 -23.76 10.44
CA SER B 114 35.97 -22.43 10.11
C SER B 114 34.88 -21.37 9.83
N HIS B 115 33.62 -21.78 9.69
CA HIS B 115 32.52 -20.82 9.40
C HIS B 115 31.21 -21.05 10.19
N LEU B 116 31.24 -21.90 11.20
CA LEU B 116 30.06 -22.15 12.06
C LEU B 116 29.77 -20.94 12.94
N GLY B 117 28.47 -20.75 13.22
CA GLY B 117 28.00 -19.61 14.04
C GLY B 117 28.13 -18.23 13.40
N TYR B 118 28.11 -18.16 12.07
CA TYR B 118 28.34 -16.90 11.35
C TYR B 118 27.01 -16.34 10.79
N ALA B 119 26.93 -15.02 10.73
CA ALA B 119 25.94 -14.32 9.93
C ALA B 119 25.96 -14.71 8.43
N TYR B 120 24.83 -14.45 7.74
CA TYR B 120 24.70 -14.70 6.29
C TYR B 120 25.87 -14.06 5.53
N GLU B 121 26.17 -12.81 5.89
CA GLU B 121 27.20 -12.00 5.27
C GLU B 121 28.60 -12.62 5.46
N ASP B 122 28.88 -13.14 6.64
CA ASP B 122 30.19 -13.71 6.93
C ASP B 122 30.35 -15.14 6.33
N ARG B 123 29.25 -15.84 6.14
CA ARG B 123 29.30 -17.16 5.48
C ARG B 123 29.93 -17.05 4.11
N ILE B 124 29.51 -16.02 3.38
CA ILE B 124 30.08 -15.77 2.04
C ILE B 124 31.36 -14.93 2.00
N HIS B 125 31.59 -14.07 3.01
CA HIS B 125 32.80 -13.20 3.04
C HIS B 125 34.03 -14.04 3.49
N LEU B 126 34.73 -14.56 2.51
CA LEU B 126 35.73 -15.61 2.72
C LEU B 126 36.79 -15.27 3.79
N ASN B 127 37.36 -14.06 3.70
CA ASN B 127 38.44 -13.68 4.65
C ASN B 127 38.02 -13.62 6.15
N THR B 128 36.72 -13.62 6.49
CA THR B 128 36.27 -13.72 7.87
C THR B 128 36.38 -15.11 8.50
N HIS B 129 36.55 -16.15 7.66
CA HIS B 129 36.57 -17.54 8.14
C HIS B 129 37.82 -17.77 8.97
N ARG B 130 37.72 -18.63 9.98
CA ARG B 130 38.76 -18.79 11.01
C ARG B 130 38.54 -20.07 11.82
N TYR B 131 39.60 -20.86 12.03
CA TYR B 131 39.54 -22.03 12.91
C TYR B 131 39.93 -21.65 14.37
N ASP B 132 39.17 -22.09 15.34
CA ASP B 132 39.59 -22.04 16.75
C ASP B 132 40.50 -23.26 17.02
N PRO B 133 41.38 -23.14 18.01
CA PRO B 133 42.24 -24.30 18.36
C PRO B 133 41.41 -25.56 18.71
N PRO B 134 41.93 -26.76 18.44
CA PRO B 134 41.20 -27.98 18.78
C PRO B 134 41.08 -28.27 20.28
N LEU B 135 40.05 -29.00 20.67
CA LEU B 135 39.90 -29.48 22.04
C LEU B 135 41.09 -30.33 22.52
N VAL B 136 41.62 -31.17 21.63
CA VAL B 136 42.78 -32.01 21.90
C VAL B 136 43.89 -31.67 20.88
N PRO B 137 45.05 -31.19 21.37
CA PRO B 137 46.15 -30.89 20.45
C PRO B 137 46.77 -32.14 19.84
N ARG B 138 47.39 -31.96 18.67
CA ARG B 138 47.99 -33.05 17.91
C ARG B 138 49.01 -33.85 18.73
N HIS B 139 49.83 -33.19 19.56
CA HIS B 139 50.83 -33.90 20.36
C HIS B 139 50.23 -34.82 21.46
N LEU B 140 48.94 -34.61 21.80
CA LEU B 140 48.20 -35.51 22.70
C LEU B 140 47.24 -36.47 21.96
N THR B 141 47.55 -36.77 20.70
CA THR B 141 46.73 -37.66 19.87
C THR B 141 47.62 -38.80 19.40
N ARG B 142 47.11 -40.04 19.42
CA ARG B 142 47.83 -41.21 18.87
C ARG B 142 46.87 -42.08 18.06
N GLY B 143 47.44 -43.02 17.31
CA GLY B 143 46.67 -43.92 16.44
C GLY B 143 46.97 -45.41 16.62
N VAL B 144 45.93 -46.25 16.55
CA VAL B 144 46.08 -47.72 16.58
C VAL B 144 45.77 -48.31 15.21
N VAL B 145 46.47 -49.40 14.84
CA VAL B 145 46.24 -50.04 13.53
C VAL B 145 45.06 -51.02 13.62
N GLU B 146 43.99 -50.66 12.88
CA GLU B 146 42.70 -51.32 12.92
C GLU B 146 41.80 -50.73 11.82
N ARG B 147 40.94 -51.56 11.23
CA ARG B 147 39.78 -51.07 10.43
C ARG B 147 38.60 -52.05 10.48
N THR B 148 37.43 -51.49 10.76
CA THR B 148 36.15 -52.14 10.69
C THR B 148 35.26 -51.38 9.70
N ASP B 149 34.57 -52.11 8.81
CA ASP B 149 33.75 -51.48 7.78
C ASP B 149 32.33 -51.14 8.27
N MET B 150 31.53 -50.50 7.42
CA MET B 150 30.16 -50.06 7.75
C MET B 150 29.19 -51.19 8.08
N MET B 151 29.53 -52.43 7.71
CA MET B 151 28.74 -53.62 8.02
C MET B 151 29.16 -54.29 9.34
N GLY B 152 30.23 -53.80 9.99
CA GLY B 152 30.78 -54.48 11.15
C GLY B 152 31.82 -55.53 10.83
N THR B 153 32.23 -55.66 9.57
CA THR B 153 33.24 -56.65 9.16
C THR B 153 34.65 -56.14 9.43
N GLN B 154 35.50 -57.00 10.00
CA GLN B 154 36.91 -56.63 10.20
C GLN B 154 37.70 -56.67 8.89
N VAL B 155 38.27 -55.55 8.50
CA VAL B 155 39.08 -55.47 7.32
C VAL B 155 40.55 -55.64 7.72
N ILE B 156 40.97 -54.86 8.73
CA ILE B 156 42.31 -54.92 9.32
C ILE B 156 42.16 -55.24 10.81
N PRO B 157 42.49 -56.47 11.24
CA PRO B 157 42.39 -56.82 12.66
C PRO B 157 43.22 -55.89 13.54
N LEU B 158 42.70 -55.56 14.73
CA LEU B 158 43.41 -54.73 15.70
C LEU B 158 44.80 -55.29 16.01
N ARG B 159 45.81 -54.45 15.86
CA ARG B 159 47.18 -54.78 16.27
C ARG B 159 47.39 -54.25 17.70
N GLU B 160 47.32 -55.17 18.67
CA GLU B 160 47.23 -54.77 20.10
C GLU B 160 48.46 -54.07 20.62
N ASP B 161 49.65 -54.42 20.11
CA ASP B 161 50.89 -53.71 20.47
C ASP B 161 50.81 -52.19 20.19
N THR B 162 50.12 -51.79 19.11
CA THR B 162 49.99 -50.36 18.77
C THR B 162 49.05 -49.64 19.78
N ALA B 163 48.05 -50.35 20.30
CA ALA B 163 47.19 -49.83 21.40
C ALA B 163 47.95 -49.64 22.72
N ARG B 164 48.85 -50.57 23.03
CA ARG B 164 49.71 -50.44 24.22
C ARG B 164 50.68 -49.30 24.14
N ASP B 165 51.36 -49.14 23.01
CA ASP B 165 52.29 -48.01 22.79
C ASP B 165 51.50 -46.66 22.85
N ALA B 166 50.32 -46.57 22.22
CA ALA B 166 49.50 -45.35 22.29
C ALA B 166 49.13 -44.95 23.73
N ALA B 167 48.72 -45.94 24.52
CA ALA B 167 48.40 -45.73 25.94
C ALA B 167 49.58 -45.21 26.73
N ARG B 168 50.73 -45.89 26.61
CA ARG B 168 51.94 -45.48 27.34
C ARG B 168 52.43 -44.08 26.96
N ASP B 169 52.34 -43.73 25.66
CA ASP B 169 52.67 -42.39 25.17
C ASP B 169 51.80 -41.32 25.85
N LEU B 170 50.47 -41.53 25.91
CA LEU B 170 49.58 -40.51 26.48
C LEU B 170 49.72 -40.41 28.01
N ILE B 171 49.98 -41.53 28.68
CA ILE B 171 50.27 -41.48 30.11
C ILE B 171 51.56 -40.69 30.37
N ALA B 172 52.63 -40.97 29.64
CA ALA B 172 53.91 -40.24 29.79
C ALA B 172 53.80 -38.74 29.46
N ALA B 173 52.87 -38.38 28.57
CA ALA B 173 52.58 -36.99 28.25
C ALA B 173 51.64 -36.29 29.27
N ASP B 174 51.33 -36.95 30.40
CA ASP B 174 50.53 -36.38 31.48
C ASP B 174 49.07 -36.05 31.13
N ALA B 175 48.47 -36.88 30.26
CA ALA B 175 47.02 -36.81 30.04
C ALA B 175 46.25 -37.06 31.33
N GLU B 176 45.20 -36.26 31.56
CA GLU B 176 44.34 -36.39 32.73
C GLU B 176 43.06 -37.18 32.43
N GLY B 177 42.81 -37.49 31.16
CA GLY B 177 41.72 -38.36 30.70
C GLY B 177 42.09 -38.88 29.32
N ILE B 178 41.59 -40.05 28.94
CA ILE B 178 41.85 -40.60 27.61
C ILE B 178 40.56 -41.01 26.89
N VAL B 179 40.38 -40.46 25.70
CA VAL B 179 39.20 -40.69 24.84
C VAL B 179 39.57 -41.61 23.67
N ILE B 180 38.70 -42.58 23.35
CA ILE B 180 38.95 -43.54 22.26
C ILE B 180 37.79 -43.47 21.29
N SER B 181 38.08 -43.29 19.99
CA SER B 181 37.04 -43.26 18.96
C SER B 181 37.53 -43.88 17.67
N LEU B 182 37.07 -45.11 17.38
CA LEU B 182 37.46 -45.80 16.14
C LEU B 182 36.30 -45.83 15.13
N LEU B 183 36.65 -45.86 13.84
CA LEU B 183 35.64 -45.79 12.79
C LEU B 183 34.66 -47.01 12.81
N HIS B 184 33.37 -46.70 12.69
CA HIS B 184 32.25 -47.62 12.74
C HIS B 184 32.16 -48.47 14.05
N SER B 185 32.71 -47.95 15.16
CA SER B 185 32.61 -48.65 16.44
C SER B 185 31.15 -48.73 16.94
N TYR B 186 30.29 -47.81 16.54
CA TYR B 186 28.85 -47.83 16.88
C TYR B 186 28.18 -49.08 16.27
N LYS B 187 28.72 -49.62 15.18
CA LYS B 187 28.17 -50.77 14.48
C LYS B 187 28.72 -52.07 15.05
N ASN B 188 30.05 -52.15 15.24
CA ASN B 188 30.68 -53.28 15.91
C ASN B 188 31.73 -52.75 16.92
N PRO B 189 31.35 -52.67 18.21
CA PRO B 189 32.25 -52.06 19.23
C PRO B 189 33.38 -52.94 19.76
N VAL B 190 33.53 -54.16 19.23
CA VAL B 190 34.50 -55.11 19.79
C VAL B 190 35.92 -54.53 19.81
N ASN B 191 36.43 -54.02 18.70
CA ASN B 191 37.82 -53.50 18.69
C ASN B 191 38.01 -52.26 19.58
N GLU B 192 37.06 -51.32 19.55
CA GLU B 192 37.19 -50.11 20.38
C GLU B 192 37.16 -50.47 21.87
N ARG B 193 36.31 -51.42 22.26
CA ARG B 193 36.28 -51.86 23.64
C ARG B 193 37.53 -52.63 24.09
N ARG B 194 38.19 -53.34 23.19
CA ARG B 194 39.48 -53.99 23.51
C ARG B 194 40.58 -52.93 23.73
N VAL B 195 40.59 -51.87 22.90
CA VAL B 195 41.54 -50.76 23.10
C VAL B 195 41.30 -50.09 24.46
N ARG B 196 40.03 -49.83 24.78
CA ARG B 196 39.63 -49.36 26.11
C ARG B 196 40.22 -50.23 27.23
N ASP B 197 40.04 -51.56 27.13
CA ASP B 197 40.51 -52.47 28.19
C ASP B 197 42.04 -52.44 28.32
N ILE B 198 42.75 -52.38 27.19
CA ILE B 198 44.21 -52.24 27.17
C ILE B 198 44.67 -50.90 27.78
N VAL B 199 43.98 -49.80 27.44
CA VAL B 199 44.30 -48.51 28.05
C VAL B 199 44.10 -48.56 29.56
N LEU B 200 42.98 -49.16 29.99
CA LEU B 200 42.69 -49.32 31.44
C LEU B 200 43.77 -50.14 32.17
N GLU B 201 44.27 -51.21 31.55
CA GLU B 201 45.43 -51.98 32.10
C GLU B 201 46.70 -51.15 32.30
N GLU B 202 47.05 -50.34 31.29
CA GLU B 202 48.25 -49.50 31.36
C GLU B 202 48.10 -48.37 32.40
N VAL B 203 46.91 -47.77 32.50
CA VAL B 203 46.63 -46.79 33.55
C VAL B 203 46.81 -47.41 34.94
N GLU B 204 46.27 -48.61 35.14
CA GLU B 204 46.40 -49.29 36.43
C GLU B 204 47.87 -49.54 36.83
N LYS B 205 48.69 -49.98 35.88
CA LYS B 205 50.12 -50.16 36.16
C LYS B 205 50.85 -48.87 36.48
N SER B 206 50.39 -47.75 35.92
CA SER B 206 51.03 -46.46 36.15
C SER B 206 50.77 -45.89 37.55
N GLY B 207 49.68 -46.32 38.20
CA GLY B 207 49.27 -45.76 39.48
C GLY B 207 48.55 -44.42 39.45
N LYS B 208 48.40 -43.80 38.26
CA LYS B 208 47.77 -42.49 38.15
C LYS B 208 46.27 -42.60 37.98
N LYS B 209 45.56 -41.53 38.30
CA LYS B 209 44.11 -41.47 38.17
C LYS B 209 43.80 -40.86 36.78
N ILE B 210 43.43 -41.70 35.82
CA ILE B 210 43.18 -41.26 34.44
C ILE B 210 41.93 -41.98 33.95
N PRO B 211 40.76 -41.30 33.99
CA PRO B 211 39.56 -41.95 33.46
C PRO B 211 39.60 -42.14 31.93
N VAL B 212 38.94 -43.18 31.45
CA VAL B 212 38.95 -43.57 30.04
C VAL B 212 37.53 -43.55 29.47
N PHE B 213 37.37 -42.97 28.27
CA PHE B 213 36.03 -42.81 27.64
C PHE B 213 36.05 -43.39 26.20
N ALA B 214 35.44 -44.57 26.01
CA ALA B 214 35.21 -45.14 24.67
C ALA B 214 33.90 -44.61 24.08
N SER B 215 33.95 -44.09 22.85
CA SER B 215 32.80 -43.48 22.19
C SER B 215 31.59 -44.42 22.14
N ALA B 216 31.83 -45.71 21.93
CA ALA B 216 30.73 -46.69 21.86
C ALA B 216 30.00 -46.90 23.17
N ASP B 217 30.64 -46.60 24.30
CA ASP B 217 29.98 -46.70 25.60
C ASP B 217 29.12 -45.47 25.96
N TYR B 218 29.25 -44.37 25.19
CA TYR B 218 28.60 -43.09 25.52
C TYR B 218 27.70 -42.56 24.40
N TYR B 219 28.24 -42.40 23.17
CA TYR B 219 27.54 -41.79 22.03
C TYR B 219 27.68 -42.68 20.78
N PRO B 220 27.04 -43.86 20.79
CA PRO B 220 27.17 -44.79 19.70
C PRO B 220 26.32 -44.42 18.48
N VAL B 221 26.73 -43.38 17.76
CA VAL B 221 26.08 -42.90 16.55
C VAL B 221 27.09 -42.55 15.47
N ARG B 222 26.65 -42.67 14.22
CA ARG B 222 27.45 -42.37 13.03
C ARG B 222 27.88 -40.87 12.92
N LYS B 223 29.05 -40.65 12.33
CA LYS B 223 29.74 -39.39 12.03
C LYS B 223 30.90 -39.18 13.00
N GLU B 224 32.12 -39.54 12.61
CA GLU B 224 33.24 -39.51 13.54
C GLU B 224 33.56 -38.12 14.08
N THR B 225 33.36 -37.07 13.29
CA THR B 225 33.67 -35.70 13.76
C THR B 225 32.75 -35.28 14.91
N HIS B 226 31.44 -35.44 14.69
CA HIS B 226 30.41 -35.19 15.70
C HIS B 226 30.62 -36.07 16.96
N ARG B 227 30.75 -37.38 16.74
CA ARG B 227 30.86 -38.34 17.86
C ARG B 227 32.13 -38.11 18.67
N THR B 228 33.25 -37.86 17.98
CA THR B 228 34.52 -37.67 18.67
C THR B 228 34.55 -36.38 19.49
N ASN B 229 34.04 -35.28 18.94
CA ASN B 229 33.86 -34.03 19.74
C ASN B 229 33.02 -34.25 21.02
N THR B 230 31.89 -34.96 20.89
CA THR B 230 30.95 -35.18 21.99
C THR B 230 31.61 -36.05 23.09
N THR B 231 32.31 -37.12 22.67
CA THR B 231 32.99 -38.01 23.62
C THR B 231 34.16 -37.26 24.33
N ILE B 232 34.86 -36.38 23.60
CA ILE B 232 35.85 -35.50 24.21
C ILE B 232 35.20 -34.63 25.28
N LEU B 233 34.05 -34.02 25.00
CA LEU B 233 33.41 -33.16 25.99
C LEU B 233 33.01 -33.92 27.28
N GLU B 234 32.67 -35.20 27.13
CA GLU B 234 32.37 -36.06 28.28
C GLU B 234 33.54 -36.09 29.25
N GLY B 235 34.77 -36.17 28.75
CA GLY B 235 36.00 -36.07 29.56
C GLY B 235 36.44 -34.65 29.93
N TYR B 236 36.51 -33.79 28.94
CA TYR B 236 36.98 -32.38 29.08
C TYR B 236 36.09 -31.48 29.97
N ALA B 237 34.76 -31.51 29.75
CA ALA B 237 33.80 -30.64 30.42
C ALA B 237 32.94 -31.34 31.48
N ALA B 238 32.49 -32.56 31.21
CA ALA B 238 31.58 -33.27 32.15
C ALA B 238 32.26 -33.95 33.33
N GLU B 239 33.42 -34.57 33.11
CA GLU B 239 34.06 -35.40 34.16
C GLU B 239 34.32 -34.70 35.48
N PRO B 240 34.79 -33.44 35.46
CA PRO B 240 34.98 -32.79 36.78
C PRO B 240 33.69 -32.51 37.57
N SER B 241 32.52 -32.60 36.93
CA SER B 241 31.22 -32.50 37.62
C SER B 241 30.55 -33.85 37.92
N ARG B 242 31.28 -34.96 37.79
CA ARG B 242 30.70 -36.30 37.86
C ARG B 242 29.93 -36.58 39.15
N GLN B 243 30.44 -36.11 40.29
CA GLN B 243 29.76 -36.33 41.57
C GLN B 243 28.67 -35.31 41.97
N THR B 244 28.49 -34.21 41.21
CA THR B 244 27.62 -33.13 41.65
C THR B 244 26.16 -33.60 41.93
N LEU B 245 25.56 -34.33 40.97
CA LEU B 245 24.16 -34.74 41.14
C LEU B 245 23.94 -35.68 42.33
N SER B 246 24.88 -36.59 42.59
CA SER B 246 24.70 -37.49 43.73
C SER B 246 24.86 -36.77 45.09
N LYS B 247 25.72 -35.77 45.16
CA LYS B 247 25.76 -34.90 46.35
C LYS B 247 24.48 -34.13 46.59
N ILE B 248 23.91 -33.56 45.53
CA ILE B 248 22.64 -32.82 45.62
C ILE B 248 21.52 -33.76 46.05
N SER B 249 21.42 -34.92 45.39
CA SER B 249 20.37 -35.88 45.66
C SER B 249 20.40 -36.37 47.13
N ASN B 250 21.59 -36.63 47.65
CA ASN B 250 21.74 -37.02 49.07
C ASN B 250 21.42 -35.93 50.07
N ALA B 251 21.85 -34.70 49.81
CA ALA B 251 21.55 -33.58 50.69
C ALA B 251 20.04 -33.34 50.80
N PHE B 252 19.34 -33.45 49.68
CA PHE B 252 17.88 -33.26 49.66
C PHE B 252 17.10 -34.42 50.29
N LYS B 253 17.54 -35.65 50.05
CA LYS B 253 16.91 -36.82 50.67
C LYS B 253 17.05 -36.85 52.20
N GLU B 254 18.25 -36.57 52.71
CA GLU B 254 18.48 -36.34 54.15
C GLU B 254 17.49 -35.34 54.76
N ARG B 255 17.13 -34.29 54.02
CA ARG B 255 16.20 -33.27 54.52
C ARG B 255 14.72 -33.51 54.19
N GLY B 256 14.38 -34.72 53.69
CA GLY B 256 12.99 -35.18 53.60
C GLY B 256 12.30 -35.27 52.23
N THR B 257 13.03 -35.10 51.12
CA THR B 257 12.39 -35.18 49.78
C THR B 257 11.97 -36.62 49.44
N LYS B 258 10.91 -36.74 48.64
CA LYS B 258 10.33 -38.01 48.20
C LYS B 258 10.37 -38.23 46.69
N PHE B 259 10.91 -37.28 45.93
CA PHE B 259 10.92 -37.34 44.45
C PHE B 259 12.33 -37.72 43.99
N ASP B 260 12.44 -38.09 42.70
CA ASP B 260 13.72 -38.43 42.11
C ASP B 260 14.07 -37.24 41.20
N PHE B 261 15.23 -36.59 41.42
CA PHE B 261 15.59 -35.41 40.62
C PHE B 261 15.60 -35.74 39.13
N ARG B 262 15.12 -34.78 38.34
CA ARG B 262 15.27 -34.77 36.90
C ARG B 262 16.25 -33.66 36.49
N VAL B 263 16.80 -33.76 35.27
CA VAL B 263 17.75 -32.78 34.74
C VAL B 263 17.33 -32.37 33.30
N MET B 264 17.44 -31.10 32.98
CA MET B 264 17.17 -30.62 31.63
C MET B 264 18.24 -31.04 30.60
N ALA B 265 17.79 -31.73 29.54
CA ALA B 265 18.71 -32.22 28.51
C ALA B 265 18.69 -31.34 27.27
N THR B 266 19.58 -31.64 26.33
CA THR B 266 19.84 -30.77 25.15
C THR B 266 18.61 -30.60 24.23
N HIS B 267 17.76 -31.62 24.18
CA HIS B 267 16.58 -31.63 23.31
C HIS B 267 15.35 -30.93 23.89
N GLY B 268 15.46 -30.31 25.08
CA GLY B 268 14.33 -29.60 25.69
C GLY B 268 13.38 -30.45 26.52
N GLY B 269 13.70 -31.71 26.75
CA GLY B 269 12.98 -32.58 27.70
C GLY B 269 13.92 -32.96 28.82
N THR B 270 13.37 -33.53 29.91
CA THR B 270 14.17 -33.89 31.09
C THR B 270 14.50 -35.39 31.11
N ILE B 271 15.60 -35.73 31.79
CA ILE B 271 16.01 -37.12 32.02
C ILE B 271 16.37 -37.36 33.50
N SER B 272 16.58 -38.61 33.87
CA SER B 272 16.99 -38.94 35.25
C SER B 272 18.39 -38.39 35.62
N TRP B 273 18.53 -37.98 36.88
CA TRP B 273 19.82 -37.59 37.44
C TRP B 273 20.88 -38.69 37.44
N LYS B 274 20.45 -39.95 37.32
CA LYS B 274 21.34 -41.10 37.27
C LYS B 274 21.99 -41.37 35.91
N ALA B 275 21.71 -40.56 34.89
CA ALA B 275 22.32 -40.78 33.56
C ALA B 275 23.84 -40.91 33.61
N LYS B 276 24.37 -41.92 32.95
CA LYS B 276 25.82 -42.14 32.84
C LYS B 276 26.48 -41.13 31.87
N GLU B 277 25.73 -40.66 30.89
CA GLU B 277 26.27 -39.83 29.84
C GLU B 277 25.93 -38.36 30.18
N LEU B 278 26.87 -37.71 30.87
CA LEU B 278 26.61 -36.40 31.44
C LEU B 278 26.59 -35.26 30.42
N ALA B 279 27.30 -35.42 29.30
CA ALA B 279 27.28 -34.36 28.29
C ALA B 279 25.86 -34.15 27.67
N ARG B 280 24.96 -35.11 27.82
CA ARG B 280 23.54 -34.89 27.49
C ARG B 280 22.90 -33.72 28.24
N THR B 281 23.46 -33.37 29.39
CA THR B 281 23.00 -32.21 30.17
C THR B 281 23.94 -30.99 30.15
N ILE B 282 24.83 -30.93 29.19
CA ILE B 282 25.88 -29.89 29.15
C ILE B 282 25.34 -28.43 29.05
N VAL B 283 24.19 -28.23 28.39
CA VAL B 283 23.53 -26.92 28.35
C VAL B 283 22.15 -26.91 29.05
N SER B 284 22.03 -27.68 30.13
CA SER B 284 20.79 -27.73 30.91
C SER B 284 20.28 -26.33 31.25
N GLY B 285 21.15 -25.47 31.78
CA GLY B 285 20.77 -24.11 32.17
C GLY B 285 20.18 -23.26 31.02
N PRO B 286 20.95 -23.06 29.93
CA PRO B 286 20.39 -22.29 28.81
C PRO B 286 19.10 -22.87 28.22
N ILE B 287 19.00 -24.20 28.13
CA ILE B 287 17.79 -24.84 27.63
C ILE B 287 16.58 -24.58 28.56
N GLY B 288 16.83 -24.59 29.87
CA GLY B 288 15.79 -24.16 30.81
C GLY B 288 15.26 -22.77 30.50
N GLY B 289 16.20 -21.84 30.25
CA GLY B 289 15.85 -20.47 29.81
C GLY B 289 14.92 -20.43 28.57
N VAL B 290 15.25 -21.23 27.55
CA VAL B 290 14.44 -21.26 26.30
C VAL B 290 13.02 -21.81 26.55
N ILE B 291 12.93 -22.86 27.34
CA ILE B 291 11.62 -23.41 27.73
C ILE B 291 10.75 -22.39 28.46
N GLY B 292 11.37 -21.63 29.36
CA GLY B 292 10.73 -20.51 30.03
C GLY B 292 10.25 -19.45 29.07
N ALA B 293 11.10 -19.07 28.13
CA ALA B 293 10.74 -18.06 27.11
C ALA B 293 9.56 -18.54 26.25
N LYS B 294 9.59 -19.81 25.86
CA LYS B 294 8.52 -20.37 25.03
C LYS B 294 7.18 -20.37 25.79
N TYR B 295 7.22 -20.72 27.08
CA TYR B 295 6.03 -20.73 27.92
C TYR B 295 5.46 -19.30 28.11
N LEU B 296 6.32 -18.37 28.50
CA LEU B 296 5.90 -16.97 28.61
C LEU B 296 5.32 -16.43 27.30
N GLY B 297 5.99 -16.74 26.20
CA GLY B 297 5.54 -16.35 24.84
C GLY B 297 4.17 -16.92 24.46
N GLU B 298 3.93 -18.19 24.81
CA GLU B 298 2.61 -18.79 24.61
C GLU B 298 1.51 -18.13 25.39
N VAL B 299 1.78 -17.79 26.64
CA VAL B 299 0.75 -17.13 27.48
C VAL B 299 0.42 -15.75 26.95
N LEU B 300 1.42 -14.96 26.56
CA LEU B 300 1.21 -13.56 26.14
C LEU B 300 1.08 -13.26 24.63
N GLY B 301 1.33 -14.23 23.75
CA GLY B 301 1.17 -14.02 22.31
C GLY B 301 2.42 -13.63 21.54
N TYR B 302 3.62 -13.84 22.10
CA TYR B 302 4.88 -13.61 21.37
C TYR B 302 5.28 -14.89 20.63
N LYS B 303 5.27 -14.84 19.30
CA LYS B 303 5.62 -15.98 18.44
C LYS B 303 7.08 -16.06 18.02
N ASN B 304 7.72 -14.90 17.84
CA ASN B 304 9.10 -14.84 17.38
C ASN B 304 9.94 -14.15 18.42
N ILE B 305 10.76 -14.93 19.12
CA ILE B 305 11.51 -14.45 20.28
C ILE B 305 13.00 -14.71 20.10
N ALA B 306 13.81 -13.67 20.26
CA ALA B 306 15.25 -13.80 20.35
C ALA B 306 15.65 -13.78 21.85
N CYS B 307 15.99 -14.96 22.39
CA CYS B 307 16.38 -15.12 23.78
C CYS B 307 17.83 -14.69 23.96
N SER B 308 18.12 -14.01 25.06
CA SER B 308 19.46 -13.54 25.33
C SER B 308 19.72 -13.45 26.85
N ASP B 309 20.86 -13.99 27.27
CA ASP B 309 21.16 -14.18 28.72
C ASP B 309 22.63 -13.93 28.96
N ILE B 310 22.97 -12.98 29.84
CA ILE B 310 24.35 -12.81 30.33
C ILE B 310 24.43 -13.26 31.79
N GLY B 311 25.45 -14.07 32.09
CA GLY B 311 25.81 -14.42 33.48
C GLY B 311 27.25 -13.99 33.76
N GLY B 312 27.85 -14.59 34.79
CA GLY B 312 29.23 -14.27 35.14
C GLY B 312 30.26 -14.72 34.12
N THR B 313 29.92 -15.75 33.31
CA THR B 313 30.86 -16.39 32.41
C THR B 313 30.46 -16.41 30.92
N SER B 314 29.17 -16.66 30.63
CA SER B 314 28.71 -16.82 29.24
C SER B 314 27.56 -15.89 28.83
N PHE B 315 27.44 -15.71 27.50
CA PHE B 315 26.32 -15.04 26.84
C PHE B 315 25.70 -16.12 25.96
N ASP B 316 24.42 -16.39 26.19
CA ASP B 316 23.66 -17.45 25.51
C ASP B 316 22.53 -16.82 24.72
N VAL B 317 22.35 -17.28 23.48
CA VAL B 317 21.31 -16.79 22.59
C VAL B 317 20.58 -17.97 21.91
N ALA B 318 19.29 -17.78 21.65
CA ALA B 318 18.45 -18.80 21.00
C ALA B 318 17.26 -18.13 20.33
N LEU B 319 16.75 -18.76 19.28
CA LEU B 319 15.60 -18.24 18.54
C LEU B 319 14.41 -19.16 18.66
N ILE B 320 13.26 -18.59 19.01
CA ILE B 320 11.95 -19.25 18.87
C ILE B 320 11.24 -18.58 17.67
N THR B 321 10.81 -19.37 16.68
CA THR B 321 10.16 -18.82 15.48
C THR B 321 8.80 -19.50 15.26
N GLN B 322 7.77 -18.69 14.95
CA GLN B 322 6.37 -19.15 14.84
C GLN B 322 5.96 -20.06 16.01
N GLY B 323 6.31 -19.64 17.22
CA GLY B 323 5.99 -20.36 18.43
C GLY B 323 6.71 -21.67 18.70
N GLU B 324 7.64 -22.08 17.84
CA GLU B 324 8.32 -23.37 17.98
C GLU B 324 9.80 -23.22 18.27
N MET B 325 10.32 -24.13 19.11
CA MET B 325 11.77 -24.37 19.19
C MET B 325 12.04 -25.33 18.04
N THR B 326 13.24 -25.25 17.51
CA THR B 326 13.67 -26.09 16.41
C THR B 326 14.70 -27.09 16.99
N ILE B 327 14.35 -28.37 17.06
CA ILE B 327 15.30 -29.39 17.52
C ILE B 327 16.10 -29.91 16.35
N LYS B 328 17.40 -29.82 16.42
CA LYS B 328 18.27 -30.18 15.28
C LYS B 328 19.08 -31.44 15.64
N ASN B 329 19.05 -32.45 14.79
CA ASN B 329 19.94 -33.65 14.96
C ASN B 329 21.28 -33.31 14.36
N ASP B 330 22.34 -33.90 14.90
CA ASP B 330 23.71 -33.58 14.50
C ASP B 330 23.95 -32.03 14.37
N PRO B 331 23.73 -31.32 15.47
CA PRO B 331 23.80 -29.85 15.47
C PRO B 331 25.23 -29.36 15.62
N ASP B 332 25.39 -28.05 15.68
CA ASP B 332 26.62 -27.43 16.17
C ASP B 332 26.37 -26.45 17.30
N MET B 333 27.38 -26.28 18.14
CA MET B 333 27.35 -25.32 19.23
C MET B 333 28.78 -24.98 19.66
N ALA B 334 29.01 -23.71 20.05
CA ALA B 334 30.37 -23.23 20.34
C ALA B 334 31.38 -23.56 19.24
N ARG B 335 30.90 -23.54 18.00
CA ARG B 335 31.68 -23.84 16.78
C ARG B 335 32.23 -25.28 16.74
N LEU B 336 31.49 -26.20 17.38
CA LEU B 336 31.83 -27.63 17.40
C LEU B 336 30.64 -28.45 16.85
N VAL B 337 30.90 -29.33 15.89
CA VAL B 337 29.87 -30.32 15.51
C VAL B 337 29.70 -31.37 16.64
N LEU B 338 28.45 -31.69 16.97
CA LEU B 338 28.12 -32.55 18.12
C LEU B 338 27.03 -33.60 17.76
N SER B 339 26.91 -34.65 18.58
CA SER B 339 25.98 -35.75 18.33
C SER B 339 24.70 -35.67 19.23
N LEU B 340 24.53 -34.60 19.99
CA LEU B 340 23.39 -34.46 20.91
C LEU B 340 22.23 -33.71 20.22
N PRO B 341 21.02 -34.28 20.15
CA PRO B 341 19.95 -33.46 19.56
C PRO B 341 19.68 -32.20 20.39
N LEU B 342 19.69 -31.05 19.71
CA LEU B 342 19.80 -29.75 20.35
C LEU B 342 18.77 -28.74 19.86
N VAL B 343 18.09 -28.13 20.80
CA VAL B 343 17.30 -26.92 20.57
C VAL B 343 18.27 -25.87 20.01
N ALA B 344 17.89 -25.15 18.99
CA ALA B 344 18.81 -24.22 18.33
C ALA B 344 19.24 -23.06 19.26
N MET B 345 20.49 -23.11 19.71
CA MET B 345 21.05 -22.09 20.60
C MET B 345 22.55 -21.98 20.35
N ASP B 346 23.19 -20.96 20.90
CA ASP B 346 24.64 -20.92 20.91
C ASP B 346 25.13 -20.13 22.14
N SER B 347 26.41 -20.24 22.45
CA SER B 347 26.97 -19.62 23.63
C SER B 347 28.45 -19.25 23.44
N VAL B 348 28.86 -18.12 24.03
CA VAL B 348 30.21 -17.60 23.90
C VAL B 348 30.74 -17.14 25.27
N GLY B 349 32.06 -17.18 25.44
CA GLY B 349 32.72 -16.73 26.67
C GLY B 349 32.86 -15.20 26.82
N ALA B 350 31.77 -14.57 27.27
CA ALA B 350 31.73 -13.16 27.53
C ALA B 350 30.71 -12.96 28.64
N GLY B 351 31.15 -12.49 29.79
CA GLY B 351 30.26 -12.31 30.96
C GLY B 351 30.76 -11.27 31.95
N ALA B 352 30.02 -11.09 33.04
CA ALA B 352 30.32 -10.02 34.01
C ALA B 352 31.61 -10.27 34.83
N GLY B 353 32.10 -11.52 34.81
CA GLY B 353 33.36 -11.91 35.45
C GLY B 353 34.56 -12.03 34.50
N SER B 354 34.36 -11.82 33.20
CA SER B 354 35.43 -11.97 32.22
C SER B 354 36.64 -11.08 32.58
N PHE B 355 37.84 -11.69 32.55
CA PHE B 355 39.08 -10.97 32.79
C PHE B 355 39.41 -9.98 31.64
N ILE B 356 40.04 -8.87 31.99
CA ILE B 356 40.48 -7.85 31.02
C ILE B 356 42.02 -7.82 31.08
N ARG B 357 42.67 -8.00 29.93
CA ARG B 357 44.13 -8.02 29.83
C ARG B 357 44.62 -7.22 28.63
N LEU B 358 45.80 -6.62 28.75
CA LEU B 358 46.46 -5.96 27.62
C LEU B 358 47.47 -6.87 26.92
N ASP B 359 47.45 -6.88 25.59
CA ASP B 359 48.47 -7.60 24.82
C ASP B 359 49.86 -6.99 25.17
N PRO B 360 50.85 -7.83 25.53
CA PRO B 360 52.13 -7.26 25.95
C PRO B 360 52.88 -6.47 24.87
N TYR B 361 52.63 -6.76 23.58
CA TYR B 361 53.28 -6.06 22.46
C TYR B 361 52.44 -4.93 21.83
N THR B 362 51.16 -5.17 21.56
CA THR B 362 50.32 -4.15 20.90
C THR B 362 49.48 -3.29 21.84
N ARG B 363 49.38 -3.69 23.11
CA ARG B 363 48.47 -3.07 24.09
C ARG B 363 46.97 -3.13 23.72
N ALA B 364 46.60 -4.04 22.80
CA ALA B 364 45.18 -4.29 22.52
C ALA B 364 44.49 -4.82 23.76
N ILE B 365 43.24 -4.40 23.96
CA ILE B 365 42.44 -4.91 25.08
C ILE B 365 41.83 -6.24 24.66
N LYS B 366 41.95 -7.25 25.52
CA LYS B 366 41.36 -8.57 25.30
C LYS B 366 40.41 -8.93 26.46
N LEU B 367 39.17 -9.30 26.13
CA LEU B 367 38.13 -9.66 27.12
C LEU B 367 37.94 -11.16 27.16
N GLY B 368 38.15 -11.78 28.30
CA GLY B 368 37.98 -13.24 28.42
C GLY B 368 38.96 -14.02 27.54
N PRO B 369 38.57 -15.20 27.05
CA PRO B 369 37.26 -15.85 27.30
C PRO B 369 37.06 -16.42 28.72
N ASP B 370 38.12 -16.45 29.53
CA ASP B 370 38.03 -16.91 30.93
C ASP B 370 37.51 -15.81 31.88
N SER B 371 36.99 -16.25 33.01
CA SER B 371 36.23 -15.44 33.97
C SER B 371 36.59 -15.79 35.43
N ALA B 372 36.45 -14.80 36.31
CA ALA B 372 36.55 -15.02 37.74
C ALA B 372 35.40 -15.87 38.34
N GLY B 373 34.28 -16.00 37.61
CA GLY B 373 33.12 -16.77 38.12
C GLY B 373 32.60 -16.28 39.48
N TYR B 374 32.42 -17.22 40.43
CA TYR B 374 31.88 -16.87 41.76
C TYR B 374 32.75 -15.89 42.54
N ARG B 375 34.02 -15.76 42.14
CA ARG B 375 34.96 -14.82 42.79
C ARG B 375 34.86 -13.34 42.36
N VAL B 376 34.08 -13.06 41.30
CA VAL B 376 33.61 -11.70 40.92
C VAL B 376 34.67 -10.81 40.28
N GLY B 377 35.68 -10.45 41.06
CA GLY B 377 36.72 -9.52 40.61
C GLY B 377 37.56 -8.99 41.75
N VAL B 378 38.40 -8.01 41.45
CA VAL B 378 39.30 -7.41 42.44
C VAL B 378 38.49 -6.73 43.57
N CYS B 379 37.31 -6.20 43.21
CA CYS B 379 36.43 -5.53 44.19
C CYS B 379 35.97 -6.40 45.38
N TRP B 380 35.94 -7.72 45.23
CA TRP B 380 35.64 -8.60 46.38
C TRP B 380 36.95 -8.93 47.10
N LYS B 381 37.19 -8.29 48.25
CA LYS B 381 38.53 -8.40 48.91
C LYS B 381 38.90 -9.84 49.35
N GLU B 382 37.90 -10.64 49.69
CA GLU B 382 38.11 -12.05 50.05
C GLU B 382 38.33 -13.01 48.86
N SER B 383 38.20 -12.54 47.62
CA SER B 383 38.26 -13.41 46.44
C SER B 383 39.65 -13.93 46.11
N GLY B 384 40.66 -13.15 46.41
CA GLY B 384 42.02 -13.47 45.98
C GLY B 384 42.29 -13.19 44.51
N ILE B 385 41.36 -12.53 43.81
CA ILE B 385 41.51 -12.23 42.38
C ILE B 385 42.43 -11.03 42.24
N GLU B 386 43.42 -11.13 41.35
CA GLU B 386 44.38 -10.03 41.11
C GLU B 386 44.18 -9.32 39.79
N THR B 387 43.60 -10.01 38.81
CA THR B 387 43.36 -9.46 37.49
C THR B 387 41.97 -8.80 37.39
N VAL B 388 41.92 -7.57 36.89
CA VAL B 388 40.63 -6.89 36.77
C VAL B 388 39.61 -7.62 35.87
N THR B 389 38.33 -7.47 36.23
CA THR B 389 37.24 -8.07 35.47
C THR B 389 36.23 -7.01 35.06
N ILE B 390 35.26 -7.42 34.22
CA ILE B 390 34.13 -6.55 33.85
C ILE B 390 33.38 -6.02 35.09
N SER B 391 33.28 -6.82 36.15
CA SER B 391 32.62 -6.37 37.38
C SER B 391 33.36 -5.17 38.01
N ASP B 392 34.68 -5.14 37.91
CA ASP B 392 35.47 -3.98 38.35
C ASP B 392 35.14 -2.72 37.55
N CYS B 393 34.89 -2.86 36.23
CA CYS B 393 34.43 -1.73 35.42
C CYS B 393 33.02 -1.26 35.86
N HIS B 394 32.12 -2.19 36.16
CA HIS B 394 30.78 -1.87 36.69
C HIS B 394 30.85 -1.02 37.96
N MET B 395 31.81 -1.33 38.83
CA MET B 395 32.00 -0.55 40.08
C MET B 395 32.44 0.90 39.77
N VAL B 396 33.47 1.03 38.93
CA VAL B 396 33.98 2.37 38.54
C VAL B 396 32.88 3.24 37.92
N LEU B 397 32.14 2.66 36.98
CA LEU B 397 31.19 3.42 36.18
C LEU B 397 29.84 3.68 36.86
N GLY B 398 29.56 3.06 37.99
CA GLY B 398 28.26 3.16 38.64
C GLY B 398 27.13 2.31 38.10
N TYR B 399 27.44 1.26 37.35
CA TYR B 399 26.42 0.31 36.85
C TYR B 399 25.80 -0.46 37.99
N LEU B 400 26.62 -0.93 38.93
CA LEU B 400 26.13 -1.72 40.07
C LEU B 400 26.40 -1.05 41.40
N ASN B 401 25.61 -1.46 42.39
CA ASN B 401 25.63 -0.92 43.75
C ASN B 401 26.60 -1.76 44.58
N PRO B 402 27.73 -1.16 45.02
CA PRO B 402 28.70 -1.85 45.88
C PRO B 402 28.08 -2.47 47.17
N ASP B 403 26.99 -1.85 47.66
CA ASP B 403 26.40 -2.19 48.93
C ASP B 403 25.16 -3.08 48.82
N ASN B 404 24.80 -3.52 47.61
CA ASN B 404 23.62 -4.37 47.46
C ASN B 404 23.84 -5.53 46.47
N PHE B 405 25.06 -6.08 46.50
CA PHE B 405 25.44 -7.23 45.68
C PHE B 405 25.08 -8.47 46.49
N LEU B 406 24.29 -9.35 45.88
CA LEU B 406 23.55 -10.38 46.64
C LEU B 406 22.76 -9.85 47.85
N GLY B 407 22.02 -8.76 47.62
CA GLY B 407 21.23 -8.15 48.68
C GLY B 407 22.07 -7.53 49.82
N GLY B 408 23.36 -7.29 49.60
CA GLY B 408 24.27 -6.83 50.65
C GLY B 408 25.04 -7.92 51.37
N ALA B 409 24.79 -9.20 51.03
CA ALA B 409 25.54 -10.33 51.65
C ALA B 409 27.04 -10.43 51.28
N VAL B 410 27.42 -9.86 50.13
CA VAL B 410 28.81 -9.80 49.68
C VAL B 410 29.19 -8.34 49.50
N LYS B 411 30.15 -7.87 50.30
CA LYS B 411 30.59 -6.47 50.25
C LYS B 411 31.66 -6.25 49.17
N LEU B 412 31.40 -5.32 48.25
CA LEU B 412 32.34 -4.95 47.20
C LEU B 412 32.90 -3.55 47.46
N ASP B 413 34.18 -3.33 47.14
CA ASP B 413 34.92 -2.09 47.43
C ASP B 413 35.33 -1.42 46.12
N ARG B 414 34.62 -0.34 45.77
CA ARG B 414 34.88 0.42 44.53
C ARG B 414 36.33 0.90 44.39
N GLN B 415 36.92 1.32 45.51
CA GLN B 415 38.29 1.82 45.52
C GLN B 415 39.30 0.75 45.07
N ARG B 416 39.07 -0.51 45.44
CA ARG B 416 39.92 -1.61 44.93
C ARG B 416 39.86 -1.73 43.39
N SER B 417 38.68 -1.53 42.81
CA SER B 417 38.50 -1.57 41.35
C SER B 417 39.21 -0.37 40.71
N VAL B 418 39.07 0.82 41.32
CA VAL B 418 39.74 2.04 40.83
C VAL B 418 41.25 1.81 40.76
N ASP B 419 41.86 1.40 41.87
CA ASP B 419 43.31 1.22 41.96
C ASP B 419 43.86 0.19 40.93
N ALA B 420 43.16 -0.93 40.78
CA ALA B 420 43.59 -2.02 39.90
C ALA B 420 43.40 -1.71 38.41
N ILE B 421 42.28 -1.06 38.07
CA ILE B 421 42.10 -0.59 36.69
C ILE B 421 43.18 0.46 36.35
N LYS B 422 43.47 1.35 37.29
CA LYS B 422 44.53 2.37 37.07
C LYS B 422 45.87 1.73 36.73
N ALA B 423 46.27 0.74 37.51
CA ALA B 423 47.58 0.09 37.32
C ALA B 423 47.64 -0.80 36.07
N GLN B 424 46.58 -1.57 35.82
CA GLN B 424 46.60 -2.62 34.77
C GLN B 424 46.20 -2.13 33.36
N ILE B 425 45.24 -1.21 33.28
CA ILE B 425 44.63 -0.80 32.02
C ILE B 425 44.85 0.69 31.70
N ALA B 426 44.48 1.58 32.63
CA ALA B 426 44.42 3.01 32.35
C ALA B 426 45.80 3.69 32.17
N ASP B 427 46.69 3.55 33.15
CA ASP B 427 48.03 4.14 33.05
C ASP B 427 48.83 3.65 31.80
N PRO B 428 48.86 2.33 31.51
CA PRO B 428 49.55 1.82 30.30
C PRO B 428 49.01 2.34 28.97
N LEU B 429 47.72 2.64 28.91
CA LEU B 429 47.10 3.21 27.72
C LEU B 429 47.04 4.76 27.71
N GLY B 430 47.53 5.43 28.75
CA GLY B 430 47.42 6.89 28.79
C GLY B 430 46.00 7.43 28.94
N LEU B 431 45.14 6.70 29.65
CA LEU B 431 43.71 7.07 29.86
C LEU B 431 43.41 7.35 31.32
N SER B 432 42.41 8.18 31.60
CA SER B 432 41.81 8.24 32.94
C SER B 432 41.20 6.88 33.31
N VAL B 433 41.01 6.63 34.61
CA VAL B 433 40.40 5.37 35.06
C VAL B 433 38.97 5.18 34.46
N GLU B 434 38.14 6.23 34.48
CA GLU B 434 36.76 6.11 33.98
C GLU B 434 36.72 5.95 32.45
N ASP B 435 37.65 6.56 31.71
CA ASP B 435 37.70 6.33 30.25
C ASP B 435 38.17 4.94 29.87
N ALA B 436 39.10 4.40 30.65
CA ALA B 436 39.54 3.01 30.44
C ALA B 436 38.37 2.03 30.68
N ALA B 437 37.67 2.20 31.80
CA ALA B 437 36.52 1.34 32.12
C ALA B 437 35.37 1.49 31.10
N ALA B 438 35.06 2.74 30.70
CA ALA B 438 34.03 3.01 29.71
C ALA B 438 34.37 2.41 28.34
N GLY B 439 35.66 2.46 27.98
CA GLY B 439 36.15 1.86 26.75
C GLY B 439 36.04 0.33 26.72
N VAL B 440 36.33 -0.29 27.86
CA VAL B 440 36.11 -1.74 28.03
C VAL B 440 34.62 -2.09 27.84
N ILE B 441 33.72 -1.32 28.44
CA ILE B 441 32.29 -1.59 28.33
C ILE B 441 31.77 -1.34 26.91
N GLU B 442 32.29 -0.31 26.22
CA GLU B 442 32.02 -0.12 24.76
C GLU B 442 32.40 -1.36 23.94
N LEU B 443 33.55 -1.96 24.23
CA LEU B 443 33.97 -3.17 23.53
C LEU B 443 33.05 -4.35 23.82
N LEU B 444 32.70 -4.58 25.08
CA LEU B 444 31.73 -5.62 25.45
C LEU B 444 30.37 -5.43 24.76
N ASP B 445 29.77 -4.24 24.86
CA ASP B 445 28.45 -3.96 24.29
C ASP B 445 28.45 -4.31 22.77
N SER B 446 29.51 -3.89 22.08
CA SER B 446 29.67 -4.12 20.64
C SER B 446 29.85 -5.64 20.28
N ASP B 447 30.65 -6.35 21.07
CA ASP B 447 30.82 -7.80 20.95
C ASP B 447 29.51 -8.57 21.10
N LEU B 448 28.79 -8.29 22.18
CA LEU B 448 27.49 -8.94 22.44
C LEU B 448 26.46 -8.59 21.34
N ARG B 449 26.42 -7.33 20.93
CA ARG B 449 25.52 -6.88 19.88
C ARG B 449 25.77 -7.67 18.56
N ASP B 450 27.03 -7.81 18.18
CA ASP B 450 27.42 -8.53 16.96
C ASP B 450 27.08 -10.03 17.06
N TYR B 451 27.27 -10.63 18.24
CA TYR B 451 26.95 -12.05 18.43
C TYR B 451 25.43 -12.34 18.29
N LEU B 452 24.60 -11.51 18.91
CA LEU B 452 23.13 -11.60 18.79
C LEU B 452 22.64 -11.38 17.33
N ARG B 453 23.12 -10.30 16.71
CA ARG B 453 22.83 -10.01 15.30
C ARG B 453 23.21 -11.18 14.39
N SER B 454 24.37 -11.81 14.65
CA SER B 454 24.83 -12.91 13.81
C SER B 454 23.96 -14.16 13.87
N MET B 455 23.45 -14.49 15.06
CA MET B 455 22.51 -15.61 15.22
C MET B 455 21.24 -15.37 14.37
N ILE B 456 20.72 -14.15 14.41
CA ILE B 456 19.49 -13.79 13.68
C ILE B 456 19.74 -13.82 12.14
N SER B 457 20.84 -13.20 11.72
CA SER B 457 21.21 -13.14 10.31
C SER B 457 21.56 -14.51 9.70
N GLY B 458 22.11 -15.43 10.49
CA GLY B 458 22.40 -16.80 10.02
C GLY B 458 21.15 -17.58 9.55
N LYS B 459 19.99 -17.26 10.14
CA LYS B 459 18.69 -17.80 9.67
C LYS B 459 18.03 -16.96 8.57
N GLY B 460 18.65 -15.83 8.19
CA GLY B 460 18.17 -14.98 7.08
C GLY B 460 17.29 -13.83 7.48
N TYR B 461 16.92 -13.78 8.76
CA TYR B 461 16.06 -12.71 9.28
C TYR B 461 16.84 -11.42 9.51
N SER B 462 16.08 -10.35 9.73
CA SER B 462 16.54 -9.13 10.36
C SER B 462 15.99 -9.08 11.79
N PRO B 463 16.66 -8.38 12.74
CA PRO B 463 16.10 -8.28 14.10
C PRO B 463 14.66 -7.70 14.20
N ALA B 464 14.23 -6.92 13.20
CA ALA B 464 12.85 -6.39 13.19
C ALA B 464 11.74 -7.46 13.17
N SER B 465 12.08 -8.67 12.74
CA SER B 465 11.15 -9.80 12.79
C SER B 465 10.97 -10.41 14.18
N PHE B 466 11.72 -9.94 15.17
CA PHE B 466 11.72 -10.52 16.54
C PHE B 466 11.43 -9.52 17.66
N VAL B 467 10.98 -10.09 18.78
CA VAL B 467 11.01 -9.42 20.08
C VAL B 467 12.23 -10.02 20.81
N CYS B 468 13.06 -9.20 21.47
CA CYS B 468 14.17 -9.72 22.30
C CYS B 468 13.73 -9.87 23.77
N PHE B 469 13.97 -11.05 24.36
CA PHE B 469 13.90 -11.25 25.81
C PHE B 469 15.34 -11.23 26.38
N SER B 470 15.58 -10.42 27.40
CA SER B 470 16.88 -10.25 28.06
C SER B 470 16.75 -10.68 29.52
N TYR B 471 17.49 -11.73 29.91
CA TYR B 471 17.40 -12.30 31.26
C TYR B 471 18.76 -12.82 31.77
N GLY B 472 18.75 -13.61 32.84
CA GLY B 472 19.98 -13.94 33.58
C GLY B 472 20.32 -12.83 34.57
N GLY B 473 21.20 -13.10 35.51
CA GLY B 473 21.63 -12.07 36.48
C GLY B 473 22.18 -10.79 35.85
N ALA B 474 23.00 -10.93 34.80
CA ALA B 474 23.66 -9.78 34.15
C ALA B 474 23.05 -9.30 32.84
N GLY B 475 22.10 -10.06 32.28
CA GLY B 475 21.41 -9.63 31.03
C GLY B 475 20.94 -8.19 31.04
N PRO B 476 20.11 -7.80 32.05
CA PRO B 476 19.59 -6.42 32.18
C PRO B 476 20.64 -5.34 32.44
N VAL B 477 21.88 -5.72 32.77
CA VAL B 477 22.97 -4.75 33.00
C VAL B 477 23.42 -4.15 31.64
N HIS B 478 23.28 -4.94 30.56
CA HIS B 478 23.75 -4.54 29.22
C HIS B 478 22.71 -4.58 28.09
N THR B 479 21.44 -4.87 28.40
CA THR B 479 20.38 -4.84 27.40
C THR B 479 20.43 -3.57 26.49
N TYR B 480 20.59 -2.40 27.11
CA TYR B 480 20.62 -1.09 26.38
C TYR B 480 21.67 -1.16 25.24
N GLY B 481 22.81 -1.81 25.53
CA GLY B 481 23.99 -1.82 24.65
C GLY B 481 23.95 -2.88 23.57
N TYR B 482 23.56 -4.09 23.94
CA TYR B 482 23.55 -5.19 22.98
C TYR B 482 22.35 -5.21 22.05
N THR B 483 21.29 -4.45 22.37
CA THR B 483 20.17 -4.21 21.42
C THR B 483 20.17 -2.85 20.70
N GLU B 484 21.08 -1.94 21.06
CA GLU B 484 21.11 -0.57 20.49
C GLU B 484 21.14 -0.51 18.95
N GLY B 485 20.12 0.10 18.37
CA GLY B 485 20.05 0.31 16.94
C GLY B 485 19.77 -0.91 16.10
N LEU B 486 19.51 -2.07 16.69
CA LEU B 486 19.23 -3.29 15.92
C LEU B 486 17.83 -3.31 15.33
N GLY B 487 16.90 -2.54 15.89
CA GLY B 487 15.53 -2.44 15.35
C GLY B 487 14.56 -3.55 15.74
N PHE B 488 14.77 -4.19 16.89
CA PHE B 488 13.83 -5.20 17.39
C PHE B 488 12.41 -4.62 17.48
N GLU B 489 11.38 -5.44 17.26
CA GLU B 489 9.97 -4.99 17.41
C GLU B 489 9.75 -4.47 18.85
N ASP B 490 10.31 -5.17 19.84
CA ASP B 490 10.30 -4.71 21.23
C ASP B 490 11.45 -5.41 21.95
N VAL B 491 11.82 -4.89 23.12
CA VAL B 491 12.93 -5.37 23.94
C VAL B 491 12.43 -5.47 25.38
N ILE B 492 12.45 -6.68 25.93
CA ILE B 492 11.71 -7.01 27.14
C ILE B 492 12.66 -7.61 28.21
N VAL B 493 12.59 -7.06 29.42
CA VAL B 493 13.32 -7.57 30.59
C VAL B 493 12.29 -8.04 31.62
N PRO B 494 12.16 -9.36 31.84
CA PRO B 494 11.26 -9.83 32.91
C PRO B 494 11.80 -9.46 34.29
N ALA B 495 10.93 -9.07 35.22
CA ALA B 495 11.36 -8.69 36.58
C ALA B 495 12.08 -9.84 37.32
N TRP B 496 11.74 -11.09 36.96
CA TRP B 496 12.35 -12.28 37.53
C TRP B 496 13.57 -12.81 36.70
N ALA B 497 14.22 -11.91 35.97
CA ALA B 497 15.39 -12.23 35.11
C ALA B 497 16.44 -13.13 35.76
N ALA B 498 16.80 -12.87 37.02
CA ALA B 498 17.87 -13.65 37.67
C ALA B 498 17.50 -15.15 37.79
N GLY B 499 16.22 -15.43 38.03
CA GLY B 499 15.76 -16.82 38.13
C GLY B 499 15.09 -17.38 36.87
N PHE B 500 15.36 -16.82 35.68
CA PHE B 500 14.63 -17.18 34.47
C PHE B 500 14.84 -18.64 33.99
N SER B 501 16.06 -19.17 34.12
CA SER B 501 16.31 -20.59 33.74
C SER B 501 15.68 -21.55 34.76
N ALA B 502 15.70 -21.17 36.03
CA ALA B 502 15.06 -21.98 37.08
C ALA B 502 13.51 -21.99 36.89
N PHE B 503 12.95 -20.85 36.52
CA PHE B 503 11.54 -20.68 36.06
C PHE B 503 11.22 -21.67 34.92
N GLY B 504 12.09 -21.75 33.92
CA GLY B 504 11.85 -22.64 32.82
C GLY B 504 11.86 -24.10 33.25
N CYS B 505 12.82 -24.48 34.10
CA CYS B 505 12.84 -25.84 34.65
C CYS B 505 11.55 -26.20 35.39
N ALA B 506 11.00 -25.25 36.16
CA ALA B 506 9.73 -25.47 36.88
C ALA B 506 8.52 -25.56 35.95
N ALA B 507 8.55 -24.84 34.82
CA ALA B 507 7.49 -24.88 33.82
C ALA B 507 7.54 -26.08 32.87
N ALA B 508 8.60 -26.86 32.90
CA ALA B 508 8.70 -28.06 32.05
C ALA B 508 7.64 -29.10 32.41
N ASP B 509 7.09 -29.76 31.38
CA ASP B 509 6.18 -30.87 31.61
C ASP B 509 6.87 -31.96 32.43
N PHE B 510 6.11 -32.63 33.31
CA PHE B 510 6.62 -33.74 34.13
C PHE B 510 6.49 -34.98 33.24
N GLU B 511 7.54 -35.24 32.44
CA GLU B 511 7.47 -36.22 31.36
C GLU B 511 8.71 -37.12 31.38
N TYR B 512 8.51 -38.44 31.24
CA TYR B 512 9.60 -39.38 30.95
C TYR B 512 9.39 -39.97 29.56
N ARG B 513 10.50 -40.15 28.84
CA ARG B 513 10.50 -40.63 27.45
C ARG B 513 11.56 -41.74 27.24
N TYR B 514 11.17 -42.81 26.55
CA TYR B 514 12.10 -43.90 26.20
C TYR B 514 11.93 -44.26 24.71
N ASP B 515 13.06 -44.64 24.11
CA ASP B 515 13.20 -44.94 22.68
C ASP B 515 13.78 -46.33 22.48
N LYS B 516 13.50 -46.91 21.32
CA LYS B 516 14.10 -48.19 20.92
C LYS B 516 14.22 -48.19 19.38
N SER B 517 15.37 -48.61 18.84
CA SER B 517 15.50 -48.64 17.38
C SER B 517 14.86 -49.90 16.82
N LEU B 518 14.45 -49.81 15.56
CA LEU B 518 13.74 -50.86 14.84
C LEU B 518 14.29 -50.88 13.41
N ASP B 519 13.93 -51.91 12.66
CA ASP B 519 14.33 -52.04 11.28
C ASP B 519 13.22 -52.73 10.48
N ILE B 520 12.08 -52.05 10.36
CA ILE B 520 10.93 -52.57 9.61
C ILE B 520 10.98 -51.95 8.21
N ASN B 521 11.05 -52.80 7.18
CA ASN B 521 11.15 -52.37 5.78
C ASN B 521 9.99 -52.89 4.98
N MET B 522 9.30 -51.98 4.28
CA MET B 522 7.99 -52.26 3.67
C MET B 522 7.94 -51.72 2.24
N PRO B 523 7.72 -52.59 1.25
CA PRO B 523 7.46 -52.06 -0.11
C PRO B 523 6.17 -51.22 -0.19
N THR B 524 5.99 -50.57 -1.35
CA THR B 524 4.89 -49.64 -1.59
C THR B 524 3.53 -50.26 -1.34
N GLU B 525 3.30 -51.43 -1.95
CA GLU B 525 2.09 -52.26 -1.71
C GLU B 525 2.59 -53.61 -1.18
N THR B 526 2.03 -54.08 -0.06
CA THR B 526 2.34 -55.42 0.44
C THR B 526 1.05 -56.12 0.84
N PRO B 527 1.05 -57.46 0.85
CA PRO B 527 -0.18 -58.13 1.32
C PRO B 527 -0.45 -57.87 2.83
N ASP B 528 -1.68 -58.10 3.25
CA ASP B 528 -2.10 -57.91 4.63
C ASP B 528 -1.24 -58.61 5.68
N THR B 529 -0.73 -59.82 5.38
CA THR B 529 0.11 -60.57 6.34
C THR B 529 1.37 -59.82 6.75
N ASP B 530 2.01 -59.18 5.77
CA ASP B 530 3.21 -58.37 6.01
C ASP B 530 2.89 -57.17 6.90
N LYS B 531 1.74 -56.54 6.67
CA LYS B 531 1.28 -55.40 7.47
C LYS B 531 0.95 -55.82 8.91
N GLU B 532 0.30 -56.97 9.08
CA GLU B 532 0.04 -57.53 10.42
C GLU B 532 1.33 -57.81 11.17
N LYS B 533 2.32 -58.38 10.49
CA LYS B 533 3.65 -58.65 11.09
C LYS B 533 4.38 -57.35 11.48
N ALA B 534 4.32 -56.34 10.61
CA ALA B 534 4.94 -55.05 10.92
C ALA B 534 4.27 -54.40 12.15
N ALA B 535 2.94 -54.44 12.20
CA ALA B 535 2.19 -53.91 13.33
C ALA B 535 2.56 -54.59 14.63
N ALA B 536 2.68 -55.93 14.62
CA ALA B 536 3.04 -56.71 15.82
C ALA B 536 4.45 -56.38 16.32
N THR B 537 5.39 -56.16 15.40
CA THR B 537 6.75 -55.77 15.75
C THR B 537 6.77 -54.40 16.49
N LEU B 538 6.05 -53.42 15.94
CA LEU B 538 5.93 -52.08 16.56
C LEU B 538 5.18 -52.15 17.90
N GLN B 539 4.10 -52.93 17.94
CA GLN B 539 3.34 -53.13 19.18
C GLN B 539 4.20 -53.71 20.31
N ALA B 540 5.02 -54.70 20.01
CA ALA B 540 5.92 -55.28 21.03
C ALA B 540 6.89 -54.24 21.59
N ALA B 541 7.41 -53.36 20.72
CA ALA B 541 8.29 -52.27 21.17
C ALA B 541 7.54 -51.28 22.09
N TRP B 542 6.34 -50.91 21.69
CA TRP B 542 5.50 -49.99 22.50
C TRP B 542 5.20 -50.61 23.89
N GLU B 543 4.92 -51.90 23.94
CA GLU B 543 4.66 -52.58 25.24
C GLU B 543 5.89 -52.58 26.15
N GLU B 544 7.07 -52.83 25.58
CA GLU B 544 8.32 -52.77 26.36
C GLU B 544 8.62 -51.34 26.88
N LEU B 545 8.53 -50.36 25.98
CA LEU B 545 8.83 -48.98 26.35
C LEU B 545 7.82 -48.43 27.38
N THR B 546 6.56 -48.91 27.31
CA THR B 546 5.53 -48.56 28.28
C THR B 546 5.92 -49.00 29.73
N LYS B 547 6.48 -50.20 29.87
CA LYS B 547 7.01 -50.62 31.18
C LYS B 547 8.13 -49.71 31.69
N ASN B 548 9.05 -49.31 30.81
CA ASN B 548 10.15 -48.42 31.23
C ASN B 548 9.59 -47.08 31.75
N VAL B 549 8.65 -46.48 31.01
CA VAL B 549 8.03 -45.21 31.42
C VAL B 549 7.31 -45.32 32.79
N LEU B 550 6.44 -46.31 32.91
CA LEU B 550 5.67 -46.53 34.15
C LEU B 550 6.54 -46.83 35.37
N GLU B 551 7.66 -47.54 35.18
CA GLU B 551 8.58 -47.83 36.27
C GLU B 551 9.22 -46.54 36.84
N GLU B 552 9.51 -45.59 35.96
CA GLU B 552 10.09 -44.34 36.38
C GLU B 552 9.04 -43.51 37.20
N PHE B 553 7.79 -43.51 36.73
CA PHE B 553 6.73 -42.81 37.49
C PHE B 553 6.44 -43.48 38.85
N LYS B 554 6.57 -44.81 38.91
CA LYS B 554 6.46 -45.56 40.19
C LYS B 554 7.48 -45.09 41.23
N LEU B 555 8.74 -44.92 40.82
CA LEU B 555 9.76 -44.38 41.72
C LEU B 555 9.43 -43.00 42.29
N ASN B 556 8.64 -42.21 41.55
CA ASN B 556 8.14 -40.92 42.04
C ASN B 556 6.80 -41.02 42.80
N GLY B 557 6.31 -42.23 43.05
CA GLY B 557 5.07 -42.44 43.80
C GLY B 557 3.79 -42.30 43.01
N TYR B 558 3.84 -42.40 41.68
CA TYR B 558 2.65 -42.31 40.81
C TYR B 558 2.31 -43.68 40.24
N SER B 559 1.05 -44.09 40.38
CA SER B 559 0.58 -45.36 39.85
C SER B 559 0.17 -45.19 38.39
N ALA B 560 0.00 -46.32 37.70
CA ALA B 560 -0.20 -46.32 36.23
C ALA B 560 -1.43 -45.56 35.74
N ASP B 561 -2.51 -45.59 36.53
CA ASP B 561 -3.74 -44.85 36.18
C ASP B 561 -3.61 -43.32 36.25
N GLN B 562 -2.55 -42.80 36.87
CA GLN B 562 -2.29 -41.36 36.84
C GLN B 562 -1.47 -40.86 35.65
N VAL B 563 -0.88 -41.76 34.86
CA VAL B 563 0.02 -41.41 33.73
C VAL B 563 -0.70 -41.41 32.38
N THR B 564 -0.52 -40.35 31.60
CA THR B 564 -1.02 -40.28 30.22
C THR B 564 0.08 -40.69 29.23
N LEU B 565 -0.20 -41.71 28.42
CA LEU B 565 0.76 -42.26 27.48
C LEU B 565 0.56 -41.77 26.05
N GLN B 566 1.65 -41.42 25.36
CA GLN B 566 1.59 -40.99 23.95
C GLN B 566 2.62 -41.78 23.13
N PRO B 567 2.18 -42.80 22.39
CA PRO B 567 3.12 -43.53 21.53
C PRO B 567 3.56 -42.73 20.29
N GLY B 568 4.75 -43.08 19.80
CA GLY B 568 5.35 -42.46 18.64
C GLY B 568 6.21 -43.44 17.87
N TYR B 569 6.64 -43.02 16.67
CA TYR B 569 7.53 -43.81 15.85
C TYR B 569 8.36 -42.91 14.92
N ARG B 570 9.50 -43.43 14.44
CA ARG B 570 10.35 -42.75 13.46
C ARG B 570 10.24 -43.48 12.14
N MET B 571 9.97 -42.74 11.08
CA MET B 571 9.71 -43.29 9.75
C MET B 571 10.36 -42.41 8.64
N GLN B 572 10.62 -43.06 7.51
CA GLN B 572 11.27 -42.45 6.33
C GLN B 572 10.91 -43.24 5.05
N TYR B 573 11.22 -42.68 3.88
CA TYR B 573 11.25 -43.51 2.65
C TYR B 573 12.56 -44.31 2.63
N ARG B 574 12.53 -45.52 2.06
CA ARG B 574 13.72 -46.39 2.05
C ARG B 574 14.87 -45.71 1.31
N GLY B 575 16.06 -45.79 1.92
CA GLY B 575 17.28 -45.23 1.39
C GLY B 575 17.62 -43.85 1.91
N GLN B 576 16.70 -43.19 2.60
CA GLN B 576 16.97 -41.85 3.16
C GLN B 576 17.98 -41.94 4.32
N LEU B 577 18.65 -40.82 4.56
CA LEU B 577 19.64 -40.66 5.63
C LEU B 577 19.06 -40.07 6.90
N ASN B 578 17.83 -39.58 6.86
CA ASN B 578 17.17 -38.95 7.98
C ASN B 578 15.75 -39.51 8.11
N ASP B 579 15.15 -39.39 9.30
CA ASP B 579 13.76 -39.79 9.53
C ASP B 579 12.93 -38.69 10.19
N LEU B 580 11.61 -38.86 10.26
CA LEU B 580 10.73 -37.93 10.97
C LEU B 580 10.09 -38.62 12.18
N GLU B 581 9.92 -37.87 13.28
CA GLU B 581 9.15 -38.34 14.45
C GLU B 581 7.67 -38.12 14.19
N ILE B 582 6.88 -39.19 14.23
CA ILE B 582 5.44 -39.14 14.02
C ILE B 582 4.76 -39.49 15.37
N GLU B 583 3.75 -38.69 15.73
CA GLU B 583 2.88 -39.03 16.86
C GLU B 583 1.86 -40.03 16.39
N SER B 584 1.65 -41.11 17.14
CA SER B 584 0.72 -42.13 16.70
C SER B 584 -0.73 -41.66 16.80
N PRO B 585 -1.53 -41.83 15.75
CA PRO B 585 -2.96 -41.67 15.89
C PRO B 585 -3.65 -42.85 16.58
N LEU B 586 -2.93 -43.96 16.86
CA LEU B 586 -3.50 -45.12 17.57
C LEU B 586 -2.81 -45.40 18.89
N ALA B 587 -3.55 -45.87 19.89
CA ALA B 587 -2.95 -46.26 21.16
C ALA B 587 -2.24 -47.62 21.08
N GLN B 588 -2.68 -48.47 20.14
CA GLN B 588 -2.08 -49.78 19.88
C GLN B 588 -2.32 -50.19 18.42
N ALA B 589 -1.58 -51.17 17.90
CA ALA B 589 -1.67 -51.59 16.50
C ALA B 589 -1.67 -53.10 16.36
N HIS B 590 -2.62 -53.64 15.58
CA HIS B 590 -2.76 -55.08 15.34
C HIS B 590 -3.09 -55.47 13.89
N THR B 591 -3.98 -54.73 13.23
CA THR B 591 -4.50 -55.11 11.91
C THR B 591 -3.75 -54.45 10.72
N ALA B 592 -4.02 -54.95 9.52
CA ALA B 592 -3.51 -54.33 8.29
C ALA B 592 -4.05 -52.92 8.15
N ALA B 593 -5.32 -52.70 8.49
CA ALA B 593 -5.89 -51.34 8.47
C ALA B 593 -5.20 -50.40 9.47
N ASP B 594 -4.81 -50.92 10.64
CA ASP B 594 -4.02 -50.13 11.61
C ASP B 594 -2.68 -49.67 10.99
N TRP B 595 -1.99 -50.59 10.32
CA TRP B 595 -0.71 -50.25 9.67
C TRP B 595 -0.93 -49.17 8.61
N ASP B 596 -1.99 -49.28 7.82
CA ASP B 596 -2.35 -48.24 6.81
C ASP B 596 -2.56 -46.89 7.44
N GLN B 597 -3.21 -46.88 8.59
CA GLN B 597 -3.38 -45.65 9.34
C GLN B 597 -2.03 -45.00 9.78
N LEU B 598 -1.08 -45.83 10.24
CA LEU B 598 0.26 -45.34 10.61
C LEU B 598 1.04 -44.80 9.40
N THR B 599 0.94 -45.49 8.27
CA THR B 599 1.62 -45.01 7.03
C THR B 599 0.93 -43.73 6.52
N ASP B 600 -0.40 -43.63 6.62
CA ASP B 600 -1.09 -42.36 6.29
C ASP B 600 -0.63 -41.20 7.14
N ALA B 601 -0.46 -41.40 8.44
CA ALA B 601 -0.05 -40.32 9.33
C ALA B 601 1.40 -39.85 8.99
N PHE B 602 2.28 -40.77 8.60
CA PHE B 602 3.64 -40.41 8.13
C PHE B 602 3.56 -39.54 6.85
N ASN B 603 2.81 -40.02 5.84
CA ASN B 603 2.67 -39.29 4.58
C ASN B 603 2.14 -37.86 4.78
N ALA B 604 1.14 -37.71 5.66
CA ALA B 604 0.59 -36.40 5.95
C ALA B 604 1.57 -35.47 6.64
N THR B 605 2.28 -35.94 7.67
CA THR B 605 3.34 -35.14 8.33
C THR B 605 4.48 -34.77 7.35
N TYR B 606 4.88 -35.71 6.50
CA TYR B 606 5.94 -35.41 5.52
C TYR B 606 5.51 -34.28 4.60
N GLY B 607 4.22 -34.30 4.22
CA GLY B 607 3.64 -33.24 3.41
C GLY B 607 3.67 -31.86 4.04
N ARG B 608 3.43 -31.80 5.35
CA ARG B 608 3.51 -30.54 6.13
C ARG B 608 4.91 -30.06 6.39
N VAL B 609 5.82 -30.95 6.77
CA VAL B 609 7.24 -30.60 7.05
C VAL B 609 7.95 -30.08 5.75
N TYR B 610 7.65 -30.72 4.61
CA TYR B 610 8.32 -30.43 3.36
C TYR B 610 7.28 -29.88 2.38
N ALA B 611 6.71 -30.72 1.51
CA ALA B 611 5.57 -30.36 0.65
C ALA B 611 4.89 -31.63 0.17
N ALA B 612 3.61 -31.53 -0.25
CA ALA B 612 2.89 -32.73 -0.75
C ALA B 612 3.61 -33.37 -1.94
N SER B 613 4.14 -32.54 -2.82
CA SER B 613 4.84 -33.00 -4.02
C SER B 613 6.20 -33.63 -3.78
N ALA B 614 6.72 -33.53 -2.57
CA ALA B 614 7.97 -34.16 -2.20
C ALA B 614 7.85 -35.63 -1.81
N ARG B 615 6.61 -36.11 -1.56
CA ARG B 615 6.41 -37.49 -1.17
C ARG B 615 6.86 -38.45 -2.28
N SER B 616 7.51 -39.56 -1.90
CA SER B 616 8.05 -40.58 -2.81
C SER B 616 7.66 -42.02 -2.42
N PRO B 617 6.33 -42.30 -2.36
CA PRO B 617 5.84 -43.66 -1.95
C PRO B 617 6.38 -44.80 -2.84
N GLU B 618 6.74 -44.52 -4.10
CA GLU B 618 7.31 -45.52 -4.98
C GLU B 618 8.62 -46.15 -4.45
N LEU B 619 9.31 -45.52 -3.51
CA LEU B 619 10.53 -46.11 -2.89
C LEU B 619 10.28 -47.09 -1.73
N GLY B 620 9.04 -47.14 -1.24
CA GLY B 620 8.69 -47.89 -0.03
C GLY B 620 9.12 -47.14 1.26
N TYR B 621 8.93 -47.81 2.40
CA TYR B 621 9.02 -47.18 3.74
C TYR B 621 9.91 -47.98 4.68
N SER B 622 10.55 -47.27 5.62
CA SER B 622 11.24 -47.88 6.74
C SER B 622 10.78 -47.22 8.03
N VAL B 623 10.46 -48.04 9.03
CA VAL B 623 10.29 -47.58 10.40
C VAL B 623 11.60 -47.89 11.12
N THR B 624 12.22 -46.86 11.68
CA THR B 624 13.56 -46.92 12.23
C THR B 624 13.60 -46.85 13.74
N GLY B 625 12.47 -46.61 14.39
CA GLY B 625 12.41 -46.51 15.83
C GLY B 625 11.00 -46.43 16.40
N ALA B 626 10.87 -46.80 17.66
CA ALA B 626 9.65 -46.61 18.45
C ALA B 626 9.92 -45.67 19.63
N ILE B 627 8.87 -44.95 20.04
CA ILE B 627 8.92 -43.93 21.09
C ILE B 627 7.70 -44.12 22.01
N MET B 628 7.93 -43.95 23.32
CA MET B 628 6.84 -43.80 24.28
C MET B 628 7.14 -42.65 25.24
N ARG B 629 6.17 -41.73 25.37
CA ARG B 629 6.20 -40.66 26.39
C ARG B 629 5.06 -40.85 27.39
N GLY B 630 5.35 -40.53 28.64
CA GLY B 630 4.33 -40.49 29.70
C GLY B 630 4.41 -39.17 30.41
N MET B 631 3.24 -38.66 30.80
CA MET B 631 3.11 -37.35 31.45
C MET B 631 2.19 -37.45 32.67
N VAL B 632 2.52 -36.69 33.71
CA VAL B 632 1.59 -36.42 34.81
C VAL B 632 1.50 -34.91 34.97
N PRO B 633 0.29 -34.41 35.34
CA PRO B 633 0.10 -32.95 35.48
C PRO B 633 0.76 -32.41 36.78
N ILE B 634 1.30 -31.19 36.68
CA ILE B 634 1.79 -30.40 37.80
C ILE B 634 1.42 -28.94 37.55
N PRO B 635 1.30 -28.13 38.60
CA PRO B 635 0.98 -26.73 38.38
C PRO B 635 2.07 -25.95 37.63
N LYS B 636 1.64 -25.11 36.69
CA LYS B 636 2.52 -24.22 35.96
C LYS B 636 2.65 -22.89 36.74
N PRO B 637 3.81 -22.19 36.61
CA PRO B 637 3.91 -20.87 37.21
C PRO B 637 2.89 -19.90 36.60
N LYS B 638 2.15 -19.20 37.46
CA LYS B 638 1.16 -18.26 37.01
C LYS B 638 1.80 -16.92 36.61
N ILE B 639 1.58 -16.50 35.36
CA ILE B 639 2.10 -15.21 34.89
C ILE B 639 1.19 -14.12 35.48
N PRO B 640 1.77 -13.08 36.13
CA PRO B 640 0.91 -12.01 36.67
C PRO B 640 0.09 -11.28 35.60
N LYS B 641 -1.09 -10.79 35.99
CA LYS B 641 -1.98 -10.00 35.09
C LYS B 641 -2.62 -8.92 35.91
N GLU B 642 -1.92 -7.84 36.15
CA GLU B 642 -2.44 -6.75 37.00
C GLU B 642 -2.80 -5.52 36.15
N PRO B 643 -3.78 -4.72 36.64
CA PRO B 643 -4.22 -3.57 35.84
C PRO B 643 -3.26 -2.39 36.00
N GLU B 644 -3.17 -1.57 34.96
CA GLU B 644 -2.20 -0.48 34.92
C GLU B 644 -2.63 0.68 35.81
N GLU B 645 -1.67 1.27 36.51
CA GLU B 645 -1.86 2.49 37.29
C GLU B 645 -1.28 3.62 36.46
N GLY B 646 -0.93 4.75 37.06
CA GLY B 646 -0.37 5.88 36.31
C GLY B 646 1.07 5.72 35.84
N GLU B 647 1.52 6.74 35.11
CA GLU B 647 2.90 6.85 34.57
C GLU B 647 3.97 7.20 35.59
N THR B 648 3.60 7.88 36.67
CA THR B 648 4.58 8.32 37.67
C THR B 648 4.83 7.27 38.77
N PRO B 649 6.07 6.79 38.91
CA PRO B 649 6.40 5.93 40.07
C PRO B 649 6.09 6.61 41.41
N PRO B 650 5.62 5.84 42.40
CA PRO B 650 5.49 6.43 43.72
C PRO B 650 6.88 6.84 44.25
N GLU B 651 6.89 7.90 45.04
CA GLU B 651 8.09 8.46 45.66
C GLU B 651 8.87 7.45 46.50
N SER B 652 8.14 6.54 47.13
CA SER B 652 8.73 5.49 47.94
C SER B 652 9.50 4.44 47.13
N ALA B 653 9.35 4.41 45.80
CA ALA B 653 10.18 3.53 44.97
C ALA B 653 11.61 4.08 44.76
N LYS B 654 11.82 5.38 45.00
CA LYS B 654 13.16 5.97 44.84
C LYS B 654 14.05 5.64 46.03
N ILE B 655 15.29 5.25 45.76
CA ILE B 655 16.22 4.86 46.81
C ILE B 655 17.56 5.59 46.70
N GLY B 656 17.57 6.81 46.12
CA GLY B 656 18.80 7.62 46.07
C GLY B 656 19.34 7.81 44.67
N THR B 657 20.57 8.36 44.58
CA THR B 657 21.25 8.56 43.29
C THR B 657 22.68 8.04 43.35
N ARG B 658 23.26 7.78 42.18
CA ARG B 658 24.66 7.36 42.09
C ARG B 658 25.32 7.95 40.83
N LYS B 659 26.59 8.37 40.96
CA LYS B 659 27.35 8.88 39.81
C LYS B 659 27.55 7.79 38.75
N PHE B 660 27.26 8.12 37.49
CA PHE B 660 27.17 7.17 36.37
C PHE B 660 27.86 7.74 35.12
N TYR B 661 28.79 6.99 34.52
CA TYR B 661 29.64 7.47 33.42
C TYR B 661 29.44 6.70 32.12
N ARG B 662 29.06 7.43 31.07
CA ARG B 662 28.92 6.91 29.71
C ARG B 662 29.04 8.03 28.68
N LYS B 663 29.62 7.70 27.53
CA LYS B 663 29.82 8.70 26.45
C LYS B 663 30.46 10.00 26.96
N LYS B 664 31.55 9.84 27.72
CA LYS B 664 32.38 10.95 28.23
C LYS B 664 31.69 11.95 29.18
N ARG B 665 30.58 11.54 29.83
CA ARG B 665 29.83 12.41 30.74
C ARG B 665 29.43 11.69 32.02
N TRP B 666 29.70 12.34 33.16
CA TRP B 666 29.13 11.97 34.46
C TRP B 666 27.71 12.52 34.60
N VAL B 667 26.78 11.67 35.04
CA VAL B 667 25.41 12.08 35.40
C VAL B 667 25.01 11.48 36.75
N ASP B 668 24.01 12.08 37.38
CA ASP B 668 23.40 11.51 38.57
C ASP B 668 22.27 10.56 38.15
N ALA B 669 22.50 9.25 38.23
CA ALA B 669 21.46 8.26 37.89
C ALA B 669 20.49 8.09 39.04
N GLN B 670 19.20 8.13 38.74
CA GLN B 670 18.16 7.91 39.75
C GLN B 670 18.03 6.40 40.01
N LEU B 671 18.09 6.02 41.28
CA LEU B 671 17.98 4.60 41.69
C LEU B 671 16.54 4.29 42.08
N TYR B 672 16.05 3.10 41.69
CA TYR B 672 14.70 2.65 42.03
C TYR B 672 14.76 1.24 42.58
N HIS B 673 13.87 0.93 43.54
CA HIS B 673 13.64 -0.45 43.99
C HIS B 673 12.67 -1.12 42.97
N MET B 674 13.16 -2.14 42.28
CA MET B 674 12.41 -2.79 41.17
C MET B 674 11.00 -3.22 41.60
N GLU B 675 10.94 -3.90 42.73
CA GLU B 675 9.71 -4.52 43.21
C GLU B 675 8.68 -3.49 43.73
N SER B 676 9.11 -2.25 43.96
CA SER B 676 8.21 -1.14 44.32
C SER B 676 7.57 -0.42 43.12
N LEU B 677 8.09 -0.66 41.91
CA LEU B 677 7.49 -0.06 40.71
C LEU B 677 6.15 -0.75 40.39
N ARG B 678 5.25 0.00 39.77
CA ARG B 678 3.87 -0.46 39.50
C ARG B 678 3.55 -0.52 38.02
N PRO B 679 2.64 -1.43 37.62
CA PRO B 679 2.19 -1.47 36.24
C PRO B 679 1.74 -0.09 35.74
N GLY B 680 2.20 0.26 34.53
CA GLY B 680 1.97 1.60 33.95
C GLY B 680 3.10 2.60 34.13
N ASN B 681 3.97 2.39 35.12
CA ASN B 681 5.04 3.35 35.46
C ASN B 681 6.07 3.47 34.32
N ARG B 682 6.53 4.69 34.06
CA ARG B 682 7.61 4.96 33.09
C ARG B 682 8.81 5.55 33.83
N VAL B 683 10.01 5.10 33.47
CA VAL B 683 11.29 5.61 34.03
C VAL B 683 12.19 6.09 32.90
N MET B 684 12.58 7.36 32.96
CA MET B 684 13.42 8.00 31.95
C MET B 684 14.90 7.93 32.38
N GLY B 685 15.78 7.49 31.48
CA GLY B 685 17.22 7.42 31.80
C GLY B 685 17.78 8.84 31.94
N PRO B 686 18.85 9.06 32.72
CA PRO B 686 19.66 8.03 33.39
C PRO B 686 19.08 7.48 34.71
N ALA B 687 19.00 6.16 34.82
CA ALA B 687 18.42 5.47 35.94
C ALA B 687 18.96 4.04 36.05
N VAL B 688 18.99 3.53 37.28
CA VAL B 688 19.32 2.14 37.51
C VAL B 688 18.22 1.52 38.38
N ILE B 689 17.58 0.47 37.85
CA ILE B 689 16.48 -0.21 38.54
C ILE B 689 17.01 -1.50 39.21
N GLU B 690 17.05 -1.51 40.55
CA GLU B 690 17.79 -2.51 41.35
C GLU B 690 16.89 -3.52 42.08
N SER B 691 17.20 -4.79 41.91
CA SER B 691 16.64 -5.86 42.72
C SER B 691 17.78 -6.39 43.58
N ASP B 692 17.56 -7.49 44.32
CA ASP B 692 18.61 -8.10 45.17
C ASP B 692 19.61 -9.00 44.40
N ALA B 693 19.19 -9.54 43.23
CA ALA B 693 20.05 -10.38 42.37
C ALA B 693 20.09 -10.00 40.86
N THR B 694 19.44 -8.91 40.47
CA THR B 694 19.70 -8.31 39.15
C THR B 694 19.63 -6.79 39.22
N THR B 695 20.12 -6.17 38.17
CA THR B 695 20.24 -4.73 38.04
C THR B 695 19.94 -4.39 36.57
N PHE B 696 18.94 -3.51 36.36
CA PHE B 696 18.50 -3.07 35.03
C PHE B 696 18.99 -1.63 34.78
N VAL B 697 19.96 -1.50 33.87
CA VAL B 697 20.62 -0.22 33.58
C VAL B 697 19.91 0.52 32.44
N VAL B 698 19.51 1.77 32.71
CA VAL B 698 18.79 2.59 31.72
C VAL B 698 19.54 3.92 31.52
N PRO B 699 20.54 3.92 30.60
CA PRO B 699 21.34 5.16 30.47
C PRO B 699 20.58 6.35 29.90
N ASP B 700 21.21 7.51 29.93
CA ASP B 700 20.73 8.70 29.22
C ASP B 700 20.54 8.31 27.75
N GLY B 701 19.41 8.71 27.15
CA GLY B 701 19.05 8.29 25.80
C GLY B 701 18.16 7.06 25.70
N PHE B 702 17.82 6.47 26.84
CA PHE B 702 16.88 5.34 26.91
C PHE B 702 15.74 5.62 27.93
N GLU B 703 14.68 4.83 27.81
CA GLU B 703 13.46 4.92 28.66
C GLU B 703 12.86 3.51 28.79
N THR B 704 12.19 3.23 29.90
CA THR B 704 11.50 1.94 30.08
C THR B 704 10.11 2.15 30.64
N TRP B 705 9.21 1.20 30.36
CA TRP B 705 7.90 1.18 30.98
C TRP B 705 7.55 -0.23 31.42
N LEU B 706 6.81 -0.32 32.53
CA LEU B 706 6.45 -1.59 33.15
C LEU B 706 5.00 -1.96 32.84
N ASP B 707 4.77 -3.19 32.37
CA ASP B 707 3.41 -3.65 32.08
C ASP B 707 2.77 -4.42 33.25
N GLY B 708 1.51 -4.87 33.06
CA GLY B 708 0.80 -5.66 34.05
C GLY B 708 1.29 -7.09 34.32
N HIS B 709 2.26 -7.56 33.54
CA HIS B 709 2.82 -8.90 33.67
C HIS B 709 4.20 -8.89 34.36
N ARG B 710 4.54 -7.76 34.99
CA ARG B 710 5.88 -7.54 35.53
C ARG B 710 7.04 -7.69 34.48
N LEU B 711 6.76 -7.23 33.25
CA LEU B 711 7.75 -7.15 32.18
C LEU B 711 8.07 -5.66 31.91
N PHE B 712 9.35 -5.33 31.96
CA PHE B 712 9.85 -4.02 31.49
C PHE B 712 10.07 -4.03 29.97
N HIS B 713 9.72 -2.92 29.31
CA HIS B 713 9.93 -2.72 27.87
C HIS B 713 10.95 -1.58 27.72
N LEU B 714 12.00 -1.77 26.93
CA LEU B 714 13.07 -0.77 26.78
C LEU B 714 13.04 -0.09 25.43
N ARG B 715 13.22 1.22 25.38
CA ARG B 715 13.16 2.02 24.13
C ARG B 715 14.29 3.04 24.09
N GLU B 716 14.74 3.38 22.88
CA GLU B 716 15.69 4.49 22.68
C GLU B 716 14.87 5.77 22.49
N VAL B 717 15.32 6.89 23.05
CA VAL B 717 14.60 8.20 22.89
C VAL B 717 15.43 9.28 22.21
N ALA C 2 36.20 5.84 11.88
CA ALA C 2 37.70 5.78 11.85
C ALA C 2 38.22 4.75 12.81
N TYR C 3 39.31 4.08 12.42
CA TYR C 3 40.05 3.25 13.35
C TYR C 3 41.20 4.13 13.88
N THR C 4 41.73 3.79 15.05
CA THR C 4 42.89 4.50 15.59
C THR C 4 44.12 4.23 14.76
N ARG C 5 45.10 5.12 14.86
CA ARG C 5 46.39 4.96 14.20
C ARG C 5 47.03 3.64 14.64
N SER C 6 46.96 3.32 15.95
CA SER C 6 47.51 2.06 16.49
C SER C 6 47.02 0.79 15.82
N LYS C 7 45.70 0.71 15.60
CA LYS C 7 45.10 -0.48 14.97
C LYS C 7 45.54 -0.63 13.50
N ILE C 8 45.66 0.50 12.80
CA ILE C 8 46.18 0.47 11.44
C ILE C 8 47.69 0.10 11.40
N VAL C 9 48.48 0.58 12.36
CA VAL C 9 49.84 0.07 12.55
C VAL C 9 49.86 -1.47 12.77
N ASP C 10 49.02 -1.97 13.67
CA ASP C 10 48.95 -3.45 13.93
C ASP C 10 48.52 -4.24 12.66
N LEU C 11 47.58 -3.68 11.90
CA LEU C 11 47.19 -4.26 10.59
C LEU C 11 48.39 -4.39 9.63
N VAL C 12 49.11 -3.29 9.41
CA VAL C 12 50.33 -3.27 8.56
C VAL C 12 51.40 -4.30 9.00
N ASP C 13 51.56 -4.46 10.32
CA ASP C 13 52.54 -5.39 10.88
C ASP C 13 52.05 -6.85 10.94
N GLY C 14 50.81 -7.14 10.57
CA GLY C 14 50.22 -8.48 10.75
C GLY C 14 50.03 -8.91 12.20
N LYS C 15 49.83 -7.96 13.11
CA LYS C 15 49.67 -8.24 14.55
C LYS C 15 48.30 -7.81 15.10
N ILE C 16 47.37 -7.48 14.21
CA ILE C 16 46.06 -6.97 14.64
C ILE C 16 45.25 -8.03 15.39
N ASP C 17 44.48 -7.62 16.39
CA ASP C 17 43.67 -8.55 17.18
C ASP C 17 42.44 -9.02 16.38
N PRO C 18 41.95 -10.23 16.67
CA PRO C 18 40.83 -10.80 15.89
C PRO C 18 39.50 -10.00 15.94
N ASP C 19 39.18 -9.33 17.05
CA ASP C 19 37.96 -8.51 17.14
C ASP C 19 38.02 -7.32 16.18
N THR C 20 39.13 -6.57 16.20
CA THR C 20 39.27 -5.42 15.32
C THR C 20 39.30 -5.87 13.82
N LEU C 21 40.00 -6.95 13.51
CA LEU C 21 40.04 -7.49 12.15
C LEU C 21 38.65 -7.85 11.63
N HIS C 22 37.84 -8.49 12.47
CA HIS C 22 36.47 -8.84 12.07
C HIS C 22 35.61 -7.60 11.89
N GLN C 23 35.80 -6.59 12.77
CA GLN C 23 35.09 -5.32 12.62
C GLN C 23 35.42 -4.65 11.27
N MET C 24 36.71 -4.61 10.94
CA MET C 24 37.19 -4.02 9.68
C MET C 24 36.54 -4.71 8.47
N LEU C 25 36.48 -6.06 8.52
CA LEU C 25 35.88 -6.85 7.43
C LEU C 25 34.36 -6.66 7.34
N SER C 26 33.67 -6.69 8.47
CA SER C 26 32.19 -6.82 8.46
C SER C 26 31.38 -5.51 8.53
N THR C 27 32.04 -4.36 8.66
CA THR C 27 31.35 -3.06 8.74
C THR C 27 31.84 -2.20 7.57
N PRO C 28 31.05 -1.17 7.19
CA PRO C 28 31.45 -0.27 6.08
C PRO C 28 32.85 0.34 6.28
N LYS C 29 33.60 0.54 5.21
CA LYS C 29 34.98 0.99 5.34
C LYS C 29 35.10 2.43 5.83
N ASP C 30 36.13 2.67 6.62
CA ASP C 30 36.56 4.01 6.99
C ASP C 30 37.20 4.76 5.79
N PRO C 31 36.58 5.86 5.31
CA PRO C 31 37.18 6.62 4.20
C PRO C 31 38.59 7.17 4.48
N GLU C 32 38.93 7.35 5.75
CA GLU C 32 40.21 7.90 6.17
C GLU C 32 41.37 6.90 6.03
N ARG C 33 41.08 5.63 5.72
CA ARG C 33 42.16 4.59 5.68
C ARG C 33 43.39 5.00 4.89
N PHE C 34 43.23 5.43 3.64
CA PHE C 34 44.41 5.71 2.76
C PHE C 34 45.39 6.72 3.35
N VAL C 35 44.88 7.87 3.79
CA VAL C 35 45.72 8.96 4.34
C VAL C 35 46.50 8.47 5.57
N THR C 36 45.85 7.75 6.48
CA THR C 36 46.54 7.20 7.66
C THR C 36 47.57 6.15 7.27
N TYR C 37 47.18 5.23 6.38
CA TYR C 37 48.06 4.14 5.88
C TYR C 37 49.37 4.68 5.28
N VAL C 38 49.25 5.63 4.37
CA VAL C 38 50.41 6.22 3.70
C VAL C 38 51.33 6.97 4.70
N GLU C 39 50.74 7.66 5.66
CA GLU C 39 51.52 8.33 6.68
C GLU C 39 52.37 7.32 7.53
N ILE C 40 51.78 6.17 7.85
CA ILE C 40 52.48 5.12 8.60
C ILE C 40 53.67 4.58 7.78
N LEU C 41 53.42 4.29 6.52
CA LEU C 41 54.48 3.82 5.63
C LEU C 41 55.59 4.86 5.45
N GLN C 42 55.20 6.12 5.29
CA GLN C 42 56.16 7.22 5.07
C GLN C 42 57.17 7.29 6.21
N GLU C 43 56.68 7.18 7.44
CA GLU C 43 57.52 7.23 8.65
C GLU C 43 58.54 6.08 8.70
N ARG C 44 58.30 4.96 8.04
CA ARG C 44 59.27 3.84 8.03
C ARG C 44 60.33 3.89 6.93
N MET C 45 60.21 4.79 5.96
CA MET C 45 61.16 4.79 4.83
C MET C 45 62.49 5.44 5.19
N PRO C 46 63.62 4.92 4.68
CA PRO C 46 64.91 5.57 4.87
C PRO C 46 65.20 6.77 3.94
N TRP C 47 64.18 7.33 3.28
CA TRP C 47 64.32 8.50 2.40
C TRP C 47 63.06 9.35 2.62
N ASP C 48 63.10 10.63 2.28
CA ASP C 48 61.93 11.52 2.59
C ASP C 48 61.05 11.89 1.39
N ASP C 49 61.38 11.40 0.20
CA ASP C 49 60.50 11.54 -0.96
C ASP C 49 59.09 10.99 -0.65
N LYS C 50 58.08 11.68 -1.16
CA LYS C 50 56.70 11.44 -0.77
C LYS C 50 56.08 10.23 -1.54
N ILE C 51 55.59 9.22 -0.79
CA ILE C 51 54.81 8.12 -1.34
C ILE C 51 53.50 8.66 -1.91
N ILE C 52 53.22 8.29 -3.15
CA ILE C 52 51.97 8.58 -3.85
C ILE C 52 51.01 7.37 -3.84
N LEU C 53 51.54 6.16 -4.02
CA LEU C 53 50.74 4.93 -4.01
C LEU C 53 51.58 3.66 -3.78
N PRO C 54 51.26 2.88 -2.74
CA PRO C 54 51.90 1.56 -2.57
C PRO C 54 51.54 0.49 -3.62
N LEU C 55 52.54 -0.14 -4.20
CA LEU C 55 52.38 -1.21 -5.18
C LEU C 55 52.61 -2.62 -4.62
N GLY C 56 53.36 -2.70 -3.53
CA GLY C 56 53.60 -3.94 -2.81
C GLY C 56 54.19 -3.64 -1.44
N PRO C 57 54.49 -4.66 -0.63
CA PRO C 57 55.00 -4.42 0.73
C PRO C 57 56.26 -3.54 0.79
N LYS C 58 57.11 -3.61 -0.25
CA LYS C 58 58.37 -2.86 -0.31
C LYS C 58 58.52 -2.14 -1.66
N LEU C 59 57.41 -1.78 -2.29
CA LEU C 59 57.44 -1.16 -3.64
C LEU C 59 56.40 -0.01 -3.75
N PHE C 60 56.80 1.14 -4.26
CA PHE C 60 56.03 2.39 -4.20
C PHE C 60 56.15 3.25 -5.46
N ILE C 61 55.07 3.94 -5.84
CA ILE C 61 55.16 5.13 -6.70
C ILE C 61 55.45 6.32 -5.77
N VAL C 62 56.53 7.05 -6.03
CA VAL C 62 56.92 8.21 -5.23
C VAL C 62 57.12 9.48 -6.07
N GLN C 63 56.99 10.62 -5.40
CA GLN C 63 57.35 11.92 -5.95
C GLN C 63 58.81 12.27 -5.53
N GLN C 64 59.69 12.44 -6.50
CA GLN C 64 61.09 12.87 -6.28
C GLN C 64 61.10 14.25 -5.62
N LYS C 65 61.84 14.39 -4.52
CA LYS C 65 61.87 15.60 -3.71
C LYS C 65 62.24 16.85 -4.52
N VAL C 66 63.27 16.76 -5.35
CA VAL C 66 63.74 17.93 -6.14
C VAL C 66 63.04 18.09 -7.52
N SER C 67 63.11 17.07 -8.39
CA SER C 67 62.58 17.19 -9.76
C SER C 67 61.04 17.16 -9.84
N LYS C 68 60.40 16.61 -8.80
CA LYS C 68 58.96 16.36 -8.77
C LYS C 68 58.47 15.33 -9.84
N LYS C 69 59.37 14.59 -10.48
CA LYS C 69 58.97 13.46 -11.33
C LYS C 69 58.49 12.31 -10.46
N TRP C 70 57.62 11.47 -11.00
CA TRP C 70 57.14 10.30 -10.27
C TRP C 70 57.80 9.02 -10.81
N THR C 71 58.34 8.20 -9.90
CA THR C 71 59.03 6.96 -10.23
C THR C 71 58.53 5.80 -9.41
N VAL C 72 58.79 4.58 -9.90
CA VAL C 72 58.61 3.36 -9.10
C VAL C 72 59.91 3.13 -8.30
N ARG C 73 59.76 2.98 -6.99
CA ARG C 73 60.89 2.87 -6.06
C ARG C 73 60.77 1.70 -5.05
N CYS C 74 61.87 0.98 -4.83
CA CYS C 74 62.00 -0.05 -3.79
C CYS C 74 62.20 0.63 -2.42
N GLU C 75 61.82 -0.05 -1.33
CA GLU C 75 62.11 0.44 0.03
C GLU C 75 63.57 0.86 0.24
N CYS C 76 64.51 0.14 -0.36
CA CYS C 76 65.94 0.42 -0.14
C CYS C 76 66.38 1.76 -0.78
N GLY C 77 65.60 2.32 -1.71
CA GLY C 77 65.93 3.58 -2.37
C GLY C 77 66.09 3.51 -3.89
N HIS C 78 66.22 2.31 -4.43
CA HIS C 78 66.42 2.15 -5.85
C HIS C 78 65.24 2.61 -6.70
N ASP C 79 65.47 3.50 -7.67
CA ASP C 79 64.45 3.88 -8.64
C ASP C 79 64.51 3.02 -9.93
N PHE C 80 63.43 2.35 -10.28
CA PHE C 80 63.39 1.51 -11.50
C PHE C 80 63.18 2.33 -12.78
N CYS C 81 62.16 3.21 -12.78
CA CYS C 81 61.63 3.81 -14.00
C CYS C 81 60.56 4.86 -13.71
N ASP C 82 60.17 5.61 -14.75
CA ASP C 82 58.99 6.50 -14.70
C ASP C 82 57.72 5.72 -14.28
N TRP C 83 56.83 6.37 -13.55
CA TRP C 83 55.61 5.71 -13.03
C TRP C 83 54.67 5.07 -14.08
N LYS C 84 54.71 5.53 -15.35
CA LYS C 84 53.87 4.96 -16.41
C LYS C 84 54.46 3.68 -17.08
N ASP C 85 55.75 3.43 -16.86
CA ASP C 85 56.45 2.30 -17.43
C ASP C 85 56.32 1.09 -16.49
N ASN C 86 56.63 -0.09 -17.02
CA ASN C 86 56.58 -1.33 -16.25
C ASN C 86 57.92 -1.53 -15.55
N TRP C 87 57.93 -1.40 -14.22
CA TRP C 87 59.16 -1.60 -13.42
C TRP C 87 59.91 -2.92 -13.72
N LYS C 88 59.17 -3.98 -14.06
CA LYS C 88 59.78 -5.29 -14.33
C LYS C 88 60.76 -5.28 -15.51
N LEU C 89 60.53 -4.43 -16.50
CA LEU C 89 61.42 -4.32 -17.63
C LEU C 89 62.81 -3.75 -17.25
N HIS C 90 62.91 -3.16 -16.05
CA HIS C 90 64.16 -2.59 -15.51
C HIS C 90 64.68 -3.35 -14.27
N ALA C 91 64.16 -4.55 -14.01
CA ALA C 91 64.53 -5.36 -12.85
C ALA C 91 65.52 -6.44 -13.28
N ARG C 92 65.88 -7.31 -12.33
CA ARG C 92 66.61 -8.56 -12.64
C ARG C 92 65.65 -9.75 -12.54
N VAL C 93 65.87 -10.79 -13.36
CA VAL C 93 64.99 -11.96 -13.37
C VAL C 93 65.76 -13.27 -13.24
N HIS C 94 65.19 -14.20 -12.47
CA HIS C 94 65.65 -15.61 -12.43
C HIS C 94 64.48 -16.48 -12.89
N VAL C 95 64.71 -17.26 -13.96
CA VAL C 95 63.64 -18.13 -14.50
C VAL C 95 63.89 -19.60 -14.15
N ARG C 96 62.94 -20.23 -13.44
CA ARG C 96 63.04 -21.65 -13.15
C ARG C 96 62.40 -22.37 -14.33
N ASP C 97 63.25 -22.89 -15.23
CA ASP C 97 62.81 -23.59 -16.45
C ASP C 97 63.41 -24.98 -16.63
N THR C 98 63.88 -25.57 -15.54
CA THR C 98 64.40 -26.94 -15.52
C THR C 98 63.85 -27.68 -14.29
N PRO C 99 63.81 -29.02 -14.32
CA PRO C 99 63.36 -29.76 -13.13
C PRO C 99 64.22 -29.50 -11.84
N GLN C 100 65.54 -29.39 -11.97
CA GLN C 100 66.39 -29.10 -10.79
C GLN C 100 65.96 -27.76 -10.14
N LYS C 101 65.73 -26.74 -10.96
CA LYS C 101 65.36 -25.44 -10.41
C LYS C 101 63.97 -25.47 -9.77
N MET C 102 63.02 -26.21 -10.35
CA MET C 102 61.69 -26.35 -9.74
C MET C 102 61.75 -27.11 -8.42
N GLU C 103 62.65 -28.10 -8.33
CA GLU C 103 62.75 -28.95 -7.13
C GLU C 103 63.42 -28.27 -5.94
N GLU C 104 64.09 -27.13 -6.17
CA GLU C 104 64.55 -26.27 -5.06
C GLU C 104 63.39 -25.75 -4.19
N ILE C 105 62.23 -25.52 -4.82
CA ILE C 105 61.09 -24.87 -4.17
C ILE C 105 59.79 -25.70 -4.01
N TYR C 106 59.73 -26.88 -4.65
CA TYR C 106 58.62 -27.86 -4.55
C TYR C 106 59.19 -29.28 -4.51
N PRO C 107 58.51 -30.23 -3.82
CA PRO C 107 58.86 -31.65 -4.00
C PRO C 107 58.67 -32.12 -5.45
N ARG C 108 59.52 -33.02 -5.94
CA ARG C 108 59.26 -33.72 -7.21
C ARG C 108 57.78 -34.25 -7.20
N LEU C 109 57.14 -34.25 -8.37
CA LEU C 109 55.70 -34.56 -8.56
C LEU C 109 54.70 -33.45 -8.17
N MET C 110 55.00 -32.71 -7.10
CA MET C 110 54.26 -31.48 -6.76
C MET C 110 54.73 -30.26 -7.58
N ALA C 111 55.93 -30.31 -8.11
CA ALA C 111 56.45 -29.29 -9.00
C ALA C 111 55.71 -29.21 -10.36
N PRO C 112 55.47 -28.00 -10.86
CA PRO C 112 55.12 -27.86 -12.27
C PRO C 112 56.19 -28.42 -13.23
N THR C 113 55.73 -28.85 -14.40
CA THR C 113 56.58 -29.30 -15.49
C THR C 113 57.00 -28.07 -16.37
N PRO C 114 58.32 -27.78 -16.47
CA PRO C 114 58.77 -26.52 -17.08
C PRO C 114 58.54 -26.37 -18.58
N SER C 115 58.30 -27.47 -19.33
CA SER C 115 57.92 -27.34 -20.75
C SER C 115 56.45 -26.85 -20.92
N TRP C 116 55.68 -26.84 -19.82
CA TRP C 116 54.32 -26.29 -19.75
C TRP C 116 54.20 -24.95 -19.00
N GLN C 117 54.91 -24.80 -17.88
CA GLN C 117 54.86 -23.60 -17.03
C GLN C 117 56.23 -23.34 -16.39
N VAL C 118 56.68 -22.07 -16.42
CA VAL C 118 57.91 -21.67 -15.78
C VAL C 118 57.59 -20.70 -14.63
N ILE C 119 58.53 -20.49 -13.71
CA ILE C 119 58.40 -19.54 -12.60
C ILE C 119 59.45 -18.46 -12.83
N ARG C 120 59.01 -17.21 -12.86
CA ARG C 120 59.88 -16.04 -13.17
C ARG C 120 59.90 -15.10 -11.96
N GLU C 121 61.08 -15.01 -11.31
CA GLU C 121 61.28 -14.23 -10.06
C GLU C 121 61.93 -12.86 -10.40
N TYR C 122 61.30 -11.74 -10.00
CA TYR C 122 61.75 -10.39 -10.29
C TYR C 122 62.28 -9.70 -9.04
N PHE C 123 63.55 -9.27 -9.10
CA PHE C 123 64.31 -8.70 -7.95
C PHE C 123 64.69 -7.24 -8.14
N CYS C 124 64.77 -6.50 -7.03
CA CYS C 124 65.49 -5.25 -6.99
C CYS C 124 66.99 -5.51 -7.19
N PRO C 125 67.63 -4.76 -8.09
CA PRO C 125 69.07 -4.97 -8.32
C PRO C 125 70.01 -4.49 -7.20
N GLU C 126 69.53 -3.73 -6.23
CA GLU C 126 70.37 -3.27 -5.13
C GLU C 126 70.33 -4.17 -3.90
N CYS C 127 69.14 -4.54 -3.42
CA CYS C 127 69.01 -5.26 -2.17
C CYS C 127 68.55 -6.74 -2.32
N GLY C 128 68.16 -7.16 -3.53
CA GLY C 128 67.74 -8.54 -3.75
C GLY C 128 66.36 -8.91 -3.18
N THR C 129 65.56 -7.91 -2.84
CA THR C 129 64.18 -8.12 -2.48
C THR C 129 63.40 -8.71 -3.70
N LEU C 130 62.56 -9.72 -3.40
CA LEU C 130 61.70 -10.35 -4.42
C LEU C 130 60.37 -9.59 -4.41
N HIS C 131 60.09 -8.84 -5.49
CA HIS C 131 58.86 -8.03 -5.59
C HIS C 131 57.68 -8.71 -6.31
N ASP C 132 57.99 -9.67 -7.19
CA ASP C 132 56.93 -10.40 -7.90
C ASP C 132 57.40 -11.74 -8.45
N VAL C 133 56.46 -12.69 -8.50
CA VAL C 133 56.69 -14.00 -9.13
C VAL C 133 55.59 -14.28 -10.14
N GLU C 134 55.94 -14.34 -11.42
CA GLU C 134 55.03 -14.73 -12.51
C GLU C 134 55.13 -16.26 -12.74
N ALA C 135 54.04 -16.88 -13.17
CA ALA C 135 54.02 -18.31 -13.50
C ALA C 135 53.29 -18.64 -14.83
N PRO C 136 53.79 -18.11 -15.96
CA PRO C 136 53.14 -18.37 -17.25
C PRO C 136 53.80 -19.51 -18.06
N THR C 137 53.35 -19.70 -19.31
CA THR C 137 54.02 -20.58 -20.26
C THR C 137 55.39 -20.02 -20.74
N PRO C 138 56.25 -20.89 -21.30
CA PRO C 138 57.30 -20.41 -22.20
C PRO C 138 56.78 -19.37 -23.22
N TRP C 139 57.61 -18.38 -23.57
CA TRP C 139 57.33 -17.33 -24.58
C TRP C 139 56.41 -16.18 -24.12
N TYR C 140 55.87 -16.23 -22.89
CA TYR C 140 54.80 -15.28 -22.53
C TYR C 140 55.40 -13.89 -22.29
N PRO C 141 54.74 -12.84 -22.79
CA PRO C 141 55.24 -11.47 -22.45
C PRO C 141 55.35 -11.21 -20.92
N VAL C 142 56.25 -10.31 -20.55
CA VAL C 142 56.34 -9.79 -19.18
C VAL C 142 55.04 -8.99 -18.94
N ILE C 143 54.38 -9.20 -17.81
CA ILE C 143 53.09 -8.57 -17.56
C ILE C 143 53.24 -7.20 -16.89
N HIS C 144 52.48 -6.22 -17.40
CA HIS C 144 52.43 -4.86 -16.87
C HIS C 144 51.20 -4.84 -15.98
N ASP C 145 51.40 -5.07 -14.68
CA ASP C 145 50.32 -5.47 -13.78
C ASP C 145 49.22 -4.41 -13.53
N PHE C 146 49.59 -3.15 -13.43
CA PHE C 146 48.67 -2.11 -12.91
C PHE C 146 49.09 -0.72 -13.40
N SER C 147 48.19 -0.05 -14.12
CA SER C 147 48.30 1.37 -14.51
C SER C 147 47.18 2.16 -13.76
N PRO C 148 47.51 2.72 -12.56
CA PRO C 148 46.51 3.44 -11.77
C PRO C 148 46.15 4.80 -12.34
N ASP C 149 44.85 5.14 -12.29
CA ASP C 149 44.37 6.49 -12.60
C ASP C 149 44.50 7.34 -11.29
N ILE C 150 45.71 7.83 -11.04
CA ILE C 150 46.01 8.52 -9.78
C ILE C 150 45.27 9.87 -9.66
N GLU C 151 45.17 10.59 -10.78
CA GLU C 151 44.40 11.84 -10.81
C GLU C 151 42.94 11.63 -10.39
N GLY C 152 42.29 10.65 -11.02
CA GLY C 152 40.91 10.29 -10.68
C GLY C 152 40.74 9.84 -9.24
N PHE C 153 41.68 9.00 -8.75
CA PHE C 153 41.64 8.50 -7.38
C PHE C 153 41.70 9.63 -6.35
N TYR C 154 42.70 10.52 -6.49
CA TYR C 154 42.89 11.59 -5.52
C TYR C 154 41.74 12.61 -5.59
N GLN C 155 41.46 13.16 -6.78
CA GLN C 155 40.50 14.28 -6.90
C GLN C 155 39.06 13.88 -6.69
N GLU C 156 38.63 12.77 -7.29
CA GLU C 156 37.21 12.38 -7.26
C GLU C 156 36.82 11.45 -6.15
N TRP C 157 37.66 10.51 -5.76
CA TRP C 157 37.28 9.53 -4.73
C TRP C 157 37.74 9.96 -3.35
N LEU C 158 38.98 10.42 -3.21
CA LEU C 158 39.47 10.91 -1.90
C LEU C 158 39.18 12.40 -1.64
N GLY C 159 38.93 13.21 -2.68
CA GLY C 159 38.70 14.64 -2.49
C GLY C 159 39.95 15.42 -2.09
N LEU C 160 41.10 15.01 -2.61
CA LEU C 160 42.39 15.66 -2.35
C LEU C 160 42.96 16.15 -3.67
N PRO C 161 43.78 17.23 -3.67
CA PRO C 161 44.42 17.59 -4.94
C PRO C 161 45.46 16.56 -5.32
N VAL C 162 45.79 16.52 -6.59
CA VAL C 162 46.80 15.61 -7.12
C VAL C 162 48.16 16.19 -6.68
N PRO C 163 49.05 15.35 -6.19
CA PRO C 163 50.38 15.92 -5.84
C PRO C 163 51.10 16.47 -7.07
N GLU C 164 51.98 17.45 -6.82
CA GLU C 164 52.77 18.08 -7.89
C GLU C 164 53.52 17.03 -8.70
N ARG C 165 53.57 17.24 -10.00
CA ARG C 165 54.24 16.35 -10.90
C ARG C 165 54.89 17.06 -12.07
N ALA C 166 56.16 16.74 -12.34
CA ALA C 166 56.81 17.05 -13.60
C ALA C 166 56.71 15.82 -14.48
N ARG D 15 -14.00 -44.77 -14.93
CA ARG D 15 -14.35 -45.46 -16.22
C ARG D 15 -13.07 -45.64 -17.03
N GLY D 16 -12.81 -46.84 -17.50
CA GLY D 16 -11.68 -47.08 -18.37
C GLY D 16 -11.92 -46.53 -19.78
N ILE D 17 -10.84 -46.21 -20.48
CA ILE D 17 -10.93 -45.53 -21.78
C ILE D 17 -11.24 -46.42 -22.98
N VAL D 18 -11.05 -47.74 -22.87
CA VAL D 18 -11.34 -48.63 -24.02
C VAL D 18 -12.85 -48.64 -24.27
N ARG D 19 -13.24 -48.75 -25.54
CA ARG D 19 -14.67 -48.92 -25.88
C ARG D 19 -15.33 -50.02 -25.02
N GLY D 20 -16.45 -49.69 -24.37
CA GLY D 20 -17.13 -50.59 -23.44
C GLY D 20 -16.84 -50.30 -21.96
N GLY D 21 -15.75 -49.57 -21.66
CA GLY D 21 -15.46 -49.12 -20.29
C GLY D 21 -14.35 -49.83 -19.54
N GLU D 22 -13.74 -50.86 -20.12
CA GLU D 22 -12.55 -51.44 -19.53
C GLU D 22 -11.37 -50.46 -19.58
N THR D 23 -10.51 -50.48 -18.57
CA THR D 23 -9.17 -49.89 -18.73
C THR D 23 -8.34 -50.65 -19.78
N LEU D 24 -7.30 -50.00 -20.30
CA LEU D 24 -6.35 -50.67 -21.20
C LEU D 24 -5.82 -52.00 -20.62
N LYS D 25 -5.41 -51.99 -19.35
CA LYS D 25 -4.86 -53.18 -18.70
C LYS D 25 -5.92 -54.27 -18.48
N GLU D 26 -7.13 -53.89 -18.03
CA GLU D 26 -8.24 -54.84 -17.86
C GLU D 26 -8.56 -55.55 -19.19
N HIS D 27 -8.61 -54.76 -20.27
CA HIS D 27 -8.91 -55.25 -21.60
C HIS D 27 -7.86 -56.27 -22.10
N ARG D 28 -6.60 -55.87 -22.08
CA ARG D 28 -5.52 -56.78 -22.48
C ARG D 28 -5.46 -58.04 -21.60
N ASP D 29 -5.54 -57.89 -20.28
CA ASP D 29 -5.46 -59.05 -19.38
C ASP D 29 -6.58 -60.11 -19.66
N ARG D 30 -7.80 -59.63 -19.97
CA ARG D 30 -8.93 -60.51 -20.31
C ARG D 30 -8.62 -61.29 -21.60
N LEU D 31 -8.12 -60.59 -22.60
CA LEU D 31 -7.76 -61.23 -23.87
C LEU D 31 -6.60 -62.23 -23.76
N MET D 32 -5.58 -61.90 -22.98
CA MET D 32 -4.44 -62.82 -22.81
C MET D 32 -4.83 -64.07 -22.03
N ALA D 33 -5.71 -63.92 -21.02
CA ALA D 33 -6.20 -65.07 -20.23
C ALA D 33 -7.01 -66.05 -21.09
N ALA D 34 -7.85 -65.51 -21.98
CA ALA D 34 -8.66 -66.35 -22.90
C ALA D 34 -7.76 -67.04 -23.95
N THR D 35 -6.72 -66.35 -24.42
CA THR D 35 -5.72 -66.94 -25.32
C THR D 35 -5.02 -68.13 -24.66
N LYS D 36 -4.59 -67.96 -23.43
CA LYS D 36 -3.96 -69.03 -22.67
C LYS D 36 -4.90 -70.21 -22.37
N ALA D 37 -6.13 -69.94 -21.99
CA ALA D 37 -7.10 -71.00 -21.68
C ALA D 37 -7.57 -71.84 -22.87
N THR D 38 -7.73 -71.22 -24.03
CA THR D 38 -8.30 -71.88 -25.20
C THR D 38 -7.29 -72.24 -26.29
N GLY D 39 -6.11 -71.65 -26.30
CA GLY D 39 -5.21 -71.79 -27.44
C GLY D 39 -5.58 -71.00 -28.68
N ARG D 40 -6.63 -70.19 -28.64
CA ARG D 40 -7.00 -69.32 -29.77
C ARG D 40 -6.88 -67.86 -29.36
N TYR D 41 -6.43 -66.99 -30.25
CA TYR D 41 -6.33 -65.56 -29.89
C TYR D 41 -7.68 -65.00 -29.38
N ALA D 42 -7.64 -64.39 -28.20
CA ALA D 42 -8.79 -63.78 -27.56
C ALA D 42 -9.95 -64.74 -27.24
N GLY D 43 -9.70 -66.05 -27.21
CA GLY D 43 -10.76 -67.06 -27.06
C GLY D 43 -11.73 -67.22 -28.21
N LEU D 44 -11.37 -66.72 -29.40
CA LEU D 44 -12.25 -66.78 -30.58
C LEU D 44 -12.28 -68.19 -31.20
N LYS D 45 -13.25 -68.98 -30.77
CA LYS D 45 -13.46 -70.35 -31.33
C LYS D 45 -14.10 -70.37 -32.71
N THR D 46 -14.86 -69.32 -33.03
CA THR D 46 -15.34 -69.08 -34.36
C THR D 46 -15.04 -67.62 -34.69
N LEU D 47 -15.04 -67.32 -35.97
CA LEU D 47 -14.88 -65.94 -36.47
C LEU D 47 -16.20 -65.46 -37.14
N GLU D 48 -17.08 -64.84 -36.35
CA GLU D 48 -18.45 -64.53 -36.82
C GLU D 48 -18.52 -63.63 -38.05
N LEU D 49 -17.76 -62.55 -38.04
CA LEU D 49 -17.75 -61.66 -39.19
C LEU D 49 -17.23 -62.38 -40.43
N ARG D 50 -16.08 -63.04 -40.30
CA ARG D 50 -15.50 -63.76 -41.43
C ARG D 50 -16.43 -64.83 -42.02
N GLU D 51 -17.07 -65.60 -41.14
CA GLU D 51 -17.87 -66.74 -41.56
C GLU D 51 -19.27 -66.31 -42.04
N ARG D 52 -19.92 -65.39 -41.34
CA ARG D 52 -21.31 -64.95 -41.63
C ARG D 52 -21.41 -63.74 -42.55
N GLU D 53 -20.38 -62.89 -42.61
CA GLU D 53 -20.39 -61.71 -43.47
C GLU D 53 -19.09 -61.60 -44.29
N PRO D 54 -18.79 -62.62 -45.10
CA PRO D 54 -17.49 -62.67 -45.83
C PRO D 54 -17.22 -61.49 -46.76
N ILE D 55 -18.28 -60.93 -47.36
CA ILE D 55 -18.12 -59.80 -48.27
C ILE D 55 -17.66 -58.56 -47.50
N LEU D 56 -18.32 -58.27 -46.37
CA LEU D 56 -17.89 -57.16 -45.51
C LEU D 56 -16.49 -57.36 -44.88
N TYR D 57 -16.18 -58.58 -44.44
CA TYR D 57 -14.84 -58.90 -43.93
C TYR D 57 -13.75 -58.56 -44.98
N ASN D 58 -13.97 -58.98 -46.22
CA ASN D 58 -13.03 -58.73 -47.31
C ASN D 58 -12.95 -57.24 -47.67
N LYS D 59 -14.06 -56.53 -47.59
CA LYS D 59 -14.04 -55.09 -47.89
C LYS D 59 -13.22 -54.30 -46.85
N LEU D 60 -13.36 -54.65 -45.56
CA LEU D 60 -12.56 -54.02 -44.50
C LEU D 60 -11.08 -54.36 -44.73
N PHE D 61 -10.79 -55.64 -45.05
CA PHE D 61 -9.40 -56.05 -45.34
C PHE D 61 -8.77 -55.20 -46.48
N SER D 62 -9.50 -55.11 -47.57
CA SER D 62 -9.06 -54.44 -48.78
C SER D 62 -8.82 -52.95 -48.53
N ARG D 63 -9.79 -52.26 -47.92
CA ARG D 63 -9.66 -50.83 -47.69
C ARG D 63 -8.52 -50.47 -46.71
N LEU D 64 -8.40 -51.23 -45.63
CA LEU D 64 -7.42 -50.95 -44.60
C LEU D 64 -5.99 -51.36 -45.01
N ARG D 65 -5.85 -52.50 -45.70
CA ARG D 65 -4.54 -52.89 -46.21
C ARG D 65 -4.05 -51.86 -47.27
N ALA D 66 -4.94 -51.45 -48.17
CA ALA D 66 -4.61 -50.40 -49.13
C ALA D 66 -4.24 -49.06 -48.44
N GLY D 67 -4.96 -48.74 -47.37
CA GLY D 67 -4.64 -47.54 -46.57
C GLY D 67 -3.25 -47.52 -45.95
N VAL D 68 -2.85 -48.61 -45.28
CA VAL D 68 -1.48 -48.68 -44.73
C VAL D 68 -0.38 -48.73 -45.81
N VAL D 69 -0.64 -49.42 -46.93
CA VAL D 69 0.31 -49.45 -48.06
C VAL D 69 0.47 -48.02 -48.63
N ASP D 70 -0.66 -47.33 -48.81
CA ASP D 70 -0.67 -45.97 -49.34
C ASP D 70 0.02 -44.96 -48.40
N ALA D 71 -0.13 -45.11 -47.10
CA ALA D 71 0.55 -44.24 -46.15
C ALA D 71 2.10 -44.32 -46.33
N ARG D 72 2.63 -45.54 -46.43
CA ARG D 72 4.05 -45.70 -46.67
C ARG D 72 4.52 -45.10 -48.00
N GLU D 73 3.82 -45.45 -49.06
CA GLU D 73 4.16 -44.99 -50.42
C GLU D 73 4.13 -43.47 -50.58
N THR D 74 3.14 -42.84 -49.96
CA THR D 74 2.94 -41.38 -50.04
C THR D 74 3.79 -40.57 -49.04
N ALA D 75 3.76 -40.95 -47.77
CA ALA D 75 4.48 -40.16 -46.74
C ALA D 75 5.98 -40.18 -46.93
N LYS D 76 6.57 -41.21 -47.53
CA LYS D 76 8.04 -41.24 -47.71
C LYS D 76 8.56 -40.08 -48.58
N LYS D 77 7.70 -39.49 -49.40
CA LYS D 77 8.07 -38.35 -50.23
C LYS D 77 8.30 -37.05 -49.49
N ILE D 78 8.02 -37.03 -48.18
CA ILE D 78 8.33 -35.92 -47.29
C ILE D 78 9.83 -35.84 -46.93
N ALA D 79 10.50 -37.00 -46.87
CA ALA D 79 11.82 -37.09 -46.27
C ALA D 79 12.95 -36.50 -47.11
N ALA D 80 13.97 -35.96 -46.43
CA ALA D 80 15.24 -35.53 -47.09
C ALA D 80 16.26 -36.63 -47.15
N SER D 81 16.20 -37.56 -46.21
CA SER D 81 17.11 -38.69 -46.14
C SER D 81 16.76 -39.78 -47.17
N PRO D 82 17.73 -40.16 -48.04
CA PRO D 82 17.45 -41.20 -49.04
C PRO D 82 17.11 -42.58 -48.43
N ILE D 83 17.54 -42.83 -47.20
CA ILE D 83 17.20 -44.05 -46.47
C ILE D 83 15.68 -44.26 -46.42
N VAL D 84 14.95 -43.16 -46.16
CA VAL D 84 13.49 -43.17 -46.12
C VAL D 84 12.86 -42.94 -47.51
N GLU D 85 13.29 -41.85 -48.17
CA GLU D 85 12.66 -41.41 -49.42
C GLU D 85 12.83 -42.34 -50.62
N GLN D 86 14.02 -42.90 -50.80
CA GLN D 86 14.28 -43.79 -51.95
C GLN D 86 14.27 -45.26 -51.54
N GLU D 87 15.08 -45.63 -50.57
CA GLU D 87 15.15 -47.05 -50.09
C GLU D 87 13.85 -47.56 -49.41
N GLY D 88 13.04 -46.70 -48.85
CA GLY D 88 11.80 -47.10 -48.22
C GLY D 88 11.97 -47.81 -46.89
N GLU D 89 12.97 -47.42 -46.10
CA GLU D 89 13.19 -47.99 -44.75
C GLU D 89 12.28 -47.29 -43.74
N LEU D 90 10.97 -47.57 -43.89
CA LEU D 90 9.90 -47.08 -43.01
C LEU D 90 8.77 -48.10 -43.04
N CYS D 91 7.84 -47.96 -42.10
CA CYS D 91 6.69 -48.88 -41.96
C CYS D 91 5.58 -48.24 -41.17
N PHE D 92 4.33 -48.50 -41.59
CA PHE D 92 3.13 -48.08 -40.85
C PHE D 92 2.23 -49.28 -40.55
N THR D 93 1.73 -49.32 -39.31
CA THR D 93 1.03 -50.48 -38.80
C THR D 93 -0.23 -50.06 -38.00
N LEU D 94 -1.33 -50.79 -38.23
CA LEU D 94 -2.62 -50.57 -37.53
C LEU D 94 -2.78 -51.60 -36.39
N TYR D 95 -3.07 -51.14 -35.17
CA TYR D 95 -3.23 -52.00 -33.98
C TYR D 95 -4.66 -51.93 -33.39
N ASN D 96 -5.10 -53.04 -32.77
CA ASN D 96 -6.29 -53.05 -31.92
C ASN D 96 -5.95 -52.42 -30.52
N ALA D 97 -6.96 -52.23 -29.67
CA ALA D 97 -6.79 -51.53 -28.41
C ALA D 97 -5.77 -52.18 -27.48
N ALA D 98 -5.62 -53.51 -27.58
CA ALA D 98 -4.68 -54.28 -26.77
C ALA D 98 -3.24 -54.25 -27.28
N GLY D 99 -2.97 -53.48 -28.36
CA GLY D 99 -1.62 -53.41 -28.94
C GLY D 99 -1.21 -54.56 -29.89
N ASP D 100 -2.15 -55.40 -30.30
CA ASP D 100 -1.88 -56.42 -31.30
C ASP D 100 -2.14 -55.90 -32.74
N SER D 101 -1.22 -56.14 -33.66
CA SER D 101 -1.35 -55.63 -35.03
C SER D 101 -2.39 -56.42 -35.81
N LEU D 102 -3.18 -55.70 -36.60
CA LEU D 102 -4.16 -56.26 -37.54
C LEU D 102 -3.65 -56.33 -38.98
N LEU D 103 -3.03 -55.25 -39.46
CA LEU D 103 -2.52 -55.09 -40.84
C LEU D 103 -1.31 -54.15 -40.84
N THR D 104 -0.46 -54.29 -41.86
CA THR D 104 0.74 -53.49 -41.96
C THR D 104 1.12 -53.22 -43.42
N SER D 105 1.79 -52.09 -43.67
CA SER D 105 2.53 -51.92 -44.93
C SER D 105 3.70 -52.93 -44.96
N THR D 106 4.38 -53.05 -46.10
CA THR D 106 5.66 -53.77 -46.17
C THR D 106 6.76 -52.80 -45.70
N GLY D 107 8.03 -53.10 -45.99
CA GLY D 107 9.16 -52.30 -45.51
C GLY D 107 9.80 -52.92 -44.28
N ILE D 108 10.17 -52.10 -43.27
CA ILE D 108 10.90 -52.59 -42.10
C ILE D 108 9.95 -53.14 -41.03
N ILE D 109 9.37 -54.29 -41.34
CA ILE D 109 8.22 -54.82 -40.61
C ILE D 109 8.61 -55.54 -39.32
N ILE D 110 9.88 -55.59 -38.96
CA ILE D 110 10.28 -55.98 -37.60
C ILE D 110 9.58 -55.08 -36.57
N HIS D 111 9.25 -53.85 -36.97
CA HIS D 111 8.64 -52.90 -36.06
C HIS D 111 7.14 -53.08 -35.84
N VAL D 112 6.53 -54.01 -36.59
CA VAL D 112 5.18 -54.48 -36.23
C VAL D 112 5.22 -54.95 -34.75
N GLY D 113 6.19 -55.78 -34.42
CA GLY D 113 6.40 -56.28 -33.05
C GLY D 113 6.94 -55.27 -32.07
N THR D 114 7.96 -54.48 -32.45
CA THR D 114 8.56 -53.49 -31.50
C THR D 114 7.55 -52.39 -31.08
N MET D 115 6.78 -51.86 -32.01
CA MET D 115 5.80 -50.79 -31.69
C MET D 115 4.63 -51.33 -30.88
N GLY D 116 4.19 -52.56 -31.17
CA GLY D 116 3.16 -53.22 -30.33
C GLY D 116 3.65 -53.46 -28.90
N ALA D 117 4.91 -53.87 -28.75
CA ALA D 117 5.49 -54.08 -27.42
C ALA D 117 5.62 -52.73 -26.66
N ALA D 118 5.87 -51.62 -27.36
CA ALA D 118 5.87 -50.30 -26.72
C ALA D 118 4.47 -49.91 -26.24
N ILE D 119 3.46 -50.15 -27.07
CA ILE D 119 2.06 -49.94 -26.65
C ILE D 119 1.74 -50.80 -25.41
N LYS D 120 2.15 -52.07 -25.42
CA LYS D 120 1.89 -52.95 -24.26
C LYS D 120 2.62 -52.47 -22.98
N TYR D 121 3.81 -51.89 -23.12
CA TYR D 121 4.50 -51.26 -21.96
C TYR D 121 3.66 -50.13 -21.36
N MET D 122 3.10 -49.26 -22.21
CA MET D 122 2.19 -48.20 -21.74
C MET D 122 0.96 -48.78 -21.03
N ILE D 123 0.40 -49.84 -21.60
CA ILE D 123 -0.76 -50.54 -21.00
C ILE D 123 -0.39 -51.05 -19.59
N GLU D 124 0.71 -51.77 -19.51
CA GLU D 124 1.12 -52.46 -18.30
C GLU D 124 1.66 -51.53 -17.20
N ASN D 125 2.10 -50.32 -17.56
CA ASN D 125 2.63 -49.37 -16.58
C ASN D 125 1.70 -48.17 -16.27
N ASN D 126 0.42 -48.30 -16.66
CA ASN D 126 -0.61 -47.33 -16.27
C ASN D 126 -0.37 -45.90 -16.80
N TRP D 127 0.07 -45.83 -18.06
CA TRP D 127 0.03 -44.57 -18.81
C TRP D 127 -1.39 -43.97 -18.83
N GLU D 128 -2.41 -44.80 -18.75
CA GLU D 128 -3.81 -44.32 -18.73
C GLU D 128 -4.07 -43.33 -17.59
N ALA D 129 -3.53 -43.59 -16.39
CA ALA D 129 -3.72 -42.69 -15.27
C ALA D 129 -2.74 -41.52 -15.27
N ASN D 130 -1.50 -41.72 -15.77
CA ASN D 130 -0.50 -40.63 -15.88
C ASN D 130 0.57 -41.11 -16.89
N PRO D 131 0.83 -40.37 -17.98
CA PRO D 131 0.36 -38.99 -18.23
C PRO D 131 -1.01 -38.84 -18.90
N GLY D 132 -1.75 -39.95 -19.01
CA GLY D 132 -3.05 -39.97 -19.72
C GLY D 132 -2.89 -40.27 -21.21
N VAL D 133 -3.89 -40.89 -21.82
CA VAL D 133 -3.91 -41.22 -23.25
C VAL D 133 -5.19 -40.58 -23.81
N HIS D 134 -5.02 -39.48 -24.53
CA HIS D 134 -6.11 -38.63 -24.97
C HIS D 134 -6.16 -38.50 -26.49
N ASP D 135 -7.38 -38.31 -26.99
CA ASP D 135 -7.58 -38.09 -28.42
C ASP D 135 -6.69 -36.91 -28.89
N LYS D 136 -5.99 -37.12 -30.01
CA LYS D 136 -5.06 -36.17 -30.65
C LYS D 136 -3.66 -36.03 -29.95
N ASP D 137 -3.39 -36.88 -28.94
CA ASP D 137 -2.06 -36.99 -28.40
C ASP D 137 -1.09 -37.55 -29.43
N ILE D 138 0.20 -37.21 -29.27
CA ILE D 138 1.30 -37.81 -30.05
C ILE D 138 2.36 -38.36 -29.09
N PHE D 139 2.67 -39.65 -29.22
CA PHE D 139 3.74 -40.31 -28.46
C PHE D 139 4.96 -40.58 -29.37
N CYS D 140 6.15 -40.50 -28.81
CA CYS D 140 7.37 -40.87 -29.51
C CYS D 140 8.15 -41.85 -28.65
N ASN D 141 8.82 -42.81 -29.29
CA ASN D 141 9.54 -43.88 -28.55
C ASN D 141 10.65 -44.50 -29.40
N ASN D 142 11.78 -44.85 -28.76
CA ASN D 142 12.80 -45.69 -29.38
C ASN D 142 13.57 -46.61 -28.41
N ASP D 143 13.05 -46.83 -27.21
CA ASP D 143 13.82 -47.40 -26.10
C ASP D 143 14.05 -48.93 -26.30
N SER D 144 15.30 -49.34 -26.54
CA SER D 144 15.60 -50.76 -26.68
C SER D 144 15.42 -51.60 -25.40
N LEU D 145 15.39 -51.00 -24.22
CA LEU D 145 15.12 -51.77 -22.97
C LEU D 145 13.69 -52.30 -22.90
N ILE D 146 12.76 -51.74 -23.68
CA ILE D 146 11.39 -52.26 -23.75
C ILE D 146 11.09 -52.93 -25.10
N GLY D 147 12.13 -53.17 -25.91
CA GLY D 147 12.02 -54.05 -27.06
C GLY D 147 12.49 -53.61 -28.42
N ASN D 148 12.83 -52.33 -28.60
CA ASN D 148 13.23 -51.80 -29.92
C ASN D 148 14.59 -52.38 -30.42
N VAL D 149 14.80 -52.33 -31.74
CA VAL D 149 16.02 -52.82 -32.37
C VAL D 149 17.24 -52.01 -31.93
N HIS D 150 17.13 -50.69 -32.09
CA HIS D 150 18.21 -49.75 -31.76
C HIS D 150 17.66 -48.32 -31.76
N PRO D 151 18.40 -47.37 -31.17
CA PRO D 151 17.91 -46.00 -31.08
C PRO D 151 17.57 -45.29 -32.41
N CYS D 152 18.26 -45.61 -33.50
CA CYS D 152 17.96 -44.99 -34.79
C CYS D 152 16.60 -45.34 -35.44
N ASP D 153 15.89 -46.34 -34.93
CA ASP D 153 14.53 -46.59 -35.38
C ASP D 153 13.54 -45.88 -34.47
N ILE D 154 13.06 -44.72 -34.93
CA ILE D 154 12.18 -43.90 -34.13
C ILE D 154 10.72 -44.20 -34.43
N HIS D 155 9.95 -44.45 -33.37
CA HIS D 155 8.48 -44.66 -33.46
C HIS D 155 7.69 -43.39 -33.11
N THR D 156 6.63 -43.11 -33.90
CA THR D 156 5.56 -42.18 -33.54
C THR D 156 4.29 -43.02 -33.41
N ILE D 157 3.62 -42.90 -32.27
CA ILE D 157 2.42 -43.69 -31.93
C ILE D 157 1.23 -42.74 -31.56
N VAL D 158 0.10 -42.92 -32.26
CA VAL D 158 -1.09 -42.10 -32.08
C VAL D 158 -2.29 -42.99 -31.74
N PRO D 159 -3.00 -42.69 -30.64
CA PRO D 159 -4.24 -43.45 -30.33
C PRO D 159 -5.36 -43.07 -31.27
N ILE D 160 -6.26 -44.02 -31.52
CA ILE D 160 -7.45 -43.80 -32.35
C ILE D 160 -8.70 -43.93 -31.50
N PHE D 161 -9.54 -42.87 -31.53
CA PHE D 161 -10.78 -42.77 -30.72
C PHE D 161 -12.03 -42.79 -31.62
N TRP D 162 -13.11 -43.34 -31.09
CA TRP D 162 -14.42 -43.29 -31.72
C TRP D 162 -15.44 -42.94 -30.64
N GLU D 163 -16.14 -41.83 -30.84
CA GLU D 163 -17.14 -41.33 -29.87
C GLU D 163 -16.61 -41.29 -28.44
N GLY D 164 -15.40 -40.77 -28.30
CA GLY D 164 -14.80 -40.56 -26.99
C GLY D 164 -14.17 -41.77 -26.31
N GLU D 165 -14.11 -42.93 -26.97
CA GLU D 165 -13.47 -44.11 -26.43
C GLU D 165 -12.37 -44.64 -27.37
N LEU D 166 -11.37 -45.31 -26.82
CA LEU D 166 -10.22 -45.78 -27.60
C LEU D 166 -10.57 -47.08 -28.30
N ILE D 167 -10.31 -47.13 -29.59
CA ILE D 167 -10.58 -48.32 -30.40
C ILE D 167 -9.35 -48.92 -31.09
N GLY D 168 -8.19 -48.30 -30.93
CA GLY D 168 -6.97 -48.78 -31.60
C GLY D 168 -5.83 -47.78 -31.50
N TRP D 169 -4.75 -48.11 -32.20
CA TRP D 169 -3.57 -47.25 -32.28
C TRP D 169 -2.97 -47.37 -33.69
N VAL D 170 -2.22 -46.37 -34.12
CA VAL D 170 -1.39 -46.47 -35.32
C VAL D 170 0.05 -46.14 -34.98
N GLY D 171 0.97 -46.96 -35.49
CA GLY D 171 2.39 -46.72 -35.30
C GLY D 171 3.09 -46.48 -36.63
N GLY D 172 4.01 -45.52 -36.66
CA GLY D 172 4.88 -45.28 -37.80
C GLY D 172 6.35 -45.20 -37.39
N VAL D 173 7.22 -45.86 -38.13
CA VAL D 173 8.66 -45.91 -37.84
C VAL D 173 9.47 -45.47 -39.04
N THR D 174 10.55 -44.71 -38.80
CA THR D 174 11.59 -44.43 -39.79
C THR D 174 12.96 -44.72 -39.19
N HIS D 175 13.83 -45.33 -39.98
CA HIS D 175 15.26 -45.38 -39.64
C HIS D 175 15.90 -44.01 -39.91
N VAL D 176 16.36 -43.31 -38.86
CA VAL D 176 17.04 -41.98 -39.00
C VAL D 176 18.56 -42.14 -39.12
N ILE D 177 19.21 -41.13 -39.68
CA ILE D 177 20.68 -41.22 -39.95
C ILE D 177 21.50 -41.37 -38.66
N ASP D 178 21.22 -40.57 -37.64
CA ASP D 178 21.91 -40.68 -36.36
C ASP D 178 21.06 -40.17 -35.20
N THR D 179 21.42 -40.65 -33.99
CA THR D 179 20.79 -40.22 -32.74
C THR D 179 21.82 -39.67 -31.75
N GLY D 180 22.95 -39.18 -32.21
CA GLY D 180 23.90 -38.55 -31.29
C GLY D 180 24.55 -39.54 -30.34
N ALA D 181 24.98 -40.68 -30.87
CA ALA D 181 25.87 -41.62 -30.15
C ALA D 181 27.31 -41.13 -30.28
N VAL D 182 28.18 -41.70 -29.46
CA VAL D 182 29.63 -41.42 -29.50
C VAL D 182 30.20 -41.54 -30.94
N GLY D 183 29.87 -42.63 -31.62
CA GLY D 183 30.26 -42.81 -33.02
C GLY D 183 29.28 -42.16 -34.00
N PRO D 184 29.78 -41.54 -35.07
CA PRO D 184 28.96 -40.86 -36.07
C PRO D 184 28.42 -41.79 -37.15
N GLY D 185 27.20 -42.23 -36.96
CA GLY D 185 26.53 -43.19 -37.84
C GLY D 185 25.32 -43.80 -37.13
N SER D 186 24.58 -44.65 -37.86
CA SER D 186 23.42 -45.35 -37.27
C SER D 186 23.83 -46.62 -36.53
N MET D 187 24.81 -47.35 -37.06
CA MET D 187 25.28 -48.64 -36.56
C MET D 187 26.62 -48.47 -35.82
N ALA D 188 26.60 -47.56 -34.84
CA ALA D 188 27.79 -46.91 -34.35
C ALA D 188 28.64 -47.78 -33.42
N THR D 189 29.95 -47.52 -33.46
CA THR D 189 30.93 -48.05 -32.51
C THR D 189 31.55 -46.86 -31.76
N GLY D 190 32.21 -47.18 -30.65
CA GLY D 190 32.88 -46.19 -29.78
C GLY D 190 32.42 -46.29 -28.36
N GLN D 191 31.11 -46.16 -28.14
CA GLN D 191 30.50 -46.45 -26.84
C GLN D 191 30.50 -47.98 -26.59
N VAL D 192 30.45 -48.39 -25.32
CA VAL D 192 30.30 -49.80 -24.92
C VAL D 192 29.13 -50.10 -23.97
N GLN D 193 28.32 -49.06 -23.71
CA GLN D 193 27.19 -49.07 -22.80
C GLN D 193 26.09 -48.13 -23.31
N ARG D 194 24.91 -48.18 -22.67
CA ARG D 194 23.76 -47.28 -22.91
C ARG D 194 24.19 -45.80 -22.87
N PHE D 195 25.13 -45.51 -21.96
CA PHE D 195 25.68 -44.18 -21.77
C PHE D 195 26.62 -43.84 -22.97
N GLY D 196 26.10 -43.05 -23.93
CA GLY D 196 26.78 -42.80 -25.21
C GLY D 196 26.21 -43.57 -26.42
N ASP D 197 25.12 -44.35 -26.23
CA ASP D 197 24.54 -45.19 -27.27
C ASP D 197 23.46 -44.43 -28.08
N GLY D 198 23.24 -43.15 -27.77
CA GLY D 198 22.29 -42.31 -28.50
C GLY D 198 21.13 -41.80 -27.63
N TYR D 199 20.49 -40.73 -28.10
CA TYR D 199 19.28 -40.15 -27.50
C TYR D 199 18.17 -41.23 -27.42
N SER D 200 17.73 -41.54 -26.19
CA SER D 200 16.79 -42.65 -25.96
C SER D 200 15.53 -42.10 -25.29
N ILE D 201 14.38 -42.37 -25.91
CA ILE D 201 13.08 -41.79 -25.59
C ILE D 201 12.13 -42.93 -25.15
N THR D 202 11.58 -42.89 -23.93
CA THR D 202 10.72 -43.96 -23.42
C THR D 202 9.23 -43.58 -23.42
N CYS D 203 8.52 -43.93 -24.49
CA CYS D 203 7.07 -43.65 -24.64
C CYS D 203 6.67 -42.19 -24.17
N ARG D 204 7.40 -41.22 -24.69
CA ARG D 204 7.22 -39.82 -24.28
C ARG D 204 6.02 -39.19 -24.96
N LYS D 205 5.19 -38.45 -24.21
CA LYS D 205 4.15 -37.64 -24.85
C LYS D 205 4.82 -36.36 -25.40
N VAL D 206 4.93 -36.27 -26.74
CA VAL D 206 5.60 -35.16 -27.40
C VAL D 206 4.67 -34.15 -28.06
N GLY D 207 3.35 -34.40 -27.98
CA GLY D 207 2.36 -33.48 -28.51
C GLY D 207 0.95 -33.78 -28.04
N ALA D 208 0.10 -32.79 -28.21
CA ALA D 208 -1.32 -32.86 -27.88
C ALA D 208 -2.08 -31.92 -28.82
N ASN D 209 -3.37 -32.19 -29.03
CA ASN D 209 -4.19 -31.48 -30.00
C ASN D 209 -3.47 -31.44 -31.38
N ASP D 210 -2.86 -32.56 -31.76
CA ASP D 210 -2.18 -32.72 -33.05
C ASP D 210 -0.99 -31.77 -33.26
N THR D 211 -0.43 -31.24 -32.17
CA THR D 211 0.59 -30.21 -32.23
C THR D 211 1.80 -30.63 -31.38
N LEU D 212 2.99 -30.63 -31.98
CA LEU D 212 4.21 -30.99 -31.27
C LEU D 212 4.66 -29.91 -30.24
N PHE D 213 5.12 -30.35 -29.07
CA PHE D 213 5.51 -29.40 -28.02
C PHE D 213 6.87 -28.78 -28.33
N ARG D 214 7.01 -27.47 -28.08
CA ARG D 214 8.25 -26.76 -28.41
C ARG D 214 9.49 -27.25 -27.59
N ASP D 215 9.29 -27.58 -26.30
CA ASP D 215 10.41 -28.11 -25.48
C ASP D 215 10.98 -29.40 -26.06
N TRP D 216 10.11 -30.30 -26.53
CA TRP D 216 10.52 -31.51 -27.28
C TRP D 216 11.29 -31.17 -28.55
N LEU D 217 10.76 -30.23 -29.34
CA LEU D 217 11.38 -29.85 -30.61
C LEU D 217 12.81 -29.31 -30.42
N HIS D 218 12.97 -28.34 -29.49
CA HIS D 218 14.28 -27.75 -29.22
C HIS D 218 15.30 -28.79 -28.68
N GLU D 219 14.87 -29.65 -27.77
CA GLU D 219 15.75 -30.64 -27.15
C GLU D 219 16.22 -31.72 -28.13
N SER D 220 15.26 -32.38 -28.76
CA SER D 220 15.52 -33.44 -29.70
C SER D 220 16.46 -33.00 -30.82
N GLN D 221 16.23 -31.78 -31.35
CA GLN D 221 16.94 -31.31 -32.50
C GLN D 221 18.42 -31.02 -32.23
N ARG D 222 18.78 -30.70 -30.99
CA ARG D 222 20.19 -30.47 -30.59
C ARG D 222 20.91 -31.71 -30.02
N MET D 223 20.22 -32.84 -29.90
CA MET D 223 20.85 -34.08 -29.42
C MET D 223 21.28 -35.02 -30.59
N VAL D 224 21.21 -34.54 -31.83
CA VAL D 224 21.60 -35.31 -33.02
C VAL D 224 22.49 -34.44 -33.93
N ARG D 225 23.30 -35.10 -34.76
CA ARG D 225 24.07 -34.42 -35.77
C ARG D 225 23.22 -33.95 -36.98
N THR D 226 22.40 -34.85 -37.50
CA THR D 226 21.68 -34.64 -38.80
C THR D 226 20.30 -33.99 -38.59
N THR D 227 20.30 -32.81 -37.96
CA THR D 227 19.07 -32.14 -37.51
C THR D 227 17.98 -32.00 -38.59
N ARG D 228 18.34 -31.46 -39.77
CA ARG D 228 17.33 -31.22 -40.81
C ARG D 228 16.70 -32.56 -41.27
N TYR D 229 17.51 -33.61 -41.39
CA TYR D 229 17.07 -34.93 -41.82
C TYR D 229 16.14 -35.55 -40.78
N TRP D 230 16.54 -35.44 -39.50
CA TRP D 230 15.72 -35.81 -38.32
C TRP D 230 14.31 -35.16 -38.38
N MET D 231 14.27 -33.84 -38.64
CA MET D 231 13.02 -33.08 -38.64
C MET D 231 12.05 -33.57 -39.72
N LEU D 232 12.55 -33.81 -40.93
CA LEU D 232 11.70 -34.30 -42.01
C LEU D 232 11.29 -35.78 -41.83
N ASP D 233 12.12 -36.60 -41.20
CA ASP D 233 11.71 -37.98 -40.82
C ASP D 233 10.55 -37.97 -39.82
N GLU D 234 10.57 -36.99 -38.89
CA GLU D 234 9.48 -36.84 -37.95
C GLU D 234 8.16 -36.43 -38.64
N ARG D 235 8.23 -35.46 -39.56
CA ARG D 235 7.03 -35.08 -40.33
C ARG D 235 6.49 -36.24 -41.17
N THR D 236 7.39 -37.06 -41.73
CA THR D 236 7.05 -38.33 -42.42
C THR D 236 6.20 -39.26 -41.55
N ARG D 237 6.64 -39.49 -40.32
CA ARG D 237 5.92 -40.42 -39.42
C ARG D 237 4.54 -39.87 -39.02
N ILE D 238 4.48 -38.57 -38.67
CA ILE D 238 3.22 -37.99 -38.23
C ILE D 238 2.19 -37.96 -39.40
N ALA D 239 2.66 -37.67 -40.62
CA ALA D 239 1.78 -37.70 -41.81
C ALA D 239 1.12 -39.03 -41.99
N GLY D 240 1.89 -40.10 -42.01
CA GLY D 240 1.33 -41.42 -42.22
C GLY D 240 0.39 -41.86 -41.09
N CYS D 241 0.77 -41.59 -39.83
CA CYS D 241 -0.12 -41.86 -38.72
C CYS D 241 -1.49 -41.18 -38.86
N HIS D 242 -1.49 -39.88 -39.22
CA HIS D 242 -2.73 -39.11 -39.38
C HIS D 242 -3.55 -39.50 -40.62
N MET D 243 -2.87 -39.89 -41.72
CA MET D 243 -3.54 -40.47 -42.90
C MET D 243 -4.33 -41.73 -42.53
N ILE D 244 -3.70 -42.61 -41.75
CA ILE D 244 -4.35 -43.87 -41.33
C ILE D 244 -5.49 -43.61 -40.33
N ARG D 245 -5.26 -42.73 -39.34
CA ARG D 245 -6.33 -42.36 -38.39
C ARG D 245 -7.58 -41.86 -39.12
N LYS D 246 -7.38 -40.99 -40.09
CA LYS D 246 -8.49 -40.47 -40.88
C LYS D 246 -9.23 -41.57 -41.64
N LEU D 247 -8.49 -42.45 -42.28
CA LEU D 247 -9.09 -43.58 -43.00
C LEU D 247 -9.92 -44.51 -42.06
N VAL D 248 -9.39 -44.81 -40.88
CA VAL D 248 -10.14 -45.64 -39.92
C VAL D 248 -11.46 -44.95 -39.52
N GLU D 249 -11.41 -43.64 -39.26
CA GLU D 249 -12.63 -42.87 -38.95
C GLU D 249 -13.67 -42.95 -40.08
N GLU D 250 -13.24 -42.88 -41.33
CA GLU D 250 -14.12 -42.98 -42.49
C GLU D 250 -14.74 -44.37 -42.64
N VAL D 251 -13.92 -45.40 -42.46
CA VAL D 251 -14.35 -46.80 -42.54
C VAL D 251 -15.39 -47.09 -41.44
N VAL D 252 -15.13 -46.64 -40.23
CA VAL D 252 -16.09 -46.82 -39.13
C VAL D 252 -17.41 -46.08 -39.40
N ALA D 253 -17.32 -44.83 -39.88
CA ALA D 253 -18.51 -44.05 -40.24
C ALA D 253 -19.34 -44.75 -41.26
N GLU D 254 -18.69 -45.29 -42.29
CA GLU D 254 -19.41 -45.97 -43.38
C GLU D 254 -19.95 -47.39 -43.04
N GLU D 255 -19.16 -48.24 -42.38
CA GLU D 255 -19.56 -49.66 -42.15
C GLU D 255 -20.05 -49.95 -40.73
N GLY D 256 -19.87 -49.01 -39.80
CA GLY D 256 -20.33 -49.15 -38.43
C GLY D 256 -19.24 -49.70 -37.52
N ILE D 257 -19.23 -49.20 -36.29
CA ILE D 257 -18.24 -49.60 -35.29
C ILE D 257 -18.34 -51.10 -34.93
N GLU D 258 -19.53 -51.70 -34.95
CA GLU D 258 -19.67 -53.12 -34.59
C GLU D 258 -18.89 -54.04 -35.50
N ALA D 259 -18.98 -53.81 -36.81
CA ALA D 259 -18.22 -54.61 -37.76
C ALA D 259 -16.70 -54.40 -37.62
N TYR D 260 -16.27 -53.15 -37.48
CA TYR D 260 -14.83 -52.85 -37.31
C TYR D 260 -14.30 -53.52 -36.03
N TRP D 261 -15.06 -53.40 -34.95
CA TRP D 261 -14.70 -53.98 -33.64
C TRP D 261 -14.52 -55.50 -33.71
N LYS D 262 -15.40 -56.19 -34.44
CA LYS D 262 -15.18 -57.62 -34.71
C LYS D 262 -13.90 -57.91 -35.52
N PHE D 263 -13.68 -57.17 -36.61
CA PHE D 263 -12.50 -57.37 -37.46
C PHE D 263 -11.19 -57.18 -36.70
N ALA D 264 -11.17 -56.20 -35.80
CA ALA D 264 -9.97 -55.84 -35.07
C ALA D 264 -9.39 -56.97 -34.19
N TYR D 265 -10.20 -57.97 -33.82
CA TYR D 265 -9.73 -59.18 -33.12
C TYR D 265 -9.73 -60.43 -34.00
N GLU D 266 -10.74 -60.58 -34.85
CA GLU D 266 -10.81 -61.73 -35.77
C GLU D 266 -9.60 -61.81 -36.71
N ALA D 267 -9.11 -60.65 -37.19
CA ALA D 267 -7.99 -60.62 -38.14
C ALA D 267 -6.70 -61.26 -37.53
N VAL D 268 -6.51 -61.13 -36.22
CA VAL D 268 -5.37 -61.68 -35.52
C VAL D 268 -5.49 -63.22 -35.44
N GLU D 269 -6.67 -63.70 -34.99
CA GLU D 269 -6.88 -65.17 -34.93
C GLU D 269 -6.80 -65.81 -36.32
N HIS D 270 -7.31 -65.12 -37.34
CA HIS D 270 -7.19 -65.56 -38.75
C HIS D 270 -5.69 -65.77 -39.13
N GLY D 271 -4.85 -64.81 -38.76
CA GLY D 271 -3.39 -64.95 -38.85
C GLY D 271 -2.78 -66.18 -38.20
N ARG D 272 -3.16 -66.46 -36.96
CA ARG D 272 -2.69 -67.66 -36.26
C ARG D 272 -3.11 -68.94 -36.98
N LEU D 273 -4.39 -69.01 -37.35
CA LEU D 273 -4.91 -70.17 -38.14
C LEU D 273 -4.12 -70.39 -39.45
N GLY D 274 -3.76 -69.30 -40.12
CA GLY D 274 -2.96 -69.31 -41.36
C GLY D 274 -1.58 -69.94 -41.18
N LEU D 275 -0.89 -69.56 -40.11
CA LEU D 275 0.44 -70.17 -39.81
C LEU D 275 0.33 -71.67 -39.54
N GLN D 276 -0.61 -72.06 -38.69
CA GLN D 276 -0.82 -73.47 -38.35
C GLN D 276 -1.10 -74.33 -39.61
N ALA D 277 -1.95 -73.82 -40.48
CA ALA D 277 -2.28 -74.53 -41.72
C ALA D 277 -1.09 -74.64 -42.65
N ARG D 278 -0.29 -73.55 -42.77
CA ARG D 278 0.89 -73.57 -43.63
C ARG D 278 1.97 -74.52 -43.13
N ILE D 279 2.17 -74.57 -41.81
CA ILE D 279 3.10 -75.52 -41.21
C ILE D 279 2.68 -76.96 -41.55
N LYS D 280 1.40 -77.29 -41.42
CA LYS D 280 0.93 -78.64 -41.73
C LYS D 280 0.89 -78.98 -43.21
N ALA D 281 0.77 -77.96 -44.07
CA ALA D 281 0.81 -78.16 -45.54
C ALA D 281 2.24 -78.28 -46.13
N MET D 282 3.25 -77.65 -45.50
CA MET D 282 4.57 -77.45 -46.11
C MET D 282 5.73 -78.18 -45.45
N THR D 283 5.62 -78.49 -44.15
CA THR D 283 6.78 -78.95 -43.37
C THR D 283 6.65 -80.46 -43.00
N ILE D 284 7.41 -80.90 -42.00
CA ILE D 284 7.43 -82.29 -41.50
C ILE D 284 7.63 -82.20 -39.97
N PRO D 285 6.81 -82.90 -39.17
CA PRO D 285 7.05 -82.86 -37.72
C PRO D 285 8.37 -83.52 -37.35
N GLY D 286 9.02 -83.00 -36.30
CA GLY D 286 10.34 -83.49 -35.91
C GLY D 286 11.17 -82.47 -35.12
N THR D 287 12.43 -82.82 -34.87
CA THR D 287 13.38 -81.96 -34.21
C THR D 287 14.51 -81.61 -35.18
N TYR D 288 14.80 -80.32 -35.30
CA TYR D 288 15.81 -79.76 -36.23
C TYR D 288 16.86 -79.01 -35.37
N ARG D 289 18.15 -79.25 -35.59
CA ARG D 289 19.21 -78.65 -34.79
C ARG D 289 20.20 -77.91 -35.72
N GLN D 290 20.53 -76.68 -35.35
CA GLN D 290 21.41 -75.80 -36.16
C GLN D 290 22.03 -74.70 -35.27
N VAL D 291 23.02 -73.98 -35.81
CA VAL D 291 23.77 -72.98 -35.04
C VAL D 291 24.35 -71.89 -35.94
N GLY D 292 24.52 -70.68 -35.40
CA GLY D 292 25.24 -69.59 -36.06
C GLY D 292 26.22 -68.90 -35.11
N PHE D 293 27.21 -68.22 -35.69
CA PHE D 293 28.24 -67.48 -34.96
C PHE D 293 28.55 -66.14 -35.71
N VAL D 294 29.21 -65.21 -35.00
CA VAL D 294 29.88 -64.06 -35.63
C VAL D 294 31.01 -63.50 -34.70
N ASP D 295 31.94 -62.76 -35.29
CA ASP D 295 33.14 -62.28 -34.59
C ASP D 295 33.02 -60.85 -34.03
N VAL D 296 33.63 -60.64 -32.86
CA VAL D 296 33.79 -59.31 -32.25
C VAL D 296 35.30 -59.07 -31.92
N PRO D 297 36.08 -58.59 -32.90
CA PRO D 297 37.55 -58.36 -32.71
C PRO D 297 37.89 -57.04 -32.03
N TYR D 298 37.52 -56.90 -30.75
CA TYR D 298 37.72 -55.62 -30.01
C TYR D 298 39.12 -55.49 -29.41
N ALA D 299 39.97 -56.52 -29.51
CA ALA D 299 41.37 -56.40 -29.04
C ALA D 299 42.24 -55.51 -29.92
N HIS D 300 41.88 -55.37 -31.19
CA HIS D 300 42.70 -54.64 -32.18
C HIS D 300 42.87 -53.19 -31.79
N GLU D 301 44.04 -52.62 -32.07
CA GLU D 301 44.32 -51.23 -31.74
C GLU D 301 43.41 -50.17 -32.42
N ASP D 302 42.80 -50.51 -33.56
CA ASP D 302 41.92 -49.58 -34.26
C ASP D 302 40.47 -49.60 -33.72
N VAL D 303 40.20 -50.38 -32.67
CA VAL D 303 38.97 -50.28 -31.89
C VAL D 303 39.30 -49.49 -30.60
N ARG D 304 39.08 -48.17 -30.62
CA ARG D 304 39.47 -47.27 -29.55
C ARG D 304 38.30 -47.01 -28.63
N VAL D 305 37.99 -47.98 -27.79
CA VAL D 305 36.90 -47.83 -26.85
C VAL D 305 37.42 -47.22 -25.53
N PRO D 306 36.56 -46.45 -24.81
CA PRO D 306 36.99 -45.71 -23.64
C PRO D 306 36.97 -46.49 -22.32
N SER D 307 36.74 -47.80 -22.35
CA SER D 307 36.63 -48.63 -21.14
C SER D 307 37.53 -49.85 -21.30
N ASP D 308 38.48 -50.07 -20.40
CA ASP D 308 39.46 -51.16 -20.56
C ASP D 308 38.87 -52.60 -20.43
N PHE D 309 37.75 -52.72 -19.70
CA PHE D 309 37.06 -53.99 -19.53
C PHE D 309 36.36 -54.49 -20.81
N ALA D 310 36.29 -53.64 -21.86
CA ALA D 310 35.72 -54.00 -23.16
C ALA D 310 36.74 -54.47 -24.20
N LYS D 311 38.04 -54.35 -23.89
CA LYS D 311 39.10 -54.64 -24.83
C LYS D 311 39.46 -56.13 -24.84
N LEU D 312 38.69 -56.90 -25.61
CA LEU D 312 38.93 -58.32 -25.81
C LEU D 312 38.19 -58.83 -27.05
N ASP D 313 38.71 -59.95 -27.57
CA ASP D 313 38.12 -60.65 -28.71
C ASP D 313 37.09 -61.67 -28.21
N THR D 314 35.85 -61.58 -28.72
CA THR D 314 34.82 -62.56 -28.42
C THR D 314 34.09 -63.03 -29.69
N ILE D 315 33.33 -64.14 -29.52
CA ILE D 315 32.52 -64.73 -30.56
C ILE D 315 31.07 -64.93 -30.05
N MET D 316 30.11 -64.47 -30.83
CA MET D 316 28.67 -64.75 -30.59
C MET D 316 28.37 -66.22 -30.93
N HIS D 317 27.61 -66.88 -30.05
CA HIS D 317 27.11 -68.26 -30.20
C HIS D 317 25.55 -68.26 -30.10
N ALA D 318 24.88 -68.82 -31.10
CA ALA D 318 23.40 -68.95 -31.15
C ALA D 318 22.95 -70.33 -31.67
N PRO D 319 22.98 -71.35 -30.79
CA PRO D 319 22.41 -72.65 -31.16
C PRO D 319 20.87 -72.60 -31.03
N CYS D 320 20.16 -73.35 -31.88
CA CYS D 320 18.71 -73.40 -31.87
C CYS D 320 18.22 -74.86 -32.04
N GLU D 321 17.39 -75.30 -31.09
CA GLU D 321 16.62 -76.52 -31.19
C GLU D 321 15.20 -76.15 -31.61
N MET D 322 14.84 -76.57 -32.82
CA MET D 322 13.52 -76.27 -33.44
C MET D 322 12.67 -77.53 -33.42
N THR D 323 11.46 -77.45 -32.83
CA THR D 323 10.52 -78.59 -32.75
C THR D 323 9.23 -78.24 -33.49
N ILE D 324 8.87 -79.01 -34.53
CA ILE D 324 7.58 -78.88 -35.22
C ILE D 324 6.74 -80.05 -34.72
N ARG D 325 5.56 -79.72 -34.16
CA ARG D 325 4.66 -80.71 -33.57
C ARG D 325 3.59 -81.23 -34.56
N ARG D 326 3.06 -82.41 -34.25
CA ARG D 326 1.97 -83.00 -35.02
C ARG D 326 0.74 -82.09 -35.18
N ASP D 327 0.48 -81.26 -34.18
CA ASP D 327 -0.69 -80.37 -34.22
C ASP D 327 -0.45 -79.06 -34.97
N GLY D 328 0.73 -78.87 -35.57
CA GLY D 328 1.02 -77.64 -36.31
C GLY D 328 1.52 -76.46 -35.52
N THR D 329 1.75 -76.64 -34.22
CA THR D 329 2.48 -75.66 -33.39
C THR D 329 3.97 -75.89 -33.58
N TRP D 330 4.78 -74.89 -33.24
CA TRP D 330 6.25 -75.06 -33.26
C TRP D 330 6.95 -74.25 -32.16
N ARG D 331 8.21 -74.63 -31.88
CA ARG D 331 8.92 -74.14 -30.73
C ARG D 331 10.41 -73.93 -31.10
N LEU D 332 10.97 -72.80 -30.67
CA LEU D 332 12.38 -72.48 -30.90
C LEU D 332 13.07 -72.16 -29.57
N ASP D 333 14.10 -72.96 -29.24
CA ASP D 333 14.77 -72.92 -27.93
C ASP D 333 16.26 -72.61 -28.17
N PHE D 334 16.74 -71.52 -27.57
CA PHE D 334 18.10 -71.01 -27.73
C PHE D 334 19.01 -71.25 -26.51
N GLU D 335 18.69 -72.24 -25.66
CA GLU D 335 19.58 -72.76 -24.63
C GLU D 335 20.97 -72.99 -25.21
N GLY D 336 21.99 -72.47 -24.55
CA GLY D 336 23.36 -72.63 -24.97
C GLY D 336 23.99 -71.36 -25.54
N SER D 337 23.19 -70.31 -25.76
CA SER D 337 23.68 -69.09 -26.34
C SER D 337 24.63 -68.33 -25.41
N SER D 338 25.49 -67.52 -26.01
CA SER D 338 26.48 -66.71 -25.26
C SER D 338 25.84 -65.49 -24.55
N ARG D 339 26.65 -64.80 -23.73
CA ARG D 339 26.19 -63.69 -22.89
C ARG D 339 26.20 -62.35 -23.63
N TRP D 340 25.39 -61.40 -23.16
CA TRP D 340 25.56 -59.99 -23.55
C TRP D 340 27.02 -59.54 -23.33
N GLY D 341 27.42 -58.45 -23.97
CA GLY D 341 28.78 -57.94 -23.79
C GLY D 341 28.94 -56.42 -23.89
N TRP D 342 30.19 -55.97 -23.80
CA TRP D 342 30.55 -54.56 -23.78
C TRP D 342 30.88 -54.12 -25.22
N HIS D 343 29.79 -53.86 -25.95
CA HIS D 343 29.80 -53.54 -27.39
C HIS D 343 28.37 -53.09 -27.73
N THR D 344 28.10 -52.83 -29.02
CA THR D 344 26.80 -52.33 -29.47
C THR D 344 25.91 -53.38 -30.19
N TYR D 345 26.12 -54.67 -29.89
CA TYR D 345 25.52 -55.81 -30.64
C TYR D 345 24.49 -56.60 -29.81
N ASN D 346 24.17 -56.12 -28.61
CA ASN D 346 23.19 -56.76 -27.75
C ASN D 346 21.75 -56.56 -28.29
N ALA D 347 20.83 -57.40 -27.85
CA ALA D 347 19.45 -57.33 -28.29
C ALA D 347 18.44 -57.47 -27.13
N HIS D 348 17.22 -57.87 -27.45
CA HIS D 348 16.10 -57.92 -26.50
C HIS D 348 15.18 -59.01 -27.02
N GLN D 349 14.40 -59.62 -26.10
CA GLN D 349 13.51 -60.70 -26.48
C GLN D 349 12.52 -60.27 -27.62
N VAL D 350 12.01 -59.03 -27.57
CA VAL D 350 11.09 -58.53 -28.57
C VAL D 350 11.74 -58.41 -29.96
N SER D 351 12.89 -57.73 -30.07
CA SER D 351 13.55 -57.61 -31.37
C SER D 351 14.00 -58.99 -31.92
N PHE D 352 14.52 -59.85 -31.05
CA PHE D 352 14.94 -61.18 -31.49
C PHE D 352 13.77 -62.01 -32.07
N THR D 353 12.66 -62.10 -31.34
CA THR D 353 11.51 -62.89 -31.78
C THR D 353 10.70 -62.24 -32.93
N SER D 354 10.64 -60.91 -32.95
CA SER D 354 10.04 -60.17 -34.10
C SER D 354 10.78 -60.42 -35.41
N GLY D 355 12.12 -60.53 -35.34
CA GLY D 355 12.89 -60.89 -36.53
C GLY D 355 12.63 -62.32 -37.04
N ILE D 356 12.40 -63.26 -36.13
CA ILE D 356 11.99 -64.61 -36.56
C ILE D 356 10.63 -64.52 -37.29
N TRP D 357 9.72 -63.67 -36.79
CA TRP D 357 8.44 -63.41 -37.43
C TRP D 357 8.63 -62.83 -38.84
N VAL D 358 9.58 -61.90 -38.99
CA VAL D 358 9.94 -61.37 -40.31
C VAL D 358 10.37 -62.49 -41.28
N MET D 359 11.25 -63.37 -40.82
CA MET D 359 11.64 -64.53 -41.61
C MET D 359 10.44 -65.37 -42.04
N MET D 360 9.54 -65.67 -41.09
CA MET D 360 8.30 -66.37 -41.40
C MET D 360 7.48 -65.74 -42.53
N THR D 361 7.35 -64.42 -42.54
CA THR D 361 6.64 -63.69 -43.60
C THR D 361 7.24 -63.88 -44.99
N GLN D 362 8.52 -64.25 -45.09
CA GLN D 362 9.21 -64.43 -46.37
C GLN D 362 9.17 -65.87 -46.92
N THR D 363 8.65 -66.82 -46.12
CA THR D 363 8.70 -68.25 -46.49
C THR D 363 7.42 -69.05 -46.13
N LEU D 364 6.97 -68.98 -44.88
CA LEU D 364 5.80 -69.77 -44.43
C LEU D 364 4.47 -69.10 -44.70
N ILE D 365 4.36 -67.81 -44.36
CA ILE D 365 3.07 -67.10 -44.42
C ILE D 365 2.94 -65.88 -45.40
N PRO D 366 3.76 -65.80 -46.49
CA PRO D 366 3.59 -64.61 -47.36
C PRO D 366 2.20 -64.38 -47.96
N SER D 367 1.39 -65.45 -48.11
CA SER D 367 0.02 -65.23 -48.62
C SER D 367 -1.09 -65.37 -47.57
N GLU D 368 -0.74 -65.35 -46.28
CA GLU D 368 -1.74 -65.31 -45.21
C GLU D 368 -1.83 -63.87 -44.66
N MET D 369 -2.65 -63.69 -43.63
CA MET D 369 -2.71 -62.41 -42.94
C MET D 369 -1.34 -62.11 -42.30
N ILE D 370 -0.80 -60.91 -42.59
CA ILE D 370 0.49 -60.47 -42.07
C ILE D 370 0.26 -59.55 -40.86
N ASN D 371 0.30 -60.15 -39.67
CA ASN D 371 0.01 -59.47 -38.42
C ASN D 371 0.52 -60.31 -37.22
N ASP D 372 0.15 -59.95 -35.99
CA ASP D 372 0.65 -60.65 -34.80
C ASP D 372 0.14 -62.08 -34.57
N GLY D 373 -0.87 -62.53 -35.36
CA GLY D 373 -1.41 -63.89 -35.20
C GLY D 373 -0.35 -64.99 -35.21
N ALA D 374 0.60 -64.90 -36.17
CA ALA D 374 1.68 -65.87 -36.27
C ALA D 374 2.63 -65.90 -35.04
N ALA D 375 2.78 -64.78 -34.34
CA ALA D 375 3.56 -64.80 -33.07
C ALA D 375 2.86 -65.59 -32.01
N TYR D 376 1.52 -65.46 -31.90
CA TYR D 376 0.74 -66.27 -30.97
C TYR D 376 0.80 -67.79 -31.33
N GLY D 377 1.11 -68.15 -32.57
CA GLY D 377 1.23 -69.55 -32.96
C GLY D 377 2.62 -70.15 -32.86
N THR D 378 3.58 -69.43 -32.25
CA THR D 378 5.00 -69.86 -32.12
C THR D 378 5.42 -69.77 -30.64
N GLU D 379 6.12 -70.78 -30.12
CA GLU D 379 6.68 -70.73 -28.76
C GLU D 379 8.18 -70.43 -28.81
N PHE D 380 8.67 -69.53 -27.96
CA PHE D 380 10.10 -69.16 -27.91
C PHE D 380 10.65 -69.34 -26.52
N ARG D 381 11.86 -69.90 -26.42
CA ARG D 381 12.61 -69.96 -25.16
C ARG D 381 14.00 -69.33 -25.31
N LEU D 382 14.20 -68.20 -24.60
CA LEU D 382 15.43 -67.43 -24.62
C LEU D 382 15.91 -67.26 -23.17
N PRO D 383 16.86 -68.07 -22.73
CA PRO D 383 17.25 -67.99 -21.32
C PRO D 383 17.74 -66.60 -20.90
N LYS D 384 17.29 -66.13 -19.74
CA LYS D 384 17.62 -64.78 -19.24
C LYS D 384 19.12 -64.63 -18.99
N GLY D 385 19.69 -63.53 -19.47
CA GLY D 385 21.13 -63.28 -19.39
C GLY D 385 21.94 -63.53 -20.64
N THR D 386 21.36 -64.23 -21.64
CA THR D 386 21.99 -64.40 -22.95
C THR D 386 21.94 -63.05 -23.71
N TRP D 387 22.68 -62.97 -24.79
CA TRP D 387 22.73 -61.72 -25.58
C TRP D 387 21.36 -61.32 -26.19
N MET D 388 20.53 -62.33 -26.51
CA MET D 388 19.16 -62.10 -27.02
C MET D 388 18.09 -61.81 -25.96
N ASN D 389 18.42 -61.98 -24.66
CA ASN D 389 17.49 -61.62 -23.56
C ASN D 389 18.32 -61.14 -22.35
N PRO D 390 18.98 -59.99 -22.49
CA PRO D 390 19.93 -59.57 -21.45
C PRO D 390 19.27 -59.21 -20.13
N ASP D 391 20.08 -59.28 -19.08
CA ASP D 391 19.57 -59.01 -17.70
C ASP D 391 20.31 -57.84 -17.04
N ASP D 392 20.80 -56.89 -17.86
CA ASP D 392 21.52 -55.72 -17.34
C ASP D 392 21.13 -54.45 -18.09
N ARG D 393 20.71 -53.45 -17.32
CA ARG D 393 20.16 -52.21 -17.88
C ARG D 393 21.20 -51.29 -18.52
N ARG D 394 22.49 -51.66 -18.49
CA ARG D 394 23.56 -50.86 -19.10
C ARG D 394 23.93 -51.22 -20.52
N VAL D 395 23.38 -52.28 -21.09
CA VAL D 395 23.84 -52.78 -22.41
C VAL D 395 23.57 -51.75 -23.51
N ALA D 396 24.44 -51.74 -24.52
CA ALA D 396 24.27 -50.92 -25.74
C ALA D 396 23.71 -51.76 -26.92
N PHE D 397 23.02 -51.05 -27.84
CA PHE D 397 22.23 -51.64 -28.90
C PHE D 397 22.43 -51.07 -30.32
N SER D 398 23.26 -50.04 -30.52
CA SER D 398 23.26 -49.31 -31.81
C SER D 398 23.36 -50.21 -33.06
N TYR D 399 24.08 -51.33 -32.97
CA TYR D 399 24.22 -52.27 -34.08
C TYR D 399 23.83 -53.72 -33.67
N SER D 400 22.65 -53.79 -33.04
CA SER D 400 21.98 -55.02 -32.66
C SER D 400 22.02 -56.10 -33.74
N TRP D 401 21.82 -55.64 -34.98
CA TRP D 401 21.77 -56.51 -36.14
C TRP D 401 22.98 -57.44 -36.27
N HIS D 402 24.18 -57.02 -35.87
CA HIS D 402 25.40 -57.85 -36.06
C HIS D 402 25.20 -59.28 -35.53
N PHE D 403 24.60 -59.36 -34.33
CA PHE D 403 24.24 -60.63 -33.72
C PHE D 403 22.93 -61.19 -34.28
N LEU D 404 21.92 -60.34 -34.38
CA LEU D 404 20.59 -60.79 -34.82
C LEU D 404 20.58 -61.52 -36.19
N VAL D 405 21.17 -60.87 -37.21
CA VAL D 405 21.15 -61.44 -38.58
C VAL D 405 22.00 -62.72 -38.68
N SER D 406 22.96 -62.86 -37.76
CA SER D 406 23.87 -63.99 -37.71
C SER D 406 23.24 -65.22 -37.01
N ALA D 407 22.28 -65.00 -36.14
CA ALA D 407 21.49 -66.07 -35.51
C ALA D 407 20.28 -66.51 -36.37
N TRP D 408 19.59 -65.57 -37.03
CA TRP D 408 18.37 -65.92 -37.78
C TRP D 408 18.66 -66.78 -39.03
N THR D 409 19.84 -66.61 -39.65
CA THR D 409 20.18 -67.32 -40.87
C THR D 409 20.10 -68.86 -40.73
N ALA D 410 20.48 -69.41 -39.58
CA ALA D 410 20.42 -70.84 -39.36
C ALA D 410 18.98 -71.42 -39.40
N LEU D 411 17.99 -70.62 -39.06
CA LEU D 411 16.60 -71.10 -39.04
C LEU D 411 16.06 -71.39 -40.43
N TRP D 412 16.52 -70.65 -41.44
CA TRP D 412 16.22 -71.02 -42.86
C TRP D 412 16.65 -72.43 -43.21
N ARG D 413 17.81 -72.84 -42.72
CA ARG D 413 18.31 -74.20 -43.01
C ARG D 413 17.43 -75.29 -42.40
N GLY D 414 17.01 -75.09 -41.16
CA GLY D 414 16.09 -76.07 -40.54
C GLY D 414 14.78 -76.21 -41.29
N LEU D 415 14.12 -75.08 -41.53
CA LEU D 415 12.87 -75.08 -42.30
C LEU D 415 13.07 -75.69 -43.68
N SER D 416 14.20 -75.39 -44.34
CA SER D 416 14.47 -75.95 -45.65
C SER D 416 14.62 -77.48 -45.68
N ARG D 417 15.08 -78.09 -44.58
CA ARG D 417 15.13 -79.56 -44.53
C ARG D 417 13.72 -80.16 -44.60
N SER D 418 12.74 -79.51 -43.98
CA SER D 418 11.33 -79.95 -44.03
C SER D 418 10.79 -79.83 -45.46
N TYR D 419 11.05 -78.68 -46.09
CA TYR D 419 10.62 -78.45 -47.49
C TYR D 419 11.23 -79.45 -48.45
N PHE D 420 12.54 -79.67 -48.29
CA PHE D 420 13.29 -80.59 -49.16
C PHE D 420 12.78 -82.03 -49.04
N GLY D 421 12.58 -82.49 -47.80
CA GLY D 421 12.07 -83.82 -47.54
C GLY D 421 10.70 -84.09 -48.12
N ARG D 422 9.85 -83.07 -48.09
CA ARG D 422 8.46 -83.19 -48.54
C ARG D 422 8.29 -82.99 -50.04
N GLY D 423 9.30 -82.39 -50.71
CA GLY D 423 9.24 -82.17 -52.15
C GLY D 423 8.94 -80.73 -52.60
N TYR D 424 8.77 -79.80 -51.66
CA TYR D 424 8.56 -78.38 -51.95
C TYR D 424 9.91 -77.67 -52.18
N LEU D 425 10.62 -78.15 -53.23
CA LEU D 425 12.01 -77.71 -53.50
C LEU D 425 12.05 -76.21 -53.83
N GLU D 426 10.97 -75.69 -54.42
CA GLU D 426 10.86 -74.25 -54.75
C GLU D 426 11.03 -73.31 -53.54
N GLU D 427 10.68 -73.78 -52.35
CA GLU D 427 10.75 -73.01 -51.12
C GLU D 427 12.07 -73.08 -50.39
N VAL D 428 12.93 -74.03 -50.74
CA VAL D 428 14.23 -74.17 -50.05
C VAL D 428 15.06 -72.85 -50.21
N ASN D 429 15.75 -72.45 -49.13
CA ASN D 429 16.68 -71.31 -49.18
C ASN D 429 17.74 -71.54 -48.12
N ALA D 430 19.02 -71.55 -48.54
CA ALA D 430 20.13 -71.85 -47.65
C ALA D 430 20.35 -70.81 -46.55
N GLY D 431 19.78 -69.62 -46.69
CA GLY D 431 19.76 -68.60 -45.64
C GLY D 431 20.15 -67.19 -46.07
N ASN D 432 20.01 -66.24 -45.16
CA ASN D 432 20.31 -64.83 -45.43
C ASN D 432 21.82 -64.50 -45.22
N ALA D 433 22.33 -63.59 -46.05
CA ALA D 433 23.62 -62.97 -45.91
C ALA D 433 23.73 -62.19 -44.62
N ASN D 434 24.96 -62.03 -44.17
CA ASN D 434 25.24 -61.00 -43.19
C ASN D 434 25.02 -59.60 -43.85
N THR D 435 24.20 -58.76 -43.24
CA THR D 435 23.82 -57.45 -43.82
C THR D 435 24.86 -56.38 -43.39
N SER D 436 25.94 -56.30 -44.15
CA SER D 436 27.08 -55.39 -43.89
C SER D 436 27.93 -55.35 -45.16
N ASN D 437 28.97 -54.51 -45.32
CA ASN D 437 29.43 -53.42 -44.43
C ASN D 437 28.49 -52.23 -44.36
N TRP D 438 28.54 -51.51 -43.21
CA TRP D 438 27.89 -50.22 -43.02
C TRP D 438 28.90 -49.07 -43.07
N LEU D 439 28.93 -48.37 -44.21
CA LEU D 439 29.79 -47.18 -44.39
C LEU D 439 29.26 -46.06 -43.51
N GLN D 440 30.11 -45.57 -42.60
CA GLN D 440 29.71 -44.55 -41.62
C GLN D 440 30.79 -43.51 -41.41
N GLY D 441 30.40 -42.37 -40.86
CA GLY D 441 31.33 -41.28 -40.57
C GLY D 441 30.64 -39.97 -40.31
N GLY D 442 31.43 -38.95 -39.98
CA GLY D 442 30.86 -37.62 -39.65
C GLY D 442 31.86 -36.48 -39.67
N GLY D 443 31.32 -35.28 -39.46
CA GLY D 443 32.09 -34.02 -39.55
C GLY D 443 31.31 -33.01 -40.37
N PHE D 444 32.01 -32.18 -41.14
CA PHE D 444 31.35 -31.18 -42.03
C PHE D 444 31.18 -31.70 -43.47
N ASN D 445 29.99 -31.47 -44.02
CA ASN D 445 29.66 -31.93 -45.36
C ASN D 445 29.84 -30.84 -46.44
N GLN D 446 29.37 -31.13 -47.65
CA GLN D 446 29.48 -30.20 -48.79
C GLN D 446 28.65 -28.92 -48.64
N TYR D 447 27.67 -28.93 -47.73
CA TYR D 447 26.84 -27.75 -47.45
C TYR D 447 27.39 -26.98 -46.23
N ASP D 448 28.59 -27.31 -45.74
CA ASP D 448 29.19 -26.65 -44.56
C ASP D 448 28.33 -26.71 -43.29
N GLU D 449 27.75 -27.87 -43.03
CA GLU D 449 26.95 -28.17 -41.84
C GLU D 449 27.47 -29.42 -41.16
N ILE D 450 27.17 -29.53 -39.87
CA ILE D 450 27.46 -30.73 -39.12
C ILE D 450 26.63 -31.87 -39.71
N HIS D 451 27.25 -33.03 -39.86
CA HIS D 451 26.65 -34.16 -40.58
C HIS D 451 27.18 -35.53 -40.13
N ALA D 452 26.43 -36.57 -40.50
CA ALA D 452 26.85 -37.96 -40.40
C ALA D 452 26.33 -38.71 -41.61
N VAL D 453 27.01 -39.81 -41.95
CA VAL D 453 26.56 -40.70 -43.03
C VAL D 453 26.35 -42.14 -42.53
N ASN D 454 25.48 -42.86 -43.25
CA ASN D 454 25.20 -44.25 -42.97
C ASN D 454 24.60 -44.88 -44.21
N SER D 455 25.46 -45.44 -45.07
CA SER D 455 25.02 -45.96 -46.36
C SER D 455 24.14 -47.20 -46.21
N PHE D 456 23.01 -47.19 -46.93
CA PHE D 456 22.13 -48.37 -47.05
C PHE D 456 22.38 -49.20 -48.33
N GLU D 457 23.61 -49.17 -48.86
CA GLU D 457 24.00 -50.07 -49.92
C GLU D 457 23.83 -51.53 -49.46
N CYS D 458 23.98 -51.81 -48.14
CA CYS D 458 23.79 -53.17 -47.62
C CYS D 458 22.33 -53.54 -47.29
N ALA D 459 21.40 -52.80 -47.90
CA ALA D 459 20.05 -53.31 -48.18
C ALA D 459 20.02 -54.30 -49.35
N ALA D 460 21.14 -54.40 -50.11
CA ALA D 460 21.19 -55.16 -51.37
C ALA D 460 22.35 -56.16 -51.33
N ASN D 461 22.21 -57.18 -50.51
CA ASN D 461 23.18 -58.27 -50.37
C ASN D 461 22.73 -59.49 -51.15
N GLY D 462 23.63 -60.47 -51.30
CA GLY D 462 23.25 -61.74 -51.93
C GLY D 462 22.24 -62.53 -51.11
N THR D 463 21.43 -63.33 -51.79
CA THR D 463 20.48 -64.24 -51.13
C THR D 463 20.94 -65.71 -51.23
N GLY D 464 20.46 -66.53 -50.30
CA GLY D 464 20.75 -67.96 -50.32
C GLY D 464 20.26 -68.69 -51.56
N ALA D 465 21.05 -69.64 -52.05
CA ALA D 465 20.63 -70.55 -53.12
C ALA D 465 19.42 -71.43 -52.72
N THR D 466 18.67 -71.87 -53.71
CA THR D 466 17.56 -72.80 -53.51
C THR D 466 17.92 -74.21 -53.98
N ALA D 467 16.99 -75.16 -53.83
CA ALA D 467 17.19 -76.53 -54.31
C ALA D 467 16.96 -76.64 -55.83
N VAL D 468 16.55 -75.55 -56.46
CA VAL D 468 16.19 -75.50 -57.90
C VAL D 468 17.02 -74.51 -58.74
N GLN D 469 17.56 -73.46 -58.12
CA GLN D 469 18.27 -72.39 -58.83
C GLN D 469 19.19 -71.58 -57.90
N ASP D 470 20.10 -70.84 -58.55
CA ASP D 470 21.03 -69.94 -57.85
C ASP D 470 20.32 -68.87 -57.05
N GLY D 471 20.99 -68.38 -56.01
CA GLY D 471 20.55 -67.19 -55.29
C GLY D 471 20.65 -65.94 -56.15
N LEU D 472 20.04 -64.85 -55.67
CA LEU D 472 20.09 -63.55 -56.37
C LEU D 472 21.23 -62.69 -55.84
N SER D 473 22.00 -62.09 -56.73
CA SER D 473 23.07 -61.19 -56.33
C SER D 473 22.52 -59.78 -56.00
N HIS D 474 23.15 -59.12 -55.01
CA HIS D 474 22.92 -57.70 -54.67
C HIS D 474 21.42 -57.33 -54.68
N ALA D 475 20.67 -58.08 -53.88
CA ALA D 475 19.20 -58.14 -54.01
C ALA D 475 18.31 -57.87 -52.81
N ALA D 476 18.78 -58.13 -51.59
CA ALA D 476 17.89 -58.10 -50.41
C ALA D 476 18.67 -58.11 -49.09
N ALA D 477 17.91 -57.96 -48.01
CA ALA D 477 18.37 -58.12 -46.65
C ALA D 477 17.32 -58.85 -45.87
N ILE D 478 17.71 -59.59 -44.83
CA ILE D 478 16.70 -60.30 -43.99
C ILE D 478 15.63 -59.35 -43.39
N TRP D 479 16.02 -58.14 -43.01
CA TRP D 479 15.11 -57.15 -42.43
C TRP D 479 14.25 -56.37 -43.46
N ASN D 480 14.47 -56.56 -44.76
CA ASN D 480 13.60 -56.00 -45.81
C ASN D 480 13.88 -56.73 -47.15
N PRO D 481 12.96 -57.63 -47.56
CA PRO D 481 13.19 -58.38 -48.79
C PRO D 481 13.09 -57.52 -50.10
N GLU D 482 12.49 -56.32 -50.02
CA GLU D 482 12.43 -55.39 -51.15
C GLU D 482 13.74 -54.58 -51.24
N GLY D 483 14.81 -55.24 -51.65
CA GLY D 483 16.12 -54.59 -51.66
C GLY D 483 16.24 -53.43 -52.64
N ASP D 484 17.08 -52.46 -52.29
CA ASP D 484 17.36 -51.29 -53.13
C ASP D 484 18.73 -50.75 -52.71
N MET D 485 19.66 -50.62 -53.67
CA MET D 485 21.00 -50.05 -53.37
C MET D 485 21.06 -48.51 -53.44
N GLY D 486 20.00 -47.89 -53.96
CA GLY D 486 19.96 -46.45 -54.19
C GLY D 486 20.75 -46.02 -55.40
N ASP D 487 20.41 -44.84 -55.91
CA ASP D 487 21.17 -44.24 -57.01
C ASP D 487 22.43 -43.55 -56.49
N MET D 488 23.53 -43.74 -57.21
CA MET D 488 24.78 -43.03 -56.90
C MET D 488 24.58 -41.53 -56.82
N GLU D 489 23.80 -40.96 -57.75
CA GLU D 489 23.63 -39.49 -57.78
C GLU D 489 22.84 -38.98 -56.56
N ILE D 490 21.95 -39.82 -56.03
CA ILE D 490 21.19 -39.48 -54.81
C ILE D 490 22.09 -39.59 -53.54
N TRP D 491 22.85 -40.68 -53.41
CA TRP D 491 23.82 -40.78 -52.29
C TRP D 491 24.83 -39.61 -52.29
N GLU D 492 25.23 -39.15 -53.48
CA GLU D 492 26.17 -38.02 -53.58
C GLU D 492 25.59 -36.69 -53.09
N LEU D 493 24.26 -36.54 -53.05
CA LEU D 493 23.61 -35.37 -52.44
C LEU D 493 23.60 -35.42 -50.91
N ALA D 494 23.75 -36.63 -50.33
CA ALA D 494 23.67 -36.82 -48.90
C ALA D 494 24.97 -37.23 -48.21
N GLU D 495 26.09 -37.27 -48.95
CA GLU D 495 27.42 -37.68 -48.39
C GLU D 495 28.51 -36.87 -49.11
N PRO D 496 29.54 -36.38 -48.38
CA PRO D 496 30.67 -35.66 -49.02
C PRO D 496 31.72 -36.67 -49.53
N LEU D 497 31.28 -37.47 -50.51
CA LEU D 497 32.01 -38.60 -51.09
C LEU D 497 31.62 -38.70 -52.56
N VAL D 498 32.55 -39.16 -53.42
CA VAL D 498 32.22 -39.47 -54.82
C VAL D 498 32.57 -40.90 -55.20
N TYR D 499 31.73 -41.49 -56.05
CA TYR D 499 31.94 -42.83 -56.56
C TYR D 499 33.07 -42.90 -57.62
N LEU D 500 34.02 -43.79 -57.37
CA LEU D 500 34.99 -44.23 -58.38
C LEU D 500 34.75 -45.68 -58.86
N GLY D 501 33.82 -46.40 -58.25
CA GLY D 501 33.43 -47.73 -58.73
C GLY D 501 32.13 -48.23 -58.14
N ARG D 502 31.44 -49.07 -58.91
CA ARG D 502 30.31 -49.88 -58.43
C ARG D 502 30.30 -51.15 -59.27
N GLN D 503 30.55 -52.31 -58.63
CA GLN D 503 30.88 -53.56 -59.34
C GLN D 503 30.32 -54.76 -58.60
N ILE D 504 29.87 -55.77 -59.33
CA ILE D 504 29.49 -57.06 -58.74
C ILE D 504 30.73 -57.69 -58.06
N LYS D 505 30.54 -58.28 -56.88
CA LYS D 505 31.69 -58.76 -56.04
C LYS D 505 32.02 -60.22 -56.37
N ALA D 506 33.07 -60.41 -57.17
CA ALA D 506 33.46 -61.74 -57.63
C ALA D 506 33.85 -62.65 -56.48
N SER D 507 33.38 -63.89 -56.56
CA SER D 507 33.68 -64.96 -55.60
C SER D 507 33.18 -64.70 -54.17
N SER D 508 32.18 -63.83 -54.03
CA SER D 508 31.51 -63.61 -52.74
C SER D 508 30.36 -64.62 -52.46
N GLY D 509 29.60 -65.00 -53.50
CA GLY D 509 28.52 -65.96 -53.31
C GLY D 509 29.04 -67.34 -52.93
N GLY D 510 28.33 -67.99 -52.03
CA GLY D 510 28.72 -69.31 -51.52
C GLY D 510 28.65 -70.38 -52.60
N SER D 511 29.76 -71.12 -52.76
CA SER D 511 29.83 -72.19 -53.79
C SER D 511 28.86 -73.34 -53.52
N GLY D 512 28.36 -73.90 -54.60
CA GLY D 512 27.44 -75.04 -54.53
C GLY D 512 26.99 -75.55 -55.88
N LYS D 513 26.24 -76.65 -55.88
CA LYS D 513 25.49 -77.05 -57.07
C LYS D 513 24.69 -75.84 -57.64
N TYR D 514 24.00 -75.14 -56.73
CA TYR D 514 23.46 -73.81 -56.98
C TYR D 514 24.25 -72.84 -56.08
N ARG D 515 24.73 -71.77 -56.70
CA ARG D 515 25.59 -70.76 -56.08
C ARG D 515 24.74 -69.74 -55.36
N GLY D 516 25.16 -69.34 -54.16
CA GLY D 516 24.56 -68.20 -53.48
C GLY D 516 24.78 -66.90 -54.25
N GLY D 517 23.88 -65.95 -54.02
CA GLY D 517 24.02 -64.64 -54.64
C GLY D 517 25.33 -63.96 -54.26
N CYS D 518 25.97 -63.31 -55.23
CA CYS D 518 27.09 -62.44 -54.92
C CYS D 518 26.61 -61.13 -54.26
N GLY D 519 27.49 -60.52 -53.48
CA GLY D 519 27.32 -59.14 -53.07
C GLY D 519 27.77 -58.17 -54.18
N PHE D 520 28.08 -56.93 -53.80
CA PHE D 520 28.67 -55.92 -54.69
C PHE D 520 29.59 -55.02 -53.87
N GLU D 521 30.30 -54.13 -54.54
CA GLU D 521 31.25 -53.24 -53.89
C GLU D 521 31.24 -51.88 -54.57
N SER D 522 31.56 -50.86 -53.79
CA SER D 522 31.75 -49.49 -54.31
C SER D 522 33.04 -48.89 -53.75
N LEU D 523 33.84 -48.22 -54.59
CA LEU D 523 34.99 -47.47 -54.15
C LEU D 523 34.60 -46.00 -54.03
N ARG D 524 34.82 -45.43 -52.85
CA ARG D 524 34.58 -44.01 -52.58
C ARG D 524 35.87 -43.20 -52.42
N MET D 525 35.84 -41.98 -52.93
CA MET D 525 36.87 -40.97 -52.67
C MET D 525 36.24 -39.84 -51.84
N VAL D 526 36.89 -39.44 -50.76
CA VAL D 526 36.43 -38.29 -49.95
C VAL D 526 36.51 -37.00 -50.77
N TRP D 527 35.44 -36.19 -50.74
CA TRP D 527 35.35 -35.01 -51.61
C TRP D 527 34.38 -33.93 -51.06
N ASN D 528 34.90 -32.70 -50.88
CA ASN D 528 34.18 -31.55 -50.33
C ASN D 528 33.73 -31.80 -48.85
N ALA D 529 34.48 -32.65 -48.13
CA ALA D 529 34.32 -32.86 -46.69
C ALA D 529 35.37 -32.00 -45.92
N LYS D 530 35.02 -31.62 -44.68
CA LYS D 530 35.96 -30.95 -43.78
C LYS D 530 35.89 -31.58 -42.38
N ASP D 531 37.04 -31.67 -41.71
CA ASP D 531 37.09 -32.21 -40.35
C ASP D 531 36.35 -33.53 -40.25
N TRP D 532 36.71 -34.44 -41.15
CA TRP D 532 35.95 -35.64 -41.47
C TRP D 532 36.57 -36.91 -40.83
N THR D 533 35.71 -37.86 -40.43
CA THR D 533 36.11 -39.21 -39.96
C THR D 533 35.24 -40.29 -40.59
N MET D 534 35.77 -41.54 -40.66
CA MET D 534 35.01 -42.69 -41.13
C MET D 534 35.40 -43.97 -40.37
N PHE D 535 34.53 -44.98 -40.43
CA PHE D 535 34.81 -46.27 -39.81
C PHE D 535 34.04 -47.40 -40.51
N PHE D 536 34.43 -48.63 -40.20
CA PHE D 536 33.88 -49.86 -40.80
C PHE D 536 33.08 -50.66 -39.74
N MET D 537 32.03 -51.36 -40.18
CA MET D 537 31.24 -52.22 -39.30
C MET D 537 30.59 -53.38 -40.08
N GLY D 538 31.04 -54.61 -39.77
CA GLY D 538 30.55 -55.86 -40.39
C GLY D 538 31.34 -57.06 -39.88
N ASN D 539 30.95 -58.26 -40.33
CA ASN D 539 31.63 -59.49 -39.98
C ASN D 539 32.99 -59.59 -40.70
N GLY D 540 34.00 -60.12 -40.02
CA GLY D 540 35.38 -60.18 -40.51
C GLY D 540 35.95 -61.59 -40.58
N HIS D 541 36.34 -62.08 -39.41
CA HIS D 541 36.93 -63.43 -39.28
C HIS D 541 35.97 -64.62 -39.55
N ILE D 542 34.64 -64.40 -39.42
CA ILE D 542 33.62 -65.43 -39.46
C ILE D 542 32.53 -65.08 -40.48
N SER D 543 32.16 -66.05 -41.34
CA SER D 543 30.97 -65.97 -42.16
C SER D 543 29.80 -66.53 -41.34
N SER D 544 28.75 -65.73 -41.13
CA SER D 544 27.61 -66.16 -40.27
C SER D 544 26.70 -67.22 -40.93
N ASP D 545 26.42 -67.03 -42.21
CA ASP D 545 25.64 -68.02 -42.98
C ASP D 545 26.42 -69.31 -43.25
N TRP D 546 25.73 -70.44 -43.40
CA TRP D 546 26.33 -71.71 -43.84
C TRP D 546 25.59 -72.15 -45.11
N GLY D 547 26.31 -72.81 -46.00
CA GLY D 547 25.65 -73.53 -47.10
C GLY D 547 24.85 -74.75 -46.63
N LEU D 548 23.99 -75.25 -47.52
CA LEU D 548 23.05 -76.32 -47.19
C LEU D 548 23.30 -77.56 -48.05
N MET D 549 23.27 -78.73 -47.41
CA MET D 549 23.30 -80.04 -48.11
C MET D 549 24.47 -80.16 -49.07
N GLY D 550 25.63 -79.65 -48.65
CA GLY D 550 26.87 -79.72 -49.43
C GLY D 550 27.42 -78.39 -49.92
N GLY D 551 26.60 -77.33 -49.86
CA GLY D 551 27.03 -75.98 -50.21
C GLY D 551 27.90 -75.34 -49.16
N TYR D 552 28.56 -74.25 -49.54
CA TYR D 552 29.54 -73.51 -48.71
C TYR D 552 29.00 -72.14 -48.27
N PRO D 553 29.55 -71.59 -47.16
CA PRO D 553 29.24 -70.23 -46.76
C PRO D 553 29.70 -69.20 -47.81
N ALA D 554 29.03 -68.06 -47.86
CA ALA D 554 29.55 -66.92 -48.55
C ALA D 554 30.95 -66.54 -48.00
N ALA D 555 31.66 -65.73 -48.78
CA ALA D 555 32.91 -65.10 -48.31
C ALA D 555 32.69 -64.25 -47.07
N SER D 556 33.74 -64.07 -46.26
CA SER D 556 33.72 -63.23 -45.06
C SER D 556 34.25 -61.82 -45.41
N GLY D 557 34.40 -60.93 -44.41
CA GLY D 557 34.68 -59.52 -44.67
C GLY D 557 36.16 -59.13 -44.54
N TYR D 558 36.50 -57.99 -45.14
CA TYR D 558 37.81 -57.36 -44.96
C TYR D 558 37.68 -55.84 -45.18
N ARG D 559 38.72 -55.13 -44.78
CA ARG D 559 38.85 -53.66 -44.87
C ARG D 559 39.89 -53.27 -45.94
N PHE D 560 39.55 -52.25 -46.75
CA PHE D 560 40.50 -51.46 -47.54
C PHE D 560 40.22 -49.97 -47.36
N ALA D 561 41.24 -49.23 -46.93
CA ALA D 561 41.24 -47.78 -46.88
C ALA D 561 42.62 -47.24 -47.19
N ALA D 562 42.68 -46.04 -47.77
CA ALA D 562 43.97 -45.43 -48.13
C ALA D 562 44.02 -43.91 -47.78
N HIS D 563 45.06 -43.52 -47.06
CA HIS D 563 45.31 -42.12 -46.64
C HIS D 563 46.53 -41.55 -47.36
N LYS D 564 46.59 -40.21 -47.44
CA LYS D 564 47.71 -39.50 -48.07
C LYS D 564 48.04 -40.10 -49.45
N THR D 565 46.99 -40.23 -50.26
CA THR D 565 47.05 -40.96 -51.53
C THR D 565 47.85 -40.26 -52.63
N ASN D 566 47.97 -38.94 -52.52
CA ASN D 566 48.50 -38.06 -53.58
C ASN D 566 47.63 -38.07 -54.85
N LEU D 567 46.34 -38.41 -54.73
CA LEU D 567 45.49 -38.53 -55.92
C LEU D 567 45.26 -37.20 -56.66
N LYS D 568 45.29 -36.06 -55.97
CA LYS D 568 45.14 -34.77 -56.67
C LYS D 568 46.18 -34.64 -57.79
N GLU D 569 47.44 -34.91 -57.46
CA GLU D 569 48.54 -34.84 -58.43
C GLU D 569 48.49 -35.98 -59.44
N LEU D 570 48.12 -37.20 -59.02
CA LEU D 570 48.00 -38.33 -59.94
C LEU D 570 46.89 -38.11 -60.98
N ILE D 571 45.76 -37.55 -60.56
CA ILE D 571 44.69 -37.20 -61.48
C ILE D 571 45.19 -36.16 -62.50
N ALA D 572 45.76 -35.07 -62.01
CA ALA D 572 46.27 -33.99 -62.84
C ALA D 572 47.38 -34.41 -63.82
N SER D 573 48.23 -35.34 -63.45
CA SER D 573 49.37 -35.72 -64.31
C SER D 573 49.00 -36.79 -65.36
N GLY D 574 47.77 -37.30 -65.34
CA GLY D 574 47.37 -38.38 -66.25
C GLY D 574 47.82 -39.77 -65.85
N ALA D 575 48.28 -39.96 -64.61
CA ALA D 575 48.69 -41.29 -64.11
C ALA D 575 47.50 -42.24 -63.90
N GLU D 576 47.76 -43.55 -63.82
CA GLU D 576 46.68 -44.52 -63.56
C GLU D 576 46.05 -44.22 -62.20
N ILE D 577 44.73 -44.29 -62.14
CA ILE D 577 44.02 -44.12 -60.88
C ILE D 577 43.09 -45.32 -60.56
N PRO D 578 42.96 -45.65 -59.26
CA PRO D 578 42.04 -46.75 -58.88
C PRO D 578 40.60 -46.45 -59.27
N LEU D 579 39.98 -47.39 -60.00
CA LEU D 579 38.56 -47.31 -60.37
C LEU D 579 37.93 -48.72 -60.28
N GLY D 580 36.61 -48.79 -60.18
CA GLY D 580 35.91 -50.10 -60.13
C GLY D 580 35.90 -50.77 -58.76
N GLY D 581 35.96 -52.10 -58.78
CA GLY D 581 36.03 -52.93 -57.57
C GLY D 581 37.40 -53.56 -57.37
N ASP D 582 37.59 -54.09 -56.17
CA ASP D 582 38.79 -54.79 -55.73
C ASP D 582 38.61 -56.26 -56.14
N THR D 583 38.81 -56.49 -57.44
CA THR D 583 38.33 -57.72 -58.08
C THR D 583 38.84 -59.02 -57.40
N ASP D 584 40.15 -59.06 -57.15
CA ASP D 584 40.81 -60.17 -56.48
C ASP D 584 41.67 -59.60 -55.35
N PRO D 585 41.14 -59.60 -54.10
CA PRO D 585 41.91 -58.97 -53.01
C PRO D 585 43.22 -59.65 -52.64
N GLU D 586 43.40 -60.89 -53.08
CA GLU D 586 44.69 -61.60 -52.97
C GLU D 586 45.71 -61.10 -53.98
N ASN D 587 45.25 -60.60 -55.13
CA ASN D 587 46.09 -60.08 -56.22
C ASN D 587 45.60 -58.67 -56.62
N PRO D 588 45.69 -57.70 -55.71
CA PRO D 588 45.10 -56.39 -55.99
C PRO D 588 45.88 -55.56 -57.00
N THR D 589 45.20 -54.68 -57.72
CA THR D 589 45.84 -53.76 -58.68
C THR D 589 45.97 -52.33 -58.13
N TRP D 590 45.08 -51.91 -57.22
CA TRP D 590 45.07 -50.51 -56.75
C TRP D 590 46.32 -50.11 -55.96
N ASP D 591 46.83 -51.01 -55.13
CA ASP D 591 47.86 -50.67 -54.16
C ASP D 591 49.15 -50.14 -54.84
N ALA D 592 49.55 -50.79 -55.94
CA ALA D 592 50.72 -50.36 -56.70
C ALA D 592 50.57 -48.99 -57.40
N MET D 593 49.32 -48.54 -57.59
CA MET D 593 49.03 -47.22 -58.20
C MET D 593 49.25 -46.06 -57.19
N LEU D 594 49.36 -46.38 -55.89
CA LEU D 594 49.42 -45.39 -54.83
C LEU D 594 50.70 -45.57 -54.00
N PRO D 595 51.88 -45.39 -54.63
CA PRO D 595 53.15 -45.65 -53.94
C PRO D 595 53.41 -44.79 -52.70
N ASP D 596 52.79 -43.62 -52.58
CA ASP D 596 53.00 -42.77 -51.38
C ASP D 596 51.92 -42.92 -50.28
N ALA D 597 50.89 -43.72 -50.52
CA ALA D 597 49.80 -43.82 -49.56
C ALA D 597 50.10 -44.67 -48.31
N GLN D 598 49.43 -44.35 -47.21
CA GLN D 598 49.29 -45.24 -46.07
C GLN D 598 48.04 -46.12 -46.32
N ILE D 599 48.25 -47.41 -46.61
CA ILE D 599 47.16 -48.32 -46.93
C ILE D 599 46.86 -49.25 -45.78
N LYS D 600 45.59 -49.38 -45.43
CA LYS D 600 45.12 -50.42 -44.48
C LYS D 600 44.33 -51.46 -45.25
N ARG D 601 44.87 -52.67 -45.36
CA ARG D 601 44.25 -53.79 -46.10
C ARG D 601 44.40 -55.02 -45.21
N ASP D 602 43.32 -55.42 -44.53
CA ASP D 602 43.42 -56.46 -43.50
C ASP D 602 42.05 -57.01 -43.14
N LYS D 603 42.00 -57.95 -42.18
CA LYS D 603 40.73 -58.55 -41.73
C LYS D 603 39.94 -57.75 -40.68
N GLN D 604 40.34 -56.55 -40.33
CA GLN D 604 39.71 -55.80 -39.26
C GLN D 604 38.46 -55.07 -39.80
N ALA D 605 37.34 -55.78 -39.82
CA ALA D 605 36.10 -55.29 -40.41
C ALA D 605 35.26 -54.43 -39.45
N ILE D 606 35.74 -54.27 -38.21
CA ILE D 606 35.17 -53.36 -37.21
C ILE D 606 36.20 -52.37 -36.74
N THR D 607 35.89 -51.08 -36.84
CA THR D 607 36.76 -50.01 -36.33
C THR D 607 35.95 -48.91 -35.67
N THR D 608 36.63 -48.05 -34.90
CA THR D 608 36.07 -46.79 -34.44
C THR D 608 36.58 -45.68 -35.34
N GLU D 609 35.99 -44.51 -35.22
CA GLU D 609 36.26 -43.39 -36.13
C GLU D 609 37.77 -43.03 -36.27
N GLU D 610 38.17 -42.78 -37.52
CA GLU D 610 39.56 -42.40 -37.87
C GLU D 610 39.51 -41.17 -38.82
N MET D 611 40.45 -40.25 -38.67
CA MET D 611 40.51 -39.05 -39.55
C MET D 611 40.70 -39.44 -41.04
N PHE D 612 39.88 -38.88 -41.91
CA PHE D 612 40.04 -38.96 -43.37
C PHE D 612 40.02 -37.52 -43.95
N SER D 613 40.71 -37.34 -45.07
CA SER D 613 40.72 -36.08 -45.82
C SER D 613 40.32 -36.26 -47.26
N ASP D 614 40.00 -35.15 -47.92
CA ASP D 614 39.73 -35.18 -49.36
C ASP D 614 40.89 -35.90 -50.11
N TYR D 615 40.47 -36.73 -51.08
CA TYR D 615 41.31 -37.60 -51.92
C TYR D 615 41.70 -38.97 -51.28
N ASP D 616 41.34 -39.19 -50.02
CA ASP D 616 41.45 -40.53 -49.39
C ASP D 616 40.37 -41.49 -49.93
N LEU D 617 40.64 -42.81 -49.81
CA LEU D 617 39.79 -43.86 -50.37
C LEU D 617 39.21 -44.78 -49.29
N TYR D 618 38.01 -45.29 -49.55
CA TYR D 618 37.28 -46.22 -48.65
C TYR D 618 36.54 -47.22 -49.54
N LEU D 619 36.75 -48.54 -49.30
CA LEU D 619 36.02 -49.60 -50.02
C LEU D 619 34.79 -50.06 -49.21
N ASN D 620 33.59 -49.89 -49.79
CA ASN D 620 32.34 -50.42 -49.23
C ASN D 620 32.01 -51.80 -49.86
N TYR D 621 32.07 -52.87 -49.08
CA TYR D 621 31.92 -54.26 -49.57
C TYR D 621 30.67 -54.88 -48.94
N MET D 622 29.70 -55.21 -49.80
CA MET D 622 28.46 -55.87 -49.37
C MET D 622 28.54 -57.39 -49.55
N ARG D 623 28.08 -58.14 -48.55
CA ARG D 623 28.28 -59.59 -48.53
C ARG D 623 27.35 -60.40 -49.45
N GLY D 624 27.84 -61.59 -49.83
CA GLY D 624 27.05 -62.58 -50.53
C GLY D 624 26.28 -63.50 -49.60
N GLY D 625 25.48 -64.39 -50.22
CA GLY D 625 24.67 -65.40 -49.52
C GLY D 625 25.21 -66.82 -49.75
N PRO D 626 24.75 -67.78 -48.93
CA PRO D 626 25.22 -69.18 -48.94
C PRO D 626 24.75 -70.06 -50.12
N GLY D 627 25.55 -71.09 -50.41
CA GLY D 627 25.29 -72.01 -51.52
C GLY D 627 24.46 -73.25 -51.13
N PHE D 628 24.04 -74.02 -52.16
CA PHE D 628 23.27 -75.26 -52.05
C PHE D 628 23.85 -76.41 -52.84
N GLY D 629 24.00 -77.57 -52.21
CA GLY D 629 24.45 -78.81 -52.87
C GLY D 629 25.94 -78.92 -53.13
N ASP D 630 26.39 -80.11 -53.49
CA ASP D 630 27.80 -80.37 -53.83
C ASP D 630 28.19 -79.59 -55.08
N PRO D 631 29.23 -78.72 -55.01
CA PRO D 631 29.67 -77.99 -56.20
C PRO D 631 30.06 -78.89 -57.37
N LEU D 632 30.47 -80.13 -57.07
CA LEU D 632 30.79 -81.11 -58.12
C LEU D 632 29.58 -81.53 -58.99
N ASP D 633 28.37 -81.22 -58.54
CA ASP D 633 27.17 -81.44 -59.35
C ASP D 633 26.68 -80.20 -60.11
N ARG D 634 27.37 -79.06 -60.02
CA ARG D 634 26.93 -77.86 -60.76
C ARG D 634 27.02 -78.10 -62.26
N GLU D 635 26.06 -77.57 -63.01
CA GLU D 635 26.09 -77.60 -64.47
C GLU D 635 27.37 -76.89 -65.00
N PRO D 636 28.24 -77.60 -65.75
CA PRO D 636 29.49 -76.95 -66.18
C PRO D 636 29.33 -75.62 -66.93
N GLN D 637 28.31 -75.50 -67.79
CA GLN D 637 28.09 -74.22 -68.50
C GLN D 637 27.81 -73.07 -67.55
N ALA D 638 27.17 -73.34 -66.40
CA ALA D 638 26.86 -72.28 -65.43
C ALA D 638 28.13 -71.74 -64.75
N VAL D 639 29.16 -72.59 -64.62
CA VAL D 639 30.47 -72.17 -64.12
C VAL D 639 31.11 -71.24 -65.18
N ALA D 640 31.14 -71.64 -66.44
CA ALA D 640 31.69 -70.77 -67.50
C ALA D 640 30.93 -69.42 -67.59
N ASP D 641 29.60 -69.46 -67.52
CA ASP D 641 28.77 -68.23 -67.52
C ASP D 641 29.14 -67.31 -66.34
N ASP D 642 29.33 -67.90 -65.16
CA ASP D 642 29.74 -67.15 -63.96
C ASP D 642 31.12 -66.44 -64.11
N ILE D 643 32.09 -67.14 -64.71
CA ILE D 643 33.39 -66.52 -64.97
C ILE D 643 33.24 -65.37 -65.97
N ASN D 644 32.52 -65.59 -67.07
CA ASN D 644 32.29 -64.55 -68.07
C ASN D 644 31.52 -63.35 -67.51
N GLY D 645 30.63 -63.60 -66.57
CA GLY D 645 29.78 -62.54 -66.00
C GLY D 645 30.37 -61.77 -64.81
N GLY D 646 31.53 -62.20 -64.30
CA GLY D 646 32.16 -61.58 -63.12
C GLY D 646 31.68 -62.06 -61.75
N TYR D 647 30.97 -63.19 -61.72
CA TYR D 647 30.47 -63.78 -60.46
C TYR D 647 31.46 -64.66 -59.71
N VAL D 648 32.40 -65.28 -60.46
CA VAL D 648 33.36 -66.22 -59.92
C VAL D 648 34.72 -65.98 -60.61
N LEU D 649 35.78 -65.91 -59.81
CA LEU D 649 37.16 -65.82 -60.32
C LEU D 649 37.61 -67.16 -60.95
N GLU D 650 38.26 -67.06 -62.10
CA GLU D 650 38.66 -68.19 -62.93
C GLU D 650 39.34 -69.34 -62.16
N ARG D 651 40.23 -68.99 -61.23
CA ARG D 651 41.02 -70.00 -60.53
C ARG D 651 40.22 -70.94 -59.64
N PHE D 652 38.99 -70.59 -59.28
CA PHE D 652 38.19 -71.49 -58.48
C PHE D 652 37.38 -72.51 -59.29
N ALA D 653 37.24 -72.33 -60.62
CA ALA D 653 36.51 -73.30 -61.44
C ALA D 653 37.00 -74.74 -61.31
N GLY D 654 38.31 -74.91 -61.42
CA GLY D 654 38.94 -76.23 -61.29
C GLY D 654 38.89 -76.76 -59.87
N GLU D 655 39.36 -75.96 -58.90
CA GLU D 655 39.54 -76.48 -57.53
C GLU D 655 38.20 -76.73 -56.81
N VAL D 656 37.25 -75.82 -56.97
CA VAL D 656 35.95 -75.91 -56.28
C VAL D 656 34.94 -76.78 -57.02
N TYR D 657 34.76 -76.54 -58.32
CA TYR D 657 33.68 -77.16 -59.10
C TYR D 657 34.14 -78.32 -59.99
N GLY D 658 35.45 -78.51 -60.15
CA GLY D 658 36.00 -79.52 -61.04
C GLY D 658 35.70 -79.28 -62.49
N VAL D 659 35.51 -78.01 -62.86
CA VAL D 659 35.16 -77.65 -64.24
C VAL D 659 36.41 -77.07 -64.93
N VAL D 660 36.72 -77.62 -66.11
CA VAL D 660 37.82 -77.14 -66.92
C VAL D 660 37.28 -76.15 -67.96
N VAL D 661 37.70 -74.89 -67.87
CA VAL D 661 37.35 -73.87 -68.85
C VAL D 661 38.57 -73.38 -69.60
N ARG D 662 38.32 -72.82 -70.80
CA ARG D 662 39.35 -72.18 -71.62
C ARG D 662 38.78 -71.02 -72.40
N LYS D 663 39.63 -70.03 -72.62
CA LYS D 663 39.22 -68.81 -73.30
C LYS D 663 39.24 -69.06 -74.81
N GLY D 664 38.14 -68.80 -75.49
CA GLY D 664 38.03 -68.95 -76.94
C GLY D 664 38.58 -67.74 -77.69
N ALA D 665 38.48 -67.78 -79.01
CA ALA D 665 38.92 -66.68 -79.90
C ALA D 665 38.19 -65.34 -79.61
N ASP D 666 36.88 -65.42 -79.34
CA ASP D 666 36.07 -64.26 -78.95
C ASP D 666 36.34 -63.70 -77.54
N GLY D 667 37.29 -64.25 -76.78
CA GLY D 667 37.58 -63.76 -75.42
C GLY D 667 36.70 -64.39 -74.33
N GLN D 668 35.72 -65.22 -74.72
CA GLN D 668 34.79 -65.85 -73.77
C GLN D 668 35.27 -67.23 -73.31
N TYR D 669 35.15 -67.51 -72.02
CA TYR D 669 35.42 -68.85 -71.50
C TYR D 669 34.34 -69.89 -71.93
N GLY D 670 34.79 -71.07 -72.30
CA GLY D 670 33.92 -72.18 -72.67
C GLY D 670 34.36 -73.47 -71.97
N VAL D 671 33.46 -74.43 -71.91
CA VAL D 671 33.71 -75.68 -71.19
C VAL D 671 34.41 -76.73 -72.05
N ASP D 672 35.45 -77.37 -71.50
CA ASP D 672 35.97 -78.68 -72.02
C ASP D 672 35.22 -79.82 -71.31
N GLU D 673 34.24 -80.41 -71.97
CA GLU D 673 33.35 -81.38 -71.32
C GLU D 673 34.08 -82.70 -70.95
N THR D 674 35.01 -83.16 -71.80
CA THR D 674 35.78 -84.39 -71.54
C THR D 674 36.75 -84.21 -70.35
N ALA D 675 37.49 -83.11 -70.37
CA ALA D 675 38.47 -82.83 -69.30
C ALA D 675 37.75 -82.56 -67.97
N THR D 676 36.54 -82.00 -68.03
CA THR D 676 35.71 -81.74 -66.82
C THR D 676 35.26 -83.09 -66.18
N ALA D 677 34.80 -84.02 -66.99
CA ALA D 677 34.39 -85.36 -66.47
C ALA D 677 35.56 -86.05 -65.79
N ALA D 678 36.76 -85.98 -66.38
CA ALA D 678 37.97 -86.57 -65.81
C ALA D 678 38.38 -85.85 -64.53
N ALA D 679 38.30 -84.52 -64.51
CA ALA D 679 38.65 -83.76 -63.29
C ALA D 679 37.75 -84.08 -62.12
N ARG D 680 36.45 -84.24 -62.38
CA ARG D 680 35.48 -84.59 -61.35
C ARG D 680 35.67 -86.01 -60.81
N ALA D 681 35.94 -86.97 -61.69
CA ALA D 681 36.30 -88.34 -61.25
C ALA D 681 37.55 -88.36 -60.34
N GLN D 682 38.53 -87.53 -60.70
CA GLN D 682 39.77 -87.43 -59.93
C GLN D 682 39.57 -86.72 -58.57
N ILE D 683 38.76 -85.68 -58.52
CA ILE D 683 38.46 -85.00 -57.26
C ILE D 683 37.72 -85.95 -56.27
N ARG D 684 36.82 -86.81 -56.77
CA ARG D 684 36.19 -87.81 -55.89
C ARG D 684 37.23 -88.69 -55.21
N LYS D 685 38.23 -89.12 -55.96
CA LYS D 685 39.32 -89.89 -55.35
C LYS D 685 40.20 -89.07 -54.40
N ASP D 686 40.49 -87.81 -54.77
CA ASP D 686 41.26 -86.92 -53.88
C ASP D 686 40.56 -86.74 -52.51
N ARG D 687 39.24 -86.54 -52.56
CA ARG D 687 38.45 -86.34 -51.34
C ARG D 687 38.54 -87.55 -50.42
N LEU D 688 38.46 -88.77 -50.98
CA LEU D 688 38.65 -90.00 -50.20
C LEU D 688 40.07 -90.12 -49.59
N ALA D 689 41.08 -89.73 -50.37
CA ALA D 689 42.47 -89.83 -49.91
C ALA D 689 42.85 -88.83 -48.80
N LYS D 690 42.37 -87.60 -48.91
CA LYS D 690 42.72 -86.54 -47.96
C LYS D 690 41.88 -86.54 -46.68
N SER D 691 40.72 -87.20 -46.67
CA SER D 691 39.81 -87.20 -45.52
C SER D 691 40.15 -88.33 -44.59
N VAL D 692 39.58 -88.29 -43.39
CA VAL D 692 39.72 -89.39 -42.42
C VAL D 692 38.34 -89.79 -41.89
N PRO D 693 38.22 -91.03 -41.37
CA PRO D 693 36.98 -91.38 -40.68
C PRO D 693 36.72 -90.39 -39.53
N VAL D 694 35.46 -90.00 -39.36
CA VAL D 694 35.08 -88.98 -38.37
C VAL D 694 35.52 -89.37 -36.94
N SER D 695 35.45 -90.64 -36.57
CA SER D 695 36.00 -91.07 -35.27
C SER D 695 37.45 -90.73 -35.04
N GLU D 696 38.25 -90.87 -36.10
CA GLU D 696 39.67 -90.60 -36.03
C GLU D 696 39.91 -89.10 -35.85
N TRP D 697 39.25 -88.27 -36.65
CA TRP D 697 39.33 -86.81 -36.48
C TRP D 697 38.87 -86.40 -35.05
N MET D 698 37.75 -86.98 -34.57
CA MET D 698 37.25 -86.68 -33.22
C MET D 698 38.27 -86.98 -32.11
N LYS D 699 39.01 -88.08 -32.24
CA LYS D 699 40.03 -88.44 -31.26
C LYS D 699 41.08 -87.33 -31.10
N GLY D 700 41.55 -86.79 -32.23
CA GLY D 700 42.55 -85.70 -32.21
C GLY D 700 41.99 -84.36 -31.71
N GLU D 701 40.75 -84.03 -32.09
CA GLU D 701 40.12 -82.79 -31.61
C GLU D 701 39.86 -82.83 -30.09
N ARG D 702 39.39 -83.97 -29.59
CA ARG D 702 39.23 -84.21 -28.16
C ARG D 702 40.53 -83.99 -27.34
N GLU D 703 41.68 -84.43 -27.88
CA GLU D 703 42.99 -84.16 -27.25
C GLU D 703 43.27 -82.67 -27.11
N LYS D 704 42.95 -81.89 -28.13
CA LYS D 704 43.11 -80.44 -28.04
C LYS D 704 42.19 -79.80 -26.99
N ILE D 705 40.94 -80.29 -26.91
CA ILE D 705 39.98 -79.79 -25.91
C ILE D 705 40.54 -80.08 -24.48
N LEU D 706 40.98 -81.33 -24.26
CA LEU D 706 41.55 -81.71 -22.98
C LEU D 706 42.78 -80.84 -22.61
N ALA D 707 43.61 -80.51 -23.59
CA ALA D 707 44.78 -79.66 -23.38
C ALA D 707 44.47 -78.12 -23.36
N LYS D 708 43.22 -77.73 -23.54
CA LYS D 708 42.82 -76.32 -23.62
C LYS D 708 43.50 -75.52 -24.76
N ASP D 709 43.70 -76.20 -25.88
CA ASP D 709 44.40 -75.66 -27.04
C ASP D 709 43.37 -75.08 -28.02
N ALA D 710 43.10 -73.79 -27.81
CA ALA D 710 42.33 -72.92 -28.68
C ALA D 710 42.58 -71.46 -28.29
N GLY D 711 42.24 -70.53 -29.15
CA GLY D 711 42.48 -69.12 -28.79
C GLY D 711 41.53 -68.65 -27.67
N THR D 712 41.87 -67.53 -27.04
CA THR D 712 41.05 -67.03 -25.93
C THR D 712 39.61 -66.76 -26.34
N GLN D 713 39.39 -66.32 -27.58
CA GLN D 713 38.05 -66.02 -28.04
C GLN D 713 37.16 -67.29 -28.12
N VAL D 714 37.74 -68.43 -28.49
CA VAL D 714 37.01 -69.68 -28.51
C VAL D 714 36.67 -70.17 -27.07
N ARG D 715 37.65 -70.14 -26.19
CA ARG D 715 37.45 -70.54 -24.79
C ARG D 715 36.45 -69.66 -24.04
N GLN D 716 36.49 -68.35 -24.26
CA GLN D 716 35.52 -67.46 -23.61
C GLN D 716 34.09 -67.78 -24.05
N MET D 717 33.89 -68.03 -25.33
CA MET D 717 32.56 -68.39 -25.90
C MET D 717 31.96 -69.65 -25.23
N PHE D 718 32.73 -70.73 -25.18
CA PHE D 718 32.27 -71.94 -24.48
C PHE D 718 32.06 -71.68 -22.98
N ALA D 719 33.00 -71.01 -22.30
CA ALA D 719 32.82 -70.82 -20.86
C ALA D 719 31.54 -70.05 -20.49
N ALA D 720 31.26 -68.98 -21.24
CA ALA D 720 30.09 -68.16 -20.99
C ALA D 720 28.78 -68.91 -21.32
N SER D 721 28.79 -69.63 -22.44
CA SER D 721 27.66 -70.46 -22.89
C SER D 721 27.33 -71.58 -21.83
N PHE D 722 28.36 -72.22 -21.30
CA PHE D 722 28.17 -73.27 -20.31
C PHE D 722 27.45 -72.74 -19.07
N LYS D 723 27.88 -71.57 -18.56
CA LYS D 723 27.24 -71.00 -17.35
C LYS D 723 25.76 -70.66 -17.55
N LEU D 724 25.41 -70.05 -18.67
CA LEU D 724 24.00 -69.72 -18.96
C LEU D 724 23.12 -70.91 -19.44
N GLY D 725 23.76 -71.99 -19.87
CA GLY D 725 23.10 -73.15 -20.51
C GLY D 725 23.60 -74.51 -20.04
N PRO D 726 23.23 -74.93 -18.83
CA PRO D 726 23.70 -76.22 -18.32
C PRO D 726 23.36 -77.43 -19.20
N ARG D 727 22.25 -77.40 -19.94
CA ARG D 727 21.95 -78.48 -20.85
C ARG D 727 23.01 -78.59 -21.98
N PHE D 728 23.49 -77.43 -22.44
CA PHE D 728 24.53 -77.36 -23.45
C PHE D 728 25.86 -77.88 -22.91
N GLU D 729 26.22 -77.52 -21.69
CA GLU D 729 27.47 -78.03 -21.08
C GLU D 729 27.42 -79.57 -20.98
N LYS D 730 26.29 -80.09 -20.53
CA LYS D 730 26.08 -81.53 -20.44
C LYS D 730 26.22 -82.23 -21.82
N ASP D 731 25.60 -81.66 -22.86
CA ASP D 731 25.71 -82.13 -24.27
C ASP D 731 27.17 -82.18 -24.74
N PHE D 732 27.90 -81.09 -24.52
CA PHE D 732 29.30 -80.97 -24.94
C PHE D 732 30.19 -82.02 -24.26
N ARG D 733 30.04 -82.16 -22.95
CA ARG D 733 30.82 -83.16 -22.17
C ARG D 733 30.55 -84.57 -22.61
N THR D 734 29.28 -84.87 -22.88
CA THR D 734 28.88 -86.19 -23.33
C THR D 734 29.41 -86.48 -24.72
N PHE D 735 29.27 -85.50 -25.63
CA PHE D 735 29.69 -85.67 -27.00
C PHE D 735 31.18 -85.97 -27.08
N TRP D 736 31.98 -85.21 -26.34
CA TRP D 736 33.45 -85.33 -26.35
C TRP D 736 34.01 -86.28 -25.28
N ASP D 737 33.13 -86.96 -24.55
CA ASP D 737 33.52 -87.94 -23.51
C ASP D 737 34.56 -87.32 -22.53
N LEU D 738 34.23 -86.15 -21.99
CA LEU D 738 35.16 -85.44 -21.12
C LEU D 738 35.01 -85.87 -19.66
N PRO D 739 36.14 -86.02 -18.95
CA PRO D 739 36.06 -86.40 -17.55
C PRO D 739 35.58 -85.26 -16.66
N ASP D 740 35.04 -85.59 -15.51
CA ASP D 740 34.58 -84.58 -14.53
C ASP D 740 35.73 -83.70 -13.98
N SER D 741 36.98 -84.17 -14.05
CA SER D 741 38.14 -83.37 -13.70
C SER D 741 38.46 -82.21 -14.67
N TRP D 742 37.96 -82.26 -15.89
CA TRP D 742 38.10 -81.17 -16.87
C TRP D 742 37.06 -80.07 -16.58
N THR D 743 37.50 -78.84 -16.41
CA THR D 743 36.58 -77.69 -16.24
C THR D 743 37.08 -76.48 -17.07
N LEU D 744 36.19 -75.57 -17.42
CA LEU D 744 36.51 -74.36 -18.21
C LEU D 744 35.93 -73.06 -17.58
N PRO D 745 36.45 -72.67 -16.41
CA PRO D 745 35.98 -71.42 -15.81
C PRO D 745 36.49 -70.19 -16.60
N GLU D 746 35.61 -69.24 -16.79
CA GLU D 746 35.92 -68.05 -17.60
C GLU D 746 37.09 -67.24 -17.02
N GLU D 747 37.21 -67.24 -15.69
CA GLU D 747 38.25 -66.48 -14.99
C GLU D 747 39.65 -66.98 -15.25
N GLU D 748 39.83 -68.22 -15.70
CA GLU D 748 41.18 -68.73 -15.90
C GLU D 748 41.76 -68.36 -17.28
N ILE D 749 40.97 -67.74 -18.14
CA ILE D 749 41.41 -67.44 -19.50
C ILE D 749 42.41 -66.28 -19.57
N GLY D 750 42.29 -65.32 -18.67
CA GLY D 750 43.18 -64.16 -18.63
C GLY D 750 42.65 -62.90 -19.32
N VAL D 751 41.35 -62.87 -19.63
CA VAL D 751 40.73 -61.71 -20.22
C VAL D 751 39.76 -61.13 -19.22
N PRO D 752 39.38 -59.85 -19.39
CA PRO D 752 38.37 -59.28 -18.46
C PRO D 752 37.02 -60.02 -18.53
N THR D 753 36.35 -60.14 -17.38
CA THR D 753 35.04 -60.82 -17.28
C THR D 753 33.96 -60.00 -16.53
N TYR D 754 34.01 -58.66 -16.64
CA TYR D 754 33.02 -57.80 -16.02
C TYR D 754 31.63 -58.11 -16.58
N GLY D 755 30.67 -58.23 -15.70
CA GLY D 755 29.30 -58.62 -16.05
C GLY D 755 29.01 -60.10 -16.13
N SER D 756 30.00 -60.96 -15.89
CA SER D 756 29.74 -62.42 -15.93
C SER D 756 28.93 -62.94 -14.73
N ARG D 757 28.99 -62.25 -13.59
CA ARG D 757 28.30 -62.67 -12.37
C ARG D 757 27.31 -61.60 -11.84
N TYR D 758 27.68 -60.34 -11.89
CA TYR D 758 26.84 -59.26 -11.39
C TYR D 758 26.12 -58.55 -12.54
N SER D 759 24.79 -58.48 -12.40
CA SER D 759 23.93 -57.75 -13.36
C SER D 759 22.67 -57.17 -12.66
N MET D 760 22.11 -56.09 -13.19
CA MET D 760 20.89 -55.48 -12.63
C MET D 760 19.92 -55.17 -13.79
N ASP D 761 18.78 -55.85 -13.79
CA ASP D 761 17.77 -55.72 -14.83
C ASP D 761 16.95 -54.44 -14.70
N ILE D 762 16.42 -53.94 -15.84
CA ILE D 762 15.53 -52.75 -15.83
C ILE D 762 14.31 -52.91 -14.92
N SER D 763 13.79 -54.13 -14.76
CA SER D 763 12.63 -54.35 -13.89
C SER D 763 12.92 -54.16 -12.39
N GLU D 764 14.18 -54.07 -12.00
CA GLU D 764 14.57 -53.73 -10.62
C GLU D 764 14.42 -52.26 -10.28
N LEU D 765 14.22 -51.37 -11.26
CA LEU D 765 14.02 -49.94 -10.92
C LEU D 765 12.58 -49.67 -10.47
N PRO D 766 12.35 -48.59 -9.69
CA PRO D 766 11.00 -48.42 -9.12
C PRO D 766 9.89 -48.18 -10.14
N ASP D 767 8.71 -48.80 -9.90
CA ASP D 767 7.51 -48.61 -10.77
C ASP D 767 7.64 -49.16 -12.22
N VAL D 768 8.66 -49.97 -12.50
CA VAL D 768 8.84 -50.59 -13.81
C VAL D 768 8.23 -51.99 -13.87
N HIS D 769 7.27 -52.17 -14.78
CA HIS D 769 6.64 -53.46 -15.02
C HIS D 769 6.95 -53.91 -16.45
N THR D 770 7.75 -54.94 -16.63
CA THR D 770 8.11 -55.38 -17.98
C THR D 770 7.08 -56.38 -18.49
N VAL D 771 6.91 -56.44 -19.81
CA VAL D 771 5.96 -57.38 -20.43
C VAL D 771 6.70 -58.63 -20.88
N GLN D 772 6.17 -59.80 -20.54
CA GLN D 772 6.83 -61.05 -20.87
C GLN D 772 6.28 -61.64 -22.18
N PHE D 773 7.15 -61.93 -23.14
CA PHE D 773 6.73 -62.52 -24.43
C PHE D 773 7.29 -63.94 -24.70
N VAL D 774 8.25 -64.42 -23.90
CA VAL D 774 8.93 -65.69 -24.14
C VAL D 774 9.13 -66.43 -22.82
N GLU D 775 9.48 -67.72 -22.90
CA GLU D 775 9.96 -68.47 -21.74
C GLU D 775 11.42 -68.12 -21.57
N GLU D 776 11.87 -67.91 -20.33
CA GLU D 776 13.22 -67.48 -20.04
C GLU D 776 13.89 -68.18 -18.85
N ARG E 9 -23.29 -33.70 -91.67
CA ARG E 9 -22.36 -33.87 -90.48
C ARG E 9 -21.12 -33.03 -90.57
N ASN E 10 -20.75 -32.43 -89.46
CA ASN E 10 -19.58 -31.59 -89.36
C ASN E 10 -18.57 -32.30 -88.38
N VAL E 11 -17.57 -32.95 -88.96
CA VAL E 11 -16.68 -33.85 -88.24
C VAL E 11 -15.50 -33.05 -87.67
N GLN E 12 -15.30 -33.11 -86.36
CA GLN E 12 -14.40 -32.16 -85.67
C GLN E 12 -13.18 -32.72 -84.95
N VAL E 13 -13.25 -33.99 -84.50
CA VAL E 13 -12.14 -34.60 -83.71
C VAL E 13 -11.83 -36.00 -84.25
N LEU E 14 -10.54 -36.29 -84.41
CA LEU E 14 -10.06 -37.60 -84.80
C LEU E 14 -9.08 -38.14 -83.74
N GLY E 15 -9.35 -39.37 -83.27
CA GLY E 15 -8.41 -40.13 -82.46
C GLY E 15 -7.96 -41.43 -83.13
N ILE E 16 -6.72 -41.82 -82.88
CA ILE E 16 -6.04 -42.93 -83.58
C ILE E 16 -5.39 -43.89 -82.58
N ASP E 17 -5.44 -45.18 -82.91
CA ASP E 17 -4.68 -46.23 -82.21
C ASP E 17 -4.02 -47.19 -83.24
N ALA E 18 -2.73 -46.93 -83.52
CA ALA E 18 -1.92 -47.63 -84.50
C ALA E 18 -0.93 -48.65 -83.90
N GLY E 19 -0.20 -49.36 -84.77
CA GLY E 19 0.89 -50.28 -84.37
C GLY E 19 0.49 -51.68 -83.90
N GLY E 20 -0.77 -51.91 -83.64
CA GLY E 20 -1.22 -53.26 -83.35
C GLY E 20 -1.35 -54.08 -84.63
N THR E 21 -2.13 -55.14 -84.53
CA THR E 21 -2.48 -55.93 -85.68
C THR E 21 -3.37 -55.08 -86.64
N MET E 22 -4.32 -54.35 -86.05
CA MET E 22 -5.32 -53.55 -86.73
C MET E 22 -5.24 -52.11 -86.23
N THR E 23 -5.25 -51.14 -87.16
CA THR E 23 -5.25 -49.71 -86.85
C THR E 23 -6.69 -49.18 -86.71
N ASP E 24 -6.97 -48.55 -85.57
CA ASP E 24 -8.32 -48.06 -85.25
C ASP E 24 -8.38 -46.54 -85.31
N THR E 25 -9.50 -46.02 -85.79
CA THR E 25 -9.78 -44.59 -85.85
C THR E 25 -11.15 -44.31 -85.20
N PHE E 26 -11.30 -43.11 -84.67
CA PHE E 26 -12.47 -42.72 -83.89
C PHE E 26 -12.79 -41.25 -84.22
N PHE E 27 -13.95 -41.02 -84.83
CA PHE E 27 -14.35 -39.69 -85.32
C PHE E 27 -15.52 -39.16 -84.50
N VAL E 28 -15.46 -37.90 -84.09
CA VAL E 28 -16.55 -37.24 -83.32
C VAL E 28 -17.07 -36.01 -84.09
N ASP E 29 -18.40 -35.88 -84.22
CA ASP E 29 -18.99 -34.73 -84.89
C ASP E 29 -19.40 -33.61 -83.91
N GLN E 30 -19.98 -32.52 -84.45
CA GLN E 30 -20.33 -31.36 -83.61
C GLN E 30 -21.38 -31.65 -82.52
N ASP E 31 -22.17 -32.70 -82.70
CA ASP E 31 -23.17 -33.11 -81.72
C ASP E 31 -22.64 -34.17 -80.72
N GLY E 32 -21.40 -34.56 -80.83
CA GLY E 32 -20.84 -35.65 -80.02
C GLY E 32 -21.12 -37.08 -80.53
N ASP E 33 -21.75 -37.23 -81.69
CA ASP E 33 -21.96 -38.55 -82.26
C ASP E 33 -20.62 -39.08 -82.77
N PHE E 34 -20.44 -40.41 -82.76
CA PHE E 34 -19.17 -41.00 -83.19
C PHE E 34 -19.26 -42.23 -84.07
N VAL E 35 -18.20 -42.49 -84.83
CA VAL E 35 -18.02 -43.76 -85.57
C VAL E 35 -16.57 -44.23 -85.48
N VAL E 36 -16.41 -45.54 -85.62
CA VAL E 36 -15.13 -46.22 -85.46
C VAL E 36 -14.75 -46.88 -86.77
N GLY E 37 -13.49 -46.70 -87.19
CA GLY E 37 -12.93 -47.40 -88.37
C GLY E 37 -11.87 -48.41 -88.00
N LYS E 38 -11.69 -49.41 -88.87
CA LYS E 38 -10.67 -50.45 -88.72
C LYS E 38 -10.03 -50.74 -90.07
N ALA E 39 -8.73 -51.07 -90.06
CA ALA E 39 -8.04 -51.64 -91.19
C ALA E 39 -6.77 -52.32 -90.69
N GLN E 40 -6.21 -53.16 -91.54
CA GLN E 40 -4.96 -53.86 -91.25
C GLN E 40 -3.79 -52.88 -91.11
N SER E 41 -2.98 -53.03 -90.08
CA SER E 41 -1.83 -52.14 -89.87
C SER E 41 -0.76 -52.39 -90.93
N THR E 42 -0.04 -51.30 -91.28
CA THR E 42 1.03 -51.31 -92.29
C THR E 42 2.34 -50.79 -91.69
N PRO E 43 3.10 -51.65 -90.99
CA PRO E 43 4.26 -51.13 -90.24
C PRO E 43 5.40 -50.54 -91.07
N GLN E 44 5.52 -50.85 -92.35
CA GLN E 44 6.52 -50.13 -93.21
C GLN E 44 6.20 -48.62 -93.38
N ASN E 45 4.92 -48.27 -93.32
CA ASN E 45 4.48 -46.87 -93.33
C ASN E 45 3.07 -46.81 -92.79
N GLU E 46 2.96 -46.44 -91.51
CA GLU E 46 1.67 -46.55 -90.80
C GLU E 46 0.56 -45.76 -91.45
N ALA E 47 0.91 -44.71 -92.19
CA ALA E 47 -0.04 -43.86 -92.87
C ALA E 47 -0.96 -44.60 -93.83
N LEU E 48 -0.47 -45.66 -94.48
CA LEU E 48 -1.28 -46.39 -95.45
C LEU E 48 -2.50 -47.05 -94.76
N GLY E 49 -2.25 -47.83 -93.68
CA GLY E 49 -3.34 -48.42 -92.92
C GLY E 49 -4.25 -47.42 -92.20
N LEU E 50 -3.66 -46.32 -91.77
CA LEU E 50 -4.41 -45.21 -91.17
C LEU E 50 -5.43 -44.55 -92.10
N ILE E 51 -5.00 -44.29 -93.34
CA ILE E 51 -5.94 -43.81 -94.39
C ILE E 51 -7.08 -44.83 -94.66
N ALA E 52 -6.72 -46.10 -94.81
CA ALA E 52 -7.72 -47.15 -95.03
C ALA E 52 -8.70 -47.28 -93.85
N SER E 53 -8.19 -47.20 -92.62
CA SER E 53 -9.04 -47.22 -91.42
C SER E 53 -10.01 -46.03 -91.41
N SER E 54 -9.48 -44.85 -91.74
CA SER E 54 -10.27 -43.62 -91.82
C SER E 54 -11.44 -43.72 -92.81
N GLU E 55 -11.17 -44.23 -94.02
CA GLU E 55 -12.22 -44.43 -95.03
C GLU E 55 -13.29 -45.43 -94.58
N ASP E 56 -12.86 -46.51 -93.91
CA ASP E 56 -13.78 -47.51 -93.35
C ASP E 56 -14.70 -46.89 -92.29
N GLY E 57 -14.14 -46.06 -91.40
CA GLY E 57 -14.94 -45.42 -90.36
C GLY E 57 -15.96 -44.44 -90.93
N LEU E 58 -15.50 -43.57 -91.80
CA LEU E 58 -16.35 -42.53 -92.36
C LEU E 58 -17.47 -43.09 -93.26
N ALA E 59 -17.24 -44.26 -93.88
CA ALA E 59 -18.29 -44.94 -94.67
C ALA E 59 -19.56 -45.27 -93.85
N ASN E 60 -19.44 -45.44 -92.54
CA ASN E 60 -20.62 -45.59 -91.65
C ASN E 60 -21.52 -44.34 -91.60
N TRP E 61 -21.01 -43.18 -92.01
CA TRP E 61 -21.81 -41.98 -92.15
C TRP E 61 -22.08 -41.61 -93.59
N GLY E 62 -21.82 -42.53 -94.54
CA GLY E 62 -21.87 -42.22 -95.96
C GLY E 62 -21.01 -41.05 -96.39
N MET E 63 -19.85 -40.91 -95.76
CA MET E 63 -19.00 -39.75 -95.97
C MET E 63 -17.66 -40.19 -96.54
N SER E 64 -17.04 -39.30 -97.31
CA SER E 64 -15.73 -39.56 -97.89
C SER E 64 -14.64 -38.91 -97.05
N LEU E 65 -13.41 -39.38 -97.27
CA LEU E 65 -12.26 -38.88 -96.53
C LEU E 65 -12.02 -37.40 -96.84
N HIS E 66 -12.12 -37.07 -98.13
CA HIS E 66 -12.02 -35.70 -98.62
C HIS E 66 -12.97 -34.72 -97.87
N GLU E 67 -14.26 -35.05 -97.78
CA GLU E 67 -15.26 -34.22 -97.08
C GLU E 67 -14.88 -33.97 -95.60
N ALA E 68 -14.59 -35.05 -94.87
CA ALA E 68 -14.37 -34.94 -93.43
C ALA E 68 -13.08 -34.28 -93.02
N LEU E 69 -11.98 -34.57 -93.74
CA LEU E 69 -10.66 -34.12 -93.28
C LEU E 69 -10.56 -32.60 -93.24
N ALA E 70 -11.21 -31.94 -94.20
CA ALA E 70 -11.33 -30.47 -94.25
C ALA E 70 -11.98 -29.83 -93.00
N GLN E 71 -12.93 -30.54 -92.39
CA GLN E 71 -13.70 -30.05 -91.25
C GLN E 71 -12.99 -30.25 -89.88
N LEU E 72 -12.10 -31.24 -89.78
CA LEU E 72 -11.45 -31.58 -88.49
C LEU E 72 -10.69 -30.42 -87.85
N GLN E 73 -10.91 -30.18 -86.56
CA GLN E 73 -10.21 -29.14 -85.80
C GLN E 73 -8.96 -29.63 -85.10
N THR E 74 -8.94 -30.92 -84.78
CA THR E 74 -7.77 -31.53 -84.13
C THR E 74 -7.76 -33.03 -84.37
N GLY E 75 -6.55 -33.60 -84.24
CA GLY E 75 -6.28 -35.03 -84.36
C GLY E 75 -5.22 -35.42 -83.34
N VAL E 76 -5.44 -36.55 -82.69
CA VAL E 76 -4.51 -37.10 -81.67
C VAL E 76 -4.07 -38.52 -82.09
N TYR E 77 -2.75 -38.71 -82.26
CA TYR E 77 -2.16 -40.02 -82.55
C TYR E 77 -1.81 -40.78 -81.28
N SER E 78 -2.04 -42.08 -81.29
CA SER E 78 -1.48 -43.01 -80.30
C SER E 78 -1.21 -44.34 -80.97
N GLY E 79 -0.40 -45.15 -80.32
CA GLY E 79 -0.01 -46.45 -80.86
C GLY E 79 0.86 -47.31 -79.98
N THR E 80 1.23 -48.48 -80.49
CA THR E 80 1.98 -49.47 -79.73
C THR E 80 3.28 -49.94 -80.39
N ALA E 81 3.65 -49.39 -81.56
CA ALA E 81 4.89 -49.82 -82.21
C ALA E 81 6.14 -49.81 -81.31
N MET E 82 6.32 -48.75 -80.53
CA MET E 82 7.48 -48.64 -79.64
C MET E 82 7.35 -49.57 -78.43
N LEU E 83 6.18 -49.60 -77.79
CA LEU E 83 5.92 -50.50 -76.69
C LEU E 83 6.15 -51.97 -77.05
N ASN E 84 5.76 -52.37 -78.25
CA ASN E 84 5.97 -53.73 -78.73
C ASN E 84 7.44 -54.16 -78.73
N ARG E 85 8.34 -53.21 -78.99
CA ARG E 85 9.78 -53.52 -78.98
C ARG E 85 10.28 -53.80 -77.56
N VAL E 86 9.71 -53.06 -76.61
CA VAL E 86 10.03 -53.25 -75.19
C VAL E 86 9.53 -54.62 -74.67
N VAL E 87 8.24 -54.92 -74.84
CA VAL E 87 7.67 -56.13 -74.25
C VAL E 87 8.12 -57.43 -74.91
N GLN E 88 8.47 -57.38 -76.20
CA GLN E 88 9.02 -58.55 -76.91
C GLN E 88 10.54 -58.66 -76.73
N ARG E 89 11.19 -57.62 -76.16
CA ARG E 89 12.65 -57.42 -76.22
C ARG E 89 13.22 -57.63 -77.65
N LYS E 90 12.65 -56.89 -78.61
CA LYS E 90 13.07 -56.90 -80.00
C LYS E 90 13.31 -55.46 -80.41
N GLY E 91 14.44 -54.89 -80.08
CA GLY E 91 14.76 -53.50 -80.43
C GLY E 91 16.06 -53.34 -81.22
N LEU E 92 16.44 -52.09 -81.44
CA LEU E 92 17.70 -51.76 -82.07
C LEU E 92 18.84 -52.18 -81.11
N LYS E 93 19.90 -52.76 -81.67
CA LYS E 93 21.00 -53.24 -80.85
C LYS E 93 21.93 -52.10 -80.34
N CYS E 94 21.66 -51.60 -79.14
CA CYS E 94 22.40 -50.47 -78.57
C CYS E 94 23.59 -50.90 -77.73
N GLY E 95 24.67 -50.13 -77.87
CA GLY E 95 25.78 -50.12 -76.92
C GLY E 95 25.61 -48.99 -75.92
N LEU E 96 26.39 -49.05 -74.82
CA LEU E 96 26.29 -48.10 -73.71
C LEU E 96 27.69 -47.64 -73.29
N ILE E 97 27.89 -46.33 -73.16
CA ILE E 97 29.11 -45.71 -72.57
C ILE E 97 28.77 -44.96 -71.28
N VAL E 98 29.40 -45.40 -70.18
CA VAL E 98 29.21 -44.82 -68.84
C VAL E 98 30.56 -44.46 -68.23
N ASN E 99 30.60 -44.08 -66.94
CA ASN E 99 31.88 -43.85 -66.26
C ASN E 99 32.66 -45.16 -66.01
N ARG E 100 33.95 -45.14 -66.36
CA ARG E 100 34.86 -46.24 -66.07
C ARG E 100 34.86 -46.56 -64.56
N GLY E 101 34.74 -47.86 -64.27
CA GLY E 101 34.56 -48.36 -62.91
C GLY E 101 33.10 -48.64 -62.53
N MET E 102 32.15 -48.13 -63.32
CA MET E 102 30.69 -48.28 -63.02
C MET E 102 29.91 -48.96 -64.15
N GLU E 103 30.63 -49.67 -65.02
CA GLU E 103 30.01 -50.41 -66.15
C GLU E 103 28.88 -51.37 -65.71
N ASP E 104 29.00 -51.94 -64.50
CA ASP E 104 28.00 -52.88 -63.97
C ASP E 104 26.67 -52.25 -63.54
N PHE E 105 26.57 -50.91 -63.44
CA PHE E 105 25.37 -50.35 -62.74
C PHE E 105 24.04 -50.68 -63.44
N HIS E 106 24.06 -50.70 -64.76
CA HIS E 106 22.88 -50.96 -65.58
C HIS E 106 22.32 -52.39 -65.35
N ARG E 107 23.18 -53.39 -65.48
CA ARG E 107 22.77 -54.78 -65.31
C ARG E 107 22.43 -55.17 -63.88
N MET E 108 22.94 -54.43 -62.88
CA MET E 108 22.57 -54.68 -61.48
C MET E 108 21.11 -54.29 -61.19
N GLY E 109 20.52 -53.43 -62.02
CA GLY E 109 19.14 -53.06 -61.85
C GLY E 109 18.79 -52.37 -60.55
N ARG E 110 19.80 -51.76 -59.93
CA ARG E 110 19.69 -51.13 -58.62
C ARG E 110 19.07 -52.03 -57.52
N ALA E 111 19.13 -53.37 -57.71
CA ALA E 111 18.41 -54.37 -56.88
C ALA E 111 16.89 -54.37 -57.07
N VAL E 112 16.31 -53.16 -57.10
CA VAL E 112 14.87 -52.97 -57.12
C VAL E 112 14.18 -53.68 -58.31
N GLN E 113 14.86 -53.78 -59.46
CA GLN E 113 14.29 -54.44 -60.64
C GLN E 113 14.04 -55.99 -60.48
N SER E 114 14.50 -56.58 -59.37
CA SER E 114 14.21 -57.98 -59.07
C SER E 114 12.81 -58.21 -58.44
N HIS E 115 12.13 -57.15 -58.05
CA HIS E 115 10.78 -57.26 -57.43
C HIS E 115 9.73 -56.25 -57.88
N LEU E 116 10.01 -55.50 -58.94
CA LEU E 116 9.05 -54.54 -59.51
C LEU E 116 7.88 -55.28 -60.19
N GLY E 117 6.73 -54.65 -60.18
CA GLY E 117 5.49 -55.21 -60.76
C GLY E 117 4.91 -56.41 -60.01
N TYR E 118 5.18 -56.52 -58.70
CA TYR E 118 4.77 -57.70 -57.93
C TYR E 118 3.58 -57.41 -57.03
N ALA E 119 2.76 -58.44 -56.79
CA ALA E 119 1.77 -58.45 -55.73
C ALA E 119 2.38 -58.22 -54.33
N TYR E 120 1.55 -57.78 -53.37
CA TYR E 120 1.96 -57.62 -51.95
C TYR E 120 2.63 -58.90 -51.45
N GLU E 121 2.00 -60.05 -51.75
CA GLU E 121 2.45 -61.35 -51.34
C GLU E 121 3.84 -61.70 -51.93
N ASP E 122 4.07 -61.35 -53.20
CA ASP E 122 5.33 -61.67 -53.83
C ASP E 122 6.47 -60.70 -53.44
N ARG E 123 6.11 -59.48 -53.06
CA ARG E 123 7.11 -58.52 -52.53
C ARG E 123 7.84 -59.11 -51.34
N ILE E 124 7.08 -59.72 -50.45
CA ILE E 124 7.71 -60.38 -49.26
C ILE E 124 8.18 -61.82 -49.48
N HIS E 125 7.58 -62.57 -50.42
CA HIS E 125 7.95 -63.97 -50.68
C HIS E 125 9.27 -64.02 -51.48
N LEU E 126 10.38 -64.12 -50.77
CA LEU E 126 11.70 -63.84 -51.32
C LEU E 126 12.05 -64.67 -52.56
N ASN E 127 11.78 -65.98 -52.51
CA ASN E 127 12.11 -66.87 -53.64
C ASN E 127 11.39 -66.55 -54.98
N THR E 128 10.33 -65.73 -54.99
CA THR E 128 9.70 -65.27 -56.24
C THR E 128 10.49 -64.18 -56.98
N HIS E 129 11.44 -63.53 -56.31
CA HIS E 129 12.21 -62.41 -56.89
C HIS E 129 13.09 -62.92 -58.02
N ARG E 130 13.29 -62.10 -59.04
CA ARG E 130 13.94 -62.52 -60.29
C ARG E 130 14.35 -61.29 -61.12
N TYR E 131 15.56 -61.29 -61.65
CA TYR E 131 16.03 -60.26 -62.60
C TYR E 131 15.74 -60.70 -64.05
N ASP E 132 15.18 -59.83 -64.88
CA ASP E 132 15.12 -60.07 -66.35
C ASP E 132 16.48 -59.63 -66.93
N PRO E 133 16.88 -60.18 -68.07
CA PRO E 133 18.12 -59.72 -68.73
C PRO E 133 18.12 -58.19 -69.01
N PRO E 134 19.29 -57.55 -68.95
CA PRO E 134 19.38 -56.11 -69.21
C PRO E 134 19.10 -55.70 -70.66
N LEU E 135 18.65 -54.47 -70.84
CA LEU E 135 18.49 -53.87 -72.17
C LEU E 135 19.79 -53.87 -72.99
N VAL E 136 20.90 -53.58 -72.33
CA VAL E 136 22.23 -53.56 -72.95
C VAL E 136 23.10 -54.59 -72.20
N PRO E 137 23.56 -55.64 -72.90
CA PRO E 137 24.43 -56.62 -72.25
C PRO E 137 25.83 -56.03 -71.90
N ARG E 138 26.47 -56.64 -70.91
CA ARG E 138 27.77 -56.20 -70.41
C ARG E 138 28.83 -56.09 -71.51
N HIS E 139 28.86 -57.04 -72.46
CA HIS E 139 29.87 -57.00 -73.53
C HIS E 139 29.68 -55.83 -74.52
N LEU E 140 28.49 -55.21 -74.52
CA LEU E 140 28.24 -53.96 -75.30
C LEU E 140 28.27 -52.69 -74.42
N THR E 141 28.96 -52.74 -73.29
CA THR E 141 29.07 -51.61 -72.37
C THR E 141 30.55 -51.26 -72.21
N ARG E 142 30.91 -49.97 -72.25
CA ARG E 142 32.29 -49.52 -71.97
C ARG E 142 32.27 -48.27 -71.09
N GLY E 143 33.44 -47.90 -70.58
CA GLY E 143 33.60 -46.79 -69.63
C GLY E 143 34.69 -45.78 -70.00
N VAL E 144 34.41 -44.48 -69.75
CA VAL E 144 35.41 -43.41 -69.94
C VAL E 144 35.87 -42.86 -68.58
N VAL E 145 37.14 -42.44 -68.48
CA VAL E 145 37.65 -41.91 -67.22
C VAL E 145 37.33 -40.39 -67.12
N GLU E 146 36.49 -40.08 -66.12
CA GLU E 146 35.89 -38.77 -65.92
C GLU E 146 35.12 -38.78 -64.58
N ARG E 147 35.10 -37.64 -63.87
CA ARG E 147 34.12 -37.41 -62.78
C ARG E 147 33.81 -35.92 -62.61
N THR E 148 32.51 -35.63 -62.55
CA THR E 148 31.95 -34.34 -62.22
C THR E 148 31.05 -34.49 -61.02
N ASP E 149 31.17 -33.57 -60.05
CA ASP E 149 30.43 -33.66 -58.79
C ASP E 149 29.02 -33.04 -58.89
N MET E 150 28.25 -33.13 -57.83
CA MET E 150 26.85 -32.63 -57.79
C MET E 150 26.71 -31.11 -57.96
N MET E 151 27.82 -30.36 -57.80
CA MET E 151 27.87 -28.92 -58.00
C MET E 151 28.26 -28.54 -59.45
N GLY E 152 28.61 -29.51 -60.29
CA GLY E 152 29.15 -29.22 -61.59
C GLY E 152 30.64 -29.05 -61.66
N THR E 153 31.34 -29.29 -60.54
CA THR E 153 32.80 -29.13 -60.48
C THR E 153 33.51 -30.36 -61.03
N GLN E 154 34.53 -30.15 -61.85
CA GLN E 154 35.35 -31.29 -62.31
C GLN E 154 36.28 -31.83 -61.24
N VAL E 155 36.13 -33.09 -60.91
CA VAL E 155 37.00 -33.75 -59.95
C VAL E 155 38.13 -34.45 -60.75
N ILE E 156 37.72 -35.22 -61.77
CA ILE E 156 38.63 -35.94 -62.67
C ILE E 156 38.33 -35.45 -64.11
N PRO E 157 39.23 -34.65 -64.71
CA PRO E 157 39.03 -34.22 -66.09
C PRO E 157 38.84 -35.39 -67.05
N LEU E 158 37.99 -35.22 -68.06
CA LEU E 158 37.78 -36.26 -69.10
C LEU E 158 39.08 -36.62 -69.77
N ARG E 159 39.40 -37.92 -69.79
CA ARG E 159 40.57 -38.43 -70.55
C ARG E 159 40.04 -38.89 -71.92
N GLU E 160 40.29 -38.06 -72.93
CA GLU E 160 39.66 -38.21 -74.25
C GLU E 160 40.03 -39.48 -74.99
N ASP E 161 41.27 -39.95 -74.83
CA ASP E 161 41.71 -41.24 -75.40
C ASP E 161 40.81 -42.43 -74.94
N THR E 162 40.31 -42.40 -73.69
CA THR E 162 39.45 -43.48 -73.18
C THR E 162 38.04 -43.44 -73.88
N ALA E 163 37.58 -42.25 -74.22
CA ALA E 163 36.35 -42.07 -75.03
C ALA E 163 36.50 -42.59 -76.47
N ARG E 164 37.66 -42.36 -77.08
CA ARG E 164 37.95 -42.90 -78.40
C ARG E 164 38.02 -44.40 -78.46
N ASP E 165 38.73 -45.00 -77.50
CA ASP E 165 38.82 -46.48 -77.42
C ASP E 165 37.44 -47.11 -77.14
N ALA E 166 36.65 -46.50 -76.25
CA ALA E 166 35.27 -46.98 -75.99
C ALA E 166 34.39 -47.01 -77.25
N ALA E 167 34.46 -45.92 -78.03
CA ALA E 167 33.73 -45.81 -79.29
C ALA E 167 34.14 -46.87 -80.28
N ARG E 168 35.45 -47.02 -80.51
CA ARG E 168 35.95 -48.03 -81.47
C ARG E 168 35.59 -49.47 -81.07
N ASP E 169 35.64 -49.77 -79.77
CA ASP E 169 35.19 -51.08 -79.24
C ASP E 169 33.73 -51.36 -79.60
N LEU E 170 32.83 -50.39 -79.39
CA LEU E 170 31.40 -50.63 -79.65
C LEU E 170 31.10 -50.68 -81.16
N ILE E 171 31.80 -49.91 -81.96
CA ILE E 171 31.66 -50.01 -83.40
C ILE E 171 32.11 -51.41 -83.88
N ALA E 172 33.27 -51.89 -83.44
CA ALA E 172 33.77 -53.22 -83.81
C ALA E 172 32.86 -54.37 -83.33
N ALA E 173 32.15 -54.16 -82.21
CA ALA E 173 31.14 -55.10 -81.72
C ALA E 173 29.78 -55.02 -82.45
N ASP E 174 29.69 -54.23 -83.53
CA ASP E 174 28.49 -54.13 -84.37
C ASP E 174 27.28 -53.48 -83.70
N ALA E 175 27.49 -52.55 -82.78
CA ALA E 175 26.40 -51.74 -82.23
C ALA E 175 25.67 -50.97 -83.32
N GLU E 176 24.34 -50.94 -83.25
CA GLU E 176 23.49 -50.21 -84.18
C GLU E 176 23.05 -48.84 -83.64
N GLY E 177 23.36 -48.55 -82.39
CA GLY E 177 23.15 -47.24 -81.75
C GLY E 177 24.07 -47.17 -80.53
N ILE E 178 24.47 -45.95 -80.14
CA ILE E 178 25.28 -45.78 -78.93
C ILE E 178 24.69 -44.74 -77.97
N VAL E 179 24.49 -45.15 -76.73
CA VAL E 179 23.96 -44.33 -75.65
C VAL E 179 25.07 -43.90 -74.66
N ILE E 180 25.09 -42.63 -74.27
CA ILE E 180 26.11 -42.09 -73.36
C ILE E 180 25.40 -41.51 -72.12
N SER E 181 25.84 -41.92 -70.93
CA SER E 181 25.27 -41.38 -69.69
C SER E 181 26.35 -41.27 -68.60
N LEU E 182 26.78 -40.05 -68.31
CA LEU E 182 27.78 -39.80 -67.26
C LEU E 182 27.18 -39.15 -66.03
N LEU E 183 27.79 -39.41 -64.87
CA LEU E 183 27.20 -38.96 -63.59
C LEU E 183 27.19 -37.39 -63.50
N HIS E 184 26.05 -36.87 -63.03
CA HIS E 184 25.73 -35.47 -62.91
C HIS E 184 25.81 -34.66 -64.23
N SER E 185 25.66 -35.31 -65.38
CA SER E 185 25.68 -34.59 -66.67
C SER E 185 24.50 -33.61 -66.81
N TYR E 186 23.38 -33.88 -66.12
CA TYR E 186 22.23 -32.97 -66.08
C TYR E 186 22.61 -31.62 -65.44
N LYS E 187 23.62 -31.60 -64.58
CA LYS E 187 24.07 -30.39 -63.88
C LYS E 187 25.13 -29.65 -64.69
N ASN E 188 26.13 -30.37 -65.19
CA ASN E 188 27.14 -29.81 -66.08
C ASN E 188 27.38 -30.78 -67.27
N PRO E 189 26.73 -30.52 -68.42
CA PRO E 189 26.79 -31.47 -69.56
C PRO E 189 28.06 -31.41 -70.43
N VAL E 190 29.03 -30.57 -70.06
CA VAL E 190 30.20 -30.35 -70.90
C VAL E 190 30.91 -31.68 -71.24
N ASN E 191 31.25 -32.47 -70.22
CA ASN E 191 32.02 -33.72 -70.49
C ASN E 191 31.22 -34.74 -71.29
N GLU E 192 29.94 -34.93 -70.97
CA GLU E 192 29.12 -35.91 -71.70
C GLU E 192 28.95 -35.51 -73.16
N ARG E 193 28.77 -34.21 -73.41
CA ARG E 193 28.66 -33.76 -74.81
C ARG E 193 29.98 -33.88 -75.60
N ARG E 194 31.12 -33.74 -74.93
CA ARG E 194 32.42 -33.96 -75.61
C ARG E 194 32.59 -35.46 -75.97
N VAL E 195 32.20 -36.36 -75.06
CA VAL E 195 32.21 -37.82 -75.36
C VAL E 195 31.31 -38.12 -76.57
N ARG E 196 30.10 -37.56 -76.58
CA ARG E 196 29.19 -37.62 -77.73
C ARG E 196 29.90 -37.20 -79.02
N ASP E 197 30.55 -36.04 -79.00
CA ASP E 197 31.20 -35.51 -80.22
C ASP E 197 32.35 -36.44 -80.70
N ILE E 198 33.11 -36.99 -79.76
CA ILE E 198 34.18 -37.95 -80.06
C ILE E 198 33.60 -39.27 -80.62
N VAL E 199 32.50 -39.77 -80.02
CA VAL E 199 31.84 -40.96 -80.56
C VAL E 199 31.35 -40.69 -82.00
N LEU E 200 30.75 -39.53 -82.21
CA LEU E 200 30.29 -39.11 -83.57
C LEU E 200 31.44 -39.06 -84.59
N GLU E 201 32.61 -38.56 -84.20
CA GLU E 201 33.83 -38.59 -85.05
C GLU E 201 34.26 -40.02 -85.46
N GLU E 202 34.26 -40.96 -84.49
CA GLU E 202 34.66 -42.32 -84.78
C GLU E 202 33.62 -43.06 -85.68
N VAL E 203 32.32 -42.80 -85.44
CA VAL E 203 31.27 -43.31 -86.31
C VAL E 203 31.46 -42.81 -87.76
N GLU E 204 31.75 -41.52 -87.94
CA GLU E 204 31.99 -40.93 -89.25
C GLU E 204 33.14 -41.62 -89.98
N LYS E 205 34.26 -41.87 -89.30
CA LYS E 205 35.38 -42.57 -89.93
C LYS E 205 35.04 -44.00 -90.32
N SER E 206 34.15 -44.64 -89.57
CA SER E 206 33.76 -46.02 -89.85
C SER E 206 32.89 -46.19 -91.10
N GLY E 207 32.19 -45.13 -91.49
CA GLY E 207 31.21 -45.18 -92.58
C GLY E 207 29.86 -45.80 -92.27
N LYS E 208 29.65 -46.33 -91.05
CA LYS E 208 28.41 -47.01 -90.70
C LYS E 208 27.35 -46.03 -90.19
N LYS E 209 26.10 -46.44 -90.25
CA LYS E 209 25.00 -45.63 -89.77
C LYS E 209 24.71 -46.03 -88.31
N ILE E 210 25.18 -45.21 -87.35
CA ILE E 210 25.06 -45.51 -85.93
C ILE E 210 24.66 -44.22 -85.23
N PRO E 211 23.37 -44.04 -84.92
CA PRO E 211 22.97 -42.87 -84.16
C PRO E 211 23.49 -42.85 -82.73
N VAL E 212 23.72 -41.65 -82.20
CA VAL E 212 24.30 -41.47 -80.85
C VAL E 212 23.31 -40.70 -79.96
N PHE E 213 23.11 -41.16 -78.72
CA PHE E 213 22.15 -40.53 -77.78
C PHE E 213 22.84 -40.17 -76.45
N ALA E 214 23.11 -38.88 -76.23
CA ALA E 214 23.61 -38.39 -74.91
C ALA E 214 22.43 -38.08 -73.98
N SER E 215 22.45 -38.63 -72.77
CA SER E 215 21.37 -38.46 -71.79
C SER E 215 21.00 -37.00 -71.56
N ALA E 216 21.99 -36.11 -71.52
CA ALA E 216 21.73 -34.67 -71.28
C ALA E 216 20.98 -33.99 -72.41
N ASP E 217 21.03 -34.55 -73.62
CA ASP E 217 20.28 -33.97 -74.74
C ASP E 217 18.80 -34.41 -74.77
N TYR E 218 18.42 -35.40 -73.96
CA TYR E 218 17.07 -36.00 -74.00
C TYR E 218 16.33 -35.97 -72.65
N TYR E 219 16.98 -36.50 -71.58
CA TYR E 219 16.34 -36.66 -70.25
C TYR E 219 17.30 -36.10 -69.16
N PRO E 220 17.51 -34.78 -69.13
CA PRO E 220 18.46 -34.20 -68.19
C PRO E 220 17.88 -34.08 -66.76
N VAL E 221 17.75 -35.21 -66.09
CA VAL E 221 17.24 -35.28 -64.71
C VAL E 221 18.09 -36.26 -63.90
N ARG E 222 18.13 -36.00 -62.59
CA ARG E 222 18.85 -36.79 -61.62
C ARG E 222 18.30 -38.25 -61.46
N LYS E 223 19.23 -39.15 -61.12
CA LYS E 223 19.07 -40.63 -60.90
C LYS E 223 19.57 -41.40 -62.11
N GLU E 224 20.83 -41.85 -62.06
CA GLU E 224 21.44 -42.47 -63.22
C GLU E 224 20.73 -43.75 -63.70
N THR E 225 20.14 -44.51 -62.79
CA THR E 225 19.49 -45.76 -63.20
C THR E 225 18.24 -45.49 -64.08
N HIS E 226 17.37 -44.61 -63.57
CA HIS E 226 16.19 -44.12 -64.27
C HIS E 226 16.56 -43.45 -65.61
N ARG E 227 17.48 -42.49 -65.54
CA ARG E 227 17.87 -41.70 -66.74
C ARG E 227 18.51 -42.59 -67.82
N THR E 228 19.38 -43.49 -67.39
CA THR E 228 20.08 -44.35 -68.34
C THR E 228 19.14 -45.35 -69.04
N ASN E 229 18.22 -45.98 -68.29
CA ASN E 229 17.15 -46.80 -68.90
C ASN E 229 16.31 -46.02 -69.96
N THR E 230 15.90 -44.81 -69.62
CA THR E 230 15.05 -43.98 -70.47
C THR E 230 15.80 -43.60 -71.78
N THR E 231 17.07 -43.19 -71.63
CA THR E 231 17.89 -42.82 -72.78
C THR E 231 18.16 -44.05 -73.68
N ILE E 232 18.36 -45.23 -73.10
CA ILE E 232 18.42 -46.49 -73.84
C ILE E 232 17.14 -46.70 -74.64
N LEU E 233 15.98 -46.53 -74.04
CA LEU E 233 14.73 -46.75 -74.76
C LEU E 233 14.57 -45.82 -75.99
N GLU E 234 15.12 -44.60 -75.87
CA GLU E 234 15.10 -43.66 -76.98
C GLU E 234 15.79 -44.26 -78.22
N GLY E 235 16.91 -44.97 -78.02
CA GLY E 235 17.59 -45.71 -79.09
C GLY E 235 16.99 -47.07 -79.44
N TYR E 236 16.77 -47.89 -78.42
CA TYR E 236 16.28 -49.27 -78.55
C TYR E 236 14.83 -49.41 -79.11
N ALA E 237 13.90 -48.62 -78.59
CA ALA E 237 12.48 -48.70 -78.92
C ALA E 237 11.96 -47.57 -79.81
N ALA E 238 12.39 -46.32 -79.55
CA ALA E 238 11.88 -45.16 -80.30
C ALA E 238 12.54 -44.92 -81.66
N GLU E 239 13.85 -45.13 -81.78
CA GLU E 239 14.58 -44.74 -83.01
C GLU E 239 14.04 -45.38 -84.30
N PRO E 240 13.68 -46.67 -84.29
CA PRO E 240 13.10 -47.21 -85.53
C PRO E 240 11.74 -46.62 -85.95
N SER E 241 11.06 -45.89 -85.06
CA SER E 241 9.81 -45.17 -85.38
C SER E 241 10.03 -43.66 -85.65
N ARG E 242 11.27 -43.22 -85.82
CA ARG E 242 11.58 -41.78 -85.84
C ARG E 242 10.81 -41.00 -86.93
N GLN E 243 10.67 -41.59 -88.11
CA GLN E 243 10.00 -40.93 -89.22
C GLN E 243 8.45 -41.15 -89.29
N THR E 244 7.86 -41.99 -88.42
CA THR E 244 6.43 -42.33 -88.56
C THR E 244 5.50 -41.10 -88.53
N LEU E 245 5.68 -40.22 -87.56
CA LEU E 245 4.82 -39.04 -87.40
C LEU E 245 4.88 -38.08 -88.60
N SER E 246 6.05 -37.90 -89.20
CA SER E 246 6.14 -37.00 -90.36
C SER E 246 5.51 -37.62 -91.62
N LYS E 247 5.59 -38.94 -91.77
CA LYS E 247 4.83 -39.61 -92.83
C LYS E 247 3.32 -39.48 -92.65
N ILE E 248 2.84 -39.64 -91.43
CA ILE E 248 1.39 -39.49 -91.13
C ILE E 248 0.93 -38.05 -91.38
N SER E 249 1.70 -37.10 -90.86
CA SER E 249 1.37 -35.68 -91.03
C SER E 249 1.27 -35.28 -92.52
N ASN E 250 2.19 -35.75 -93.34
CA ASN E 250 2.16 -35.49 -94.79
C ASN E 250 1.03 -36.16 -95.55
N ALA E 251 0.73 -37.41 -95.22
CA ALA E 251 -0.38 -38.13 -95.86
C ALA E 251 -1.73 -37.43 -95.58
N PHE E 252 -1.91 -36.96 -94.35
CA PHE E 252 -3.12 -36.25 -93.99
C PHE E 252 -3.21 -34.82 -94.58
N LYS E 253 -2.09 -34.10 -94.63
CA LYS E 253 -2.08 -32.77 -95.22
C LYS E 253 -2.38 -32.82 -96.75
N GLU E 254 -1.76 -33.76 -97.48
CA GLU E 254 -2.11 -34.05 -98.87
C GLU E 254 -3.62 -34.21 -99.09
N ARG E 255 -4.30 -34.86 -98.14
CA ARG E 255 -5.74 -35.10 -98.24
C ARG E 255 -6.63 -34.04 -97.58
N GLY E 256 -6.07 -32.89 -97.21
CA GLY E 256 -6.82 -31.66 -96.85
C GLY E 256 -6.85 -31.19 -95.40
N THR E 257 -6.11 -31.83 -94.48
CA THR E 257 -6.17 -31.39 -93.05
C THR E 257 -5.47 -30.05 -92.82
N LYS E 258 -5.96 -29.29 -91.84
CA LYS E 258 -5.41 -27.98 -91.44
C LYS E 258 -4.92 -27.90 -90.01
N PHE E 259 -4.98 -28.99 -89.27
CA PHE E 259 -4.56 -29.00 -87.83
C PHE E 259 -3.14 -29.59 -87.72
N ASP E 260 -2.52 -29.44 -86.56
CA ASP E 260 -1.19 -29.93 -86.29
C ASP E 260 -1.38 -31.16 -85.35
N PHE E 261 -0.90 -32.34 -85.76
CA PHE E 261 -1.09 -33.56 -84.97
C PHE E 261 -0.53 -33.39 -83.55
N ARG E 262 -1.28 -33.91 -82.60
CA ARG E 262 -0.85 -34.10 -81.21
C ARG E 262 -0.66 -35.60 -80.94
N VAL E 263 0.11 -35.93 -79.91
CA VAL E 263 0.39 -37.32 -79.53
C VAL E 263 0.22 -37.49 -78.00
N MET E 264 -0.40 -38.59 -77.57
CA MET E 264 -0.59 -38.84 -76.14
C MET E 264 0.73 -39.23 -75.43
N ALA E 265 1.07 -38.50 -74.37
CA ALA E 265 2.32 -38.72 -73.64
C ALA E 265 2.07 -39.48 -72.34
N THR E 266 3.17 -39.85 -71.68
CA THR E 266 3.15 -40.75 -70.49
C THR E 266 2.33 -40.21 -69.31
N HIS E 267 2.30 -38.88 -69.18
CA HIS E 267 1.62 -38.20 -68.06
C HIS E 267 0.11 -37.98 -68.27
N GLY E 268 -0.46 -38.49 -69.37
CA GLY E 268 -1.91 -38.34 -69.62
C GLY E 268 -2.34 -37.02 -70.28
N GLY E 269 -1.39 -36.20 -70.72
CA GLY E 269 -1.65 -35.04 -71.57
C GLY E 269 -0.98 -35.24 -72.91
N THR E 270 -1.33 -34.42 -73.91
CA THR E 270 -0.75 -34.54 -75.26
C THR E 270 0.40 -33.56 -75.48
N ILE E 271 1.29 -33.89 -76.41
CA ILE E 271 2.36 -33.00 -76.87
C ILE E 271 2.40 -32.93 -78.42
N SER E 272 3.19 -32.01 -78.95
CA SER E 272 3.36 -31.90 -80.41
C SER E 272 3.99 -33.13 -81.06
N TRP E 273 3.57 -33.45 -82.28
CA TRP E 273 4.20 -34.49 -83.09
C TRP E 273 5.66 -34.21 -83.45
N LYS E 274 6.09 -32.96 -83.36
CA LYS E 274 7.47 -32.55 -83.61
C LYS E 274 8.45 -32.78 -82.43
N ALA E 275 7.99 -33.32 -81.31
CA ALA E 275 8.88 -33.54 -80.15
C ALA E 275 10.13 -34.35 -80.50
N LYS E 276 11.28 -33.88 -80.05
CA LYS E 276 12.55 -34.56 -80.26
C LYS E 276 12.70 -35.83 -79.42
N GLU E 277 12.06 -35.86 -78.26
CA GLU E 277 12.23 -36.93 -77.29
C GLU E 277 11.05 -37.88 -77.45
N LEU E 278 11.22 -38.90 -78.28
CA LEU E 278 10.13 -39.79 -78.67
C LEU E 278 9.69 -40.78 -77.60
N ALA E 279 10.61 -41.13 -76.69
CA ALA E 279 10.23 -42.06 -75.62
C ALA E 279 9.15 -41.47 -74.68
N ARG E 280 8.96 -40.14 -74.69
CA ARG E 280 7.81 -39.51 -73.99
C ARG E 280 6.46 -40.06 -74.48
N THR E 281 6.41 -40.59 -75.70
CA THR E 281 5.20 -41.17 -76.26
C THR E 281 5.20 -42.71 -76.38
N ILE E 282 6.08 -43.35 -75.62
CA ILE E 282 6.27 -44.80 -75.71
C ILE E 282 5.00 -45.63 -75.36
N VAL E 283 4.16 -45.14 -74.44
CA VAL E 283 2.88 -45.78 -74.12
C VAL E 283 1.64 -44.95 -74.49
N SER E 284 1.75 -44.19 -75.60
CA SER E 284 0.64 -43.35 -76.06
C SER E 284 -0.68 -44.11 -76.12
N GLY E 285 -0.68 -45.28 -76.74
CA GLY E 285 -1.88 -46.11 -76.90
C GLY E 285 -2.53 -46.53 -75.58
N PRO E 286 -1.79 -47.22 -74.70
CA PRO E 286 -2.40 -47.58 -73.41
C PRO E 286 -2.89 -46.38 -72.58
N ILE E 287 -2.16 -45.28 -72.59
CA ILE E 287 -2.59 -44.06 -71.89
C ILE E 287 -3.88 -43.50 -72.48
N GLY E 288 -4.01 -43.54 -73.80
CA GLY E 288 -5.29 -43.19 -74.42
C GLY E 288 -6.43 -44.02 -73.86
N GLY E 289 -6.23 -45.34 -73.74
CA GLY E 289 -7.19 -46.22 -73.10
C GLY E 289 -7.62 -45.80 -71.68
N VAL E 290 -6.64 -45.44 -70.85
CA VAL E 290 -6.92 -45.01 -69.46
C VAL E 290 -7.76 -43.70 -69.42
N ILE E 291 -7.38 -42.75 -70.27
CA ILE E 291 -8.17 -41.52 -70.41
C ILE E 291 -9.61 -41.74 -70.81
N GLY E 292 -9.81 -42.67 -71.74
CA GLY E 292 -11.12 -43.15 -72.13
C GLY E 292 -11.89 -43.74 -70.98
N ALA E 293 -11.23 -44.63 -70.23
CA ALA E 293 -11.86 -45.28 -69.06
C ALA E 293 -12.26 -44.25 -68.00
N LYS E 294 -11.39 -43.28 -67.75
CA LYS E 294 -11.67 -42.24 -66.76
C LYS E 294 -12.89 -41.40 -67.18
N TYR E 295 -12.97 -41.05 -68.47
CA TYR E 295 -14.08 -40.28 -69.01
C TYR E 295 -15.41 -41.05 -68.94
N LEU E 296 -15.40 -42.29 -69.42
CA LEU E 296 -16.59 -43.16 -69.32
C LEU E 296 -17.02 -43.31 -67.86
N GLY E 297 -16.07 -43.55 -66.97
CA GLY E 297 -16.32 -43.66 -65.53
C GLY E 297 -16.92 -42.41 -64.89
N GLU E 298 -16.44 -41.24 -65.27
CA GLU E 298 -17.04 -39.98 -64.82
C GLU E 298 -18.48 -39.79 -65.28
N VAL E 299 -18.77 -40.13 -66.54
CA VAL E 299 -20.13 -39.99 -67.05
C VAL E 299 -21.10 -40.94 -66.34
N LEU E 300 -20.71 -42.19 -66.10
CA LEU E 300 -21.61 -43.19 -65.49
C LEU E 300 -21.52 -43.43 -63.97
N GLY E 301 -20.53 -42.86 -63.27
CA GLY E 301 -20.41 -42.99 -61.82
C GLY E 301 -19.50 -44.11 -61.33
N TYR E 302 -18.59 -44.64 -62.17
CA TYR E 302 -17.58 -45.61 -61.73
C TYR E 302 -16.34 -44.87 -61.23
N LYS E 303 -16.04 -44.98 -59.93
CA LYS E 303 -14.88 -44.35 -59.31
C LYS E 303 -13.62 -45.23 -59.27
N ASN E 304 -13.79 -46.55 -59.12
CA ASN E 304 -12.65 -47.44 -59.00
C ASN E 304 -12.65 -48.45 -60.12
N ILE E 305 -11.71 -48.28 -61.05
CA ILE E 305 -11.71 -49.05 -62.31
C ILE E 305 -10.36 -49.73 -62.51
N ALA E 306 -10.40 -51.03 -62.75
CA ALA E 306 -9.26 -51.78 -63.21
C ALA E 306 -9.33 -51.94 -64.74
N CYS E 307 -8.49 -51.19 -65.44
CA CYS E 307 -8.43 -51.21 -66.91
C CYS E 307 -7.63 -52.41 -67.37
N SER E 308 -8.09 -53.06 -68.45
CA SER E 308 -7.41 -54.22 -68.98
C SER E 308 -7.63 -54.33 -70.51
N ASP E 309 -6.55 -54.57 -71.26
CA ASP E 309 -6.57 -54.49 -72.73
C ASP E 309 -5.65 -55.53 -73.31
N ILE E 310 -6.18 -56.45 -74.15
CA ILE E 310 -5.33 -57.37 -74.93
C ILE E 310 -5.36 -56.96 -76.40
N GLY E 311 -4.19 -56.91 -77.02
CA GLY E 311 -4.04 -56.75 -78.47
C GLY E 311 -3.27 -57.90 -79.06
N GLY E 312 -2.70 -57.70 -80.26
CA GLY E 312 -1.90 -58.73 -80.90
C GLY E 312 -0.61 -59.08 -80.19
N THR E 313 -0.05 -58.14 -79.43
CA THR E 313 1.29 -58.28 -78.85
C THR E 313 1.36 -58.12 -77.31
N SER E 314 0.60 -57.20 -76.73
CA SER E 314 0.67 -56.87 -75.29
C SER E 314 -0.66 -56.96 -74.53
N PHE E 315 -0.53 -57.12 -73.21
CA PHE E 315 -1.62 -57.04 -72.24
C PHE E 315 -1.25 -55.85 -71.34
N ASP E 316 -2.13 -54.85 -71.29
CA ASP E 316 -1.91 -53.60 -70.56
C ASP E 316 -2.96 -53.48 -69.46
N VAL E 317 -2.52 -53.08 -68.26
CA VAL E 317 -3.39 -52.90 -67.11
C VAL E 317 -3.08 -51.58 -66.39
N ALA E 318 -4.11 -50.99 -65.79
CA ALA E 318 -3.98 -49.72 -65.06
C ALA E 318 -5.13 -49.55 -64.07
N LEU E 319 -4.90 -48.79 -63.01
CA LEU E 319 -5.89 -48.54 -61.98
C LEU E 319 -6.30 -47.09 -61.93
N ILE E 320 -7.60 -46.85 -61.89
CA ILE E 320 -8.18 -45.55 -61.52
C ILE E 320 -8.82 -45.74 -60.14
N THR E 321 -8.46 -44.92 -59.15
CA THR E 321 -9.02 -45.05 -57.79
C THR E 321 -9.58 -43.70 -57.33
N GLN E 322 -10.77 -43.74 -56.74
CA GLN E 322 -11.54 -42.53 -56.35
C GLN E 322 -11.59 -41.49 -57.48
N GLY E 323 -11.86 -41.95 -58.69
CA GLY E 323 -11.96 -41.11 -59.86
C GLY E 323 -10.66 -40.48 -60.40
N GLU E 324 -9.51 -40.79 -59.81
CA GLU E 324 -8.23 -40.17 -60.21
C GLU E 324 -7.27 -41.17 -60.82
N MET E 325 -6.55 -40.74 -61.85
CA MET E 325 -5.33 -41.43 -62.28
C MET E 325 -4.26 -40.88 -61.38
N THR E 326 -3.26 -41.68 -61.07
CA THR E 326 -2.21 -41.28 -60.14
C THR E 326 -0.93 -41.12 -60.97
N ILE E 327 -0.44 -39.90 -61.15
CA ILE E 327 0.75 -39.63 -61.93
C ILE E 327 1.97 -39.70 -61.03
N LYS E 328 2.92 -40.57 -61.36
CA LYS E 328 4.06 -40.84 -60.50
C LYS E 328 5.34 -40.34 -61.18
N ASN E 329 6.14 -39.55 -60.47
CA ASN E 329 7.50 -39.15 -60.95
C ASN E 329 8.45 -40.27 -60.66
N ASP E 330 9.48 -40.40 -61.51
CA ASP E 330 10.44 -41.51 -61.39
C ASP E 330 9.71 -42.89 -61.17
N PRO E 331 8.84 -43.26 -62.11
CA PRO E 331 8.05 -44.47 -62.00
C PRO E 331 8.81 -45.72 -62.42
N ASP E 332 8.14 -46.85 -62.41
CA ASP E 332 8.60 -48.04 -63.13
C ASP E 332 7.53 -48.56 -64.09
N MET E 333 7.99 -49.23 -65.13
CA MET E 333 7.13 -49.92 -66.08
C MET E 333 7.91 -50.99 -66.83
N ALA E 334 7.25 -52.12 -67.13
CA ALA E 334 7.92 -53.29 -67.73
C ALA E 334 9.16 -53.72 -66.93
N ARG E 335 9.09 -53.55 -65.61
CA ARG E 335 10.16 -53.87 -64.65
C ARG E 335 11.44 -53.05 -64.87
N LEU E 336 11.27 -51.83 -65.38
CA LEU E 336 12.37 -50.90 -65.61
C LEU E 336 12.09 -49.58 -64.85
N VAL E 337 13.05 -49.09 -64.06
CA VAL E 337 12.96 -47.74 -63.53
C VAL E 337 13.15 -46.71 -64.66
N LEU E 338 12.31 -45.67 -64.71
CA LEU E 338 12.27 -44.69 -65.82
C LEU E 338 12.14 -43.25 -65.32
N SER E 339 12.48 -42.28 -66.17
CA SER E 339 12.45 -40.86 -65.80
C SER E 339 11.22 -40.10 -66.35
N LEU E 340 10.28 -40.80 -66.96
CA LEU E 340 9.10 -40.17 -67.58
C LEU E 340 7.93 -40.12 -66.56
N PRO E 341 7.35 -38.94 -66.28
CA PRO E 341 6.19 -39.00 -65.37
C PRO E 341 5.03 -39.78 -65.98
N LEU E 342 4.52 -40.75 -65.21
CA LEU E 342 3.68 -41.81 -65.74
C LEU E 342 2.43 -42.04 -64.91
N VAL E 343 1.27 -42.09 -65.61
CA VAL E 343 0.05 -42.58 -64.95
C VAL E 343 0.34 -44.03 -64.58
N ALA E 344 -0.11 -44.48 -63.43
CA ALA E 344 0.16 -45.83 -62.99
C ALA E 344 -0.43 -46.93 -63.93
N MET E 345 0.45 -47.58 -64.68
CA MET E 345 0.06 -48.64 -65.62
C MET E 345 1.20 -49.65 -65.75
N ASP E 346 0.93 -50.81 -66.32
CA ASP E 346 2.02 -51.72 -66.68
C ASP E 346 1.62 -52.54 -67.91
N SER E 347 2.60 -53.19 -68.53
CA SER E 347 2.37 -53.95 -69.74
C SER E 347 3.34 -55.14 -69.87
N VAL E 348 2.85 -56.26 -70.41
CA VAL E 348 3.62 -57.48 -70.58
C VAL E 348 3.41 -58.09 -71.98
N GLY E 349 4.42 -58.83 -72.46
CA GLY E 349 4.36 -59.49 -73.79
C GLY E 349 3.52 -60.78 -73.83
N ALA E 350 2.20 -60.61 -73.95
CA ALA E 350 1.28 -61.73 -74.09
C ALA E 350 0.10 -61.20 -74.87
N GLY E 351 -0.17 -61.75 -76.05
CA GLY E 351 -1.25 -61.26 -76.93
C GLY E 351 -1.73 -62.31 -77.94
N ALA E 352 -2.69 -61.93 -78.78
CA ALA E 352 -3.34 -62.89 -79.69
C ALA E 352 -2.43 -63.38 -80.84
N GLY E 353 -1.32 -62.68 -81.06
CA GLY E 353 -0.29 -63.08 -82.04
C GLY E 353 0.95 -63.75 -81.45
N SER E 354 1.00 -63.92 -80.13
CA SER E 354 2.16 -64.49 -79.47
C SER E 354 2.46 -65.90 -80.03
N PHE E 355 3.75 -66.12 -80.38
CA PHE E 355 4.21 -67.41 -80.87
C PHE E 355 4.18 -68.48 -79.75
N ILE E 356 3.91 -69.72 -80.13
CA ILE E 356 3.88 -70.87 -79.19
C ILE E 356 5.01 -71.81 -79.62
N ARG E 357 5.92 -72.13 -78.68
CA ARG E 357 7.06 -73.00 -78.92
C ARG E 357 7.22 -74.02 -77.79
N LEU E 358 7.74 -75.19 -78.11
CA LEU E 358 8.14 -76.18 -77.10
C LEU E 358 9.61 -76.08 -76.73
N ASP E 359 9.90 -76.15 -75.43
CA ASP E 359 11.31 -76.23 -74.98
C ASP E 359 11.92 -77.50 -75.58
N PRO E 360 13.12 -77.39 -76.23
CA PRO E 360 13.67 -78.59 -76.90
C PRO E 360 14.02 -79.75 -75.94
N TYR E 361 14.30 -79.45 -74.67
CA TYR E 361 14.69 -80.45 -73.65
C TYR E 361 13.55 -80.91 -72.75
N THR E 362 12.74 -79.99 -72.21
CA THR E 362 11.65 -80.36 -71.31
C THR E 362 10.27 -80.51 -71.96
N ARG E 363 10.13 -80.04 -73.19
CA ARG E 363 8.82 -79.93 -73.88
C ARG E 363 7.78 -79.02 -73.18
N ALA E 364 8.23 -78.14 -72.28
CA ALA E 364 7.34 -77.12 -71.70
C ALA E 364 6.82 -76.20 -72.79
N ILE E 365 5.57 -75.78 -72.69
CA ILE E 365 5.01 -74.81 -73.62
C ILE E 365 5.44 -73.40 -73.20
N LYS E 366 5.93 -72.62 -74.16
CA LYS E 366 6.32 -71.23 -73.93
C LYS E 366 5.56 -70.28 -74.84
N LEU E 367 4.92 -69.26 -74.27
CA LEU E 367 4.12 -68.28 -75.00
C LEU E 367 4.88 -66.98 -75.15
N GLY E 368 5.13 -66.54 -76.36
CA GLY E 368 5.84 -65.28 -76.57
C GLY E 368 7.27 -65.31 -76.04
N PRO E 369 7.82 -64.16 -75.59
CA PRO E 369 7.13 -62.86 -75.54
C PRO E 369 6.93 -62.17 -76.92
N ASP E 370 7.57 -62.71 -77.97
CA ASP E 370 7.40 -62.20 -79.34
C ASP E 370 6.11 -62.67 -80.02
N SER E 371 5.69 -61.92 -81.03
CA SER E 371 4.39 -62.06 -81.70
C SER E 371 4.48 -61.90 -83.22
N ALA E 372 3.57 -62.54 -83.94
CA ALA E 372 3.40 -62.31 -85.36
C ALA E 372 2.88 -60.91 -85.72
N GLY E 373 2.28 -60.19 -84.77
CA GLY E 373 1.68 -58.88 -85.05
C GLY E 373 0.65 -58.88 -86.18
N TYR E 374 0.81 -57.95 -87.14
CA TYR E 374 -0.12 -57.82 -88.27
C TYR E 374 -0.21 -59.08 -89.15
N ARG E 375 0.78 -59.96 -89.06
CA ARG E 375 0.79 -61.22 -89.82
C ARG E 375 -0.05 -62.37 -89.24
N VAL E 376 -0.56 -62.21 -88.01
CA VAL E 376 -1.62 -63.03 -87.40
C VAL E 376 -1.18 -64.42 -86.94
N GLY E 377 -0.80 -65.26 -87.91
CA GLY E 377 -0.47 -66.65 -87.63
C GLY E 377 -0.45 -67.50 -88.90
N VAL E 378 -0.32 -68.79 -88.73
CA VAL E 378 -0.24 -69.74 -89.83
C VAL E 378 -1.56 -69.75 -90.65
N CYS E 379 -2.67 -69.49 -89.97
CA CYS E 379 -4.01 -69.40 -90.61
C CYS E 379 -4.13 -68.35 -91.73
N TRP E 380 -3.33 -67.29 -91.71
CA TRP E 380 -3.34 -66.32 -92.83
C TRP E 380 -2.31 -66.80 -93.87
N LYS E 381 -2.78 -67.40 -94.96
CA LYS E 381 -1.85 -68.08 -95.90
C LYS E 381 -0.82 -67.13 -96.58
N GLU E 382 -1.22 -65.89 -96.78
CA GLU E 382 -0.35 -64.87 -97.38
C GLU E 382 0.64 -64.23 -96.39
N SER E 383 0.59 -64.57 -95.10
CA SER E 383 1.49 -64.00 -94.10
C SER E 383 2.93 -64.48 -94.21
N GLY E 384 3.12 -65.72 -94.64
CA GLY E 384 4.40 -66.38 -94.63
C GLY E 384 4.85 -66.83 -93.25
N ILE E 385 3.97 -66.80 -92.25
CA ILE E 385 4.31 -67.22 -90.89
C ILE E 385 4.30 -68.76 -90.85
N GLU E 386 5.36 -69.32 -90.27
CA GLU E 386 5.53 -70.77 -90.14
C GLU E 386 5.30 -71.29 -88.72
N THR E 387 5.52 -70.46 -87.72
CA THR E 387 5.37 -70.84 -86.33
C THR E 387 3.96 -70.53 -85.80
N VAL E 388 3.33 -71.52 -85.17
CA VAL E 388 1.96 -71.30 -84.66
C VAL E 388 1.83 -70.17 -83.65
N THR E 389 0.68 -69.52 -83.66
CA THR E 389 0.39 -68.46 -82.68
C THR E 389 -0.90 -68.74 -81.92
N ILE E 390 -1.18 -67.89 -80.92
CA ILE E 390 -2.46 -67.93 -80.20
C ILE E 390 -3.66 -67.82 -81.13
N SER E 391 -3.55 -67.04 -82.20
CA SER E 391 -4.65 -66.91 -83.17
C SER E 391 -4.97 -68.27 -83.84
N ASP E 392 -3.94 -69.08 -84.09
CA ASP E 392 -4.15 -70.45 -84.59
C ASP E 392 -4.93 -71.32 -83.59
N CYS E 393 -4.69 -71.14 -82.29
CA CYS E 393 -5.49 -71.83 -81.27
C CYS E 393 -6.95 -71.35 -81.28
N HIS E 394 -7.17 -70.03 -81.44
CA HIS E 394 -8.52 -69.48 -81.57
C HIS E 394 -9.30 -70.13 -82.73
N MET E 395 -8.62 -70.36 -83.85
CA MET E 395 -9.26 -71.03 -85.02
C MET E 395 -9.68 -72.47 -84.67
N VAL E 396 -8.76 -73.25 -84.10
CA VAL E 396 -9.05 -74.65 -83.73
C VAL E 396 -10.25 -74.75 -82.76
N LEU E 397 -10.22 -73.91 -81.72
CA LEU E 397 -11.19 -74.00 -80.65
C LEU E 397 -12.57 -73.38 -80.93
N GLY E 398 -12.69 -72.62 -82.03
CA GLY E 398 -13.92 -71.89 -82.34
C GLY E 398 -14.13 -70.57 -81.62
N TYR E 399 -13.07 -69.98 -81.06
CA TYR E 399 -13.18 -68.67 -80.42
C TYR E 399 -13.47 -67.59 -81.46
N LEU E 400 -12.80 -67.64 -82.62
CA LEU E 400 -13.00 -66.64 -83.66
C LEU E 400 -13.53 -67.25 -84.96
N ASN E 401 -14.14 -66.39 -85.76
CA ASN E 401 -14.76 -66.76 -87.03
C ASN E 401 -13.73 -66.58 -88.15
N PRO E 402 -13.31 -67.69 -88.80
CA PRO E 402 -12.38 -67.62 -89.96
C PRO E 402 -12.86 -66.68 -91.10
N ASP E 403 -14.16 -66.53 -91.23
CA ASP E 403 -14.76 -65.76 -92.33
C ASP E 403 -15.15 -64.33 -91.99
N ASN E 404 -14.86 -63.87 -90.78
CA ASN E 404 -15.19 -62.49 -90.40
C ASN E 404 -14.08 -61.78 -89.62
N PHE E 405 -12.84 -62.05 -90.01
CA PHE E 405 -11.65 -61.41 -89.42
C PHE E 405 -11.42 -60.15 -90.23
N LEU E 406 -11.33 -59.02 -89.55
CA LEU E 406 -11.48 -57.70 -90.19
C LEU E 406 -12.71 -57.57 -91.11
N GLY E 407 -13.85 -58.03 -90.61
CA GLY E 407 -15.08 -58.01 -91.37
C GLY E 407 -15.12 -58.89 -92.59
N GLY E 408 -14.22 -59.86 -92.68
CA GLY E 408 -14.05 -60.71 -93.87
C GLY E 408 -13.01 -60.22 -94.87
N ALA E 409 -12.37 -59.08 -94.62
CA ALA E 409 -11.31 -58.56 -95.50
C ALA E 409 -9.99 -59.35 -95.51
N VAL E 410 -9.74 -60.13 -94.47
CA VAL E 410 -8.56 -61.02 -94.37
C VAL E 410 -9.07 -62.44 -94.18
N LYS E 411 -8.82 -63.30 -95.17
CA LYS E 411 -9.30 -64.67 -95.16
C LYS E 411 -8.38 -65.62 -94.37
N LEU E 412 -8.94 -66.29 -93.34
CA LEU E 412 -8.19 -67.23 -92.52
C LEU E 412 -8.66 -68.66 -92.80
N ASP E 413 -7.73 -69.63 -92.76
CA ASP E 413 -7.99 -71.04 -93.08
C ASP E 413 -7.75 -71.90 -91.82
N ARG E 414 -8.83 -72.35 -91.18
CA ARG E 414 -8.74 -73.16 -89.96
C ARG E 414 -7.90 -74.44 -90.15
N GLN E 415 -8.02 -75.06 -91.32
CA GLN E 415 -7.26 -76.30 -91.62
C GLN E 415 -5.74 -76.08 -91.54
N ARG E 416 -5.25 -74.92 -91.97
CA ARG E 416 -3.83 -74.61 -91.80
C ARG E 416 -3.41 -74.54 -90.31
N SER E 417 -4.28 -74.03 -89.44
CA SER E 417 -4.03 -73.99 -88.00
C SER E 417 -4.02 -75.40 -87.42
N VAL E 418 -4.99 -76.23 -87.85
CA VAL E 418 -5.08 -77.64 -87.39
C VAL E 418 -3.76 -78.36 -87.72
N ASP E 419 -3.34 -78.32 -88.99
CA ASP E 419 -2.15 -79.04 -89.45
C ASP E 419 -0.86 -78.60 -88.72
N ALA E 420 -0.69 -77.29 -88.52
CA ALA E 420 0.52 -76.73 -87.91
C ALA E 420 0.58 -76.97 -86.40
N ILE E 421 -0.56 -76.84 -85.71
CA ILE E 421 -0.61 -77.20 -84.29
C ILE E 421 -0.32 -78.69 -84.11
N LYS E 422 -0.87 -79.54 -85.00
CA LYS E 422 -0.61 -80.98 -84.94
C LYS E 422 0.88 -81.29 -85.03
N ALA E 423 1.57 -80.70 -85.97
CA ALA E 423 3.00 -80.98 -86.19
C ALA E 423 3.91 -80.38 -85.10
N GLN E 424 3.62 -79.15 -84.66
CA GLN E 424 4.52 -78.40 -83.76
C GLN E 424 4.30 -78.64 -82.25
N ILE E 425 3.04 -78.82 -81.85
CA ILE E 425 2.65 -78.87 -80.42
C ILE E 425 2.01 -80.23 -80.04
N ALA E 426 0.96 -80.64 -80.75
CA ALA E 426 0.14 -81.78 -80.31
C ALA E 426 0.84 -83.16 -80.45
N ASP E 427 1.34 -83.49 -81.63
CA ASP E 427 2.05 -84.77 -81.82
C ASP E 427 3.26 -84.95 -80.86
N PRO E 428 4.14 -83.94 -80.72
CA PRO E 428 5.29 -84.04 -79.76
C PRO E 428 4.91 -84.23 -78.30
N LEU E 429 3.76 -83.70 -77.89
CA LEU E 429 3.22 -83.90 -76.54
C LEU E 429 2.31 -85.10 -76.36
N GLY E 430 2.01 -85.85 -77.43
CA GLY E 430 1.04 -86.94 -77.33
C GLY E 430 -0.40 -86.51 -77.03
N LEU E 431 -0.80 -85.33 -77.55
CA LEU E 431 -2.15 -84.79 -77.35
C LEU E 431 -2.92 -84.71 -78.66
N SER E 432 -4.25 -84.77 -78.59
CA SER E 432 -5.10 -84.36 -79.70
C SER E 432 -4.86 -82.87 -80.02
N VAL E 433 -5.20 -82.46 -81.25
CA VAL E 433 -5.05 -81.06 -81.65
C VAL E 433 -5.86 -80.11 -80.75
N GLU E 434 -7.11 -80.45 -80.44
CA GLU E 434 -7.96 -79.58 -79.62
C GLU E 434 -7.50 -79.53 -78.15
N ASP E 435 -6.94 -80.62 -77.61
CA ASP E 435 -6.39 -80.56 -76.25
C ASP E 435 -5.10 -79.76 -76.15
N ALA E 436 -4.28 -79.82 -77.19
CA ALA E 436 -3.06 -78.99 -77.25
C ALA E 436 -3.45 -77.49 -77.29
N ALA E 437 -4.37 -77.12 -78.19
CA ALA E 437 -4.83 -75.73 -78.29
C ALA E 437 -5.54 -75.25 -76.99
N ALA E 438 -6.40 -76.10 -76.42
CA ALA E 438 -7.09 -75.78 -75.15
C ALA E 438 -6.11 -75.59 -73.98
N GLY E 439 -5.06 -76.41 -73.97
CA GLY E 439 -3.99 -76.30 -72.97
C GLY E 439 -3.20 -75.00 -73.08
N VAL E 440 -2.92 -74.57 -74.31
CA VAL E 440 -2.31 -73.26 -74.57
C VAL E 440 -3.19 -72.13 -74.01
N ILE E 441 -4.50 -72.19 -74.31
CA ILE E 441 -5.43 -71.14 -73.86
C ILE E 441 -5.60 -71.14 -72.33
N GLU E 442 -5.58 -72.33 -71.70
CA GLU E 442 -5.52 -72.43 -70.22
C GLU E 442 -4.32 -71.71 -69.64
N LEU E 443 -3.14 -71.86 -70.26
CA LEU E 443 -1.95 -71.18 -69.81
C LEU E 443 -2.06 -69.67 -69.96
N LEU E 444 -2.51 -69.20 -71.12
CA LEU E 444 -2.75 -67.77 -71.32
C LEU E 444 -3.73 -67.16 -70.29
N ASP E 445 -4.91 -67.77 -70.15
CA ASP E 445 -5.94 -67.25 -69.22
C ASP E 445 -5.35 -67.08 -67.79
N SER E 446 -4.62 -68.09 -67.35
CA SER E 446 -4.00 -68.09 -66.02
C SER E 446 -2.89 -67.03 -65.84
N ASP E 447 -2.04 -66.88 -66.85
CA ASP E 447 -0.99 -65.83 -66.89
C ASP E 447 -1.61 -64.41 -66.81
N LEU E 448 -2.60 -64.15 -67.66
CA LEU E 448 -3.26 -62.84 -67.66
C LEU E 448 -4.01 -62.58 -66.34
N ARG E 449 -4.69 -63.59 -65.81
CA ARG E 449 -5.39 -63.49 -64.53
C ARG E 449 -4.43 -63.07 -63.40
N ASP E 450 -3.28 -63.75 -63.34
CA ASP E 450 -2.28 -63.46 -62.31
C ASP E 450 -1.67 -62.04 -62.47
N TYR E 451 -1.46 -61.61 -63.70
CA TYR E 451 -0.92 -60.26 -63.97
C TYR E 451 -1.86 -59.13 -63.51
N LEU E 452 -3.15 -59.26 -63.83
CA LEU E 452 -4.18 -58.33 -63.38
C LEU E 452 -4.33 -58.30 -61.83
N ARG E 453 -4.44 -59.48 -61.24
CA ARG E 453 -4.49 -59.64 -59.78
C ARG E 453 -3.28 -59.00 -59.10
N SER E 454 -2.08 -59.16 -59.69
CA SER E 454 -0.86 -58.63 -59.09
C SER E 454 -0.82 -57.09 -59.05
N MET E 455 -1.30 -56.45 -60.11
CA MET E 455 -1.39 -54.99 -60.15
C MET E 455 -2.30 -54.47 -59.00
N ILE E 456 -3.45 -55.13 -58.79
CA ILE E 456 -4.40 -54.73 -57.76
C ILE E 456 -3.80 -54.95 -56.34
N SER E 457 -3.24 -56.15 -56.13
CA SER E 457 -2.63 -56.50 -54.85
C SER E 457 -1.39 -55.67 -54.48
N GLY E 458 -0.63 -55.21 -55.47
CA GLY E 458 0.55 -54.32 -55.22
C GLY E 458 0.17 -52.99 -54.57
N LYS E 459 -1.04 -52.50 -54.80
CA LYS E 459 -1.59 -51.32 -54.09
C LYS E 459 -2.32 -51.67 -52.78
N GLY E 460 -2.44 -52.97 -52.46
CA GLY E 460 -3.01 -53.40 -51.15
C GLY E 460 -4.48 -53.79 -51.23
N TYR E 461 -5.11 -53.54 -52.38
CA TYR E 461 -6.53 -53.85 -52.56
C TYR E 461 -6.79 -55.30 -52.85
N SER E 462 -8.07 -55.65 -52.77
CA SER E 462 -8.59 -56.88 -53.37
C SER E 462 -9.40 -56.49 -54.62
N PRO E 463 -9.55 -57.40 -55.62
CA PRO E 463 -10.37 -57.05 -56.79
C PRO E 463 -11.83 -56.63 -56.49
N ALA E 464 -12.39 -57.07 -55.35
CA ALA E 464 -13.76 -56.68 -54.96
C ALA E 464 -13.96 -55.18 -54.79
N SER E 465 -12.89 -54.41 -54.57
CA SER E 465 -12.95 -52.96 -54.52
C SER E 465 -13.09 -52.28 -55.88
N PHE E 466 -13.02 -53.04 -56.98
CA PHE E 466 -12.99 -52.50 -58.34
C PHE E 466 -14.08 -53.06 -59.27
N VAL E 467 -14.35 -52.27 -60.32
CA VAL E 467 -15.04 -52.74 -61.51
C VAL E 467 -13.92 -52.95 -62.56
N CYS E 468 -13.95 -54.06 -63.31
CA CYS E 468 -12.99 -54.27 -64.42
C CYS E 468 -13.59 -53.79 -65.77
N PHE E 469 -12.86 -52.97 -66.51
CA PHE E 469 -13.15 -52.64 -67.91
C PHE E 469 -12.20 -53.49 -68.81
N SER E 470 -12.75 -54.20 -69.79
CA SER E 470 -12.03 -55.08 -70.71
C SER E 470 -12.22 -54.59 -72.12
N TYR E 471 -11.13 -54.17 -72.76
CA TYR E 471 -11.21 -53.57 -74.12
C TYR E 471 -9.98 -53.93 -74.98
N GLY E 472 -9.78 -53.22 -76.10
CA GLY E 472 -8.84 -53.65 -77.13
C GLY E 472 -9.49 -54.69 -78.05
N GLY E 473 -8.89 -54.95 -79.20
CA GLY E 473 -9.42 -55.95 -80.12
C GLY E 473 -9.59 -57.35 -79.51
N ALA E 474 -8.62 -57.79 -78.71
CA ALA E 474 -8.59 -59.16 -78.14
C ALA E 474 -9.02 -59.25 -76.66
N GLY E 475 -9.19 -58.11 -75.99
CA GLY E 475 -9.66 -58.13 -74.59
C GLY E 475 -10.90 -58.97 -74.35
N PRO E 476 -12.00 -58.73 -75.10
CA PRO E 476 -13.26 -59.50 -74.95
C PRO E 476 -13.16 -61.01 -75.34
N VAL E 477 -12.07 -61.41 -75.99
CA VAL E 477 -11.87 -62.81 -76.38
C VAL E 477 -11.54 -63.66 -75.12
N HIS E 478 -10.91 -63.00 -74.11
CA HIS E 478 -10.46 -63.68 -72.89
C HIS E 478 -10.95 -63.10 -71.56
N THR E 479 -11.84 -62.09 -71.59
CA THR E 479 -12.41 -61.53 -70.35
C THR E 479 -12.90 -62.63 -69.35
N TYR E 480 -13.63 -63.63 -69.88
CA TYR E 480 -14.20 -64.74 -69.06
C TYR E 480 -13.05 -65.39 -68.22
N GLY E 481 -11.87 -65.53 -68.83
CA GLY E 481 -10.74 -66.28 -68.26
C GLY E 481 -9.88 -65.48 -67.31
N TYR E 482 -9.55 -64.25 -67.70
CA TYR E 482 -8.67 -63.43 -66.88
C TYR E 482 -9.34 -62.74 -65.70
N THR E 483 -10.68 -62.71 -65.67
CA THR E 483 -11.43 -62.27 -64.46
C THR E 483 -12.06 -63.40 -63.62
N GLU E 484 -12.00 -64.67 -64.11
CA GLU E 484 -12.63 -65.79 -63.41
C GLU E 484 -12.26 -65.95 -61.94
N GLY E 485 -13.26 -65.88 -61.08
CA GLY E 485 -13.11 -66.12 -59.66
C GLY E 485 -12.38 -65.01 -58.89
N LEU E 486 -12.06 -63.88 -59.52
CA LEU E 486 -11.37 -62.80 -58.82
C LEU E 486 -12.27 -61.98 -57.91
N GLY E 487 -13.58 -62.02 -58.11
CA GLY E 487 -14.57 -61.31 -57.28
C GLY E 487 -14.74 -59.81 -57.56
N PHE E 488 -14.50 -59.38 -58.78
CA PHE E 488 -14.74 -57.97 -59.14
C PHE E 488 -16.21 -57.57 -58.84
N GLU E 489 -16.45 -56.31 -58.47
CA GLU E 489 -17.82 -55.81 -58.25
C GLU E 489 -18.66 -56.00 -59.53
N ASP E 490 -18.06 -55.72 -60.68
CA ASP E 490 -18.68 -55.98 -61.99
C ASP E 490 -17.55 -56.08 -63.02
N VAL E 491 -17.88 -56.64 -64.18
CA VAL E 491 -16.94 -56.85 -65.28
C VAL E 491 -17.63 -56.37 -66.56
N ILE E 492 -17.03 -55.38 -67.22
CA ILE E 492 -17.68 -54.61 -68.27
C ILE E 492 -16.86 -54.64 -69.58
N VAL E 493 -17.55 -54.94 -70.67
CA VAL E 493 -16.99 -54.93 -72.02
C VAL E 493 -17.74 -53.90 -72.85
N PRO E 494 -17.12 -52.75 -73.18
CA PRO E 494 -17.79 -51.77 -74.05
C PRO E 494 -17.96 -52.33 -75.48
N ALA E 495 -19.07 -52.05 -76.13
CA ALA E 495 -19.29 -52.51 -77.52
C ALA E 495 -18.23 -51.95 -78.50
N TRP E 496 -17.66 -50.78 -78.17
CA TRP E 496 -16.62 -50.14 -78.97
C TRP E 496 -15.19 -50.51 -78.50
N ALA E 497 -15.04 -51.68 -77.84
CA ALA E 497 -13.74 -52.16 -77.34
C ALA E 497 -12.57 -52.04 -78.30
N ALA E 498 -12.76 -52.37 -79.58
CA ALA E 498 -11.63 -52.35 -80.52
C ALA E 498 -11.04 -50.94 -80.71
N GLY E 499 -11.90 -49.92 -80.65
CA GLY E 499 -11.44 -48.51 -80.78
C GLY E 499 -11.32 -47.77 -79.45
N PHE E 500 -11.15 -48.47 -78.33
CA PHE E 500 -11.21 -47.80 -77.00
C PHE E 500 -10.08 -46.80 -76.73
N SER E 501 -8.86 -47.09 -77.18
CA SER E 501 -7.74 -46.15 -77.02
C SER E 501 -7.89 -44.93 -77.96
N ALA E 502 -8.43 -45.17 -79.16
CA ALA E 502 -8.71 -44.07 -80.09
C ALA E 502 -9.82 -43.14 -79.55
N PHE E 503 -10.84 -43.75 -78.93
CA PHE E 503 -11.89 -43.06 -78.13
C PHE E 503 -11.27 -42.16 -77.06
N GLY E 504 -10.31 -42.69 -76.30
CA GLY E 504 -9.68 -41.91 -75.27
C GLY E 504 -8.91 -40.70 -75.84
N CYS E 505 -8.17 -40.92 -76.93
CA CYS E 505 -7.50 -39.81 -77.61
C CYS E 505 -8.47 -38.71 -78.06
N ALA E 506 -9.65 -39.08 -78.56
CA ALA E 506 -10.68 -38.12 -78.96
C ALA E 506 -11.32 -37.38 -77.79
N ALA E 507 -11.42 -38.05 -76.64
CA ALA E 507 -11.98 -37.46 -75.42
C ALA E 507 -11.01 -36.61 -74.61
N ALA E 508 -9.72 -36.60 -74.99
CA ALA E 508 -8.73 -35.77 -74.31
C ALA E 508 -9.03 -34.28 -74.52
N ASP E 509 -8.83 -33.48 -73.46
CA ASP E 509 -8.95 -32.02 -73.58
C ASP E 509 -7.94 -31.54 -74.66
N PHE E 510 -8.33 -30.48 -75.39
CA PHE E 510 -7.46 -29.87 -76.40
C PHE E 510 -6.57 -28.87 -75.65
N GLU E 511 -5.45 -29.37 -75.15
CA GLU E 511 -4.58 -28.69 -74.21
C GLU E 511 -3.11 -28.83 -74.66
N TYR E 512 -2.36 -27.72 -74.63
CA TYR E 512 -0.88 -27.76 -74.75
C TYR E 512 -0.28 -27.29 -73.42
N ARG E 513 0.85 -27.89 -73.05
CA ARG E 513 1.52 -27.66 -71.75
C ARG E 513 3.05 -27.56 -71.97
N TYR E 514 3.68 -26.57 -71.35
CA TYR E 514 5.14 -26.42 -71.34
C TYR E 514 5.67 -26.13 -69.94
N ASP E 515 6.87 -26.64 -69.65
CA ASP E 515 7.52 -26.60 -68.34
C ASP E 515 8.91 -25.99 -68.44
N LYS E 516 9.41 -25.46 -67.33
CA LYS E 516 10.77 -24.94 -67.25
C LYS E 516 11.29 -25.06 -65.80
N SER E 517 12.52 -25.53 -65.60
CA SER E 517 13.03 -25.64 -64.22
C SER E 517 13.53 -24.29 -63.72
N LEU E 518 13.52 -24.14 -62.41
CA LEU E 518 13.90 -22.93 -61.70
C LEU E 518 14.69 -23.34 -60.44
N ASP E 519 15.30 -22.38 -59.76
CA ASP E 519 16.05 -22.63 -58.56
C ASP E 519 15.91 -21.43 -57.60
N ILE E 520 14.72 -21.21 -57.09
CA ILE E 520 14.42 -20.11 -56.16
C ILE E 520 14.43 -20.68 -54.75
N ASN E 521 15.27 -20.16 -53.87
CA ASN E 521 15.38 -20.67 -52.47
C ASN E 521 15.17 -19.53 -51.49
N MET E 522 14.26 -19.71 -50.52
CA MET E 522 13.71 -18.61 -49.71
C MET E 522 13.55 -19.04 -48.25
N PRO E 523 14.18 -18.33 -47.31
CA PRO E 523 13.83 -18.57 -45.87
C PRO E 523 12.37 -18.26 -45.51
N THR E 524 11.95 -18.67 -44.31
CA THR E 524 10.54 -18.57 -43.89
C THR E 524 10.07 -17.10 -43.94
N GLU E 525 10.85 -16.23 -43.29
CA GLU E 525 10.64 -14.77 -43.31
C GLU E 525 11.90 -14.14 -43.95
N THR E 526 11.67 -13.31 -44.96
CA THR E 526 12.71 -12.58 -45.68
C THR E 526 12.19 -11.17 -45.92
N PRO E 527 13.09 -10.19 -46.17
CA PRO E 527 12.56 -8.86 -46.50
C PRO E 527 11.78 -8.83 -47.83
N ASP E 528 10.95 -7.81 -48.00
CA ASP E 528 10.12 -7.69 -49.22
C ASP E 528 10.89 -7.74 -50.54
N THR E 529 12.11 -7.20 -50.57
CA THR E 529 12.94 -7.18 -51.79
C THR E 529 13.24 -8.58 -52.33
N ASP E 530 13.53 -9.51 -51.40
CA ASP E 530 13.79 -10.90 -51.77
C ASP E 530 12.54 -11.54 -52.37
N LYS E 531 11.38 -11.24 -51.79
CA LYS E 531 10.10 -11.76 -52.27
C LYS E 531 9.73 -11.20 -53.65
N GLU E 532 9.98 -9.91 -53.84
CA GLU E 532 9.78 -9.28 -55.15
C GLU E 532 10.68 -9.90 -56.22
N LYS E 533 11.93 -10.17 -55.88
CA LYS E 533 12.87 -10.82 -56.79
C LYS E 533 12.46 -12.27 -57.13
N ALA E 534 12.00 -13.02 -56.13
CA ALA E 534 11.51 -14.37 -56.36
C ALA E 534 10.28 -14.37 -57.31
N ALA E 535 9.36 -13.45 -57.05
CA ALA E 535 8.16 -13.31 -57.87
C ALA E 535 8.50 -12.98 -59.33
N ALA E 536 9.46 -12.07 -59.55
CA ALA E 536 9.89 -11.65 -60.89
C ALA E 536 10.54 -12.78 -61.67
N THR E 537 11.32 -13.61 -60.98
CA THR E 537 11.93 -14.80 -61.59
C THR E 537 10.87 -15.79 -62.11
N LEU E 538 9.86 -16.06 -61.29
CA LEU E 538 8.75 -16.93 -61.68
C LEU E 538 7.91 -16.32 -62.83
N GLN E 539 7.63 -15.03 -62.70
CA GLN E 539 6.90 -14.30 -63.75
C GLN E 539 7.58 -14.38 -65.12
N ALA E 540 8.91 -14.21 -65.15
CA ALA E 540 9.65 -14.28 -66.42
C ALA E 540 9.50 -15.66 -67.07
N ALA E 541 9.52 -16.73 -66.24
CA ALA E 541 9.31 -18.09 -66.77
C ALA E 541 7.90 -18.28 -67.32
N TRP E 542 6.90 -17.77 -66.59
CA TRP E 542 5.49 -17.82 -67.06
C TRP E 542 5.33 -17.10 -68.42
N GLU E 543 5.96 -15.94 -68.58
CA GLU E 543 5.88 -15.19 -69.85
C GLU E 543 6.51 -15.97 -71.03
N GLU E 544 7.66 -16.61 -70.80
CA GLU E 544 8.29 -17.44 -71.82
C GLU E 544 7.42 -18.67 -72.19
N LEU E 545 6.93 -19.38 -71.18
CA LEU E 545 6.13 -20.58 -71.41
C LEU E 545 4.79 -20.24 -72.08
N THR E 546 4.25 -19.06 -71.78
CA THR E 546 3.02 -18.55 -72.43
C THR E 546 3.21 -18.39 -73.97
N LYS E 547 4.36 -17.88 -74.40
CA LYS E 547 4.65 -17.84 -75.84
C LYS E 547 4.68 -19.21 -76.48
N ASN E 548 5.30 -20.20 -75.80
CA ASN E 548 5.36 -21.56 -76.37
C ASN E 548 3.94 -22.13 -76.54
N VAL E 549 3.10 -21.99 -75.52
CA VAL E 549 1.70 -22.49 -75.58
C VAL E 549 0.90 -21.84 -76.72
N LEU E 550 0.91 -20.50 -76.75
CA LEU E 550 0.18 -19.74 -77.78
C LEU E 550 0.64 -20.00 -79.20
N GLU E 551 1.94 -20.22 -79.39
CA GLU E 551 2.47 -20.53 -80.74
C GLU E 551 1.90 -21.86 -81.26
N GLU E 552 1.74 -22.82 -80.37
CA GLU E 552 1.20 -24.09 -80.77
C GLU E 552 -0.28 -23.97 -81.15
N PHE E 553 -1.05 -23.19 -80.38
CA PHE E 553 -2.46 -22.95 -80.76
C PHE E 553 -2.61 -22.15 -82.06
N LYS E 554 -1.66 -21.24 -82.34
CA LYS E 554 -1.61 -20.52 -83.62
C LYS E 554 -1.50 -21.46 -84.82
N LEU E 555 -0.61 -22.45 -84.74
CA LEU E 555 -0.49 -23.46 -85.79
C LEU E 555 -1.78 -24.23 -86.06
N ASN E 556 -2.66 -24.33 -85.06
CA ASN E 556 -3.99 -24.93 -85.24
C ASN E 556 -5.08 -23.92 -85.64
N GLY E 557 -4.70 -22.68 -85.90
CA GLY E 557 -5.64 -21.64 -86.32
C GLY E 557 -6.42 -20.96 -85.22
N TYR E 558 -5.94 -21.03 -83.97
CA TYR E 558 -6.59 -20.37 -82.82
C TYR E 558 -5.74 -19.17 -82.39
N SER E 559 -6.38 -18.00 -82.29
CA SER E 559 -5.70 -16.78 -81.84
C SER E 559 -5.73 -16.73 -80.32
N ALA E 560 -4.90 -15.85 -79.75
CA ALA E 560 -4.65 -15.84 -78.29
C ALA E 560 -5.89 -15.58 -77.43
N ASP E 561 -6.82 -14.78 -77.93
CA ASP E 561 -8.09 -14.53 -77.20
C ASP E 561 -9.04 -15.73 -77.11
N GLN E 562 -8.81 -16.78 -77.91
CA GLN E 562 -9.57 -18.02 -77.76
C GLN E 562 -9.04 -19.04 -76.75
N VAL E 563 -7.81 -18.82 -76.25
CA VAL E 563 -7.11 -19.77 -75.38
C VAL E 563 -7.26 -19.40 -73.90
N THR E 564 -7.62 -20.37 -73.05
CA THR E 564 -7.61 -20.17 -71.60
C THR E 564 -6.32 -20.64 -70.97
N LEU E 565 -5.63 -19.73 -70.26
CA LEU E 565 -4.33 -20.01 -69.67
C LEU E 565 -4.42 -20.35 -68.17
N GLN E 566 -3.68 -21.37 -67.74
CA GLN E 566 -3.61 -21.75 -66.32
C GLN E 566 -2.14 -21.90 -65.89
N PRO E 567 -1.60 -20.88 -65.20
CA PRO E 567 -0.23 -21.02 -64.70
C PRO E 567 -0.11 -21.97 -63.51
N GLY E 568 1.08 -22.55 -63.36
CA GLY E 568 1.41 -23.50 -62.29
C GLY E 568 2.88 -23.36 -61.87
N TYR E 569 3.21 -23.99 -60.74
CA TYR E 569 4.57 -24.03 -60.25
C TYR E 569 4.83 -25.30 -59.42
N ARG E 570 6.11 -25.65 -59.28
CA ARG E 570 6.53 -26.79 -58.45
C ARG E 570 7.26 -26.23 -57.24
N MET E 571 6.82 -26.65 -56.06
CA MET E 571 7.32 -26.12 -54.79
C MET E 571 7.52 -27.26 -53.73
N GLN E 572 8.40 -27.00 -52.78
CA GLN E 572 8.77 -27.91 -51.69
C GLN E 572 9.32 -27.12 -50.48
N TYR E 573 9.48 -27.78 -49.33
CA TYR E 573 10.29 -27.23 -48.25
C TYR E 573 11.78 -27.46 -48.60
N ARG E 574 12.65 -26.54 -48.17
CA ARG E 574 14.07 -26.64 -48.51
C ARG E 574 14.69 -27.93 -48.00
N GLY E 575 15.47 -28.58 -48.87
CA GLY E 575 16.14 -29.83 -48.53
C GLY E 575 15.40 -31.09 -48.94
N GLN E 576 14.12 -30.96 -49.34
CA GLN E 576 13.36 -32.12 -49.80
C GLN E 576 13.86 -32.64 -51.15
N LEU E 577 13.59 -33.92 -51.41
CA LEU E 577 13.93 -34.60 -52.66
C LEU E 577 12.78 -34.63 -53.66
N ASN E 578 11.59 -34.24 -53.24
CA ASN E 578 10.40 -34.25 -54.07
C ASN E 578 9.65 -32.93 -53.97
N ASP E 579 8.88 -32.60 -55.01
CA ASP E 579 8.08 -31.38 -55.01
C ASP E 579 6.59 -31.66 -55.34
N LEU E 580 5.73 -30.66 -55.13
CA LEU E 580 4.31 -30.73 -55.52
C LEU E 580 3.98 -29.77 -56.65
N GLU E 581 3.12 -30.19 -57.59
CA GLU E 581 2.58 -29.29 -58.64
C GLU E 581 1.41 -28.51 -58.08
N ILE E 582 1.50 -27.19 -58.05
CA ILE E 582 0.48 -26.32 -57.52
C ILE E 582 -0.11 -25.49 -58.69
N GLU E 583 -1.43 -25.40 -58.74
CA GLU E 583 -2.14 -24.52 -59.65
C GLU E 583 -2.12 -23.12 -59.06
N SER E 584 -1.70 -22.13 -59.83
CA SER E 584 -1.55 -20.78 -59.31
C SER E 584 -2.91 -20.15 -59.07
N PRO E 585 -3.13 -19.56 -57.88
CA PRO E 585 -4.28 -18.69 -57.70
C PRO E 585 -4.11 -17.30 -58.34
N LEU E 586 -2.96 -16.98 -58.90
CA LEU E 586 -2.72 -15.68 -59.58
C LEU E 586 -2.36 -15.88 -61.06
N ALA E 587 -2.87 -14.99 -61.92
CA ALA E 587 -2.53 -15.01 -63.34
C ALA E 587 -1.15 -14.43 -63.62
N GLN E 588 -0.66 -13.57 -62.72
CA GLN E 588 0.71 -13.03 -62.77
C GLN E 588 1.18 -12.71 -61.34
N ALA E 589 2.48 -12.56 -61.13
CA ALA E 589 3.05 -12.30 -59.81
C ALA E 589 4.09 -11.21 -59.82
N HIS E 590 3.95 -10.24 -58.90
CA HIS E 590 4.86 -9.07 -58.80
C HIS E 590 5.27 -8.65 -57.38
N THR E 591 4.34 -8.66 -56.44
CA THR E 591 4.55 -8.09 -55.10
C THR E 591 5.00 -9.11 -54.05
N ALA E 592 5.46 -8.59 -52.91
CA ALA E 592 5.78 -9.39 -51.76
C ALA E 592 4.55 -10.17 -51.28
N ALA E 593 3.40 -9.49 -51.27
CA ALA E 593 2.13 -10.15 -50.90
C ALA E 593 1.75 -11.28 -51.87
N ASP E 594 2.03 -11.10 -53.18
CA ASP E 594 1.82 -12.18 -54.17
C ASP E 594 2.64 -13.42 -53.82
N TRP E 595 3.92 -13.22 -53.47
CA TRP E 595 4.78 -14.34 -53.09
C TRP E 595 4.21 -15.08 -51.88
N ASP E 596 3.74 -14.33 -50.88
CA ASP E 596 3.13 -14.91 -49.68
C ASP E 596 1.90 -15.73 -50.02
N GLN E 597 1.11 -15.23 -50.97
CA GLN E 597 -0.04 -15.98 -51.46
C GLN E 597 0.34 -17.31 -52.13
N LEU E 598 1.43 -17.33 -52.91
CA LEU E 598 1.90 -18.59 -53.53
C LEU E 598 2.42 -19.58 -52.50
N THR E 599 3.14 -19.08 -51.47
CA THR E 599 3.62 -19.97 -50.40
C THR E 599 2.43 -20.48 -49.56
N ASP E 600 1.43 -19.64 -49.29
CA ASP E 600 0.20 -20.10 -48.60
C ASP E 600 -0.54 -21.19 -49.38
N ALA E 601 -0.65 -21.05 -50.69
CA ALA E 601 -1.35 -22.03 -51.51
C ALA E 601 -0.63 -23.39 -51.49
N PHE E 602 0.71 -23.36 -51.47
CA PHE E 602 1.50 -24.58 -51.33
C PHE E 602 1.25 -25.26 -49.96
N ASN E 603 1.32 -24.49 -48.88
CA ASN E 603 1.08 -25.05 -47.53
C ASN E 603 -0.30 -25.72 -47.40
N ALA E 604 -1.32 -25.10 -47.98
CA ALA E 604 -2.66 -25.66 -47.94
C ALA E 604 -2.76 -26.98 -48.74
N THR E 605 -2.23 -27.00 -49.96
CA THR E 605 -2.19 -28.24 -50.76
C THR E 605 -1.38 -29.36 -50.07
N TYR E 606 -0.25 -29.02 -49.46
CA TYR E 606 0.59 -30.00 -48.76
C TYR E 606 -0.19 -30.62 -47.63
N GLY E 607 -0.99 -29.82 -46.94
CA GLY E 607 -1.89 -30.32 -45.88
C GLY E 607 -2.91 -31.35 -46.35
N ARG E 608 -3.46 -31.13 -47.55
CA ARG E 608 -4.41 -32.07 -48.18
C ARG E 608 -3.76 -33.33 -48.73
N VAL E 609 -2.63 -33.21 -49.42
CA VAL E 609 -1.89 -34.34 -49.97
C VAL E 609 -1.36 -35.30 -48.86
N TYR E 610 -0.89 -34.72 -47.76
CA TYR E 610 -0.27 -35.46 -46.67
C TYR E 610 -1.15 -35.31 -45.41
N ALA E 611 -0.82 -34.38 -44.53
CA ALA E 611 -1.69 -34.02 -43.38
C ALA E 611 -1.30 -32.65 -42.87
N ALA E 612 -2.21 -31.96 -42.15
CA ALA E 612 -1.92 -30.62 -41.61
C ALA E 612 -0.67 -30.62 -40.72
N SER E 613 -0.53 -31.67 -39.90
CA SER E 613 0.62 -31.78 -38.99
C SER E 613 1.95 -32.08 -39.63
N ALA E 614 1.95 -32.41 -40.92
CA ALA E 614 3.17 -32.62 -41.67
C ALA E 614 3.85 -31.35 -42.17
N ARG E 615 3.12 -30.23 -42.18
CA ARG E 615 3.71 -28.98 -42.69
C ARG E 615 4.91 -28.55 -41.83
N SER E 616 5.99 -28.09 -42.51
CA SER E 616 7.24 -27.68 -41.88
C SER E 616 7.75 -26.30 -42.38
N PRO E 617 6.92 -25.24 -42.23
CA PRO E 617 7.28 -23.88 -42.70
C PRO E 617 8.58 -23.32 -42.14
N GLU E 618 8.97 -23.76 -40.94
CA GLU E 618 10.24 -23.36 -40.33
C GLU E 618 11.48 -23.68 -41.19
N LEU E 619 11.39 -24.60 -42.15
CA LEU E 619 12.53 -24.94 -43.03
C LEU E 619 12.71 -24.03 -44.24
N GLY E 620 11.70 -23.19 -44.52
CA GLY E 620 11.71 -22.38 -45.74
C GLY E 620 11.32 -23.13 -47.00
N TYR E 621 11.39 -22.45 -48.15
CA TYR E 621 10.77 -22.92 -49.41
C TYR E 621 11.72 -22.89 -50.59
N SER E 622 11.53 -23.82 -51.53
CA SER E 622 12.20 -23.83 -52.82
C SER E 622 11.14 -23.99 -53.92
N VAL E 623 11.23 -23.12 -54.94
CA VAL E 623 10.48 -23.30 -56.16
C VAL E 623 11.43 -23.94 -57.16
N THR E 624 11.03 -25.09 -57.70
CA THR E 624 11.88 -25.89 -58.57
C THR E 624 11.47 -25.88 -60.04
N GLY E 625 10.33 -25.26 -60.36
CA GLY E 625 9.86 -25.22 -61.72
C GLY E 625 8.60 -24.36 -61.94
N ALA E 626 8.42 -23.97 -63.20
CA ALA E 626 7.22 -23.26 -63.66
C ALA E 626 6.49 -24.08 -64.73
N ILE E 627 5.17 -23.89 -64.78
CA ILE E 627 4.27 -24.61 -65.69
C ILE E 627 3.30 -23.59 -66.32
N MET E 628 2.99 -23.77 -67.61
CA MET E 628 1.85 -23.12 -68.26
C MET E 628 1.06 -24.10 -69.11
N ARG E 629 -0.27 -24.13 -68.88
CA ARG E 629 -1.22 -24.87 -69.72
C ARG E 629 -2.17 -23.91 -70.44
N GLY E 630 -2.58 -24.29 -71.64
CA GLY E 630 -3.59 -23.58 -72.41
C GLY E 630 -4.63 -24.58 -72.92
N MET E 631 -5.89 -24.17 -72.95
CA MET E 631 -7.01 -25.00 -73.38
C MET E 631 -7.97 -24.28 -74.33
N VAL E 632 -8.52 -25.00 -75.32
CA VAL E 632 -9.69 -24.55 -76.08
C VAL E 632 -10.74 -25.66 -76.08
N PRO E 633 -12.04 -25.30 -76.16
CA PRO E 633 -13.12 -26.32 -76.15
C PRO E 633 -13.26 -27.11 -77.47
N ILE E 634 -13.62 -28.38 -77.38
CA ILE E 634 -14.06 -29.23 -78.53
C ILE E 634 -15.20 -30.15 -78.06
N PRO E 635 -16.03 -30.67 -78.96
CA PRO E 635 -17.06 -31.63 -78.51
C PRO E 635 -16.47 -32.94 -77.96
N LYS E 636 -17.03 -33.45 -76.89
CA LYS E 636 -16.71 -34.75 -76.32
C LYS E 636 -17.57 -35.85 -76.94
N PRO E 637 -17.07 -37.10 -77.00
CA PRO E 637 -17.96 -38.19 -77.45
C PRO E 637 -19.14 -38.37 -76.52
N LYS E 638 -20.32 -38.46 -77.08
CA LYS E 638 -21.54 -38.66 -76.32
C LYS E 638 -21.69 -40.16 -76.00
N ILE E 639 -21.79 -40.49 -74.73
CA ILE E 639 -22.02 -41.88 -74.30
C ILE E 639 -23.51 -42.17 -74.56
N PRO E 640 -23.83 -43.29 -75.25
CA PRO E 640 -25.25 -43.61 -75.49
C PRO E 640 -26.07 -43.76 -74.21
N LYS E 641 -27.35 -43.42 -74.28
CA LYS E 641 -28.32 -43.54 -73.16
C LYS E 641 -29.62 -43.96 -73.81
N GLU E 642 -29.78 -45.25 -74.09
CA GLU E 642 -31.01 -45.76 -74.68
C GLU E 642 -31.83 -46.52 -73.66
N PRO E 643 -33.17 -46.58 -73.87
CA PRO E 643 -34.01 -47.26 -72.87
C PRO E 643 -33.99 -48.77 -73.13
N GLU E 644 -34.15 -49.55 -72.05
CA GLU E 644 -34.05 -50.99 -72.15
C GLU E 644 -35.29 -51.58 -72.78
N GLU E 645 -35.09 -52.58 -73.65
CA GLU E 645 -36.16 -53.35 -74.27
C GLU E 645 -36.21 -54.67 -73.48
N GLY E 646 -36.71 -55.77 -74.05
CA GLY E 646 -36.82 -57.02 -73.26
C GLY E 646 -35.52 -57.80 -73.03
N GLU E 647 -35.62 -58.89 -72.29
CA GLU E 647 -34.51 -59.85 -72.07
C GLU E 647 -34.14 -60.75 -73.24
N THR E 648 -35.09 -61.01 -74.13
CA THR E 648 -34.87 -61.92 -75.24
C THR E 648 -34.33 -61.21 -76.50
N PRO E 649 -33.12 -61.61 -76.96
CA PRO E 649 -32.63 -61.07 -78.25
C PRO E 649 -33.61 -61.37 -79.40
N PRO E 650 -33.72 -60.44 -80.36
CA PRO E 650 -34.49 -60.77 -81.54
C PRO E 650 -33.84 -61.93 -82.30
N GLU E 651 -34.67 -62.73 -82.95
CA GLU E 651 -34.22 -63.89 -83.74
C GLU E 651 -33.25 -63.48 -84.87
N SER E 652 -33.44 -62.29 -85.41
CA SER E 652 -32.58 -61.75 -86.44
C SER E 652 -31.18 -61.39 -85.96
N ALA E 653 -30.95 -61.33 -84.65
CA ALA E 653 -29.58 -61.16 -84.13
C ALA E 653 -28.74 -62.45 -84.22
N LYS E 654 -29.38 -63.61 -84.36
CA LYS E 654 -28.66 -64.88 -84.45
C LYS E 654 -28.08 -65.08 -85.84
N ILE E 655 -26.82 -65.52 -85.91
CA ILE E 655 -26.13 -65.68 -87.18
C ILE E 655 -25.50 -67.07 -87.32
N GLY E 656 -26.08 -68.08 -86.69
CA GLY E 656 -25.58 -69.46 -86.82
C GLY E 656 -24.98 -70.01 -85.54
N THR E 657 -24.36 -71.18 -85.65
CA THR E 657 -23.64 -71.83 -84.55
C THR E 657 -22.26 -72.28 -85.03
N ARG E 658 -21.35 -72.46 -84.08
CA ARG E 658 -20.00 -72.94 -84.36
C ARG E 658 -19.52 -73.88 -83.24
N LYS E 659 -18.83 -74.96 -83.62
CA LYS E 659 -18.26 -75.91 -82.66
C LYS E 659 -17.20 -75.21 -81.81
N PHE E 660 -17.30 -75.38 -80.47
CA PHE E 660 -16.54 -74.63 -79.48
C PHE E 660 -16.03 -75.58 -78.37
N TYR E 661 -14.71 -75.56 -78.10
CA TYR E 661 -14.07 -76.51 -77.18
C TYR E 661 -13.44 -75.85 -75.97
N ARG E 662 -13.87 -76.28 -74.78
CA ARG E 662 -13.32 -75.85 -73.49
C ARG E 662 -13.62 -76.92 -72.43
N LYS E 663 -12.70 -77.06 -71.48
CA LYS E 663 -12.82 -78.05 -70.40
C LYS E 663 -13.22 -79.45 -70.92
N LYS E 664 -12.51 -79.92 -71.94
CA LYS E 664 -12.66 -81.27 -72.50
C LYS E 664 -14.03 -81.60 -73.15
N ARG E 665 -14.80 -80.58 -73.54
CA ARG E 665 -16.12 -80.78 -74.15
C ARG E 665 -16.33 -79.87 -75.36
N TRP E 666 -16.79 -80.49 -76.45
CA TRP E 666 -17.36 -79.77 -77.60
C TRP E 666 -18.81 -79.36 -77.32
N VAL E 667 -19.15 -78.12 -77.62
CA VAL E 667 -20.54 -77.62 -77.62
C VAL E 667 -20.81 -76.83 -78.91
N ASP E 668 -22.10 -76.68 -79.21
CA ASP E 668 -22.54 -75.76 -80.27
C ASP E 668 -22.74 -74.37 -79.66
N ALA E 669 -21.81 -73.44 -79.94
CA ALA E 669 -21.93 -72.07 -79.43
C ALA E 669 -22.88 -71.28 -80.32
N GLN E 670 -23.82 -70.55 -79.72
CA GLN E 670 -24.73 -69.68 -80.47
C GLN E 670 -23.99 -68.39 -80.85
N LEU E 671 -24.04 -68.03 -82.14
CA LEU E 671 -23.39 -66.80 -82.64
C LEU E 671 -24.41 -65.67 -82.72
N TYR E 672 -23.98 -64.46 -82.35
CA TYR E 672 -24.84 -63.28 -82.41
C TYR E 672 -24.08 -62.16 -83.12
N HIS E 673 -24.82 -61.34 -83.88
CA HIS E 673 -24.28 -60.07 -84.41
C HIS E 673 -24.36 -59.01 -83.29
N MET E 674 -23.21 -58.51 -82.83
CA MET E 674 -23.14 -57.59 -81.66
C MET E 674 -24.07 -56.38 -81.82
N GLU E 675 -23.98 -55.76 -82.99
CA GLU E 675 -24.70 -54.51 -83.26
C GLU E 675 -26.22 -54.70 -83.41
N SER E 676 -26.68 -55.95 -83.59
CA SER E 676 -28.13 -56.30 -83.63
C SER E 676 -28.74 -56.54 -82.24
N LEU E 677 -27.89 -56.73 -81.20
CA LEU E 677 -28.42 -56.93 -79.86
C LEU E 677 -28.93 -55.59 -79.31
N ARG E 678 -29.94 -55.66 -78.43
CA ARG E 678 -30.63 -54.50 -77.90
C ARG E 678 -30.44 -54.32 -76.40
N PRO E 679 -30.48 -53.06 -75.94
CA PRO E 679 -30.43 -52.81 -74.48
C PRO E 679 -31.49 -53.65 -73.75
N GLY E 680 -31.10 -54.26 -72.64
CA GLY E 680 -31.94 -55.19 -71.88
C GLY E 680 -31.68 -56.67 -72.17
N ASN E 681 -31.12 -56.99 -73.33
CA ASN E 681 -30.97 -58.38 -73.78
C ASN E 681 -29.97 -59.17 -72.89
N ARG E 682 -30.32 -60.43 -72.59
CA ARG E 682 -29.43 -61.36 -71.88
C ARG E 682 -29.05 -62.51 -72.80
N VAL E 683 -27.76 -62.90 -72.78
CA VAL E 683 -27.25 -64.05 -73.55
C VAL E 683 -26.54 -65.04 -72.62
N MET E 684 -26.99 -66.29 -72.64
CA MET E 684 -26.47 -67.36 -71.83
C MET E 684 -25.41 -68.17 -72.59
N GLY E 685 -24.27 -68.41 -71.96
CA GLY E 685 -23.18 -69.18 -72.62
C GLY E 685 -23.63 -70.64 -72.75
N PRO E 686 -23.13 -71.41 -73.71
CA PRO E 686 -22.06 -71.04 -74.65
C PRO E 686 -22.50 -70.18 -75.86
N ALA E 687 -21.80 -69.07 -76.07
CA ALA E 687 -22.13 -68.10 -77.11
C ALA E 687 -20.90 -67.29 -77.49
N VAL E 688 -20.90 -66.78 -78.72
CA VAL E 688 -19.86 -65.86 -79.17
C VAL E 688 -20.56 -64.66 -79.82
N ILE E 689 -20.30 -63.47 -79.28
CA ILE E 689 -20.92 -62.23 -79.76
C ILE E 689 -19.91 -61.47 -80.66
N GLU E 690 -20.21 -61.41 -81.96
CA GLU E 690 -19.22 -60.99 -82.99
C GLU E 690 -19.50 -59.63 -83.61
N SER E 691 -18.46 -58.79 -83.62
CA SER E 691 -18.46 -57.54 -84.36
C SER E 691 -17.46 -57.73 -85.51
N ASP E 692 -17.17 -56.67 -86.26
CA ASP E 692 -16.22 -56.74 -87.39
C ASP E 692 -14.73 -56.63 -86.98
N ALA E 693 -14.46 -56.01 -85.81
CA ALA E 693 -13.07 -55.93 -85.25
C ALA E 693 -12.90 -56.38 -83.78
N THR E 694 -13.96 -56.91 -83.15
CA THR E 694 -13.79 -57.62 -81.88
C THR E 694 -14.77 -58.79 -81.79
N THR E 695 -14.50 -59.65 -80.82
CA THR E 695 -15.24 -60.89 -80.59
C THR E 695 -15.31 -61.09 -79.07
N PHE E 696 -16.53 -61.20 -78.54
CA PHE E 696 -16.80 -61.36 -77.11
C PHE E 696 -17.22 -62.81 -76.82
N VAL E 697 -16.34 -63.55 -76.17
CA VAL E 697 -16.51 -65.00 -75.92
C VAL E 697 -17.22 -65.24 -74.59
N VAL E 698 -18.33 -65.98 -74.61
CA VAL E 698 -19.12 -66.29 -73.42
C VAL E 698 -19.27 -67.80 -73.25
N PRO E 699 -18.28 -68.45 -72.59
CA PRO E 699 -18.37 -69.93 -72.49
C PRO E 699 -19.52 -70.44 -71.63
N ASP E 700 -19.73 -71.75 -71.69
CA ASP E 700 -20.63 -72.45 -70.75
C ASP E 700 -20.19 -72.10 -69.32
N GLY E 701 -21.14 -71.76 -68.45
CA GLY E 701 -20.85 -71.30 -67.10
C GLY E 701 -20.76 -69.78 -66.94
N PHE E 702 -20.96 -69.04 -68.03
CA PHE E 702 -21.02 -67.59 -68.00
C PHE E 702 -22.32 -67.07 -68.70
N GLU E 703 -22.62 -65.80 -68.41
CA GLU E 703 -23.81 -65.09 -68.93
C GLU E 703 -23.46 -63.60 -69.08
N THR E 704 -24.08 -62.92 -70.04
CA THR E 704 -23.88 -61.47 -70.18
C THR E 704 -25.23 -60.76 -70.37
N TRP E 705 -25.27 -59.48 -70.00
CA TRP E 705 -26.41 -58.64 -70.30
C TRP E 705 -25.95 -57.29 -70.80
N LEU E 706 -26.73 -56.72 -71.73
CA LEU E 706 -26.41 -55.44 -72.39
C LEU E 706 -27.23 -54.30 -71.81
N ASP E 707 -26.57 -53.20 -71.42
CA ASP E 707 -27.27 -52.02 -70.87
C ASP E 707 -27.56 -50.97 -71.94
N GLY E 708 -28.23 -49.88 -71.54
CA GLY E 708 -28.53 -48.75 -72.43
C GLY E 708 -27.37 -47.87 -72.85
N HIS E 709 -26.16 -48.14 -72.35
CA HIS E 709 -24.95 -47.39 -72.72
C HIS E 709 -24.07 -48.17 -73.69
N ARG E 710 -24.63 -49.23 -74.31
CA ARG E 710 -23.86 -50.18 -75.12
C ARG E 710 -22.66 -50.83 -74.37
N LEU E 711 -22.86 -51.12 -73.08
CA LEU E 711 -21.89 -51.87 -72.25
C LEU E 711 -22.46 -53.24 -71.93
N PHE E 712 -21.69 -54.29 -72.23
CA PHE E 712 -21.96 -55.65 -71.76
C PHE E 712 -21.42 -55.86 -70.34
N HIS E 713 -22.18 -56.58 -69.51
CA HIS E 713 -21.80 -56.94 -68.14
C HIS E 713 -21.65 -58.47 -68.12
N LEU E 714 -20.53 -58.99 -67.61
CA LEU E 714 -20.25 -60.43 -67.63
C LEU E 714 -20.35 -61.04 -66.24
N ARG E 715 -21.00 -62.19 -66.11
CA ARG E 715 -21.24 -62.85 -64.79
C ARG E 715 -20.95 -64.36 -64.89
N GLU E 716 -20.51 -64.95 -63.79
CA GLU E 716 -20.38 -66.41 -63.68
C GLU E 716 -21.73 -66.95 -63.18
N VAL E 717 -22.18 -68.09 -63.71
CA VAL E 717 -23.47 -68.71 -63.27
C VAL E 717 -23.28 -70.11 -62.69
N ALA F 2 -3.18 -80.31 -58.39
CA ALA F 2 -2.00 -81.15 -58.68
C ALA F 2 -1.19 -80.55 -59.84
N TYR F 3 0.12 -80.74 -59.80
CA TYR F 3 0.96 -80.45 -60.93
C TYR F 3 1.16 -81.78 -61.67
N THR F 4 1.50 -81.72 -62.95
CA THR F 4 1.79 -82.94 -63.71
C THR F 4 3.09 -83.57 -63.23
N ARG F 5 3.24 -84.88 -63.49
CA ARG F 5 4.48 -85.57 -63.19
C ARG F 5 5.68 -84.88 -63.88
N SER F 6 5.49 -84.47 -65.14
CA SER F 6 6.54 -83.76 -65.90
C SER F 6 7.11 -82.50 -65.25
N LYS F 7 6.23 -81.68 -64.71
CA LYS F 7 6.63 -80.43 -64.05
C LYS F 7 7.40 -80.70 -62.76
N ILE F 8 7.01 -81.72 -62.03
CA ILE F 8 7.75 -82.13 -60.83
C ILE F 8 9.12 -82.73 -61.20
N VAL F 9 9.20 -83.52 -62.29
CA VAL F 9 10.48 -83.92 -62.86
C VAL F 9 11.38 -82.68 -63.20
N ASP F 10 10.82 -81.69 -63.90
CA ASP F 10 11.59 -80.47 -64.27
C ASP F 10 12.05 -79.69 -63.00
N LEU F 11 11.19 -79.62 -61.98
CA LEU F 11 11.57 -79.06 -60.66
C LEU F 11 12.79 -79.75 -60.05
N VAL F 12 12.74 -81.07 -59.93
CA VAL F 12 13.87 -81.90 -59.42
C VAL F 12 15.18 -81.68 -60.20
N ASP F 13 15.08 -81.54 -61.52
CA ASP F 13 16.25 -81.35 -62.38
C ASP F 13 16.74 -79.89 -62.44
N GLY F 14 16.06 -78.94 -61.79
CA GLY F 14 16.39 -77.52 -61.94
C GLY F 14 16.14 -76.93 -63.33
N LYS F 15 15.18 -77.50 -64.09
CA LYS F 15 14.86 -77.03 -65.45
C LYS F 15 13.44 -76.49 -65.59
N ILE F 16 12.75 -76.29 -64.47
CA ILE F 16 11.36 -75.87 -64.51
C ILE F 16 11.18 -74.46 -65.11
N ASP F 17 10.09 -74.26 -65.85
CA ASP F 17 9.82 -72.97 -66.48
C ASP F 17 9.38 -71.93 -65.45
N PRO F 18 9.65 -70.65 -65.74
CA PRO F 18 9.33 -69.57 -64.77
C PRO F 18 7.84 -69.41 -64.39
N ASP F 19 6.92 -69.67 -65.31
CA ASP F 19 5.47 -69.58 -65.02
C ASP F 19 5.05 -70.64 -64.03
N THR F 20 5.42 -71.90 -64.28
CA THR F 20 5.08 -72.99 -63.34
C THR F 20 5.72 -72.78 -61.95
N LEU F 21 7.00 -72.36 -61.93
CA LEU F 21 7.69 -72.09 -60.66
C LEU F 21 6.98 -71.02 -59.84
N HIS F 22 6.55 -69.92 -60.50
CA HIS F 22 5.82 -68.87 -59.81
C HIS F 22 4.45 -69.36 -59.32
N GLN F 23 3.79 -70.19 -60.12
CA GLN F 23 2.49 -70.78 -59.70
C GLN F 23 2.68 -71.64 -58.42
N MET F 24 3.73 -72.46 -58.42
CA MET F 24 4.04 -73.32 -57.27
C MET F 24 4.28 -72.49 -56.00
N LEU F 25 5.03 -71.39 -56.15
CA LEU F 25 5.33 -70.48 -55.03
C LEU F 25 4.08 -69.72 -54.53
N SER F 26 3.29 -69.19 -55.45
CA SER F 26 2.25 -68.20 -55.10
C SER F 26 0.83 -68.75 -54.85
N THR F 27 0.59 -70.04 -55.04
CA THR F 27 -0.75 -70.64 -54.84
C THR F 27 -0.62 -71.73 -53.78
N PRO F 28 -1.74 -72.11 -53.14
CA PRO F 28 -1.72 -73.15 -52.10
C PRO F 28 -1.08 -74.45 -52.56
N LYS F 29 -0.37 -75.15 -51.66
CA LYS F 29 0.39 -76.34 -52.06
C LYS F 29 -0.48 -77.51 -52.48
N ASP F 30 -0.02 -78.25 -53.47
CA ASP F 30 -0.60 -79.54 -53.84
C ASP F 30 -0.27 -80.62 -52.77
N PRO F 31 -1.28 -81.17 -52.08
CA PRO F 31 -1.00 -82.24 -51.10
C PRO F 31 -0.35 -83.50 -51.67
N GLU F 32 -0.53 -83.73 -52.98
CA GLU F 32 0.01 -84.91 -53.64
C GLU F 32 1.51 -84.83 -53.88
N ARG F 33 2.15 -83.67 -53.63
CA ARG F 33 3.59 -83.52 -53.94
C ARG F 33 4.48 -84.65 -53.44
N PHE F 34 4.40 -85.00 -52.15
CA PHE F 34 5.35 -85.98 -51.57
C PHE F 34 5.37 -87.36 -52.30
N VAL F 35 4.19 -87.92 -52.50
CA VAL F 35 4.05 -89.24 -53.15
C VAL F 35 4.62 -89.21 -54.58
N THR F 36 4.31 -88.18 -55.35
CA THR F 36 4.88 -88.04 -56.72
C THR F 36 6.40 -87.84 -56.68
N TYR F 37 6.87 -86.96 -55.80
CA TYR F 37 8.31 -86.66 -55.62
C TYR F 37 9.15 -87.92 -55.33
N VAL F 38 8.71 -88.68 -54.35
CA VAL F 38 9.41 -89.90 -53.95
C VAL F 38 9.39 -90.96 -55.07
N GLU F 39 8.28 -91.08 -55.80
CA GLU F 39 8.22 -91.98 -56.94
C GLU F 39 9.26 -91.62 -58.04
N ILE F 40 9.43 -90.32 -58.30
CA ILE F 40 10.40 -89.85 -59.30
C ILE F 40 11.83 -90.19 -58.84
N LEU F 41 12.13 -89.92 -57.58
CA LEU F 41 13.44 -90.25 -57.04
C LEU F 41 13.71 -91.76 -57.05
N GLN F 42 12.71 -92.55 -56.70
CA GLN F 42 12.84 -94.02 -56.64
C GLN F 42 13.27 -94.59 -57.98
N GLU F 43 12.65 -94.10 -59.05
CA GLU F 43 12.93 -94.55 -60.42
C GLU F 43 14.39 -94.25 -60.83
N ARG F 44 15.04 -93.27 -60.23
CA ARG F 44 16.45 -92.97 -60.57
C ARG F 44 17.51 -93.73 -59.78
N MET F 45 17.13 -94.45 -58.73
CA MET F 45 18.14 -95.11 -57.89
C MET F 45 18.66 -96.40 -58.51
N PRO F 46 19.97 -96.71 -58.36
CA PRO F 46 20.52 -97.98 -58.83
C PRO F 46 20.25 -99.19 -57.90
N TRP F 47 19.30 -99.09 -56.96
CA TRP F 47 18.92 -100.18 -56.05
C TRP F 47 17.40 -100.08 -55.87
N ASP F 48 16.74 -101.15 -55.41
CA ASP F 48 15.25 -101.14 -55.35
C ASP F 48 14.66 -101.00 -53.93
N ASP F 49 15.51 -100.89 -52.91
CA ASP F 49 15.06 -100.57 -51.56
C ASP F 49 14.23 -99.27 -51.55
N LYS F 50 13.16 -99.26 -50.74
CA LYS F 50 12.17 -98.21 -50.79
C LYS F 50 12.63 -96.93 -50.00
N ILE F 51 12.65 -95.78 -50.69
CA ILE F 51 12.90 -94.49 -50.05
C ILE F 51 11.72 -94.18 -49.13
N ILE F 52 12.02 -93.82 -47.89
CA ILE F 52 11.08 -93.37 -46.89
C ILE F 52 11.08 -91.84 -46.74
N LEU F 53 12.27 -91.21 -46.79
CA LEU F 53 12.38 -89.74 -46.69
C LEU F 53 13.72 -89.20 -47.24
N PRO F 54 13.68 -88.31 -48.23
CA PRO F 54 14.91 -87.62 -48.67
C PRO F 54 15.53 -86.65 -47.66
N LEU F 55 16.84 -86.78 -47.44
CA LEU F 55 17.62 -85.90 -46.56
C LEU F 55 18.47 -84.89 -47.29
N GLY F 56 18.81 -85.18 -48.55
CA GLY F 56 19.56 -84.28 -49.41
C GLY F 56 19.51 -84.76 -50.85
N PRO F 57 20.14 -84.06 -51.79
CA PRO F 57 20.08 -84.44 -53.20
C PRO F 57 20.49 -85.88 -53.50
N LYS F 58 21.41 -86.44 -52.74
CA LYS F 58 21.92 -87.81 -52.91
C LYS F 58 21.94 -88.58 -51.59
N LEU F 59 21.05 -88.24 -50.66
CA LEU F 59 21.02 -88.85 -49.32
C LEU F 59 19.57 -89.14 -48.85
N PHE F 60 19.32 -90.35 -48.34
CA PHE F 60 17.95 -90.86 -48.09
C PHE F 60 17.86 -91.76 -46.85
N ILE F 61 16.72 -91.71 -46.15
CA ILE F 61 16.30 -92.78 -45.25
C ILE F 61 15.57 -93.81 -46.11
N VAL F 62 16.02 -95.07 -46.06
CA VAL F 62 15.42 -96.17 -46.82
C VAL F 62 15.03 -97.36 -45.96
N GLN F 63 14.07 -98.12 -46.47
CA GLN F 63 13.72 -99.43 -45.93
C GLN F 63 14.49 -100.55 -46.66
N GLN F 64 15.32 -101.29 -45.94
CA GLN F 64 16.06 -102.43 -46.46
C GLN F 64 15.07 -103.49 -46.98
N LYS F 65 15.28 -103.95 -48.21
CA LYS F 65 14.36 -104.88 -48.88
C LYS F 65 14.13 -106.16 -48.08
N VAL F 66 15.21 -106.77 -47.56
CA VAL F 66 15.08 -108.06 -46.81
C VAL F 66 14.83 -107.87 -45.30
N SER F 67 15.70 -107.17 -44.57
CA SER F 67 15.57 -107.08 -43.09
C SER F 67 14.44 -106.16 -42.62
N LYS F 68 14.00 -105.25 -43.50
CA LYS F 68 13.04 -104.20 -43.20
C LYS F 68 13.54 -103.18 -42.12
N LYS F 69 14.84 -103.16 -41.81
CA LYS F 69 15.42 -102.08 -41.02
C LYS F 69 15.48 -100.79 -41.83
N TRP F 70 15.46 -99.64 -41.16
CA TRP F 70 15.59 -98.36 -41.86
C TRP F 70 17.00 -97.79 -41.61
N THR F 71 17.67 -97.38 -42.70
CA THR F 71 19.03 -96.87 -42.65
C THR F 71 19.14 -95.54 -43.41
N VAL F 72 20.21 -94.78 -43.11
CA VAL F 72 20.60 -93.65 -43.95
C VAL F 72 21.50 -94.16 -45.08
N ARG F 73 21.14 -93.83 -46.32
CA ARG F 73 21.84 -94.34 -47.51
C ARG F 73 22.19 -93.24 -48.53
N CYS F 74 23.39 -93.34 -49.09
CA CYS F 74 23.82 -92.52 -50.22
C CYS F 74 23.22 -93.04 -51.54
N GLU F 75 23.08 -92.18 -52.55
CA GLU F 75 22.62 -92.65 -53.88
C GLU F 75 23.42 -93.82 -54.42
N CYS F 76 24.75 -93.86 -54.15
CA CYS F 76 25.59 -94.93 -54.71
C CYS F 76 25.29 -96.32 -54.09
N GLY F 77 24.61 -96.36 -52.95
CA GLY F 77 24.27 -97.63 -52.26
C GLY F 77 24.81 -97.80 -50.86
N HIS F 78 25.79 -96.99 -50.49
CA HIS F 78 26.43 -97.12 -49.17
C HIS F 78 25.45 -96.83 -48.02
N ASP F 79 25.32 -97.75 -47.08
CA ASP F 79 24.56 -97.51 -45.83
C ASP F 79 25.46 -96.98 -44.69
N PHE F 80 25.14 -95.83 -44.13
CA PHE F 80 25.93 -95.23 -43.03
C PHE F 80 25.61 -95.87 -41.67
N CYS F 81 24.32 -95.94 -41.33
CA CYS F 81 23.88 -96.23 -39.95
C CYS F 81 22.37 -96.38 -39.87
N ASP F 82 21.87 -96.80 -38.71
CA ASP F 82 20.43 -96.79 -38.39
C ASP F 82 19.82 -95.39 -38.56
N TRP F 83 18.57 -95.30 -38.98
CA TRP F 83 17.91 -94.02 -39.25
C TRP F 83 17.85 -93.00 -38.07
N LYS F 84 17.93 -93.49 -36.82
CA LYS F 84 17.91 -92.60 -35.64
C LYS F 84 19.29 -92.03 -35.25
N ASP F 85 20.36 -92.59 -35.80
CA ASP F 85 21.73 -92.18 -35.51
C ASP F 85 22.13 -91.05 -36.49
N ASN F 86 23.21 -90.34 -36.16
CA ASN F 86 23.71 -89.28 -37.00
C ASN F 86 24.68 -89.85 -38.02
N TRP F 87 24.26 -89.86 -39.30
CA TRP F 87 25.11 -90.37 -40.40
C TRP F 87 26.55 -89.80 -40.41
N LYS F 88 26.71 -88.54 -40.01
CA LYS F 88 28.03 -87.90 -40.01
C LYS F 88 29.07 -88.58 -39.13
N LEU F 89 28.62 -89.20 -38.03
CA LEU F 89 29.52 -89.93 -37.16
C LEU F 89 30.14 -91.18 -37.83
N HIS F 90 29.57 -91.61 -38.95
CA HIS F 90 30.03 -92.76 -39.73
C HIS F 90 30.57 -92.38 -41.13
N ALA F 91 30.80 -91.10 -41.37
CA ALA F 91 31.28 -90.59 -42.64
C ALA F 91 32.79 -90.35 -42.57
N ARG F 92 33.37 -89.82 -43.65
CA ARG F 92 34.74 -89.30 -43.65
C ARG F 92 34.72 -87.75 -43.65
N VAL F 93 35.72 -87.12 -43.04
CA VAL F 93 35.75 -85.65 -42.90
C VAL F 93 37.10 -85.06 -43.33
N HIS F 94 37.03 -83.90 -44.00
CA HIS F 94 38.21 -83.07 -44.28
C HIS F 94 38.01 -81.71 -43.62
N VAL F 95 38.95 -81.31 -42.76
CA VAL F 95 38.81 -80.05 -42.02
C VAL F 95 39.78 -78.98 -42.53
N ARG F 96 39.25 -77.85 -42.99
CA ARG F 96 40.10 -76.76 -43.44
C ARG F 96 40.37 -75.90 -42.20
N ASP F 97 41.56 -76.08 -41.62
CA ASP F 97 41.95 -75.36 -40.37
C ASP F 97 43.29 -74.64 -40.47
N THR F 98 43.73 -74.35 -41.70
CA THR F 98 44.91 -73.52 -41.96
C THR F 98 44.60 -72.51 -43.05
N PRO F 99 45.34 -71.39 -43.11
CA PRO F 99 45.09 -70.42 -44.21
C PRO F 99 45.29 -71.02 -45.64
N GLN F 100 46.29 -71.87 -45.85
CA GLN F 100 46.44 -72.53 -47.16
C GLN F 100 45.18 -73.31 -47.58
N LYS F 101 44.61 -74.07 -46.65
CA LYS F 101 43.40 -74.86 -46.95
C LYS F 101 42.19 -73.95 -47.23
N MET F 102 42.06 -72.85 -46.50
CA MET F 102 40.97 -71.90 -46.76
C MET F 102 41.13 -71.21 -48.11
N GLU F 103 42.37 -70.93 -48.49
CA GLU F 103 42.67 -70.23 -49.74
C GLU F 103 42.50 -71.07 -51.01
N GLU F 104 42.40 -72.39 -50.87
CA GLU F 104 41.95 -73.25 -51.99
C GLU F 104 40.56 -72.92 -52.48
N ILE F 105 39.68 -72.47 -51.57
CA ILE F 105 38.25 -72.25 -51.88
C ILE F 105 37.72 -70.79 -51.78
N TYR F 106 38.53 -69.87 -51.22
CA TYR F 106 38.23 -68.42 -51.12
C TYR F 106 39.51 -67.62 -51.42
N PRO F 107 39.40 -66.39 -51.98
CA PRO F 107 40.58 -65.52 -52.01
C PRO F 107 41.06 -65.13 -50.60
N ARG F 108 42.37 -64.97 -50.42
CA ARG F 108 42.90 -64.34 -49.20
C ARG F 108 42.10 -63.06 -48.87
N LEU F 109 41.91 -62.79 -47.58
CA LEU F 109 41.08 -61.69 -47.02
C LEU F 109 39.54 -61.97 -47.04
N MET F 110 39.05 -62.62 -48.10
CA MET F 110 37.66 -63.11 -48.15
C MET F 110 37.47 -64.43 -47.40
N ALA F 111 38.54 -65.18 -47.22
CA ALA F 111 38.54 -66.38 -46.41
C ALA F 111 38.30 -66.14 -44.92
N PRO F 112 37.50 -67.00 -44.27
CA PRO F 112 37.49 -67.03 -42.80
C PRO F 112 38.88 -67.29 -42.19
N THR F 113 39.08 -66.79 -40.98
CA THR F 113 40.32 -67.00 -40.21
C THR F 113 40.17 -68.28 -39.34
N PRO F 114 41.00 -69.31 -39.56
CA PRO F 114 40.76 -70.65 -38.97
C PRO F 114 40.87 -70.76 -37.47
N SER F 115 41.53 -69.84 -36.79
CA SER F 115 41.52 -69.84 -35.29
C SER F 115 40.15 -69.34 -34.72
N TRP F 116 39.29 -68.79 -35.57
CA TRP F 116 37.92 -68.39 -35.23
C TRP F 116 36.81 -69.31 -35.84
N GLN F 117 36.99 -69.74 -37.09
CA GLN F 117 36.02 -70.58 -37.82
C GLN F 117 36.74 -71.59 -38.73
N VAL F 118 36.34 -72.87 -38.69
CA VAL F 118 36.89 -73.89 -39.57
C VAL F 118 35.77 -74.36 -40.53
N ILE F 119 36.13 -75.04 -41.63
CA ILE F 119 35.18 -75.61 -42.59
C ILE F 119 35.37 -77.14 -42.52
N ARG F 120 34.29 -77.86 -42.26
CA ARG F 120 34.32 -79.34 -42.08
C ARG F 120 33.46 -79.99 -43.17
N GLU F 121 34.11 -80.69 -44.10
CA GLU F 121 33.46 -81.34 -45.29
C GLU F 121 33.22 -82.84 -45.02
N TYR F 122 31.97 -83.30 -45.14
CA TYR F 122 31.58 -84.68 -44.85
C TYR F 122 31.22 -85.44 -46.13
N PHE F 123 31.94 -86.55 -46.36
CA PHE F 123 31.88 -87.37 -47.59
C PHE F 123 31.32 -88.78 -47.38
N CYS F 124 30.68 -89.31 -48.41
CA CYS F 124 30.43 -90.75 -48.49
C CYS F 124 31.76 -91.46 -48.69
N PRO F 125 32.04 -92.52 -47.92
CA PRO F 125 33.32 -93.26 -48.08
C PRO F 125 33.47 -94.09 -49.35
N GLU F 126 32.38 -94.32 -50.09
CA GLU F 126 32.46 -95.10 -51.34
C GLU F 126 32.62 -94.29 -52.57
N CYS F 127 31.83 -93.25 -52.76
CA CYS F 127 31.85 -92.47 -54.00
C CYS F 127 32.44 -91.05 -53.88
N GLY F 128 32.69 -90.58 -52.65
CA GLY F 128 33.26 -89.24 -52.45
C GLY F 128 32.30 -88.07 -52.69
N THR F 129 31.01 -88.34 -52.73
CA THR F 129 30.01 -87.28 -52.76
C THR F 129 30.10 -86.44 -51.44
N LEU F 130 30.00 -85.12 -51.60
CA LEU F 130 29.98 -84.19 -50.48
C LEU F 130 28.51 -83.98 -50.06
N HIS F 131 28.13 -84.49 -48.90
CA HIS F 131 26.74 -84.40 -48.41
C HIS F 131 26.45 -83.24 -47.46
N ASP F 132 27.48 -82.74 -46.78
CA ASP F 132 27.32 -81.60 -45.87
C ASP F 132 28.64 -80.86 -45.61
N VAL F 133 28.52 -79.55 -45.41
CA VAL F 133 29.67 -78.71 -44.97
C VAL F 133 29.24 -77.90 -43.75
N GLU F 134 29.87 -78.16 -42.61
CA GLU F 134 29.68 -77.36 -41.40
C GLU F 134 30.74 -76.25 -41.34
N ALA F 135 30.39 -75.13 -40.69
CA ALA F 135 31.33 -74.02 -40.51
C ALA F 135 31.33 -73.43 -39.09
N PRO F 136 31.68 -74.23 -38.07
CA PRO F 136 31.63 -73.74 -36.69
C PRO F 136 33.02 -73.28 -36.18
N THR F 137 33.12 -72.97 -34.88
CA THR F 137 34.40 -72.75 -34.22
C THR F 137 35.22 -74.06 -34.04
N PRO F 138 36.54 -73.92 -33.80
CA PRO F 138 37.26 -75.03 -33.16
C PRO F 138 36.51 -75.62 -31.95
N TRP F 139 36.63 -76.95 -31.74
CA TRP F 139 36.07 -77.69 -30.61
C TRP F 139 34.54 -78.01 -30.70
N TYR F 140 33.85 -77.53 -31.73
CA TYR F 140 32.38 -77.62 -31.74
C TYR F 140 31.94 -79.05 -32.02
N PRO F 141 30.93 -79.55 -31.28
CA PRO F 141 30.40 -80.88 -31.60
C PRO F 141 29.94 -81.04 -33.09
N VAL F 142 29.97 -82.26 -33.59
CA VAL F 142 29.39 -82.62 -34.87
C VAL F 142 27.86 -82.46 -34.69
N ILE F 143 27.19 -81.83 -35.64
CA ILE F 143 25.77 -81.51 -35.47
C ILE F 143 24.88 -82.65 -36.03
N HIS F 144 23.86 -83.01 -35.24
CA HIS F 144 22.88 -84.00 -35.64
C HIS F 144 21.70 -83.21 -36.18
N ASP F 145 21.67 -83.02 -37.50
CA ASP F 145 20.85 -81.97 -38.12
C ASP F 145 19.31 -82.15 -37.98
N PHE F 146 18.81 -83.37 -38.05
CA PHE F 146 17.38 -83.62 -38.24
C PHE F 146 16.98 -85.01 -37.74
N SER F 147 16.05 -85.04 -36.77
CA SER F 147 15.40 -86.26 -36.28
C SER F 147 13.89 -86.21 -36.65
N PRO F 148 13.51 -86.76 -37.84
CA PRO F 148 12.12 -86.66 -38.29
C PRO F 148 11.15 -87.55 -37.56
N ASP F 149 9.96 -87.02 -37.29
CA ASP F 149 8.84 -87.82 -36.76
C ASP F 149 8.12 -88.49 -37.95
N ILE F 150 8.68 -89.60 -38.43
CA ILE F 150 8.16 -90.25 -39.64
C ILE F 150 6.77 -90.87 -39.43
N GLU F 151 6.55 -91.46 -38.27
CA GLU F 151 5.23 -92.02 -37.91
C GLU F 151 4.15 -90.93 -37.99
N GLY F 152 4.39 -89.80 -37.31
CA GLY F 152 3.48 -88.67 -37.33
C GLY F 152 3.24 -88.10 -38.71
N PHE F 153 4.32 -87.95 -39.50
CA PHE F 153 4.23 -87.42 -40.85
C PHE F 153 3.34 -88.27 -41.76
N TYR F 154 3.60 -89.58 -41.80
CA TYR F 154 2.86 -90.48 -42.68
C TYR F 154 1.39 -90.60 -42.21
N GLN F 155 1.15 -90.98 -40.96
CA GLN F 155 -0.21 -91.29 -40.49
C GLN F 155 -1.11 -90.09 -40.34
N GLU F 156 -0.62 -89.00 -39.75
CA GLU F 156 -1.46 -87.85 -39.40
C GLU F 156 -1.50 -86.75 -40.46
N TRP F 157 -0.40 -86.49 -41.16
CA TRP F 157 -0.37 -85.41 -42.13
C TRP F 157 -0.65 -85.90 -43.53
N LEU F 158 -0.04 -86.99 -43.97
CA LEU F 158 -0.30 -87.56 -45.31
C LEU F 158 -1.47 -88.54 -45.35
N GLY F 159 -1.88 -89.15 -44.23
CA GLY F 159 -2.95 -90.14 -44.20
C GLY F 159 -2.57 -91.45 -44.87
N LEU F 160 -1.31 -91.87 -44.72
CA LEU F 160 -0.78 -93.11 -45.26
C LEU F 160 -0.32 -93.98 -44.09
N PRO F 161 -0.38 -95.32 -44.22
CA PRO F 161 0.20 -96.12 -43.13
C PRO F 161 1.72 -96.00 -43.13
N VAL F 162 2.32 -96.28 -41.99
CA VAL F 162 3.76 -96.24 -41.83
C VAL F 162 4.32 -97.46 -42.54
N PRO F 163 5.39 -97.28 -43.32
CA PRO F 163 5.99 -98.50 -43.92
C PRO F 163 6.51 -99.48 -42.89
N GLU F 164 6.54 -100.76 -43.24
CA GLU F 164 7.04 -101.82 -42.37
C GLU F 164 8.44 -101.47 -41.86
N ARG F 165 8.67 -101.76 -40.58
CA ARG F 165 9.96 -101.51 -39.95
C ARG F 165 10.31 -102.59 -38.94
N ALA F 166 11.52 -103.13 -39.04
CA ALA F 166 12.16 -103.88 -37.97
C ALA F 166 13.04 -102.92 -37.18
N ARG G 15 6.21 26.72 2.26
CA ARG G 15 5.59 25.37 2.10
C ARG G 15 4.22 25.37 2.77
N GLY G 16 3.20 24.92 2.06
CA GLY G 16 1.89 24.75 2.66
C GLY G 16 1.84 23.54 3.59
N ILE G 17 0.90 23.58 4.54
CA ILE G 17 0.83 22.56 5.59
C ILE G 17 0.15 21.26 5.20
N VAL G 18 -0.65 21.22 4.13
CA VAL G 18 -1.32 19.95 3.76
C VAL G 18 -0.27 18.95 3.29
N ARG G 19 -0.51 17.67 3.53
CA ARG G 19 0.35 16.59 3.00
C ARG G 19 0.59 16.78 1.50
N GLY G 20 1.86 16.76 1.08
CA GLY G 20 2.26 17.07 -0.30
C GLY G 20 2.74 18.50 -0.56
N GLY G 21 2.43 19.44 0.35
CA GLY G 21 2.97 20.82 0.29
C GLY G 21 2.06 21.93 -0.18
N GLU G 22 0.85 21.61 -0.56
CA GLU G 22 -0.14 22.63 -0.86
C GLU G 22 -0.55 23.37 0.41
N THR G 23 -0.84 24.66 0.30
CA THR G 23 -1.60 25.35 1.37
C THR G 23 -3.04 24.77 1.45
N LEU G 24 -3.69 25.00 2.59
CA LEU G 24 -5.13 24.63 2.71
C LEU G 24 -5.99 25.18 1.57
N LYS G 25 -5.81 26.47 1.24
CA LYS G 25 -6.58 27.11 0.17
C LYS G 25 -6.25 26.53 -1.23
N GLU G 26 -4.96 26.34 -1.52
CA GLU G 26 -4.54 25.73 -2.79
C GLU G 26 -5.17 24.34 -2.98
N HIS G 27 -5.13 23.54 -1.91
CA HIS G 27 -5.66 22.18 -1.90
C HIS G 27 -7.18 22.16 -2.17
N ARG G 28 -7.94 22.91 -1.38
CA ARG G 28 -9.40 22.97 -1.58
C ARG G 28 -9.76 23.53 -2.97
N ASP G 29 -9.11 24.63 -3.40
CA ASP G 29 -9.43 25.21 -4.72
C ASP G 29 -9.23 24.22 -5.88
N ARG G 30 -8.16 23.41 -5.81
CA ARG G 30 -7.86 22.39 -6.84
C ARG G 30 -9.00 21.34 -6.86
N LEU G 31 -9.40 20.88 -5.69
CA LEU G 31 -10.48 19.91 -5.59
C LEU G 31 -11.85 20.44 -6.04
N MET G 32 -12.18 21.68 -5.70
CA MET G 32 -13.47 22.28 -6.11
C MET G 32 -13.52 22.51 -7.64
N ALA G 33 -12.39 22.91 -8.23
CA ALA G 33 -12.33 23.12 -9.69
C ALA G 33 -12.52 21.82 -10.46
N ALA G 34 -11.92 20.72 -9.96
CA ALA G 34 -12.09 19.39 -10.58
C ALA G 34 -13.53 18.87 -10.42
N THR G 35 -14.15 19.15 -9.26
CA THR G 35 -15.56 18.82 -9.02
C THR G 35 -16.47 19.52 -10.04
N LYS G 36 -16.26 20.80 -10.24
CA LYS G 36 -17.00 21.56 -11.22
C LYS G 36 -16.78 21.12 -12.68
N ALA G 37 -15.54 20.84 -13.04
CA ALA G 37 -15.22 20.42 -14.41
C ALA G 37 -15.72 19.03 -14.82
N THR G 38 -15.73 18.09 -13.88
CA THR G 38 -16.07 16.70 -14.17
C THR G 38 -17.45 16.26 -13.67
N GLY G 39 -18.06 16.97 -12.73
CA GLY G 39 -19.27 16.47 -12.10
C GLY G 39 -19.06 15.38 -11.06
N ARG G 40 -17.81 15.00 -10.76
CA ARG G 40 -17.53 14.01 -9.70
C ARG G 40 -16.70 14.67 -8.60
N TYR G 41 -16.94 14.31 -7.34
CA TYR G 41 -16.14 14.91 -6.25
C TYR G 41 -14.62 14.73 -6.47
N ALA G 42 -13.90 15.84 -6.41
CA ALA G 42 -12.44 15.86 -6.58
C ALA G 42 -11.92 15.36 -7.94
N GLY G 43 -12.79 15.31 -8.96
CA GLY G 43 -12.42 14.69 -10.26
C GLY G 43 -12.24 13.19 -10.29
N LEU G 44 -12.72 12.48 -9.27
CA LEU G 44 -12.55 11.02 -9.17
C LEU G 44 -13.47 10.26 -10.11
N LYS G 45 -12.99 9.99 -11.32
CA LYS G 45 -13.73 9.18 -12.32
C LYS G 45 -13.76 7.67 -12.00
N THR G 46 -12.72 7.21 -11.30
CA THR G 46 -12.70 5.89 -10.73
C THR G 46 -12.30 6.02 -9.27
N LEU G 47 -12.65 5.01 -8.51
CA LEU G 47 -12.28 4.89 -7.09
C LEU G 47 -11.28 3.73 -6.90
N GLU G 48 -9.96 4.01 -7.00
CA GLU G 48 -8.94 2.93 -7.06
C GLU G 48 -8.94 2.01 -5.83
N LEU G 49 -8.96 2.60 -4.63
CA LEU G 49 -8.97 1.80 -3.42
C LEU G 49 -10.23 0.93 -3.36
N ARG G 50 -11.39 1.55 -3.55
CA ARG G 50 -12.64 0.79 -3.50
C ARG G 50 -12.72 -0.34 -4.50
N GLU G 51 -12.28 -0.08 -5.74
CA GLU G 51 -12.42 -1.03 -6.83
C GLU G 51 -11.33 -2.11 -6.79
N ARG G 52 -10.08 -1.73 -6.51
CA ARG G 52 -8.93 -2.66 -6.53
C ARG G 52 -8.58 -3.28 -5.19
N GLU G 53 -8.95 -2.64 -4.09
CA GLU G 53 -8.65 -3.17 -2.75
C GLU G 53 -9.91 -3.13 -1.86
N PRO G 54 -10.98 -3.83 -2.28
CA PRO G 54 -12.28 -3.75 -1.55
C PRO G 54 -12.22 -4.20 -0.09
N ILE G 55 -11.36 -5.17 0.20
CA ILE G 55 -11.21 -5.67 1.58
C ILE G 55 -10.61 -4.58 2.49
N LEU G 56 -9.54 -3.93 2.03
CA LEU G 56 -8.94 -2.82 2.79
C LEU G 56 -9.87 -1.59 2.88
N TYR G 57 -10.59 -1.25 1.81
CA TYR G 57 -11.57 -0.17 1.82
C TYR G 57 -12.62 -0.40 2.96
N ASN G 58 -13.14 -1.63 3.03
CA ASN G 58 -14.13 -1.99 4.04
C ASN G 58 -13.54 -2.01 5.46
N LYS G 59 -12.29 -2.41 5.60
CA LYS G 59 -11.64 -2.40 6.90
C LYS G 59 -11.47 -0.98 7.46
N LEU G 60 -11.04 -0.05 6.60
CA LEU G 60 -10.94 1.36 7.02
C LEU G 60 -12.32 1.90 7.37
N PHE G 61 -13.32 1.60 6.55
CA PHE G 61 -14.72 2.04 6.84
C PHE G 61 -15.18 1.56 8.22
N SER G 62 -15.00 0.27 8.46
CA SER G 62 -15.44 -0.37 9.70
C SER G 62 -14.75 0.21 10.92
N ARG G 63 -13.42 0.30 10.89
CA ARG G 63 -12.68 0.84 12.05
C ARG G 63 -12.98 2.31 12.35
N LEU G 64 -13.06 3.14 11.32
CA LEU G 64 -13.28 4.58 11.51
C LEU G 64 -14.73 4.91 11.86
N ARG G 65 -15.71 4.22 11.25
CA ARG G 65 -17.11 4.42 11.63
C ARG G 65 -17.34 3.97 13.08
N ALA G 66 -16.79 2.83 13.47
CA ALA G 66 -16.85 2.37 14.88
C ALA G 66 -16.18 3.37 15.84
N GLY G 67 -15.06 3.94 15.41
CA GLY G 67 -14.39 4.97 16.20
C GLY G 67 -15.18 6.22 16.49
N VAL G 68 -15.81 6.80 15.46
CA VAL G 68 -16.68 7.98 15.68
C VAL G 68 -17.96 7.63 16.48
N VAL G 69 -18.54 6.45 16.26
CA VAL G 69 -19.68 5.99 17.07
C VAL G 69 -19.27 5.85 18.55
N ASP G 70 -18.11 5.25 18.77
CA ASP G 70 -17.58 5.03 20.13
C ASP G 70 -17.24 6.34 20.84
N ALA G 71 -16.72 7.33 20.11
CA ALA G 71 -16.45 8.64 20.71
C ALA G 71 -17.73 9.28 21.29
N ARG G 72 -18.82 9.25 20.53
CA ARG G 72 -20.10 9.78 21.01
C ARG G 72 -20.62 8.99 22.24
N GLU G 73 -20.65 7.68 22.12
CA GLU G 73 -21.16 6.79 23.18
C GLU G 73 -20.40 6.93 24.50
N THR G 74 -19.07 7.07 24.40
CA THR G 74 -18.20 7.16 25.58
C THR G 74 -18.10 8.58 26.16
N ALA G 75 -17.79 9.57 25.32
CA ALA G 75 -17.55 10.93 25.83
C ALA G 75 -18.79 11.57 26.47
N LYS G 76 -20.00 11.19 26.05
CA LYS G 76 -21.21 11.80 26.63
C LYS G 76 -21.35 11.54 28.14
N LYS G 77 -20.68 10.50 28.66
CA LYS G 77 -20.68 10.21 30.09
C LYS G 77 -19.94 11.21 30.96
N ILE G 78 -19.23 12.15 30.33
CA ILE G 78 -18.55 13.26 31.02
C ILE G 78 -19.52 14.36 31.50
N ALA G 79 -20.63 14.56 30.75
CA ALA G 79 -21.44 15.73 30.92
C ALA G 79 -22.32 15.70 32.18
N ALA G 80 -22.56 16.88 32.74
CA ALA G 80 -23.56 17.08 33.81
C ALA G 80 -24.94 17.38 33.28
N SER G 81 -25.02 17.96 32.09
CA SER G 81 -26.30 18.29 31.46
C SER G 81 -26.99 17.02 30.87
N PRO G 82 -28.24 16.75 31.26
CA PRO G 82 -28.95 15.59 30.68
C PRO G 82 -29.18 15.68 29.17
N ILE G 83 -29.19 16.88 28.62
CA ILE G 83 -29.30 17.12 27.17
C ILE G 83 -28.21 16.32 26.41
N VAL G 84 -26.99 16.35 26.95
CA VAL G 84 -25.86 15.63 26.39
C VAL G 84 -25.77 14.18 26.92
N GLU G 85 -25.77 14.03 28.24
CA GLU G 85 -25.54 12.74 28.88
C GLU G 85 -26.60 11.65 28.63
N GLN G 86 -27.88 12.03 28.69
CA GLN G 86 -28.98 11.07 28.51
C GLN G 86 -29.58 11.17 27.11
N GLU G 87 -30.03 12.37 26.71
CA GLU G 87 -30.62 12.54 25.36
C GLU G 87 -29.66 12.34 24.18
N GLY G 88 -28.36 12.52 24.38
CA GLY G 88 -27.39 12.32 23.31
C GLY G 88 -27.41 13.40 22.22
N GLU G 89 -27.67 14.65 22.63
CA GLU G 89 -27.63 15.78 21.67
C GLU G 89 -26.17 16.27 21.51
N LEU G 90 -25.37 15.40 20.87
CA LEU G 90 -23.97 15.65 20.52
C LEU G 90 -23.65 14.86 19.25
N CYS G 91 -22.52 15.17 18.63
CA CYS G 91 -22.07 14.51 17.39
C CYS G 91 -20.57 14.70 17.21
N PHE G 92 -19.90 13.66 16.70
CA PHE G 92 -18.48 13.73 16.29
C PHE G 92 -18.31 13.30 14.84
N THR G 93 -17.48 14.03 14.11
CA THR G 93 -17.35 13.89 12.68
C THR G 93 -15.87 13.99 12.25
N LEU G 94 -15.48 13.10 11.31
CA LEU G 94 -14.12 13.06 10.74
C LEU G 94 -14.10 13.73 9.36
N TYR G 95 -13.19 14.69 9.15
CA TYR G 95 -13.06 15.44 7.89
C TYR G 95 -11.70 15.19 7.19
N ASN G 96 -11.71 15.28 5.86
CA ASN G 96 -10.46 15.35 5.06
C ASN G 96 -9.86 16.79 5.15
N ALA G 97 -8.67 17.00 4.62
CA ALA G 97 -7.96 18.28 4.73
C ALA G 97 -8.73 19.46 4.18
N ALA G 98 -9.57 19.23 3.16
CA ALA G 98 -10.39 20.29 2.55
C ALA G 98 -11.67 20.64 3.33
N GLY G 99 -11.89 20.00 4.48
CA GLY G 99 -13.10 20.23 5.29
C GLY G 99 -14.37 19.47 4.85
N ASP G 100 -14.25 18.50 3.95
CA ASP G 100 -15.36 17.64 3.59
C ASP G 100 -15.42 16.38 4.52
N SER G 101 -16.61 16.05 5.02
CA SER G 101 -16.78 14.93 5.94
C SER G 101 -16.66 13.60 5.22
N LEU G 102 -15.99 12.65 5.86
CA LEU G 102 -15.89 11.26 5.40
C LEU G 102 -16.89 10.32 6.14
N LEU G 103 -16.96 10.44 7.45
CA LEU G 103 -17.78 9.59 8.33
C LEU G 103 -18.22 10.35 9.59
N THR G 104 -19.34 9.93 10.19
CA THR G 104 -19.88 10.61 11.37
C THR G 104 -20.56 9.65 12.32
N SER G 105 -20.57 9.99 13.62
CA SER G 105 -21.54 9.36 14.56
C SER G 105 -22.96 9.76 14.16
N THR G 106 -23.98 9.14 14.76
CA THR G 106 -25.35 9.65 14.66
C THR G 106 -25.52 10.80 15.69
N GLY G 107 -26.75 11.17 16.03
CA GLY G 107 -27.01 12.30 16.91
C GLY G 107 -27.39 13.55 16.12
N ILE G 108 -26.89 14.72 16.52
CA ILE G 108 -27.25 16.00 15.90
C ILE G 108 -26.40 16.28 14.66
N ILE G 109 -26.67 15.51 13.60
CA ILE G 109 -25.80 15.44 12.45
C ILE G 109 -25.99 16.59 11.45
N ILE G 110 -26.87 17.56 11.75
CA ILE G 110 -26.87 18.82 11.03
C ILE G 110 -25.47 19.48 11.08
N HIS G 111 -24.73 19.19 12.15
CA HIS G 111 -23.40 19.77 12.35
C HIS G 111 -22.29 19.14 11.56
N VAL G 112 -22.57 18.04 10.85
CA VAL G 112 -21.65 17.53 9.81
C VAL G 112 -21.38 18.72 8.84
N GLY G 113 -22.43 19.36 8.37
CA GLY G 113 -22.34 20.51 7.47
C GLY G 113 -21.84 21.80 8.12
N THR G 114 -22.36 22.15 9.31
CA THR G 114 -21.93 23.43 9.97
C THR G 114 -20.43 23.43 10.35
N MET G 115 -19.91 22.33 10.88
CA MET G 115 -18.49 22.27 11.31
C MET G 115 -17.56 22.25 10.09
N GLY G 116 -17.98 21.56 9.01
CA GLY G 116 -17.21 21.62 7.76
C GLY G 116 -17.17 23.03 7.14
N ALA G 117 -18.28 23.74 7.20
CA ALA G 117 -18.34 25.12 6.72
C ALA G 117 -17.46 26.06 7.58
N ALA G 118 -17.33 25.79 8.88
CA ALA G 118 -16.42 26.56 9.73
C ALA G 118 -14.95 26.29 9.35
N ILE G 119 -14.62 25.03 9.11
CA ILE G 119 -13.27 24.68 8.60
C ILE G 119 -13.00 25.42 7.27
N LYS G 120 -13.98 25.39 6.35
CA LYS G 120 -13.79 26.06 5.07
C LYS G 120 -13.63 27.60 5.21
N TYR G 121 -14.31 28.21 6.17
CA TYR G 121 -14.08 29.64 6.47
C TYR G 121 -12.61 29.90 6.88
N MET G 122 -12.05 29.05 7.73
CA MET G 122 -10.63 29.14 8.12
C MET G 122 -9.70 28.99 6.90
N ILE G 123 -10.03 28.04 6.03
CA ILE G 123 -9.27 27.81 4.79
C ILE G 123 -9.28 29.08 3.93
N GLU G 124 -10.48 29.61 3.68
CA GLU G 124 -10.69 30.73 2.77
C GLU G 124 -10.21 32.07 3.30
N ASN G 125 -10.07 32.23 4.61
CA ASN G 125 -9.63 33.48 5.23
C ASN G 125 -8.18 33.45 5.76
N ASN G 126 -7.41 32.44 5.36
CA ASN G 126 -5.96 32.38 5.62
C ASN G 126 -5.61 32.32 7.10
N TRP G 127 -6.39 31.50 7.83
CA TRP G 127 -5.99 31.07 9.17
C TRP G 127 -4.61 30.41 9.17
N GLU G 128 -4.22 29.79 8.05
CA GLU G 128 -2.88 29.17 7.92
C GLU G 128 -1.75 30.15 8.22
N ALA G 129 -1.84 31.36 7.69
CA ALA G 129 -0.80 32.37 7.93
C ALA G 129 -0.96 33.10 9.27
N ASN G 130 -2.19 33.29 9.76
CA ASN G 130 -2.44 33.92 11.08
C ASN G 130 -3.89 33.55 11.49
N PRO G 131 -4.11 32.91 12.65
CA PRO G 131 -3.15 32.70 13.73
C PRO G 131 -2.26 31.45 13.62
N GLY G 132 -2.31 30.76 12.48
CA GLY G 132 -1.61 29.49 12.27
C GLY G 132 -2.44 28.27 12.66
N VAL G 133 -2.20 27.14 12.00
CA VAL G 133 -2.88 25.88 12.31
C VAL G 133 -1.79 24.85 12.60
N HIS G 134 -1.62 24.54 13.88
CA HIS G 134 -0.50 23.74 14.37
C HIS G 134 -0.96 22.45 15.06
N ASP G 135 -0.11 21.45 14.99
CA ASP G 135 -0.36 20.18 15.68
C ASP G 135 -0.61 20.46 17.17
N LYS G 136 -1.68 19.85 17.71
CA LYS G 136 -2.15 19.98 19.10
C LYS G 136 -2.89 21.31 19.44
N ASP G 137 -3.17 22.15 18.43
CA ASP G 137 -4.05 23.28 18.62
C ASP G 137 -5.48 22.83 18.92
N ILE G 138 -6.23 23.69 19.61
CA ILE G 138 -7.68 23.50 19.82
C ILE G 138 -8.43 24.78 19.36
N PHE G 139 -9.39 24.62 18.44
CA PHE G 139 -10.26 25.70 17.97
C PHE G 139 -11.69 25.54 18.55
N CYS G 140 -12.34 26.66 18.85
CA CYS G 140 -13.74 26.62 19.26
C CYS G 140 -14.52 27.60 18.38
N ASN G 141 -15.78 27.26 18.07
CA ASN G 141 -16.60 28.05 17.16
C ASN G 141 -18.09 27.83 17.40
N ASN G 142 -18.89 28.90 17.27
CA ASN G 142 -20.36 28.78 17.19
C ASN G 142 -21.06 29.82 16.30
N ASP G 143 -20.31 30.53 15.47
CA ASP G 143 -20.79 31.75 14.80
C ASP G 143 -21.81 31.45 13.70
N SER G 144 -23.08 31.83 13.91
CA SER G 144 -24.11 31.60 12.89
C SER G 144 -23.92 32.43 11.61
N LEU G 145 -23.16 33.52 11.64
CA LEU G 145 -22.86 34.28 10.39
C LEU G 145 -22.01 33.50 9.38
N ILE G 146 -21.30 32.46 9.81
CA ILE G 146 -20.53 31.60 8.92
C ILE G 146 -21.14 30.19 8.78
N GLY G 147 -22.37 30.00 9.30
CA GLY G 147 -23.16 28.83 8.97
C GLY G 147 -23.83 28.02 10.07
N ASN G 148 -23.52 28.29 11.34
CA ASN G 148 -24.07 27.49 12.45
C ASN G 148 -25.59 27.69 12.67
N VAL G 149 -26.23 26.72 13.32
CA VAL G 149 -27.66 26.75 13.63
C VAL G 149 -28.01 27.89 14.59
N HIS G 150 -27.31 27.93 15.71
CA HIS G 150 -27.52 28.92 16.75
C HIS G 150 -26.37 28.90 17.75
N PRO G 151 -26.24 29.94 18.58
CA PRO G 151 -25.07 30.01 19.49
C PRO G 151 -24.95 28.83 20.52
N CYS G 152 -26.04 28.23 20.94
CA CYS G 152 -25.96 27.10 21.89
C CYS G 152 -25.34 25.78 21.36
N ASP G 153 -25.14 25.65 20.05
CA ASP G 153 -24.39 24.54 19.50
C ASP G 153 -22.93 24.89 19.37
N ILE G 154 -22.13 24.44 20.33
CA ILE G 154 -20.71 24.79 20.39
C ILE G 154 -19.88 23.73 19.71
N HIS G 155 -19.00 24.16 18.79
CA HIS G 155 -18.04 23.28 18.10
C HIS G 155 -16.64 23.38 18.73
N THR G 156 -15.98 22.21 18.90
CA THR G 156 -14.55 22.10 19.15
C THR G 156 -13.96 21.39 17.92
N ILE G 157 -12.96 22.01 17.29
CA ILE G 157 -12.32 21.52 16.07
C ILE G 157 -10.78 21.38 16.28
N VAL G 158 -10.23 20.19 16.00
CA VAL G 158 -8.82 19.85 16.20
C VAL G 158 -8.25 19.35 14.85
N PRO G 159 -7.12 19.94 14.39
CA PRO G 159 -6.47 19.41 13.20
C PRO G 159 -5.75 18.08 13.50
N ILE G 160 -5.65 17.24 12.46
CA ILE G 160 -4.96 15.95 12.54
C ILE G 160 -3.71 15.96 11.65
N PHE G 161 -2.55 15.66 12.23
CA PHE G 161 -1.25 15.67 11.54
C PHE G 161 -0.64 14.25 11.43
N TRP G 162 0.11 14.01 10.36
CA TRP G 162 0.89 12.80 10.19
C TRP G 162 2.26 13.19 9.62
N GLU G 163 3.31 12.86 10.36
CA GLU G 163 4.69 13.21 9.97
C GLU G 163 4.86 14.67 9.59
N GLY G 164 4.33 15.52 10.43
CA GLY G 164 4.50 16.97 10.28
C GLY G 164 3.55 17.66 9.32
N GLU G 165 2.64 16.96 8.66
CA GLU G 165 1.74 17.56 7.68
C GLU G 165 0.27 17.27 8.03
N LEU G 166 -0.62 18.17 7.62
CA LEU G 166 -2.05 18.04 7.95
C LEU G 166 -2.72 17.05 7.02
N ILE G 167 -3.45 16.10 7.61
CA ILE G 167 -4.16 15.09 6.85
C ILE G 167 -5.68 15.06 7.10
N GLY G 168 -6.18 15.93 7.95
CA GLY G 168 -7.62 15.97 8.27
C GLY G 168 -7.93 16.84 9.47
N TRP G 169 -9.20 16.78 9.88
CA TRP G 169 -9.68 17.48 11.06
C TRP G 169 -10.74 16.58 11.75
N VAL G 170 -10.97 16.80 13.03
CA VAL G 170 -12.09 16.21 13.75
C VAL G 170 -12.90 17.32 14.42
N GLY G 171 -14.23 17.25 14.25
CA GLY G 171 -15.13 18.17 14.91
C GLY G 171 -16.04 17.47 15.89
N GLY G 172 -16.27 18.11 17.05
CA GLY G 172 -17.25 17.66 18.05
C GLY G 172 -18.17 18.80 18.46
N VAL G 173 -19.48 18.53 18.53
CA VAL G 173 -20.49 19.51 18.91
C VAL G 173 -21.33 19.01 20.08
N THR G 174 -21.66 19.92 21.00
CA THR G 174 -22.68 19.68 22.02
C THR G 174 -23.66 20.86 22.04
N HIS G 175 -24.95 20.55 22.20
CA HIS G 175 -25.92 21.58 22.53
C HIS G 175 -25.80 21.92 24.01
N VAL G 176 -25.41 23.16 24.34
CA VAL G 176 -25.29 23.63 25.76
C VAL G 176 -26.59 24.32 26.23
N ILE G 177 -26.77 24.38 27.55
CA ILE G 177 -28.05 24.86 28.10
C ILE G 177 -28.30 26.35 27.77
N ASP G 178 -27.28 27.20 27.93
CA ASP G 178 -27.40 28.59 27.59
C ASP G 178 -26.06 29.23 27.23
N THR G 179 -26.15 30.34 26.46
CA THR G 179 -24.96 31.13 26.10
C THR G 179 -25.06 32.59 26.53
N GLY G 180 -25.88 32.88 27.55
CA GLY G 180 -25.92 34.23 28.07
C GLY G 180 -26.55 35.22 27.12
N ALA G 181 -27.68 34.80 26.52
CA ALA G 181 -28.56 35.70 25.77
C ALA G 181 -29.45 36.45 26.77
N VAL G 182 -30.11 37.51 26.29
CA VAL G 182 -31.08 38.28 27.07
C VAL G 182 -32.13 37.36 27.77
N GLY G 183 -32.71 36.44 27.00
CA GLY G 183 -33.62 35.44 27.54
C GLY G 183 -32.90 34.21 28.10
N PRO G 184 -33.39 33.68 29.26
CA PRO G 184 -32.78 32.53 29.90
C PRO G 184 -33.24 31.19 29.37
N GLY G 185 -32.46 30.64 28.46
CA GLY G 185 -32.78 29.36 27.79
C GLY G 185 -31.89 29.22 26.55
N SER G 186 -32.03 28.09 25.86
CA SER G 186 -31.30 27.85 24.59
C SER G 186 -32.00 28.48 23.41
N MET G 187 -33.34 28.42 23.38
CA MET G 187 -34.18 28.86 22.26
C MET G 187 -34.83 30.21 22.60
N ALA G 188 -33.98 31.17 22.94
CA ALA G 188 -34.36 32.31 23.74
C ALA G 188 -35.09 33.40 22.97
N THR G 189 -35.97 34.11 23.68
CA THR G 189 -36.64 35.32 23.24
C THR G 189 -36.21 36.47 24.16
N GLY G 190 -36.47 37.70 23.69
CA GLY G 190 -36.14 38.93 24.43
C GLY G 190 -35.30 39.86 23.59
N GLN G 191 -34.14 39.37 23.13
CA GLN G 191 -33.36 40.07 22.10
C GLN G 191 -34.05 40.00 20.73
N VAL G 192 -33.75 40.98 19.86
CA VAL G 192 -34.22 41.00 18.46
C VAL G 192 -33.14 41.12 17.39
N GLN G 193 -31.86 41.06 17.85
CA GLN G 193 -30.67 41.24 17.01
C GLN G 193 -29.52 40.41 17.61
N ARG G 194 -28.39 40.32 16.88
CA ARG G 194 -27.14 39.67 17.33
C ARG G 194 -26.70 40.19 18.69
N PHE G 195 -26.92 41.49 18.90
CA PHE G 195 -26.58 42.19 20.15
C PHE G 195 -27.57 41.74 21.26
N GLY G 196 -27.14 40.81 22.13
CA GLY G 196 -28.02 40.15 23.08
C GLY G 196 -28.42 38.69 22.75
N ASP G 197 -27.92 38.15 21.63
CA ASP G 197 -28.30 36.81 21.13
C ASP G 197 -27.39 35.70 21.70
N GLY G 198 -26.44 36.06 22.58
CA GLY G 198 -25.55 35.10 23.20
C GLY G 198 -24.05 35.31 22.85
N TYR G 199 -23.22 34.69 23.65
CA TYR G 199 -21.74 34.65 23.45
C TYR G 199 -21.43 33.97 22.12
N SER G 200 -20.79 34.71 21.19
CA SER G 200 -20.57 34.24 19.82
C SER G 200 -19.05 34.23 19.54
N ILE G 201 -18.55 33.07 19.13
CA ILE G 201 -17.12 32.75 19.02
C ILE G 201 -16.82 32.43 17.53
N THR G 202 -15.90 33.16 16.89
CA THR G 202 -15.60 32.96 15.47
C THR G 202 -14.25 32.24 15.25
N CYS G 203 -14.31 30.90 15.12
CA CYS G 203 -13.12 30.06 14.87
C CYS G 203 -11.87 30.50 15.75
N ARG G 204 -12.12 30.62 17.06
CA ARG G 204 -11.10 31.11 17.98
C ARG G 204 -10.10 30.00 18.34
N LYS G 205 -8.79 30.32 18.35
CA LYS G 205 -7.83 29.38 18.92
C LYS G 205 -7.87 29.49 20.45
N VAL G 206 -8.41 28.45 21.11
CA VAL G 206 -8.62 28.44 22.55
C VAL G 206 -7.64 27.56 23.32
N GLY G 207 -6.73 26.91 22.62
CA GLY G 207 -5.70 26.09 23.24
C GLY G 207 -4.58 25.70 22.28
N ALA G 208 -3.48 25.29 22.86
CA ALA G 208 -2.31 24.81 22.13
C ALA G 208 -1.58 23.78 23.04
N ASN G 209 -0.79 22.91 22.42
CA ASN G 209 -0.18 21.79 23.11
C ASN G 209 -1.23 21.01 23.97
N ASP G 210 -2.42 20.84 23.38
CA ASP G 210 -3.52 20.08 24.01
C ASP G 210 -4.03 20.68 25.32
N THR G 211 -3.77 21.95 25.55
CA THR G 211 -4.05 22.63 26.82
C THR G 211 -4.85 23.91 26.58
N LEU G 212 -6.00 24.05 27.22
CA LEU G 212 -6.85 25.22 27.10
C LEU G 212 -6.24 26.50 27.76
N PHE G 213 -6.38 27.62 27.10
CA PHE G 213 -5.81 28.88 27.59
C PHE G 213 -6.66 29.45 28.72
N ARG G 214 -6.00 29.97 29.76
CA ARG G 214 -6.72 30.46 30.94
C ARG G 214 -7.61 31.70 30.68
N ASP G 215 -7.15 32.61 29.81
CA ASP G 215 -7.97 33.79 29.45
C ASP G 215 -9.30 33.39 28.82
N TRP G 216 -9.26 32.40 27.93
CA TRP G 216 -10.49 31.79 27.36
C TRP G 216 -11.38 31.18 28.44
N LEU G 217 -10.78 30.40 29.33
CA LEU G 217 -11.53 29.72 30.39
C LEU G 217 -12.27 30.71 31.30
N HIS G 218 -11.56 31.73 31.81
CA HIS G 218 -12.17 32.73 32.68
C HIS G 218 -13.29 33.55 31.98
N GLU G 219 -13.05 33.94 30.74
CA GLU G 219 -14.00 34.78 30.01
C GLU G 219 -15.30 34.01 29.65
N SER G 220 -15.12 32.87 28.97
CA SER G 220 -16.22 32.06 28.56
C SER G 220 -17.16 31.69 29.73
N GLN G 221 -16.56 31.32 30.85
CA GLN G 221 -17.30 30.83 32.00
C GLN G 221 -18.18 31.88 32.68
N ARG G 222 -17.84 33.15 32.57
CA ARG G 222 -18.64 34.26 33.14
C ARG G 222 -19.62 34.92 32.15
N MET G 223 -19.63 34.46 30.91
CA MET G 223 -20.57 34.98 29.91
C MET G 223 -21.83 34.09 29.75
N VAL G 224 -21.99 33.09 30.63
CA VAL G 224 -23.13 32.17 30.62
C VAL G 224 -23.72 32.05 32.04
N ARG G 225 -24.99 31.64 32.12
CA ARG G 225 -25.62 31.31 33.39
C ARG G 225 -25.15 29.94 33.95
N THR G 226 -25.20 28.90 33.10
CA THR G 226 -25.00 27.50 33.53
C THR G 226 -23.51 27.07 33.48
N THR G 227 -22.67 27.81 34.22
CA THR G 227 -21.20 27.66 34.13
C THR G 227 -20.68 26.21 34.25
N ARG G 228 -21.11 25.50 35.30
CA ARG G 228 -20.59 24.15 35.55
C ARG G 228 -20.98 23.20 34.41
N TYR G 229 -22.21 23.36 33.91
CA TYR G 229 -22.73 22.52 32.79
C TYR G 229 -21.95 22.81 31.51
N TRP G 230 -21.73 24.10 31.24
CA TRP G 230 -20.85 24.58 30.13
C TRP G 230 -19.45 23.92 30.18
N MET G 231 -18.84 23.92 31.37
CA MET G 231 -17.46 23.42 31.56
C MET G 231 -17.37 21.90 31.23
N LEU G 232 -18.34 21.12 31.69
CA LEU G 232 -18.32 19.69 31.42
C LEU G 232 -18.73 19.34 29.98
N ASP G 233 -19.57 20.16 29.33
CA ASP G 233 -19.84 20.01 27.88
C ASP G 233 -18.55 20.25 27.05
N GLU G 234 -17.71 21.19 27.49
CA GLU G 234 -16.44 21.44 26.84
C GLU G 234 -15.47 20.24 26.98
N ARG G 235 -15.36 19.68 28.19
CA ARG G 235 -14.52 18.49 28.38
C ARG G 235 -15.02 17.31 27.57
N THR G 236 -16.35 17.16 27.44
CA THR G 236 -16.98 16.18 26.56
C THR G 236 -16.50 16.28 25.11
N ARG G 237 -16.50 17.50 24.56
CA ARG G 237 -16.09 17.70 23.16
C ARG G 237 -14.58 17.41 22.96
N ILE G 238 -13.74 17.90 23.87
CA ILE G 238 -12.30 17.68 23.74
C ILE G 238 -11.94 16.17 23.85
N ALA G 239 -12.61 15.46 24.76
CA ALA G 239 -12.40 14.01 24.90
C ALA G 239 -12.65 13.26 23.61
N GLY G 240 -13.82 13.48 23.01
CA GLY G 240 -14.15 12.76 21.79
C GLY G 240 -13.23 13.13 20.61
N CYS G 241 -12.90 14.42 20.46
CA CYS G 241 -11.96 14.84 19.44
C CYS G 241 -10.59 14.12 19.58
N HIS G 242 -10.06 14.06 20.81
CA HIS G 242 -8.77 13.41 21.05
C HIS G 242 -8.81 11.88 20.94
N MET G 243 -9.93 11.26 21.32
CA MET G 243 -10.15 9.82 21.07
C MET G 243 -10.07 9.49 19.57
N ILE G 244 -10.72 10.32 18.74
CA ILE G 244 -10.73 10.09 17.28
C ILE G 244 -9.35 10.39 16.66
N ARG G 245 -8.69 11.47 17.07
CA ARG G 245 -7.31 11.75 16.60
C ARG G 245 -6.37 10.56 16.86
N LYS G 246 -6.44 10.02 18.07
CA LYS G 246 -5.63 8.85 18.42
C LYS G 246 -5.95 7.62 17.53
N LEU G 247 -7.22 7.36 17.33
CA LEU G 247 -7.64 6.26 16.45
C LEU G 247 -7.13 6.44 15.00
N VAL G 248 -7.23 7.65 14.45
CA VAL G 248 -6.72 7.89 13.09
C VAL G 248 -5.20 7.61 13.03
N GLU G 249 -4.45 8.06 14.03
CA GLU G 249 -3.01 7.79 14.09
C GLU G 249 -2.71 6.27 14.12
N GLU G 250 -3.50 5.48 14.85
CA GLU G 250 -3.33 4.04 14.93
C GLU G 250 -3.66 3.35 13.60
N VAL G 251 -4.75 3.78 12.95
CA VAL G 251 -5.18 3.26 11.65
C VAL G 251 -4.11 3.54 10.59
N VAL G 252 -3.59 4.75 10.56
CA VAL G 252 -2.53 5.09 9.59
C VAL G 252 -1.26 4.27 9.86
N ALA G 253 -0.86 4.13 11.13
CA ALA G 253 0.31 3.33 11.50
C ALA G 253 0.15 1.90 11.02
N GLU G 254 -1.03 1.32 11.23
CA GLU G 254 -1.27 -0.07 10.83
C GLU G 254 -1.48 -0.31 9.32
N GLU G 255 -2.27 0.52 8.63
CA GLU G 255 -2.60 0.29 7.19
C GLU G 255 -1.84 1.14 6.20
N GLY G 256 -1.14 2.14 6.67
CA GLY G 256 -0.29 3.01 5.81
C GLY G 256 -1.03 4.27 5.39
N ILE G 257 -0.30 5.37 5.31
CA ILE G 257 -0.87 6.68 4.96
C ILE G 257 -1.45 6.69 3.53
N GLU G 258 -0.86 5.95 2.59
CA GLU G 258 -1.34 6.01 1.19
C GLU G 258 -2.77 5.51 1.05
N ALA G 259 -3.07 4.41 1.70
CA ALA G 259 -4.44 3.87 1.70
C ALA G 259 -5.43 4.82 2.40
N TYR G 260 -5.06 5.36 3.56
CA TYR G 260 -5.92 6.30 4.28
C TYR G 260 -6.19 7.54 3.43
N TRP G 261 -5.13 8.06 2.81
CA TRP G 261 -5.21 9.28 1.97
C TRP G 261 -6.16 9.08 0.76
N LYS G 262 -6.13 7.90 0.16
CA LYS G 262 -7.14 7.56 -0.86
C LYS G 262 -8.58 7.51 -0.31
N PHE G 263 -8.78 6.83 0.82
CA PHE G 263 -10.10 6.71 1.43
C PHE G 263 -10.72 8.07 1.77
N ALA G 264 -9.88 8.98 2.25
CA ALA G 264 -10.33 10.29 2.67
C ALA G 264 -11.03 11.14 1.60
N TYR G 265 -10.79 10.86 0.32
CA TYR G 265 -11.50 11.50 -0.81
C TYR G 265 -12.48 10.55 -1.52
N GLU G 266 -12.11 9.28 -1.68
CA GLU G 266 -12.99 8.31 -2.33
C GLU G 266 -14.32 8.14 -1.56
N ALA G 267 -14.29 8.18 -0.21
CA ALA G 267 -15.50 8.00 0.59
C ALA G 267 -16.58 9.08 0.29
N VAL G 268 -16.15 10.29 -0.04
CA VAL G 268 -17.06 11.38 -0.37
C VAL G 268 -17.73 11.11 -1.74
N GLU G 269 -16.92 10.81 -2.76
CA GLU G 269 -17.49 10.49 -4.09
C GLU G 269 -18.42 9.25 -4.03
N HIS G 270 -18.04 8.26 -3.23
CA HIS G 270 -18.90 7.07 -3.00
C HIS G 270 -20.30 7.50 -2.46
N GLY G 271 -20.30 8.41 -1.50
CA GLY G 271 -21.54 9.07 -1.03
C GLY G 271 -22.39 9.73 -2.09
N ARG G 272 -21.78 10.50 -2.98
CA ARG G 272 -22.51 11.14 -4.10
C ARG G 272 -23.13 10.09 -5.01
N LEU G 273 -22.32 9.10 -5.39
CA LEU G 273 -22.82 7.96 -6.23
C LEU G 273 -24.03 7.25 -5.59
N GLY G 274 -23.99 7.07 -4.28
CA GLY G 274 -25.08 6.46 -3.49
C GLY G 274 -26.39 7.22 -3.57
N LEU G 275 -26.33 8.55 -3.45
CA LEU G 275 -27.53 9.39 -3.59
C LEU G 275 -28.15 9.28 -5.00
N GLN G 276 -27.31 9.43 -6.01
CA GLN G 276 -27.77 9.37 -7.39
C GLN G 276 -28.49 8.01 -7.71
N ALA G 277 -27.89 6.92 -7.24
CA ALA G 277 -28.48 5.60 -7.43
C ALA G 277 -29.82 5.44 -6.69
N ARG G 278 -29.88 5.94 -5.46
CA ARG G 278 -31.10 5.85 -4.67
C ARG G 278 -32.26 6.67 -5.27
N ILE G 279 -31.93 7.86 -5.78
CA ILE G 279 -32.92 8.67 -6.49
C ILE G 279 -33.50 7.94 -7.69
N LYS G 280 -32.64 7.31 -8.49
CA LYS G 280 -33.12 6.57 -9.68
C LYS G 280 -33.84 5.26 -9.35
N ALA G 281 -33.53 4.65 -8.20
CA ALA G 281 -34.21 3.43 -7.77
C ALA G 281 -35.59 3.67 -7.09
N MET G 282 -35.78 4.83 -6.44
CA MET G 282 -36.91 5.05 -5.54
C MET G 282 -37.94 6.08 -5.98
N THR G 283 -37.53 7.05 -6.79
CA THR G 283 -38.38 8.24 -7.08
C THR G 283 -38.94 8.21 -8.53
N ILE G 284 -39.39 9.36 -9.02
CA ILE G 284 -39.92 9.56 -10.37
C ILE G 284 -39.45 10.94 -10.85
N PRO G 285 -38.91 11.04 -12.09
CA PRO G 285 -38.54 12.37 -12.57
C PRO G 285 -39.75 13.27 -12.77
N GLY G 286 -39.59 14.57 -12.53
CA GLY G 286 -40.70 15.50 -12.60
C GLY G 286 -40.50 16.77 -11.76
N THR G 287 -41.55 17.58 -11.71
CA THR G 287 -41.57 18.80 -10.91
C THR G 287 -42.60 18.66 -9.81
N TYR G 288 -42.18 18.93 -8.57
CA TYR G 288 -43.00 18.82 -7.34
C TYR G 288 -43.07 20.21 -6.70
N ARG G 289 -44.27 20.66 -6.34
CA ARG G 289 -44.46 22.02 -5.78
C ARG G 289 -45.19 21.90 -4.43
N GLN G 290 -44.66 22.59 -3.42
CA GLN G 290 -45.18 22.54 -2.05
C GLN G 290 -44.73 23.77 -1.25
N VAL G 291 -45.30 23.97 -0.06
CA VAL G 291 -45.05 25.18 0.73
C VAL G 291 -45.25 24.91 2.24
N GLY G 292 -44.52 25.66 3.08
CA GLY G 292 -44.78 25.70 4.52
C GLY G 292 -44.80 27.12 5.08
N PHE G 293 -45.43 27.27 6.25
CA PHE G 293 -45.56 28.55 6.95
C PHE G 293 -45.39 28.32 8.49
N VAL G 294 -45.15 29.43 9.22
CA VAL G 294 -45.30 29.46 10.70
C VAL G 294 -45.52 30.90 11.21
N ASP G 295 -46.09 31.03 12.40
CA ASP G 295 -46.48 32.34 12.98
C ASP G 295 -45.43 32.97 13.90
N VAL G 296 -45.32 34.30 13.85
CA VAL G 296 -44.53 35.12 14.77
C VAL G 296 -45.43 36.23 15.39
N PRO G 297 -46.16 35.91 16.47
CA PRO G 297 -47.12 36.88 17.09
C PRO G 297 -46.45 37.87 18.08
N TYR G 298 -45.59 38.75 17.54
CA TYR G 298 -44.83 39.70 18.38
C TYR G 298 -45.61 40.95 18.76
N ALA G 299 -46.81 41.13 18.24
CA ALA G 299 -47.66 42.28 18.65
C ALA G 299 -48.22 42.15 20.07
N HIS G 300 -48.36 40.91 20.56
CA HIS G 300 -48.97 40.64 21.87
C HIS G 300 -48.18 41.30 23.01
N GLU G 301 -48.91 41.79 24.03
CA GLU G 301 -48.27 42.47 25.16
C GLU G 301 -47.28 41.59 25.98
N ASP G 302 -47.41 40.26 25.94
CA ASP G 302 -46.53 39.37 26.67
C ASP G 302 -45.22 39.04 25.90
N VAL G 303 -45.03 39.65 24.72
CA VAL G 303 -43.72 39.68 24.07
C VAL G 303 -43.10 41.07 24.31
N ARG G 304 -42.26 41.16 25.35
CA ARG G 304 -41.68 42.43 25.81
C ARG G 304 -40.31 42.63 25.22
N VAL G 305 -40.26 43.01 23.97
CA VAL G 305 -38.96 43.24 23.31
C VAL G 305 -38.52 44.70 23.49
N PRO G 306 -37.21 44.95 23.51
CA PRO G 306 -36.68 46.29 23.84
C PRO G 306 -36.56 47.25 22.65
N SER G 307 -37.07 46.88 21.46
CA SER G 307 -36.96 47.69 20.25
C SER G 307 -38.35 47.81 19.64
N ASP G 308 -38.87 49.03 19.48
CA ASP G 308 -40.23 49.24 18.94
C ASP G 308 -40.45 48.80 17.47
N PHE G 309 -39.38 48.80 16.67
CA PHE G 309 -39.47 48.38 15.27
C PHE G 309 -39.68 46.84 15.12
N ALA G 310 -39.56 46.08 16.22
CA ALA G 310 -39.82 44.62 16.25
C ALA G 310 -41.23 44.23 16.66
N LYS G 311 -42.04 45.19 17.10
CA LYS G 311 -43.39 44.89 17.61
C LYS G 311 -44.42 44.83 16.49
N LEU G 312 -44.52 43.66 15.89
CA LEU G 312 -45.52 43.38 14.85
C LEU G 312 -45.69 41.88 14.66
N ASP G 313 -46.85 41.51 14.12
CA ASP G 313 -47.20 40.13 13.77
C ASP G 313 -46.73 39.82 12.36
N THR G 314 -45.92 38.78 12.18
CA THR G 314 -45.51 38.30 10.87
C THR G 314 -45.69 36.78 10.73
N ILE G 315 -45.63 36.33 9.46
CA ILE G 315 -45.73 34.93 9.06
C ILE G 315 -44.53 34.57 8.16
N MET G 316 -43.86 33.47 8.49
CA MET G 316 -42.82 32.88 7.63
C MET G 316 -43.50 32.18 6.41
N HIS G 317 -42.92 32.39 5.23
CA HIS G 317 -43.30 31.78 3.95
C HIS G 317 -42.07 31.03 3.33
N ALA G 318 -42.25 29.74 3.02
CA ALA G 318 -41.20 28.91 2.39
C ALA G 318 -41.75 28.01 1.29
N PRO G 319 -41.96 28.57 0.08
CA PRO G 319 -42.36 27.74 -1.06
C PRO G 319 -41.12 27.04 -1.64
N CYS G 320 -41.29 25.83 -2.18
CA CYS G 320 -40.20 25.07 -2.78
C CYS G 320 -40.68 24.45 -4.13
N GLU G 321 -39.91 24.73 -5.18
CA GLU G 321 -40.02 24.03 -6.46
C GLU G 321 -38.90 22.97 -6.50
N MET G 322 -39.29 21.71 -6.46
CA MET G 322 -38.35 20.57 -6.43
C MET G 322 -38.36 19.87 -7.80
N THR G 323 -37.19 19.74 -8.43
CA THR G 323 -37.06 19.10 -9.75
C THR G 323 -36.17 17.86 -9.65
N ILE G 324 -36.70 16.67 -9.99
CA ILE G 324 -35.91 15.42 -10.07
C ILE G 324 -35.71 15.18 -11.56
N ARG G 325 -34.43 15.10 -11.96
CA ARG G 325 -34.05 14.90 -13.37
C ARG G 325 -33.87 13.43 -13.77
N ARG G 326 -34.01 13.16 -15.06
CA ARG G 326 -33.73 11.86 -15.64
C ARG G 326 -32.35 11.29 -15.29
N ASP G 327 -31.34 12.15 -15.12
CA ASP G 327 -29.99 11.67 -14.80
C ASP G 327 -29.75 11.39 -13.30
N GLY G 328 -30.76 11.55 -12.46
CA GLY G 328 -30.62 11.28 -11.04
C GLY G 328 -30.06 12.44 -10.19
N THR G 329 -29.86 13.60 -10.79
CA THR G 329 -29.61 14.85 -10.07
C THR G 329 -30.96 15.43 -9.62
N TRP G 330 -30.91 16.32 -8.64
CA TRP G 330 -32.12 17.04 -8.20
C TRP G 330 -31.83 18.45 -7.70
N ARG G 331 -32.87 19.28 -7.68
CA ARG G 331 -32.74 20.71 -7.47
C ARG G 331 -33.89 21.23 -6.60
N LEU G 332 -33.55 22.08 -5.63
CA LEU G 332 -34.54 22.69 -4.75
C LEU G 332 -34.40 24.20 -4.76
N ASP G 333 -35.47 24.88 -5.18
CA ASP G 333 -35.45 26.34 -5.44
C ASP G 333 -36.51 26.99 -4.53
N PHE G 334 -36.09 27.92 -3.68
CA PHE G 334 -36.94 28.59 -2.69
C PHE G 334 -37.30 30.06 -3.04
N GLU G 335 -37.25 30.41 -4.33
CA GLU G 335 -37.81 31.66 -4.85
C GLU G 335 -39.20 31.89 -4.30
N GLY G 336 -39.42 33.08 -3.76
CA GLY G 336 -40.74 33.43 -3.19
C GLY G 336 -40.77 33.48 -1.68
N SER G 337 -39.71 33.04 -1.02
CA SER G 337 -39.65 33.02 0.45
C SER G 337 -39.62 34.43 1.04
N SER G 338 -40.09 34.53 2.29
CA SER G 338 -40.14 35.82 3.01
C SER G 338 -38.76 36.29 3.51
N ARG G 339 -38.70 37.50 4.07
CA ARG G 339 -37.46 38.15 4.49
C ARG G 339 -37.06 37.77 5.90
N TRP G 340 -35.77 37.89 6.22
CA TRP G 340 -35.32 37.89 7.63
C TRP G 340 -36.12 38.91 8.46
N GLY G 341 -36.13 38.78 9.78
CA GLY G 341 -36.85 39.72 10.63
C GLY G 341 -36.21 40.01 12.00
N TRP G 342 -36.90 40.85 12.78
CA TRP G 342 -36.45 41.31 14.09
C TRP G 342 -37.01 40.35 15.18
N HIS G 343 -36.32 39.22 15.29
CA HIS G 343 -36.69 38.07 16.11
C HIS G 343 -35.50 37.09 16.10
N THR G 344 -35.64 35.93 16.75
CA THR G 344 -34.55 34.95 16.87
C THR G 344 -34.68 33.68 15.96
N TYR G 345 -35.40 33.83 14.86
CA TYR G 345 -35.82 32.70 13.97
C TYR G 345 -35.13 32.70 12.60
N ASN G 346 -34.17 33.63 12.39
CA ASN G 346 -33.43 33.70 11.13
C ASN G 346 -32.42 32.55 10.98
N ALA G 347 -31.98 32.30 9.76
CA ALA G 347 -31.05 31.20 9.48
C ALA G 347 -29.91 31.60 8.54
N HIS G 348 -29.31 30.60 7.88
CA HIS G 348 -28.11 30.78 7.03
C HIS G 348 -28.18 29.69 5.98
N GLN G 349 -27.56 29.93 4.83
CA GLN G 349 -27.59 28.98 3.74
C GLN G 349 -27.03 27.58 4.18
N VAL G 350 -26.00 27.55 5.00
CA VAL G 350 -25.40 26.32 5.50
C VAL G 350 -26.36 25.53 6.41
N SER G 351 -26.92 26.16 7.44
CA SER G 351 -27.86 25.46 8.31
C SER G 351 -29.12 25.00 7.57
N PHE G 352 -29.65 25.85 6.68
CA PHE G 352 -30.83 25.50 5.90
C PHE G 352 -30.59 24.24 5.01
N THR G 353 -29.50 24.24 4.23
CA THR G 353 -29.21 23.13 3.32
C THR G 353 -28.70 21.85 4.03
N SER G 354 -27.95 22.03 5.12
CA SER G 354 -27.54 20.90 5.98
C SER G 354 -28.74 20.15 6.58
N GLY G 355 -29.79 20.88 6.95
CA GLY G 355 -31.01 20.25 7.41
C GLY G 355 -31.75 19.44 6.35
N ILE G 356 -31.72 19.90 5.10
CA ILE G 356 -32.26 19.12 3.99
C ILE G 356 -31.47 17.80 3.85
N TRP G 357 -30.14 17.89 4.03
CA TRP G 357 -29.26 16.72 4.01
C TRP G 357 -29.64 15.74 5.16
N VAL G 358 -29.93 16.27 6.35
CA VAL G 358 -30.42 15.46 7.48
C VAL G 358 -31.71 14.67 7.09
N MET G 359 -32.66 15.38 6.47
CA MET G 359 -33.87 14.71 5.98
C MET G 359 -33.54 13.59 4.99
N MET G 360 -32.65 13.85 4.04
CA MET G 360 -32.17 12.81 3.12
C MET G 360 -31.66 11.54 3.82
N THR G 361 -30.87 11.71 4.90
CA THR G 361 -30.36 10.57 5.67
C THR G 361 -31.44 9.70 6.31
N GLN G 362 -32.64 10.23 6.50
CA GLN G 362 -33.75 9.52 7.11
C GLN G 362 -34.68 8.79 6.14
N THR G 363 -34.48 8.99 4.83
CA THR G 363 -35.41 8.46 3.80
C THR G 363 -34.70 7.93 2.52
N LEU G 364 -33.84 8.75 1.88
CA LEU G 364 -33.19 8.37 0.62
C LEU G 364 -31.92 7.55 0.82
N ILE G 365 -31.04 8.01 1.71
CA ILE G 365 -29.70 7.42 1.85
C ILE G 365 -29.32 6.75 3.22
N PRO G 366 -30.29 6.30 4.04
CA PRO G 366 -29.87 5.70 5.33
C PRO G 366 -28.89 4.51 5.24
N SER G 367 -28.90 3.77 4.13
CA SER G 367 -27.94 2.66 4.01
C SER G 367 -26.75 2.92 3.04
N GLU G 368 -26.54 4.18 2.66
CA GLU G 368 -25.37 4.57 1.90
C GLU G 368 -24.35 5.24 2.82
N MET G 369 -23.24 5.70 2.25
CA MET G 369 -22.26 6.49 3.01
C MET G 369 -22.95 7.79 3.51
N ILE G 370 -22.84 8.03 4.81
CA ILE G 370 -23.41 9.23 5.45
C ILE G 370 -22.27 10.25 5.65
N ASN G 371 -22.16 11.17 4.68
CA ASN G 371 -21.11 12.18 4.64
C ASN G 371 -21.49 13.30 3.63
N ASP G 372 -20.56 14.18 3.29
CA ASP G 372 -20.87 15.34 2.41
C ASP G 372 -21.11 14.99 0.92
N GLY G 373 -20.88 13.73 0.52
CA GLY G 373 -21.12 13.33 -0.88
C GLY G 373 -22.50 13.69 -1.42
N ALA G 374 -23.53 13.42 -0.60
CA ALA G 374 -24.90 13.73 -0.98
C ALA G 374 -25.18 15.25 -1.16
N ALA G 375 -24.45 16.11 -0.45
CA ALA G 375 -24.57 17.57 -0.69
C ALA G 375 -24.04 17.94 -2.06
N TYR G 376 -22.91 17.35 -2.47
CA TYR G 376 -22.39 17.55 -3.83
C TYR G 376 -23.35 17.01 -4.92
N GLY G 377 -24.26 16.10 -4.59
CA GLY G 377 -25.22 15.59 -5.57
C GLY G 377 -26.57 16.30 -5.59
N THR G 378 -26.69 17.43 -4.89
CA THR G 378 -27.97 18.20 -4.79
C THR G 378 -27.70 19.67 -5.18
N GLU G 379 -28.58 20.29 -5.97
CA GLU G 379 -28.48 21.73 -6.27
C GLU G 379 -29.48 22.51 -5.41
N PHE G 380 -29.06 23.65 -4.84
CA PHE G 380 -29.92 24.51 -4.02
C PHE G 380 -29.90 25.93 -4.53
N ARG G 381 -31.09 26.57 -4.57
CA ARG G 381 -31.21 27.99 -4.89
C ARG G 381 -32.00 28.73 -3.80
N LEU G 382 -31.31 29.62 -3.08
CA LEU G 382 -31.86 30.38 -1.96
C LEU G 382 -31.59 31.86 -2.22
N PRO G 383 -32.58 32.60 -2.71
CA PRO G 383 -32.30 34.00 -3.08
C PRO G 383 -31.77 34.82 -1.89
N LYS G 384 -30.75 35.64 -2.15
CA LYS G 384 -30.11 36.48 -1.13
C LYS G 384 -31.07 37.50 -0.54
N GLY G 385 -31.12 37.59 0.78
CA GLY G 385 -32.07 38.45 1.49
C GLY G 385 -33.29 37.78 2.11
N THR G 386 -33.59 36.53 1.70
CA THR G 386 -34.64 35.74 2.34
C THR G 386 -34.19 35.33 3.75
N TRP G 387 -35.12 34.85 4.56
CA TRP G 387 -34.80 34.42 5.94
C TRP G 387 -33.80 33.26 6.00
N MET G 388 -33.82 32.38 4.98
CA MET G 388 -32.85 31.26 4.86
C MET G 388 -31.46 31.64 4.28
N ASN G 389 -31.31 32.85 3.72
CA ASN G 389 -29.99 33.33 3.24
C ASN G 389 -29.93 34.87 3.43
N PRO G 390 -29.90 35.32 4.71
CA PRO G 390 -30.01 36.74 4.97
C PRO G 390 -28.82 37.55 4.50
N ASP G 391 -29.07 38.85 4.29
CA ASP G 391 -28.05 39.78 3.80
C ASP G 391 -27.76 40.92 4.80
N ASP G 392 -27.92 40.62 6.09
CA ASP G 392 -27.67 41.61 7.14
C ASP G 392 -26.98 41.01 8.36
N ARG G 393 -25.85 41.61 8.74
CA ARG G 393 -25.01 41.09 9.80
C ARG G 393 -25.57 41.27 11.21
N ARG G 394 -26.74 41.89 11.35
CA ARG G 394 -27.38 42.09 12.67
C ARG G 394 -28.38 41.03 13.11
N VAL G 395 -28.72 40.07 12.24
CA VAL G 395 -29.81 39.15 12.53
C VAL G 395 -29.49 38.26 13.74
N ALA G 396 -30.55 37.89 14.47
CA ALA G 396 -30.46 36.94 15.60
C ALA G 396 -30.91 35.51 15.18
N PHE G 397 -30.36 34.51 15.89
CA PHE G 397 -30.47 33.10 15.53
C PHE G 397 -30.87 32.13 16.66
N SER G 398 -31.03 32.58 17.91
CA SER G 398 -31.15 31.62 19.05
C SER G 398 -32.17 30.49 18.82
N TYR G 399 -33.28 30.77 18.12
CA TYR G 399 -34.28 29.73 17.84
C TYR G 399 -34.59 29.62 16.31
N SER G 400 -33.48 29.52 15.57
CA SER G 400 -33.45 29.27 14.13
C SER G 400 -34.47 28.20 13.69
N TRP G 401 -34.55 27.15 14.51
CA TRP G 401 -35.42 26.01 14.23
C TRP G 401 -36.87 26.37 13.94
N HIS G 402 -37.40 27.43 14.57
CA HIS G 402 -38.84 27.79 14.40
C HIS G 402 -39.24 27.86 12.92
N PHE G 403 -38.37 28.51 12.14
CA PHE G 403 -38.52 28.62 10.70
C PHE G 403 -38.03 27.37 9.98
N LEU G 404 -36.87 26.88 10.35
CA LEU G 404 -36.23 25.74 9.66
C LEU G 404 -37.11 24.48 9.61
N VAL G 405 -37.60 24.04 10.76
CA VAL G 405 -38.39 22.79 10.84
C VAL G 405 -39.76 22.95 10.14
N SER G 406 -40.22 24.20 10.01
CA SER G 406 -41.48 24.52 9.38
C SER G 406 -41.38 24.57 7.85
N ALA G 407 -40.19 24.85 7.31
CA ALA G 407 -39.89 24.77 5.87
C ALA G 407 -39.53 23.34 5.41
N TRP G 408 -38.78 22.59 6.21
CA TRP G 408 -38.31 21.25 5.78
C TRP G 408 -39.45 20.22 5.64
N THR G 409 -40.49 20.35 6.48
CA THR G 409 -41.60 19.38 6.49
C THR G 409 -42.28 19.21 5.12
N ALA G 410 -42.42 20.27 4.34
CA ALA G 410 -43.04 20.18 3.01
C ALA G 410 -42.25 19.30 2.03
N LEU G 411 -40.92 19.20 2.19
CA LEU G 411 -40.12 18.41 1.26
C LEU G 411 -40.39 16.90 1.38
N TRP G 412 -40.72 16.43 2.59
CA TRP G 412 -41.21 15.02 2.75
C TRP G 412 -42.44 14.72 1.88
N ARG G 413 -43.36 15.68 1.76
CA ARG G 413 -44.56 15.46 0.96
C ARG G 413 -44.24 15.30 -0.53
N GLY G 414 -43.36 16.14 -1.04
CA GLY G 414 -42.94 16.00 -2.45
C GLY G 414 -42.28 14.66 -2.73
N LEU G 415 -41.28 14.31 -1.93
CA LEU G 415 -40.62 13.01 -2.08
C LEU G 415 -41.61 11.84 -1.95
N SER G 416 -42.55 11.96 -1.01
CA SER G 416 -43.54 10.90 -0.83
C SER G 416 -44.47 10.71 -2.04
N ARG G 417 -44.74 11.76 -2.82
CA ARG G 417 -45.53 11.56 -4.04
C ARG G 417 -44.81 10.66 -5.04
N SER G 418 -43.47 10.78 -5.12
CA SER G 418 -42.65 9.91 -5.99
C SER G 418 -42.72 8.45 -5.51
N TYR G 419 -42.55 8.26 -4.20
CA TYR G 419 -42.61 6.91 -3.59
C TYR G 419 -43.99 6.26 -3.79
N PHE G 420 -45.05 7.04 -3.59
CA PHE G 420 -46.41 6.57 -3.72
C PHE G 420 -46.74 6.16 -5.17
N GLY G 421 -46.34 7.01 -6.10
CA GLY G 421 -46.55 6.74 -7.53
C GLY G 421 -45.86 5.48 -8.02
N ARG G 422 -44.67 5.21 -7.49
CA ARG G 422 -43.86 4.08 -7.91
C ARG G 422 -44.21 2.77 -7.20
N GLY G 423 -44.89 2.87 -6.06
CA GLY G 423 -45.30 1.67 -5.28
C GLY G 423 -44.46 1.37 -4.04
N TYR G 424 -43.49 2.23 -3.72
CA TYR G 424 -42.70 2.11 -2.48
C TYR G 424 -43.44 2.76 -1.30
N LEU G 425 -44.63 2.20 -1.01
CA LEU G 425 -45.57 2.79 -0.03
C LEU G 425 -44.97 2.81 1.36
N GLU G 426 -44.10 1.82 1.65
CA GLU G 426 -43.43 1.73 2.96
C GLU G 426 -42.57 2.98 3.32
N GLU G 427 -42.08 3.69 2.30
CA GLU G 427 -41.25 4.88 2.48
C GLU G 427 -42.01 6.19 2.61
N VAL G 428 -43.29 6.19 2.26
CA VAL G 428 -44.09 7.43 2.33
C VAL G 428 -44.11 7.96 3.79
N ASN G 429 -44.01 9.28 3.96
CA ASN G 429 -44.15 9.92 5.28
C ASN G 429 -44.66 11.35 5.05
N ALA G 430 -45.80 11.68 5.67
CA ALA G 430 -46.44 12.97 5.42
C ALA G 430 -45.66 14.18 5.95
N GLY G 431 -44.64 13.95 6.80
CA GLY G 431 -43.72 14.99 7.22
C GLY G 431 -43.44 15.07 8.72
N ASN G 432 -42.50 15.91 9.08
CA ASN G 432 -42.11 16.10 10.48
C ASN G 432 -43.01 17.11 11.22
N ALA G 433 -43.22 16.83 12.51
CA ALA G 433 -43.85 17.74 13.44
C ALA G 433 -43.04 19.01 13.61
N ASN G 434 -43.72 20.06 14.02
CA ASN G 434 -43.03 21.22 14.58
C ASN G 434 -42.39 20.78 15.93
N THR G 435 -41.09 21.01 16.09
CA THR G 435 -40.34 20.55 17.27
C THR G 435 -40.42 21.62 18.39
N SER G 436 -41.51 21.56 19.16
CA SER G 436 -41.81 22.54 20.23
C SER G 436 -42.95 21.93 21.08
N ASN G 437 -43.35 22.48 22.23
CA ASN G 437 -42.81 23.66 22.96
C ASN G 437 -41.45 23.44 23.59
N TRP G 438 -40.67 24.53 23.74
CA TRP G 438 -39.42 24.55 24.52
C TRP G 438 -39.62 25.24 25.87
N LEU G 439 -39.71 24.44 26.93
CA LEU G 439 -39.82 24.93 28.29
C LEU G 439 -38.51 25.59 28.70
N GLN G 440 -38.56 26.88 29.05
CA GLN G 440 -37.36 27.66 29.36
C GLN G 440 -37.57 28.60 30.54
N GLY G 441 -36.47 29.06 31.11
CA GLY G 441 -36.49 29.95 32.27
C GLY G 441 -35.18 30.02 33.01
N GLY G 442 -35.11 30.89 34.01
CA GLY G 442 -33.90 31.11 34.77
C GLY G 442 -34.07 31.80 36.11
N GLY G 443 -32.95 31.91 36.85
CA GLY G 443 -32.92 32.44 38.21
C GLY G 443 -32.12 31.52 39.12
N PHE G 444 -32.52 31.39 40.38
CA PHE G 444 -31.84 30.48 41.33
C PHE G 444 -32.51 29.11 41.42
N ASN G 445 -31.69 28.06 41.39
CA ASN G 445 -32.18 26.68 41.43
C ASN G 445 -32.16 26.07 42.84
N GLN G 446 -32.41 24.75 42.90
CA GLN G 446 -32.46 24.02 44.20
C GLN G 446 -31.09 23.94 44.91
N TYR G 447 -30.01 24.19 44.19
CA TYR G 447 -28.64 24.20 44.76
C TYR G 447 -28.21 25.65 45.10
N ASP G 448 -29.12 26.61 45.06
CA ASP G 448 -28.82 28.04 45.34
C ASP G 448 -27.70 28.63 44.47
N GLU G 449 -27.76 28.34 43.17
CA GLU G 449 -26.85 28.88 42.16
C GLU G 449 -27.64 29.51 41.03
N ILE G 450 -27.02 30.43 40.33
CA ILE G 450 -27.54 30.97 39.09
C ILE G 450 -27.70 29.84 38.08
N HIS G 451 -28.81 29.83 37.38
CA HIS G 451 -29.22 28.71 36.51
C HIS G 451 -30.16 29.12 35.37
N ALA G 452 -30.27 28.23 34.38
CA ALA G 452 -31.30 28.30 33.34
C ALA G 452 -31.74 26.89 33.00
N VAL G 453 -32.95 26.77 32.46
CA VAL G 453 -33.47 25.50 31.99
C VAL G 453 -33.86 25.56 30.50
N ASN G 454 -33.84 24.38 29.86
CA ASN G 454 -34.26 24.23 28.48
C ASN G 454 -34.61 22.76 28.23
N SER G 455 -35.87 22.41 28.42
CA SER G 455 -36.28 21.01 28.36
C SER G 455 -36.21 20.46 26.93
N PHE G 456 -35.62 19.26 26.82
CA PHE G 456 -35.58 18.49 25.57
C PHE G 456 -36.67 17.39 25.49
N GLU G 457 -37.81 17.61 26.19
CA GLU G 457 -38.98 16.78 26.00
C GLU G 457 -39.42 16.84 24.52
N CYS G 458 -39.19 17.98 23.82
CA CYS G 458 -39.56 18.07 22.40
C CYS G 458 -38.51 17.52 21.42
N ALA G 459 -37.63 16.65 21.95
CA ALA G 459 -36.96 15.62 21.14
C ALA G 459 -37.91 14.47 20.77
N ALA G 460 -39.09 14.38 21.42
CA ALA G 460 -40.00 13.25 21.30
C ALA G 460 -41.40 13.72 20.87
N ASN G 461 -41.51 14.17 19.63
CA ASN G 461 -42.77 14.61 19.03
C ASN G 461 -43.37 13.51 18.14
N GLY G 462 -44.61 13.69 17.71
CA GLY G 462 -45.21 12.74 16.76
C GLY G 462 -44.55 12.76 15.40
N THR G 463 -44.58 11.63 14.69
CA THR G 463 -44.08 11.54 13.31
C THR G 463 -45.25 11.43 12.30
N GLY G 464 -44.95 11.82 11.07
CA GLY G 464 -45.94 11.73 9.99
C GLY G 464 -46.41 10.31 9.69
N ALA G 465 -47.69 10.17 9.39
CA ALA G 465 -48.28 8.90 8.91
C ALA G 465 -47.68 8.45 7.58
N THR G 466 -47.73 7.13 7.35
CA THR G 466 -47.27 6.54 6.08
C THR G 466 -48.47 6.12 5.23
N ALA G 467 -48.18 5.59 4.03
CA ALA G 467 -49.25 5.07 3.15
C ALA G 467 -49.69 3.66 3.58
N VAL G 468 -49.04 3.11 4.61
CA VAL G 468 -49.28 1.72 5.10
C VAL G 468 -49.72 1.64 6.57
N GLN G 469 -49.34 2.64 7.39
CA GLN G 469 -49.60 2.60 8.85
C GLN G 469 -49.54 3.99 9.49
N ASP G 470 -50.09 4.07 10.70
CA ASP G 470 -50.08 5.28 11.52
C ASP G 470 -48.67 5.77 11.82
N GLY G 471 -48.52 7.07 12.04
CA GLY G 471 -47.27 7.61 12.55
C GLY G 471 -46.99 7.15 14.00
N LEU G 472 -45.77 7.39 14.48
CA LEU G 472 -45.40 7.09 15.86
C LEU G 472 -45.64 8.27 16.79
N SER G 473 -46.26 8.02 17.95
CA SER G 473 -46.47 9.07 18.94
C SER G 473 -45.18 9.31 19.77
N HIS G 474 -44.96 10.56 20.16
CA HIS G 474 -43.91 10.98 21.14
C HIS G 474 -42.57 10.25 20.90
N ALA G 475 -42.07 10.40 19.67
CA ALA G 475 -41.03 9.49 19.13
C ALA G 475 -39.74 10.08 18.57
N ALA G 476 -39.79 11.30 18.00
CA ALA G 476 -38.66 11.84 17.22
C ALA G 476 -38.77 13.34 16.96
N ALA G 477 -37.67 13.87 16.41
CA ALA G 477 -37.60 15.23 15.90
C ALA G 477 -36.88 15.17 14.55
N ILE G 478 -37.18 16.11 13.66
CA ILE G 478 -36.46 16.17 12.36
C ILE G 478 -34.93 16.27 12.51
N TRP G 479 -34.44 16.99 13.52
CA TRP G 479 -33.01 17.15 13.78
C TRP G 479 -32.32 15.98 14.52
N ASN G 480 -33.08 14.97 14.95
CA ASN G 480 -32.53 13.74 15.53
C ASN G 480 -33.63 12.66 15.56
N PRO G 481 -33.56 11.67 14.63
CA PRO G 481 -34.60 10.64 14.60
C PRO G 481 -34.56 9.65 15.81
N GLU G 482 -33.43 9.60 16.55
CA GLU G 482 -33.34 8.81 17.79
C GLU G 482 -33.94 9.56 18.96
N GLY G 483 -35.27 9.70 18.98
CA GLY G 483 -35.92 10.47 20.02
C GLY G 483 -35.77 9.86 21.43
N ASP G 484 -35.79 10.76 22.41
CA ASP G 484 -35.72 10.42 23.82
C ASP G 484 -36.32 11.61 24.60
N MET G 485 -37.33 11.37 25.43
CA MET G 485 -37.94 12.40 26.29
C MET G 485 -37.22 12.65 27.63
N GLY G 486 -36.27 11.76 27.97
CA GLY G 486 -35.55 11.80 29.27
C GLY G 486 -36.41 11.28 30.39
N ASP G 487 -35.74 10.86 31.48
CA ASP G 487 -36.43 10.46 32.71
C ASP G 487 -36.85 11.66 33.52
N MET G 488 -38.07 11.62 34.05
CA MET G 488 -38.57 12.63 34.97
C MET G 488 -37.61 12.87 36.15
N GLU G 489 -37.06 11.79 36.71
CA GLU G 489 -36.20 11.92 37.90
C GLU G 489 -34.85 12.61 37.55
N ILE G 490 -34.41 12.45 36.30
CA ILE G 490 -33.20 13.12 35.80
C ILE G 490 -33.45 14.61 35.53
N TRP G 491 -34.55 14.94 34.83
CA TRP G 491 -34.93 16.35 34.66
C TRP G 491 -35.09 17.08 36.01
N GLU G 492 -35.61 16.39 37.02
CA GLU G 492 -35.79 16.98 38.36
C GLU G 492 -34.47 17.31 39.07
N LEU G 493 -33.36 16.67 38.70
CA LEU G 493 -32.02 17.05 39.19
C LEU G 493 -31.47 18.33 38.52
N ALA G 494 -31.99 18.66 37.34
CA ALA G 494 -31.50 19.78 36.53
C ALA G 494 -32.45 20.95 36.41
N GLU G 495 -33.60 20.92 37.09
CA GLU G 495 -34.63 22.02 37.01
C GLU G 495 -35.30 22.12 38.39
N PRO G 496 -35.56 23.36 38.89
CA PRO G 496 -36.30 23.55 40.14
C PRO G 496 -37.83 23.49 39.90
N LEU G 497 -38.27 22.31 39.46
CA LEU G 497 -39.63 21.99 39.03
C LEU G 497 -39.94 20.55 39.42
N VAL G 498 -41.20 20.24 39.74
CA VAL G 498 -41.64 18.85 39.92
C VAL G 498 -42.80 18.51 38.96
N TYR G 499 -42.77 17.26 38.50
CA TYR G 499 -43.82 16.69 37.67
C TYR G 499 -45.13 16.41 38.44
N LEU G 500 -46.22 16.98 37.95
CA LEU G 500 -47.57 16.56 38.34
C LEU G 500 -48.32 15.77 37.24
N GLY G 501 -47.74 15.66 36.05
CA GLY G 501 -48.30 14.83 34.99
C GLY G 501 -47.36 14.55 33.84
N ARG G 502 -47.57 13.40 33.21
CA ARG G 502 -46.94 13.07 31.93
C ARG G 502 -47.92 12.15 31.20
N GLN G 503 -48.48 12.61 30.07
CA GLN G 503 -49.62 11.98 29.41
C GLN G 503 -49.53 12.08 27.89
N ILE G 504 -50.00 11.05 27.18
CA ILE G 504 -50.17 11.13 25.72
C ILE G 504 -51.16 12.26 25.38
N LYS G 505 -50.87 13.06 24.34
CA LYS G 505 -51.69 14.27 24.02
C LYS G 505 -52.84 13.93 23.04
N ALA G 506 -54.03 13.76 23.60
CA ALA G 506 -55.21 13.35 22.82
C ALA G 506 -55.56 14.39 21.74
N SER G 507 -55.86 13.86 20.55
CA SER G 507 -56.27 14.62 19.38
C SER G 507 -55.22 15.60 18.84
N SER G 508 -53.95 15.34 19.14
CA SER G 508 -52.83 16.12 18.56
C SER G 508 -52.37 15.59 17.19
N GLY G 509 -52.35 14.27 17.00
CA GLY G 509 -51.93 13.68 15.73
C GLY G 509 -52.93 14.02 14.61
N GLY G 510 -52.38 14.31 13.42
CA GLY G 510 -53.19 14.73 12.27
C GLY G 510 -54.12 13.61 11.79
N SER G 511 -55.41 13.90 11.65
CA SER G 511 -56.40 12.94 11.18
C SER G 511 -56.16 12.46 9.76
N GLY G 512 -56.47 11.18 9.54
CA GLY G 512 -56.34 10.58 8.21
C GLY G 512 -56.79 9.14 8.18
N LYS G 513 -56.78 8.55 6.98
CA LYS G 513 -56.86 7.10 6.86
C LYS G 513 -55.85 6.39 7.80
N TYR G 514 -54.63 6.90 7.76
CA TYR G 514 -53.59 6.65 8.79
C TYR G 514 -53.36 7.97 9.53
N ARG G 515 -53.39 7.90 10.85
CA ARG G 515 -53.29 9.06 11.74
C ARG G 515 -51.83 9.37 12.00
N GLY G 516 -51.48 10.65 11.99
CA GLY G 516 -50.17 11.07 12.46
C GLY G 516 -49.94 10.75 13.94
N GLY G 517 -48.68 10.63 14.32
CA GLY G 517 -48.34 10.40 15.71
C GLY G 517 -48.84 11.53 16.61
N CYS G 518 -49.36 11.17 17.77
CA CYS G 518 -49.66 12.17 18.80
C CYS G 518 -48.38 12.69 19.45
N GLY G 519 -48.43 13.90 19.96
CA GLY G 519 -47.42 14.39 20.90
C GLY G 519 -47.69 13.87 22.32
N PHE G 520 -47.14 14.56 23.32
CA PHE G 520 -47.40 14.29 24.75
C PHE G 520 -47.34 15.60 25.51
N GLU G 521 -47.67 15.56 26.79
CA GLU G 521 -47.66 16.75 27.62
C GLU G 521 -47.22 16.43 29.03
N SER G 522 -46.65 17.44 29.69
CA SER G 522 -46.29 17.33 31.10
C SER G 522 -46.75 18.59 31.85
N LEU G 523 -47.32 18.42 33.06
CA LEU G 523 -47.66 19.52 33.93
C LEU G 523 -46.57 19.67 34.95
N ARG G 524 -45.99 20.87 35.05
CA ARG G 524 -44.95 21.22 36.03
C ARG G 524 -45.46 22.16 37.11
N MET G 525 -45.00 21.94 38.34
CA MET G 525 -45.16 22.86 39.44
C MET G 525 -43.78 23.41 39.83
N VAL G 526 -43.66 24.72 39.99
CA VAL G 526 -42.40 25.34 40.45
C VAL G 526 -42.11 24.91 41.90
N TRP G 527 -40.86 24.53 42.17
CA TRP G 527 -40.50 23.95 43.47
C TRP G 527 -38.99 24.08 43.80
N ASN G 528 -38.69 24.72 44.94
CA ASN G 528 -37.33 24.99 45.41
C ASN G 528 -36.57 25.95 44.45
N ALA G 529 -37.30 26.82 43.76
CA ALA G 529 -36.74 27.89 42.94
C ALA G 529 -36.82 29.22 43.70
N LYS G 530 -35.88 30.13 43.39
CA LYS G 530 -35.91 31.50 43.92
C LYS G 530 -35.65 32.51 42.80
N ASP G 531 -36.32 33.65 42.87
CA ASP G 531 -36.12 34.74 41.91
C ASP G 531 -36.18 34.20 40.46
N TRP G 532 -37.28 33.49 40.20
CA TRP G 532 -37.44 32.61 39.05
C TRP G 532 -38.34 33.24 37.97
N THR G 533 -38.02 32.95 36.70
CA THR G 533 -38.84 33.33 35.51
C THR G 533 -38.99 32.17 34.54
N MET G 534 -40.07 32.17 33.73
CA MET G 534 -40.25 31.17 32.67
C MET G 534 -40.92 31.80 31.44
N PHE G 535 -40.79 31.13 30.30
CA PHE G 535 -41.44 31.57 29.06
C PHE G 535 -41.70 30.38 28.13
N PHE G 536 -42.55 30.64 27.12
CA PHE G 536 -42.98 29.66 26.12
C PHE G 536 -42.38 29.98 24.75
N MET G 537 -42.11 28.95 23.95
CA MET G 537 -41.63 29.12 22.57
C MET G 537 -42.02 27.93 21.68
N GLY G 538 -42.88 28.20 20.71
CA GLY G 538 -43.39 27.21 19.74
C GLY G 538 -44.43 27.85 18.80
N ASN G 539 -44.92 27.07 17.84
CA ASN G 539 -45.95 27.51 16.90
C ASN G 539 -47.31 27.61 17.61
N GLY G 540 -48.10 28.61 17.26
CA GLY G 540 -49.37 28.92 17.94
C GLY G 540 -50.55 28.95 16.99
N HIS G 541 -50.67 30.06 16.27
CA HIS G 541 -51.75 30.25 15.32
C HIS G 541 -51.76 29.32 14.06
N ILE G 542 -50.59 28.77 13.70
CA ILE G 542 -50.39 28.03 12.46
C ILE G 542 -49.75 26.66 12.75
N SER G 543 -50.30 25.60 12.13
CA SER G 543 -49.66 24.29 12.09
C SER G 543 -48.72 24.28 10.87
N SER G 544 -47.42 23.99 11.08
CA SER G 544 -46.45 24.05 9.96
C SER G 544 -46.55 22.85 9.00
N ASP G 545 -46.73 21.66 9.56
CA ASP G 545 -46.93 20.44 8.77
C ASP G 545 -48.31 20.41 8.11
N TRP G 546 -48.42 19.74 6.95
CA TRP G 546 -49.69 19.47 6.29
C TRP G 546 -49.83 17.94 6.18
N GLY G 547 -51.06 17.44 6.23
CA GLY G 547 -51.35 16.08 5.83
C GLY G 547 -51.21 15.84 4.34
N LEU G 548 -51.14 14.58 3.95
CA LEU G 548 -50.86 14.17 2.57
C LEU G 548 -52.03 13.37 1.98
N MET G 549 -52.37 13.65 0.72
CA MET G 549 -53.34 12.87 -0.05
C MET G 549 -54.68 12.69 0.66
N GLY G 550 -55.13 13.74 1.33
CA GLY G 550 -56.40 13.74 2.05
C GLY G 550 -56.32 13.85 3.56
N GLY G 551 -55.12 13.64 4.12
CA GLY G 551 -54.87 13.79 5.54
C GLY G 551 -54.81 15.26 5.97
N TYR G 552 -54.89 15.46 7.28
CA TYR G 552 -54.93 16.77 7.92
C TYR G 552 -53.64 17.09 8.69
N PRO G 553 -53.36 18.40 8.89
CA PRO G 553 -52.24 18.81 9.76
C PRO G 553 -52.46 18.35 11.22
N ALA G 554 -51.38 18.16 11.93
CA ALA G 554 -51.44 18.03 13.38
C ALA G 554 -52.11 19.28 14.00
N ALA G 555 -52.55 19.15 15.24
CA ALA G 555 -52.99 20.31 16.04
C ALA G 555 -51.89 21.36 16.18
N SER G 556 -52.29 22.62 16.39
CA SER G 556 -51.37 23.75 16.60
C SER G 556 -51.18 23.98 18.13
N GLY G 557 -50.49 25.04 18.53
CA GLY G 557 -50.06 25.23 19.92
C GLY G 557 -50.94 26.16 20.73
N TYR G 558 -50.83 26.05 22.05
CA TYR G 558 -51.44 26.99 22.98
C TYR G 558 -50.64 27.00 24.30
N ARG G 559 -50.93 28.00 25.12
CA ARG G 559 -50.32 28.26 26.43
C ARG G 559 -51.30 27.96 27.56
N PHE G 560 -50.81 27.28 28.61
CA PHE G 560 -51.42 27.24 29.94
C PHE G 560 -50.37 27.49 31.03
N ALA G 561 -50.59 28.52 31.82
CA ALA G 561 -49.83 28.83 33.02
C ALA G 561 -50.74 29.36 34.11
N ALA G 562 -50.37 29.14 35.37
CA ALA G 562 -51.20 29.59 36.52
C ALA G 562 -50.32 30.17 37.66
N HIS G 563 -50.64 31.39 38.08
CA HIS G 563 -49.95 32.10 39.17
C HIS G 563 -50.85 32.27 40.38
N LYS G 564 -50.25 32.44 41.56
CA LYS G 564 -50.99 32.62 42.82
C LYS G 564 -52.06 31.54 42.97
N THR G 565 -51.64 30.30 42.80
CA THR G 565 -52.54 29.15 42.74
C THR G 565 -53.19 28.77 44.07
N ASN G 566 -52.52 29.15 45.19
CA ASN G 566 -52.91 28.70 46.52
C ASN G 566 -52.74 27.16 46.72
N LEU G 567 -51.88 26.54 45.91
CA LEU G 567 -51.74 25.08 45.99
C LEU G 567 -51.17 24.56 47.31
N LYS G 568 -50.34 25.35 48.00
CA LYS G 568 -49.82 24.89 49.30
C LYS G 568 -50.98 24.53 50.25
N GLU G 569 -51.96 25.44 50.35
CA GLU G 569 -53.14 25.22 51.21
C GLU G 569 -54.07 24.13 50.64
N LEU G 570 -54.25 24.09 49.31
CA LEU G 570 -55.10 23.08 48.69
C LEU G 570 -54.53 21.65 48.88
N ILE G 571 -53.21 21.50 48.77
CA ILE G 571 -52.55 20.24 49.04
C ILE G 571 -52.77 19.82 50.50
N ALA G 572 -52.47 20.73 51.44
CA ALA G 572 -52.58 20.46 52.87
C ALA G 572 -54.04 20.16 53.32
N SER G 573 -55.04 20.77 52.72
CA SER G 573 -56.43 20.57 53.15
C SER G 573 -57.09 19.32 52.54
N GLY G 574 -56.41 18.60 51.65
CA GLY G 574 -57.01 17.46 50.96
C GLY G 574 -57.92 17.78 49.80
N ALA G 575 -57.91 19.02 49.31
CA ALA G 575 -58.70 19.42 48.14
C ALA G 575 -58.20 18.79 46.83
N GLU G 576 -59.04 18.78 45.80
CA GLU G 576 -58.62 18.25 44.48
C GLU G 576 -57.48 19.10 43.96
N ILE G 577 -56.49 18.45 43.37
CA ILE G 577 -55.37 19.16 42.75
C ILE G 577 -55.15 18.76 41.28
N PRO G 578 -54.75 19.72 40.43
CA PRO G 578 -54.48 19.39 39.01
C PRO G 578 -53.38 18.34 38.87
N LEU G 579 -53.67 17.25 38.17
CA LEU G 579 -52.66 16.20 37.85
C LEU G 579 -52.89 15.69 36.42
N GLY G 580 -51.85 15.08 35.84
CA GLY G 580 -51.96 14.53 34.47
C GLY G 580 -51.78 15.57 33.34
N GLY G 581 -52.53 15.38 32.26
CA GLY G 581 -52.56 16.28 31.13
C GLY G 581 -53.85 17.07 31.00
N ASP G 582 -53.82 18.09 30.14
CA ASP G 582 -54.94 18.95 29.82
C ASP G 582 -55.72 18.27 28.69
N THR G 583 -56.45 17.23 29.08
CA THR G 583 -57.01 16.26 28.14
C THR G 583 -57.82 16.88 26.97
N ASP G 584 -58.73 17.78 27.32
CA ASP G 584 -59.56 18.48 26.35
C ASP G 584 -59.50 19.97 26.66
N PRO G 585 -58.65 20.75 25.97
CA PRO G 585 -58.49 22.17 26.36
C PRO G 585 -59.70 23.05 26.14
N GLU G 586 -60.67 22.56 25.35
CA GLU G 586 -61.98 23.21 25.20
C GLU G 586 -62.87 22.98 26.42
N ASN G 587 -62.68 21.86 27.12
CA ASN G 587 -63.46 21.48 28.30
C ASN G 587 -62.50 21.12 29.46
N PRO G 588 -61.70 22.07 29.93
CA PRO G 588 -60.66 21.73 30.92
C PRO G 588 -61.22 21.45 32.32
N THR G 589 -60.54 20.62 33.08
CA THR G 589 -60.90 20.33 34.48
C THR G 589 -60.07 21.11 35.51
N TRP G 590 -58.85 21.51 35.15
CA TRP G 590 -57.94 22.13 36.16
C TRP G 590 -58.38 23.51 36.63
N ASP G 591 -58.93 24.30 35.73
CA ASP G 591 -59.21 25.72 36.00
C ASP G 591 -60.16 25.92 37.19
N ALA G 592 -61.21 25.09 37.25
CA ALA G 592 -62.19 25.17 38.35
C ALA G 592 -61.61 24.73 39.71
N MET G 593 -60.49 24.00 39.72
CA MET G 593 -59.82 23.58 40.94
C MET G 593 -59.00 24.71 41.59
N LEU G 594 -58.77 25.81 40.85
CA LEU G 594 -57.91 26.91 41.26
C LEU G 594 -58.67 28.23 41.24
N PRO G 595 -59.72 28.35 42.08
CA PRO G 595 -60.58 29.55 42.03
C PRO G 595 -59.87 30.88 42.34
N ASP G 596 -58.74 30.87 43.03
CA ASP G 596 -57.99 32.12 43.33
C ASP G 596 -56.83 32.42 42.38
N ALA G 597 -56.56 31.56 41.42
CA ALA G 597 -55.40 31.75 40.54
C ALA G 597 -55.59 32.79 39.44
N GLN G 598 -54.50 33.40 39.02
CA GLN G 598 -54.41 34.15 37.76
C GLN G 598 -54.00 33.14 36.68
N ILE G 599 -54.93 32.78 35.79
CA ILE G 599 -54.70 31.76 34.77
C ILE G 599 -54.51 32.42 33.42
N LYS G 600 -53.46 32.03 32.70
CA LYS G 600 -53.29 32.42 31.30
C LYS G 600 -53.50 31.16 30.43
N ARG G 601 -54.59 31.16 29.66
CA ARG G 601 -54.99 30.04 28.81
C ARG G 601 -55.39 30.65 27.47
N ASP G 602 -54.53 30.59 26.47
CA ASP G 602 -54.74 31.32 25.23
C ASP G 602 -53.84 30.81 24.10
N LYS G 603 -53.92 31.41 22.92
CA LYS G 603 -53.11 31.05 21.76
C LYS G 603 -51.67 31.63 21.71
N GLN G 604 -51.23 32.32 22.75
CA GLN G 604 -49.94 32.99 22.70
C GLN G 604 -48.81 32.01 23.07
N ALA G 605 -48.34 31.29 22.08
CA ALA G 605 -47.35 30.22 22.26
C ALA G 605 -45.89 30.71 22.27
N ILE G 606 -45.71 32.04 22.08
CA ILE G 606 -44.42 32.72 22.22
C ILE G 606 -44.52 33.83 23.24
N THR G 607 -43.66 33.80 24.26
CA THR G 607 -43.59 34.87 25.24
C THR G 607 -42.13 35.19 25.60
N THR G 608 -41.93 36.33 26.26
CA THR G 608 -40.67 36.65 26.94
C THR G 608 -40.84 36.34 28.43
N GLU G 609 -39.73 36.32 29.14
CA GLU G 609 -39.70 35.89 30.53
C GLU G 609 -40.72 36.61 31.45
N GLU G 610 -41.38 35.83 32.30
CA GLU G 610 -42.36 36.34 33.27
C GLU G 610 -42.05 35.71 34.65
N MET G 611 -42.26 36.49 35.72
CA MET G 611 -41.99 35.98 37.09
C MET G 611 -42.90 34.80 37.45
N PHE G 612 -42.32 33.73 37.98
CA PHE G 612 -43.04 32.60 38.57
C PHE G 612 -42.50 32.36 40.00
N SER G 613 -43.35 31.82 40.86
CA SER G 613 -42.99 31.43 42.23
C SER G 613 -43.32 29.97 42.50
N ASP G 614 -42.75 29.44 43.57
CA ASP G 614 -43.11 28.08 44.04
C ASP G 614 -44.63 27.93 44.16
N TYR G 615 -45.11 26.77 43.71
CA TYR G 615 -46.53 26.38 43.61
C TYR G 615 -47.29 26.89 42.35
N ASP G 616 -46.64 27.70 41.51
CA ASP G 616 -47.20 28.07 40.21
C ASP G 616 -47.07 26.90 39.20
N LEU G 617 -47.88 26.93 38.14
CA LEU G 617 -48.01 25.84 37.17
C LEU G 617 -47.66 26.26 35.75
N TYR G 618 -47.09 25.33 34.98
CA TYR G 618 -46.68 25.51 33.59
C TYR G 618 -46.97 24.22 32.82
N LEU G 619 -47.71 24.31 31.71
CA LEU G 619 -47.98 23.13 30.83
C LEU G 619 -46.98 23.08 29.68
N ASN G 620 -46.18 22.00 29.62
CA ASN G 620 -45.29 21.71 28.48
C ASN G 620 -46.00 20.77 27.48
N TYR G 621 -46.29 21.28 26.28
CA TYR G 621 -47.09 20.55 25.27
C TYR G 621 -46.21 20.30 24.03
N MET G 622 -45.96 19.02 23.74
CA MET G 622 -45.20 18.62 22.56
C MET G 622 -46.13 18.28 21.37
N ARG G 623 -45.77 18.73 20.18
CA ARG G 623 -46.64 18.60 19.02
C ARG G 623 -46.72 17.20 18.39
N GLY G 624 -47.83 16.94 17.72
CA GLY G 624 -48.04 15.76 16.89
C GLY G 624 -47.56 15.99 15.47
N GLY G 625 -47.64 14.90 14.69
CA GLY G 625 -47.29 14.87 13.25
C GLY G 625 -48.52 14.73 12.35
N PRO G 626 -48.36 15.03 11.04
CA PRO G 626 -49.45 15.04 10.05
C PRO G 626 -50.02 13.67 9.62
N GLY G 627 -51.27 13.68 9.16
CA GLY G 627 -51.97 12.46 8.74
C GLY G 627 -51.83 12.14 7.25
N PHE G 628 -52.31 10.93 6.86
CA PHE G 628 -52.31 10.41 5.49
C PHE G 628 -53.66 9.86 5.07
N GLY G 629 -54.13 10.29 3.90
CA GLY G 629 -55.38 9.75 3.30
C GLY G 629 -56.67 10.31 3.87
N ASP G 630 -57.78 10.04 3.18
CA ASP G 630 -59.12 10.47 3.62
C ASP G 630 -59.49 9.77 4.93
N PRO G 631 -59.80 10.53 6.00
CA PRO G 631 -60.24 9.90 7.26
C PRO G 631 -61.44 8.99 7.13
N LEU G 632 -62.27 9.25 6.12
CA LEU G 632 -63.44 8.37 5.84
C LEU G 632 -63.06 6.95 5.40
N ASP G 633 -61.81 6.73 5.03
CA ASP G 633 -61.31 5.39 4.73
C ASP G 633 -60.58 4.70 5.88
N ARG G 634 -60.47 5.32 7.05
CA ARG G 634 -59.79 4.67 8.18
C ARG G 634 -60.55 3.43 8.60
N GLU G 635 -59.82 2.37 8.99
CA GLU G 635 -60.42 1.14 9.54
C GLU G 635 -61.21 1.53 10.85
N PRO G 636 -62.53 1.24 10.88
CA PRO G 636 -63.31 1.65 12.06
C PRO G 636 -62.78 1.16 13.41
N GLN G 637 -62.27 -0.07 13.49
CA GLN G 637 -61.71 -0.58 14.76
C GLN G 637 -60.51 0.25 15.24
N ALA G 638 -59.74 0.82 14.32
CA ALA G 638 -58.58 1.65 14.71
C ALA G 638 -59.03 2.97 15.37
N VAL G 639 -60.20 3.48 14.98
CA VAL G 639 -60.80 4.65 15.64
C VAL G 639 -61.20 4.26 17.07
N ALA G 640 -61.92 3.15 17.24
CA ALA G 640 -62.29 2.70 18.60
C ALA G 640 -61.02 2.46 19.49
N ASP G 641 -60.00 1.79 18.94
CA ASP G 641 -58.73 1.58 19.65
C ASP G 641 -58.09 2.89 20.08
N ASP G 642 -58.09 3.88 19.20
CA ASP G 642 -57.56 5.24 19.50
C ASP G 642 -58.29 5.93 20.66
N ILE G 643 -59.62 5.83 20.68
CA ILE G 643 -60.40 6.39 21.79
C ILE G 643 -60.06 5.69 23.10
N ASN G 644 -60.06 4.34 23.08
CA ASN G 644 -59.71 3.57 24.28
C ASN G 644 -58.28 3.82 24.75
N GLY G 645 -57.36 4.10 23.83
CA GLY G 645 -55.95 4.31 24.16
C GLY G 645 -55.54 5.73 24.53
N GLY G 646 -56.46 6.70 24.40
CA GLY G 646 -56.16 8.12 24.70
C GLY G 646 -55.54 8.94 23.56
N TYR G 647 -55.60 8.41 22.32
CA TYR G 647 -55.03 9.09 21.15
C TYR G 647 -55.97 10.09 20.47
N VAL G 648 -57.29 9.86 20.60
CA VAL G 648 -58.32 10.65 19.97
C VAL G 648 -59.48 10.83 20.95
N LEU G 649 -59.97 12.07 21.08
CA LEU G 649 -61.17 12.37 21.88
C LEU G 649 -62.45 11.84 21.18
N GLU G 650 -63.31 11.24 21.99
CA GLU G 650 -64.52 10.55 21.49
C GLU G 650 -65.36 11.38 20.51
N ARG G 651 -65.50 12.68 20.77
CA ARG G 651 -66.36 13.55 19.98
C ARG G 651 -65.94 13.75 18.55
N PHE G 652 -64.68 13.46 18.21
CA PHE G 652 -64.26 13.56 16.82
C PHE G 652 -64.48 12.29 15.98
N ALA G 653 -64.79 11.15 16.61
CA ALA G 653 -65.01 9.91 15.85
C ALA G 653 -66.08 10.04 14.76
N GLY G 654 -67.22 10.60 15.16
CA GLY G 654 -68.32 10.83 14.23
C GLY G 654 -68.03 11.89 13.19
N GLU G 655 -67.61 13.08 13.63
CA GLU G 655 -67.46 14.21 12.70
C GLU G 655 -66.31 14.05 11.71
N VAL G 656 -65.17 13.57 12.20
CA VAL G 656 -63.96 13.46 11.37
C VAL G 656 -63.91 12.15 10.56
N TYR G 657 -64.15 11.02 11.22
CA TYR G 657 -63.97 9.71 10.61
C TYR G 657 -65.26 9.02 10.16
N GLY G 658 -66.41 9.56 10.55
CA GLY G 658 -67.70 8.96 10.26
C GLY G 658 -67.90 7.63 10.94
N VAL G 659 -67.23 7.43 12.08
CA VAL G 659 -67.30 6.15 12.81
C VAL G 659 -68.20 6.33 14.03
N VAL G 660 -69.18 5.43 14.18
CA VAL G 660 -70.06 5.40 15.33
C VAL G 660 -69.51 4.39 16.36
N VAL G 661 -69.13 4.91 17.54
CA VAL G 661 -68.68 4.09 18.64
C VAL G 661 -69.66 4.19 19.81
N ARG G 662 -69.66 3.13 20.65
CA ARG G 662 -70.46 3.07 21.87
C ARG G 662 -69.71 2.28 22.93
N LYS G 663 -69.95 2.66 24.17
CA LYS G 663 -69.29 2.02 25.31
C LYS G 663 -69.98 0.71 25.64
N GLY G 664 -69.23 -0.38 25.66
CA GLY G 664 -69.81 -1.70 26.00
C GLY G 664 -69.88 -1.93 27.49
N ALA G 665 -70.30 -3.13 27.89
CA ALA G 665 -70.43 -3.52 29.32
C ALA G 665 -69.10 -3.40 30.12
N ASP G 666 -68.01 -3.83 29.49
CA ASP G 666 -66.65 -3.68 30.05
C ASP G 666 -66.07 -2.26 30.12
N GLY G 667 -66.83 -1.23 29.70
CA GLY G 667 -66.33 0.16 29.69
C GLY G 667 -65.46 0.54 28.49
N GLN G 668 -65.25 -0.40 27.56
CA GLN G 668 -64.48 -0.17 26.32
C GLN G 668 -65.39 0.27 25.17
N TYR G 669 -64.96 1.26 24.39
CA TYR G 669 -65.67 1.62 23.15
C TYR G 669 -65.52 0.55 22.06
N GLY G 670 -66.63 0.25 21.39
CA GLY G 670 -66.66 -0.70 20.28
C GLY G 670 -67.39 -0.08 19.09
N VAL G 671 -67.19 -0.67 17.91
CA VAL G 671 -67.76 -0.10 16.68
C VAL G 671 -69.16 -0.63 16.41
N ASP G 672 -70.09 0.28 16.05
CA ASP G 672 -71.36 -0.09 15.37
C ASP G 672 -71.13 -0.07 13.85
N GLU G 673 -70.95 -1.25 13.24
CA GLU G 673 -70.53 -1.33 11.85
C GLU G 673 -71.62 -0.85 10.87
N THR G 674 -72.90 -1.15 11.17
CA THR G 674 -74.03 -0.73 10.32
C THR G 674 -74.24 0.80 10.37
N ALA G 675 -74.25 1.35 11.58
CA ALA G 675 -74.45 2.79 11.76
C ALA G 675 -73.26 3.60 11.19
N THR G 676 -72.06 3.02 11.23
CA THR G 676 -70.83 3.63 10.65
C THR G 676 -70.94 3.72 9.10
N ALA G 677 -71.39 2.64 8.46
CA ALA G 677 -71.57 2.64 7.00
C ALA G 677 -72.57 3.72 6.58
N ALA G 678 -73.68 3.86 7.33
CA ALA G 678 -74.68 4.87 7.06
C ALA G 678 -74.16 6.27 7.30
N ALA G 679 -73.40 6.48 8.38
CA ALA G 679 -72.81 7.80 8.66
C ALA G 679 -71.84 8.25 7.57
N ARG G 680 -71.03 7.33 7.06
CA ARG G 680 -70.06 7.63 6.00
C ARG G 680 -70.77 7.93 4.65
N ALA G 681 -71.82 7.18 4.29
CA ALA G 681 -72.63 7.50 3.12
C ALA G 681 -73.24 8.91 3.20
N GLN G 682 -73.71 9.27 4.39
CA GLN G 682 -74.31 10.59 4.63
C GLN G 682 -73.25 11.74 4.59
N ILE G 683 -72.06 11.51 5.15
CA ILE G 683 -71.00 12.51 5.07
C ILE G 683 -70.56 12.78 3.63
N ARG G 684 -70.51 11.75 2.77
CA ARG G 684 -70.23 11.98 1.33
C ARG G 684 -71.22 12.94 0.71
N LYS G 685 -72.51 12.77 1.02
CA LYS G 685 -73.51 13.73 0.56
C LYS G 685 -73.35 15.13 1.17
N ASP G 686 -73.05 15.20 2.46
CA ASP G 686 -72.80 16.50 3.13
C ASP G 686 -71.65 17.27 2.46
N ARG G 687 -70.57 16.56 2.15
CA ARG G 687 -69.40 17.15 1.51
C ARG G 687 -69.74 17.78 0.16
N LEU G 688 -70.57 17.08 -0.65
CA LEU G 688 -71.03 17.64 -1.91
C LEU G 688 -71.93 18.85 -1.73
N ALA G 689 -72.80 18.83 -0.71
CA ALA G 689 -73.74 19.93 -0.46
C ALA G 689 -73.06 21.22 0.06
N LYS G 690 -72.09 21.07 0.95
CA LYS G 690 -71.44 22.23 1.56
C LYS G 690 -70.30 22.83 0.75
N SER G 691 -69.75 22.11 -0.24
CA SER G 691 -68.67 22.57 -1.07
C SER G 691 -69.20 23.35 -2.26
N VAL G 692 -68.28 24.06 -2.92
CA VAL G 692 -68.60 24.78 -4.16
C VAL G 692 -67.55 24.45 -5.22
N PRO G 693 -67.90 24.64 -6.51
CA PRO G 693 -66.88 24.53 -7.55
C PRO G 693 -65.72 25.48 -7.26
N VAL G 694 -64.48 25.02 -7.46
CA VAL G 694 -63.31 25.83 -7.15
C VAL G 694 -63.31 27.20 -7.87
N SER G 695 -63.77 27.26 -9.11
CA SER G 695 -63.94 28.59 -9.77
C SER G 695 -64.77 29.58 -9.04
N GLU G 696 -65.86 29.08 -8.44
CA GLU G 696 -66.78 29.94 -7.70
C GLU G 696 -66.10 30.46 -6.43
N TRP G 697 -65.46 29.58 -5.65
CA TRP G 697 -64.69 30.01 -4.49
C TRP G 697 -63.59 31.01 -4.89
N MET G 698 -62.87 30.73 -5.99
CA MET G 698 -61.80 31.64 -6.49
C MET G 698 -62.32 33.06 -6.79
N LYS G 699 -63.51 33.15 -7.38
CA LYS G 699 -64.11 34.45 -7.71
C LYS G 699 -64.28 35.33 -6.44
N GLY G 700 -64.78 34.73 -5.36
CA GLY G 700 -64.95 35.44 -4.08
C GLY G 700 -63.63 35.79 -3.37
N GLU G 701 -62.66 34.88 -3.42
CA GLU G 701 -61.33 35.17 -2.83
C GLU G 701 -60.59 36.28 -3.57
N ARG G 702 -60.66 36.26 -4.91
CA ARG G 702 -60.10 37.33 -5.75
C ARG G 702 -60.68 38.74 -5.38
N GLU G 703 -61.98 38.83 -5.11
CA GLU G 703 -62.60 40.07 -4.63
C GLU G 703 -61.98 40.60 -3.34
N LYS G 704 -61.71 39.69 -2.40
CA LYS G 704 -61.02 40.09 -1.17
C LYS G 704 -59.58 40.58 -1.41
N ILE G 705 -58.87 39.91 -2.32
CA ILE G 705 -57.50 40.32 -2.67
C ILE G 705 -57.53 41.74 -3.28
N LEU G 706 -58.44 41.97 -4.24
CA LEU G 706 -58.57 43.30 -4.87
C LEU G 706 -58.89 44.37 -3.82
N ALA G 707 -59.73 44.04 -2.82
CA ALA G 707 -60.06 44.98 -1.75
C ALA G 707 -59.02 45.05 -0.60
N LYS G 708 -57.93 44.30 -0.68
CA LYS G 708 -56.92 44.23 0.38
C LYS G 708 -57.47 43.77 1.77
N ASP G 709 -58.40 42.85 1.72
CA ASP G 709 -59.12 42.34 2.87
C ASP G 709 -58.43 41.08 3.41
N ALA G 710 -57.47 41.33 4.30
CA ALA G 710 -56.77 40.33 5.12
C ALA G 710 -56.04 41.04 6.24
N GLY G 711 -55.63 40.29 7.27
CA GLY G 711 -54.88 40.91 8.36
C GLY G 711 -53.53 41.46 7.95
N THR G 712 -52.96 42.36 8.76
CA THR G 712 -51.66 42.95 8.45
C THR G 712 -50.57 41.89 8.28
N GLN G 713 -50.65 40.81 9.06
CA GLN G 713 -49.65 39.75 8.98
C GLN G 713 -49.67 39.01 7.66
N VAL G 714 -50.86 38.82 7.06
CA VAL G 714 -50.97 38.21 5.74
C VAL G 714 -50.41 39.14 4.64
N ARG G 715 -50.79 40.40 4.68
CA ARG G 715 -50.30 41.39 3.68
C ARG G 715 -48.79 41.61 3.77
N GLN G 716 -48.23 41.69 4.97
CA GLN G 716 -46.77 41.86 5.10
C GLN G 716 -46.01 40.68 4.48
N MET G 717 -46.50 39.45 4.72
CA MET G 717 -45.88 38.25 4.15
C MET G 717 -45.81 38.28 2.61
N PHE G 718 -46.96 38.55 1.96
CA PHE G 718 -46.97 38.69 0.50
C PHE G 718 -46.10 39.87 0.02
N ALA G 719 -46.19 41.04 0.67
CA ALA G 719 -45.40 42.17 0.20
C ALA G 719 -43.88 41.90 0.22
N ALA G 720 -43.40 41.31 1.30
CA ALA G 720 -41.97 41.03 1.44
C ALA G 720 -41.50 39.92 0.46
N SER G 721 -42.33 38.89 0.31
CA SER G 721 -42.07 37.78 -0.63
C SER G 721 -42.00 38.28 -2.10
N PHE G 722 -42.91 39.17 -2.47
CA PHE G 722 -42.93 39.71 -3.83
C PHE G 722 -41.63 40.44 -4.15
N LYS G 723 -41.15 41.30 -3.24
CA LYS G 723 -39.91 42.06 -3.48
C LYS G 723 -38.68 41.18 -3.66
N LEU G 724 -38.52 40.15 -2.83
CA LEU G 724 -37.38 39.20 -2.95
C LEU G 724 -37.51 38.14 -4.06
N GLY G 725 -38.72 37.94 -4.59
CA GLY G 725 -39.07 36.87 -5.54
C GLY G 725 -39.98 37.31 -6.66
N PRO G 726 -39.44 38.06 -7.65
CA PRO G 726 -40.29 38.52 -8.76
C PRO G 726 -41.01 37.41 -9.55
N ARG G 727 -40.44 36.21 -9.63
CA ARG G 727 -41.13 35.13 -10.30
C ARG G 727 -42.42 34.72 -9.52
N PHE G 728 -42.35 34.79 -8.19
CA PHE G 728 -43.50 34.50 -7.33
C PHE G 728 -44.57 35.57 -7.49
N GLU G 729 -44.18 36.85 -7.54
CA GLU G 729 -45.16 37.92 -7.73
C GLU G 729 -45.90 37.74 -9.07
N LYS G 730 -45.13 37.44 -10.12
CA LYS G 730 -45.71 37.19 -11.42
C LYS G 730 -46.71 36.01 -11.41
N ASP G 731 -46.34 34.89 -10.77
CA ASP G 731 -47.21 33.72 -10.58
C ASP G 731 -48.54 34.09 -9.88
N PHE G 732 -48.45 34.81 -8.77
CA PHE G 732 -49.61 35.24 -7.99
C PHE G 732 -50.57 36.13 -8.81
N ARG G 733 -50.01 37.10 -9.51
CA ARG G 733 -50.81 38.02 -10.35
C ARG G 733 -51.52 37.30 -11.47
N THR G 734 -50.82 36.36 -12.09
CA THR G 734 -51.37 35.58 -13.19
C THR G 734 -52.46 34.66 -12.67
N PHE G 735 -52.21 33.97 -11.57
CA PHE G 735 -53.15 33.02 -11.02
C PHE G 735 -54.47 33.71 -10.68
N TRP G 736 -54.39 34.87 -10.02
CA TRP G 736 -55.57 35.62 -9.58
C TRP G 736 -56.08 36.68 -10.59
N ASP G 737 -55.48 36.70 -11.77
CA ASP G 737 -55.88 37.60 -12.88
C ASP G 737 -55.98 39.07 -12.39
N LEU G 738 -54.92 39.53 -11.74
CA LEU G 738 -54.92 40.88 -11.15
C LEU G 738 -54.43 41.91 -12.17
N PRO G 739 -55.02 43.10 -12.21
CA PRO G 739 -54.49 44.15 -13.10
C PRO G 739 -53.16 44.72 -12.58
N ASP G 740 -52.35 45.26 -13.49
CA ASP G 740 -51.08 45.90 -13.11
C ASP G 740 -51.22 47.10 -12.16
N SER G 741 -52.38 47.74 -12.16
CA SER G 741 -52.68 48.85 -11.24
C SER G 741 -52.88 48.42 -9.79
N TRP G 742 -53.14 47.13 -9.51
CA TRP G 742 -53.15 46.59 -8.13
C TRP G 742 -51.69 46.42 -7.66
N THR G 743 -51.35 47.00 -6.50
CA THR G 743 -49.99 46.88 -5.95
C THR G 743 -50.13 46.69 -4.43
N LEU G 744 -49.11 46.08 -3.84
CA LEU G 744 -49.05 45.79 -2.40
C LEU G 744 -47.68 46.19 -1.81
N PRO G 745 -47.43 47.52 -1.74
CA PRO G 745 -46.18 47.97 -1.13
C PRO G 745 -46.25 47.77 0.39
N GLU G 746 -45.16 47.29 0.95
CA GLU G 746 -45.12 46.97 2.39
C GLU G 746 -45.38 48.20 3.26
N GLU G 747 -44.94 49.37 2.78
CA GLU G 747 -45.05 50.63 3.53
C GLU G 747 -46.48 51.08 3.74
N GLU G 748 -47.43 50.61 2.94
CA GLU G 748 -48.81 51.09 3.08
C GLU G 748 -49.60 50.28 4.11
N ILE G 749 -49.01 49.25 4.70
CA ILE G 749 -49.75 48.38 5.63
C ILE G 749 -49.96 49.07 7.01
N GLY G 750 -49.00 49.91 7.42
CA GLY G 750 -49.08 50.59 8.72
C GLY G 750 -48.27 49.92 9.83
N VAL G 751 -47.37 49.02 9.50
CA VAL G 751 -46.51 48.37 10.47
C VAL G 751 -45.09 48.81 10.19
N PRO G 752 -44.19 48.68 11.18
CA PRO G 752 -42.78 49.03 10.89
C PRO G 752 -42.15 48.15 9.81
N THR G 753 -41.27 48.73 8.98
CA THR G 753 -40.58 48.02 7.89
C THR G 753 -39.05 48.25 7.84
N TYR G 754 -38.45 48.41 9.02
CA TYR G 754 -36.99 48.53 9.14
C TYR G 754 -36.33 47.27 8.60
N GLY G 755 -35.31 47.48 7.78
CA GLY G 755 -34.60 46.40 7.12
C GLY G 755 -35.18 45.92 5.79
N SER G 756 -36.29 46.48 5.33
CA SER G 756 -36.86 46.07 4.04
C SER G 756 -36.06 46.53 2.82
N ARG G 757 -35.33 47.64 2.96
CA ARG G 757 -34.56 48.21 1.85
C ARG G 757 -33.07 48.36 2.17
N TYR G 758 -32.72 48.76 3.38
CA TYR G 758 -31.31 48.92 3.76
C TYR G 758 -30.83 47.71 4.59
N SER G 759 -29.76 47.10 4.12
CA SER G 759 -29.11 45.96 4.78
C SER G 759 -27.58 45.95 4.49
N MET G 760 -26.78 45.40 5.41
CA MET G 760 -25.33 45.33 5.26
C MET G 760 -24.85 43.90 5.60
N ASP G 761 -24.35 43.21 4.60
CA ASP G 761 -23.89 41.83 4.72
C ASP G 761 -22.54 41.71 5.46
N ILE G 762 -22.32 40.57 6.15
CA ILE G 762 -21.02 40.32 6.81
C ILE G 762 -19.81 40.40 5.86
N SER G 763 -19.98 40.05 4.58
CA SER G 763 -18.87 40.13 3.63
C SER G 763 -18.42 41.58 3.29
N GLU G 764 -19.19 42.59 3.68
CA GLU G 764 -18.79 43.98 3.53
C GLU G 764 -17.77 44.44 4.60
N LEU G 765 -17.54 43.67 5.67
CA LEU G 765 -16.53 44.07 6.65
C LEU G 765 -15.11 43.73 6.15
N PRO G 766 -14.07 44.44 6.66
CA PRO G 766 -12.74 44.24 6.06
C PRO G 766 -12.15 42.84 6.29
N ASP G 767 -11.46 42.31 5.27
CA ASP G 767 -10.77 40.99 5.33
C ASP G 767 -11.71 39.77 5.47
N VAL G 768 -13.03 39.94 5.27
CA VAL G 768 -13.98 38.83 5.38
C VAL G 768 -14.26 38.22 3.98
N HIS G 769 -13.97 36.93 3.83
CA HIS G 769 -14.23 36.19 2.61
C HIS G 769 -15.24 35.07 2.93
N THR G 770 -16.46 35.16 2.43
CA THR G 770 -17.47 34.16 2.75
C THR G 770 -17.39 33.02 1.73
N VAL G 771 -17.77 31.82 2.15
CA VAL G 771 -17.76 30.64 1.26
C VAL G 771 -19.16 30.45 0.69
N GLN G 772 -19.26 30.26 -0.61
CA GLN G 772 -20.54 30.13 -1.27
C GLN G 772 -20.91 28.63 -1.44
N PHE G 773 -22.09 28.24 -0.98
CA PHE G 773 -22.56 26.84 -1.09
C PHE G 773 -23.81 26.65 -1.96
N VAL G 774 -24.51 27.72 -2.33
CA VAL G 774 -25.80 27.65 -3.05
C VAL G 774 -25.83 28.71 -4.14
N GLU G 775 -26.77 28.60 -5.06
CA GLU G 775 -27.09 29.66 -6.03
C GLU G 775 -27.98 30.64 -5.29
N GLU G 776 -27.77 31.94 -5.50
CA GLU G 776 -28.49 32.97 -4.72
C GLU G 776 -28.92 34.19 -5.50
N ARG H 9 -8.76 -38.87 40.17
CA ARG H 9 -9.17 -37.47 39.87
C ARG H 9 -9.69 -36.74 41.07
N ASN H 10 -9.31 -35.48 41.20
CA ASN H 10 -9.80 -34.61 42.24
C ASN H 10 -10.64 -33.49 41.57
N VAL H 11 -11.96 -33.61 41.60
CA VAL H 11 -12.88 -32.75 40.84
C VAL H 11 -13.19 -31.49 41.65
N GLN H 12 -12.93 -30.32 41.10
CA GLN H 12 -12.93 -29.08 41.91
C GLN H 12 -13.93 -27.97 41.57
N VAL H 13 -14.37 -27.90 40.31
CA VAL H 13 -15.26 -26.82 39.85
C VAL H 13 -16.41 -27.41 39.02
N LEU H 14 -17.63 -26.94 39.31
CA LEU H 14 -18.81 -27.29 38.52
C LEU H 14 -19.46 -26.01 37.96
N GLY H 15 -19.73 -26.03 36.65
CA GLY H 15 -20.59 -25.04 36.00
C GLY H 15 -21.83 -25.63 35.36
N ILE H 16 -22.93 -24.87 35.37
CA ILE H 16 -24.27 -25.34 34.97
C ILE H 16 -24.92 -24.38 33.98
N ASP H 17 -25.65 -24.94 33.02
CA ASP H 17 -26.56 -24.17 32.12
C ASP H 17 -27.93 -24.89 32.00
N ALA H 18 -28.90 -24.43 32.79
CA ALA H 18 -30.24 -24.97 32.91
C ALA H 18 -31.34 -24.17 32.16
N GLY H 19 -32.57 -24.66 32.20
CA GLY H 19 -33.76 -23.95 31.66
C GLY H 19 -34.01 -24.06 30.16
N GLY H 20 -33.05 -24.57 29.39
CA GLY H 20 -33.32 -24.83 28.00
C GLY H 20 -34.13 -26.13 27.85
N THR H 21 -34.09 -26.67 26.65
CA THR H 21 -34.63 -27.99 26.37
C THR H 21 -33.75 -29.04 27.10
N MET H 22 -32.43 -28.85 27.07
CA MET H 22 -31.43 -29.78 27.64
C MET H 22 -30.57 -29.04 28.68
N THR H 23 -30.37 -29.63 29.85
CA THR H 23 -29.53 -29.08 30.93
C THR H 23 -28.08 -29.56 30.82
N ASP H 24 -27.13 -28.61 30.77
CA ASP H 24 -25.72 -28.95 30.54
C ASP H 24 -24.87 -28.71 31.79
N THR H 25 -23.88 -29.58 32.02
CA THR H 25 -22.98 -29.48 33.17
C THR H 25 -21.53 -29.57 32.67
N PHE H 26 -20.61 -28.96 33.42
CA PHE H 26 -19.20 -28.85 33.01
C PHE H 26 -18.35 -28.98 34.27
N PHE H 27 -17.53 -30.03 34.32
CA PHE H 27 -16.72 -30.36 35.50
C PHE H 27 -15.23 -30.18 35.18
N VAL H 28 -14.50 -29.53 36.08
CA VAL H 28 -13.04 -29.30 35.93
C VAL H 28 -12.29 -29.94 37.11
N ASP H 29 -11.23 -30.70 36.82
CA ASP H 29 -10.40 -31.28 37.89
C ASP H 29 -9.20 -30.40 38.26
N GLN H 30 -8.41 -30.84 39.22
CA GLN H 30 -7.24 -30.07 39.71
C GLN H 30 -6.18 -29.76 38.67
N ASP H 31 -6.12 -30.53 37.60
CA ASP H 31 -5.17 -30.35 36.51
C ASP H 31 -5.76 -29.53 35.35
N GLY H 32 -7.02 -29.08 35.48
CA GLY H 32 -7.69 -28.39 34.38
C GLY H 32 -8.36 -29.28 33.34
N ASP H 33 -8.32 -30.60 33.50
CA ASP H 33 -9.03 -31.49 32.58
C ASP H 33 -10.56 -31.33 32.78
N PHE H 34 -11.36 -31.52 31.72
CA PHE H 34 -12.82 -31.35 31.86
C PHE H 34 -13.67 -32.40 31.16
N VAL H 35 -14.91 -32.54 31.63
CA VAL H 35 -15.95 -33.31 30.93
C VAL H 35 -17.28 -32.58 31.00
N VAL H 36 -18.14 -32.89 30.01
CA VAL H 36 -19.42 -32.24 29.83
C VAL H 36 -20.54 -33.26 29.93
N GLY H 37 -21.59 -32.93 30.69
CA GLY H 37 -22.80 -33.77 30.78
C GLY H 37 -24.03 -33.13 30.14
N LYS H 38 -24.99 -33.96 29.74
CA LYS H 38 -26.28 -33.53 29.19
C LYS H 38 -27.41 -34.39 29.76
N ALA H 39 -28.59 -33.80 29.94
CA ALA H 39 -29.83 -34.51 30.18
C ALA H 39 -31.00 -33.62 29.82
N GLN H 40 -32.17 -34.23 29.66
CA GLN H 40 -33.42 -33.50 29.41
C GLN H 40 -33.76 -32.61 30.62
N SER H 41 -34.11 -31.34 30.37
CA SER H 41 -34.49 -30.43 31.44
C SER H 41 -35.82 -30.83 32.03
N THR H 42 -35.97 -30.55 33.34
CA THR H 42 -37.16 -30.82 34.14
C THR H 42 -37.70 -29.53 34.77
N PRO H 43 -38.49 -28.74 34.02
CA PRO H 43 -38.86 -27.41 34.53
C PRO H 43 -39.76 -27.40 35.78
N GLN H 44 -40.48 -28.48 36.10
CA GLN H 44 -41.19 -28.55 37.39
C GLN H 44 -40.25 -28.55 38.62
N ASN H 45 -39.04 -29.06 38.46
CA ASN H 45 -37.99 -29.00 39.49
C ASN H 45 -36.65 -29.23 38.81
N GLU H 46 -35.94 -28.13 38.55
CA GLU H 46 -34.74 -28.19 37.70
C GLU H 46 -33.67 -29.14 38.26
N ALA H 47 -33.67 -29.32 39.58
CA ALA H 47 -32.72 -30.21 40.25
C ALA H 47 -32.70 -31.65 39.71
N LEU H 48 -33.85 -32.16 39.27
CA LEU H 48 -33.92 -33.54 38.79
C LEU H 48 -33.06 -33.71 37.52
N GLY H 49 -33.27 -32.86 36.50
CA GLY H 49 -32.46 -32.90 35.27
C GLY H 49 -31.00 -32.54 35.48
N LEU H 50 -30.75 -31.64 36.43
CA LEU H 50 -29.38 -31.27 36.82
C LEU H 50 -28.57 -32.44 37.41
N ILE H 51 -29.19 -33.20 38.31
CA ILE H 51 -28.58 -34.46 38.82
C ILE H 51 -28.31 -35.46 37.69
N ALA H 52 -29.30 -35.69 36.82
CA ALA H 52 -29.12 -36.59 35.67
C ALA H 52 -28.01 -36.14 34.72
N SER H 53 -27.93 -34.84 34.45
CA SER H 53 -26.86 -34.27 33.61
C SER H 53 -25.50 -34.50 34.26
N SER H 54 -25.42 -34.26 35.57
CA SER H 54 -24.20 -34.46 36.35
C SER H 54 -23.69 -35.91 36.27
N GLU H 55 -24.58 -36.89 36.45
CA GLU H 55 -24.23 -38.31 36.36
C GLU H 55 -23.75 -38.70 34.96
N ASP H 56 -24.40 -38.15 33.93
CA ASP H 56 -23.98 -38.37 32.52
C ASP H 56 -22.57 -37.84 32.27
N GLY H 57 -22.27 -36.63 32.77
CA GLY H 57 -20.94 -36.04 32.59
C GLY H 57 -19.85 -36.84 33.31
N LEU H 58 -20.08 -37.13 34.58
CA LEU H 58 -19.09 -37.82 35.40
C LEU H 58 -18.83 -39.27 34.95
N ALA H 59 -19.82 -39.90 34.30
CA ALA H 59 -19.61 -41.25 33.71
C ALA H 59 -18.46 -41.30 32.68
N ASN H 60 -18.18 -40.19 32.01
CA ASN H 60 -17.00 -40.09 31.12
C ASN H 60 -15.65 -40.22 31.86
N TRP H 61 -15.63 -40.05 33.17
CA TRP H 61 -14.43 -40.32 33.98
C TRP H 61 -14.57 -41.60 34.80
N GLY H 62 -15.56 -42.44 34.51
CA GLY H 62 -15.86 -43.61 35.34
C GLY H 62 -16.14 -43.26 36.79
N MET H 63 -16.75 -42.11 37.04
CA MET H 63 -16.92 -41.60 38.38
C MET H 63 -18.41 -41.49 38.70
N SER H 64 -18.74 -41.63 39.99
CA SER H 64 -20.10 -41.46 40.47
C SER H 64 -20.30 -40.06 41.04
N LEU H 65 -21.57 -39.68 41.19
CA LEU H 65 -21.93 -38.37 41.71
C LEU H 65 -21.44 -38.22 43.15
N HIS H 66 -21.66 -39.27 43.95
CA HIS H 66 -21.17 -39.36 45.33
C HIS H 66 -19.67 -39.04 45.46
N GLU H 67 -18.82 -39.70 44.68
CA GLU H 67 -17.36 -39.48 44.71
C GLU H 67 -16.98 -38.01 44.41
N ALA H 68 -17.53 -37.46 43.33
CA ALA H 68 -17.10 -36.13 42.87
C ALA H 68 -17.61 -34.99 43.72
N LEU H 69 -18.88 -35.08 44.18
CA LEU H 69 -19.48 -33.91 44.83
C LEU H 69 -18.78 -33.54 46.12
N ALA H 70 -18.27 -34.54 46.84
CA ALA H 70 -17.45 -34.35 48.04
C ALA H 70 -16.18 -33.52 47.85
N GLN H 71 -15.58 -33.64 46.66
CA GLN H 71 -14.32 -32.96 46.33
C GLN H 71 -14.48 -31.51 45.84
N LEU H 72 -15.65 -31.17 45.28
CA LEU H 72 -15.88 -29.83 44.66
C LEU H 72 -15.64 -28.69 45.64
N GLN H 73 -14.90 -27.67 45.21
CA GLN H 73 -14.69 -26.46 45.99
C GLN H 73 -15.69 -25.35 45.71
N THR H 74 -16.25 -25.35 44.51
CA THR H 74 -17.23 -24.35 44.13
C THR H 74 -18.11 -24.83 42.98
N GLY H 75 -19.28 -24.20 42.86
CA GLY H 75 -20.27 -24.45 41.82
C GLY H 75 -20.94 -23.15 41.45
N VAL H 76 -21.15 -22.95 40.15
CA VAL H 76 -21.80 -21.76 39.60
C VAL H 76 -23.00 -22.16 38.73
N TYR H 77 -24.18 -21.67 39.12
CA TYR H 77 -25.44 -21.91 38.37
C TYR H 77 -25.66 -20.83 37.32
N SER H 78 -26.16 -21.24 36.15
CA SER H 78 -26.72 -20.32 35.18
C SER H 78 -27.85 -21.00 34.43
N GLY H 79 -28.67 -20.20 33.77
CA GLY H 79 -29.87 -20.73 33.09
C GLY H 79 -30.64 -19.69 32.26
N THR H 80 -31.72 -20.16 31.62
CA THR H 80 -32.52 -19.34 30.76
C THR H 80 -34.04 -19.34 31.09
N ALA H 81 -34.47 -20.01 32.17
CA ALA H 81 -35.91 -20.03 32.49
C ALA H 81 -36.58 -18.63 32.57
N MET H 82 -35.89 -17.68 33.21
CA MET H 82 -36.40 -16.31 33.35
C MET H 82 -36.34 -15.54 32.03
N LEU H 83 -35.19 -15.60 31.34
CA LEU H 83 -35.04 -15.00 30.02
C LEU H 83 -36.09 -15.45 29.01
N ASN H 84 -36.43 -16.74 29.04
CA ASN H 84 -37.46 -17.27 28.15
C ASN H 84 -38.82 -16.58 28.29
N ARG H 85 -39.16 -16.16 29.51
CA ARG H 85 -40.44 -15.47 29.75
C ARG H 85 -40.44 -14.07 29.14
N VAL H 86 -39.27 -13.42 29.17
CA VAL H 86 -39.10 -12.12 28.56
C VAL H 86 -39.20 -12.18 27.03
N VAL H 87 -38.40 -13.03 26.39
CA VAL H 87 -38.34 -13.03 24.92
C VAL H 87 -39.59 -13.59 24.23
N GLN H 88 -40.33 -14.47 24.91
CA GLN H 88 -41.63 -14.94 24.45
C GLN H 88 -42.80 -14.02 24.76
N ARG H 89 -42.55 -13.04 25.66
CA ARG H 89 -43.62 -12.29 26.36
C ARG H 89 -44.71 -13.22 26.94
N LYS H 90 -44.26 -14.19 27.73
CA LYS H 90 -45.13 -15.15 28.42
C LYS H 90 -44.72 -15.13 29.89
N GLY H 91 -45.23 -14.14 30.64
CA GLY H 91 -44.92 -14.04 32.05
C GLY H 91 -46.12 -14.04 32.96
N LEU H 92 -45.87 -13.80 34.23
CA LEU H 92 -46.92 -13.58 35.21
C LEU H 92 -47.68 -12.29 34.85
N LYS H 93 -48.99 -12.30 34.96
CA LYS H 93 -49.79 -11.13 34.62
C LYS H 93 -49.73 -10.02 35.69
N CYS H 94 -48.80 -9.07 35.53
CA CYS H 94 -48.58 -8.01 36.54
C CYS H 94 -49.38 -6.77 36.30
N GLY H 95 -49.90 -6.19 37.39
CA GLY H 95 -50.40 -4.83 37.43
C GLY H 95 -49.33 -3.87 37.94
N LEU H 96 -49.58 -2.57 37.78
CA LEU H 96 -48.60 -1.53 38.10
C LEU H 96 -49.30 -0.36 38.81
N ILE H 97 -48.74 0.08 39.94
CA ILE H 97 -49.15 1.31 40.65
C ILE H 97 -48.04 2.35 40.63
N VAL H 98 -48.34 3.52 40.04
CA VAL H 98 -47.40 4.65 39.94
C VAL H 98 -48.04 5.92 40.50
N ASN H 99 -47.40 7.07 40.32
CA ASN H 99 -47.99 8.36 40.70
C ASN H 99 -49.19 8.74 39.77
N ARG H 100 -50.30 9.12 40.41
CA ARG H 100 -51.44 9.66 39.71
C ARG H 100 -51.03 10.88 38.82
N GLY H 101 -51.49 10.82 37.57
CA GLY H 101 -51.12 11.77 36.53
C GLY H 101 -49.98 11.29 35.61
N MET H 102 -49.28 10.23 36.01
CA MET H 102 -48.12 9.70 35.25
C MET H 102 -48.30 8.23 34.83
N GLU H 103 -49.54 7.74 34.84
CA GLU H 103 -49.85 6.37 34.45
C GLU H 103 -49.30 5.97 33.09
N ASP H 104 -49.25 6.92 32.14
CA ASP H 104 -48.77 6.66 30.78
C ASP H 104 -47.25 6.49 30.66
N PHE H 105 -46.44 6.76 31.70
CA PHE H 105 -44.97 6.79 31.48
C PHE H 105 -44.40 5.46 31.00
N HIS H 106 -44.93 4.36 31.52
CA HIS H 106 -44.44 3.03 31.19
C HIS H 106 -44.67 2.67 29.69
N ARG H 107 -45.90 2.83 29.23
CA ARG H 107 -46.24 2.51 27.82
C ARG H 107 -45.63 3.48 26.81
N MET H 108 -45.28 4.69 27.22
CA MET H 108 -44.57 5.62 26.30
C MET H 108 -43.14 5.15 25.95
N GLY H 109 -42.56 4.31 26.81
CA GLY H 109 -41.22 3.77 26.57
C GLY H 109 -40.12 4.81 26.45
N ARG H 110 -40.37 5.98 27.08
CA ARG H 110 -39.46 7.11 27.04
C ARG H 110 -39.04 7.55 25.61
N ALA H 111 -39.85 7.21 24.59
CA ALA H 111 -39.52 7.33 23.16
C ALA H 111 -38.42 6.38 22.67
N VAL H 112 -37.36 6.27 23.47
CA VAL H 112 -36.16 5.53 23.12
C VAL H 112 -36.44 4.06 22.75
N GLN H 113 -37.42 3.43 23.38
CA GLN H 113 -37.76 2.01 23.09
C GLN H 113 -38.32 1.76 21.67
N SER H 114 -38.58 2.82 20.89
CA SER H 114 -38.98 2.66 19.47
C SER H 114 -37.78 2.41 18.52
N HIS H 115 -36.54 2.58 19.00
CA HIS H 115 -35.35 2.37 18.14
C HIS H 115 -34.18 1.61 18.80
N LEU H 116 -34.40 1.02 19.96
CA LEU H 116 -33.37 0.19 20.64
C LEU H 116 -33.10 -1.10 19.88
N GLY H 117 -31.88 -1.58 19.97
CA GLY H 117 -31.43 -2.82 19.27
C GLY H 117 -31.36 -2.73 17.76
N TYR H 118 -31.14 -1.53 17.21
CA TYR H 118 -31.15 -1.31 15.77
C TYR H 118 -29.73 -1.12 15.22
N ALA H 119 -29.54 -1.55 13.96
CA ALA H 119 -28.37 -1.18 13.17
C ALA H 119 -28.24 0.34 12.97
N TYR H 120 -27.01 0.80 12.67
CA TYR H 120 -26.72 2.22 12.37
C TYR H 120 -27.73 2.77 11.35
N GLU H 121 -27.95 2.00 10.29
CA GLU H 121 -28.82 2.32 9.17
C GLU H 121 -30.29 2.52 9.64
N ASP H 122 -30.76 1.65 10.52
CA ASP H 122 -32.15 1.74 10.98
C ASP H 122 -32.35 2.82 12.06
N ARG H 123 -31.29 3.15 12.80
CA ARG H 123 -31.36 4.26 13.76
C ARG H 123 -31.78 5.54 13.06
N ILE H 124 -31.20 5.79 11.88
CA ILE H 124 -31.54 6.98 11.11
C ILE H 124 -32.74 6.83 10.15
N HIS H 125 -33.05 5.60 9.69
CA HIS H 125 -34.17 5.35 8.77
C HIS H 125 -35.51 5.37 9.54
N LEU H 126 -36.12 6.55 9.57
CA LEU H 126 -37.20 6.84 10.53
C LEU H 126 -38.38 5.82 10.48
N ASN H 127 -38.83 5.51 9.27
CA ASN H 127 -40.00 4.61 9.12
C ASN H 127 -39.78 3.15 9.66
N THR H 128 -38.54 2.73 9.94
CA THR H 128 -38.30 1.41 10.59
C THR H 128 -38.59 1.39 12.11
N HIS H 129 -38.73 2.57 12.72
CA HIS H 129 -38.93 2.67 14.17
C HIS H 129 -40.30 2.12 14.54
N ARG H 130 -40.39 1.49 15.71
CA ARG H 130 -41.57 0.70 16.10
C ARG H 130 -41.55 0.43 17.60
N TYR H 131 -42.69 0.63 18.27
CA TYR H 131 -42.84 0.27 19.70
C TYR H 131 -43.38 -1.18 19.83
N ASP H 132 -42.78 -1.98 20.70
CA ASP H 132 -43.38 -3.26 21.10
C ASP H 132 -44.43 -2.99 22.18
N PRO H 133 -45.44 -3.86 22.31
CA PRO H 133 -46.42 -3.69 23.40
C PRO H 133 -45.73 -3.62 24.79
N PRO H 134 -46.30 -2.87 25.74
CA PRO H 134 -45.72 -2.77 27.08
C PRO H 134 -45.82 -4.05 27.91
N LEU H 135 -44.89 -4.21 28.85
CA LEU H 135 -44.94 -5.30 29.84
C LEU H 135 -46.24 -5.32 30.65
N VAL H 136 -46.72 -4.12 31.02
CA VAL H 136 -47.96 -3.94 31.75
C VAL H 136 -48.90 -3.05 30.89
N PRO H 137 -50.06 -3.59 30.48
CA PRO H 137 -51.00 -2.77 29.72
C PRO H 137 -51.65 -1.67 30.55
N ARG H 138 -52.09 -0.62 29.86
CA ARG H 138 -52.67 0.56 30.50
C ARG H 138 -53.85 0.21 31.43
N HIS H 139 -54.71 -0.72 31.04
CA HIS H 139 -55.88 -1.08 31.86
C HIS H 139 -55.50 -1.81 33.17
N LEU H 140 -54.25 -2.31 33.27
CA LEU H 140 -53.72 -2.88 34.52
C LEU H 140 -52.76 -1.91 35.25
N THR H 141 -52.92 -0.60 35.01
CA THR H 141 -52.08 0.42 35.62
C THR H 141 -53.01 1.37 36.41
N ARG H 142 -52.62 1.76 37.63
CA ARG H 142 -53.36 2.79 38.40
C ARG H 142 -52.37 3.75 39.07
N GLY H 143 -52.89 4.84 39.59
CA GLY H 143 -52.11 5.93 40.22
C GLY H 143 -52.57 6.37 41.60
N VAL H 144 -51.63 6.65 42.48
CA VAL H 144 -51.88 7.19 43.83
C VAL H 144 -51.44 8.65 43.92
N VAL H 145 -52.17 9.46 44.70
CA VAL H 145 -51.82 10.89 44.85
C VAL H 145 -50.74 11.08 45.92
N GLU H 146 -49.56 11.52 45.48
CA GLU H 146 -48.34 11.63 46.27
C GLU H 146 -47.25 12.34 45.45
N ARG H 147 -46.38 13.11 46.13
CA ARG H 147 -45.09 13.55 45.53
C ARG H 147 -44.02 13.76 46.60
N THR H 148 -42.84 13.19 46.32
CA THR H 148 -41.63 13.41 47.07
C THR H 148 -40.56 13.93 46.13
N ASP H 149 -39.80 14.95 46.57
CA ASP H 149 -38.80 15.60 45.72
C ASP H 149 -37.44 14.88 45.76
N MET H 150 -36.49 15.35 44.97
CA MET H 150 -35.13 14.76 44.86
C MET H 150 -34.32 14.79 46.13
N MET H 151 -34.71 15.64 47.10
CA MET H 151 -34.08 15.75 48.41
C MET H 151 -34.73 14.83 49.46
N GLY H 152 -35.81 14.14 49.12
CA GLY H 152 -36.56 13.37 50.10
C GLY H 152 -37.65 14.14 50.82
N THR H 153 -37.90 15.38 50.42
CA THR H 153 -38.92 16.22 51.06
C THR H 153 -40.31 15.92 50.49
N GLN H 154 -41.29 15.80 51.38
CA GLN H 154 -42.68 15.58 50.93
C GLN H 154 -43.30 16.87 50.39
N VAL H 155 -43.72 16.87 49.15
CA VAL H 155 -44.36 18.00 48.52
C VAL H 155 -45.89 17.82 48.65
N ILE H 156 -46.36 16.64 48.27
CA ILE H 156 -47.77 16.25 48.36
C ILE H 156 -47.84 14.98 49.22
N PRO H 157 -48.37 15.09 50.46
CA PRO H 157 -48.50 13.89 51.31
C PRO H 157 -49.33 12.79 50.64
N LEU H 158 -48.95 11.53 50.87
CA LEU H 158 -49.70 10.39 50.31
C LEU H 158 -51.16 10.44 50.76
N ARG H 159 -52.08 10.34 49.81
CA ARG H 159 -53.51 10.23 50.09
C ARG H 159 -53.86 8.72 50.07
N GLU H 160 -53.99 8.15 51.28
CA GLU H 160 -54.07 6.69 51.43
C GLU H 160 -55.31 6.05 50.83
N ASP H 161 -56.44 6.77 50.81
CA ASP H 161 -57.66 6.29 50.13
C ASP H 161 -57.42 5.98 48.63
N THR H 162 -56.56 6.76 47.96
CA THR H 162 -56.25 6.51 46.54
C THR H 162 -55.41 5.22 46.35
N ALA H 163 -54.56 4.91 47.33
CA ALA H 163 -53.81 3.62 47.35
C ALA H 163 -54.72 2.41 47.55
N ARG H 164 -55.72 2.55 48.41
CA ARG H 164 -56.72 1.49 48.62
C ARG H 164 -57.56 1.21 47.41
N ASP H 165 -58.07 2.27 46.77
CA ASP H 165 -58.84 2.12 45.53
C ASP H 165 -57.99 1.50 44.40
N ALA H 166 -56.74 1.94 44.25
CA ALA H 166 -55.82 1.36 43.24
C ALA H 166 -55.63 -0.15 43.42
N ALA H 167 -55.40 -0.57 44.66
CA ALA H 167 -55.25 -1.98 45.00
C ALA H 167 -56.48 -2.79 44.65
N ARG H 168 -57.65 -2.33 45.11
CA ARG H 168 -58.91 -3.05 44.83
C ARG H 168 -59.23 -3.17 43.33
N ASP H 169 -58.96 -2.10 42.57
CA ASP H 169 -59.09 -2.12 41.10
C ASP H 169 -58.24 -3.22 40.46
N LEU H 170 -56.95 -3.31 40.85
CA LEU H 170 -56.07 -4.31 40.22
C LEU H 170 -56.40 -5.74 40.65
N ILE H 171 -56.84 -5.91 41.89
CA ILE H 171 -57.30 -7.23 42.32
C ILE H 171 -58.55 -7.65 41.52
N ALA H 172 -59.54 -6.78 41.38
CA ALA H 172 -60.76 -7.08 40.60
C ALA H 172 -60.47 -7.32 39.11
N ALA H 173 -59.42 -6.72 38.58
CA ALA H 173 -58.95 -6.97 37.21
C ALA H 173 -58.12 -8.26 37.05
N ASP H 174 -58.02 -9.08 38.10
CA ASP H 174 -57.35 -10.38 38.08
C ASP H 174 -55.83 -10.33 37.87
N ALA H 175 -55.17 -9.28 38.36
CA ALA H 175 -53.72 -9.24 38.39
C ALA H 175 -53.15 -10.40 39.20
N GLU H 176 -52.09 -11.02 38.69
CA GLU H 176 -51.39 -12.12 39.35
C GLU H 176 -50.14 -11.67 40.14
N GLY H 177 -49.76 -10.40 40.00
CA GLY H 177 -48.70 -9.75 40.79
C GLY H 177 -48.90 -8.24 40.72
N ILE H 178 -48.46 -7.50 41.74
CA ILE H 178 -48.58 -6.04 41.72
C ILE H 178 -47.24 -5.35 42.03
N VAL H 179 -46.85 -4.46 41.11
CA VAL H 179 -45.60 -3.70 41.18
C VAL H 179 -45.88 -2.23 41.56
N ILE H 180 -45.07 -1.66 42.45
CA ILE H 180 -45.25 -0.28 42.91
C ILE H 180 -43.96 0.50 42.66
N SER H 181 -44.07 1.66 42.01
CA SER H 181 -42.90 2.50 41.73
C SER H 181 -43.28 3.98 41.78
N LEU H 182 -42.88 4.68 42.87
CA LEU H 182 -43.13 6.11 43.00
C LEU H 182 -41.85 6.94 42.80
N LEU H 183 -42.03 8.18 42.37
CA LEU H 183 -40.87 9.03 42.03
C LEU H 183 -40.02 9.37 43.30
N HIS H 184 -38.72 9.26 43.14
CA HIS H 184 -37.67 9.41 44.15
C HIS H 184 -37.81 8.51 45.39
N SER H 185 -38.48 7.35 45.24
CA SER H 185 -38.61 6.42 46.37
C SER H 185 -37.24 5.87 46.82
N TYR H 186 -36.26 5.80 45.93
CA TYR H 186 -34.89 5.38 46.25
C TYR H 186 -34.24 6.35 47.28
N LYS H 187 -34.68 7.61 47.31
CA LYS H 187 -34.16 8.63 48.20
C LYS H 187 -34.90 8.65 49.53
N ASN H 188 -36.23 8.64 49.49
CA ASN H 188 -37.04 8.50 50.70
C ASN H 188 -38.18 7.48 50.44
N PRO H 189 -38.00 6.22 50.89
CA PRO H 189 -38.94 5.14 50.57
C PRO H 189 -40.24 5.09 51.41
N VAL H 190 -40.42 6.05 52.32
CA VAL H 190 -41.54 6.00 53.26
C VAL H 190 -42.91 5.84 52.55
N ASN H 191 -43.22 6.72 51.59
CA ASN H 191 -44.55 6.66 50.97
C ASN H 191 -44.73 5.40 50.11
N GLU H 192 -43.72 4.98 49.36
CA GLU H 192 -43.84 3.77 48.53
C GLU H 192 -44.04 2.52 49.40
N ARG H 193 -43.33 2.46 50.54
CA ARG H 193 -43.52 1.33 51.44
C ARG H 193 -44.90 1.30 52.15
N ARG H 194 -45.49 2.47 52.39
CA ARG H 194 -46.87 2.51 52.94
C ARG H 194 -47.88 2.01 51.89
N VAL H 195 -47.70 2.39 50.63
CA VAL H 195 -48.55 1.90 49.54
C VAL H 195 -48.43 0.35 49.43
N ARG H 196 -47.20 -0.16 49.47
CA ARG H 196 -46.93 -1.60 49.57
C ARG H 196 -47.73 -2.25 50.69
N ASP H 197 -47.66 -1.69 51.90
CA ASP H 197 -48.35 -2.29 53.06
C ASP H 197 -49.88 -2.31 52.88
N ILE H 198 -50.42 -1.21 52.32
CA ILE H 198 -51.85 -1.11 52.01
C ILE H 198 -52.26 -2.13 50.92
N VAL H 199 -51.44 -2.26 49.85
CA VAL H 199 -51.74 -3.26 48.83
C VAL H 199 -51.73 -4.69 49.45
N LEU H 200 -50.73 -4.97 50.30
CA LEU H 200 -50.65 -6.27 51.00
C LEU H 200 -51.89 -6.55 51.87
N GLU H 201 -52.40 -5.53 52.58
CA GLU H 201 -53.68 -5.67 53.34
C GLU H 201 -54.89 -6.01 52.48
N GLU H 202 -55.02 -5.34 51.32
CA GLU H 202 -56.15 -5.61 50.42
C GLU H 202 -56.06 -7.00 49.77
N VAL H 203 -54.85 -7.42 49.40
CA VAL H 203 -54.63 -8.78 48.89
C VAL H 203 -55.06 -9.82 49.95
N GLU H 204 -54.66 -9.62 51.21
CA GLU H 204 -55.02 -10.55 52.27
C GLU H 204 -56.55 -10.67 52.45
N LYS H 205 -57.27 -9.55 52.41
CA LYS H 205 -58.73 -9.61 52.49
C LYS H 205 -59.38 -10.32 51.31
N SER H 206 -58.75 -10.25 50.14
CA SER H 206 -59.29 -10.90 48.95
C SER H 206 -59.19 -12.42 48.95
N GLY H 207 -58.24 -12.96 49.72
CA GLY H 207 -57.95 -14.40 49.71
C GLY H 207 -57.12 -14.92 48.56
N LYS H 208 -56.76 -14.08 47.59
CA LYS H 208 -56.00 -14.53 46.41
C LYS H 208 -54.50 -14.48 46.65
N LYS H 209 -53.76 -15.23 45.85
CA LYS H 209 -52.31 -15.27 45.94
C LYS H 209 -51.75 -14.25 44.93
N ILE H 210 -51.32 -13.09 45.44
CA ILE H 210 -50.85 -11.99 44.60
C ILE H 210 -49.64 -11.38 45.26
N PRO H 211 -48.42 -11.76 44.82
CA PRO H 211 -47.21 -11.13 45.40
C PRO H 211 -47.10 -9.64 45.02
N VAL H 212 -46.48 -8.87 45.89
CA VAL H 212 -46.33 -7.41 45.73
C VAL H 212 -44.84 -7.05 45.69
N PHE H 213 -44.45 -6.19 44.75
CA PHE H 213 -43.03 -5.78 44.56
C PHE H 213 -42.89 -4.23 44.59
N ALA H 214 -42.35 -3.68 45.68
CA ALA H 214 -42.01 -2.24 45.74
C ALA H 214 -40.59 -2.00 45.21
N SER H 215 -40.45 -1.06 44.29
CA SER H 215 -39.15 -0.78 43.63
C SER H 215 -38.03 -0.49 44.64
N ALA H 216 -38.36 0.22 45.72
CA ALA H 216 -37.34 0.56 46.73
C ALA H 216 -36.80 -0.64 47.50
N ASP H 217 -37.57 -1.75 47.54
CA ASP H 217 -37.10 -2.96 48.20
C ASP H 217 -36.19 -3.83 47.30
N TYR H 218 -36.10 -3.52 46.01
CA TYR H 218 -35.39 -4.36 45.02
C TYR H 218 -34.30 -3.63 44.24
N TYR H 219 -34.66 -2.51 43.59
CA TYR H 219 -33.76 -1.73 42.71
C TYR H 219 -33.84 -0.23 43.07
N PRO H 220 -33.32 0.14 44.27
CA PRO H 220 -33.38 1.49 44.72
C PRO H 220 -32.32 2.38 44.04
N VAL H 221 -32.54 2.70 42.76
CA VAL H 221 -31.68 3.55 41.98
C VAL H 221 -32.52 4.49 41.10
N ARG H 222 -31.93 5.65 40.80
CA ARG H 222 -32.54 6.69 40.01
C ARG H 222 -32.81 6.29 38.53
N LYS H 223 -33.88 6.89 37.98
CA LYS H 223 -34.42 6.73 36.60
C LYS H 223 -35.66 5.87 36.62
N GLU H 224 -36.85 6.49 36.66
CA GLU H 224 -38.08 5.73 36.82
C GLU H 224 -38.36 4.73 35.69
N THR H 225 -37.94 5.05 34.46
CA THR H 225 -38.24 4.15 33.34
C THR H 225 -37.45 2.83 33.48
N HIS H 226 -36.13 2.96 33.68
CA HIS H 226 -35.24 1.85 33.95
C HIS H 226 -35.68 1.04 35.19
N ARG H 227 -35.88 1.72 36.30
CA ARG H 227 -36.22 1.04 37.58
C ARG H 227 -37.57 0.34 37.50
N THR H 228 -38.55 0.99 36.90
CA THR H 228 -39.91 0.41 36.82
C THR H 228 -39.93 -0.84 35.91
N ASN H 229 -39.26 -0.79 34.75
CA ASN H 229 -39.08 -2.02 33.92
C ASN H 229 -38.44 -3.20 34.69
N THR H 230 -37.37 -2.91 35.42
CA THR H 230 -36.60 -3.92 36.16
C THR H 230 -37.46 -4.53 37.28
N THR H 231 -38.18 -3.69 38.02
CA THR H 231 -39.07 -4.17 39.09
C THR H 231 -40.23 -5.00 38.51
N ILE H 232 -40.76 -4.61 37.35
CA ILE H 232 -41.74 -5.42 36.64
C ILE H 232 -41.16 -6.80 36.32
N LEU H 233 -39.93 -6.86 35.80
CA LEU H 233 -39.37 -8.16 35.45
C LEU H 233 -39.22 -9.10 36.68
N GLU H 234 -38.96 -8.50 37.85
CA GLU H 234 -38.88 -9.26 39.09
C GLU H 234 -40.18 -10.05 39.34
N GLY H 235 -41.33 -9.45 39.06
CA GLY H 235 -42.64 -10.14 39.10
C GLY H 235 -43.00 -10.99 37.89
N TYR H 236 -42.86 -10.38 36.71
CA TYR H 236 -43.23 -10.98 35.42
C TYR H 236 -42.39 -12.23 35.01
N ALA H 237 -41.07 -12.13 35.12
CA ALA H 237 -40.12 -13.16 34.70
C ALA H 237 -39.47 -13.95 35.84
N ALA H 238 -39.10 -13.28 36.94
CA ALA H 238 -38.36 -13.96 38.03
C ALA H 238 -39.22 -14.72 39.02
N GLU H 239 -40.39 -14.20 39.38
CA GLU H 239 -41.20 -14.77 40.46
C GLU H 239 -41.57 -16.27 40.27
N PRO H 240 -41.94 -16.71 39.05
CA PRO H 240 -42.22 -18.12 38.92
C PRO H 240 -41.00 -19.08 39.13
N SER H 241 -39.78 -18.54 39.10
CA SER H 241 -38.56 -19.31 39.41
C SER H 241 -38.04 -19.11 40.87
N ARG H 242 -38.84 -18.53 41.73
CA ARG H 242 -38.37 -18.08 43.06
C ARG H 242 -37.76 -19.21 43.90
N GLN H 243 -38.35 -20.40 43.87
CA GLN H 243 -37.85 -21.51 44.67
C GLN H 243 -36.76 -22.39 43.98
N THR H 244 -36.43 -22.15 42.71
CA THR H 244 -35.52 -23.04 41.98
C THR H 244 -34.14 -23.23 42.68
N LEU H 245 -33.51 -22.13 43.06
CA LEU H 245 -32.17 -22.21 43.67
C LEU H 245 -32.15 -22.95 45.00
N SER H 246 -33.19 -22.81 45.82
CA SER H 246 -33.19 -23.53 47.10
C SER H 246 -33.41 -25.04 46.92
N LYS H 247 -34.19 -25.44 45.92
CA LYS H 247 -34.29 -26.86 45.57
C LYS H 247 -32.97 -27.44 45.09
N ILE H 248 -32.26 -26.70 44.23
CA ILE H 248 -30.96 -27.15 43.72
C ILE H 248 -29.94 -27.26 44.86
N SER H 249 -29.87 -26.21 45.68
CA SER H 249 -28.92 -26.16 46.77
C SER H 249 -29.12 -27.34 47.75
N ASN H 250 -30.36 -27.65 48.08
CA ASN H 250 -30.66 -28.78 48.99
C ASN H 250 -30.38 -30.15 48.39
N ALA H 251 -30.70 -30.35 47.11
CA ALA H 251 -30.41 -31.60 46.44
C ALA H 251 -28.91 -31.90 46.41
N PHE H 252 -28.11 -30.87 46.13
CA PHE H 252 -26.65 -31.02 46.09
C PHE H 252 -26.00 -31.20 47.47
N LYS H 253 -26.51 -30.48 48.49
CA LYS H 253 -26.00 -30.64 49.86
C LYS H 253 -26.27 -32.07 50.41
N GLU H 254 -27.50 -32.57 50.23
CA GLU H 254 -27.85 -33.97 50.52
C GLU H 254 -26.84 -34.97 49.91
N ARG H 255 -26.38 -34.70 48.69
CA ARG H 255 -25.47 -35.58 47.98
C ARG H 255 -23.97 -35.27 48.20
N GLY H 256 -23.64 -34.39 49.16
CA GLY H 256 -22.30 -34.28 49.70
C GLY H 256 -21.51 -33.01 49.46
N THR H 257 -22.08 -31.99 48.79
CA THR H 257 -21.37 -30.72 48.57
C THR H 257 -21.14 -29.93 49.83
N LYS H 258 -20.01 -29.21 49.87
CA LYS H 258 -19.61 -28.37 51.02
C LYS H 258 -19.51 -26.88 50.67
N PHE H 259 -19.79 -26.51 49.42
CA PHE H 259 -19.74 -25.16 48.94
C PHE H 259 -21.15 -24.52 48.95
N ASP H 260 -21.18 -23.20 48.82
CA ASP H 260 -22.39 -22.43 48.76
C ASP H 260 -22.55 -22.00 47.29
N PHE H 261 -23.66 -22.36 46.63
CA PHE H 261 -23.84 -22.05 45.20
C PHE H 261 -23.69 -20.55 44.93
N ARG H 262 -23.03 -20.26 43.82
CA ARG H 262 -22.97 -18.91 43.26
C ARG H 262 -23.77 -18.91 41.93
N VAL H 263 -24.18 -17.71 41.49
CA VAL H 263 -24.96 -17.53 40.29
C VAL H 263 -24.38 -16.39 39.44
N MET H 264 -24.32 -16.59 38.12
CA MET H 264 -23.81 -15.55 37.21
C MET H 264 -24.76 -14.36 37.07
N ALA H 265 -24.27 -13.15 37.36
CA ALA H 265 -25.09 -11.95 37.32
C ALA H 265 -24.81 -11.15 36.04
N THR H 266 -25.60 -10.11 35.85
CA THR H 266 -25.62 -9.30 34.60
C THR H 266 -24.27 -8.64 34.27
N HIS H 267 -23.52 -8.27 35.30
CA HIS H 267 -22.24 -7.54 35.15
C HIS H 267 -21.03 -8.47 34.90
N GLY H 268 -21.24 -9.78 34.76
CA GLY H 268 -20.14 -10.70 34.49
C GLY H 268 -19.35 -11.22 35.69
N GLY H 269 -19.81 -10.90 36.91
CA GLY H 269 -19.32 -11.51 38.15
C GLY H 269 -20.48 -12.31 38.78
N THR H 270 -20.18 -13.13 39.79
CA THR H 270 -21.15 -13.98 40.43
C THR H 270 -21.65 -13.38 41.75
N ILE H 271 -22.85 -13.80 42.18
CA ILE H 271 -23.40 -13.46 43.49
C ILE H 271 -23.94 -14.73 44.21
N SER H 272 -24.27 -14.59 45.47
CA SER H 272 -24.87 -15.67 46.25
C SER H 272 -26.25 -16.12 45.73
N TRP H 273 -26.52 -17.41 45.80
CA TRP H 273 -27.84 -17.98 45.49
C TRP H 273 -28.96 -17.47 46.42
N LYS H 274 -28.60 -16.93 47.59
CA LYS H 274 -29.55 -16.37 48.54
C LYS H 274 -30.01 -14.94 48.23
N ALA H 275 -29.52 -14.32 47.16
CA ALA H 275 -29.98 -12.98 46.78
C ALA H 275 -31.50 -12.89 46.67
N LYS H 276 -32.05 -11.85 47.26
CA LYS H 276 -33.48 -11.53 47.20
C LYS H 276 -33.90 -11.04 45.79
N GLU H 277 -32.99 -10.40 45.07
CA GLU H 277 -33.30 -9.73 43.85
C GLU H 277 -32.91 -10.64 42.67
N LEU H 278 -33.87 -11.44 42.22
CA LEU H 278 -33.60 -12.47 41.22
C LEU H 278 -33.37 -11.98 39.81
N ALA H 279 -33.94 -10.82 39.46
CA ALA H 279 -33.71 -10.28 38.11
C ALA H 279 -32.23 -9.92 37.85
N ARG H 280 -31.42 -9.77 38.91
CA ARG H 280 -29.95 -9.66 38.76
C ARG H 280 -29.32 -10.83 38.01
N THR H 281 -29.99 -12.00 38.06
CA THR H 281 -29.54 -13.19 37.35
C THR H 281 -30.36 -13.58 36.11
N ILE H 282 -31.11 -12.63 35.58
CA ILE H 282 -32.03 -12.91 34.47
C ILE H 282 -31.34 -13.40 33.17
N VAL H 283 -30.11 -12.96 32.90
CA VAL H 283 -29.31 -13.46 31.79
C VAL H 283 -28.04 -14.22 32.23
N SER H 284 -28.15 -14.96 33.34
CA SER H 284 -27.03 -15.76 33.85
C SER H 284 -26.41 -16.63 32.77
N GLY H 285 -27.25 -17.37 32.05
CA GLY H 285 -26.78 -18.28 30.99
C GLY H 285 -26.01 -17.59 29.87
N PRO H 286 -26.62 -16.59 29.19
CA PRO H 286 -25.87 -15.91 28.14
C PRO H 286 -24.56 -15.25 28.62
N ILE H 287 -24.58 -14.65 29.82
CA ILE H 287 -23.37 -14.04 30.37
C ILE H 287 -22.28 -15.09 30.64
N GLY H 288 -22.67 -16.27 31.10
CA GLY H 288 -21.73 -17.38 31.19
C GLY H 288 -21.05 -17.66 29.86
N GLY H 289 -21.85 -17.72 28.80
CA GLY H 289 -21.32 -17.86 27.43
C GLY H 289 -20.26 -16.81 27.04
N VAL H 290 -20.54 -15.55 27.34
CA VAL H 290 -19.59 -14.44 27.02
C VAL H 290 -18.26 -14.57 27.80
N ILE H 291 -18.37 -14.90 29.07
CA ILE H 291 -17.17 -15.15 29.89
C ILE H 291 -16.30 -16.28 29.34
N GLY H 292 -16.97 -17.36 28.90
CA GLY H 292 -16.33 -18.45 28.20
C GLY H 292 -15.63 -18.01 26.93
N ALA H 293 -16.32 -17.22 26.12
CA ALA H 293 -15.75 -16.71 24.87
C ALA H 293 -14.52 -15.83 25.13
N LYS H 294 -14.61 -14.98 26.14
CA LYS H 294 -13.49 -14.09 26.49
C LYS H 294 -12.26 -14.89 26.93
N TYR H 295 -12.50 -15.93 27.74
CA TYR H 295 -11.43 -16.80 28.22
C TYR H 295 -10.78 -17.57 27.07
N LEU H 296 -11.59 -18.23 26.25
CA LEU H 296 -11.08 -18.92 25.06
C LEU H 296 -10.29 -17.98 24.16
N GLY H 297 -10.82 -16.80 23.93
CA GLY H 297 -10.18 -15.76 23.12
C GLY H 297 -8.82 -15.30 23.67
N GLU H 298 -8.73 -15.13 24.98
CA GLU H 298 -7.45 -14.82 25.63
C GLU H 298 -6.40 -15.92 25.47
N VAL H 299 -6.81 -17.17 25.60
CA VAL H 299 -5.87 -18.29 25.45
C VAL H 299 -5.35 -18.39 24.01
N LEU H 300 -6.23 -18.24 23.02
CA LEU H 300 -5.85 -18.43 21.60
C LEU H 300 -5.49 -17.17 20.77
N GLY H 301 -5.71 -15.96 21.30
CA GLY H 301 -5.36 -14.73 20.57
C GLY H 301 -6.49 -14.10 19.76
N TYR H 302 -7.76 -14.45 20.01
CA TYR H 302 -8.90 -13.76 19.37
C TYR H 302 -9.32 -12.55 20.22
N LYS H 303 -9.15 -11.33 19.68
CA LYS H 303 -9.46 -10.09 20.36
C LYS H 303 -10.87 -9.55 20.08
N ASN H 304 -11.37 -9.76 18.87
CA ASN H 304 -12.67 -9.27 18.46
C ASN H 304 -13.58 -10.41 18.12
N ILE H 305 -14.56 -10.67 19.00
CA ILE H 305 -15.42 -11.86 18.89
C ILE H 305 -16.88 -11.46 18.89
N ALA H 306 -17.62 -11.95 17.88
CA ALA H 306 -19.05 -11.87 17.86
C ALA H 306 -19.63 -13.23 18.35
N CYS H 307 -20.15 -13.22 19.57
CA CYS H 307 -20.75 -14.38 20.21
C CYS H 307 -22.15 -14.60 19.71
N SER H 308 -22.53 -15.84 19.46
CA SER H 308 -23.84 -16.17 18.96
C SER H 308 -24.28 -17.58 19.43
N ASP H 309 -25.51 -17.67 19.94
CA ASP H 309 -26.02 -18.88 20.61
C ASP H 309 -27.49 -19.07 20.32
N ILE H 310 -27.86 -20.21 19.74
CA ILE H 310 -29.28 -20.59 19.59
C ILE H 310 -29.60 -21.76 20.54
N GLY H 311 -30.73 -21.65 21.24
CA GLY H 311 -31.31 -22.78 21.98
C GLY H 311 -32.73 -23.08 21.49
N GLY H 312 -33.50 -23.74 22.33
CA GLY H 312 -34.91 -24.04 22.01
C GLY H 312 -35.81 -22.82 21.91
N THR H 313 -35.44 -21.75 22.63
CA THR H 313 -36.32 -20.57 22.75
C THR H 313 -35.70 -19.22 22.28
N SER H 314 -34.41 -18.99 22.57
CA SER H 314 -33.76 -17.70 22.28
C SER H 314 -32.50 -17.78 21.41
N PHE H 315 -32.19 -16.65 20.78
CA PHE H 315 -30.95 -16.38 20.06
C PHE H 315 -30.32 -15.21 20.80
N ASP H 316 -29.10 -15.43 21.30
CA ASP H 316 -28.36 -14.46 22.11
C ASP H 316 -27.09 -14.08 21.35
N VAL H 317 -26.77 -12.78 21.33
CA VAL H 317 -25.60 -12.26 20.69
C VAL H 317 -24.87 -11.24 21.60
N ALA H 318 -23.55 -11.15 21.43
CA ALA H 318 -22.72 -10.25 22.24
C ALA H 318 -21.41 -9.99 21.54
N LEU H 319 -20.81 -8.83 21.79
CA LEU H 319 -19.54 -8.46 21.20
C LEU H 319 -18.46 -8.31 22.24
N ILE H 320 -17.30 -8.91 21.98
CA ILE H 320 -16.06 -8.65 22.71
C ILE H 320 -15.16 -7.89 21.74
N THR H 321 -14.65 -6.71 22.15
CA THR H 321 -13.81 -5.87 21.27
C THR H 321 -12.51 -5.53 22.00
N GLN H 322 -11.38 -5.65 21.28
CA GLN H 322 -10.02 -5.52 21.83
C GLN H 322 -9.85 -6.26 23.16
N GLY H 323 -10.32 -7.49 23.18
CA GLY H 323 -10.22 -8.38 24.34
C GLY H 323 -11.09 -8.06 25.54
N GLU H 324 -11.92 -7.01 25.48
CA GLU H 324 -12.72 -6.58 26.63
C GLU H 324 -14.20 -6.75 26.42
N MET H 325 -14.89 -7.12 27.50
CA MET H 325 -16.35 -6.95 27.57
C MET H 325 -16.52 -5.52 28.02
N THR H 326 -17.60 -4.90 27.59
CA THR H 326 -17.91 -3.53 27.97
C THR H 326 -19.12 -3.60 28.90
N ILE H 327 -18.93 -3.25 30.17
CA ILE H 327 -20.05 -3.23 31.13
C ILE H 327 -20.71 -1.87 31.08
N LYS H 328 -22.00 -1.82 30.81
CA LYS H 328 -22.72 -0.58 30.62
C LYS H 328 -23.69 -0.38 31.80
N ASN H 329 -23.65 0.79 32.46
CA ASN H 329 -24.65 1.16 33.48
C ASN H 329 -25.90 1.65 32.80
N ASP H 330 -27.04 1.43 33.43
CA ASP H 330 -28.34 1.80 32.82
C ASP H 330 -28.43 1.36 31.33
N PRO H 331 -28.29 0.06 31.09
CA PRO H 331 -28.25 -0.48 29.73
C PRO H 331 -29.66 -0.70 29.16
N ASP H 332 -29.70 -1.26 27.96
CA ASP H 332 -30.95 -1.84 27.43
C ASP H 332 -30.76 -3.28 26.98
N MET H 333 -31.83 -4.03 27.00
CA MET H 333 -31.87 -5.42 26.54
C MET H 333 -33.31 -5.82 26.20
N ALA H 334 -33.48 -6.60 25.12
CA ALA H 334 -34.81 -6.95 24.61
C ALA H 334 -35.71 -5.73 24.41
N ARG H 335 -35.08 -4.64 23.99
CA ARG H 335 -35.74 -3.35 23.72
C ARG H 335 -36.37 -2.72 24.98
N LEU H 336 -35.81 -3.02 26.16
CA LEU H 336 -36.26 -2.49 27.43
C LEU H 336 -35.08 -1.75 28.12
N VAL H 337 -35.28 -0.52 28.56
CA VAL H 337 -34.31 0.13 29.45
C VAL H 337 -34.35 -0.53 30.84
N LEU H 338 -33.18 -0.82 31.42
CA LEU H 338 -33.07 -1.58 32.68
C LEU H 338 -32.03 -0.97 33.63
N SER H 339 -32.13 -1.34 34.93
CA SER H 339 -31.27 -0.77 35.96
C SER H 339 -30.07 -1.66 36.36
N LEU H 340 -29.89 -2.79 35.67
CA LEU H 340 -28.89 -3.79 36.03
C LEU H 340 -27.61 -3.52 35.20
N PRO H 341 -26.44 -3.31 35.84
CA PRO H 341 -25.25 -3.14 34.99
C PRO H 341 -24.97 -4.41 34.16
N LEU H 342 -24.80 -4.22 32.86
CA LEU H 342 -24.86 -5.30 31.88
C LEU H 342 -23.71 -5.30 30.90
N VAL H 343 -23.08 -6.45 30.78
CA VAL H 343 -22.14 -6.74 29.71
C VAL H 343 -22.94 -6.57 28.40
N ALA H 344 -22.35 -5.96 27.40
CA ALA H 344 -23.11 -5.67 26.17
C ALA H 344 -23.57 -6.94 25.42
N MET H 345 -24.88 -7.23 25.49
CA MET H 345 -25.46 -8.40 24.83
C MET H 345 -26.92 -8.08 24.47
N ASP H 346 -27.54 -8.93 23.65
CA ASP H 346 -28.98 -8.83 23.44
C ASP H 346 -29.55 -10.21 23.13
N SER H 347 -30.87 -10.34 23.21
CA SER H 347 -31.53 -11.63 23.01
C SER H 347 -32.94 -11.44 22.42
N VAL H 348 -33.33 -12.37 21.53
CA VAL H 348 -34.63 -12.33 20.85
C VAL H 348 -35.28 -13.74 20.86
N GLY H 349 -36.60 -13.77 20.80
CA GLY H 349 -37.37 -15.01 20.72
C GLY H 349 -37.39 -15.70 19.37
N ALA H 350 -36.35 -16.46 19.10
CA ALA H 350 -36.24 -17.22 17.87
C ALA H 350 -35.35 -18.41 18.22
N GLY H 351 -35.90 -19.62 18.13
CA GLY H 351 -35.16 -20.84 18.52
C GLY H 351 -35.70 -22.09 17.86
N ALA H 352 -35.11 -23.24 18.19
CA ALA H 352 -35.48 -24.51 17.53
C ALA H 352 -36.88 -25.03 17.91
N GLY H 353 -37.46 -24.48 18.98
CA GLY H 353 -38.83 -24.82 19.41
C GLY H 353 -39.89 -23.78 19.02
N SER H 354 -39.50 -22.69 18.35
CA SER H 354 -40.43 -21.63 18.00
C SER H 354 -41.62 -22.17 17.17
N PHE H 355 -42.84 -21.81 17.56
CA PHE H 355 -44.05 -22.18 16.83
C PHE H 355 -44.13 -21.49 15.46
N ILE H 356 -44.72 -22.16 14.48
CA ILE H 356 -44.93 -21.64 13.13
C ILE H 356 -46.46 -21.55 12.92
N ARG H 357 -46.95 -20.37 12.58
CA ARG H 357 -48.40 -20.12 12.39
C ARG H 357 -48.66 -19.29 11.14
N LEU H 358 -49.77 -19.55 10.48
CA LEU H 358 -50.23 -18.70 9.38
C LEU H 358 -51.23 -17.65 9.83
N ASP H 359 -51.07 -16.42 9.37
CA ASP H 359 -52.07 -15.37 9.61
C ASP H 359 -53.42 -15.84 9.00
N PRO H 360 -54.53 -15.78 9.78
CA PRO H 360 -55.80 -16.28 9.23
C PRO H 360 -56.33 -15.53 8.00
N TYR H 361 -55.97 -14.26 7.83
CA TYR H 361 -56.42 -13.41 6.70
C TYR H 361 -55.42 -13.32 5.54
N THR H 362 -54.14 -13.08 5.82
CA THR H 362 -53.13 -12.92 4.77
C THR H 362 -52.34 -14.19 4.41
N ARG H 363 -52.43 -15.21 5.26
CA ARG H 363 -51.57 -16.42 5.17
C ARG H 363 -50.04 -16.15 5.28
N ALA H 364 -49.65 -14.99 5.82
CA ALA H 364 -48.24 -14.73 6.13
C ALA H 364 -47.73 -15.73 7.17
N ILE H 365 -46.49 -16.15 7.02
CA ILE H 365 -45.87 -17.04 7.99
C ILE H 365 -45.33 -16.22 9.16
N LYS H 366 -45.65 -16.61 10.38
CA LYS H 366 -45.14 -15.98 11.59
C LYS H 366 -44.37 -17.01 12.46
N LEU H 367 -43.13 -16.70 12.83
CA LEU H 367 -42.26 -17.54 13.64
C LEU H 367 -42.20 -17.03 15.07
N GLY H 368 -42.59 -17.83 16.04
CA GLY H 368 -42.54 -17.38 17.45
C GLY H 368 -43.45 -16.20 17.73
N PRO H 369 -43.11 -15.33 18.70
CA PRO H 369 -41.88 -15.43 19.54
C PRO H 369 -41.93 -16.56 20.60
N ASP H 370 -43.10 -17.16 20.81
CA ASP H 370 -43.24 -18.29 21.75
C ASP H 370 -42.77 -19.63 21.14
N SER H 371 -42.46 -20.56 22.04
CA SER H 371 -41.78 -21.82 21.74
C SER H 371 -42.37 -22.98 22.54
N ALA H 372 -42.28 -24.17 21.98
CA ALA H 372 -42.60 -25.41 22.71
C ALA H 372 -41.61 -25.73 23.86
N GLY H 373 -40.41 -25.14 23.83
CA GLY H 373 -39.39 -25.40 24.87
C GLY H 373 -39.04 -26.89 24.98
N TYR H 374 -39.04 -27.40 26.22
CA TYR H 374 -38.69 -28.80 26.49
C TYR H 374 -39.62 -29.81 25.80
N ARG H 375 -40.81 -29.38 25.37
CA ARG H 375 -41.75 -30.25 24.66
C ARG H 375 -41.51 -30.43 23.15
N VAL H 376 -40.56 -29.67 22.58
CA VAL H 376 -39.95 -29.92 21.25
C VAL H 376 -40.82 -29.54 20.06
N GLY H 377 -41.93 -30.27 19.89
CA GLY H 377 -42.78 -30.12 18.73
C GLY H 377 -43.73 -31.30 18.56
N VAL H 378 -44.41 -31.33 17.43
CA VAL H 378 -45.41 -32.36 17.13
C VAL H 378 -44.74 -33.74 17.03
N CYS H 379 -43.47 -33.76 16.58
CA CYS H 379 -42.69 -35.01 16.45
C CYS H 379 -42.52 -35.81 17.76
N TRP H 380 -42.59 -35.16 18.93
CA TRP H 380 -42.57 -35.91 20.21
C TRP H 380 -44.02 -36.24 20.58
N LYS H 381 -44.44 -37.49 20.35
CA LYS H 381 -45.90 -37.81 20.46
C LYS H 381 -46.48 -37.61 21.87
N GLU H 382 -45.66 -37.84 22.90
CA GLU H 382 -46.06 -37.67 24.28
C GLU H 382 -46.01 -36.22 24.78
N SER H 383 -45.55 -35.26 23.97
CA SER H 383 -45.52 -33.86 24.37
C SER H 383 -46.88 -33.19 24.51
N GLY H 384 -47.83 -33.63 23.71
CA GLY H 384 -49.12 -33.02 23.61
C GLY H 384 -49.13 -31.75 22.80
N ILE H 385 -48.04 -31.45 22.07
CA ILE H 385 -47.97 -30.24 21.24
C ILE H 385 -48.75 -30.50 19.95
N GLU H 386 -49.61 -29.56 19.58
CA GLU H 386 -50.43 -29.65 18.35
C GLU H 386 -49.98 -28.71 17.24
N THR H 387 -49.31 -27.62 17.58
CA THR H 387 -48.86 -26.62 16.61
C THR H 387 -47.42 -26.92 16.17
N VAL H 388 -47.18 -26.94 14.86
CA VAL H 388 -45.81 -27.24 14.38
C VAL H 388 -44.76 -26.25 14.85
N THR H 389 -43.53 -26.75 15.02
CA THR H 389 -42.39 -25.93 15.41
C THR H 389 -41.25 -26.06 14.42
N ILE H 390 -40.20 -25.25 14.63
CA ILE H 390 -38.96 -25.36 13.84
C ILE H 390 -38.36 -26.77 13.92
N SER H 391 -38.46 -27.43 15.06
CA SER H 391 -37.96 -28.80 15.19
C SER H 391 -38.66 -29.78 14.23
N ASP H 392 -39.95 -29.57 14.00
CA ASP H 392 -40.69 -30.33 12.99
C ASP H 392 -40.15 -30.13 11.57
N CYS H 393 -39.73 -28.89 11.24
CA CYS H 393 -39.04 -28.63 9.97
C CYS H 393 -37.69 -29.34 9.90
N HIS H 394 -36.92 -29.34 10.98
CA HIS H 394 -35.64 -30.08 11.08
C HIS H 394 -35.82 -31.56 10.77
N MET H 395 -36.93 -32.15 11.26
CA MET H 395 -37.22 -33.58 10.98
C MET H 395 -37.47 -33.81 9.49
N VAL H 396 -38.35 -33.01 8.90
CA VAL H 396 -38.67 -33.12 7.46
C VAL H 396 -37.41 -33.00 6.58
N LEU H 397 -36.61 -31.98 6.86
CA LEU H 397 -35.49 -31.63 6.01
C LEU H 397 -34.22 -32.46 6.21
N GLY H 398 -34.16 -33.30 7.26
CA GLY H 398 -32.98 -34.07 7.60
C GLY H 398 -31.85 -33.32 8.32
N TYR H 399 -32.16 -32.19 8.95
CA TYR H 399 -31.18 -31.47 9.75
C TYR H 399 -30.78 -32.25 11.01
N LEU H 400 -31.78 -32.85 11.67
CA LEU H 400 -31.54 -33.61 12.91
C LEU H 400 -31.94 -35.06 12.78
N ASN H 401 -31.36 -35.88 13.64
CA ASN H 401 -31.56 -37.33 13.67
C ASN H 401 -32.73 -37.69 14.59
N PRO H 402 -33.84 -38.19 14.00
CA PRO H 402 -35.01 -38.65 14.82
C PRO H 402 -34.67 -39.67 15.91
N ASP H 403 -33.62 -40.47 15.66
CA ASP H 403 -33.26 -41.57 16.54
C ASP H 403 -32.18 -41.29 17.54
N ASN H 404 -31.65 -40.08 17.57
CA ASN H 404 -30.62 -39.75 18.54
C ASN H 404 -30.81 -38.32 19.13
N PHE H 405 -32.04 -38.03 19.49
CA PHE H 405 -32.40 -36.74 20.07
C PHE H 405 -32.25 -36.92 21.58
N LEU H 406 -31.52 -35.99 22.18
CA LEU H 406 -31.76 -35.68 23.65
C LEU H 406 -31.16 -36.85 24.41
N GLY H 407 -29.99 -37.28 23.94
CA GLY H 407 -29.28 -38.39 24.55
C GLY H 407 -29.96 -39.74 24.46
N GLY H 408 -30.94 -39.88 23.56
CA GLY H 408 -31.78 -41.09 23.49
C GLY H 408 -33.07 -41.03 24.29
N ALA H 409 -33.31 -39.96 25.05
CA ALA H 409 -34.37 -39.96 26.10
C ALA H 409 -35.78 -39.79 25.51
N VAL H 410 -35.86 -39.19 24.30
CA VAL H 410 -37.09 -38.90 23.60
C VAL H 410 -36.89 -39.48 22.20
N LYS H 411 -37.79 -40.40 21.81
CA LYS H 411 -37.89 -40.82 20.40
C LYS H 411 -38.80 -39.84 19.63
N LEU H 412 -38.32 -39.31 18.51
CA LEU H 412 -39.11 -38.43 17.63
C LEU H 412 -39.57 -39.17 16.36
N ASP H 413 -40.76 -38.83 15.88
CA ASP H 413 -41.41 -39.49 14.74
C ASP H 413 -41.52 -38.48 13.57
N ARG H 414 -40.69 -38.65 12.55
CA ARG H 414 -40.67 -37.77 11.38
C ARG H 414 -42.04 -37.69 10.68
N GLN H 415 -42.74 -38.82 10.60
CA GLN H 415 -44.04 -38.87 9.95
C GLN H 415 -45.06 -37.93 10.62
N ARG H 416 -45.03 -37.80 11.95
CA ARG H 416 -45.88 -36.82 12.63
C ARG H 416 -45.59 -35.37 12.21
N SER H 417 -44.33 -35.04 11.97
CA SER H 417 -43.92 -33.71 11.48
C SER H 417 -44.42 -33.52 10.04
N VAL H 418 -44.27 -34.55 9.20
CA VAL H 418 -44.75 -34.51 7.81
C VAL H 418 -46.25 -34.21 7.77
N ASP H 419 -47.05 -35.00 8.48
CA ASP H 419 -48.51 -34.86 8.48
C ASP H 419 -48.98 -33.47 8.96
N ALA H 420 -48.38 -32.97 10.05
CA ALA H 420 -48.78 -31.71 10.67
C ALA H 420 -48.35 -30.49 9.85
N ILE H 421 -47.14 -30.53 9.28
CA ILE H 421 -46.71 -29.48 8.35
C ILE H 421 -47.64 -29.46 7.11
N LYS H 422 -48.00 -30.64 6.60
CA LYS H 422 -48.91 -30.72 5.45
C LYS H 422 -50.24 -30.03 5.72
N ALA H 423 -50.84 -30.33 6.88
CA ALA H 423 -52.15 -29.78 7.23
C ALA H 423 -52.11 -28.28 7.57
N GLN H 424 -51.10 -27.84 8.31
CA GLN H 424 -51.06 -26.49 8.88
C GLN H 424 -50.43 -25.43 7.97
N ILE H 425 -49.39 -25.81 7.23
CA ILE H 425 -48.56 -24.86 6.47
C ILE H 425 -48.60 -25.13 4.94
N ALA H 426 -48.30 -26.36 4.53
CA ALA H 426 -48.07 -26.66 3.10
C ALA H 426 -49.35 -26.63 2.22
N ASP H 427 -50.38 -27.38 2.62
CA ASP H 427 -51.64 -27.39 1.84
C ASP H 427 -52.28 -25.98 1.72
N PRO H 428 -52.39 -25.19 2.82
CA PRO H 428 -52.93 -23.82 2.74
C PRO H 428 -52.17 -22.86 1.83
N LEU H 429 -50.86 -23.04 1.72
CA LEU H 429 -50.01 -22.24 0.84
C LEU H 429 -49.83 -22.83 -0.56
N GLY H 430 -50.39 -23.99 -0.87
CA GLY H 430 -50.16 -24.61 -2.18
C GLY H 430 -48.72 -25.07 -2.43
N LEU H 431 -48.03 -25.52 -1.37
CA LEU H 431 -46.63 -25.99 -1.45
C LEU H 431 -46.53 -27.48 -1.10
N SER H 432 -45.49 -28.14 -1.61
CA SER H 432 -45.10 -29.47 -1.11
C SER H 432 -44.66 -29.35 0.37
N VAL H 433 -44.70 -30.46 1.11
CA VAL H 433 -44.28 -30.44 2.52
C VAL H 433 -42.82 -29.96 2.67
N GLU H 434 -41.91 -30.46 1.83
CA GLU H 434 -40.48 -30.09 1.95
C GLU H 434 -40.23 -28.64 1.53
N ASP H 435 -40.98 -28.10 0.57
CA ASP H 435 -40.84 -26.67 0.24
C ASP H 435 -41.39 -25.74 1.30
N ALA H 436 -42.46 -26.15 1.96
CA ALA H 436 -43.00 -25.41 3.11
C ALA H 436 -41.95 -25.37 4.26
N ALA H 437 -41.42 -26.52 4.61
CA ALA H 437 -40.38 -26.61 5.67
C ALA H 437 -39.09 -25.83 5.29
N ALA H 438 -38.63 -25.97 4.04
CA ALA H 438 -37.45 -25.25 3.55
C ALA H 438 -37.65 -23.74 3.55
N GLY H 439 -38.87 -23.32 3.21
CA GLY H 439 -39.25 -21.89 3.22
C GLY H 439 -39.27 -21.30 4.63
N VAL H 440 -39.74 -22.08 5.61
CA VAL H 440 -39.64 -21.69 7.03
C VAL H 440 -38.19 -21.52 7.45
N ILE H 441 -37.33 -22.45 7.09
CA ILE H 441 -35.92 -22.39 7.47
C ILE H 441 -35.19 -21.21 6.76
N GLU H 442 -35.56 -20.93 5.51
CA GLU H 442 -35.08 -19.69 4.82
C GLU H 442 -35.45 -18.42 5.60
N LEU H 443 -36.66 -18.34 6.12
CA LEU H 443 -37.10 -17.21 6.92
C LEU H 443 -36.30 -17.09 8.24
N LEU H 444 -36.15 -18.21 8.95
CA LEU H 444 -35.33 -18.22 10.17
C LEU H 444 -33.86 -17.81 9.92
N ASP H 445 -33.21 -18.41 8.92
CA ASP H 445 -31.79 -18.10 8.61
C ASP H 445 -31.61 -16.58 8.38
N SER H 446 -32.54 -16.01 7.61
CA SER H 446 -32.51 -14.59 7.27
C SER H 446 -32.77 -13.66 8.51
N ASP H 447 -33.73 -14.04 9.36
CA ASP H 447 -33.99 -13.35 10.62
C ASP H 447 -32.78 -13.34 11.56
N LEU H 448 -32.19 -14.50 11.78
CA LEU H 448 -30.99 -14.61 12.64
C LEU H 448 -29.80 -13.81 12.06
N ARG H 449 -29.60 -13.93 10.74
CA ARG H 449 -28.55 -13.21 10.03
C ARG H 449 -28.68 -11.68 10.25
N ASP H 450 -29.90 -11.17 10.07
CA ASP H 450 -30.17 -9.72 10.24
C ASP H 450 -29.97 -9.28 11.71
N TYR H 451 -30.35 -10.12 12.67
CA TYR H 451 -30.20 -9.78 14.09
C TYR H 451 -28.72 -9.68 14.50
N LEU H 452 -27.90 -10.64 14.08
CA LEU H 452 -26.45 -10.63 14.31
C LEU H 452 -25.78 -9.39 13.64
N ARG H 453 -26.07 -9.19 12.35
CA ARG H 453 -25.57 -8.03 11.61
C ARG H 453 -25.96 -6.70 12.29
N SER H 454 -27.17 -6.61 12.82
CA SER H 454 -27.63 -5.38 13.46
C SER H 454 -26.88 -5.03 14.75
N MET H 455 -26.56 -6.03 15.56
CA MET H 455 -25.76 -5.83 16.76
C MET H 455 -24.36 -5.27 16.39
N ILE H 456 -23.74 -5.82 15.34
CA ILE H 456 -22.41 -5.40 14.88
C ILE H 456 -22.46 -3.93 14.33
N SER H 457 -23.45 -3.67 13.47
CA SER H 457 -23.63 -2.36 12.88
C SER H 457 -24.02 -1.26 13.87
N GLY H 458 -24.74 -1.60 14.93
CA GLY H 458 -25.09 -0.63 15.99
C GLY H 458 -23.86 -0.04 16.72
N LYS H 459 -22.76 -0.79 16.77
CA LYS H 459 -21.46 -0.26 17.25
C LYS H 459 -20.60 0.38 16.16
N GLY H 460 -21.05 0.36 14.90
CA GLY H 460 -20.37 1.02 13.80
C GLY H 460 -19.46 0.15 12.96
N TYR H 461 -19.26 -1.10 13.41
CA TYR H 461 -18.38 -2.05 12.70
C TYR H 461 -19.08 -2.68 11.50
N SER H 462 -18.27 -3.35 10.69
CA SER H 462 -18.72 -4.34 9.73
C SER H 462 -18.34 -5.74 10.28
N PRO H 463 -19.05 -6.82 9.90
CA PRO H 463 -18.66 -8.15 10.38
C PRO H 463 -17.21 -8.59 10.07
N ALA H 464 -16.59 -8.01 9.03
CA ALA H 464 -15.18 -8.31 8.71
C ALA H 464 -14.19 -7.99 9.82
N SER H 465 -14.55 -7.10 10.74
CA SER H 465 -13.73 -6.80 11.91
C SER H 465 -13.76 -7.88 13.01
N PHE H 466 -14.60 -8.91 12.85
CA PHE H 466 -14.80 -9.94 13.88
C PHE H 466 -14.59 -11.37 13.42
N VAL H 467 -14.32 -12.23 14.41
CA VAL H 467 -14.46 -13.67 14.28
C VAL H 467 -15.82 -14.02 14.96
N CYS H 468 -16.65 -14.85 14.33
CA CYS H 468 -17.91 -15.32 14.98
C CYS H 468 -17.67 -16.64 15.72
N PHE H 469 -18.09 -16.72 16.99
CA PHE H 469 -18.21 -17.97 17.75
C PHE H 469 -19.72 -18.37 17.76
N SER H 470 -20.02 -19.60 17.35
CA SER H 470 -21.37 -20.14 17.28
C SER H 470 -21.48 -21.33 18.23
N TYR H 471 -22.33 -21.23 19.25
CA TYR H 471 -22.45 -22.25 20.30
C TYR H 471 -23.90 -22.39 20.80
N GLY H 472 -24.08 -23.06 21.93
CA GLY H 472 -25.41 -23.52 22.37
C GLY H 472 -25.80 -24.80 21.68
N GLY H 473 -26.82 -25.48 22.19
CA GLY H 473 -27.31 -26.71 21.56
C GLY H 473 -27.67 -26.60 20.07
N ALA H 474 -28.34 -25.52 19.71
CA ALA H 474 -28.85 -25.32 18.31
C ALA H 474 -28.04 -24.34 17.47
N GLY H 475 -27.07 -23.63 18.06
CA GLY H 475 -26.21 -22.72 17.29
C GLY H 475 -25.62 -23.32 16.02
N PRO H 476 -24.91 -24.46 16.15
CA PRO H 476 -24.32 -25.17 15.00
C PRO H 476 -25.33 -25.74 13.97
N VAL H 477 -26.61 -25.77 14.29
CA VAL H 477 -27.65 -26.25 13.35
C VAL H 477 -27.86 -25.21 12.24
N HIS H 478 -27.64 -23.93 12.57
CA HIS H 478 -27.87 -22.80 11.64
C HIS H 478 -26.69 -21.87 11.37
N THR H 479 -25.50 -22.16 11.91
CA THR H 479 -24.30 -21.34 11.63
C THR H 479 -24.13 -21.00 10.13
N TYR H 480 -24.26 -22.01 9.26
CA TYR H 480 -24.10 -21.86 7.80
C TYR H 480 -25.00 -20.70 7.28
N GLY H 481 -26.20 -20.59 7.85
CA GLY H 481 -27.25 -19.67 7.37
C GLY H 481 -27.15 -18.29 7.94
N TYR H 482 -26.92 -18.19 9.24
CA TYR H 482 -26.87 -16.87 9.89
C TYR H 482 -25.56 -16.13 9.73
N THR H 483 -24.50 -16.82 9.26
CA THR H 483 -23.24 -16.14 8.84
C THR H 483 -23.04 -15.98 7.32
N GLU H 484 -23.93 -16.57 6.49
CA GLU H 484 -23.75 -16.57 5.03
C GLU H 484 -23.58 -15.17 4.41
N GLY H 485 -22.45 -14.95 3.75
CA GLY H 485 -22.19 -13.73 3.03
C GLY H 485 -21.90 -12.51 3.88
N LEU H 486 -21.80 -12.64 5.21
CA LEU H 486 -21.54 -11.48 6.07
C LEU H 486 -20.08 -11.03 6.03
N GLY H 487 -19.16 -11.91 5.64
CA GLY H 487 -17.73 -11.58 5.51
C GLY H 487 -16.92 -11.61 6.82
N PHE H 488 -17.34 -12.40 7.80
CA PHE H 488 -16.57 -12.56 9.04
C PHE H 488 -15.11 -12.98 8.73
N GLU H 489 -14.15 -12.56 9.53
CA GLU H 489 -12.74 -12.98 9.35
C GLU H 489 -12.65 -14.52 9.44
N ASP H 490 -13.38 -15.12 10.36
CA ASP H 490 -13.52 -16.58 10.45
C ASP H 490 -14.83 -16.87 11.21
N VAL H 491 -15.29 -18.12 11.12
CA VAL H 491 -16.51 -18.58 11.75
C VAL H 491 -16.20 -19.92 12.44
N ILE H 492 -16.39 -19.97 13.76
CA ILE H 492 -15.88 -21.02 14.62
C ILE H 492 -17.00 -21.67 15.43
N VAL H 493 -17.03 -23.01 15.40
CA VAL H 493 -17.94 -23.82 16.22
C VAL H 493 -17.09 -24.67 17.17
N PRO H 494 -17.07 -24.36 18.49
CA PRO H 494 -16.32 -25.21 19.42
C PRO H 494 -16.99 -26.60 19.55
N ALA H 495 -16.21 -27.67 19.64
CA ALA H 495 -16.79 -29.03 19.78
C ALA H 495 -17.67 -29.20 21.02
N TRP H 496 -17.39 -28.39 22.06
CA TRP H 496 -18.18 -28.38 23.31
C TRP H 496 -19.31 -27.31 23.29
N ALA H 497 -19.81 -26.96 22.09
CA ALA H 497 -20.87 -25.94 21.90
C ALA H 497 -22.06 -26.05 22.84
N ALA H 498 -22.56 -27.26 23.05
CA ALA H 498 -23.75 -27.45 23.88
C ALA H 498 -23.52 -27.02 25.34
N GLY H 499 -22.31 -27.25 25.84
CA GLY H 499 -21.93 -26.89 27.22
C GLY H 499 -21.16 -25.56 27.33
N PHE H 500 -21.27 -24.66 26.34
CA PHE H 500 -20.39 -23.47 26.31
C PHE H 500 -20.66 -22.47 27.44
N SER H 501 -21.92 -22.28 27.83
CA SER H 501 -22.27 -21.40 28.95
C SER H 501 -21.85 -22.00 30.29
N ALA H 502 -21.99 -23.33 30.41
CA ALA H 502 -21.52 -24.03 31.61
C ALA H 502 -19.98 -23.95 31.76
N PHE H 503 -19.27 -24.07 30.63
CA PHE H 503 -17.82 -23.82 30.50
C PHE H 503 -17.46 -22.41 31.03
N GLY H 504 -18.20 -21.40 30.61
CA GLY H 504 -17.94 -20.07 31.07
C GLY H 504 -18.12 -19.89 32.57
N CYS H 505 -19.21 -20.47 33.11
CA CYS H 505 -19.41 -20.45 34.54
C CYS H 505 -18.25 -21.09 35.32
N ALA H 506 -17.70 -22.20 34.80
CA ALA H 506 -16.56 -22.87 35.43
C ALA H 506 -15.25 -22.05 35.33
N ALA H 507 -15.08 -21.30 34.25
CA ALA H 507 -13.91 -20.46 34.05
C ALA H 507 -13.97 -19.10 34.78
N ALA H 508 -15.09 -18.75 35.39
CA ALA H 508 -15.19 -17.52 36.18
C ALA H 508 -14.26 -17.56 37.42
N ASP H 509 -13.65 -16.44 37.75
CA ASP H 509 -12.89 -16.30 38.99
C ASP H 509 -13.79 -16.62 40.20
N PHE H 510 -13.22 -17.24 41.23
CA PHE H 510 -13.93 -17.54 42.48
C PHE H 510 -13.79 -16.27 43.33
N GLU H 511 -14.74 -15.36 43.13
CA GLU H 511 -14.68 -14.01 43.65
C GLU H 511 -16.04 -13.62 44.25
N TYR H 512 -16.03 -13.02 45.43
CA TYR H 512 -17.21 -12.32 45.98
C TYR H 512 -16.93 -10.83 46.05
N ARG H 513 -17.97 -10.04 45.78
CA ARG H 513 -17.89 -8.58 45.73
C ARG H 513 -19.07 -7.93 46.45
N TYR H 514 -18.78 -6.91 47.24
CA TYR H 514 -19.80 -6.09 47.92
C TYR H 514 -19.52 -4.60 47.74
N ASP H 515 -20.61 -3.83 47.68
CA ASP H 515 -20.61 -2.38 47.43
C ASP H 515 -21.38 -1.65 48.49
N LYS H 516 -21.04 -0.38 48.69
CA LYS H 516 -21.77 0.51 49.59
C LYS H 516 -21.67 1.94 49.07
N SER H 517 -22.79 2.68 49.04
CA SER H 517 -22.72 4.07 48.58
C SER H 517 -22.21 4.99 49.69
N LEU H 518 -21.63 6.09 49.26
CA LEU H 518 -21.00 7.10 50.12
C LEU H 518 -21.33 8.48 49.54
N ASP H 519 -21.02 9.53 50.29
CA ASP H 519 -21.29 10.89 49.86
C ASP H 519 -20.20 11.84 50.37
N ILE H 520 -18.98 11.66 49.88
CA ILE H 520 -17.83 12.47 50.28
C ILE H 520 -17.61 13.52 49.21
N ASN H 521 -17.67 14.80 49.57
CA ASN H 521 -17.54 15.91 48.58
C ASN H 521 -16.40 16.82 48.98
N MET H 522 -15.48 17.06 48.06
CA MET H 522 -14.16 17.66 48.37
C MET H 522 -13.78 18.71 47.32
N PRO H 523 -13.60 19.97 47.73
CA PRO H 523 -12.95 20.95 46.80
C PRO H 523 -11.54 20.56 46.35
N THR H 524 -11.04 21.29 45.35
CA THR H 524 -9.74 20.98 44.70
C THR H 524 -8.61 21.02 45.76
N GLU H 525 -8.57 22.10 46.53
CA GLU H 525 -7.67 22.22 47.69
C GLU H 525 -8.50 22.31 48.98
N THR H 526 -8.20 21.43 49.93
CA THR H 526 -8.84 21.47 51.27
C THR H 526 -7.75 21.28 52.31
N PRO H 527 -7.99 21.76 53.54
CA PRO H 527 -6.98 21.50 54.58
C PRO H 527 -6.86 19.99 54.92
N ASP H 528 -5.73 19.62 55.52
CA ASP H 528 -5.46 18.22 55.88
C ASP H 528 -6.54 17.52 56.70
N THR H 529 -7.19 18.26 57.61
CA THR H 529 -8.25 17.70 58.46
C THR H 529 -9.41 17.13 57.69
N ASP H 530 -9.83 17.85 56.63
CA ASP H 530 -10.91 17.40 55.75
C ASP H 530 -10.50 16.11 55.01
N LYS H 531 -9.25 16.04 54.57
CA LYS H 531 -8.73 14.86 53.90
C LYS H 531 -8.64 13.64 54.84
N GLU H 532 -8.20 13.87 56.07
CA GLU H 532 -8.19 12.83 57.10
C GLU H 532 -9.59 12.29 57.39
N LYS H 533 -10.57 13.19 57.48
CA LYS H 533 -11.96 12.81 57.69
C LYS H 533 -12.54 12.03 56.51
N ALA H 534 -12.24 12.45 55.29
CA ALA H 534 -12.66 11.73 54.09
C ALA H 534 -12.07 10.31 54.05
N ALA H 535 -10.78 10.20 54.36
CA ALA H 535 -10.10 8.92 54.40
C ALA H 535 -10.73 7.98 55.43
N ALA H 536 -11.05 8.48 56.62
CA ALA H 536 -11.66 7.69 57.70
C ALA H 536 -13.05 7.17 57.33
N THR H 537 -13.82 8.01 56.62
CA THR H 537 -15.14 7.60 56.13
C THR H 537 -15.06 6.43 55.14
N LEU H 538 -14.12 6.52 54.19
CA LEU H 538 -13.89 5.44 53.21
C LEU H 538 -13.34 4.18 53.89
N GLN H 539 -12.40 4.37 54.82
CA GLN H 539 -11.83 3.25 55.57
C GLN H 539 -12.91 2.45 56.34
N ALA H 540 -13.84 3.16 56.99
CA ALA H 540 -14.92 2.48 57.72
C ALA H 540 -15.80 1.64 56.77
N ALA H 541 -16.06 2.15 55.57
CA ALA H 541 -16.81 1.38 54.55
C ALA H 541 -16.05 0.14 54.11
N TRP H 542 -14.75 0.27 53.86
CA TRP H 542 -13.89 -0.88 53.49
C TRP H 542 -13.89 -1.95 54.60
N GLU H 543 -13.82 -1.53 55.86
CA GLU H 543 -13.85 -2.50 56.98
C GLU H 543 -15.19 -3.27 57.05
N GLU H 544 -16.31 -2.57 56.86
CA GLU H 544 -17.62 -3.22 56.83
C GLU H 544 -17.76 -4.20 55.63
N LEU H 545 -17.39 -3.75 54.45
CA LEU H 545 -17.49 -4.59 53.25
C LEU H 545 -16.56 -5.79 53.30
N THR H 546 -15.41 -5.63 53.97
CA THR H 546 -14.46 -6.74 54.20
C THR H 546 -15.11 -7.88 55.03
N LYS H 547 -15.87 -7.53 56.07
CA LYS H 547 -16.63 -8.55 56.80
C LYS H 547 -17.64 -9.28 55.93
N ASN H 548 -18.35 -8.57 55.06
CA ASN H 548 -19.34 -9.20 54.17
C ASN H 548 -18.64 -10.22 53.24
N VAL H 549 -17.54 -9.83 52.63
CA VAL H 549 -16.77 -10.70 51.73
C VAL H 549 -16.24 -11.96 52.45
N LEU H 550 -15.57 -11.77 53.59
CA LEU H 550 -15.01 -12.87 54.37
C LEU H 550 -16.05 -13.82 54.93
N GLU H 551 -17.22 -13.31 55.28
CA GLU H 551 -18.30 -14.18 55.76
C GLU H 551 -18.81 -15.12 54.68
N GLU H 552 -18.82 -14.64 53.43
CA GLU H 552 -19.21 -15.49 52.31
C GLU H 552 -18.16 -16.58 52.06
N PHE H 553 -16.87 -16.24 52.14
CA PHE H 553 -15.80 -17.26 51.99
C PHE H 553 -15.80 -18.28 53.17
N LYS H 554 -16.18 -17.83 54.37
CA LYS H 554 -16.38 -18.74 55.53
C LYS H 554 -17.45 -19.81 55.25
N LEU H 555 -18.58 -19.42 54.68
CA LEU H 555 -19.60 -20.40 54.27
C LEU H 555 -19.09 -21.45 53.27
N ASN H 556 -18.07 -21.13 52.51
CA ASN H 556 -17.40 -22.10 51.62
C ASN H 556 -16.22 -22.84 52.28
N GLY H 557 -16.02 -22.64 53.57
CA GLY H 557 -14.94 -23.31 54.31
C GLY H 557 -13.55 -22.70 54.18
N TYR H 558 -13.44 -21.44 53.77
CA TYR H 558 -12.16 -20.73 53.61
C TYR H 558 -11.98 -19.68 54.71
N SER H 559 -10.84 -19.72 55.40
CA SER H 559 -10.53 -18.75 56.44
C SER H 559 -9.87 -17.52 55.82
N ALA H 560 -9.79 -16.44 56.59
CA ALA H 560 -9.36 -15.13 56.09
C ALA H 560 -7.98 -15.09 55.46
N ASP H 561 -7.05 -15.87 56.00
CA ASP H 561 -5.67 -15.92 55.44
C ASP H 561 -5.58 -16.59 54.07
N GLN H 562 -6.62 -17.29 53.62
CA GLN H 562 -6.66 -17.83 52.25
C GLN H 562 -7.20 -16.88 51.18
N VAL H 563 -7.80 -15.75 51.59
CA VAL H 563 -8.50 -14.80 50.68
C VAL H 563 -7.61 -13.61 50.30
N THR H 564 -7.53 -13.27 49.03
CA THR H 564 -6.88 -12.02 48.57
C THR H 564 -7.90 -10.89 48.42
N LEU H 565 -7.67 -9.79 49.14
CA LEU H 565 -8.58 -8.64 49.13
C LEU H 565 -8.12 -7.52 48.22
N GLN H 566 -9.05 -6.94 47.44
CA GLN H 566 -8.75 -5.82 46.55
C GLN H 566 -9.77 -4.70 46.79
N PRO H 567 -9.40 -3.65 47.55
CA PRO H 567 -10.35 -2.54 47.73
C PRO H 567 -10.48 -1.66 46.49
N GLY H 568 -11.64 -1.02 46.40
CA GLY H 568 -11.99 -0.11 45.29
C GLY H 568 -12.88 1.03 45.77
N TYR H 569 -13.08 1.99 44.90
CA TYR H 569 -13.98 3.12 45.17
C TYR H 569 -14.53 3.69 43.86
N ARG H 570 -15.66 4.40 43.96
CA ARG H 570 -16.27 5.10 42.82
C ARG H 570 -16.08 6.59 43.05
N MET H 571 -15.55 7.25 42.02
CA MET H 571 -15.20 8.66 42.09
C MET H 571 -15.57 9.41 40.78
N GLN H 572 -15.78 10.72 40.90
CA GLN H 572 -16.16 11.61 39.81
C GLN H 572 -15.73 13.06 40.12
N TYR H 573 -15.79 13.95 39.12
CA TYR H 573 -15.74 15.39 39.38
C TYR H 573 -17.12 15.85 39.87
N ARG H 574 -17.16 16.85 40.76
CA ARG H 574 -18.43 17.25 41.37
C ARG H 574 -19.42 17.75 40.31
N GLY H 575 -20.66 17.30 40.43
CA GLY H 575 -21.73 17.63 39.52
C GLY H 575 -21.95 16.67 38.38
N GLN H 576 -21.05 15.71 38.18
CA GLN H 576 -21.25 14.68 37.12
C GLN H 576 -22.40 13.74 37.45
N LEU H 577 -22.95 13.13 36.40
CA LEU H 577 -24.02 12.13 36.49
C LEU H 577 -23.53 10.69 36.52
N ASN H 578 -22.24 10.49 36.22
CA ASN H 578 -21.63 9.18 36.16
C ASN H 578 -20.34 9.18 36.95
N ASP H 579 -19.92 8.00 37.39
CA ASP H 579 -18.65 7.84 38.12
C ASP H 579 -17.78 6.73 37.47
N LEU H 580 -16.50 6.66 37.87
CA LEU H 580 -15.61 5.58 37.46
C LEU H 580 -15.24 4.68 38.64
N GLU H 581 -15.13 3.38 38.38
CA GLU H 581 -14.61 2.41 39.38
C GLU H 581 -13.09 2.45 39.35
N ILE H 582 -12.46 2.79 40.49
CA ILE H 582 -11.02 2.87 40.61
C ILE H 582 -10.55 1.74 41.56
N GLU H 583 -9.49 1.07 41.16
CA GLU H 583 -8.81 0.10 42.02
C GLU H 583 -7.90 0.84 42.97
N SER H 584 -7.98 0.55 44.25
CA SER H 584 -7.18 1.29 45.23
C SER H 584 -5.71 0.87 45.12
N PRO H 585 -4.78 1.83 45.04
CA PRO H 585 -3.38 1.50 45.25
C PRO H 585 -3.00 1.29 46.72
N LEU H 586 -3.91 1.51 47.67
CA LEU H 586 -3.64 1.31 49.11
C LEU H 586 -4.57 0.25 49.70
N ALA H 587 -4.06 -0.56 50.63
CA ALA H 587 -4.89 -1.54 51.33
C ALA H 587 -5.76 -0.88 52.42
N GLN H 588 -5.31 0.27 52.93
CA GLN H 588 -6.05 1.06 53.91
C GLN H 588 -5.73 2.55 53.76
N ALA H 589 -6.57 3.44 54.30
CA ALA H 589 -6.39 4.89 54.16
C ALA H 589 -6.58 5.60 55.48
N HIS H 590 -5.62 6.48 55.83
CA HIS H 590 -5.65 7.25 57.09
C HIS H 590 -5.23 8.72 56.97
N THR H 591 -4.17 9.00 56.21
CA THR H 591 -3.54 10.34 56.20
C THR H 591 -4.03 11.23 55.03
N ALA H 592 -3.70 12.52 55.14
CA ALA H 592 -3.94 13.46 54.05
C ALA H 592 -3.20 13.04 52.79
N ALA H 593 -1.96 12.58 52.95
CA ALA H 593 -1.19 12.06 51.81
C ALA H 593 -1.85 10.84 51.15
N ASP H 594 -2.45 9.96 51.96
CA ASP H 594 -3.21 8.81 51.43
C ASP H 594 -4.37 9.29 50.53
N TRP H 595 -5.12 10.28 51.00
CA TRP H 595 -6.23 10.82 50.22
C TRP H 595 -5.74 11.39 48.88
N ASP H 596 -4.62 12.12 48.91
CA ASP H 596 -4.01 12.66 47.68
C ASP H 596 -3.64 11.57 46.70
N GLN H 597 -3.11 10.47 47.23
CA GLN H 597 -2.82 9.31 46.41
C GLN H 597 -4.10 8.71 45.73
N LEU H 598 -5.22 8.64 46.45
CA LEU H 598 -6.48 8.17 45.89
C LEU H 598 -7.02 9.11 44.80
N THR H 599 -6.91 10.43 45.02
CA THR H 599 -7.34 11.41 44.00
C THR H 599 -6.40 11.36 42.79
N ASP H 600 -5.10 11.17 42.99
CA ASP H 600 -4.18 10.98 41.85
C ASP H 600 -4.51 9.74 41.01
N ALA H 601 -4.86 8.63 41.65
CA ALA H 601 -5.20 7.42 40.92
C ALA H 601 -6.48 7.60 40.06
N PHE H 602 -7.45 8.35 40.59
CA PHE H 602 -8.67 8.70 39.83
C PHE H 602 -8.33 9.54 38.58
N ASN H 603 -7.54 10.61 38.78
CA ASN H 603 -7.16 11.48 37.64
C ASN H 603 -6.43 10.69 36.52
N ALA H 604 -5.54 9.78 36.90
CA ALA H 604 -4.85 8.97 35.93
C ALA H 604 -5.77 8.02 35.16
N THR H 605 -6.66 7.32 35.86
CA THR H 605 -7.66 6.45 35.21
C THR H 605 -8.60 7.25 34.27
N TYR H 606 -9.03 8.42 34.71
CA TYR H 606 -9.91 9.26 33.88
C TYR H 606 -9.23 9.64 32.59
N GLY H 607 -7.93 9.91 32.66
CA GLY H 607 -7.12 10.19 31.48
C GLY H 607 -7.06 9.06 30.46
N ARG H 608 -6.97 7.83 30.97
CA ARG H 608 -6.98 6.61 30.13
C ARG H 608 -8.34 6.26 29.56
N VAL H 609 -9.39 6.33 30.37
CA VAL H 609 -10.76 6.03 29.92
C VAL H 609 -11.25 7.02 28.83
N TYR H 610 -10.90 8.31 29.00
CA TYR H 610 -11.37 9.37 28.13
C TYR H 610 -10.15 9.97 27.41
N ALA H 611 -9.59 11.07 27.92
CA ALA H 611 -8.33 11.63 27.42
C ALA H 611 -7.72 12.53 28.49
N ALA H 612 -6.41 12.78 28.40
CA ALA H 612 -5.72 13.66 29.38
C ALA H 612 -6.37 15.05 29.46
N SER H 613 -6.71 15.58 28.28
CA SER H 613 -7.29 16.94 28.21
C SER H 613 -8.73 17.05 28.71
N ALA H 614 -9.37 15.93 28.98
CA ALA H 614 -10.69 15.91 29.55
C ALA H 614 -10.75 16.10 31.07
N ARG H 615 -9.62 15.96 31.74
CA ARG H 615 -9.59 16.15 33.20
C ARG H 615 -10.00 17.55 33.62
N SER H 616 -10.82 17.67 34.66
CA SER H 616 -11.35 18.94 35.18
C SER H 616 -11.21 19.08 36.73
N PRO H 617 -9.96 19.00 37.24
CA PRO H 617 -9.70 19.07 38.69
C PRO H 617 -10.21 20.35 39.37
N GLU H 618 -10.30 21.45 38.60
CA GLU H 618 -10.84 22.70 39.12
C GLU H 618 -12.28 22.60 39.67
N LEU H 619 -13.03 21.57 39.29
CA LEU H 619 -14.41 21.39 39.82
C LEU H 619 -14.51 20.67 41.18
N GLY H 620 -13.39 20.10 41.63
CA GLY H 620 -13.39 19.25 42.83
C GLY H 620 -13.93 17.84 42.58
N TYR H 621 -14.03 17.05 43.65
CA TYR H 621 -14.23 15.59 43.59
C TYR H 621 -15.37 15.13 44.49
N SER H 622 -16.03 14.04 44.08
CA SER H 622 -16.97 13.31 44.92
C SER H 622 -16.61 11.83 44.88
N VAL H 623 -16.55 11.22 46.07
CA VAL H 623 -16.52 9.76 46.18
C VAL H 623 -17.95 9.31 46.47
N THR H 624 -18.47 8.45 45.60
CA THR H 624 -19.87 8.06 45.61
C THR H 624 -20.10 6.63 46.08
N GLY H 625 -19.03 5.88 46.31
CA GLY H 625 -19.13 4.50 46.74
C GLY H 625 -17.81 3.84 47.10
N ALA H 626 -17.92 2.77 47.89
CA ALA H 626 -16.82 1.87 48.20
C ALA H 626 -17.10 0.46 47.66
N ILE H 627 -16.00 -0.24 47.36
CA ILE H 627 -16.05 -1.59 46.80
C ILE H 627 -15.02 -2.46 47.54
N MET H 628 -15.38 -3.72 47.79
CA MET H 628 -14.41 -4.75 48.21
C MET H 628 -14.62 -6.03 47.44
N ARG H 629 -13.54 -6.54 46.83
CA ARG H 629 -13.52 -7.87 46.19
C ARG H 629 -12.57 -8.80 46.97
N GLY H 630 -12.93 -10.07 47.04
CA GLY H 630 -12.09 -11.12 47.59
C GLY H 630 -12.04 -12.27 46.59
N MET H 631 -10.86 -12.89 46.49
CA MET H 631 -10.61 -13.98 45.54
C MET H 631 -9.86 -15.14 46.20
N VAL H 632 -10.18 -16.35 45.80
CA VAL H 632 -9.34 -17.53 46.08
C VAL H 632 -9.10 -18.24 44.74
N PRO H 633 -7.91 -18.84 44.58
CA PRO H 633 -7.55 -19.49 43.29
C PRO H 633 -8.26 -20.82 43.05
N ILE H 634 -8.62 -21.10 41.79
CA ILE H 634 -9.18 -22.40 41.37
C ILE H 634 -8.62 -22.74 39.99
N PRO H 635 -8.59 -24.03 39.63
CA PRO H 635 -8.12 -24.38 38.30
C PRO H 635 -9.03 -23.88 37.18
N LYS H 636 -8.42 -23.40 36.10
CA LYS H 636 -9.14 -23.04 34.87
C LYS H 636 -9.25 -24.24 33.94
N PRO H 637 -10.31 -24.31 33.10
CA PRO H 637 -10.36 -25.38 32.08
C PRO H 637 -9.18 -25.28 31.11
N LYS H 638 -8.50 -26.38 30.90
CA LYS H 638 -7.37 -26.44 29.97
C LYS H 638 -7.87 -26.59 28.53
N ILE H 639 -7.50 -25.65 27.67
CA ILE H 639 -7.88 -25.69 26.26
C ILE H 639 -6.98 -26.74 25.57
N PRO H 640 -7.56 -27.69 24.81
CA PRO H 640 -6.72 -28.69 24.14
C PRO H 640 -5.72 -28.06 23.14
N LYS H 641 -4.56 -28.73 22.98
CA LYS H 641 -3.52 -28.33 22.00
C LYS H 641 -2.94 -29.58 21.41
N GLU H 642 -3.62 -30.19 20.45
CA GLU H 642 -3.19 -31.46 19.87
C GLU H 642 -2.64 -31.26 18.46
N PRO H 643 -1.73 -32.16 18.03
CA PRO H 643 -1.05 -31.95 16.75
C PRO H 643 -1.93 -32.47 15.61
N GLU H 644 -1.80 -31.84 14.43
CA GLU H 644 -2.67 -32.13 13.32
C GLU H 644 -2.30 -33.46 12.66
N GLU H 645 -3.33 -34.21 12.28
CA GLU H 645 -3.18 -35.43 11.49
C GLU H 645 -3.54 -35.04 10.05
N GLY H 646 -3.92 -36.00 9.20
CA GLY H 646 -4.26 -35.69 7.81
C GLY H 646 -5.61 -35.02 7.60
N GLU H 647 -5.89 -34.70 6.34
CA GLU H 647 -7.18 -34.13 5.88
C GLU H 647 -8.35 -35.09 5.84
N THR H 648 -8.09 -36.39 5.67
CA THR H 648 -9.15 -37.38 5.53
C THR H 648 -9.61 -37.95 6.89
N PRO H 649 -10.89 -37.76 7.23
CA PRO H 649 -11.42 -38.44 8.44
C PRO H 649 -11.26 -39.97 8.36
N PRO H 650 -10.98 -40.61 9.51
CA PRO H 650 -10.98 -42.07 9.48
C PRO H 650 -12.36 -42.60 9.15
N GLU H 651 -12.39 -43.75 8.47
CA GLU H 651 -13.63 -44.41 8.05
C GLU H 651 -14.60 -44.70 9.21
N SER H 652 -14.03 -44.99 10.37
CA SER H 652 -14.80 -45.27 11.57
C SER H 652 -15.51 -44.03 12.14
N ALA H 653 -15.17 -42.83 11.69
CA ALA H 653 -15.94 -41.64 12.05
C ALA H 653 -17.29 -41.53 11.31
N LYS H 654 -17.45 -42.24 10.20
CA LYS H 654 -18.71 -42.20 9.44
C LYS H 654 -19.77 -43.07 10.07
N ILE H 655 -20.99 -42.55 10.19
CA ILE H 655 -22.08 -43.25 10.83
C ILE H 655 -23.33 -43.33 9.94
N GLY H 656 -23.19 -43.29 8.62
CA GLY H 656 -24.34 -43.46 7.70
C GLY H 656 -24.63 -42.21 6.89
N THR H 657 -25.78 -42.22 6.17
CA THR H 657 -26.24 -41.07 5.40
C THR H 657 -27.71 -40.78 5.68
N ARG H 658 -28.15 -39.58 5.39
CA ARG H 658 -29.55 -39.16 5.58
C ARG H 658 -29.99 -38.19 4.47
N LYS H 659 -31.20 -38.35 3.97
CA LYS H 659 -31.75 -37.43 2.93
C LYS H 659 -31.90 -36.03 3.48
N PHE H 660 -31.41 -35.03 2.75
CA PHE H 660 -31.24 -33.65 3.21
C PHE H 660 -31.71 -32.66 2.10
N TYR H 661 -32.61 -31.73 2.43
CA TYR H 661 -33.25 -30.83 1.46
C TYR H 661 -32.93 -29.35 1.71
N ARG H 662 -32.36 -28.72 0.68
CA ARG H 662 -32.07 -27.29 0.66
C ARG H 662 -31.94 -26.77 -0.77
N LYS H 663 -32.38 -25.55 -0.99
CA LYS H 663 -32.35 -24.92 -2.33
C LYS H 663 -32.95 -25.84 -3.40
N LYS H 664 -34.13 -26.38 -3.11
CA LYS H 664 -34.94 -27.20 -4.04
C LYS H 664 -34.32 -28.52 -4.50
N ARG H 665 -33.34 -29.05 -3.74
CA ARG H 665 -32.67 -30.30 -4.09
C ARG H 665 -32.50 -31.23 -2.90
N TRP H 666 -32.89 -32.49 -3.10
CA TRP H 666 -32.54 -33.59 -2.19
C TRP H 666 -31.11 -34.08 -2.45
N VAL H 667 -30.33 -34.25 -1.38
CA VAL H 667 -28.98 -34.85 -1.45
C VAL H 667 -28.81 -35.87 -0.31
N ASP H 668 -27.85 -36.76 -0.48
CA ASP H 668 -27.43 -37.68 0.57
C ASP H 668 -26.38 -37.01 1.44
N ALA H 669 -26.74 -36.60 2.65
CA ALA H 669 -25.76 -35.99 3.58
C ALA H 669 -24.96 -37.06 4.28
N GLN H 670 -23.64 -36.92 4.30
CA GLN H 670 -22.77 -37.86 5.02
C GLN H 670 -22.82 -37.51 6.53
N LEU H 671 -23.08 -38.52 7.36
CA LEU H 671 -23.13 -38.33 8.81
C LEU H 671 -21.78 -38.70 9.45
N TYR H 672 -21.35 -37.92 10.44
CA TYR H 672 -20.10 -38.18 11.15
C TYR H 672 -20.32 -38.12 12.66
N HIS H 673 -19.61 -38.95 13.42
CA HIS H 673 -19.52 -38.83 14.86
C HIS H 673 -18.47 -37.73 15.20
N MET H 674 -18.95 -36.62 15.79
CA MET H 674 -18.11 -35.43 16.04
C MET H 674 -16.82 -35.77 16.79
N GLU H 675 -16.96 -36.54 17.86
CA GLU H 675 -15.85 -36.84 18.77
C GLU H 675 -14.83 -37.82 18.15
N SER H 676 -15.20 -38.50 17.05
CA SER H 676 -14.25 -39.35 16.29
C SER H 676 -13.42 -38.60 15.24
N LEU H 677 -13.80 -37.34 14.92
CA LEU H 677 -13.02 -36.54 13.99
C LEU H 677 -11.70 -36.10 14.67
N ARG H 678 -10.66 -35.91 13.85
CA ARG H 678 -9.30 -35.63 14.33
C ARG H 678 -8.80 -34.26 13.85
N PRO H 679 -7.93 -33.61 14.66
CA PRO H 679 -7.29 -32.39 14.22
C PRO H 679 -6.66 -32.53 12.82
N GLY H 680 -6.89 -31.53 11.95
CA GLY H 680 -6.48 -31.57 10.55
C GLY H 680 -7.58 -32.00 9.57
N ASN H 681 -8.59 -32.72 10.04
CA ASN H 681 -9.62 -33.30 9.17
C ASN H 681 -10.48 -32.20 8.49
N ARG H 682 -10.82 -32.41 7.22
CA ARG H 682 -11.74 -31.56 6.47
C ARG H 682 -12.97 -32.34 6.08
N VAL H 683 -14.15 -31.73 6.19
CA VAL H 683 -15.44 -32.33 5.78
C VAL H 683 -16.12 -31.38 4.79
N MET H 684 -16.40 -31.91 3.60
CA MET H 684 -17.05 -31.16 2.53
C MET H 684 -18.57 -31.40 2.56
N GLY H 685 -19.36 -30.33 2.49
CA GLY H 685 -20.82 -30.47 2.51
C GLY H 685 -21.27 -31.11 1.20
N PRO H 686 -22.41 -31.81 1.16
CA PRO H 686 -23.40 -31.92 2.26
C PRO H 686 -23.05 -32.98 3.34
N ALA H 687 -23.09 -32.56 4.60
CA ALA H 687 -22.75 -33.38 5.74
C ALA H 687 -23.43 -32.87 7.01
N VAL H 688 -23.64 -33.78 7.95
CA VAL H 688 -24.13 -33.41 9.27
C VAL H 688 -23.21 -34.06 10.31
N ILE H 689 -22.59 -33.24 11.14
CA ILE H 689 -21.62 -33.71 12.16
C ILE H 689 -22.34 -33.75 13.52
N GLU H 690 -22.56 -34.96 14.05
CA GLU H 690 -23.46 -35.22 15.18
C GLU H 690 -22.71 -35.56 16.47
N SER H 691 -23.04 -34.84 17.53
CA SER H 691 -22.59 -35.14 18.88
C SER H 691 -23.87 -35.60 19.61
N ASP H 692 -23.74 -35.88 20.91
CA ASP H 692 -24.92 -36.37 21.68
C ASP H 692 -25.86 -35.24 22.18
N ALA H 693 -25.37 -33.99 22.25
CA ALA H 693 -26.19 -32.81 22.55
C ALA H 693 -26.11 -31.61 21.56
N THR H 694 -25.35 -31.73 20.48
CA THR H 694 -25.42 -30.76 19.39
C THR H 694 -25.28 -31.42 18.03
N THR H 695 -25.64 -30.66 17.00
CA THR H 695 -25.62 -31.12 15.61
C THR H 695 -25.11 -29.95 14.75
N PHE H 696 -24.02 -30.18 14.01
CA PHE H 696 -23.37 -29.19 13.15
C PHE H 696 -23.70 -29.47 11.68
N VAL H 697 -24.52 -28.61 11.10
CA VAL H 697 -25.04 -28.76 9.73
C VAL H 697 -24.14 -28.09 8.71
N VAL H 698 -23.66 -28.86 7.73
CA VAL H 698 -22.75 -28.37 6.69
C VAL H 698 -23.36 -28.64 5.31
N PRO H 699 -24.22 -27.70 4.81
CA PRO H 699 -24.87 -27.97 3.52
C PRO H 699 -23.94 -27.98 2.32
N ASP H 700 -24.47 -28.41 1.18
CA ASP H 700 -23.78 -28.27 -0.12
C ASP H 700 -23.42 -26.79 -0.28
N GLY H 701 -22.19 -26.51 -0.72
CA GLY H 701 -21.67 -25.16 -0.82
C GLY H 701 -20.90 -24.66 0.39
N PHE H 702 -20.78 -25.50 1.42
CA PHE H 702 -19.96 -25.20 2.60
C PHE H 702 -18.95 -26.35 2.86
N GLU H 703 -17.94 -26.01 3.67
CA GLU H 703 -16.83 -26.91 4.06
C GLU H 703 -16.42 -26.53 5.50
N THR H 704 -15.96 -27.51 6.27
CA THR H 704 -15.40 -27.24 7.61
C THR H 704 -14.06 -27.96 7.78
N TRP H 705 -13.20 -27.41 8.64
CA TRP H 705 -11.99 -28.08 9.04
C TRP H 705 -11.80 -27.96 10.56
N LEU H 706 -11.22 -29.00 11.16
CA LEU H 706 -11.03 -29.09 12.61
C LEU H 706 -9.58 -28.81 12.98
N ASP H 707 -9.37 -27.91 13.96
CA ASP H 707 -8.01 -27.59 14.43
C ASP H 707 -7.60 -28.40 15.65
N GLY H 708 -6.37 -28.19 16.12
CA GLY H 708 -5.85 -28.86 17.34
C GLY H 708 -6.44 -28.45 18.67
N HIS H 709 -7.33 -27.46 18.69
CA HIS H 709 -8.00 -26.99 19.91
C HIS H 709 -9.45 -27.51 20.00
N ARG H 710 -9.79 -28.50 19.18
CA ARG H 710 -11.17 -28.98 19.02
C ARG H 710 -12.18 -27.87 18.61
N LEU H 711 -11.73 -26.95 17.76
CA LEU H 711 -12.59 -25.91 17.15
C LEU H 711 -12.75 -26.21 15.66
N PHE H 712 -14.01 -26.29 15.21
CA PHE H 712 -14.33 -26.34 13.76
C PHE H 712 -14.35 -24.92 13.16
N HIS H 713 -13.86 -24.78 11.94
CA HIS H 713 -13.85 -23.52 11.18
C HIS H 713 -14.75 -23.74 9.96
N LEU H 714 -15.70 -22.82 9.70
CA LEU H 714 -16.68 -23.00 8.61
C LEU H 714 -16.40 -22.02 7.47
N ARG H 715 -16.46 -22.50 6.23
CA ARG H 715 -16.19 -21.68 5.03
C ARG H 715 -17.25 -21.93 3.94
N GLU H 716 -17.52 -20.90 3.14
CA GLU H 716 -18.33 -21.05 1.92
C GLU H 716 -17.40 -21.43 0.78
N VAL H 717 -17.80 -22.35 -0.11
CA VAL H 717 -16.96 -22.79 -1.26
C VAL H 717 -17.61 -22.54 -2.60
N ALA I 2 -37.26 -9.83 -5.97
CA ALA I 2 -38.69 -9.51 -6.08
C ALA I 2 -39.46 -9.97 -4.84
N TYR I 3 -40.52 -9.26 -4.51
CA TYR I 3 -41.45 -9.71 -3.51
C TYR I 3 -42.58 -10.43 -4.28
N THR I 4 -43.28 -11.35 -3.61
CA THR I 4 -44.43 -12.00 -4.21
C THR I 4 -45.58 -11.00 -4.41
N ARG I 5 -46.48 -11.35 -5.32
CA ARG I 5 -47.67 -10.54 -5.56
C ARG I 5 -48.49 -10.40 -4.26
N SER I 6 -48.61 -11.48 -3.49
CA SER I 6 -49.33 -11.46 -2.20
C SER I 6 -48.85 -10.42 -1.20
N LYS I 7 -47.53 -10.30 -1.04
CA LYS I 7 -46.94 -9.31 -0.11
C LYS I 7 -47.20 -7.88 -0.56
N ILE I 8 -47.14 -7.65 -1.87
CA ILE I 8 -47.46 -6.32 -2.40
C ILE I 8 -48.97 -6.01 -2.25
N VAL I 9 -49.85 -7.00 -2.45
CA VAL I 9 -51.26 -6.86 -2.07
C VAL I 9 -51.43 -6.49 -0.57
N ASP I 10 -50.76 -7.20 0.33
CA ASP I 10 -50.83 -6.91 1.79
C ASP I 10 -50.32 -5.47 2.10
N LEU I 11 -49.24 -5.06 1.43
CA LEU I 11 -48.74 -3.67 1.54
C LEU I 11 -49.79 -2.62 1.15
N VAL I 12 -50.39 -2.77 -0.03
CA VAL I 12 -51.48 -1.89 -0.51
C VAL I 12 -52.68 -1.81 0.47
N ASP I 13 -53.03 -2.95 1.08
CA ASP I 13 -54.15 -3.01 2.01
C ASP I 13 -53.80 -2.57 3.44
N GLY I 14 -52.55 -2.24 3.73
CA GLY I 14 -52.11 -1.95 5.11
C GLY I 14 -52.15 -3.15 6.07
N LYS I 15 -52.00 -4.37 5.53
CA LYS I 15 -52.04 -5.61 6.33
C LYS I 15 -50.72 -6.38 6.31
N ILE I 16 -49.66 -5.78 5.80
CA ILE I 16 -48.38 -6.45 5.67
C ILE I 16 -47.76 -6.82 7.02
N ASP I 17 -47.11 -7.98 7.10
CA ASP I 17 -46.48 -8.43 8.34
C ASP I 17 -45.20 -7.62 8.63
N PRO I 18 -44.86 -7.48 9.92
CA PRO I 18 -43.69 -6.67 10.32
C PRO I 18 -42.31 -7.13 9.77
N ASP I 19 -42.10 -8.45 9.61
CA ASP I 19 -40.83 -8.92 9.01
C ASP I 19 -40.69 -8.47 7.56
N THR I 20 -41.71 -8.70 6.75
CA THR I 20 -41.64 -8.29 5.33
C THR I 20 -41.51 -6.74 5.20
N LEU I 21 -42.25 -5.99 6.00
CA LEU I 21 -42.16 -4.53 5.99
C LEU I 21 -40.74 -4.04 6.29
N HIS I 22 -40.11 -4.63 7.31
CA HIS I 22 -38.73 -4.26 7.63
C HIS I 22 -37.75 -4.66 6.52
N GLN I 23 -37.97 -5.82 5.92
CA GLN I 23 -37.14 -6.25 4.78
C GLN I 23 -37.24 -5.24 3.60
N MET I 24 -38.46 -4.81 3.30
CA MET I 24 -38.71 -3.84 2.23
C MET I 24 -37.96 -2.51 2.49
N LEU I 25 -38.02 -2.06 3.75
CA LEU I 25 -37.35 -0.82 4.17
C LEU I 25 -35.81 -0.95 4.17
N SER I 26 -35.29 -2.05 4.69
CA SER I 26 -33.85 -2.13 5.00
C SER I 26 -32.95 -2.77 3.91
N THR I 27 -33.53 -3.25 2.81
CA THR I 27 -32.75 -3.88 1.73
C THR I 27 -33.00 -3.08 0.43
N PRO I 28 -32.08 -3.22 -0.55
CA PRO I 28 -32.24 -2.53 -1.84
C PRO I 28 -33.59 -2.80 -2.50
N LYS I 29 -34.15 -1.81 -3.18
CA LYS I 29 -35.52 -1.93 -3.72
C LYS I 29 -35.60 -2.91 -4.88
N ASP I 30 -36.72 -3.60 -4.94
CA ASP I 30 -37.08 -4.44 -6.08
C ASP I 30 -37.49 -3.57 -7.29
N PRO I 31 -36.73 -3.58 -8.41
CA PRO I 31 -37.14 -2.80 -9.58
C PRO I 31 -38.52 -3.17 -10.17
N GLU I 32 -38.97 -4.38 -9.92
CA GLU I 32 -40.25 -4.88 -10.43
C GLU I 32 -41.47 -4.31 -9.69
N ARG I 33 -41.25 -3.57 -8.60
CA ARG I 33 -42.38 -3.02 -7.80
C ARG I 33 -43.46 -2.34 -8.62
N PHE I 34 -43.09 -1.36 -9.48
CA PHE I 34 -44.10 -0.54 -10.16
C PHE I 34 -45.10 -1.35 -11.02
N VAL I 35 -44.56 -2.24 -11.84
CA VAL I 35 -45.38 -3.08 -12.76
C VAL I 35 -46.36 -3.95 -11.95
N THR I 36 -45.88 -4.59 -10.87
CA THR I 36 -46.76 -5.41 -10.02
C THR I 36 -47.82 -4.55 -9.31
N TYR I 37 -47.39 -3.42 -8.75
CA TYR I 37 -48.29 -2.48 -8.03
C TYR I 37 -49.46 -2.00 -8.90
N VAL I 38 -49.12 -1.54 -10.10
CA VAL I 38 -50.14 -1.03 -11.05
C VAL I 38 -51.11 -2.16 -11.48
N GLU I 39 -50.60 -3.36 -11.70
CA GLU I 39 -51.47 -4.48 -12.04
C GLU I 39 -52.49 -4.79 -10.91
N ILE I 40 -52.06 -4.71 -9.66
CA ILE I 40 -52.94 -4.94 -8.50
C ILE I 40 -54.03 -3.86 -8.45
N LEU I 41 -53.63 -2.59 -8.61
CA LEU I 41 -54.60 -1.50 -8.63
C LEU I 41 -55.59 -1.63 -9.79
N GLN I 42 -55.09 -2.00 -10.96
CA GLN I 42 -55.93 -2.11 -12.17
C GLN I 42 -57.08 -3.11 -11.95
N GLU I 43 -56.76 -4.24 -11.35
CA GLU I 43 -57.74 -5.29 -11.07
C GLU I 43 -58.85 -4.83 -10.11
N ARG I 44 -58.61 -3.80 -9.27
CA ARG I 44 -59.66 -3.29 -8.38
C ARG I 44 -60.56 -2.20 -8.97
N MET I 45 -60.25 -1.66 -10.14
CA MET I 45 -61.03 -0.53 -10.66
C MET I 45 -62.36 -0.98 -11.30
N PRO I 46 -63.44 -0.18 -11.13
CA PRO I 46 -64.70 -0.48 -11.80
C PRO I 46 -64.77 -0.06 -13.29
N TRP I 47 -63.64 0.24 -13.93
CA TRP I 47 -63.57 0.63 -15.35
C TRP I 47 -62.30 -0.03 -15.91
N ASP I 48 -62.20 -0.13 -17.22
CA ASP I 48 -61.18 -0.85 -17.98
C ASP I 48 -59.95 -0.02 -18.45
N ASP I 49 -60.13 1.29 -18.47
CA ASP I 49 -59.09 2.22 -18.91
C ASP I 49 -57.80 1.99 -18.13
N LYS I 50 -56.67 2.08 -18.83
CA LYS I 50 -55.37 1.69 -18.28
C LYS I 50 -54.77 2.82 -17.36
N ILE I 51 -54.49 2.49 -16.10
CA ILE I 51 -53.75 3.35 -15.18
C ILE I 51 -52.31 3.49 -15.72
N ILE I 52 -51.88 4.75 -15.82
CA ILE I 52 -50.52 5.11 -16.19
C ILE I 52 -49.68 5.49 -14.97
N LEU I 53 -50.27 6.21 -14.01
CA LEU I 53 -49.55 6.62 -12.78
C LEU I 53 -50.49 6.98 -11.62
N PRO I 54 -50.37 6.28 -10.47
CA PRO I 54 -51.16 6.65 -9.29
C PRO I 54 -50.72 8.00 -8.63
N LEU I 55 -51.69 8.86 -8.36
CA LEU I 55 -51.49 10.16 -7.71
C LEU I 55 -51.89 10.21 -6.25
N GLY I 56 -52.81 9.29 -5.85
CA GLY I 56 -53.21 9.14 -4.45
C GLY I 56 -53.95 7.82 -4.29
N PRO I 57 -54.40 7.49 -3.08
CA PRO I 57 -55.10 6.21 -2.88
C PRO I 57 -56.31 5.96 -3.81
N LYS I 58 -57.01 7.02 -4.22
CA LYS I 58 -58.18 6.93 -5.10
C LYS I 58 -58.11 7.88 -6.29
N LEU I 59 -56.88 8.21 -6.73
CA LEU I 59 -56.68 9.22 -7.80
C LEU I 59 -55.56 8.78 -8.76
N PHE I 60 -55.80 8.86 -10.09
CA PHE I 60 -54.93 8.25 -11.10
C PHE I 60 -54.82 9.08 -12.39
N ILE I 61 -53.66 9.08 -13.03
CA ILE I 61 -53.56 9.42 -14.45
C ILE I 61 -53.85 8.13 -15.24
N VAL I 62 -54.83 8.20 -16.15
CA VAL I 62 -55.24 7.05 -16.99
C VAL I 62 -55.21 7.37 -18.48
N GLN I 63 -55.08 6.31 -19.27
CA GLN I 63 -55.26 6.35 -20.73
C GLN I 63 -56.71 5.97 -21.06
N GLN I 64 -57.44 6.90 -21.69
CA GLN I 64 -58.82 6.68 -22.15
C GLN I 64 -58.82 5.55 -23.19
N LYS I 65 -59.69 4.55 -23.00
CA LYS I 65 -59.71 3.33 -23.84
C LYS I 65 -59.91 3.67 -25.32
N VAL I 66 -60.86 4.57 -25.64
CA VAL I 66 -61.15 4.92 -27.04
C VAL I 66 -60.29 6.08 -27.59
N SER I 67 -60.32 7.26 -26.98
CA SER I 67 -59.60 8.44 -27.54
C SER I 67 -58.06 8.38 -27.39
N LYS I 68 -57.60 7.56 -26.45
CA LYS I 68 -56.18 7.48 -26.06
C LYS I 68 -55.62 8.77 -25.42
N LYS I 69 -56.47 9.73 -25.07
CA LYS I 69 -56.03 10.90 -24.29
C LYS I 69 -55.73 10.48 -22.86
N TRP I 70 -54.86 11.22 -22.18
CA TRP I 70 -54.58 10.94 -20.75
C TRP I 70 -55.26 11.96 -19.85
N THR I 71 -55.98 11.49 -18.85
CA THR I 71 -56.74 12.34 -17.93
C THR I 71 -56.43 11.99 -16.47
N VAL I 72 -56.72 12.92 -15.57
CA VAL I 72 -56.77 12.64 -14.13
C VAL I 72 -58.17 12.11 -13.79
N ARG I 73 -58.20 10.93 -13.16
CA ARG I 73 -59.45 10.23 -12.84
C ARG I 73 -59.54 9.76 -11.38
N CYS I 74 -60.73 9.94 -10.77
CA CYS I 74 -61.06 9.36 -9.46
C CYS I 74 -61.38 7.84 -9.60
N GLU I 75 -61.20 7.07 -8.54
CA GLU I 75 -61.61 5.65 -8.53
C GLU I 75 -63.06 5.44 -9.01
N CYS I 76 -63.97 6.35 -8.68
CA CYS I 76 -65.39 6.17 -9.03
C CYS I 76 -65.65 6.29 -10.54
N GLY I 77 -64.71 6.87 -11.30
CA GLY I 77 -64.86 7.02 -12.76
C GLY I 77 -64.81 8.45 -13.28
N HIS I 78 -64.96 9.43 -12.38
CA HIS I 78 -65.00 10.82 -12.78
C HIS I 78 -63.68 11.31 -13.39
N ASP I 79 -63.73 11.88 -14.59
CA ASP I 79 -62.53 12.55 -15.18
C ASP I 79 -62.51 14.05 -14.86
N PHE I 80 -61.45 14.54 -14.22
CA PHE I 80 -61.34 15.97 -13.89
C PHE I 80 -60.88 16.83 -15.07
N CYS I 81 -59.80 16.41 -15.74
CA CYS I 81 -59.07 17.28 -16.70
C CYS I 81 -57.98 16.50 -17.41
N ASP I 82 -57.38 17.12 -18.42
CA ASP I 82 -56.14 16.62 -19.07
C ASP I 82 -55.02 16.43 -18.06
N TRP I 83 -54.17 15.42 -18.28
CA TRP I 83 -53.10 15.07 -17.33
C TRP I 83 -52.07 16.21 -17.00
N LYS I 84 -51.91 17.20 -17.88
CA LYS I 84 -51.00 18.33 -17.63
C LYS I 84 -51.61 19.47 -16.81
N ASP I 85 -52.93 19.48 -16.66
CA ASP I 85 -53.65 20.51 -15.90
C ASP I 85 -53.75 20.10 -14.43
N ASN I 86 -54.07 21.06 -13.56
CA ASN I 86 -54.23 20.81 -12.13
C ASN I 86 -55.66 20.38 -11.86
N TRP I 87 -55.84 19.11 -11.50
CA TRP I 87 -57.18 18.56 -11.17
C TRP I 87 -57.98 19.41 -10.14
N LYS I 88 -57.29 20.05 -9.21
CA LYS I 88 -57.97 20.86 -8.19
C LYS I 88 -58.79 22.03 -8.74
N LEU I 89 -58.36 22.59 -9.86
CA LEU I 89 -59.10 23.68 -10.49
C LEU I 89 -60.47 23.22 -11.05
N HIS I 90 -60.67 21.89 -11.17
CA HIS I 90 -61.91 21.27 -11.65
C HIS I 90 -62.66 20.49 -10.56
N ALA I 91 -62.27 20.64 -9.29
CA ALA I 91 -62.85 19.92 -8.18
C ALA I 91 -63.85 20.84 -7.45
N ARG I 92 -64.41 20.33 -6.35
CA ARG I 92 -65.20 21.12 -5.41
C ARG I 92 -64.39 21.38 -4.13
N VAL I 93 -64.61 22.51 -3.46
CA VAL I 93 -63.80 22.92 -2.30
C VAL I 93 -64.67 23.38 -1.14
N HIS I 94 -64.26 22.99 0.07
CA HIS I 94 -64.85 23.51 1.31
C HIS I 94 -63.72 24.18 2.12
N VAL I 95 -63.90 25.43 2.47
CA VAL I 95 -62.87 26.19 3.17
C VAL I 95 -63.25 26.45 4.63
N ARG I 96 -62.45 25.97 5.58
CA ARG I 96 -62.68 26.24 6.99
C ARG I 96 -61.99 27.55 7.31
N ASP I 97 -62.76 28.63 7.36
CA ASP I 97 -62.21 29.99 7.60
C ASP I 97 -62.88 30.74 8.74
N THR I 98 -63.54 30.01 9.63
CA THR I 98 -64.11 30.55 10.86
C THR I 98 -63.77 29.65 12.04
N PRO I 99 -63.79 30.18 13.27
CA PRO I 99 -63.54 29.31 14.44
C PRO I 99 -64.53 28.11 14.58
N GLN I 100 -65.81 28.31 14.31
CA GLN I 100 -66.78 27.19 14.32
C GLN I 100 -66.36 26.06 13.37
N LYS I 101 -65.94 26.41 12.15
CA LYS I 101 -65.55 25.39 11.19
C LYS I 101 -64.26 24.67 11.61
N MET I 102 -63.30 25.39 12.20
CA MET I 102 -62.09 24.75 12.71
C MET I 102 -62.37 23.83 13.88
N GLU I 103 -63.34 24.21 14.72
CA GLU I 103 -63.67 23.42 15.94
C GLU I 103 -64.45 22.14 15.66
N GLU I 104 -65.00 21.98 14.45
CA GLU I 104 -65.55 20.68 14.02
C GLU I 104 -64.48 19.57 14.00
N ILE I 105 -63.23 19.95 13.69
CA ILE I 105 -62.14 18.99 13.47
C ILE I 105 -60.94 19.03 14.44
N TYR I 106 -60.88 20.06 15.28
CA TYR I 106 -59.86 20.23 16.35
C TYR I 106 -60.55 20.79 17.63
N PRO I 107 -60.05 20.44 18.84
CA PRO I 107 -60.47 21.18 20.03
C PRO I 107 -60.12 22.68 19.95
N ARG I 108 -60.96 23.56 20.52
CA ARG I 108 -60.57 24.96 20.73
C ARG I 108 -59.16 25.03 21.37
N LEU I 109 -58.38 26.06 21.00
CA LEU I 109 -56.96 26.23 21.39
C LEU I 109 -55.94 25.35 20.64
N MET I 110 -56.31 24.12 20.31
CA MET I 110 -55.53 23.26 19.40
C MET I 110 -55.78 23.61 17.92
N ALA I 111 -56.93 24.20 17.63
CA ALA I 111 -57.25 24.69 16.31
C ALA I 111 -56.36 25.83 15.81
N PRO I 112 -55.96 25.80 14.53
CA PRO I 112 -55.41 27.02 13.91
C PRO I 112 -56.37 28.22 13.96
N THR I 113 -55.81 29.41 13.98
CA THR I 113 -56.57 30.67 13.94
C THR I 113 -56.79 31.08 12.45
N PRO I 114 -58.04 31.17 11.98
CA PRO I 114 -58.32 31.29 10.55
C PRO I 114 -57.89 32.59 9.87
N SER I 115 -57.65 33.67 10.62
CA SER I 115 -57.09 34.89 10.04
C SER I 115 -55.56 34.75 9.72
N TRP I 116 -54.94 33.67 10.22
CA TRP I 116 -53.56 33.30 9.90
C TRP I 116 -53.42 32.07 8.94
N GLN I 117 -54.25 31.04 9.15
CA GLN I 117 -54.22 29.80 8.35
C GLN I 117 -55.64 29.24 8.16
N VAL I 118 -55.98 28.85 6.94
CA VAL I 118 -57.27 28.21 6.64
C VAL I 118 -57.01 26.75 6.22
N ILE I 119 -58.05 25.91 6.24
CA ILE I 119 -57.99 24.52 5.80
C ILE I 119 -58.92 24.43 4.56
N ARG I 120 -58.39 23.98 3.44
CA ARG I 120 -59.09 23.89 2.16
C ARG I 120 -59.18 22.42 1.72
N GLU I 121 -60.41 21.88 1.73
CA GLU I 121 -60.70 20.46 1.42
C GLU I 121 -61.20 20.31 -0.03
N TYR I 122 -60.53 19.47 -0.84
CA TYR I 122 -60.84 19.28 -2.26
C TYR I 122 -61.45 17.88 -2.50
N PHE I 123 -62.66 17.87 -3.07
CA PHE I 123 -63.50 16.68 -3.27
C PHE I 123 -63.75 16.32 -4.73
N CYS I 124 -63.92 15.04 -5.01
CA CYS I 124 -64.53 14.59 -6.26
C CYS I 124 -65.99 15.02 -6.29
N PRO I 125 -66.44 15.63 -7.39
CA PRO I 125 -67.87 16.03 -7.49
C PRO I 125 -68.89 14.93 -7.63
N GLU I 126 -68.47 13.69 -7.91
CA GLU I 126 -69.42 12.57 -8.02
C GLU I 126 -69.62 11.78 -6.73
N CYS I 127 -68.54 11.37 -6.08
CA CYS I 127 -68.63 10.48 -4.93
C CYS I 127 -68.27 11.15 -3.56
N GLY I 128 -67.74 12.38 -3.58
CA GLY I 128 -67.42 13.09 -2.34
C GLY I 128 -66.16 12.58 -1.62
N THR I 129 -65.33 11.82 -2.32
CA THR I 129 -64.02 11.46 -1.82
C THR I 129 -63.15 12.72 -1.60
N LEU I 130 -62.46 12.77 -0.45
CA LEU I 130 -61.49 13.83 -0.14
C LEU I 130 -60.12 13.44 -0.68
N HIS I 131 -59.65 14.11 -1.73
CA HIS I 131 -58.36 13.80 -2.37
C HIS I 131 -57.17 14.63 -1.88
N ASP I 132 -57.43 15.83 -1.36
CA ASP I 132 -56.36 16.69 -0.84
C ASP I 132 -56.86 17.72 0.15
N VAL I 133 -56.00 18.03 1.13
CA VAL I 133 -56.27 19.13 2.08
C VAL I 133 -55.07 20.06 2.12
N GLU I 134 -55.26 21.30 1.66
CA GLU I 134 -54.27 22.35 1.77
C GLU I 134 -54.49 23.14 3.09
N ALA I 135 -53.42 23.67 3.65
CA ALA I 135 -53.46 24.51 4.84
C ALA I 135 -52.61 25.79 4.75
N PRO I 136 -52.91 26.67 3.78
CA PRO I 136 -52.14 27.90 3.62
C PRO I 136 -52.73 29.13 4.33
N THR I 137 -52.15 30.30 4.09
CA THR I 137 -52.75 31.59 4.49
C THR I 137 -53.99 31.95 3.62
N PRO I 138 -54.83 32.87 4.14
CA PRO I 138 -55.72 33.63 3.23
C PRO I 138 -54.98 34.13 1.98
N TRP I 139 -55.69 34.15 0.83
CA TRP I 139 -55.20 34.67 -0.47
C TRP I 139 -54.25 33.73 -1.27
N TYR I 140 -53.86 32.58 -0.70
CA TYR I 140 -52.81 31.79 -1.33
C TYR I 140 -53.32 31.08 -2.60
N PRO I 141 -52.54 31.08 -3.68
CA PRO I 141 -52.96 30.31 -4.85
C PRO I 141 -53.24 28.79 -4.55
N VAL I 142 -54.09 28.19 -5.35
CA VAL I 142 -54.28 26.75 -5.38
C VAL I 142 -52.97 26.11 -5.87
N ILE I 143 -52.49 25.09 -5.18
CA ILE I 143 -51.19 24.49 -5.51
C ILE I 143 -51.31 23.37 -6.56
N HIS I 144 -50.43 23.41 -7.56
CA HIS I 144 -50.33 22.36 -8.59
C HIS I 144 -49.23 21.43 -8.12
N ASP I 145 -49.61 20.36 -7.43
CA ASP I 145 -48.67 19.60 -6.58
C ASP I 145 -47.54 18.85 -7.33
N PHE I 146 -47.84 18.30 -8.52
CA PHE I 146 -46.94 17.36 -9.17
C PHE I 146 -47.18 17.32 -10.68
N SER I 147 -46.10 17.61 -11.45
CA SER I 147 -46.05 17.43 -12.91
C SER I 147 -45.03 16.31 -13.25
N PRO I 148 -45.49 15.04 -13.34
CA PRO I 148 -44.57 13.93 -13.59
C PRO I 148 -44.04 13.86 -15.02
N ASP I 149 -42.75 13.53 -15.15
CA ASP I 149 -42.15 13.20 -16.44
C ASP I 149 -42.39 11.71 -16.75
N ILE I 150 -43.60 11.39 -17.20
CA ILE I 150 -43.99 9.98 -17.41
C ILE I 150 -43.19 9.30 -18.55
N GLU I 151 -42.93 10.03 -19.62
CA GLU I 151 -42.09 9.51 -20.71
C GLU I 151 -40.70 9.11 -20.23
N GLY I 152 -40.05 10.02 -19.50
CA GLY I 152 -38.74 9.76 -18.90
C GLY I 152 -38.74 8.59 -17.93
N PHE I 153 -39.77 8.52 -17.07
CA PHE I 153 -39.90 7.46 -16.09
C PHE I 153 -39.99 6.07 -16.75
N TYR I 154 -40.90 5.92 -17.71
CA TYR I 154 -41.11 4.63 -18.38
C TYR I 154 -39.87 4.26 -19.23
N GLN I 155 -39.43 5.13 -20.14
CA GLN I 155 -38.35 4.78 -21.09
C GLN I 155 -36.98 4.63 -20.48
N GLU I 156 -36.59 5.56 -19.63
CA GLU I 156 -35.21 5.62 -19.11
C GLU I 156 -35.00 4.92 -17.80
N TRP I 157 -35.96 4.95 -16.88
CA TRP I 157 -35.76 4.32 -15.57
C TRP I 157 -36.33 2.92 -15.53
N LEU I 158 -37.53 2.69 -16.06
CA LEU I 158 -38.12 1.33 -16.08
C LEU I 158 -37.75 0.51 -17.33
N GLY I 159 -37.34 1.15 -18.42
CA GLY I 159 -37.00 0.44 -19.66
C GLY I 159 -38.20 -0.12 -20.39
N LEU I 160 -39.32 0.58 -20.34
CA LEU I 160 -40.59 0.19 -21.01
C LEU I 160 -40.95 1.29 -22.01
N PRO I 161 -41.62 0.93 -23.13
CA PRO I 161 -42.10 2.02 -23.99
C PRO I 161 -43.22 2.80 -23.32
N VAL I 162 -43.40 4.03 -23.78
CA VAL I 162 -44.39 4.94 -23.24
C VAL I 162 -45.73 4.46 -23.80
N PRO I 163 -46.77 4.38 -22.97
CA PRO I 163 -48.07 4.05 -23.54
C PRO I 163 -48.56 5.08 -24.56
N GLU I 164 -49.40 4.57 -25.49
CA GLU I 164 -49.97 5.41 -26.54
C GLU I 164 -50.68 6.61 -25.94
N ARG I 165 -50.55 7.73 -26.62
CA ARG I 165 -51.18 8.97 -26.21
C ARG I 165 -51.62 9.81 -27.40
N ALA I 166 -52.86 10.29 -27.35
CA ALA I 166 -53.33 11.38 -28.22
C ALA I 166 -53.17 12.69 -27.45
N ARG J 15 11.77 29.55 37.25
CA ARG J 15 12.23 30.96 37.45
C ARG J 15 11.08 31.91 37.12
N GLY J 16 10.77 32.82 38.03
CA GLY J 16 9.78 33.84 37.76
C GLY J 16 10.30 34.90 36.77
N ILE J 17 9.35 35.51 36.06
CA ILE J 17 9.68 36.43 34.97
C ILE J 17 10.08 37.83 35.40
N VAL J 18 9.77 38.26 36.63
CA VAL J 18 10.12 39.63 37.06
C VAL J 18 11.64 39.73 37.17
N ARG J 19 12.20 40.90 36.86
CA ARG J 19 13.63 41.13 37.07
C ARG J 19 14.08 40.70 38.49
N GLY J 20 15.13 39.88 38.56
CA GLY J 20 15.60 39.29 39.82
C GLY J 20 15.12 37.85 40.08
N GLY J 21 14.06 37.40 39.39
CA GLY J 21 13.62 36.01 39.43
C GLY J 21 12.36 35.68 40.22
N GLU J 22 11.77 36.67 40.87
CA GLU J 22 10.46 36.44 41.49
C GLU J 22 9.39 36.24 40.40
N THR J 23 8.40 35.39 40.71
CA THR J 23 7.14 35.44 39.92
C THR J 23 6.41 36.78 40.12
N LEU J 24 5.51 37.12 39.20
CA LEU J 24 4.65 38.29 39.37
C LEU J 24 3.94 38.33 40.73
N LYS J 25 3.34 37.19 41.13
CA LYS J 25 2.62 37.11 42.41
C LYS J 25 3.56 37.23 43.62
N GLU J 26 4.72 36.55 43.59
CA GLU J 26 5.73 36.65 44.67
C GLU J 26 6.17 38.11 44.86
N HIS J 27 6.42 38.79 43.75
CA HIS J 27 6.86 40.18 43.73
C HIS J 27 5.82 41.12 44.36
N ARG J 28 4.60 41.07 43.84
CA ARG J 28 3.51 41.89 44.40
C ARG J 28 3.23 41.57 45.86
N ASP J 29 3.13 40.29 46.23
CA ASP J 29 2.85 39.92 47.62
C ASP J 29 3.91 40.48 48.63
N ARG J 30 5.19 40.46 48.24
CA ARG J 30 6.29 40.99 49.07
C ARG J 30 6.10 42.50 49.26
N LEU J 31 5.79 43.20 48.18
CA LEU J 31 5.56 44.66 48.27
C LEU J 31 4.31 45.04 49.08
N MET J 32 3.23 44.29 48.94
CA MET J 32 2.00 44.58 49.70
C MET J 32 2.19 44.30 51.20
N ALA J 33 2.92 43.25 51.53
CA ALA J 33 3.19 42.92 52.95
C ALA J 33 4.04 43.99 53.64
N ALA J 34 5.03 44.53 52.92
CA ALA J 34 5.88 45.62 53.44
C ALA J 34 5.08 46.92 53.58
N THR J 35 4.18 47.19 52.64
CA THR J 35 3.25 48.34 52.72
C THR J 35 2.39 48.27 53.97
N LYS J 36 1.81 47.11 54.22
CA LYS J 36 1.00 46.88 55.41
C LYS J 36 1.80 46.98 56.72
N ALA J 37 2.99 46.40 56.78
CA ALA J 37 3.81 46.42 57.99
C ALA J 37 4.37 47.79 58.38
N THR J 38 4.72 48.60 57.39
CA THR J 38 5.40 49.88 57.64
C THR J 38 4.51 51.12 57.45
N GLY J 39 3.40 51.01 56.75
CA GLY J 39 2.64 52.20 56.36
C GLY J 39 3.23 53.00 55.22
N ARG J 40 4.32 52.56 54.61
CA ARG J 40 4.90 53.22 53.42
C ARG J 40 4.85 52.30 52.22
N TYR J 41 4.61 52.84 51.02
CA TYR J 41 4.57 51.97 49.83
C TYR J 41 5.88 51.15 49.68
N ALA J 42 5.73 49.85 49.54
CA ALA J 42 6.86 48.93 49.36
C ALA J 42 7.87 48.89 50.51
N GLY J 43 7.50 49.39 51.69
CA GLY J 43 8.44 49.51 52.82
C GLY J 43 9.55 50.56 52.67
N LEU J 44 9.39 51.49 51.73
CA LEU J 44 10.39 52.53 51.47
C LEU J 44 10.39 53.62 52.55
N LYS J 45 11.23 53.43 53.56
CA LYS J 45 11.42 54.43 54.64
C LYS J 45 12.23 55.64 54.23
N THR J 46 13.10 55.48 53.24
CA THR J 46 13.76 56.59 52.58
C THR J 46 13.62 56.37 51.08
N LEU J 47 13.79 57.44 50.32
CA LEU J 47 13.82 57.39 48.87
C LEU J 47 15.25 57.72 48.34
N GLU J 48 16.08 56.69 48.17
CA GLU J 48 17.53 56.89 47.90
C GLU J 48 17.81 57.69 46.63
N LEU J 49 17.15 57.33 45.52
CA LEU J 49 17.37 58.05 44.28
C LEU J 49 16.93 59.51 44.41
N ARG J 50 15.73 59.73 44.93
CA ARG J 50 15.23 61.09 45.08
C ARG J 50 16.12 61.96 45.97
N GLU J 51 16.57 61.40 47.09
CA GLU J 51 17.31 62.16 48.10
C GLU J 51 18.78 62.32 47.72
N ARG J 52 19.42 61.28 47.19
CA ARG J 52 20.87 61.30 46.87
C ARG J 52 21.19 61.67 45.45
N GLU J 53 20.26 61.48 44.50
CA GLU J 53 20.49 61.81 43.10
C GLU J 53 19.31 62.62 42.52
N PRO J 54 19.03 63.80 43.11
CA PRO J 54 17.82 64.58 42.70
C PRO J 54 17.80 64.99 41.23
N ILE J 55 18.98 65.24 40.64
CA ILE J 55 19.04 65.64 39.24
C ILE J 55 18.60 64.48 38.33
N LEU J 56 19.11 63.28 38.58
CA LEU J 56 18.69 62.10 37.83
C LEU J 56 17.20 61.71 38.05
N TYR J 57 16.74 61.81 39.29
CA TYR J 57 15.31 61.59 39.61
C TYR J 57 14.40 62.51 38.76
N ASN J 58 14.76 63.79 38.69
CA ASN J 58 14.01 64.78 37.92
C ASN J 58 14.11 64.54 36.42
N LYS J 59 15.24 64.09 35.94
CA LYS J 59 15.39 63.79 34.52
C LYS J 59 14.51 62.61 34.08
N LEU J 60 14.45 61.56 34.89
CA LEU J 60 13.55 60.43 34.61
C LEU J 60 12.09 60.90 34.64
N PHE J 61 11.76 61.71 35.64
CA PHE J 61 10.37 62.27 35.74
C PHE J 61 9.99 63.06 34.46
N SER J 62 10.88 63.96 34.06
CA SER J 62 10.65 64.85 32.94
C SER J 62 10.52 64.07 31.64
N ARG J 63 11.46 63.17 31.36
CA ARG J 63 11.42 62.41 30.10
C ARG J 63 10.18 61.47 29.99
N LEU J 64 9.86 60.79 31.08
CA LEU J 64 8.76 59.84 31.06
C LEU J 64 7.39 60.51 31.12
N ARG J 65 7.24 61.58 31.89
CA ARG J 65 5.97 62.32 31.91
C ARG J 65 5.72 62.96 30.51
N ALA J 66 6.76 63.54 29.90
CA ALA J 66 6.65 64.05 28.54
C ALA J 66 6.28 62.95 27.52
N GLY J 67 6.86 61.75 27.71
CA GLY J 67 6.55 60.60 26.86
C GLY J 67 5.10 60.16 26.89
N VAL J 68 4.52 60.00 28.10
CA VAL J 68 3.10 59.66 28.20
C VAL J 68 2.15 60.77 27.71
N VAL J 69 2.50 62.04 27.97
CA VAL J 69 1.71 63.17 27.44
C VAL J 69 1.75 63.17 25.92
N ASP J 70 2.93 62.96 25.35
CA ASP J 70 3.12 62.96 23.89
C ASP J 70 2.41 61.78 23.22
N ALA J 71 2.38 60.62 23.86
CA ALA J 71 1.62 59.49 23.32
C ALA J 71 0.13 59.82 23.13
N ARG J 72 -0.49 60.42 24.13
CA ARG J 72 -1.89 60.82 24.02
C ARG J 72 -2.11 61.89 22.91
N GLU J 73 -1.29 62.94 22.93
CA GLU J 73 -1.40 64.03 21.97
C GLU J 73 -1.21 63.57 20.50
N THR J 74 -0.28 62.65 20.30
CA THR J 74 0.08 62.15 18.94
C THR J 74 -0.86 61.02 18.46
N ALA J 75 -1.04 59.98 19.27
CA ALA J 75 -1.79 58.82 18.84
C ALA J 75 -3.27 59.11 18.56
N LYS J 76 -3.85 60.13 19.22
CA LYS J 76 -5.28 60.42 19.00
C LYS J 76 -5.59 60.82 17.54
N LYS J 77 -4.57 61.27 16.80
CA LYS J 77 -4.73 61.66 15.41
C LYS J 77 -4.96 60.50 14.45
N ILE J 78 -4.85 59.26 14.94
CA ILE J 78 -5.20 58.05 14.20
C ILE J 78 -6.73 57.83 14.08
N ALA J 79 -7.48 58.27 15.07
CA ALA J 79 -8.87 57.85 15.23
C ALA J 79 -9.82 58.52 14.23
N ALA J 80 -10.86 57.80 13.83
CA ALA J 80 -11.98 58.33 13.07
C ALA J 80 -13.07 58.91 13.94
N SER J 81 -13.22 58.39 15.15
CA SER J 81 -14.20 58.87 16.11
C SER J 81 -13.82 60.21 16.74
N PRO J 82 -14.70 61.24 16.65
CA PRO J 82 -14.39 62.52 17.29
C PRO J 82 -14.25 62.48 18.82
N ILE J 83 -14.85 61.47 19.45
CA ILE J 83 -14.72 61.24 20.89
C ILE J 83 -13.24 61.13 21.29
N VAL J 84 -12.46 60.41 20.48
CA VAL J 84 -11.04 60.26 20.68
C VAL J 84 -10.21 61.39 20.02
N GLU J 85 -10.44 61.60 18.73
CA GLU J 85 -9.62 62.53 17.92
C GLU J 85 -9.72 64.02 18.31
N GLN J 86 -10.92 64.49 18.62
CA GLN J 86 -11.10 65.92 18.99
C GLN J 86 -11.26 66.07 20.51
N GLU J 87 -12.23 65.39 21.11
CA GLU J 87 -12.45 65.49 22.56
C GLU J 87 -11.33 64.97 23.46
N GLY J 88 -10.52 64.04 22.98
CA GLY J 88 -9.41 63.52 23.75
C GLY J 88 -9.81 62.58 24.88
N GLU J 89 -10.88 61.80 24.68
CA GLU J 89 -11.30 60.80 25.69
C GLU J 89 -10.48 59.51 25.52
N LEU J 90 -9.19 59.62 25.85
CA LEU J 90 -8.21 58.53 25.88
C LEU J 90 -7.17 58.85 26.96
N CYS J 91 -6.37 57.86 27.31
CA CYS J 91 -5.33 57.98 28.37
C CYS J 91 -4.27 56.91 28.19
N PHE J 92 -3.01 57.25 28.44
CA PHE J 92 -1.89 56.30 28.49
C PHE J 92 -1.14 56.39 29.83
N THR J 93 -0.80 55.23 30.38
CA THR J 93 -0.27 55.14 31.73
C THR J 93 0.89 54.11 31.81
N LEU J 94 1.93 54.47 32.57
CA LEU J 94 3.14 53.63 32.77
C LEU J 94 3.07 52.97 34.16
N TYR J 95 3.23 51.65 34.22
CA TYR J 95 3.17 50.86 35.46
C TYR J 95 4.49 50.14 35.81
N ASN J 96 4.76 49.96 37.10
CA ASN J 96 5.82 49.07 37.58
C ASN J 96 5.37 47.59 37.48
N ALA J 97 6.27 46.64 37.75
CA ALA J 97 5.98 45.21 37.55
C ALA J 97 4.78 44.71 38.36
N ALA J 98 4.54 45.32 39.52
CA ALA J 98 3.40 44.97 40.40
C ALA J 98 2.07 45.55 39.98
N GLY J 99 2.01 46.27 38.85
CA GLY J 99 0.78 46.92 38.40
C GLY J 99 0.41 48.26 39.06
N ASP J 100 1.33 48.87 39.81
CA ASP J 100 1.10 50.20 40.35
C ASP J 100 1.60 51.30 39.39
N SER J 101 0.79 52.33 39.17
CA SER J 101 1.14 53.39 38.20
C SER J 101 2.21 54.31 38.76
N LEU J 102 3.16 54.69 37.90
CA LEU J 102 4.21 55.67 38.20
C LEU J 102 3.88 57.08 37.66
N LEU J 103 3.42 57.15 36.39
CA LEU J 103 3.13 58.39 35.67
C LEU J 103 1.99 58.16 34.66
N THR J 104 1.29 59.23 34.29
CA THR J 104 0.17 59.15 33.35
C THR J 104 0.02 60.42 32.52
N SER J 105 -0.53 60.29 31.30
CA SER J 105 -1.08 61.44 30.58
C SER J 105 -2.30 61.98 31.37
N THR J 106 -2.82 63.14 30.98
CA THR J 106 -4.13 63.60 31.42
C THR J 106 -5.21 62.92 30.57
N GLY J 107 -6.46 63.41 30.60
CA GLY J 107 -7.57 62.77 29.87
C GLY J 107 -8.42 61.92 30.82
N ILE J 108 -8.86 60.73 30.38
CA ILE J 108 -9.76 59.89 31.19
C ILE J 108 -9.01 59.04 32.22
N ILE J 109 -8.53 59.72 33.25
CA ILE J 109 -7.53 59.13 34.14
C ILE J 109 -8.11 58.26 35.23
N ILE J 110 -9.44 58.07 35.25
CA ILE J 110 -10.01 57.00 36.10
C ILE J 110 -9.39 55.64 35.74
N HIS J 111 -8.92 55.51 34.48
CA HIS J 111 -8.35 54.25 34.02
C HIS J 111 -6.91 53.99 34.46
N VAL J 112 -6.29 54.96 35.12
CA VAL J 112 -5.03 54.70 35.84
C VAL J 112 -5.29 53.52 36.82
N GLY J 113 -6.37 53.62 37.58
CA GLY J 113 -6.80 52.58 38.53
C GLY J 113 -7.37 51.33 37.88
N THR J 114 -8.26 51.48 36.89
CA THR J 114 -8.90 50.26 36.26
C THR J 114 -7.87 49.37 35.52
N MET J 115 -6.93 49.97 34.79
CA MET J 115 -5.94 49.17 34.04
C MET J 115 -4.93 48.50 34.99
N GLY J 116 -4.56 49.20 36.07
CA GLY J 116 -3.72 48.58 37.10
C GLY J 116 -4.40 47.41 37.80
N ALA J 117 -5.70 47.55 38.08
CA ALA J 117 -6.45 46.47 38.68
C ALA J 117 -6.58 45.26 37.73
N ALA J 118 -6.64 45.50 36.42
CA ALA J 118 -6.65 44.39 35.44
C ALA J 118 -5.29 43.67 35.42
N ILE J 119 -4.20 44.44 35.46
CA ILE J 119 -2.86 43.83 35.60
C ILE J 119 -2.77 42.98 36.89
N LYS J 120 -3.29 43.52 38.00
CA LYS J 120 -3.26 42.77 39.27
C LYS J 120 -4.12 41.48 39.23
N TYR J 121 -5.24 41.50 38.49
CA TYR J 121 -6.01 40.27 38.26
C TYR J 121 -5.16 39.19 37.54
N MET J 122 -4.43 39.59 36.50
CA MET J 122 -3.49 38.67 35.81
C MET J 122 -2.43 38.12 36.76
N ILE J 123 -1.88 39.00 37.60
CA ILE J 123 -0.89 38.60 38.60
C ILE J 123 -1.46 37.54 39.54
N GLU J 124 -2.62 37.84 40.11
CA GLU J 124 -3.25 37.02 41.13
C GLU J 124 -3.84 35.70 40.61
N ASN J 125 -4.14 35.61 39.33
CA ASN J 125 -4.72 34.39 38.73
C ASN J 125 -3.74 33.59 37.84
N ASN J 126 -2.44 33.88 37.96
CA ASN J 126 -1.38 33.05 37.37
C ASN J 126 -1.44 33.00 35.84
N TRP J 127 -1.69 34.18 35.24
CA TRP J 127 -1.48 34.39 33.82
C TRP J 127 -0.02 34.06 33.43
N GLU J 128 0.93 34.21 34.37
CA GLU J 128 2.34 33.89 34.09
C GLU J 128 2.53 32.43 33.63
N ALA J 129 1.82 31.48 34.25
CA ALA J 129 1.94 30.08 33.87
C ALA J 129 1.07 29.73 32.66
N ASN J 130 -0.10 30.37 32.51
CA ASN J 130 -1.00 30.13 31.36
C ASN J 130 -1.96 31.34 31.28
N PRO J 131 -2.03 32.08 30.16
CA PRO J 131 -1.43 31.76 28.86
C PRO J 131 0.02 32.19 28.64
N GLY J 132 0.68 32.65 29.71
CA GLY J 132 2.05 33.19 29.62
C GLY J 132 2.06 34.70 29.34
N VAL J 133 3.09 35.37 29.83
CA VAL J 133 3.28 36.82 29.60
C VAL J 133 4.67 36.97 28.96
N HIS J 134 4.68 37.22 27.66
CA HIS J 134 5.89 37.21 26.84
C HIS J 134 6.15 38.55 26.18
N ASP J 135 7.44 38.82 25.96
CA ASP J 135 7.87 40.03 25.26
C ASP J 135 7.17 40.10 23.89
N LYS J 136 6.61 41.29 23.59
CA LYS J 136 5.84 41.60 22.37
C LYS J 136 4.38 41.05 22.32
N ASP J 137 3.90 40.49 23.43
CA ASP J 137 2.48 40.15 23.56
C ASP J 137 1.62 41.40 23.55
N ILE J 138 0.35 41.23 23.14
CA ILE J 138 -0.68 42.27 23.26
C ILE J 138 -1.90 41.71 23.99
N PHE J 139 -2.29 42.36 25.10
CA PHE J 139 -3.50 42.01 25.86
C PHE J 139 -4.60 43.06 25.61
N CYS J 140 -5.86 42.62 25.60
CA CYS J 140 -7.00 43.52 25.54
C CYS J 140 -7.96 43.19 26.67
N ASN J 141 -8.62 44.20 27.23
CA ASN J 141 -9.51 44.00 28.39
C ASN J 141 -10.54 45.11 28.51
N ASN J 142 -11.76 44.76 28.91
CA ASN J 142 -12.75 45.75 29.33
C ASN J 142 -13.71 45.29 30.44
N ASP J 143 -13.39 44.20 31.14
CA ASP J 143 -14.34 43.47 32.00
C ASP J 143 -14.63 44.25 33.29
N SER J 144 -15.87 44.74 33.44
CA SER J 144 -16.26 45.46 34.65
C SER J 144 -16.31 44.58 35.91
N LEU J 145 -16.40 43.25 35.79
CA LEU J 145 -16.35 42.39 37.00
C LEU J 145 -14.98 42.37 37.70
N ILE J 146 -13.92 42.77 37.01
CA ILE J 146 -12.61 42.92 37.63
C ILE J 146 -12.17 44.40 37.78
N GLY J 147 -13.11 45.33 37.57
CA GLY J 147 -12.90 46.72 37.97
C GLY J 147 -13.16 47.84 37.00
N ASN J 148 -13.41 47.55 35.73
CA ASN J 148 -13.58 48.60 34.71
C ASN J 148 -14.91 49.41 34.90
N VAL J 149 -14.94 50.64 34.35
CA VAL J 149 -16.09 51.51 34.40
C VAL J 149 -17.29 50.92 33.65
N HIS J 150 -17.06 50.58 32.40
CA HIS J 150 -18.10 50.02 31.52
C HIS J 150 -17.45 49.42 30.27
N PRO J 151 -18.19 48.57 29.53
CA PRO J 151 -17.59 47.92 28.36
C PRO J 151 -17.03 48.84 27.25
N CYS J 152 -17.60 50.03 27.05
CA CYS J 152 -17.09 50.94 26.03
C CYS J 152 -15.67 51.54 26.28
N ASP J 153 -15.12 51.41 27.48
CA ASP J 153 -13.74 51.79 27.72
C ASP J 153 -12.83 50.57 27.53
N ILE J 154 -12.20 50.51 26.35
CA ILE J 154 -11.38 49.37 26.00
C ILE J 154 -9.90 49.63 26.35
N HIS J 155 -9.31 48.66 27.07
CA HIS J 155 -7.87 48.69 27.41
C HIS J 155 -7.03 47.82 26.45
N THR J 156 -5.85 48.34 26.04
CA THR J 156 -4.77 47.56 25.43
C THR J 156 -3.59 47.66 26.42
N ILE J 157 -3.08 46.49 26.84
CA ILE J 157 -2.02 46.36 27.85
C ILE J 157 -0.83 45.55 27.28
N VAL J 158 0.38 46.13 27.32
CA VAL J 158 1.60 45.55 26.76
C VAL J 158 2.67 45.46 27.88
N PRO J 159 3.25 44.26 28.11
CA PRO J 159 4.35 44.15 29.09
C PRO J 159 5.65 44.75 28.52
N ILE J 160 6.48 45.27 29.42
CA ILE J 160 7.78 45.84 29.07
C ILE J 160 8.91 44.97 29.67
N PHE J 161 9.84 44.55 28.82
CA PHE J 161 10.95 43.65 29.15
C PHE J 161 12.31 44.35 28.97
N TRP J 162 13.27 43.95 29.80
CA TRP J 162 14.66 44.40 29.68
C TRP J 162 15.54 43.18 29.91
N GLU J 163 16.37 42.87 28.92
CA GLU J 163 17.25 41.70 28.95
C GLU J 163 16.56 40.42 29.37
N GLY J 164 15.38 40.17 28.80
CA GLY J 164 14.65 38.94 29.04
C GLY J 164 13.79 38.88 30.27
N GLU J 165 13.72 39.94 31.07
CA GLU J 165 12.92 39.96 32.30
C GLU J 165 11.92 41.12 32.30
N LEU J 166 10.80 40.94 32.98
CA LEU J 166 9.72 41.95 33.00
C LEU J 166 10.07 43.07 33.99
N ILE J 167 9.97 44.31 33.52
CA ILE J 167 10.25 45.46 34.36
C ILE J 167 9.09 46.46 34.48
N GLY J 168 7.95 46.19 33.83
CA GLY J 168 6.82 47.09 33.86
C GLY J 168 5.76 46.74 32.85
N TRP J 169 4.75 47.62 32.73
CA TRP J 169 3.67 47.46 31.77
C TRP J 169 3.26 48.86 31.28
N VAL J 170 2.64 48.94 30.10
CA VAL J 170 1.98 50.16 29.64
C VAL J 170 0.54 49.87 29.27
N GLY J 171 -0.36 50.72 29.75
CA GLY J 171 -1.78 50.61 29.40
C GLY J 171 -2.26 51.81 28.59
N GLY J 172 -3.10 51.55 27.60
CA GLY J 172 -3.81 52.59 26.85
C GLY J 172 -5.30 52.32 26.74
N VAL J 173 -6.12 53.35 26.99
CA VAL J 173 -7.58 53.23 26.94
C VAL J 173 -8.18 54.22 25.94
N THR J 174 -9.22 53.82 25.21
CA THR J 174 -10.08 54.74 24.46
C THR J 174 -11.55 54.41 24.77
N HIS J 175 -12.35 55.47 24.94
CA HIS J 175 -13.81 55.29 24.92
C HIS J 175 -14.28 55.07 23.48
N VAL J 176 -14.84 53.90 23.18
CA VAL J 176 -15.38 53.57 21.82
C VAL J 176 -16.88 53.88 21.74
N ILE J 177 -17.36 54.06 20.52
CA ILE J 177 -18.76 54.49 20.31
C ILE J 177 -19.77 53.43 20.84
N ASP J 178 -19.56 52.17 20.51
CA ASP J 178 -20.44 51.11 21.00
C ASP J 178 -19.73 49.76 21.07
N THR J 179 -20.28 48.88 21.92
CA THR J 179 -19.79 47.51 22.07
C THR J 179 -20.87 46.46 21.80
N GLY J 180 -21.90 46.79 21.03
CA GLY J 180 -22.89 45.81 20.65
C GLY J 180 -23.74 45.37 21.82
N ALA J 181 -24.20 46.35 22.62
CA ALA J 181 -25.23 46.12 23.63
C ALA J 181 -26.60 46.16 22.94
N VAL J 182 -27.63 45.69 23.66
CA VAL J 182 -29.05 45.75 23.21
C VAL J 182 -29.41 47.18 22.72
N GLY J 183 -29.07 48.19 23.51
CA GLY J 183 -29.28 49.59 23.12
C GLY J 183 -28.12 50.15 22.27
N PRO J 184 -28.44 50.95 21.24
CA PRO J 184 -27.42 51.52 20.36
C PRO J 184 -26.85 52.83 20.90
N GLY J 185 -25.70 52.74 21.54
CA GLY J 185 -25.00 53.87 22.16
C GLY J 185 -23.94 53.33 23.13
N SER J 186 -23.17 54.24 23.74
CA SER J 186 -22.17 53.87 24.75
C SER J 186 -22.79 53.70 26.14
N MET J 187 -23.73 54.57 26.48
CA MET J 187 -24.37 54.64 27.82
C MET J 187 -25.77 54.02 27.75
N ALA J 188 -25.80 52.77 27.29
CA ALA J 188 -26.98 52.18 26.72
C ALA J 188 -28.02 51.71 27.77
N THR J 189 -29.28 51.75 27.35
CA THR J 189 -30.41 51.17 28.05
C THR J 189 -31.03 50.10 27.15
N GLY J 190 -31.88 49.25 27.76
CA GLY J 190 -32.56 48.16 27.08
C GLY J 190 -32.31 46.84 27.77
N GLN J 191 -31.05 46.47 27.88
CA GLN J 191 -30.62 45.33 28.71
C GLN J 191 -30.77 45.68 30.21
N VAL J 192 -30.94 44.64 31.06
CA VAL J 192 -30.96 44.79 32.52
C VAL J 192 -29.94 43.95 33.30
N GLN J 193 -29.09 43.25 32.55
CA GLN J 193 -28.07 42.30 33.07
C GLN J 193 -26.85 42.31 32.14
N ARG J 194 -25.79 41.62 32.56
CA ARG J 194 -24.56 41.41 31.76
C ARG J 194 -24.87 40.85 30.38
N PHE J 195 -25.88 40.00 30.32
CA PHE J 195 -26.35 39.34 29.09
C PHE J 195 -27.09 40.39 28.22
N GLY J 196 -26.40 40.93 27.21
CA GLY J 196 -26.90 42.09 26.42
C GLY J 196 -26.24 43.44 26.75
N ASP J 197 -25.26 43.47 27.68
CA ASP J 197 -24.61 44.69 28.13
C ASP J 197 -23.36 45.02 27.27
N GLY J 198 -23.09 44.22 26.22
CA GLY J 198 -21.98 44.48 25.33
C GLY J 198 -20.90 43.37 25.32
N TYR J 199 -20.09 43.40 24.28
CA TYR J 199 -18.92 42.52 24.10
C TYR J 199 -17.94 42.76 25.27
N SER J 200 -17.69 41.72 26.07
CA SER J 200 -16.91 41.82 27.29
C SER J 200 -15.70 40.87 27.19
N ILE J 201 -14.50 41.44 27.38
CA ILE J 201 -13.21 40.82 27.11
C ILE J 201 -12.44 40.74 28.46
N THR J 202 -12.04 39.56 28.91
CA THR J 202 -11.36 39.40 30.21
C THR J 202 -9.86 39.11 30.02
N CYS J 203 -9.04 40.18 30.05
CA CYS J 203 -7.56 40.07 29.94
C CYS J 203 -7.11 39.05 28.82
N ARG J 204 -7.68 39.22 27.63
CA ARG J 204 -7.44 38.30 26.52
C ARG J 204 -6.11 38.57 25.84
N LYS J 205 -5.33 37.52 25.54
CA LYS J 205 -4.16 37.72 24.69
C LYS J 205 -4.64 37.78 23.22
N VAL J 206 -4.57 38.97 22.63
CA VAL J 206 -5.05 39.23 21.27
C VAL J 206 -3.97 39.36 20.21
N GLY J 207 -2.71 39.26 20.63
CA GLY J 207 -1.58 39.30 19.72
C GLY J 207 -0.28 38.86 20.36
N ALA J 208 0.68 38.54 19.48
CA ALA J 208 2.02 38.15 19.85
C ALA J 208 2.98 38.59 18.73
N ASN J 209 4.26 38.75 19.08
CA ASN J 209 5.24 39.30 18.16
C ASN J 209 4.74 40.63 17.53
N ASP J 210 4.09 41.46 18.36
CA ASP J 210 3.58 42.78 17.94
C ASP J 210 2.52 42.75 16.85
N THR J 211 1.87 41.59 16.67
CA THR J 211 0.94 41.36 15.57
C THR J 211 -0.40 40.83 16.12
N LEU J 212 -1.49 41.48 15.77
CA LEU J 212 -2.84 41.04 16.18
C LEU J 212 -3.29 39.73 15.51
N PHE J 213 -3.93 38.85 16.28
CA PHE J 213 -4.40 37.57 15.75
C PHE J 213 -5.66 37.77 14.89
N ARG J 214 -5.74 37.07 13.77
CA ARG J 214 -6.87 37.20 12.85
C ARG J 214 -8.22 36.75 13.44
N ASP J 215 -8.23 35.68 14.27
CA ASP J 215 -9.47 35.24 14.91
C ASP J 215 -10.06 36.31 15.79
N TRP J 216 -9.22 37.01 16.56
CA TRP J 216 -9.62 38.19 17.34
C TRP J 216 -10.20 39.31 16.45
N LEU J 217 -9.48 39.62 15.37
CA LEU J 217 -9.89 40.70 14.47
C LEU J 217 -11.28 40.45 13.86
N HIS J 218 -11.49 39.26 13.30
CA HIS J 218 -12.77 38.91 12.68
C HIS J 218 -13.94 38.90 13.69
N GLU J 219 -13.70 38.34 14.88
CA GLU J 219 -14.75 38.22 15.89
C GLU J 219 -15.17 39.56 16.47
N SER J 220 -14.18 40.29 16.98
CA SER J 220 -14.42 41.59 17.60
C SER J 220 -15.17 42.55 16.65
N GLN J 221 -14.75 42.56 15.39
CA GLN J 221 -15.29 43.51 14.41
C GLN J 221 -16.75 43.28 14.06
N ARG J 222 -17.26 42.06 14.20
CA ARG J 222 -18.69 41.73 13.95
C ARG J 222 -19.57 41.74 15.20
N MET J 223 -19.00 41.99 16.37
CA MET J 223 -19.77 42.09 17.61
C MET J 223 -20.12 43.55 17.99
N VAL J 224 -19.84 44.51 17.09
CA VAL J 224 -20.13 45.93 17.31
C VAL J 224 -20.84 46.51 16.07
N ARG J 225 -21.56 47.61 16.29
CA ARG J 225 -22.14 48.37 15.17
C ARG J 225 -21.11 49.21 14.40
N THR J 226 -20.31 49.98 15.15
CA THR J 226 -19.42 51.02 14.55
C THR J 226 -18.00 50.44 14.20
N THR J 227 -18.00 49.39 13.38
CA THR J 227 -16.79 48.61 13.09
C THR J 227 -15.54 49.44 12.71
N ARG J 228 -15.68 50.34 11.73
CA ARG J 228 -14.52 51.12 11.26
C ARG J 228 -13.97 52.00 12.38
N TYR J 229 -14.85 52.58 13.19
CA TYR J 229 -14.46 53.45 14.32
C TYR J 229 -13.75 52.63 15.39
N TRP J 230 -14.30 51.46 15.71
CA TRP J 230 -13.66 50.43 16.58
C TRP J 230 -12.22 50.11 16.13
N MET J 231 -12.05 49.84 14.84
CA MET J 231 -10.75 49.43 14.27
C MET J 231 -9.68 50.52 14.45
N LEU J 232 -10.04 51.78 14.18
CA LEU J 232 -9.07 52.87 14.32
C LEU J 232 -8.82 53.25 15.79
N ASP J 233 -9.80 53.08 16.67
CA ASP J 233 -9.54 53.23 18.13
C ASP J 233 -8.53 52.18 18.64
N GLU J 234 -8.60 50.96 18.09
CA GLU J 234 -7.62 49.93 18.44
C GLU J 234 -6.20 50.29 17.97
N ARG J 235 -6.06 50.74 16.74
CA ARG J 235 -4.74 51.20 16.25
C ARG J 235 -4.20 52.38 17.05
N THR J 236 -5.09 53.30 17.49
CA THR J 236 -4.76 54.38 18.42
C THR J 236 -4.11 53.88 19.72
N ARG J 237 -4.74 52.86 20.34
CA ARG J 237 -4.20 52.32 21.59
C ARG J 237 -2.84 51.63 21.40
N ILE J 238 -2.72 50.81 20.35
CA ILE J 238 -1.45 50.09 20.11
C ILE J 238 -0.30 51.07 19.82
N ALA J 239 -0.58 52.14 19.03
CA ALA J 239 0.42 53.15 18.75
C ALA J 239 1.01 53.75 20.02
N GLY J 240 0.15 54.24 20.90
CA GLY J 240 0.62 54.86 22.11
C GLY J 240 1.36 53.92 23.06
N CYS J 241 0.85 52.70 23.21
CA CYS J 241 1.55 51.67 23.99
C CYS J 241 2.98 51.42 23.48
N HIS J 242 3.14 51.26 22.16
CA HIS J 242 4.44 51.00 21.54
C HIS J 242 5.39 52.20 21.54
N MET J 243 4.84 53.42 21.41
CA MET J 243 5.63 54.66 21.57
C MET J 243 6.25 54.72 22.98
N ILE J 244 5.44 54.40 24.00
CA ILE J 244 5.93 54.45 25.40
C ILE J 244 6.93 53.32 25.68
N ARG J 245 6.66 52.10 25.21
CA ARG J 245 7.61 50.98 25.36
C ARG J 245 8.98 51.33 24.80
N LYS J 246 8.99 51.92 23.60
CA LYS J 246 10.24 52.32 22.98
C LYS J 246 10.98 53.38 23.80
N LEU J 247 10.26 54.37 24.29
CA LEU J 247 10.87 55.41 25.14
C LEU J 247 11.47 54.82 26.44
N VAL J 248 10.75 53.91 27.10
CA VAL J 248 11.30 53.26 28.31
C VAL J 248 12.61 52.51 27.99
N GLU J 249 12.65 51.78 26.88
CA GLU J 249 13.86 51.07 26.46
C GLU J 249 15.04 52.03 26.24
N GLU J 250 14.79 53.20 25.64
CA GLU J 250 15.82 54.20 25.40
C GLU J 250 16.34 54.81 26.71
N VAL J 251 15.41 55.12 27.62
CA VAL J 251 15.76 55.68 28.93
C VAL J 251 16.60 54.70 29.75
N VAL J 252 16.20 53.44 29.77
CA VAL J 252 16.98 52.39 30.45
C VAL J 252 18.39 52.24 29.83
N ALA J 253 18.47 52.20 28.50
CA ALA J 253 19.76 52.13 27.80
C ALA J 253 20.66 53.27 28.17
N GLU J 254 20.12 54.48 28.20
CA GLU J 254 20.91 55.67 28.52
C GLU J 254 21.28 55.84 30.02
N GLU J 255 20.34 55.63 30.95
CA GLU J 255 20.59 55.93 32.39
C GLU J 255 20.87 54.69 33.25
N GLY J 256 20.64 53.50 32.70
CA GLY J 256 20.90 52.25 33.39
C GLY J 256 19.63 51.75 34.08
N ILE J 257 19.50 50.44 34.09
CA ILE J 257 18.35 49.77 34.72
C ILE J 257 18.30 50.02 36.23
N GLU J 258 19.44 50.16 36.91
CA GLU J 258 19.41 50.37 38.38
C GLU J 258 18.69 51.63 38.80
N ALA J 259 18.98 52.72 38.11
CA ALA J 259 18.28 53.99 38.38
C ALA J 259 16.77 53.90 38.06
N TYR J 260 16.42 53.32 36.90
CA TYR J 260 15.01 53.17 36.52
C TYR J 260 14.26 52.30 37.52
N TRP J 261 14.89 51.20 37.92
CA TRP J 261 14.32 50.24 38.91
C TRP J 261 14.02 50.90 40.25
N LYS J 262 14.93 51.78 40.71
CA LYS J 262 14.63 52.60 41.90
C LYS J 262 13.43 53.56 41.71
N PHE J 263 13.41 54.29 40.58
CA PHE J 263 12.34 55.25 40.30
C PHE J 263 10.96 54.59 40.24
N ALA J 264 10.92 53.38 39.68
CA ALA J 264 9.66 52.66 39.46
C ALA J 264 8.88 52.34 40.75
N TYR J 265 9.54 52.32 41.92
CA TYR J 265 8.87 52.19 43.22
C TYR J 265 8.88 53.48 44.04
N GLU J 266 9.98 54.23 44.00
CA GLU J 266 10.07 55.51 44.73
C GLU J 266 9.00 56.51 44.29
N ALA J 267 8.67 56.55 42.98
CA ALA J 267 7.69 57.51 42.47
C ALA J 267 6.29 57.32 43.11
N VAL J 268 5.94 56.08 43.45
CA VAL J 268 4.67 55.78 44.07
C VAL J 268 4.66 56.27 45.53
N GLU J 269 5.72 55.93 46.29
CA GLU J 269 5.81 56.40 47.67
C GLU J 269 5.85 57.96 47.75
N HIS J 270 6.55 58.57 46.80
CA HIS J 270 6.57 60.05 46.67
C HIS J 270 5.12 60.62 46.53
N GLY J 271 4.32 59.98 45.67
CA GLY J 271 2.88 60.27 45.59
C GLY J 271 2.09 60.20 46.88
N ARG J 272 2.29 59.12 47.66
CA ARG J 272 1.63 58.99 48.96
C ARG J 272 2.03 60.11 49.92
N LEU J 273 3.33 60.36 50.01
CA LEU J 273 3.86 61.47 50.83
C LEU J 273 3.24 62.84 50.46
N GLY J 274 3.08 63.06 49.16
CA GLY J 274 2.43 64.28 48.62
C GLY J 274 0.99 64.48 49.08
N LEU J 275 0.20 63.42 49.05
CA LEU J 275 -1.19 63.50 49.56
C LEU J 275 -1.25 63.82 51.05
N GLN J 276 -0.46 63.09 51.84
CA GLN J 276 -0.42 63.31 53.29
C GLN J 276 -0.04 64.77 53.64
N ALA J 277 0.95 65.30 52.95
CA ALA J 277 1.39 66.69 53.18
C ALA J 277 0.31 67.71 52.78
N ARG J 278 -0.37 67.46 51.66
CA ARG J 278 -1.41 68.36 51.20
C ARG J 278 -2.64 68.36 52.13
N ILE J 279 -2.99 67.19 52.65
CA ILE J 279 -4.06 67.09 53.64
C ILE J 279 -3.73 67.94 54.88
N LYS J 280 -2.49 67.82 55.39
CA LYS J 280 -2.11 68.59 56.57
C LYS J 280 -1.92 70.08 56.33
N ALA J 281 -1.61 70.48 55.09
CA ALA J 281 -1.47 71.89 54.73
C ALA J 281 -2.83 72.61 54.44
N MET J 282 -3.84 71.88 53.96
CA MET J 282 -5.05 72.50 53.38
C MET J 282 -6.35 72.26 54.17
N THR J 283 -6.44 71.17 54.94
CA THR J 283 -7.71 70.74 55.52
C THR J 283 -7.75 70.96 57.06
N ILE J 284 -8.68 70.30 57.74
CA ILE J 284 -8.87 70.36 59.20
C ILE J 284 -9.23 68.92 59.66
N PRO J 285 -8.58 68.39 60.71
CA PRO J 285 -9.00 67.08 61.20
C PRO J 285 -10.41 67.10 61.75
N GLY J 286 -11.15 66.00 61.59
CA GLY J 286 -12.54 65.92 62.05
C GLY J 286 -13.37 64.91 61.28
N THR J 287 -14.68 64.92 61.56
CA THR J 287 -15.64 64.06 60.87
C THR J 287 -16.59 64.92 60.04
N TYR J 288 -16.73 64.56 58.76
CA TYR J 288 -17.56 65.26 57.75
C TYR J 288 -18.65 64.29 57.27
N ARG J 289 -19.91 64.72 57.27
CA ARG J 289 -21.02 63.82 56.88
C ARG J 289 -21.83 64.47 55.73
N GLN J 290 -22.11 63.69 54.69
CA GLN J 290 -22.78 64.16 53.49
C GLN J 290 -23.41 62.99 52.71
N VAL J 291 -24.24 63.30 51.72
CA VAL J 291 -24.99 62.28 50.97
C VAL J 291 -25.37 62.76 49.58
N GLY J 292 -25.52 61.81 48.64
CA GLY J 292 -26.05 62.08 47.30
C GLY J 292 -27.08 61.02 46.88
N PHE J 293 -27.93 61.36 45.93
CA PHE J 293 -28.99 60.54 45.38
C PHE J 293 -29.11 60.74 43.84
N VAL J 294 -29.79 59.79 43.17
CA VAL J 294 -30.30 59.99 41.78
C VAL J 294 -31.47 59.03 41.46
N ASP J 295 -32.25 59.39 40.45
CA ASP J 295 -33.48 58.66 40.10
C ASP J 295 -33.32 57.60 39.02
N VAL J 296 -34.06 56.50 39.17
CA VAL J 296 -34.19 55.44 38.14
C VAL J 296 -35.70 55.18 37.88
N PRO J 297 -36.31 55.98 36.98
CA PRO J 297 -37.76 55.84 36.69
C PRO J 297 -38.09 54.74 35.66
N TYR J 298 -37.86 53.48 36.04
CA TYR J 298 -38.07 52.33 35.11
C TYR J 298 -39.53 51.87 35.05
N ALA J 299 -40.41 52.41 35.87
CA ALA J 299 -41.86 52.09 35.77
C ALA J 299 -42.54 52.66 34.52
N HIS J 300 -42.02 53.77 33.98
CA HIS J 300 -42.65 54.47 32.85
C HIS J 300 -42.74 53.56 31.60
N GLU J 301 -43.81 53.72 30.83
CA GLU J 301 -44.03 52.89 29.65
C GLU J 301 -42.96 53.03 28.54
N ASP J 302 -42.22 54.14 28.50
CA ASP J 302 -41.19 54.37 27.50
C ASP J 302 -39.83 53.76 27.89
N VAL J 303 -39.76 53.08 29.04
CA VAL J 303 -38.65 52.19 29.36
C VAL J 303 -39.09 50.73 29.07
N ARG J 304 -38.75 50.24 27.88
CA ARG J 304 -39.20 48.92 27.41
C ARG J 304 -38.17 47.87 27.66
N VAL J 305 -38.05 47.44 28.90
CA VAL J 305 -37.06 46.40 29.22
C VAL J 305 -37.67 44.99 29.07
N PRO J 306 -36.85 43.99 28.71
CA PRO J 306 -37.33 42.66 28.40
C PRO J 306 -37.52 41.72 29.60
N SER J 307 -37.37 42.22 30.85
CA SER J 307 -37.53 41.41 32.05
C SER J 307 -38.49 42.13 33.00
N ASP J 308 -39.60 41.49 33.36
CA ASP J 308 -40.62 42.12 34.25
C ASP J 308 -40.15 42.45 35.69
N PHE J 309 -39.15 41.72 36.18
CA PHE J 309 -38.61 41.97 37.53
C PHE J 309 -37.79 43.28 37.61
N ALA J 310 -37.51 43.92 36.46
CA ALA J 310 -36.82 45.22 36.37
C ALA J 310 -37.74 46.42 36.29
N LYS J 311 -39.05 46.21 36.15
CA LYS J 311 -39.98 47.32 35.95
C LYS J 311 -40.45 47.90 37.27
N LEU J 312 -39.66 48.83 37.78
CA LEU J 312 -39.99 49.56 39.02
C LEU J 312 -39.15 50.82 39.11
N ASP J 313 -39.67 51.77 39.89
CA ASP J 313 -38.99 53.04 40.19
C ASP J 313 -38.09 52.87 41.42
N THR J 314 -36.80 53.18 41.30
CA THR J 314 -35.89 53.17 42.44
C THR J 314 -35.04 54.46 42.48
N ILE J 315 -34.40 54.66 43.64
CA ILE J 315 -33.52 55.80 43.93
C ILE J 315 -32.18 55.27 44.48
N MET J 316 -31.09 55.75 43.89
CA MET J 316 -29.73 55.52 44.42
C MET J 316 -29.51 56.37 45.71
N HIS J 317 -28.93 55.74 46.73
CA HIS J 317 -28.53 56.33 48.02
C HIS J 317 -27.00 56.11 48.25
N ALA J 318 -26.25 57.20 48.49
CA ALA J 318 -24.82 57.15 48.77
C ALA J 318 -24.40 58.11 49.90
N PRO J 319 -24.62 57.68 51.17
CA PRO J 319 -24.11 58.46 52.29
C PRO J 319 -22.62 58.18 52.50
N CYS J 320 -21.87 59.18 52.96
CA CYS J 320 -20.44 59.07 53.22
C CYS J 320 -20.08 59.72 54.56
N GLU J 321 -19.43 58.94 55.42
CA GLU J 321 -18.76 59.45 56.63
C GLU J 321 -17.28 59.57 56.32
N MET J 322 -16.80 60.81 56.28
CA MET J 322 -15.40 61.13 55.90
C MET J 322 -14.64 61.54 57.19
N THR J 323 -13.54 60.87 57.50
CA THR J 323 -12.71 61.16 58.68
C THR J 323 -11.30 61.59 58.27
N ILE J 324 -10.87 62.81 58.64
CA ILE J 324 -9.50 63.27 58.45
C ILE J 324 -8.84 63.20 59.82
N ARG J 325 -7.72 62.45 59.90
CA ARG J 325 -6.97 62.25 61.16
C ARG J 325 -5.82 63.25 61.36
N ARG J 326 -5.40 63.40 62.61
CA ARG J 326 -4.27 64.24 62.97
C ARG J 326 -2.98 63.90 62.23
N ASP J 327 -2.77 62.64 61.89
CA ASP J 327 -1.54 62.23 61.19
C ASP J 327 -1.59 62.43 59.68
N GLY J 328 -2.69 62.99 59.15
CA GLY J 328 -2.80 63.24 57.70
C GLY J 328 -3.31 62.06 56.86
N THR J 329 -3.72 60.97 57.51
CA THR J 329 -4.43 59.89 56.85
C THR J 329 -5.92 60.27 56.80
N TRP J 330 -6.67 59.64 55.91
CA TRP J 330 -8.11 59.86 55.84
C TRP J 330 -8.89 58.61 55.41
N ARG J 331 -10.21 58.62 55.69
CA ARG J 331 -11.03 57.46 55.56
C ARG J 331 -12.42 57.84 55.04
N LEU J 332 -12.94 57.07 54.09
CA LEU J 332 -14.27 57.28 53.52
C LEU J 332 -15.10 56.01 53.61
N ASP J 333 -16.22 56.08 54.35
CA ASP J 333 -17.03 54.90 54.71
C ASP J 333 -18.44 55.14 54.15
N PHE J 334 -18.91 54.21 53.30
CA PHE J 334 -20.19 54.30 52.62
C PHE J 334 -21.31 53.36 53.20
N GLU J 335 -21.17 52.96 54.46
CA GLU J 335 -22.23 52.32 55.23
C GLU J 335 -23.55 53.03 55.04
N GLY J 336 -24.58 52.29 54.70
CA GLY J 336 -25.90 52.85 54.45
C GLY J 336 -26.32 52.94 52.99
N SER J 337 -25.40 52.66 52.07
CA SER J 337 -25.70 52.81 50.63
C SER J 337 -26.70 51.73 50.15
N SER J 338 -27.39 52.05 49.07
CA SER J 338 -28.43 51.14 48.49
C SER J 338 -27.80 49.99 47.70
N ARG J 339 -28.65 49.04 47.25
CA ARG J 339 -28.22 47.80 46.59
C ARG J 339 -28.04 47.99 45.09
N TRP J 340 -27.21 47.13 44.47
CA TRP J 340 -27.21 46.98 42.99
C TRP J 340 -28.66 46.74 42.50
N GLY J 341 -28.89 46.96 41.21
CA GLY J 341 -30.22 46.72 40.64
C GLY J 341 -30.25 46.24 39.18
N TRP J 342 -31.47 46.08 38.67
CA TRP J 342 -31.71 45.56 37.34
C TRP J 342 -31.82 46.74 36.34
N HIS J 343 -30.63 47.22 35.97
CA HIS J 343 -30.43 48.43 35.16
C HIS J 343 -28.93 48.44 34.79
N THR J 344 -28.48 49.52 34.12
CA THR J 344 -27.10 49.63 33.64
C THR J 344 -26.20 50.61 34.45
N TYR J 345 -26.55 50.84 35.70
CA TYR J 345 -25.95 51.91 36.58
C TYR J 345 -25.10 51.36 37.74
N ASN J 346 -24.89 50.03 37.76
CA ASN J 346 -24.07 49.39 38.78
C ASN J 346 -22.58 49.66 38.59
N ALA J 347 -21.80 49.49 39.65
CA ALA J 347 -20.35 49.76 39.58
C ALA J 347 -19.52 48.66 40.26
N HIS J 348 -18.31 49.01 40.70
CA HIS J 348 -17.34 48.05 41.24
C HIS J 348 -16.44 48.85 42.18
N GLN J 349 -15.85 48.17 43.14
CA GLN J 349 -14.99 48.84 44.14
C GLN J 349 -13.84 49.63 43.46
N VAL J 350 -13.25 49.09 42.41
CA VAL J 350 -12.16 49.75 41.69
C VAL J 350 -12.61 51.03 40.97
N SER J 351 -13.69 50.95 40.17
CA SER J 351 -14.17 52.16 39.49
C SER J 351 -14.65 53.23 40.48
N PHE J 352 -15.34 52.82 41.53
CA PHE J 352 -15.81 53.76 42.55
C PHE J 352 -14.67 54.50 43.25
N THR J 353 -13.67 53.78 43.73
CA THR J 353 -12.54 54.38 44.47
C THR J 353 -11.54 55.13 43.55
N SER J 354 -11.37 54.63 42.31
CA SER J 354 -10.57 55.35 41.29
C SER J 354 -11.16 56.70 40.93
N GLY J 355 -12.49 56.81 40.89
CA GLY J 355 -13.13 58.11 40.69
C GLY J 355 -12.92 59.10 41.83
N ILE J 356 -12.88 58.60 43.07
CA ILE J 356 -12.54 59.47 44.21
C ILE J 356 -11.10 59.99 44.04
N TRP J 357 -10.19 59.13 43.55
CA TRP J 357 -8.82 59.49 43.24
C TRP J 357 -8.78 60.60 42.16
N VAL J 358 -9.61 60.46 41.11
CA VAL J 358 -9.76 61.50 40.09
C VAL J 358 -10.16 62.86 40.72
N MET J 359 -11.15 62.84 41.60
CA MET J 359 -11.53 64.04 42.32
C MET J 359 -10.36 64.65 43.10
N MET J 360 -9.62 63.82 43.82
CA MET J 360 -8.41 64.27 44.52
C MET J 360 -7.40 65.00 43.60
N THR J 361 -7.17 64.47 42.39
CA THR J 361 -6.28 65.12 41.43
C THR J 361 -6.70 66.53 40.99
N GLN J 362 -7.98 66.86 41.15
CA GLN J 362 -8.52 68.18 40.76
C GLN J 362 -8.52 69.23 41.87
N THR J 363 -8.20 68.83 43.10
CA THR J 363 -8.31 69.73 44.28
C THR J 363 -7.16 69.58 45.30
N LEU J 364 -6.86 68.37 45.77
CA LEU J 364 -5.83 68.15 46.80
C LEU J 364 -4.43 68.03 46.24
N ILE J 365 -4.27 67.21 45.20
CA ILE J 365 -2.93 66.87 44.65
C ILE J 365 -2.59 67.27 43.19
N PRO J 366 -3.24 68.31 42.62
CA PRO J 366 -2.85 68.65 41.21
C PRO J 366 -1.36 68.99 40.97
N SER J 367 -0.65 69.45 41.99
CA SER J 367 0.78 69.75 41.85
C SER J 367 1.74 68.68 42.47
N GLU J 368 1.21 67.52 42.87
CA GLU J 368 2.05 66.43 43.34
C GLU J 368 2.19 65.37 42.24
N MET J 369 2.86 64.27 42.55
CA MET J 369 2.93 63.13 41.65
C MET J 369 1.51 62.58 41.42
N ILE J 370 1.13 62.42 40.16
CA ILE J 370 -0.17 61.89 39.78
C ILE J 370 0.00 60.40 39.40
N ASN J 371 -0.24 59.53 40.38
CA ASN J 371 -0.06 58.09 40.27
C ASN J 371 -0.80 57.37 41.43
N ASP J 372 -0.58 56.07 41.61
CA ASP J 372 -1.28 55.28 42.63
C ASP J 372 -0.91 55.57 44.09
N GLY J 373 0.13 56.36 44.33
CA GLY J 373 0.54 56.68 45.72
C GLY J 373 -0.59 57.21 46.59
N ALA J 374 -1.38 58.13 46.04
CA ALA J 374 -2.52 58.70 46.77
C ALA J 374 -3.62 57.68 47.12
N ALA J 375 -3.79 56.62 46.32
CA ALA J 375 -4.72 55.54 46.71
C ALA J 375 -4.23 54.79 47.93
N TYR J 376 -2.91 54.51 47.99
CA TYR J 376 -2.32 53.90 49.19
C TYR J 376 -2.44 54.80 50.45
N GLY J 377 -2.61 56.12 50.28
CA GLY J 377 -2.77 57.02 51.41
C GLY J 377 -4.21 57.30 51.84
N THR J 378 -5.17 56.55 51.29
CA THR J 378 -6.61 56.71 51.59
C THR J 378 -7.22 55.36 52.03
N GLU J 379 -8.05 55.36 53.06
CA GLU J 379 -8.78 54.14 53.46
C GLU J 379 -10.23 54.22 52.93
N PHE J 380 -10.75 53.12 52.36
CA PHE J 380 -12.11 53.05 51.85
C PHE J 380 -12.85 51.89 52.48
N ARG J 381 -14.11 52.13 52.87
CA ARG J 381 -15.02 51.06 53.30
C ARG J 381 -16.30 51.07 52.47
N LEU J 382 -16.50 50.00 51.67
CA LEU J 382 -17.66 49.85 50.78
C LEU J 382 -18.32 48.50 51.10
N PRO J 383 -19.41 48.52 51.88
CA PRO J 383 -19.97 47.23 52.29
C PRO J 383 -20.39 46.35 51.09
N LYS J 384 -20.09 45.06 51.19
CA LYS J 384 -20.35 44.09 50.09
C LYS J 384 -21.84 43.96 49.83
N GLY J 385 -22.24 44.02 48.57
CA GLY J 385 -23.65 43.99 48.18
C GLY J 385 -24.30 45.31 47.81
N THR J 386 -23.67 46.44 48.17
CA THR J 386 -24.12 47.75 47.76
C THR J 386 -23.87 47.94 46.24
N TRP J 387 -24.46 48.97 45.66
CA TRP J 387 -24.29 49.24 44.22
C TRP J 387 -22.82 49.53 43.81
N MET J 388 -22.04 50.12 44.71
CA MET J 388 -20.61 50.39 44.50
C MET J 388 -19.67 49.19 44.79
N ASN J 389 -20.18 48.09 45.37
CA ASN J 389 -19.39 46.86 45.58
C ASN J 389 -20.32 45.64 45.49
N PRO J 390 -20.86 45.38 44.27
CA PRO J 390 -21.89 44.36 44.16
C PRO J 390 -21.40 42.95 44.40
N ASP J 391 -22.34 42.08 44.77
CA ASP J 391 -22.04 40.67 45.09
C ASP J 391 -22.76 39.69 44.15
N ASP J 392 -23.04 40.13 42.92
CA ASP J 392 -23.72 39.27 41.93
C ASP J 392 -23.13 39.43 40.54
N ARG J 393 -22.76 38.31 39.94
CA ARG J 393 -22.02 38.30 38.68
C ARG J 393 -22.89 38.62 37.45
N ARG J 394 -24.19 38.87 37.64
CA ARG J 394 -25.10 39.24 36.53
C ARG J 394 -25.28 40.73 36.26
N VAL J 395 -24.71 41.60 37.10
CA VAL J 395 -25.03 43.03 37.00
C VAL J 395 -24.57 43.64 35.69
N ALA J 396 -25.31 44.65 35.21
CA ALA J 396 -24.95 45.45 34.02
C ALA J 396 -24.31 46.80 34.42
N PHE J 397 -23.46 47.31 33.52
CA PHE J 397 -22.57 48.43 33.76
C PHE J 397 -22.56 49.55 32.69
N SER J 398 -23.29 49.42 31.56
CA SER J 398 -23.04 50.34 30.42
C SER J 398 -23.06 51.81 30.78
N TYR J 399 -23.91 52.22 31.75
CA TYR J 399 -23.95 53.62 32.20
C TYR J 399 -23.71 53.76 33.72
N SER J 400 -22.66 53.09 34.15
CA SER J 400 -22.12 53.13 35.54
C SER J 400 -22.11 54.56 36.12
N TRP J 401 -21.71 55.50 35.25
CA TRP J 401 -21.59 56.91 35.63
C TRP J 401 -22.83 57.49 36.29
N HIS J 402 -24.03 57.07 35.89
CA HIS J 402 -25.29 57.65 36.45
C HIS J 402 -25.27 57.69 37.99
N PHE J 403 -24.84 56.57 38.58
CA PHE J 403 -24.67 56.46 40.03
C PHE J 403 -23.35 57.07 40.49
N LEU J 404 -22.27 56.77 39.80
CA LEU J 404 -20.93 57.21 40.22
C LEU J 404 -20.80 58.74 40.39
N VAL J 405 -21.20 59.49 39.35
CA VAL J 405 -21.05 60.96 39.37
C VAL J 405 -21.98 61.61 40.40
N SER J 406 -23.06 60.90 40.75
CA SER J 406 -24.08 61.37 41.68
C SER J 406 -23.63 61.16 43.16
N ALA J 407 -22.78 60.17 43.41
CA ALA J 407 -22.17 59.93 44.72
C ALA J 407 -20.91 60.76 44.96
N TRP J 408 -20.06 60.96 43.93
CA TRP J 408 -18.79 61.69 44.10
C TRP J 408 -19.00 63.19 44.43
N THR J 409 -20.06 63.80 43.89
CA THR J 409 -20.30 65.25 44.07
C THR J 409 -20.36 65.69 45.53
N ALA J 410 -20.94 64.85 46.41
CA ALA J 410 -21.02 65.17 47.84
C ALA J 410 -19.64 65.31 48.53
N LEU J 411 -18.62 64.59 48.04
CA LEU J 411 -17.31 64.62 48.67
C LEU J 411 -16.62 65.98 48.49
N TRP J 412 -16.87 66.67 47.38
CA TRP J 412 -16.41 68.07 47.23
C TRP J 412 -16.93 68.98 48.35
N ARG J 413 -18.19 68.77 48.76
CA ARG J 413 -18.76 69.60 49.82
C ARG J 413 -18.06 69.41 51.16
N GLY J 414 -17.78 68.15 51.51
CA GLY J 414 -17.05 67.90 52.76
C GLY J 414 -15.67 68.52 52.77
N LEU J 415 -14.89 68.26 51.72
CA LEU J 415 -13.56 68.86 51.61
C LEU J 415 -13.62 70.39 51.63
N SER J 416 -14.63 70.96 50.96
CA SER J 416 -14.77 72.41 50.94
C SER J 416 -15.05 73.03 52.33
N ARG J 417 -15.70 72.29 53.24
CA ARG J 417 -15.87 72.81 54.60
C ARG J 417 -14.52 72.99 55.31
N SER J 418 -13.58 72.07 55.06
CA SER J 418 -12.22 72.17 55.64
C SER J 418 -11.48 73.41 55.06
N TYR J 419 -11.56 73.56 53.75
CA TYR J 419 -10.93 74.71 53.05
C TYR J 419 -11.50 76.06 53.53
N PHE J 420 -12.83 76.11 53.65
CA PHE J 420 -13.53 77.32 54.07
C PHE J 420 -13.17 77.72 55.51
N GLY J 421 -13.17 76.72 56.41
CA GLY J 421 -12.80 76.94 57.79
C GLY J 421 -11.38 77.46 57.98
N ARG J 422 -10.46 76.97 57.17
CA ARG J 422 -9.05 77.33 57.27
C ARG J 422 -8.68 78.63 56.56
N GLY J 423 -9.53 79.08 55.64
CA GLY J 423 -9.30 80.33 54.88
C GLY J 423 -8.82 80.16 53.44
N TYR J 424 -8.69 78.90 52.97
CA TYR J 424 -8.32 78.62 51.57
C TYR J 424 -9.58 78.68 50.67
N LEU J 425 -10.17 79.87 50.63
CA LEU J 425 -11.48 80.10 49.95
C LEU J 425 -11.36 79.83 48.44
N GLU J 426 -10.17 80.08 47.89
CA GLU J 426 -9.91 79.83 46.46
C GLU J 426 -10.14 78.37 46.01
N GLU J 427 -9.99 77.41 46.93
CA GLU J 427 -10.16 75.99 46.65
C GLU J 427 -11.56 75.46 46.83
N VAL J 428 -12.44 76.23 47.48
CA VAL J 428 -13.82 75.77 47.72
C VAL J 428 -14.52 75.49 46.36
N ASN J 429 -15.31 74.40 46.29
CA ASN J 429 -16.12 74.10 45.12
C ASN J 429 -17.34 73.28 45.58
N ALA J 430 -18.53 73.76 45.28
CA ALA J 430 -19.76 73.14 45.76
C ALA J 430 -20.04 71.75 45.15
N GLY J 431 -19.33 71.41 44.06
CA GLY J 431 -19.36 70.06 43.50
C GLY J 431 -19.56 69.97 42.00
N ASN J 432 -19.45 68.74 41.49
CA ASN J 432 -19.63 68.48 40.05
C ASN J 432 -21.09 68.31 39.64
N ALA J 433 -21.39 68.77 38.43
CA ALA J 433 -22.68 68.51 37.76
C ALA J 433 -22.87 67.04 37.51
N ASN J 434 -24.13 66.65 37.39
CA ASN J 434 -24.47 65.39 36.76
C ASN J 434 -24.08 65.46 35.25
N THR J 435 -23.26 64.49 34.80
CA THR J 435 -22.70 64.51 33.43
C THR J 435 -23.70 63.82 32.47
N SER J 436 -24.66 64.60 31.98
CA SER J 436 -25.76 64.11 31.10
C SER J 436 -26.44 65.36 30.49
N ASN J 437 -27.37 65.28 29.54
CA ASN J 437 -27.87 64.08 28.80
C ASN J 437 -26.86 63.48 27.83
N TRP J 438 -26.97 62.17 27.59
CA TRP J 438 -26.23 61.45 26.54
C TRP J 438 -27.15 61.15 25.34
N LEU J 439 -26.97 61.93 24.26
CA LEU J 439 -27.72 61.73 23.02
C LEU J 439 -27.22 60.43 22.37
N GLN J 440 -28.13 59.48 22.16
CA GLN J 440 -27.78 58.16 21.64
C GLN J 440 -28.79 57.66 20.61
N GLY J 441 -28.40 56.67 19.82
CA GLY J 441 -29.24 56.07 18.81
C GLY J 441 -28.48 55.28 17.77
N GLY J 442 -29.22 54.65 16.86
CA GLY J 442 -28.62 53.80 15.84
C GLY J 442 -29.51 53.47 14.66
N GLY J 443 -28.93 52.76 13.70
CA GLY J 443 -29.55 52.45 12.42
C GLY J 443 -28.59 52.73 11.27
N PHE J 444 -29.11 53.19 10.13
CA PHE J 444 -28.28 53.57 8.98
C PHE J 444 -27.97 55.07 8.94
N ASN J 445 -26.71 55.39 8.67
CA ASN J 445 -26.26 56.79 8.65
C ASN J 445 -26.20 57.36 7.22
N GLN J 446 -25.61 58.56 7.11
CA GLN J 446 -25.51 59.26 5.81
C GLN J 446 -24.60 58.57 4.79
N TYR J 447 -23.76 57.64 5.24
CA TYR J 447 -22.90 56.85 4.36
C TYR J 447 -23.52 55.48 4.03
N ASP J 448 -24.80 55.27 4.37
CA ASP J 448 -25.49 53.99 4.15
C ASP J 448 -24.79 52.76 4.78
N GLU J 449 -24.33 52.92 6.01
CA GLU J 449 -23.73 51.86 6.81
C GLU J 449 -24.43 51.75 8.16
N ILE J 450 -24.32 50.56 8.76
CA ILE J 450 -24.78 50.36 10.12
C ILE J 450 -23.97 51.26 11.04
N HIS J 451 -24.65 51.89 11.99
CA HIS J 451 -24.04 52.92 12.85
C HIS J 451 -24.72 53.06 14.22
N ALA J 452 -24.03 53.74 15.13
CA ALA J 452 -24.58 54.24 16.38
C ALA J 452 -23.95 55.57 16.71
N VAL J 453 -24.65 56.37 17.51
CA VAL J 453 -24.15 57.67 17.97
C VAL J 453 -24.13 57.76 19.49
N ASN J 454 -23.24 58.62 20.00
CA ASN J 454 -23.13 58.86 21.42
C ASN J 454 -22.43 60.20 21.62
N SER J 455 -23.21 61.27 21.73
CA SER J 455 -22.63 62.63 21.77
C SER J 455 -21.89 62.88 23.08
N PHE J 456 -20.68 63.44 22.93
CA PHE J 456 -19.86 63.92 24.08
C PHE J 456 -19.99 65.44 24.32
N GLU J 457 -21.15 66.03 23.94
CA GLU J 457 -21.48 67.39 24.35
C GLU J 457 -21.50 67.48 25.88
N CYS J 458 -21.85 66.37 26.60
CA CYS J 458 -21.85 66.41 28.07
C CYS J 458 -20.48 66.11 28.72
N ALA J 459 -19.42 66.29 27.93
CA ALA J 459 -18.09 66.63 28.47
C ALA J 459 -18.00 68.07 28.96
N ALA J 460 -19.00 68.91 28.63
CA ALA J 460 -18.93 70.37 28.84
C ALA J 460 -20.18 70.82 29.64
N ASN J 461 -20.23 70.44 30.91
CA ASN J 461 -21.30 70.82 31.83
C ASN J 461 -20.86 71.97 32.73
N GLY J 462 -21.79 72.56 33.48
CA GLY J 462 -21.46 73.59 34.45
C GLY J 462 -20.62 73.03 35.61
N THR J 463 -19.80 73.89 36.21
CA THR J 463 -19.03 73.55 37.41
C THR J 463 -19.60 74.24 38.66
N GLY J 464 -19.31 73.65 39.82
CA GLY J 464 -19.70 74.23 41.09
C GLY J 464 -19.12 75.60 41.35
N ALA J 465 -19.93 76.49 41.96
CA ALA J 465 -19.47 77.79 42.44
C ALA J 465 -18.41 77.64 43.55
N THR J 466 -17.55 78.66 43.67
CA THR J 466 -16.57 78.71 44.74
C THR J 466 -16.98 79.71 45.83
N ALA J 467 -16.17 79.85 46.90
CA ALA J 467 -16.42 80.83 47.92
C ALA J 467 -16.03 82.27 47.51
N VAL J 468 -15.44 82.40 46.33
CA VAL J 468 -14.90 83.67 45.80
C VAL J 468 -15.53 84.15 44.47
N GLN J 469 -16.04 83.21 43.66
CA GLN J 469 -16.57 83.53 42.32
C GLN J 469 -17.53 82.47 41.79
N ASP J 470 -18.28 82.86 40.75
CA ASP J 470 -19.21 81.97 40.06
C ASP J 470 -18.54 80.76 39.45
N GLY J 471 -19.28 79.66 39.32
CA GLY J 471 -18.80 78.50 38.57
C GLY J 471 -18.67 78.83 37.08
N LEU J 472 -18.03 77.90 36.34
CA LEU J 472 -17.87 78.03 34.88
C LEU J 472 -19.02 77.34 34.14
N SER J 473 -19.59 78.02 33.15
CA SER J 473 -20.67 77.41 32.35
C SER J 473 -20.05 76.51 31.25
N HIS J 474 -20.76 75.43 30.93
CA HIS J 474 -20.46 74.53 29.77
C HIS J 474 -18.95 74.26 29.60
N ALA J 475 -18.34 73.74 30.67
CA ALA J 475 -16.88 73.77 30.85
C ALA J 475 -16.13 72.45 31.14
N ALA J 476 -16.77 71.48 31.80
CA ALA J 476 -16.06 70.31 32.34
C ALA J 476 -17.00 69.17 32.75
N ALA J 477 -16.37 68.03 33.07
CA ALA J 477 -17.02 66.88 33.67
C ALA J 477 -16.13 66.35 34.77
N ILE J 478 -16.71 65.72 35.78
CA ILE J 478 -15.89 65.10 36.87
C ILE J 478 -14.84 64.11 36.36
N TRP J 479 -15.18 63.34 35.32
CA TRP J 479 -14.26 62.33 34.74
C TRP J 479 -13.21 62.90 33.75
N ASN J 480 -13.27 64.20 33.43
CA ASN J 480 -12.24 64.86 32.63
C ASN J 480 -12.41 66.39 32.75
N PRO J 481 -11.52 67.05 33.56
CA PRO J 481 -11.65 68.49 33.75
C PRO J 481 -11.30 69.34 32.49
N GLU J 482 -10.60 68.74 31.49
CA GLU J 482 -10.31 69.42 30.22
C GLU J 482 -11.54 69.30 29.28
N GLY J 483 -12.59 70.05 29.59
CA GLY J 483 -13.84 69.90 28.86
C GLY J 483 -13.74 70.39 27.43
N ASP J 484 -14.55 69.77 26.56
CA ASP J 484 -14.63 70.12 25.15
C ASP J 484 -15.99 69.66 24.62
N MET J 485 -16.76 70.57 24.04
CA MET J 485 -18.08 70.22 23.45
C MET J 485 -18.00 69.70 22.00
N GLY J 486 -16.83 69.84 21.36
CA GLY J 486 -16.65 69.48 19.96
C GLY J 486 -17.25 70.52 19.01
N ASP J 487 -16.75 70.54 17.77
CA ASP J 487 -17.31 71.38 16.72
C ASP J 487 -18.56 70.75 16.13
N MET J 488 -19.57 71.59 15.89
CA MET J 488 -20.80 71.17 15.22
C MET J 488 -20.49 70.50 13.88
N GLU J 489 -19.54 71.05 13.11
CA GLU J 489 -19.25 70.52 11.78
C GLU J 489 -18.61 69.12 11.84
N ILE J 490 -17.86 68.88 12.92
CA ILE J 490 -17.25 67.54 13.14
C ILE J 490 -18.32 66.51 13.61
N TRP J 491 -19.19 66.89 14.57
CA TRP J 491 -20.28 65.99 14.96
C TRP J 491 -21.19 65.63 13.76
N GLU J 492 -21.41 66.59 12.85
CA GLU J 492 -22.24 66.35 11.68
C GLU J 492 -21.63 65.32 10.69
N LEU J 493 -20.28 65.11 10.72
CA LEU J 493 -19.65 64.06 9.94
C LEU J 493 -19.84 62.64 10.56
N ALA J 494 -20.15 62.60 11.86
CA ALA J 494 -20.26 61.34 12.60
C ALA J 494 -21.69 60.98 13.06
N GLU J 495 -22.70 61.77 12.68
CA GLU J 495 -24.12 61.54 13.11
C GLU J 495 -25.03 61.99 11.97
N PRO J 496 -26.11 61.24 11.65
CA PRO J 496 -27.09 61.67 10.61
C PRO J 496 -28.11 62.64 11.21
N LEU J 497 -27.61 63.80 11.64
CA LEU J 497 -28.34 64.82 12.39
C LEU J 497 -27.77 66.19 11.98
N VAL J 498 -28.61 67.23 11.95
CA VAL J 498 -28.12 68.61 11.75
C VAL J 498 -28.55 69.52 12.89
N TYR J 499 -27.66 70.45 13.23
CA TYR J 499 -27.91 71.48 14.24
C TYR J 499 -28.89 72.57 13.78
N LEU J 500 -29.94 72.77 14.56
CA LEU J 500 -30.79 73.96 14.48
C LEU J 500 -30.60 74.94 15.66
N GLY J 501 -29.83 74.55 16.68
CA GLY J 501 -29.49 75.45 17.79
C GLY J 501 -28.31 74.98 18.60
N ARG J 502 -27.58 75.93 19.16
CA ARG J 502 -26.62 75.70 20.25
C ARG J 502 -26.63 76.96 21.11
N GLN J 503 -27.05 76.84 22.37
CA GLN J 503 -27.38 77.98 23.24
C GLN J 503 -27.01 77.70 24.69
N ILE J 504 -26.55 78.74 25.42
CA ILE J 504 -26.35 78.64 26.86
C ILE J 504 -27.72 78.36 27.53
N LYS J 505 -27.75 77.47 28.54
CA LYS J 505 -29.04 76.99 29.15
C LYS J 505 -29.43 77.89 30.34
N ALA J 506 -30.37 78.80 30.08
CA ALA J 506 -30.83 79.76 31.08
C ALA J 506 -31.45 79.07 32.29
N SER J 507 -31.08 79.58 33.46
CA SER J 507 -31.57 79.13 34.78
C SER J 507 -31.23 77.67 35.11
N SER J 508 -30.19 77.11 34.49
CA SER J 508 -29.70 75.76 34.84
C SER J 508 -28.69 75.78 36.00
N GLY J 509 -27.82 76.81 36.07
CA GLY J 509 -26.83 76.88 37.16
C GLY J 509 -27.52 77.10 38.50
N GLY J 510 -26.99 76.45 39.54
CA GLY J 510 -27.57 76.53 40.88
C GLY J 510 -27.45 77.93 41.48
N SER J 511 -28.57 78.44 41.98
CA SER J 511 -28.63 79.79 42.57
C SER J 511 -27.79 79.91 43.84
N GLY J 512 -27.22 81.10 44.02
CA GLY J 512 -26.40 81.37 45.19
C GLY J 512 -25.83 82.79 45.21
N LYS J 513 -25.16 83.13 46.32
CA LYS J 513 -24.31 84.31 46.33
C LYS J 513 -23.35 84.32 45.11
N TYR J 514 -22.73 83.17 44.89
CA TYR J 514 -22.05 82.83 43.64
C TYR J 514 -22.87 81.69 42.99
N ARG J 515 -23.16 81.91 41.71
CA ARG J 515 -24.03 81.01 40.92
C ARG J 515 -23.19 79.89 40.36
N GLY J 516 -23.73 78.66 40.39
CA GLY J 516 -23.11 77.57 39.65
C GLY J 516 -23.10 77.81 38.16
N GLY J 517 -22.15 77.17 37.47
CA GLY J 517 -22.09 77.27 36.02
C GLY J 517 -23.38 76.77 35.38
N CYS J 518 -23.84 77.48 34.36
CA CYS J 518 -24.94 76.96 33.53
C CYS J 518 -24.44 75.82 32.63
N GLY J 519 -25.36 74.95 32.24
CA GLY J 519 -25.12 74.02 31.13
C GLY J 519 -25.37 74.70 29.78
N PHE J 520 -25.61 73.90 28.74
CA PHE J 520 -25.99 74.40 27.41
C PHE J 520 -26.93 73.40 26.76
N GLU J 521 -27.48 73.75 25.61
CA GLU J 521 -28.40 72.88 24.89
C GLU J 521 -28.22 73.00 23.40
N SER J 522 -28.54 71.93 22.69
CA SER J 522 -28.56 71.90 21.23
C SER J 522 -29.84 71.26 20.72
N LEU J 523 -30.46 71.86 19.69
CA LEU J 523 -31.63 71.28 19.03
C LEU J 523 -31.14 70.58 17.78
N ARG J 524 -31.46 69.30 17.64
CA ARG J 524 -31.13 68.48 16.47
C ARG J 524 -32.36 68.14 15.63
N MET J 525 -32.16 68.13 14.31
CA MET J 525 -33.14 67.60 13.37
C MET J 525 -32.53 66.35 12.72
N VAL J 526 -33.28 65.27 12.66
CA VAL J 526 -32.83 64.05 11.97
C VAL J 526 -32.71 64.33 10.44
N TRP J 527 -31.60 63.89 9.85
CA TRP J 527 -31.29 64.23 8.46
C TRP J 527 -30.32 63.22 7.79
N ASN J 528 -30.76 62.64 6.67
CA ASN J 528 -30.03 61.61 5.92
C ASN J 528 -29.82 60.30 6.74
N ALA J 529 -30.74 60.03 7.67
CA ALA J 529 -30.78 58.77 8.43
C ALA J 529 -31.84 57.83 7.83
N LYS J 530 -31.61 56.52 7.99
CA LYS J 530 -32.61 55.49 7.57
C LYS J 530 -32.75 54.45 8.66
N ASP J 531 -33.99 54.00 8.86
CA ASP J 531 -34.27 52.94 9.85
C ASP J 531 -33.65 53.29 11.19
N TRP J 532 -33.95 54.51 11.64
CA TRP J 532 -33.24 55.19 12.73
C TRP J 532 -34.05 55.15 14.04
N THR J 533 -33.31 55.06 15.17
CA THR J 533 -33.87 55.16 16.55
C THR J 533 -33.03 56.08 17.43
N MET J 534 -33.65 56.68 18.47
CA MET J 534 -32.91 57.47 19.46
C MET J 534 -33.50 57.27 20.87
N PHE J 535 -32.72 57.64 21.88
CA PHE J 535 -33.18 57.59 23.26
C PHE J 535 -32.42 58.60 24.13
N PHE J 536 -32.96 58.81 25.32
CA PHE J 536 -32.45 59.78 26.31
C PHE J 536 -31.85 59.04 27.51
N MET J 537 -30.81 59.60 28.13
CA MET J 537 -30.21 59.05 29.35
C MET J 537 -29.56 60.15 30.20
N GLY J 538 -30.13 60.39 31.39
CA GLY J 538 -29.69 61.39 32.35
C GLY J 538 -30.61 61.44 33.59
N ASN J 539 -30.26 62.26 34.56
CA ASN J 539 -31.09 62.47 35.76
C ASN J 539 -32.34 63.28 35.41
N GLY J 540 -33.45 62.94 36.04
CA GLY J 540 -34.78 63.54 35.73
C GLY J 540 -35.45 64.17 36.95
N HIS J 541 -36.02 63.31 37.77
CA HIS J 541 -36.74 63.74 38.97
C HIS J 541 -35.88 64.34 40.11
N ILE J 542 -34.57 64.03 40.12
CA ILE J 542 -33.64 64.38 41.21
C ILE J 542 -32.41 65.10 40.63
N SER J 543 -32.02 66.20 41.26
CA SER J 543 -30.70 66.82 41.03
C SER J 543 -29.70 66.17 41.97
N SER J 544 -28.62 65.59 41.45
CA SER J 544 -27.66 64.85 42.29
C SER J 544 -26.74 65.81 43.14
N ASP J 545 -26.29 66.90 42.53
CA ASP J 545 -25.50 67.91 43.23
C ASP J 545 -26.33 68.73 44.22
N TRP J 546 -25.71 69.21 45.29
CA TRP J 546 -26.37 70.15 46.23
C TRP J 546 -25.51 71.43 46.26
N GLY J 547 -26.13 72.57 46.46
CA GLY J 547 -25.42 73.79 46.79
C GLY J 547 -24.79 73.77 48.18
N LEU J 548 -23.89 74.70 48.43
CA LEU J 548 -23.09 74.71 49.66
C LEU J 548 -23.33 76.00 50.44
N MET J 549 -23.47 75.88 51.76
CA MET J 549 -23.53 77.03 52.70
C MET J 549 -24.57 78.08 52.30
N GLY J 550 -25.71 77.59 51.84
CA GLY J 550 -26.85 78.43 51.45
C GLY J 550 -27.22 78.41 49.98
N GLY J 551 -26.33 77.89 49.14
CA GLY J 551 -26.59 77.74 47.70
C GLY J 551 -27.52 76.57 47.41
N TYR J 552 -28.03 76.58 46.19
CA TYR J 552 -29.04 75.62 45.70
C TYR J 552 -28.47 74.65 44.67
N PRO J 553 -29.10 73.46 44.53
CA PRO J 553 -28.73 72.54 43.44
C PRO J 553 -28.97 73.15 42.06
N ALA J 554 -28.21 72.70 41.08
CA ALA J 554 -28.54 72.95 39.68
C ALA J 554 -29.97 72.45 39.37
N ALA J 555 -30.52 72.93 38.26
CA ALA J 555 -31.75 72.36 37.69
C ALA J 555 -31.60 70.87 37.39
N SER J 556 -32.73 70.14 37.39
CA SER J 556 -32.77 68.71 37.05
C SER J 556 -33.15 68.55 35.57
N GLY J 557 -33.37 67.32 35.10
CA GLY J 557 -33.52 67.05 33.65
C GLY J 557 -34.94 66.92 33.18
N TYR J 558 -35.13 67.07 31.88
CA TYR J 558 -36.40 66.78 31.20
C TYR J 558 -36.13 66.40 29.74
N ARG J 559 -37.16 65.86 29.11
CA ARG J 559 -37.15 65.41 27.71
C ARG J 559 -37.99 66.32 26.80
N PHE J 560 -37.46 66.65 25.62
CA PHE J 560 -38.23 67.19 24.50
C PHE J 560 -37.86 66.47 23.20
N ALA J 561 -38.87 65.86 22.56
CA ALA J 561 -38.75 65.28 21.23
C ALA J 561 -40.03 65.52 20.45
N ALA J 562 -39.92 65.60 19.12
CA ALA J 562 -41.10 65.78 18.25
C ALA J 562 -41.06 64.89 17.01
N HIS J 563 -42.15 64.16 16.77
CA HIS J 563 -42.33 63.29 15.60
C HIS J 563 -43.41 63.85 14.66
N LYS J 564 -43.39 63.43 13.40
CA LYS J 564 -44.35 63.86 12.39
C LYS J 564 -44.52 65.36 12.37
N THR J 565 -43.39 66.05 12.31
CA THR J 565 -43.31 67.51 12.52
C THR J 565 -43.91 68.33 11.38
N ASN J 566 -43.95 67.74 10.18
CA ASN J 566 -44.27 68.45 8.93
C ASN J 566 -43.23 69.55 8.58
N LEU J 567 -42.01 69.43 9.09
CA LEU J 567 -41.01 70.49 8.87
C LEU J 567 -40.59 70.63 7.39
N LYS J 568 -40.62 69.55 6.60
CA LYS J 568 -40.27 69.72 5.18
C LYS J 568 -41.13 70.80 4.50
N GLU J 569 -42.44 70.71 4.72
CA GLU J 569 -43.39 71.68 4.16
C GLU J 569 -43.30 73.06 4.84
N LEU J 570 -43.09 73.09 6.16
CA LEU J 570 -42.94 74.35 6.89
C LEU J 570 -41.69 75.12 6.45
N ILE J 571 -40.58 74.41 6.22
CA ILE J 571 -39.37 75.02 5.68
C ILE J 571 -39.64 75.60 4.29
N ALA J 572 -40.19 74.79 3.40
CA ALA J 572 -40.47 75.18 2.02
C ALA J 572 -41.45 76.35 1.90
N SER J 573 -42.44 76.46 2.78
CA SER J 573 -43.45 77.50 2.68
C SER J 573 -43.02 78.84 3.31
N GLY J 574 -41.86 78.90 3.95
CA GLY J 574 -41.41 80.10 4.66
C GLY J 574 -42.04 80.33 6.03
N ALA J 575 -42.69 79.30 6.60
CA ALA J 575 -43.27 79.41 7.95
C ALA J 575 -42.20 79.47 9.05
N GLU J 576 -42.57 79.93 10.25
CA GLU J 576 -41.62 79.96 11.38
C GLU J 576 -41.16 78.54 11.67
N ILE J 577 -39.87 78.38 11.94
CA ILE J 577 -39.32 77.09 12.33
C ILE J 577 -38.56 77.16 13.68
N PRO J 578 -38.63 76.07 14.48
CA PRO J 578 -37.88 76.05 15.75
C PRO J 578 -36.37 76.16 15.53
N LEU J 579 -35.75 77.14 16.19
CA LEU J 579 -34.28 77.30 16.18
C LEU J 579 -33.80 77.71 17.58
N GLY J 580 -32.52 77.49 17.85
CA GLY J 580 -31.94 77.89 19.14
C GLY J 580 -32.19 76.88 20.27
N GLY J 581 -32.39 77.39 21.50
CA GLY J 581 -32.65 76.59 22.67
C GLY J 581 -34.10 76.76 23.18
N ASP J 582 -34.48 75.86 24.09
CA ASP J 582 -35.76 75.83 24.75
C ASP J 582 -35.66 76.74 25.99
N THR J 583 -35.66 78.03 25.72
CA THR J 583 -35.27 79.05 26.67
C THR J 583 -36.00 78.99 28.03
N ASP J 584 -37.33 78.87 27.97
CA ASP J 584 -38.15 78.75 29.19
C ASP J 584 -39.09 77.56 28.96
N PRO J 585 -38.75 76.37 29.50
CA PRO J 585 -39.58 75.19 29.19
C PRO J 585 -40.99 75.23 29.78
N GLU J 586 -41.22 76.12 30.75
CA GLU J 586 -42.57 76.39 31.27
C GLU J 586 -43.40 77.24 30.30
N ASN J 587 -42.75 78.06 29.49
CA ASN J 587 -43.41 78.96 28.50
C ASN J 587 -42.72 78.77 27.13
N PRO J 588 -42.83 77.58 26.55
CA PRO J 588 -42.06 77.29 25.32
C PRO J 588 -42.62 78.00 24.09
N THR J 589 -41.77 78.27 23.12
CA THR J 589 -42.19 78.86 21.83
C THR J 589 -42.30 77.81 20.71
N TRP J 590 -41.55 76.72 20.78
CA TRP J 590 -41.50 75.77 19.65
C TRP J 590 -42.81 75.02 19.41
N ASP J 591 -43.48 74.65 20.48
CA ASP J 591 -44.61 73.71 20.40
C ASP J 591 -45.74 74.26 19.52
N ALA J 592 -46.05 75.56 19.66
CA ALA J 592 -47.09 76.19 18.86
C ALA J 592 -46.73 76.32 17.35
N MET J 593 -45.45 76.21 17.01
CA MET J 593 -44.99 76.25 15.61
C MET J 593 -45.22 74.91 14.88
N LEU J 594 -45.53 73.84 15.63
CA LEU J 594 -45.64 72.49 15.10
C LEU J 594 -47.02 71.90 15.43
N PRO J 595 -48.10 72.52 14.90
CA PRO J 595 -49.46 72.09 15.24
C PRO J 595 -49.78 70.63 14.86
N ASP J 596 -49.08 70.02 13.89
CA ASP J 596 -49.37 68.62 13.51
C ASP J 596 -48.46 67.57 14.20
N ALA J 597 -47.48 68.01 15.00
CA ALA J 597 -46.52 67.07 15.56
C ALA J 597 -47.04 66.27 16.77
N GLN J 598 -46.50 65.07 16.95
CA GLN J 598 -46.60 64.31 18.18
C GLN J 598 -45.41 64.74 19.07
N ILE J 599 -45.66 65.50 20.12
CA ILE J 599 -44.64 66.07 20.97
C ILE J 599 -44.57 65.31 22.30
N LYS J 600 -43.37 64.92 22.70
CA LYS J 600 -43.12 64.40 24.05
C LYS J 600 -42.32 65.43 24.84
N ARG J 601 -42.95 66.04 25.84
CA ARG J 601 -42.34 67.07 26.68
C ARG J 601 -42.69 66.72 28.12
N ASP J 602 -41.74 66.16 28.86
CA ASP J 602 -42.06 65.61 30.19
C ASP J 602 -40.82 65.38 31.02
N LYS J 603 -40.98 64.84 32.25
CA LYS J 603 -39.83 64.54 33.11
C LYS J 603 -39.06 63.22 32.86
N GLN J 604 -39.43 62.47 31.83
CA GLN J 604 -38.86 61.13 31.63
C GLN J 604 -37.50 61.22 30.90
N ALA J 605 -36.46 61.43 31.69
CA ALA J 605 -35.10 61.68 31.16
C ALA J 605 -34.31 60.41 30.84
N ILE J 606 -34.92 59.25 31.07
CA ILE J 606 -34.40 57.93 30.69
C ILE J 606 -35.43 57.20 29.83
N THR J 607 -35.03 56.77 28.65
CA THR J 607 -35.86 55.96 27.77
C THR J 607 -35.05 54.85 27.08
N THR J 608 -35.77 53.90 26.49
CA THR J 608 -35.19 52.94 25.54
C THR J 608 -35.48 53.43 24.13
N GLU J 609 -34.81 52.81 23.16
CA GLU J 609 -34.88 53.26 21.76
C GLU J 609 -36.30 53.39 21.20
N GLU J 610 -36.52 54.49 20.47
CA GLU J 610 -37.81 54.80 19.82
C GLU J 610 -37.54 55.21 18.37
N MET J 611 -38.42 54.81 17.44
CA MET J 611 -38.27 55.16 16.02
C MET J 611 -38.30 56.68 15.80
N PHE J 612 -37.35 57.19 15.05
CA PHE J 612 -37.33 58.59 14.57
C PHE J 612 -37.11 58.56 13.02
N SER J 613 -37.64 59.58 12.35
CA SER J 613 -37.45 59.77 10.91
C SER J 613 -36.89 61.14 10.59
N ASP J 614 -36.38 61.30 9.36
CA ASP J 614 -35.94 62.63 8.88
C ASP J 614 -37.02 63.69 9.14
N TYR J 615 -36.54 64.85 9.59
CA TYR J 615 -37.34 66.03 10.00
C TYR J 615 -37.92 66.00 11.43
N ASP J 616 -37.73 64.90 12.16
CA ASP J 616 -38.04 64.82 13.60
C ASP J 616 -37.00 65.62 14.43
N LEU J 617 -37.38 66.02 15.65
CA LEU J 617 -36.55 66.86 16.53
C LEU J 617 -36.20 66.18 17.84
N TYR J 618 -35.02 66.48 18.35
CA TYR J 618 -34.48 65.95 19.62
C TYR J 618 -33.71 67.09 20.32
N LEU J 619 -34.07 67.38 21.59
CA LEU J 619 -33.32 68.39 22.39
C LEU J 619 -32.25 67.71 23.26
N ASN J 620 -30.99 68.05 23.03
CA ASN J 620 -29.88 67.63 23.89
C ASN J 620 -29.57 68.73 24.96
N TYR J 621 -29.81 68.42 26.22
CA TYR J 621 -29.71 69.36 27.35
C TYR J 621 -28.62 68.90 28.31
N MET J 622 -27.57 69.73 28.43
CA MET J 622 -26.45 69.46 29.36
C MET J 622 -26.64 70.21 30.68
N ARG J 623 -26.35 69.53 31.78
CA ARG J 623 -26.66 70.09 33.13
C ARG J 623 -25.70 71.16 33.63
N GLY J 624 -26.24 72.01 34.53
CA GLY J 624 -25.45 72.96 35.29
C GLY J 624 -24.88 72.38 36.55
N GLY J 625 -24.09 73.21 37.23
CA GLY J 625 -23.46 72.89 38.52
C GLY J 625 -24.06 73.67 39.69
N PRO J 626 -23.81 73.22 40.93
CA PRO J 626 -24.41 73.80 42.16
C PRO J 626 -23.87 75.19 42.60
N GLY J 627 -24.72 75.92 43.33
CA GLY J 627 -24.39 77.27 43.80
C GLY J 627 -23.69 77.30 45.19
N PHE J 628 -23.22 78.50 45.57
CA PHE J 628 -22.58 78.80 46.84
C PHE J 628 -23.15 80.04 47.53
N GLY J 629 -23.48 79.88 48.82
CA GLY J 629 -23.94 81.03 49.65
C GLY J 629 -25.39 81.44 49.44
N ASP J 630 -25.89 82.28 50.34
CA ASP J 630 -27.27 82.80 50.27
C ASP J 630 -27.44 83.68 49.04
N PRO J 631 -28.41 83.37 48.15
CA PRO J 631 -28.67 84.22 46.98
C PRO J 631 -28.98 85.65 47.32
N LEU J 632 -29.52 85.88 48.53
CA LEU J 632 -29.81 87.26 48.97
C LEU J 632 -28.56 88.14 49.19
N ASP J 633 -27.39 87.51 49.24
CA ASP J 633 -26.11 88.23 49.29
C ASP J 633 -25.43 88.41 47.94
N ARG J 634 -26.02 87.94 46.84
CA ARG J 634 -25.38 88.13 45.52
C ARG J 634 -25.33 89.62 45.19
N GLU J 635 -24.25 90.04 44.54
CA GLU J 635 -24.10 91.41 44.06
C GLU J 635 -25.25 91.73 43.04
N PRO J 636 -26.09 92.76 43.32
CA PRO J 636 -27.19 93.02 42.40
C PRO J 636 -26.83 93.20 40.92
N GLN J 637 -25.69 93.86 40.63
CA GLN J 637 -25.24 94.01 39.23
C GLN J 637 -25.00 92.67 38.53
N ALA J 638 -24.54 91.69 39.29
CA ALA J 638 -24.27 90.35 38.71
C ALA J 638 -25.56 89.64 38.27
N VAL J 639 -26.66 89.92 38.97
CA VAL J 639 -27.98 89.40 38.59
C VAL J 639 -28.40 90.08 37.27
N ALA J 640 -28.31 91.41 37.18
CA ALA J 640 -28.64 92.10 35.94
C ALA J 640 -27.78 91.61 34.75
N ASP J 641 -26.47 91.46 34.98
CA ASP J 641 -25.55 90.93 33.94
C ASP J 641 -25.98 89.54 33.49
N ASP J 642 -26.35 88.68 34.44
CA ASP J 642 -26.84 87.30 34.13
C ASP J 642 -28.11 87.31 33.25
N ILE J 643 -29.06 88.19 33.54
CA ILE J 643 -30.27 88.31 32.71
C ILE J 643 -29.90 88.76 31.30
N ASN J 644 -29.08 89.82 31.19
CA ASN J 644 -28.64 90.33 29.89
C ASN J 644 -27.82 89.31 29.11
N GLY J 645 -27.07 88.45 29.80
CA GLY J 645 -26.20 87.44 29.16
C GLY J 645 -26.85 86.12 28.84
N GLY J 646 -28.10 85.90 29.27
CA GLY J 646 -28.82 84.60 29.05
C GLY J 646 -28.57 83.51 30.07
N TYR J 647 -27.97 83.85 31.22
CA TYR J 647 -27.67 82.88 32.29
C TYR J 647 -28.83 82.61 33.27
N VAL J 648 -29.71 83.60 33.44
CA VAL J 648 -30.83 83.55 34.38
C VAL J 648 -32.05 84.19 33.71
N LEU J 649 -33.20 83.53 33.81
CA LEU J 649 -34.48 84.12 33.34
C LEU J 649 -34.95 85.27 34.23
N GLU J 650 -35.41 86.34 33.60
CA GLU J 650 -35.80 87.58 34.29
C GLU J 650 -36.72 87.36 35.49
N ARG J 651 -37.69 86.45 35.35
CA ARG J 651 -38.70 86.23 36.39
C ARG J 651 -38.17 85.65 37.69
N PHE J 652 -36.97 85.11 37.73
CA PHE J 652 -36.40 84.65 38.99
C PHE J 652 -35.58 85.70 39.73
N ALA J 653 -35.28 86.85 39.11
CA ALA J 653 -34.46 87.87 39.79
C ALA J 653 -35.07 88.33 41.10
N GLY J 654 -36.37 88.60 41.07
CA GLY J 654 -37.12 89.02 42.25
C GLY J 654 -37.27 87.91 43.27
N GLU J 655 -37.78 86.76 42.87
CA GLU J 655 -38.13 85.70 43.82
C GLU J 655 -36.93 85.03 44.47
N VAL J 656 -35.89 84.75 43.68
CA VAL J 656 -34.71 84.04 44.15
C VAL J 656 -33.66 84.96 44.81
N TYR J 657 -33.32 86.06 44.13
CA TYR J 657 -32.22 86.93 44.56
C TYR J 657 -32.67 88.23 45.23
N GLY J 658 -33.96 88.54 45.17
CA GLY J 658 -34.49 89.78 45.74
C GLY J 658 -34.01 91.02 45.01
N VAL J 659 -33.68 90.87 43.73
CA VAL J 659 -33.16 91.99 42.93
C VAL J 659 -34.25 92.50 41.98
N VAL J 660 -34.47 93.82 42.02
CA VAL J 660 -35.44 94.45 41.12
C VAL J 660 -34.68 95.04 39.93
N VAL J 661 -34.99 94.55 38.74
CA VAL J 661 -34.40 95.07 37.48
C VAL J 661 -35.44 95.74 36.61
N ARG J 662 -34.97 96.64 35.76
CA ARG J 662 -35.78 97.35 34.77
C ARG J 662 -35.01 97.56 33.48
N LYS J 663 -35.76 97.51 32.39
CA LYS J 663 -35.20 97.63 31.05
C LYS J 663 -34.95 99.09 30.74
N GLY J 664 -33.72 99.44 30.36
CA GLY J 664 -33.38 100.80 29.94
C GLY J 664 -33.77 101.07 28.50
N ALA J 665 -33.44 102.28 28.02
CA ALA J 665 -33.72 102.70 26.62
C ALA J 665 -33.02 101.78 25.57
N ASP J 666 -31.78 101.40 25.86
CA ASP J 666 -31.02 100.45 25.03
C ASP J 666 -31.50 98.99 25.04
N GLY J 667 -32.58 98.65 25.78
CA GLY J 667 -33.05 97.25 25.87
C GLY J 667 -32.34 96.39 26.91
N GLN J 668 -31.34 96.96 27.60
CA GLN J 668 -30.57 96.24 28.65
C GLN J 668 -31.18 96.44 30.04
N TYR J 669 -31.24 95.38 30.83
CA TYR J 669 -31.69 95.47 32.21
C TYR J 669 -30.64 96.14 33.11
N GLY J 670 -31.10 96.99 34.01
CA GLY J 670 -30.27 97.57 35.07
C GLY J 670 -30.92 97.44 36.43
N VAL J 671 -30.14 97.67 37.49
CA VAL J 671 -30.62 97.51 38.86
C VAL J 671 -31.31 98.76 39.39
N ASP J 672 -32.47 98.59 40.03
CA ASP J 672 -33.07 99.64 40.92
C ASP J 672 -32.56 99.37 42.35
N GLU J 673 -31.59 100.16 42.79
CA GLU J 673 -30.90 99.90 44.06
C GLU J 673 -31.82 100.06 45.30
N THR J 674 -32.71 101.06 45.28
CA THR J 674 -33.64 101.31 46.40
C THR J 674 -34.70 100.20 46.51
N ALA J 675 -35.31 99.86 45.38
CA ALA J 675 -36.35 98.83 45.36
C ALA J 675 -35.77 97.44 45.70
N THR J 676 -34.50 97.20 45.32
CA THR J 676 -33.79 95.95 45.64
C THR J 676 -33.56 95.82 47.18
N ALA J 677 -33.12 96.90 47.82
CA ALA J 677 -32.93 96.89 49.29
C ALA J 677 -34.24 96.58 50.01
N ALA J 678 -35.34 97.18 49.55
CA ALA J 678 -36.68 96.93 50.13
C ALA J 678 -37.13 95.51 49.88
N ALA J 679 -36.90 94.98 48.67
CA ALA J 679 -37.30 93.60 48.37
C ALA J 679 -36.57 92.57 49.23
N ARG J 680 -35.27 92.81 49.47
CA ARG J 680 -34.46 91.93 50.31
C ARG J 680 -34.85 91.99 51.79
N ALA J 681 -35.13 93.19 52.30
CA ALA J 681 -35.70 93.33 53.66
C ALA J 681 -37.03 92.57 53.83
N GLN J 682 -37.87 92.62 52.81
CA GLN J 682 -39.15 91.92 52.83
C GLN J 682 -38.99 90.37 52.73
N ILE J 683 -38.07 89.89 51.91
CA ILE J 683 -37.79 88.45 51.84
C ILE J 683 -37.28 87.89 53.20
N ARG J 684 -36.45 88.65 53.92
CA ARG J 684 -36.04 88.23 55.28
C ARG J 684 -37.24 88.02 56.19
N LYS J 685 -38.19 88.93 56.13
CA LYS J 685 -39.45 88.73 56.87
C LYS J 685 -40.29 87.53 56.39
N ASP J 686 -40.38 87.37 55.08
CA ASP J 686 -41.10 86.22 54.49
C ASP J 686 -40.52 84.89 54.96
N ARG J 687 -39.19 84.80 54.99
CA ARG J 687 -38.51 83.58 55.44
C ARG J 687 -38.87 83.20 56.87
N LEU J 688 -38.93 84.18 57.75
CA LEU J 688 -39.38 83.96 59.14
C LEU J 688 -40.86 83.54 59.22
N ALA J 689 -41.70 84.15 58.38
CA ALA J 689 -43.15 83.85 58.37
C ALA J 689 -43.51 82.45 57.81
N LYS J 690 -42.83 82.03 56.76
CA LYS J 690 -43.11 80.74 56.11
C LYS J 690 -42.47 79.53 56.79
N SER J 691 -41.43 79.74 57.63
CA SER J 691 -40.71 78.67 58.26
C SER J 691 -41.33 78.27 59.58
N VAL J 692 -40.92 77.11 60.09
CA VAL J 692 -41.25 76.69 61.45
C VAL J 692 -39.96 76.16 62.13
N PRO J 693 -39.96 76.10 63.48
CA PRO J 693 -38.84 75.46 64.16
C PRO J 693 -38.70 74.02 63.68
N VAL J 694 -37.46 73.58 63.49
CA VAL J 694 -37.17 72.22 63.00
C VAL J 694 -37.81 71.11 63.84
N SER J 695 -37.88 71.25 65.17
CA SER J 695 -38.63 70.25 65.97
C SER J 695 -40.07 70.06 65.57
N GLU J 696 -40.71 71.17 65.21
CA GLU J 696 -42.12 71.14 64.81
C GLU J 696 -42.26 70.42 63.46
N TRP J 697 -41.43 70.78 62.48
CA TRP J 697 -41.43 70.07 61.20
C TRP J 697 -41.14 68.56 61.40
N MET J 698 -40.14 68.24 62.25
CA MET J 698 -39.78 66.84 62.55
C MET J 698 -40.97 66.01 63.11
N LYS J 699 -41.78 66.62 63.96
CA LYS J 699 -42.94 65.95 64.54
C LYS J 699 -43.90 65.44 63.44
N GLY J 700 -44.18 66.30 62.45
CA GLY J 700 -45.06 65.89 61.32
C GLY J 700 -44.43 64.87 60.37
N GLU J 701 -43.13 64.99 60.10
CA GLU J 701 -42.44 64.02 59.25
C GLU J 701 -42.37 62.62 59.91
N ARG J 702 -42.08 62.59 61.21
CA ARG J 702 -42.11 61.34 62.00
C ARG J 702 -43.46 60.60 61.93
N GLU J 703 -44.57 61.34 61.96
CA GLU J 703 -45.91 60.76 61.80
C GLU J 703 -46.06 60.05 60.45
N LYS J 704 -45.55 60.66 59.38
CA LYS J 704 -45.59 60.03 58.08
C LYS J 704 -44.73 58.77 58.00
N ILE J 705 -43.56 58.79 58.62
CA ILE J 705 -42.68 57.60 58.66
C ILE J 705 -43.41 56.45 59.38
N LEU J 706 -43.98 56.74 60.55
CA LEU J 706 -44.73 55.72 61.30
C LEU J 706 -45.90 55.15 60.46
N ALA J 707 -46.57 55.99 59.68
CA ALA J 707 -47.67 55.55 58.82
C ALA J 707 -47.24 54.95 57.46
N LYS J 708 -45.94 54.89 57.19
CA LYS J 708 -45.42 54.44 55.88
C LYS J 708 -45.90 55.25 54.68
N ASP J 709 -46.06 56.55 54.89
CA ASP J 709 -46.62 57.48 53.92
C ASP J 709 -45.46 58.14 53.11
N ALA J 710 -45.10 57.46 52.03
CA ALA J 710 -44.21 57.93 50.97
C ALA J 710 -44.37 57.00 49.75
N GLY J 711 -43.87 57.43 48.59
CA GLY J 711 -43.98 56.57 47.40
C GLY J 711 -43.13 55.30 47.51
N THR J 712 -43.45 54.33 46.67
CA THR J 712 -42.74 53.03 46.72
C THR J 712 -41.24 53.20 46.52
N GLN J 713 -40.84 54.15 45.67
CA GLN J 713 -39.42 54.37 45.40
C GLN J 713 -38.65 54.87 46.65
N VAL J 714 -39.27 55.68 47.49
CA VAL J 714 -38.65 56.13 48.73
C VAL J 714 -38.53 54.95 49.75
N ARG J 715 -39.61 54.21 49.93
CA ARG J 715 -39.59 53.07 50.83
C ARG J 715 -38.63 51.95 50.41
N GLN J 716 -38.54 51.65 49.12
CA GLN J 716 -37.59 50.63 48.66
C GLN J 716 -36.15 51.04 48.96
N MET J 717 -35.82 52.31 48.75
CA MET J 717 -34.45 52.84 49.03
C MET J 717 -34.06 52.65 50.51
N PHE J 718 -34.91 53.09 51.43
CA PHE J 718 -34.66 52.85 52.86
C PHE J 718 -34.60 51.37 53.21
N ALA J 719 -35.55 50.55 52.72
CA ALA J 719 -35.53 49.13 53.09
C ALA J 719 -34.26 48.41 52.67
N ALA J 720 -33.80 48.68 51.45
CA ALA J 720 -32.59 48.02 50.93
C ALA J 720 -31.33 48.52 51.66
N SER J 721 -31.27 49.83 51.93
CA SER J 721 -30.17 50.46 52.65
C SER J 721 -30.05 49.89 54.11
N PHE J 722 -31.20 49.72 54.78
CA PHE J 722 -31.21 49.20 56.14
C PHE J 722 -30.61 47.80 56.19
N LYS J 723 -31.00 46.91 55.27
CA LYS J 723 -30.47 45.55 55.28
C LYS J 723 -28.97 45.45 55.05
N LEU J 724 -28.42 46.23 54.12
CA LEU J 724 -26.96 46.26 53.86
C LEU J 724 -26.13 47.07 54.89
N GLY J 725 -26.79 47.94 55.66
CA GLY J 725 -26.17 48.89 56.59
C GLY J 725 -26.86 48.99 57.94
N PRO J 726 -26.66 47.99 58.80
CA PRO J 726 -27.31 48.03 60.13
C PRO J 726 -26.99 49.25 60.99
N ARG J 727 -25.81 49.83 60.85
CA ARG J 727 -25.48 51.05 61.58
C ARG J 727 -26.35 52.24 61.10
N PHE J 728 -26.68 52.26 59.82
CA PHE J 728 -27.56 53.28 59.23
C PHE J 728 -28.98 53.10 59.75
N GLU J 729 -29.48 51.86 59.81
CA GLU J 729 -30.83 51.61 60.34
C GLU J 729 -30.93 52.09 61.79
N LYS J 730 -29.91 51.75 62.59
CA LYS J 730 -29.84 52.19 63.97
C LYS J 730 -29.85 53.75 64.11
N ASP J 731 -29.07 54.42 63.28
CA ASP J 731 -29.01 55.91 63.21
C ASP J 731 -30.40 56.52 62.89
N PHE J 732 -31.05 55.97 61.87
CA PHE J 732 -32.39 56.42 61.44
C PHE J 732 -33.45 56.26 62.54
N ARG J 733 -33.46 55.10 63.18
CA ARG J 733 -34.40 54.82 64.29
C ARG J 733 -34.20 55.72 65.45
N THR J 734 -32.94 55.99 65.80
CA THR J 734 -32.60 56.87 66.90
C THR J 734 -33.00 58.31 66.57
N PHE J 735 -32.67 58.77 65.36
CA PHE J 735 -32.94 60.13 64.97
C PHE J 735 -34.45 60.44 65.03
N TRP J 736 -35.26 59.51 64.49
CA TRP J 736 -36.71 59.68 64.43
C TRP J 736 -37.48 59.08 65.64
N ASP J 737 -36.74 58.60 66.64
CA ASP J 737 -37.32 58.03 67.87
C ASP J 737 -38.39 56.96 67.57
N LEU J 738 -38.04 56.01 66.72
CA LEU J 738 -39.00 54.98 66.29
C LEU J 738 -39.02 53.78 67.23
N PRO J 739 -40.19 53.23 67.53
CA PRO J 739 -40.22 52.05 68.40
C PRO J 739 -39.75 50.79 67.68
N ASP J 740 -39.28 49.79 68.44
CA ASP J 740 -38.86 48.52 67.88
C ASP J 740 -39.99 47.75 67.13
N SER J 741 -41.26 48.03 67.45
CA SER J 741 -42.38 47.44 66.72
C SER J 741 -42.57 47.97 65.27
N TRP J 742 -41.99 49.12 64.93
CA TRP J 742 -41.97 49.62 63.53
C TRP J 742 -40.88 48.90 62.76
N THR J 743 -41.24 48.32 61.61
CA THR J 743 -40.25 47.67 60.71
C THR J 743 -40.60 48.02 59.25
N LEU J 744 -39.59 47.95 58.38
CA LEU J 744 -39.74 48.26 56.94
C LEU J 744 -39.11 47.17 56.04
N PRO J 745 -39.71 45.96 56.04
CA PRO J 745 -39.23 44.92 55.13
C PRO J 745 -39.53 45.25 53.66
N GLU J 746 -38.56 45.02 52.79
CA GLU J 746 -38.72 45.35 51.37
C GLU J 746 -39.89 44.61 50.70
N GLU J 747 -40.14 43.39 51.18
CA GLU J 747 -41.19 42.53 50.61
C GLU J 747 -42.59 43.06 50.81
N GLU J 748 -42.82 43.96 51.76
CA GLU J 748 -44.17 44.44 52.00
C GLU J 748 -44.56 45.61 51.11
N ILE J 749 -43.63 46.12 50.31
CA ILE J 749 -43.90 47.33 49.52
C ILE J 749 -44.80 47.03 48.29
N GLY J 750 -44.69 45.83 47.73
CA GLY J 750 -45.49 45.43 46.56
C GLY J 750 -44.78 45.57 45.22
N VAL J 751 -43.46 45.70 45.23
CA VAL J 751 -42.68 45.78 44.01
C VAL J 751 -41.81 44.54 43.93
N PRO J 752 -41.31 44.19 42.73
CA PRO J 752 -40.38 43.05 42.65
C PRO J 752 -39.09 43.27 43.48
N THR J 753 -38.59 42.19 44.11
CA THR J 753 -37.38 42.28 44.94
C THR J 753 -36.31 41.18 44.62
N TYR J 754 -36.24 40.78 43.35
CA TYR J 754 -35.27 39.82 42.87
C TYR J 754 -33.86 40.31 43.12
N GLY J 755 -33.05 39.44 43.71
CA GLY J 755 -31.70 39.78 44.11
C GLY J 755 -31.51 40.40 45.47
N SER J 756 -32.57 40.63 46.24
CA SER J 756 -32.43 41.20 47.58
C SER J 756 -31.82 40.22 48.61
N ARG J 757 -32.01 38.91 48.39
CA ARG J 757 -31.54 37.89 49.32
C ARG J 757 -30.58 36.88 48.66
N TYR J 758 -30.88 36.47 47.43
CA TYR J 758 -30.06 35.51 46.70
C TYR J 758 -29.15 36.22 45.72
N SER J 759 -27.84 36.00 45.86
CA SER J 759 -26.84 36.56 44.95
C SER J 759 -25.62 35.61 44.85
N MET J 760 -24.93 35.62 43.71
CA MET J 760 -23.75 34.79 43.49
C MET J 760 -22.61 35.62 42.91
N ASP J 761 -21.56 35.78 43.71
CA ASP J 761 -20.40 36.60 43.35
C ASP J 761 -19.49 35.92 42.30
N ILE J 762 -18.79 36.72 41.49
CA ILE J 762 -17.82 36.19 40.53
C ILE J 762 -16.73 35.28 41.14
N SER J 763 -16.34 35.55 42.40
CA SER J 763 -15.34 34.72 43.06
C SER J 763 -15.80 33.29 43.39
N GLU J 764 -17.10 33.01 43.30
CA GLU J 764 -17.64 31.67 43.45
C GLU J 764 -17.42 30.78 42.21
N LEU J 765 -17.02 31.31 41.06
CA LEU J 765 -16.74 30.46 39.90
C LEU J 765 -15.36 29.79 40.00
N PRO J 766 -15.15 28.65 39.31
CA PRO J 766 -13.88 27.93 39.52
C PRO J 766 -12.63 28.68 39.08
N ASP J 767 -11.55 28.56 39.86
CA ASP J 767 -10.23 29.19 39.56
C ASP J 767 -10.20 30.74 39.54
N VAL J 768 -11.23 31.39 40.07
CA VAL J 768 -11.31 32.85 40.13
C VAL J 768 -10.80 33.40 41.47
N HIS J 769 -9.74 34.22 41.43
CA HIS J 769 -9.19 34.87 42.60
C HIS J 769 -9.33 36.38 42.45
N THR J 770 -10.18 37.02 43.24
CA THR J 770 -10.41 38.45 43.10
C THR J 770 -9.39 39.22 43.97
N VAL J 771 -9.05 40.44 43.54
CA VAL J 771 -8.11 41.29 44.29
C VAL J 771 -8.90 42.23 45.18
N GLN J 772 -8.52 42.33 46.45
CA GLN J 772 -9.24 43.15 47.39
C GLN J 772 -8.55 44.53 47.53
N PHE J 773 -9.30 45.62 47.34
CA PHE J 773 -8.75 46.98 47.44
C PHE J 773 -9.35 47.82 48.59
N VAL J 774 -10.44 47.38 49.22
CA VAL J 774 -11.20 48.15 50.20
C VAL J 774 -11.61 47.23 51.36
N GLU J 775 -12.03 47.83 52.47
CA GLU J 775 -12.70 47.10 53.54
C GLU J 775 -14.15 46.96 53.12
N GLU J 776 -14.75 45.78 53.37
CA GLU J 776 -16.11 45.51 52.89
C GLU J 776 -17.03 44.76 53.86
N ARG K 9 32.23 94.72 -0.38
CA ARG K 9 31.12 93.87 0.12
C ARG K 9 29.97 93.79 -0.86
N ASN K 10 29.46 92.59 -1.02
CA ASN K 10 28.36 92.30 -1.89
C ASN K 10 27.20 91.79 -0.98
N VAL K 11 26.23 92.68 -0.74
CA VAL K 11 25.17 92.43 0.24
C VAL K 11 24.03 91.68 -0.43
N GLN K 12 23.66 90.52 0.10
CA GLN K 12 22.77 89.59 -0.64
C GLN K 12 21.42 89.25 -0.01
N VAL K 13 21.32 89.31 1.33
CA VAL K 13 20.09 88.95 2.04
C VAL K 13 19.73 90.01 3.08
N LEU K 14 18.45 90.37 3.13
CA LEU K 14 17.91 91.28 4.13
C LEU K 14 16.77 90.58 4.90
N GLY K 15 16.86 90.59 6.23
CA GLY K 15 15.77 90.23 7.12
C GLY K 15 15.31 91.39 8.00
N ILE K 16 13.99 91.43 8.29
CA ILE K 16 13.33 92.56 8.94
C ILE K 16 12.48 92.07 10.12
N ASP K 17 12.46 92.87 11.19
CA ASP K 17 11.51 92.68 12.32
C ASP K 17 10.92 94.06 12.72
N ALA K 18 9.73 94.33 12.20
CA ALA K 18 9.01 95.61 12.36
C ALA K 18 7.84 95.53 13.39
N GLY K 19 7.20 96.67 13.64
CA GLY K 19 6.00 96.75 14.50
C GLY K 19 6.21 96.81 16.01
N GLY K 20 7.41 96.55 16.48
CA GLY K 20 7.69 96.75 17.89
C GLY K 20 7.90 98.22 18.22
N THR K 21 8.55 98.47 19.33
CA THR K 21 9.01 99.79 19.69
C THR K 21 10.07 100.28 18.68
N MET K 22 10.99 99.37 18.34
CA MET K 22 12.15 99.61 17.50
C MET K 22 12.12 98.60 16.34
N THR K 23 12.34 99.07 15.11
CA THR K 23 12.40 98.23 13.91
C THR K 23 13.85 97.76 13.66
N ASP K 24 14.03 96.44 13.52
CA ASP K 24 15.36 95.85 13.38
C ASP K 24 15.57 95.31 11.98
N THR K 25 16.80 95.46 11.47
CA THR K 25 17.19 94.96 10.15
C THR K 25 18.48 94.14 10.29
N PHE K 26 18.66 93.18 9.39
CA PHE K 26 19.75 92.19 9.48
C PHE K 26 20.22 91.89 8.06
N PHE K 27 21.46 92.28 7.77
CA PHE K 27 22.03 92.21 6.42
C PHE K 27 23.16 91.15 6.38
N VAL K 28 23.16 90.30 5.36
CA VAL K 28 24.16 89.24 5.19
C VAL K 28 24.88 89.41 3.84
N ASP K 29 26.22 89.35 3.85
CA ASP K 29 26.99 89.45 2.61
C ASP K 29 27.37 88.08 2.02
N GLN K 30 28.13 88.10 0.91
CA GLN K 30 28.47 86.87 0.19
C GLN K 30 29.30 85.86 1.01
N ASP K 31 30.01 86.33 2.03
CA ASP K 31 30.76 85.44 2.92
C ASP K 31 29.99 85.00 4.17
N GLY K 32 28.74 85.43 4.32
CA GLY K 32 28.02 85.20 5.57
C GLY K 32 28.28 86.16 6.71
N ASP K 33 29.10 87.20 6.50
CA ASP K 33 29.23 88.26 7.51
C ASP K 33 27.92 89.04 7.63
N PHE K 34 27.62 89.57 8.82
CA PHE K 34 26.38 90.31 9.04
C PHE K 34 26.51 91.57 9.85
N VAL K 35 25.54 92.47 9.67
CA VAL K 35 25.36 93.65 10.54
C VAL K 35 23.88 93.86 10.84
N VAL K 36 23.64 94.52 11.99
CA VAL K 36 22.30 94.74 12.48
C VAL K 36 22.02 96.23 12.58
N GLY K 37 20.85 96.66 12.09
CA GLY K 37 20.39 98.05 12.22
C GLY K 37 19.20 98.20 13.15
N LYS K 38 19.05 99.39 13.71
CA LYS K 38 17.95 99.76 14.59
C LYS K 38 17.46 101.16 14.26
N ALA K 39 16.16 101.39 14.41
CA ALA K 39 15.58 102.72 14.42
C ALA K 39 14.22 102.64 15.09
N GLN K 40 13.71 103.78 15.48
CA GLN K 40 12.36 103.89 16.07
C GLN K 40 11.29 103.52 15.05
N SER K 41 10.33 102.69 15.46
CA SER K 41 9.24 102.27 14.57
C SER K 41 8.30 103.45 14.25
N THR K 42 7.73 103.42 13.05
CA THR K 42 6.81 104.45 12.53
C THR K 42 5.48 103.81 12.10
N PRO K 43 4.57 103.59 13.07
CA PRO K 43 3.36 102.81 12.74
C PRO K 43 2.40 103.44 11.72
N GLN K 44 2.43 104.76 11.50
CA GLN K 44 1.63 105.35 10.40
C GLN K 44 2.08 104.87 8.99
N ASN K 45 3.36 104.54 8.84
CA ASN K 45 3.90 103.99 7.61
C ASN K 45 5.24 103.35 7.94
N GLU K 46 5.22 102.02 8.09
CA GLU K 46 6.37 101.29 8.61
C GLU K 46 7.63 101.48 7.77
N ALA K 47 7.44 101.76 6.48
CA ALA K 47 8.56 101.98 5.57
C ALA K 47 9.55 103.07 6.03
N LEU K 48 9.05 104.11 6.70
CA LEU K 48 9.91 105.19 7.13
C LEU K 48 10.97 104.73 8.14
N GLY K 49 10.52 104.05 9.22
CA GLY K 49 11.45 103.48 10.21
C GLY K 49 12.32 102.35 9.67
N LEU K 50 11.79 101.59 8.72
CA LEU K 50 12.54 100.54 8.03
C LEU K 50 13.72 101.10 7.22
N ILE K 51 13.49 102.18 6.45
CA ILE K 51 14.59 102.88 5.75
C ILE K 51 15.65 103.40 6.75
N ALA K 52 15.20 104.07 7.82
CA ALA K 52 16.14 104.58 8.84
C ALA K 52 16.93 103.46 9.52
N SER K 53 16.28 102.35 9.83
CA SER K 53 16.96 101.18 10.42
C SER K 53 18.00 100.62 9.45
N SER K 54 17.63 100.51 8.17
CA SER K 54 18.52 100.03 7.12
C SER K 54 19.79 100.88 7.01
N GLU K 55 19.65 102.20 6.99
CA GLU K 55 20.80 103.12 6.94
C GLU K 55 21.71 102.99 8.16
N ASP K 56 21.10 102.84 9.33
CA ASP K 56 21.87 102.61 10.60
C ASP K 56 22.69 101.31 10.52
N GLY K 57 22.08 100.23 10.02
CA GLY K 57 22.79 98.96 9.94
C GLY K 57 23.94 99.00 8.94
N LEU K 58 23.65 99.49 7.74
CA LEU K 58 24.64 99.54 6.67
C LEU K 58 25.79 100.50 6.96
N ALA K 59 25.56 101.53 7.80
CA ALA K 59 26.65 102.45 8.22
C ALA K 59 27.80 101.72 8.96
N ASN K 60 27.51 100.58 9.61
CA ASN K 60 28.57 99.74 10.18
C ASN K 60 29.55 99.16 9.14
N TRP K 61 29.14 99.12 7.87
CA TRP K 61 30.03 98.71 6.78
C TRP K 61 30.46 99.90 5.91
N GLY K 62 30.27 101.13 6.39
CA GLY K 62 30.50 102.33 5.59
C GLY K 62 29.75 102.38 4.29
N MET K 63 28.53 101.85 4.27
CA MET K 63 27.78 101.66 3.03
C MET K 63 26.46 102.40 3.10
N SER K 64 25.97 102.81 1.94
CA SER K 64 24.69 103.53 1.83
C SER K 64 23.58 102.56 1.40
N LEU K 65 22.35 102.97 1.60
CA LEU K 65 21.19 102.19 1.18
C LEU K 65 21.15 101.99 -0.33
N HIS K 66 21.41 103.05 -1.06
CA HIS K 66 21.53 103.01 -2.54
C HIS K 66 22.52 101.90 -3.04
N GLU K 67 23.73 101.87 -2.49
CA GLU K 67 24.74 100.84 -2.86
C GLU K 67 24.25 99.40 -2.60
N ALA K 68 23.74 99.16 -1.41
CA ALA K 68 23.36 97.79 -1.03
C ALA K 68 22.10 97.26 -1.70
N LEU K 69 21.09 98.10 -1.89
CA LEU K 69 19.78 97.62 -2.38
C LEU K 69 19.86 97.00 -3.75
N ALA K 70 20.72 97.58 -4.60
CA ALA K 70 21.00 97.05 -5.94
C ALA K 70 21.56 95.60 -5.94
N GLN K 71 22.34 95.25 -4.90
CA GLN K 71 23.01 93.94 -4.79
C GLN K 71 22.11 92.84 -4.21
N LEU K 72 21.12 93.20 -3.38
CA LEU K 72 20.29 92.21 -2.66
C LEU K 72 19.58 91.23 -3.59
N GLN K 73 19.63 89.95 -3.27
CA GLN K 73 18.94 88.91 -4.03
C GLN K 73 17.58 88.57 -3.47
N THR K 74 17.39 88.78 -2.17
CA THR K 74 16.12 88.48 -1.52
C THR K 74 15.99 89.29 -0.22
N GLY K 75 14.74 89.48 0.19
CA GLY K 75 14.37 90.15 1.42
C GLY K 75 13.16 89.44 2.03
N VAL K 76 13.19 89.27 3.34
CA VAL K 76 12.09 88.66 4.10
C VAL K 76 11.59 89.64 5.19
N TYR K 77 10.31 89.98 5.11
CA TYR K 77 9.63 90.84 6.13
C TYR K 77 9.04 90.00 7.25
N SER K 78 9.17 90.50 8.48
CA SER K 78 8.39 89.99 9.62
C SER K 78 8.09 91.15 10.56
N GLY K 79 7.12 90.93 11.44
CA GLY K 79 6.71 91.97 12.36
C GLY K 79 5.66 91.56 13.40
N THR K 80 5.29 92.51 14.25
CA THR K 80 4.36 92.27 15.34
C THR K 80 3.16 93.20 15.39
N ALA K 81 2.98 94.08 14.41
CA ALA K 81 1.81 95.00 14.44
C ALA K 81 0.46 94.28 14.60
N MET K 82 0.26 93.17 13.88
CA MET K 82 -0.99 92.40 13.96
C MET K 82 -1.11 91.63 15.28
N LEU K 83 -0.03 90.93 15.67
CA LEU K 83 0.02 90.24 16.96
C LEU K 83 -0.29 91.17 18.16
N ASN K 84 0.23 92.39 18.11
CA ASN K 84 -0.01 93.35 19.18
C ASN K 84 -1.49 93.67 19.40
N ARG K 85 -2.27 93.64 18.32
CA ARG K 85 -3.72 93.90 18.45
C ARG K 85 -4.43 92.76 19.16
N VAL K 86 -3.95 91.54 18.91
CA VAL K 86 -4.48 90.35 19.58
C VAL K 86 -4.15 90.34 21.08
N VAL K 87 -2.87 90.48 21.44
CA VAL K 87 -2.48 90.33 22.86
C VAL K 87 -2.92 91.48 23.76
N GLN K 88 -3.08 92.69 23.20
CA GLN K 88 -3.62 93.82 23.94
C GLN K 88 -5.15 93.86 23.93
N ARG K 89 -5.79 93.03 23.11
CA ARG K 89 -7.22 93.17 22.73
C ARG K 89 -7.58 94.62 22.33
N LYS K 90 -6.83 95.16 21.36
CA LYS K 90 -7.08 96.48 20.79
C LYS K 90 -7.14 96.32 19.29
N GLY K 91 -8.28 95.93 18.75
CA GLY K 91 -8.43 95.75 17.30
C GLY K 91 -9.58 96.52 16.70
N LEU K 92 -9.82 96.30 15.42
CA LEU K 92 -10.97 96.85 14.73
C LEU K 92 -12.26 96.27 15.33
N LYS K 93 -13.27 97.10 15.53
CA LYS K 93 -14.53 96.67 16.15
C LYS K 93 -15.42 95.85 15.17
N CYS K 94 -15.27 94.51 15.20
CA CYS K 94 -15.99 93.65 14.24
C CYS K 94 -17.33 93.16 14.79
N GLY K 95 -18.32 93.11 13.90
CA GLY K 95 -19.53 92.35 14.10
C GLY K 95 -19.43 90.98 13.44
N LEU K 96 -20.36 90.09 13.80
CA LEU K 96 -20.34 88.69 13.36
C LEU K 96 -21.76 88.26 12.93
N ILE K 97 -21.85 87.65 11.74
CA ILE K 97 -23.10 87.01 11.24
C ILE K 97 -22.89 85.50 11.11
N VAL K 98 -23.70 84.73 11.85
CA VAL K 98 -23.66 83.26 11.84
C VAL K 98 -25.07 82.70 11.58
N ASN K 99 -25.28 81.39 11.71
CA ASN K 99 -26.60 80.80 11.58
C ASN K 99 -27.52 81.14 12.77
N ARG K 100 -28.73 81.58 12.44
CA ARG K 100 -29.77 81.82 13.45
C ARG K 100 -30.01 80.55 14.31
N GLY K 101 -30.02 80.76 15.63
CA GLY K 101 -30.07 79.68 16.62
C GLY K 101 -28.70 79.29 17.21
N MET K 102 -27.60 79.73 16.56
CA MET K 102 -26.24 79.38 16.98
C MET K 102 -25.36 80.60 17.30
N GLU K 103 -26.01 81.74 17.56
CA GLU K 103 -25.29 82.98 17.89
C GLU K 103 -24.32 82.83 19.07
N ASP K 104 -24.67 81.95 20.04
CA ASP K 104 -23.82 81.74 21.23
C ASP K 104 -22.52 80.94 20.96
N PHE K 105 -22.32 80.33 19.79
CA PHE K 105 -21.19 79.39 19.66
C PHE K 105 -19.81 80.04 19.88
N HIS K 106 -19.66 81.26 19.42
CA HIS K 106 -18.39 81.98 19.51
C HIS K 106 -18.00 82.27 20.99
N ARG K 107 -18.91 82.85 21.75
CA ARG K 107 -18.65 83.19 23.16
C ARG K 107 -18.54 81.97 24.08
N MET K 108 -19.10 80.83 23.69
CA MET K 108 -18.91 79.58 24.48
C MET K 108 -17.47 79.06 24.44
N GLY K 109 -16.70 79.44 23.40
CA GLY K 109 -15.32 79.03 23.27
C GLY K 109 -15.12 77.51 23.20
N ARG K 110 -16.18 76.81 22.74
CA ARG K 110 -16.17 75.34 22.67
C ARG K 110 -15.77 74.61 23.98
N ALA K 111 -15.94 75.29 25.12
CA ALA K 111 -15.40 74.87 26.46
C ALA K 111 -13.87 74.88 26.57
N VAL K 112 -13.20 74.39 25.52
CA VAL K 112 -11.76 74.21 25.50
C VAL K 112 -10.97 75.49 25.80
N GLN K 113 -11.48 76.65 25.37
CA GLN K 113 -10.78 77.93 25.61
C GLN K 113 -10.71 78.36 27.10
N SER K 114 -11.38 77.63 28.01
CA SER K 114 -11.23 77.87 29.46
C SER K 114 -9.95 77.26 30.07
N HIS K 115 -9.25 76.40 29.32
CA HIS K 115 -8.02 75.75 29.83
C HIS K 115 -6.83 75.67 28.84
N LEU K 116 -6.91 76.38 27.72
CA LEU K 116 -5.79 76.43 26.75
C LEU K 116 -4.62 77.24 27.32
N GLY K 117 -3.42 76.86 26.89
CA GLY K 117 -2.15 77.47 27.34
C GLY K 117 -1.79 77.20 28.81
N TYR K 118 -2.24 76.09 29.37
CA TYR K 118 -2.05 75.80 30.80
C TYR K 118 -0.96 74.73 31.02
N ALA K 119 -0.27 74.85 32.15
CA ALA K 119 0.58 73.78 32.67
C ALA K 119 -0.20 72.47 32.94
N TYR K 120 0.52 71.35 32.99
CA TYR K 120 -0.06 70.04 33.34
C TYR K 120 -0.91 70.12 34.61
N GLU K 121 -0.34 70.77 35.62
CA GLU K 121 -0.93 70.95 36.92
C GLU K 121 -2.26 71.76 36.86
N ASP K 122 -2.29 72.79 36.05
CA ASP K 122 -3.49 73.63 35.94
C ASP K 122 -4.57 72.99 35.04
N ARG K 123 -4.17 72.15 34.09
CA ARG K 123 -5.14 71.41 33.28
C ARG K 123 -6.08 70.60 34.17
N ILE K 124 -5.51 69.93 35.18
CA ILE K 124 -6.31 69.16 36.13
C ILE K 124 -6.88 69.94 37.33
N HIS K 125 -6.23 71.04 37.74
CA HIS K 125 -6.70 71.86 38.88
C HIS K 125 -7.88 72.73 38.46
N LEU K 126 -9.08 72.19 38.67
CA LEU K 126 -10.30 72.72 38.04
C LEU K 126 -10.54 74.23 38.27
N ASN K 127 -10.40 74.67 39.52
CA ASN K 127 -10.63 76.09 39.88
C ASN K 127 -9.72 77.12 39.19
N THR K 128 -8.62 76.71 38.57
CA THR K 128 -7.79 77.62 37.75
C THR K 128 -8.37 77.97 36.38
N HIS K 129 -9.36 77.18 35.92
CA HIS K 129 -9.93 77.37 34.56
C HIS K 129 -10.68 78.67 34.51
N ARG K 130 -10.66 79.32 33.35
CA ARG K 130 -11.16 80.70 33.18
C ARG K 130 -11.35 81.04 31.71
N TYR K 131 -12.49 81.63 31.36
CA TYR K 131 -12.74 82.16 30.00
C TYR K 131 -12.29 83.62 29.88
N ASP K 132 -11.54 83.97 28.84
CA ASP K 132 -11.31 85.37 28.48
C ASP K 132 -12.51 85.91 27.71
N PRO K 133 -12.76 87.23 27.75
CA PRO K 133 -13.82 87.82 26.92
C PRO K 133 -13.69 87.45 25.42
N PRO K 134 -14.82 87.27 24.72
CA PRO K 134 -14.78 86.96 23.28
C PRO K 134 -14.25 88.12 22.41
N LEU K 135 -13.69 87.76 21.25
CA LEU K 135 -13.30 88.74 20.23
C LEU K 135 -14.48 89.61 19.77
N VAL K 136 -15.66 89.01 19.62
CA VAL K 136 -16.88 89.68 19.21
C VAL K 136 -17.93 89.50 20.31
N PRO K 137 -18.38 90.62 20.93
CA PRO K 137 -19.42 90.49 21.96
C PRO K 137 -20.78 90.09 21.38
N ARG K 138 -21.60 89.49 22.24
CA ARG K 138 -22.90 88.96 21.85
C ARG K 138 -23.80 90.04 21.20
N HIS K 139 -23.78 91.27 21.71
CA HIS K 139 -24.61 92.34 21.14
C HIS K 139 -24.20 92.78 19.72
N LEU K 140 -22.98 92.42 19.29
CA LEU K 140 -22.52 92.63 17.90
C LEU K 140 -22.55 91.33 17.06
N THR K 141 -23.41 90.39 17.44
CA THR K 141 -23.57 89.11 16.73
C THR K 141 -25.02 89.00 16.29
N ARG K 142 -25.27 88.54 15.05
CA ARG K 142 -26.64 88.26 14.55
C ARG K 142 -26.64 86.95 13.78
N GLY K 143 -27.84 86.45 13.49
CA GLY K 143 -28.05 85.17 12.81
C GLY K 143 -28.99 85.24 11.60
N VAL K 144 -28.65 84.49 10.53
CA VAL K 144 -29.51 84.37 9.34
C VAL K 144 -30.10 82.95 9.26
N VAL K 145 -31.34 82.84 8.74
CA VAL K 145 -32.00 81.54 8.65
C VAL K 145 -31.57 80.80 7.38
N GLU K 146 -30.88 79.67 7.57
CA GLU K 146 -30.18 78.92 6.55
C GLU K 146 -29.61 77.63 7.14
N ARG K 147 -29.61 76.55 6.36
CA ARG K 147 -28.77 75.35 6.66
C ARG K 147 -28.36 74.60 5.39
N THR K 148 -27.07 74.31 5.33
CA THR K 148 -26.44 73.47 4.33
C THR K 148 -25.75 72.30 5.03
N ASP K 149 -25.93 71.08 4.53
CA ASP K 149 -25.37 69.89 5.18
C ASP K 149 -23.92 69.61 4.73
N MET K 150 -23.31 68.58 5.31
CA MET K 150 -21.90 68.21 5.05
C MET K 150 -21.62 67.77 3.61
N MET K 151 -22.67 67.45 2.84
CA MET K 151 -22.58 67.09 1.44
C MET K 151 -22.76 68.30 0.50
N GLY K 152 -23.06 69.47 1.04
CA GLY K 152 -23.40 70.63 0.20
C GLY K 152 -24.85 70.74 -0.16
N THR K 153 -25.71 69.90 0.40
CA THR K 153 -27.15 69.91 0.09
C THR K 153 -27.86 70.97 0.94
N GLN K 154 -28.74 71.75 0.30
CA GLN K 154 -29.56 72.71 1.06
C GLN K 154 -30.68 72.01 1.85
N VAL K 155 -30.69 72.20 3.14
CA VAL K 155 -31.71 71.66 4.00
C VAL K 155 -32.77 72.75 4.22
N ILE K 156 -32.30 73.94 4.62
CA ILE K 156 -33.14 75.13 4.83
C ILE K 156 -32.61 76.24 3.88
N PRO K 157 -33.35 76.56 2.81
CA PRO K 157 -32.92 77.63 1.91
C PRO K 157 -32.71 78.96 2.65
N LEU K 158 -31.69 79.72 2.23
CA LEU K 158 -31.42 81.06 2.80
C LEU K 158 -32.65 81.95 2.72
N ARG K 159 -33.05 82.51 3.86
CA ARG K 159 -34.12 83.52 3.91
C ARG K 159 -33.46 84.91 3.87
N GLU K 160 -33.51 85.53 2.70
CA GLU K 160 -32.72 86.74 2.41
C GLU K 160 -33.10 87.95 3.26
N ASP K 161 -34.38 88.09 3.60
CA ASP K 161 -34.83 89.15 4.51
C ASP K 161 -34.10 89.12 5.88
N THR K 162 -33.77 87.92 6.40
CA THR K 162 -33.06 87.80 7.67
C THR K 162 -31.58 88.27 7.54
N ALA K 163 -30.98 88.07 6.37
CA ALA K 163 -29.64 88.61 6.07
C ALA K 163 -29.62 90.15 5.97
N ARG K 164 -30.66 90.73 5.38
CA ARG K 164 -30.80 92.19 5.34
C ARG K 164 -30.97 92.83 6.67
N ASP K 165 -31.86 92.27 7.51
CA ASP K 165 -32.05 92.76 8.88
C ASP K 165 -30.75 92.61 9.73
N ALA K 166 -30.05 91.49 9.61
CA ALA K 166 -28.74 91.30 10.30
C ALA K 166 -27.72 92.38 9.95
N ALA K 167 -27.60 92.67 8.65
CA ALA K 167 -26.70 93.71 8.15
C ALA K 167 -27.05 95.08 8.71
N ARG K 168 -28.32 95.47 8.60
CA ARG K 168 -28.76 96.78 9.11
C ARG K 168 -28.57 96.94 10.63
N ASP K 169 -28.83 95.88 11.40
CA ASP K 169 -28.58 95.86 12.83
C ASP K 169 -27.10 96.14 13.15
N LEU K 170 -26.17 95.46 12.47
CA LEU K 170 -24.74 95.64 12.77
C LEU K 170 -24.22 97.01 12.31
N ILE K 171 -24.73 97.51 11.20
CA ILE K 171 -24.37 98.86 10.78
C ILE K 171 -24.86 99.89 11.82
N ALA K 172 -26.12 99.80 12.26
CA ALA K 172 -26.67 100.72 13.28
C ALA K 172 -25.95 100.63 14.63
N ALA K 173 -25.39 99.45 14.95
CA ALA K 173 -24.58 99.28 16.16
C ALA K 173 -23.12 99.76 15.99
N ASP K 174 -22.78 100.41 14.88
CA ASP K 174 -21.48 101.01 14.63
C ASP K 174 -20.31 99.99 14.49
N ALA K 175 -20.59 98.82 13.93
CA ALA K 175 -19.52 97.91 13.53
C ALA K 175 -18.56 98.54 12.52
N GLU K 176 -17.26 98.32 12.72
CA GLU K 176 -16.22 98.80 11.82
C GLU K 176 -15.75 97.74 10.81
N GLY K 177 -16.21 96.51 10.97
CA GLY K 177 -15.99 95.40 10.02
C GLY K 177 -17.08 94.36 10.26
N ILE K 178 -17.42 93.58 9.23
CA ILE K 178 -18.40 92.50 9.40
C ILE K 178 -17.86 91.17 8.87
N VAL K 179 -17.90 90.17 9.74
CA VAL K 179 -17.46 88.79 9.47
C VAL K 179 -18.67 87.86 9.29
N ILE K 180 -18.63 86.97 8.29
CA ILE K 180 -19.72 86.05 7.99
C ILE K 180 -19.16 84.63 8.02
N SER K 181 -19.80 83.74 8.78
CA SER K 181 -19.38 82.33 8.84
C SER K 181 -20.59 81.41 9.01
N LEU K 182 -20.97 80.71 7.94
CA LEU K 182 -22.09 79.75 8.00
C LEU K 182 -21.60 78.31 7.97
N LEU K 183 -22.37 77.41 8.58
CA LEU K 183 -21.96 76.00 8.69
C LEU K 183 -21.84 75.31 7.28
N HIS K 184 -20.73 74.57 7.12
CA HIS K 184 -20.35 73.89 5.89
C HIS K 184 -20.21 74.80 4.63
N SER K 185 -19.95 76.10 4.82
CA SER K 185 -19.73 76.99 3.68
C SER K 185 -18.47 76.63 2.87
N TYR K 186 -17.49 76.00 3.52
CA TYR K 186 -16.27 75.51 2.84
C TYR K 186 -16.62 74.44 1.78
N LYS K 187 -17.75 73.74 1.96
CA LYS K 187 -18.19 72.68 1.05
C LYS K 187 -19.07 73.23 -0.06
N ASN K 188 -20.05 74.07 0.30
CA ASN K 188 -20.86 74.78 -0.69
C ASN K 188 -21.01 76.25 -0.27
N PRO K 189 -20.19 77.14 -0.86
CA PRO K 189 -20.16 78.56 -0.43
C PRO K 189 -21.28 79.46 -0.96
N VAL K 190 -22.24 78.90 -1.72
CA VAL K 190 -23.25 79.72 -2.38
C VAL K 190 -24.03 80.60 -1.36
N ASN K 191 -24.56 80.01 -0.30
CA ASN K 191 -25.38 80.81 0.65
C ASN K 191 -24.53 81.84 1.41
N GLU K 192 -23.33 81.48 1.86
CA GLU K 192 -22.48 82.43 2.58
C GLU K 192 -22.09 83.63 1.69
N ARG K 193 -21.79 83.34 0.43
CA ARG K 193 -21.46 84.41 -0.52
C ARG K 193 -22.65 85.32 -0.88
N ARG K 194 -23.87 84.77 -0.86
CA ARG K 194 -25.07 85.63 -1.06
C ARG K 194 -25.28 86.56 0.15
N VAL K 195 -25.07 86.05 1.36
CA VAL K 195 -25.12 86.91 2.57
C VAL K 195 -24.08 88.03 2.50
N ARG K 196 -22.85 87.68 2.12
CA ARG K 196 -21.80 88.64 1.83
C ARG K 196 -22.27 89.74 0.85
N ASP K 197 -22.86 89.34 -0.27
CA ASP K 197 -23.30 90.31 -1.30
C ASP K 197 -24.40 91.24 -0.77
N ILE K 198 -25.33 90.68 0.02
CA ILE K 198 -26.39 91.46 0.67
C ILE K 198 -25.80 92.43 1.71
N VAL K 199 -24.85 91.97 2.53
CA VAL K 199 -24.20 92.85 3.49
C VAL K 199 -23.47 94.01 2.75
N LEU K 200 -22.76 93.67 1.66
CA LEU K 200 -22.07 94.68 0.84
C LEU K 200 -23.03 95.74 0.27
N GLU K 201 -24.21 95.31 -0.20
CA GLU K 201 -25.27 96.26 -0.66
C GLU K 201 -25.74 97.23 0.46
N GLU K 202 -25.98 96.71 1.66
CA GLU K 202 -26.44 97.55 2.77
C GLU K 202 -25.34 98.51 3.26
N VAL K 203 -24.08 98.07 3.29
CA VAL K 203 -22.95 98.94 3.60
C VAL K 203 -22.87 100.10 2.60
N GLU K 204 -23.02 99.80 1.30
CA GLU K 204 -22.97 100.84 0.26
C GLU K 204 -24.08 101.90 0.47
N LYS K 205 -25.30 101.47 0.77
CA LYS K 205 -26.38 102.42 1.04
C LYS K 205 -26.15 103.27 2.27
N SER K 206 -25.45 102.73 3.26
CA SER K 206 -25.18 103.47 4.50
C SER K 206 -24.16 104.61 4.33
N GLY K 207 -23.31 104.51 3.31
CA GLY K 207 -22.22 105.46 3.13
C GLY K 207 -20.99 105.27 3.98
N LYS K 208 -21.00 104.32 4.91
CA LYS K 208 -19.85 104.11 5.82
C LYS K 208 -18.82 103.17 5.22
N LYS K 209 -17.60 103.25 5.74
CA LYS K 209 -16.52 102.36 5.34
C LYS K 209 -16.50 101.16 6.29
N ILE K 210 -17.01 100.02 5.82
CA ILE K 210 -17.14 98.81 6.65
C ILE K 210 -16.74 97.61 5.78
N PRO K 211 -15.49 97.14 5.89
CA PRO K 211 -15.09 95.97 5.09
C PRO K 211 -15.82 94.68 5.56
N VAL K 212 -16.02 93.76 4.62
CA VAL K 212 -16.77 92.53 4.86
C VAL K 212 -15.87 91.30 4.60
N PHE K 213 -15.90 90.31 5.49
CA PHE K 213 -15.05 89.11 5.38
C PHE K 213 -15.92 87.82 5.49
N ALA K 214 -16.12 87.13 4.36
CA ALA K 214 -16.76 85.81 4.33
C ALA K 214 -15.72 84.72 4.52
N SER K 215 -15.95 83.81 5.48
CA SER K 215 -15.00 82.75 5.81
C SER K 215 -14.58 81.93 4.60
N ALA K 216 -15.52 81.66 3.69
CA ALA K 216 -15.21 80.86 2.48
C ALA K 216 -14.25 81.55 1.51
N ASP K 217 -14.14 82.88 1.56
CA ASP K 217 -13.20 83.59 0.72
C ASP K 217 -11.77 83.64 1.29
N TYR K 218 -11.60 83.25 2.56
CA TYR K 218 -10.31 83.41 3.27
C TYR K 218 -9.76 82.08 3.84
N TYR K 219 -10.57 81.37 4.66
CA TYR K 219 -10.15 80.16 5.37
C TYR K 219 -11.18 79.04 5.17
N PRO K 220 -11.30 78.51 3.93
CA PRO K 220 -12.36 77.53 3.65
C PRO K 220 -11.96 76.12 4.13
N VAL K 221 -12.01 75.92 5.44
CA VAL K 221 -11.71 74.64 6.07
C VAL K 221 -12.72 74.33 7.18
N ARG K 222 -12.92 73.04 7.42
CA ARG K 222 -13.84 72.51 8.41
C ARG K 222 -13.41 72.88 9.86
N LYS K 223 -14.42 73.03 10.74
CA LYS K 223 -14.41 73.32 12.18
C LYS K 223 -14.82 74.79 12.38
N GLU K 224 -16.10 75.04 12.68
CA GLU K 224 -16.58 76.40 12.74
C GLU K 224 -15.93 77.27 13.81
N THR K 225 -15.52 76.67 14.92
CA THR K 225 -14.91 77.47 16.00
C THR K 225 -13.54 78.04 15.57
N HIS K 226 -12.68 77.14 15.06
CA HIS K 226 -11.38 77.47 14.51
C HIS K 226 -11.51 78.49 13.34
N ARG K 227 -12.36 78.16 12.36
CA ARG K 227 -12.50 78.99 11.16
C ARG K 227 -13.07 80.37 11.47
N THR K 228 -14.06 80.43 12.36
CA THR K 228 -14.69 81.70 12.70
C THR K 228 -13.73 82.61 13.48
N ASN K 229 -12.98 82.07 14.47
CA ASN K 229 -11.90 82.85 15.12
C ASN K 229 -10.86 83.44 14.12
N THR K 230 -10.41 82.61 13.16
CA THR K 230 -9.39 83.00 12.20
C THR K 230 -9.92 84.11 11.26
N THR K 231 -11.15 83.96 10.79
CA THR K 231 -11.79 84.98 9.92
C THR K 231 -12.01 86.29 10.69
N ILE K 232 -12.38 86.20 11.98
CA ILE K 232 -12.44 87.37 12.85
C ILE K 232 -11.09 88.07 12.91
N LEU K 233 -9.99 87.32 13.10
CA LEU K 233 -8.68 87.95 13.20
C LEU K 233 -8.28 88.70 11.91
N GLU K 234 -8.74 88.20 10.76
CA GLU K 234 -8.51 88.84 9.49
C GLU K 234 -9.05 90.28 9.50
N GLY K 235 -10.24 90.49 10.08
CA GLY K 235 -10.83 91.82 10.28
C GLY K 235 -10.27 92.60 11.49
N TYR K 236 -10.26 91.96 12.65
CA TYR K 236 -9.84 92.55 13.92
C TYR K 236 -8.35 92.97 14.02
N ALA K 237 -7.45 92.08 13.60
CA ALA K 237 -5.99 92.29 13.72
C ALA K 237 -5.29 92.61 12.39
N ALA K 238 -5.67 91.93 11.29
CA ALA K 238 -4.99 92.12 10.01
C ALA K 238 -5.41 93.35 9.20
N GLU K 239 -6.70 93.68 9.19
CA GLU K 239 -7.22 94.74 8.30
C GLU K 239 -6.56 96.10 8.47
N PRO K 240 -6.30 96.55 9.71
CA PRO K 240 -5.59 97.84 9.80
C PRO K 240 -4.15 97.87 9.25
N SER K 241 -3.54 96.69 9.00
CA SER K 241 -2.24 96.59 8.35
C SER K 241 -2.30 96.29 6.83
N ARG K 242 -3.48 96.39 6.22
CA ARG K 242 -3.69 95.94 4.84
C ARG K 242 -2.72 96.55 3.81
N GLN K 243 -2.45 97.85 3.93
CA GLN K 243 -1.54 98.54 3.02
C GLN K 243 -0.04 98.48 3.36
N THR K 244 0.35 97.93 4.51
CA THR K 244 1.75 98.03 4.97
C THR K 244 2.76 97.46 3.95
N LEU K 245 2.51 96.23 3.48
CA LEU K 245 3.46 95.57 2.57
C LEU K 245 3.60 96.31 1.22
N SER K 246 2.52 96.86 0.70
CA SER K 246 2.64 97.57 -0.58
C SER K 246 3.37 98.92 -0.44
N LYS K 247 3.24 99.59 0.69
CA LYS K 247 4.07 100.78 0.96
C LYS K 247 5.55 100.43 1.08
N ILE K 248 5.87 99.34 1.78
CA ILE K 248 7.27 98.89 1.92
C ILE K 248 7.85 98.51 0.55
N SER K 249 7.10 97.71 -0.20
CA SER K 249 7.53 97.23 -1.51
C SER K 249 7.82 98.39 -2.47
N ASN K 250 6.96 99.41 -2.48
CA ASN K 250 7.18 100.60 -3.32
C ASN K 250 8.35 101.45 -2.92
N ALA K 251 8.54 101.67 -1.62
CA ALA K 251 9.68 102.44 -1.12
C ALA K 251 11.01 101.79 -1.53
N PHE K 252 11.08 100.47 -1.40
CA PHE K 252 12.29 99.72 -1.76
C PHE K 252 12.55 99.61 -3.26
N LYS K 253 11.49 99.44 -4.05
CA LYS K 253 11.61 99.41 -5.52
C LYS K 253 12.10 100.74 -6.09
N GLU K 254 11.50 101.85 -5.64
CA GLU K 254 12.01 103.21 -5.94
C GLU K 254 13.51 103.37 -5.69
N ARG K 255 14.02 102.76 -4.63
CA ARG K 255 15.44 102.85 -4.30
C ARG K 255 16.34 101.74 -4.89
N GLY K 256 15.81 100.95 -5.84
CA GLY K 256 16.60 100.06 -6.70
C GLY K 256 16.54 98.55 -6.49
N THR K 257 15.64 98.03 -5.62
CA THR K 257 15.58 96.56 -5.40
C THR K 257 15.01 95.83 -6.60
N LYS K 258 15.47 94.59 -6.81
CA LYS K 258 15.09 93.72 -7.95
C LYS K 258 14.42 92.41 -7.51
N PHE K 259 14.25 92.20 -6.20
CA PHE K 259 13.60 91.03 -5.66
C PHE K 259 12.14 91.33 -5.29
N ASP K 260 11.36 90.28 -5.07
CA ASP K 260 9.96 90.39 -4.68
C ASP K 260 9.95 90.01 -3.19
N PHE K 261 9.45 90.90 -2.30
CA PHE K 261 9.48 90.63 -0.86
C PHE K 261 8.74 89.31 -0.53
N ARG K 262 9.31 88.56 0.39
CA ARG K 262 8.66 87.42 1.02
C ARG K 262 8.33 87.78 2.47
N VAL K 263 7.39 87.02 3.06
CA VAL K 263 6.94 87.22 4.43
C VAL K 263 6.91 85.88 5.18
N MET K 264 7.35 85.86 6.44
CA MET K 264 7.30 84.65 7.26
C MET K 264 5.87 84.26 7.68
N ALA K 265 5.45 83.04 7.35
CA ALA K 265 4.10 82.58 7.66
C ALA K 265 4.09 81.66 8.89
N THR K 266 2.89 81.31 9.33
CA THR K 266 2.69 80.59 10.61
C THR K 266 3.36 79.23 10.66
N HIS K 267 3.46 78.57 9.51
CA HIS K 267 4.05 77.22 9.42
C HIS K 267 5.59 77.17 9.34
N GLY K 268 6.26 78.32 9.43
CA GLY K 268 7.73 78.34 9.39
C GLY K 268 8.37 78.39 8.00
N GLY K 269 7.56 78.55 6.95
CA GLY K 269 8.03 78.85 5.60
C GLY K 269 7.54 80.23 5.18
N THR K 270 8.13 80.78 4.11
CA THR K 270 7.76 82.12 3.63
C THR K 270 6.74 82.06 2.47
N ILE K 271 5.95 83.14 2.31
CA ILE K 271 5.04 83.32 1.21
C ILE K 271 5.22 84.70 0.54
N SER K 272 4.58 84.90 -0.60
CA SER K 272 4.59 86.20 -1.27
C SER K 272 3.94 87.34 -0.45
N TRP K 273 4.51 88.54 -0.57
CA TRP K 273 3.92 89.73 0.04
C TRP K 273 2.54 90.10 -0.50
N LYS K 274 2.19 89.58 -1.67
CA LYS K 274 0.87 89.82 -2.26
C LYS K 274 -0.26 88.94 -1.75
N ALA K 275 -0.02 88.07 -0.77
CA ALA K 275 -1.09 87.21 -0.23
C ALA K 275 -2.32 88.01 0.20
N LYS K 276 -3.48 87.54 -0.19
CA LYS K 276 -4.75 88.19 0.16
C LYS K 276 -5.15 87.91 1.62
N GLU K 277 -4.74 86.78 2.15
CA GLU K 277 -5.14 86.34 3.48
C GLU K 277 -4.00 86.68 4.44
N LEU K 278 -4.12 87.86 5.05
CA LEU K 278 -3.02 88.42 5.86
C LEU K 278 -2.81 87.75 7.21
N ALA K 279 -3.85 87.15 7.78
CA ALA K 279 -3.70 86.46 9.08
C ALA K 279 -2.73 85.26 8.98
N ARG K 280 -2.47 84.74 7.78
CA ARG K 280 -1.39 83.76 7.58
C ARG K 280 -0.01 84.27 8.04
N THR K 281 0.18 85.59 8.10
CA THR K 281 1.41 86.19 8.59
C THR K 281 1.31 86.88 9.98
N ILE K 282 0.28 86.53 10.73
CA ILE K 282 0.00 87.17 12.02
C ILE K 282 1.13 87.05 13.08
N VAL K 283 1.86 85.94 13.07
CA VAL K 283 3.05 85.78 13.95
C VAL K 283 4.36 85.68 13.20
N SER K 284 4.48 86.40 12.08
CA SER K 284 5.70 86.40 11.26
C SER K 284 6.96 86.64 12.11
N GLY K 285 6.93 87.68 12.94
CA GLY K 285 8.07 88.03 13.80
C GLY K 285 8.51 86.92 14.76
N PRO K 286 7.59 86.44 15.64
CA PRO K 286 7.99 85.35 16.54
C PRO K 286 8.47 84.09 15.82
N ILE K 287 7.84 83.73 14.70
CA ILE K 287 8.26 82.57 13.91
C ILE K 287 9.67 82.77 13.34
N GLY K 288 9.98 83.97 12.90
CA GLY K 288 11.36 84.31 12.51
C GLY K 288 12.34 84.00 13.63
N GLY K 289 12.00 84.43 14.85
CA GLY K 289 12.80 84.09 16.05
C GLY K 289 13.08 82.60 16.23
N VAL K 290 12.02 81.79 16.10
CA VAL K 290 12.17 80.31 16.26
C VAL K 290 13.07 79.69 15.19
N ILE K 291 12.90 80.13 13.94
CA ILE K 291 13.79 79.69 12.85
C ILE K 291 15.26 80.02 13.11
N GLY K 292 15.50 81.22 13.64
CA GLY K 292 16.82 81.65 14.09
C GLY K 292 17.36 80.75 15.18
N ALA K 293 16.54 80.45 16.19
CA ALA K 293 16.95 79.60 17.29
C ALA K 293 17.29 78.18 16.79
N LYS K 294 16.47 77.65 15.88
CA LYS K 294 16.71 76.32 15.34
C LYS K 294 18.04 76.27 14.57
N TYR K 295 18.32 77.31 13.78
CA TYR K 295 19.55 77.40 13.01
C TYR K 295 20.79 77.51 13.92
N LEU K 296 20.75 78.44 14.88
CA LEU K 296 21.83 78.56 15.88
C LEU K 296 22.06 77.23 16.62
N GLY K 297 20.96 76.60 17.04
CA GLY K 297 21.01 75.29 17.72
C GLY K 297 21.63 74.18 16.89
N GLU K 298 21.31 74.12 15.60
CA GLU K 298 21.94 73.17 14.69
C GLU K 298 23.44 73.39 14.53
N VAL K 299 23.87 74.64 14.42
CA VAL K 299 25.30 74.93 14.28
C VAL K 299 26.07 74.54 15.54
N LEU K 300 25.54 74.85 16.72
CA LEU K 300 26.27 74.60 17.99
C LEU K 300 25.96 73.29 18.77
N GLY K 301 24.94 72.53 18.39
CA GLY K 301 24.62 71.26 19.05
C GLY K 301 23.55 71.34 20.15
N TYR K 302 22.73 72.38 20.18
CA TYR K 302 21.58 72.46 21.12
C TYR K 302 20.35 71.83 20.46
N LYS K 303 19.86 70.72 21.02
CA LYS K 303 18.70 69.98 20.48
C LYS K 303 17.37 70.38 21.13
N ASN K 304 17.38 70.74 22.41
CA ASN K 304 16.19 71.09 23.15
C ASN K 304 16.28 72.51 23.65
N ILE K 305 15.50 73.38 23.02
CA ILE K 305 15.61 74.83 23.25
C ILE K 305 14.25 75.42 23.65
N ALA K 306 14.23 76.14 24.76
CA ALA K 306 13.10 76.96 25.13
C ALA K 306 13.38 78.43 24.70
N CYS K 307 12.69 78.86 23.64
CA CYS K 307 12.83 80.21 23.10
C CYS K 307 12.00 81.18 23.92
N SER K 308 12.54 82.36 24.19
CA SER K 308 11.85 83.36 24.97
C SER K 308 12.26 84.78 24.54
N ASP K 309 11.29 85.65 24.36
CA ASP K 309 11.51 86.98 23.72
C ASP K 309 10.60 88.00 24.37
N ILE K 310 11.15 89.06 24.96
CA ILE K 310 10.36 90.22 25.41
C ILE K 310 10.61 91.41 24.49
N GLY K 311 9.53 92.06 24.06
CA GLY K 311 9.60 93.34 23.33
C GLY K 311 8.84 94.42 24.08
N GLY K 312 8.48 95.49 23.38
CA GLY K 312 7.69 96.55 24.00
C GLY K 312 6.28 96.16 24.40
N THR K 313 5.71 95.15 23.75
CA THR K 313 4.29 94.80 23.91
C THR K 313 4.02 93.33 24.32
N SER K 314 4.78 92.37 23.80
CA SER K 314 4.53 90.93 24.03
C SER K 314 5.72 90.14 24.57
N PHE K 315 5.39 89.00 25.19
CA PHE K 315 6.34 87.97 25.60
C PHE K 315 5.95 86.74 24.80
N ASP K 316 6.90 86.23 24.00
CA ASP K 316 6.68 85.09 23.09
C ASP K 316 7.58 83.93 23.53
N VAL K 317 7.02 82.72 23.56
CA VAL K 317 7.74 81.52 23.94
C VAL K 317 7.44 80.37 22.96
N ALA K 318 8.41 79.49 22.79
CA ALA K 318 8.29 78.35 21.85
C ALA K 318 9.31 77.27 22.24
N LEU K 319 8.98 76.03 21.92
CA LEU K 319 9.85 74.90 22.22
C LEU K 319 10.35 74.24 20.95
N ILE K 320 11.65 74.00 20.90
CA ILE K 320 12.26 73.11 19.92
C ILE K 320 12.70 71.85 20.69
N THR K 321 12.28 70.66 20.23
CA THR K 321 12.61 69.40 20.91
C THR K 321 13.22 68.42 19.92
N GLN K 322 14.31 67.76 20.33
CA GLN K 322 15.13 66.89 19.45
C GLN K 322 15.42 67.51 18.09
N GLY K 323 15.80 68.78 18.11
CA GLY K 323 16.13 69.53 16.90
C GLY K 323 14.99 69.91 15.97
N GLU K 324 13.74 69.58 16.31
CA GLU K 324 12.60 69.89 15.45
C GLU K 324 11.63 70.91 16.02
N MET K 325 11.08 71.72 15.12
CA MET K 325 9.87 72.49 15.41
C MET K 325 8.74 71.51 15.15
N THR K 326 7.66 71.68 15.88
CA THR K 326 6.49 70.83 15.72
C THR K 326 5.40 71.67 15.05
N ILE K 327 5.04 71.35 13.81
CA ILE K 327 3.96 72.08 13.11
C ILE K 327 2.64 71.41 13.42
N LYS K 328 1.70 72.16 13.96
CA LYS K 328 0.44 71.60 14.44
C LYS K 328 -0.71 72.12 13.55
N ASN K 329 -1.53 71.20 13.00
CA ASN K 329 -2.78 71.61 12.30
C ASN K 329 -3.86 71.90 13.29
N ASP K 330 -4.76 72.81 12.95
CA ASP K 330 -5.83 73.25 13.89
C ASP K 330 -5.27 73.51 15.32
N PRO K 331 -4.31 74.43 15.41
CA PRO K 331 -3.63 74.72 16.67
C PRO K 331 -4.45 75.67 17.55
N ASP K 332 -3.87 76.02 18.69
CA ASP K 332 -4.32 77.17 19.47
C ASP K 332 -3.17 78.15 19.72
N MET K 333 -3.54 79.41 19.89
CA MET K 333 -2.60 80.46 20.27
C MET K 333 -3.35 81.62 20.91
N ALA K 334 -2.73 82.25 21.92
CA ALA K 334 -3.40 83.31 22.71
C ALA K 334 -4.77 82.88 23.23
N ARG K 335 -4.88 81.59 23.56
CA ARG K 335 -6.11 80.97 24.08
C ARG K 335 -7.26 80.96 23.08
N LEU K 336 -6.94 80.95 21.78
CA LEU K 336 -7.91 80.91 20.70
C LEU K 336 -7.65 79.68 19.82
N VAL K 337 -8.68 78.89 19.53
CA VAL K 337 -8.56 77.85 18.48
C VAL K 337 -8.53 78.52 17.09
N LEU K 338 -7.59 78.08 16.24
CA LEU K 338 -7.34 78.72 14.92
C LEU K 338 -7.17 77.69 13.80
N SER K 339 -7.32 78.14 12.56
CA SER K 339 -7.21 77.26 11.39
C SER K 339 -5.86 77.35 10.66
N LEU K 340 -4.90 78.09 11.18
CA LEU K 340 -3.58 78.27 10.51
C LEU K 340 -2.55 77.21 10.97
N PRO K 341 -1.94 76.46 10.05
CA PRO K 341 -0.91 75.52 10.57
C PRO K 341 0.25 76.28 11.22
N LEU K 342 0.58 75.90 12.45
CA LEU K 342 1.40 76.71 13.35
C LEU K 342 2.51 75.94 14.01
N VAL K 343 3.72 76.47 13.91
CA VAL K 343 4.84 76.03 14.72
C VAL K 343 4.42 76.25 16.18
N ALA K 344 4.71 75.31 17.06
CA ALA K 344 4.23 75.42 18.43
C ALA K 344 4.84 76.60 19.20
N MET K 345 4.03 77.63 19.42
CA MET K 345 4.48 78.84 20.14
C MET K 345 3.28 79.44 20.87
N ASP K 346 3.53 80.39 21.75
CA ASP K 346 2.42 81.16 22.31
C ASP K 346 2.92 82.58 22.67
N SER K 347 2.01 83.49 22.94
CA SER K 347 2.33 84.88 23.20
C SER K 347 1.29 85.54 24.12
N VAL K 348 1.75 86.43 24.99
CA VAL K 348 0.90 87.13 25.97
C VAL K 348 1.26 88.63 26.02
N GLY K 349 0.29 89.46 26.39
CA GLY K 349 0.49 90.91 26.54
C GLY K 349 1.21 91.35 27.80
N ALA K 350 2.54 91.29 27.75
CA ALA K 350 3.37 91.75 28.86
C ALA K 350 4.69 92.14 28.23
N GLY K 351 5.08 93.41 28.34
CA GLY K 351 6.28 93.94 27.69
C GLY K 351 6.81 95.21 28.36
N ALA K 352 7.90 95.75 27.82
CA ALA K 352 8.58 96.89 28.47
C ALA K 352 7.81 98.20 28.38
N GLY K 353 6.79 98.25 27.51
CA GLY K 353 5.88 99.38 27.39
C GLY K 353 4.52 99.22 28.06
N SER K 354 4.27 98.08 28.69
CA SER K 354 2.98 97.80 29.32
C SER K 354 2.65 98.88 30.37
N PHE K 355 1.44 99.41 30.30
CA PHE K 355 0.94 100.39 31.26
C PHE K 355 0.74 99.76 32.66
N ILE K 356 0.94 100.57 33.70
CA ILE K 356 0.75 100.17 35.10
C ILE K 356 -0.40 101.01 35.66
N ARG K 357 -1.44 100.36 36.19
CA ARG K 357 -2.63 101.04 36.75
C ARG K 357 -3.06 100.42 38.08
N LEU K 358 -3.61 101.23 38.96
CA LEU K 358 -4.22 100.73 40.21
C LEU K 358 -5.72 100.53 40.08
N ASP K 359 -6.22 99.40 40.58
CA ASP K 359 -7.68 99.17 40.63
C ASP K 359 -8.31 100.28 41.51
N PRO K 360 -9.38 100.95 41.00
CA PRO K 360 -9.93 102.07 41.78
C PRO K 360 -10.52 101.69 43.15
N TYR K 361 -10.96 100.44 43.32
CA TYR K 361 -11.51 99.94 44.60
C TYR K 361 -10.54 99.19 45.50
N THR K 362 -9.76 98.27 44.95
CA THR K 362 -8.83 97.45 45.75
C THR K 362 -7.39 97.97 45.82
N ARG K 363 -7.03 98.90 44.94
CA ARG K 363 -5.64 99.36 44.73
C ARG K 363 -4.65 98.23 44.31
N ALA K 364 -5.17 97.11 43.78
CA ALA K 364 -4.30 96.09 43.19
C ALA K 364 -3.56 96.66 41.98
N ILE K 365 -2.32 96.25 41.79
CA ILE K 365 -1.55 96.69 40.65
C ILE K 365 -1.89 95.80 39.45
N LYS K 366 -2.19 96.41 38.30
CA LYS K 366 -2.49 95.70 37.07
C LYS K 366 -1.50 96.12 35.96
N LEU K 367 -0.87 95.14 35.31
CA LEU K 367 0.11 95.33 34.25
C LEU K 367 -0.52 95.05 32.90
N GLY K 368 -0.54 96.03 32.00
CA GLY K 368 -1.11 95.79 30.68
C GLY K 368 -2.60 95.45 30.71
N PRO K 369 -3.10 94.64 29.75
CA PRO K 369 -2.30 94.04 28.65
C PRO K 369 -1.87 95.03 27.54
N ASP K 370 -2.40 96.26 27.56
CA ASP K 370 -2.02 97.30 26.61
C ASP K 370 -0.69 97.98 26.97
N SER K 371 -0.08 98.58 25.94
CA SER K 371 1.29 99.11 25.99
C SER K 371 1.41 100.46 25.25
N ALA K 372 2.34 101.28 25.70
CA ALA K 372 2.71 102.49 24.98
C ALA K 372 3.37 102.25 23.62
N GLY K 373 3.89 101.05 23.39
CA GLY K 373 4.56 100.73 22.10
C GLY K 373 5.74 101.65 21.81
N TYR K 374 5.77 102.20 20.57
CA TYR K 374 6.87 103.10 20.15
C TYR K 374 7.00 104.36 20.99
N ARG K 375 5.95 104.72 21.74
CA ARG K 375 5.97 105.89 22.60
C ARG K 375 6.66 105.70 23.98
N VAL K 376 6.98 104.45 24.33
CA VAL K 376 7.89 104.10 25.46
C VAL K 376 7.29 104.25 26.85
N GLY K 377 7.02 105.49 27.23
CA GLY K 377 6.51 105.83 28.55
C GLY K 377 6.60 107.31 28.83
N VAL K 378 6.35 107.68 30.09
CA VAL K 378 6.36 109.09 30.51
C VAL K 378 7.79 109.65 30.35
N CYS K 379 8.81 108.79 30.52
CA CYS K 379 10.23 109.20 30.37
C CYS K 379 10.60 109.76 29.02
N TRP K 380 9.91 109.41 27.94
CA TRP K 380 10.18 110.01 26.62
C TRP K 380 9.39 111.32 26.47
N LYS K 381 10.12 112.44 26.58
CA LYS K 381 9.56 113.78 26.57
C LYS K 381 8.65 114.12 25.39
N GLU K 382 8.98 113.62 24.20
CA GLU K 382 8.16 113.83 22.99
C GLU K 382 6.89 112.93 22.89
N SER K 383 6.69 112.01 23.81
CA SER K 383 5.72 110.91 23.59
C SER K 383 4.29 111.31 23.76
N GLY K 384 4.05 112.26 24.66
CA GLY K 384 2.68 112.59 25.05
C GLY K 384 2.00 111.57 25.95
N ILE K 385 2.74 110.57 26.45
CA ILE K 385 2.18 109.53 27.29
C ILE K 385 2.00 110.08 28.70
N GLU K 386 0.83 109.86 29.28
CA GLU K 386 0.52 110.29 30.67
C GLU K 386 0.55 109.18 31.69
N THR K 387 0.25 107.95 31.28
CA THR K 387 0.21 106.81 32.19
C THR K 387 1.57 106.09 32.28
N VAL K 388 2.06 105.85 33.49
CA VAL K 388 3.36 105.18 33.66
C VAL K 388 3.42 103.78 33.04
N THR K 389 4.59 103.41 32.57
CA THR K 389 4.84 102.10 32.00
C THR K 389 6.01 101.39 32.70
N ILE K 390 6.22 100.12 32.32
CA ILE K 390 7.38 99.35 32.78
C ILE K 390 8.72 100.05 32.50
N SER K 391 8.81 100.75 31.38
CA SER K 391 10.02 101.50 31.04
C SER K 391 10.32 102.62 32.08
N ASP K 392 9.27 103.23 32.60
CA ASP K 392 9.41 104.20 33.69
C ASP K 392 9.97 103.57 34.98
N CYS K 393 9.59 102.32 35.27
CA CYS K 393 10.19 101.57 36.40
C CYS K 393 11.68 101.28 36.13
N HIS K 394 12.03 100.90 34.89
CA HIS K 394 13.42 100.70 34.50
C HIS K 394 14.29 101.93 34.76
N MET K 395 13.74 103.12 34.50
CA MET K 395 14.46 104.38 34.75
C MET K 395 14.71 104.58 36.24
N VAL K 396 13.66 104.45 37.06
CA VAL K 396 13.79 104.62 38.52
C VAL K 396 14.82 103.66 39.12
N LEU K 397 14.74 102.39 38.73
CA LEU K 397 15.54 101.35 39.36
C LEU K 397 16.99 101.25 38.86
N GLY K 398 17.33 101.95 37.78
CA GLY K 398 18.64 101.84 37.15
C GLY K 398 18.87 100.65 36.23
N TYR K 399 17.81 100.01 35.75
CA TYR K 399 17.95 98.90 34.78
C TYR K 399 18.49 99.41 33.46
N LEU K 400 17.98 100.55 32.99
CA LEU K 400 18.39 101.13 31.70
C LEU K 400 19.03 102.50 31.87
N ASN K 401 19.82 102.85 30.86
CA ASN K 401 20.59 104.11 30.82
C ASN K 401 19.74 105.16 30.10
N PRO K 402 19.28 106.22 30.82
CA PRO K 402 18.55 107.32 30.17
C PRO K 402 19.27 107.97 28.96
N ASP K 403 20.60 107.94 28.98
CA ASP K 403 21.43 108.60 27.99
C ASP K 403 21.92 107.71 26.86
N ASN K 404 21.54 106.43 26.83
CA ASN K 404 21.97 105.55 25.74
C ASN K 404 20.84 104.64 25.25
N PHE K 405 19.63 105.20 25.16
CA PHE K 405 18.44 104.48 24.67
C PHE K 405 18.44 104.72 23.16
N LEU K 406 18.38 103.64 22.40
CA LEU K 406 18.71 103.68 20.97
C LEU K 406 20.06 104.37 20.65
N GLY K 407 21.09 104.02 21.42
CA GLY K 407 22.41 104.56 21.25
C GLY K 407 22.52 106.06 21.56
N GLY K 408 21.56 106.63 22.28
CA GLY K 408 21.48 108.07 22.52
C GLY K 408 20.62 108.84 21.51
N ALA K 409 20.07 108.18 20.49
CA ALA K 409 19.19 108.83 19.51
C ALA K 409 17.79 109.24 20.02
N VAL K 410 17.33 108.63 21.11
CA VAL K 410 16.06 108.98 21.78
C VAL K 410 16.36 109.35 23.24
N LYS K 411 16.07 110.58 23.61
CA LYS K 411 16.43 111.08 24.96
C LYS K 411 15.37 110.74 26.03
N LEU K 412 15.73 110.05 27.10
CA LEU K 412 14.82 109.76 28.21
C LEU K 412 15.18 110.57 29.48
N ASP K 413 14.16 110.94 30.27
CA ASP K 413 14.30 111.77 31.47
C ASP K 413 13.83 110.98 32.70
N ARG K 414 14.79 110.50 33.49
CA ARG K 414 14.48 109.70 34.71
C ARG K 414 13.56 110.46 35.70
N GLN K 415 13.79 111.77 35.82
CA GLN K 415 13.01 112.57 36.76
C GLN K 415 11.51 112.58 36.44
N ARG K 416 11.17 112.58 35.14
CA ARG K 416 9.76 112.43 34.75
C ARG K 416 9.14 111.11 35.21
N SER K 417 9.90 110.02 35.17
CA SER K 417 9.45 108.71 35.63
C SER K 417 9.28 108.74 37.16
N VAL K 418 10.24 109.35 37.87
CA VAL K 418 10.16 109.48 39.33
C VAL K 418 8.86 110.19 39.74
N ASP K 419 8.63 111.38 39.18
CA ASP K 419 7.48 112.20 39.54
C ASP K 419 6.12 111.48 39.26
N ALA K 420 6.01 110.83 38.10
CA ALA K 420 4.78 110.17 37.67
C ALA K 420 4.50 108.87 38.44
N ILE K 421 5.53 108.09 38.71
CA ILE K 421 5.37 106.92 39.59
C ILE K 421 4.94 107.36 41.00
N LYS K 422 5.54 108.45 41.51
CA LYS K 422 5.17 108.97 42.82
C LYS K 422 3.67 109.31 42.89
N ALA K 423 3.18 110.02 41.89
CA ALA K 423 1.78 110.45 41.87
C ALA K 423 0.78 109.31 41.62
N GLN K 424 1.10 108.42 40.70
CA GLN K 424 0.15 107.39 40.21
C GLN K 424 0.15 106.08 41.03
N ILE K 425 1.32 105.65 41.50
CA ILE K 425 1.51 104.33 42.14
C ILE K 425 1.95 104.43 43.61
N ALA K 426 3.05 105.16 43.88
CA ALA K 426 3.69 105.12 45.20
C ALA K 426 2.90 105.82 46.32
N ASP K 427 2.53 107.08 46.13
CA ASP K 427 1.74 107.80 47.15
C ASP K 427 0.39 107.11 47.49
N PRO K 428 -0.40 106.67 46.48
CA PRO K 428 -1.66 105.94 46.75
C PRO K 428 -1.50 104.63 47.53
N LEU K 429 -0.38 103.94 47.34
CA LEU K 429 -0.05 102.73 48.09
C LEU K 429 0.72 102.95 49.39
N GLY K 430 1.08 104.17 49.74
CA GLY K 430 1.91 104.42 50.91
C GLY K 430 3.34 103.87 50.84
N LEU K 431 3.92 103.86 49.63
CA LEU K 431 5.28 103.34 49.38
C LEU K 431 6.23 104.43 48.92
N SER K 432 7.54 104.24 49.16
CA SER K 432 8.57 105.02 48.48
C SER K 432 8.49 104.79 46.95
N VAL K 433 9.03 105.72 46.16
CA VAL K 433 9.05 105.58 44.71
C VAL K 433 9.77 104.29 44.26
N GLU K 434 10.95 104.01 44.85
CA GLU K 434 11.74 102.85 44.45
C GLU K 434 11.09 101.53 44.90
N ASP K 435 10.39 101.51 46.04
CA ASP K 435 9.67 100.29 46.44
C ASP K 435 8.45 100.00 45.57
N ALA K 436 7.76 101.06 45.14
CA ALA K 436 6.65 100.91 44.20
C ALA K 436 7.16 100.33 42.86
N ALA K 437 8.22 100.92 42.31
CA ALA K 437 8.79 100.44 41.05
C ALA K 437 9.36 98.98 41.17
N ALA K 438 10.07 98.71 42.26
CA ALA K 438 10.61 97.36 42.51
C ALA K 438 9.50 96.30 42.67
N GLY K 439 8.39 96.70 43.30
CA GLY K 439 7.22 95.84 43.45
C GLY K 439 6.54 95.51 42.11
N VAL K 440 6.47 96.51 41.22
CA VAL K 440 6.01 96.29 39.84
C VAL K 440 6.90 95.28 39.11
N ILE K 441 8.21 95.44 39.22
CA ILE K 441 9.14 94.55 38.52
C ILE K 441 9.10 93.12 39.11
N GLU K 442 8.92 93.00 40.44
CA GLU K 442 8.69 91.68 41.07
C GLU K 442 7.45 90.98 40.47
N LEU K 443 6.37 91.72 40.24
CA LEU K 443 5.19 91.16 39.63
C LEU K 443 5.41 90.72 38.19
N LEU K 444 6.06 91.56 37.39
CA LEU K 444 6.43 91.18 36.02
C LEU K 444 7.32 89.91 35.96
N ASP K 445 8.41 89.90 36.73
CA ASP K 445 9.36 88.76 36.73
C ASP K 445 8.61 87.44 37.01
N SER K 446 7.73 87.48 38.01
CA SER K 446 6.94 86.31 38.43
C SER K 446 5.92 85.87 37.37
N ASP K 447 5.23 86.81 36.75
CA ASP K 447 4.31 86.56 35.62
C ASP K 447 5.00 85.89 34.44
N LEU K 448 6.12 86.46 34.00
CA LEU K 448 6.89 85.90 32.89
C LEU K 448 7.44 84.49 33.24
N ARG K 449 7.96 84.33 34.45
CA ARG K 449 8.48 83.06 34.92
C ARG K 449 7.39 81.95 34.84
N ASP K 450 6.21 82.27 35.34
CA ASP K 450 5.09 81.32 35.34
C ASP K 450 4.61 80.99 33.91
N TYR K 451 4.60 81.97 33.01
CA TYR K 451 4.21 81.74 31.62
C TYR K 451 5.18 80.79 30.88
N LEU K 452 6.48 81.02 31.03
CA LEU K 452 7.51 80.14 30.44
C LEU K 452 7.44 78.70 31.03
N ARG K 453 7.38 78.60 32.36
CA ARG K 453 7.21 77.31 33.05
C ARG K 453 5.97 76.56 32.56
N SER K 454 4.87 77.28 32.34
CA SER K 454 3.62 76.65 31.92
C SER K 454 3.69 76.03 30.52
N MET K 455 4.37 76.71 29.58
CA MET K 455 4.59 76.18 28.24
C MET K 455 5.37 74.83 28.31
N ILE K 456 6.41 74.79 29.13
CA ILE K 456 7.25 73.60 29.28
C ILE K 456 6.45 72.44 29.94
N SER K 457 5.77 72.76 31.04
CA SER K 457 4.95 71.77 31.78
C SER K 457 3.75 71.25 30.97
N GLY K 458 3.18 72.05 30.09
CA GLY K 458 2.06 71.57 29.22
C GLY K 458 2.44 70.43 28.28
N LYS K 459 3.72 70.34 27.91
CA LYS K 459 4.27 69.19 27.16
C LYS K 459 4.78 68.05 28.08
N GLY K 460 4.73 68.23 29.41
CA GLY K 460 5.09 67.20 30.37
C GLY K 460 6.54 67.26 30.87
N TYR K 461 7.33 68.15 30.29
CA TYR K 461 8.75 68.30 30.67
C TYR K 461 8.92 69.10 31.94
N SER K 462 10.14 69.05 32.46
CA SER K 462 10.65 70.02 33.43
C SER K 462 11.66 70.93 32.69
N PRO K 463 11.88 72.18 33.17
CA PRO K 463 12.87 73.04 32.51
C PRO K 463 14.30 72.46 32.42
N ALA K 464 14.66 71.51 33.32
CA ALA K 464 15.99 70.89 33.27
C ALA K 464 16.29 70.13 31.98
N SER K 465 15.26 69.74 31.24
CA SER K 465 15.41 69.13 29.92
C SER K 465 15.80 70.11 28.81
N PHE K 466 15.83 71.41 29.09
CA PHE K 466 16.04 72.45 28.07
C PHE K 466 17.20 73.42 28.38
N VAL K 467 17.70 74.03 27.31
CA VAL K 467 18.50 75.25 27.37
C VAL K 467 17.55 76.40 27.02
N CYS K 468 17.57 77.50 27.77
CA CYS K 468 16.74 78.70 27.42
C CYS K 468 17.58 79.67 26.56
N PHE K 469 17.01 80.11 25.44
CA PHE K 469 17.50 81.26 24.65
C PHE K 469 16.61 82.48 24.98
N SER K 470 17.24 83.59 25.36
CA SER K 470 16.56 84.85 25.74
C SER K 470 16.99 85.93 24.76
N TYR K 471 16.04 86.47 24.00
CA TYR K 471 16.33 87.46 22.95
C TYR K 471 15.21 88.51 22.81
N GLY K 472 15.21 89.28 21.71
CA GLY K 472 14.38 90.47 21.60
C GLY K 472 15.05 91.65 22.30
N GLY K 473 14.60 92.87 22.01
CA GLY K 473 15.18 94.06 22.64
C GLY K 473 15.15 94.04 24.18
N ALA K 474 14.05 93.57 24.78
CA ALA K 474 13.88 93.55 26.25
C ALA K 474 14.10 92.21 26.93
N GLY K 475 14.24 91.13 26.17
CA GLY K 475 14.53 89.79 26.76
C GLY K 475 15.65 89.80 27.79
N PRO K 476 16.87 90.27 27.42
CA PRO K 476 18.00 90.35 28.35
C PRO K 476 17.85 91.31 29.56
N VAL K 477 16.82 92.16 29.55
CA VAL K 477 16.55 93.07 30.68
C VAL K 477 15.99 92.26 31.87
N HIS K 478 15.30 91.15 31.59
CA HIS K 478 14.62 90.32 32.60
C HIS K 478 14.97 88.83 32.62
N THR K 479 15.93 88.38 31.80
CA THR K 479 16.35 86.97 31.83
C THR K 479 16.61 86.44 33.27
N TYR K 480 17.32 87.23 34.09
CA TYR K 480 17.67 86.87 35.48
C TYR K 480 16.40 86.45 36.26
N GLY K 481 15.30 87.18 36.00
CA GLY K 481 14.04 87.06 36.79
C GLY K 481 13.13 85.94 36.29
N TYR K 482 12.95 85.87 34.97
CA TYR K 482 12.05 84.87 34.41
C TYR K 482 12.61 83.46 34.31
N THR K 483 13.93 83.30 34.46
CA THR K 483 14.55 81.95 34.63
C THR K 483 14.97 81.57 36.05
N GLU K 484 14.86 82.50 37.02
CA GLU K 484 15.35 82.26 38.39
C GLU K 484 14.79 80.99 39.06
N GLY K 485 15.68 80.07 39.41
CA GLY K 485 15.31 78.87 40.13
C GLY K 485 14.58 77.82 39.31
N LEU K 486 14.40 78.00 38.01
CA LEU K 486 13.71 77.01 37.19
C LEU K 486 14.56 75.77 36.88
N GLY K 487 15.89 75.88 36.98
CA GLY K 487 16.79 74.73 36.75
C GLY K 487 17.10 74.37 35.29
N PHE K 488 17.06 75.35 34.41
CA PHE K 488 17.45 75.12 33.00
C PHE K 488 18.89 74.57 32.94
N GLU K 489 19.18 73.72 31.94
CA GLU K 489 20.55 73.19 31.75
C GLU K 489 21.53 74.37 31.55
N ASP K 490 21.12 75.37 30.77
CA ASP K 490 21.90 76.61 30.60
C ASP K 490 20.93 77.70 30.20
N VAL K 491 21.36 78.95 30.31
CA VAL K 491 20.56 80.13 29.99
C VAL K 491 21.45 81.07 29.16
N ILE K 492 21.03 81.34 27.93
CA ILE K 492 21.89 81.96 26.91
C ILE K 492 21.26 83.23 26.35
N VAL K 493 22.05 84.31 26.32
CA VAL K 493 21.66 85.58 25.73
C VAL K 493 22.62 85.87 24.55
N PRO K 494 22.13 85.76 23.29
CA PRO K 494 22.98 86.13 22.16
C PRO K 494 23.28 87.63 22.12
N ALA K 495 24.50 88.02 21.78
CA ALA K 495 24.87 89.46 21.71
C ALA K 495 24.01 90.24 20.69
N TRP K 496 23.49 89.56 19.68
CA TRP K 496 22.61 90.15 18.66
C TRP K 496 21.09 90.00 19.01
N ALA K 497 20.78 89.86 20.30
CA ALA K 497 19.39 89.68 20.80
C ALA K 497 18.35 90.61 20.17
N ALA K 498 18.67 91.90 20.01
CA ALA K 498 17.70 92.86 19.48
C ALA K 498 17.26 92.53 18.04
N GLY K 499 18.18 92.01 17.24
CA GLY K 499 17.85 91.62 15.86
C GLY K 499 17.61 90.13 15.65
N PHE K 500 17.24 89.38 16.70
CA PHE K 500 17.19 87.90 16.58
C PHE K 500 16.10 87.37 15.60
N SER K 501 14.93 88.00 15.56
CA SER K 501 13.88 87.61 14.59
C SER K 501 14.25 87.98 13.15
N ALA K 502 14.91 89.13 12.99
CA ALA K 502 15.41 89.53 11.66
C ALA K 502 16.52 88.59 11.16
N PHE K 503 17.39 88.15 12.08
CA PHE K 503 18.38 87.07 11.89
C PHE K 503 17.72 85.78 11.36
N GLY K 504 16.62 85.38 12.00
CA GLY K 504 15.93 84.18 11.59
C GLY K 504 15.36 84.31 10.19
N CYS K 505 14.75 85.47 9.88
CA CYS K 505 14.25 85.73 8.53
C CYS K 505 15.35 85.62 7.47
N ALA K 506 16.55 86.12 7.77
CA ALA K 506 17.70 86.05 6.85
C ALA K 506 18.24 84.62 6.70
N ALA K 507 18.15 83.82 7.75
CA ALA K 507 18.60 82.42 7.73
C ALA K 507 17.60 81.45 7.13
N ALA K 508 16.38 81.89 6.84
CA ALA K 508 15.38 81.02 6.19
C ALA K 508 15.82 80.61 4.78
N ASP K 509 15.53 79.37 4.42
CA ASP K 509 15.75 78.89 3.06
C ASP K 509 14.96 79.78 2.09
N PHE K 510 15.53 80.01 0.90
CA PHE K 510 14.88 80.79 -0.17
C PHE K 510 14.00 79.77 -0.91
N GLU K 511 12.77 79.62 -0.44
CA GLU K 511 11.87 78.55 -0.87
C GLU K 511 10.47 79.10 -1.15
N TYR K 512 9.84 78.68 -2.26
CA TYR K 512 8.42 78.90 -2.51
C TYR K 512 7.69 77.55 -2.52
N ARG K 513 6.47 77.53 -1.98
CA ARG K 513 5.67 76.31 -1.85
C ARG K 513 4.21 76.53 -2.26
N TYR K 514 3.64 75.62 -3.05
CA TYR K 514 2.21 75.64 -3.42
C TYR K 514 1.57 74.27 -3.23
N ASP K 515 0.28 74.29 -2.86
CA ASP K 515 -0.52 73.10 -2.49
C ASP K 515 -1.79 73.04 -3.33
N LYS K 516 -2.38 71.85 -3.47
CA LYS K 516 -3.66 71.66 -4.12
C LYS K 516 -4.37 70.41 -3.54
N SER K 517 -5.67 70.45 -3.29
CA SER K 517 -6.35 69.26 -2.77
C SER K 517 -6.67 68.27 -3.89
N LEU K 518 -6.80 67.01 -3.50
CA LEU K 518 -7.10 65.88 -4.37
C LEU K 518 -8.08 64.96 -3.66
N ASP K 519 -8.63 64.00 -4.37
CA ASP K 519 -9.57 63.04 -3.79
C ASP K 519 -9.40 61.68 -4.48
N ILE K 520 -8.24 61.05 -4.27
CA ILE K 520 -7.92 59.75 -4.86
C ILE K 520 -8.18 58.70 -3.78
N ASN K 521 -9.05 57.74 -4.06
CA ASN K 521 -9.42 56.68 -3.09
C ASN K 521 -9.12 55.32 -3.67
N MET K 522 -8.38 54.50 -2.91
CA MET K 522 -7.79 53.26 -3.42
C MET K 522 -7.98 52.11 -2.43
N PRO K 523 -8.66 51.02 -2.81
CA PRO K 523 -8.65 49.81 -1.97
C PRO K 523 -7.24 49.21 -1.74
N THR K 524 -7.16 48.24 -0.83
CA THR K 524 -5.90 47.64 -0.38
C THR K 524 -5.11 47.07 -1.56
N GLU K 525 -5.77 46.25 -2.37
CA GLU K 525 -5.24 45.74 -3.64
C GLU K 525 -6.14 46.23 -4.77
N THR K 526 -5.56 46.83 -5.81
CA THR K 526 -6.33 47.23 -7.00
C THR K 526 -5.54 46.81 -8.24
N PRO K 527 -6.25 46.62 -9.37
CA PRO K 527 -5.48 46.28 -10.58
C PRO K 527 -4.57 47.44 -11.05
N ASP K 528 -3.58 47.11 -11.87
CA ASP K 528 -2.62 48.08 -12.39
C ASP K 528 -3.21 49.32 -13.03
N THR K 529 -4.32 49.17 -13.75
CA THR K 529 -4.98 50.31 -14.44
C THR K 529 -5.42 51.41 -13.48
N ASP K 530 -5.95 51.00 -12.33
CA ASP K 530 -6.38 51.95 -11.29
C ASP K 530 -5.16 52.71 -10.73
N LYS K 531 -4.05 52.01 -10.54
CA LYS K 531 -2.80 52.60 -10.07
C LYS K 531 -2.20 53.58 -11.08
N GLU K 532 -2.24 53.21 -12.36
CA GLU K 532 -1.80 54.11 -13.44
C GLU K 532 -2.65 55.39 -13.49
N LYS K 533 -3.96 55.25 -13.33
CA LYS K 533 -4.89 56.39 -13.29
C LYS K 533 -4.65 57.29 -12.08
N ALA K 534 -4.42 56.69 -10.90
CA ALA K 534 -4.10 57.46 -9.70
C ALA K 534 -2.79 58.25 -9.88
N ALA K 535 -1.77 57.58 -10.43
CA ALA K 535 -0.48 58.22 -10.70
C ALA K 535 -0.61 59.42 -11.64
N ALA K 536 -1.40 59.27 -12.72
CA ALA K 536 -1.62 60.36 -13.69
C ALA K 536 -2.33 61.57 -13.08
N THR K 537 -3.29 61.31 -12.20
CA THR K 537 -4.00 62.38 -11.49
C THR K 537 -3.05 63.20 -10.61
N LEU K 538 -2.19 62.51 -9.84
CA LEU K 538 -1.20 63.17 -8.98
C LEU K 538 -0.14 63.93 -9.81
N GLN K 539 0.32 63.29 -10.89
CA GLN K 539 1.29 63.91 -11.80
C GLN K 539 0.77 65.23 -12.39
N ALA K 540 -0.50 65.26 -12.80
CA ALA K 540 -1.09 66.49 -13.36
C ALA K 540 -1.09 67.62 -12.32
N ALA K 541 -1.37 67.29 -11.05
CA ALA K 541 -1.32 68.29 -9.97
C ALA K 541 0.11 68.81 -9.76
N TRP K 542 1.09 67.90 -9.74
CA TRP K 542 2.51 68.28 -9.62
C TRP K 542 2.95 69.22 -10.76
N GLU K 543 2.52 68.92 -11.99
CA GLU K 543 2.86 69.78 -13.16
C GLU K 543 2.27 71.20 -13.03
N GLU K 544 1.02 71.31 -12.58
CA GLU K 544 0.41 72.62 -12.34
C GLU K 544 1.11 73.40 -11.22
N LEU K 545 1.37 72.74 -10.09
CA LEU K 545 2.01 73.40 -8.95
C LEU K 545 3.47 73.80 -9.29
N THR K 546 4.13 73.02 -10.14
CA THR K 546 5.48 73.33 -10.64
C THR K 546 5.50 74.68 -11.41
N LYS K 547 4.49 74.93 -12.25
CA LYS K 547 4.38 76.24 -12.90
C LYS K 547 4.23 77.39 -11.91
N ASN K 548 3.42 77.21 -10.87
CA ASN K 548 3.24 78.28 -9.85
C ASN K 548 4.60 78.59 -9.17
N VAL K 549 5.32 77.55 -8.75
CA VAL K 549 6.64 77.71 -8.09
C VAL K 549 7.65 78.44 -9.00
N LEU K 550 7.82 77.95 -10.22
CA LEU K 550 8.76 78.54 -11.19
C LEU K 550 8.43 79.97 -11.58
N GLU K 551 7.15 80.29 -11.67
CA GLU K 551 6.74 81.67 -11.99
C GLU K 551 7.16 82.66 -10.89
N GLU K 552 7.10 82.21 -9.64
CA GLU K 552 7.51 83.04 -8.54
C GLU K 552 9.03 83.28 -8.57
N PHE K 553 9.80 82.22 -8.85
CA PHE K 553 11.26 82.38 -8.97
C PHE K 553 11.66 83.27 -10.17
N LYS K 554 10.89 83.21 -11.26
CA LYS K 554 11.09 84.10 -12.43
C LYS K 554 10.98 85.58 -12.05
N LEU K 555 9.96 85.95 -11.28
CA LEU K 555 9.82 87.32 -10.78
C LEU K 555 11.03 87.79 -9.95
N ASN K 556 11.75 86.88 -9.32
CA ASN K 556 13.00 87.20 -8.62
C ASN K 556 14.25 87.13 -9.50
N GLY K 557 14.08 86.88 -10.80
CA GLY K 557 15.22 86.80 -11.72
C GLY K 557 15.98 85.47 -11.74
N TYR K 558 15.33 84.38 -11.29
CA TYR K 558 15.90 83.03 -11.34
C TYR K 558 15.21 82.20 -12.42
N SER K 559 16.00 81.59 -13.29
CA SER K 559 15.47 80.73 -14.34
C SER K 559 15.29 79.31 -13.81
N ALA K 560 14.57 78.49 -14.56
CA ALA K 560 14.18 77.13 -14.07
C ALA K 560 15.35 76.21 -13.75
N ASP K 561 16.46 76.34 -14.51
CA ASP K 561 17.66 75.51 -14.23
C ASP K 561 18.39 75.85 -12.91
N GLN K 562 18.07 76.98 -12.30
CA GLN K 562 18.59 77.29 -10.97
C GLN K 562 17.79 76.73 -9.77
N VAL K 563 16.56 76.24 -10.02
CA VAL K 563 15.62 75.86 -8.97
C VAL K 563 15.62 74.34 -8.70
N THR K 564 15.73 73.93 -7.44
CA THR K 564 15.60 72.52 -7.03
C THR K 564 14.18 72.22 -6.58
N LEU K 565 13.53 71.25 -7.23
CA LEU K 565 12.14 70.91 -6.94
C LEU K 565 12.00 69.68 -6.03
N GLN K 566 11.09 69.74 -5.05
CA GLN K 566 10.79 68.62 -4.16
C GLN K 566 9.27 68.39 -4.11
N PRO K 567 8.77 67.39 -4.84
CA PRO K 567 7.35 67.08 -4.77
C PRO K 567 6.95 66.40 -3.46
N GLY K 568 5.68 66.58 -3.09
CA GLY K 568 5.07 65.97 -1.89
C GLY K 568 3.61 65.64 -2.11
N TYR K 569 3.04 64.93 -1.15
CA TYR K 569 1.62 64.56 -1.15
C TYR K 569 1.10 64.32 0.27
N ARG K 570 -0.23 64.42 0.44
CA ARG K 570 -0.90 64.16 1.71
C ARG K 570 -1.69 62.86 1.57
N MET K 571 -1.49 61.95 2.50
CA MET K 571 -2.09 60.61 2.44
C MET K 571 -2.56 60.13 3.85
N GLN K 572 -3.52 59.22 3.86
CA GLN K 572 -4.15 58.64 5.06
C GLN K 572 -4.77 57.27 4.74
N TYR K 573 -5.15 56.51 5.78
CA TYR K 573 -6.06 55.37 5.57
C TYR K 573 -7.48 55.88 5.43
N ARG K 574 -8.31 55.20 4.63
CA ARG K 574 -9.66 55.70 4.33
C ARG K 574 -10.50 55.79 5.59
N GLY K 575 -11.21 56.91 5.74
CA GLY K 575 -12.05 57.18 6.90
C GLY K 575 -11.40 57.99 7.99
N GLN K 576 -10.09 58.20 7.92
CA GLN K 576 -9.40 59.04 8.94
C GLN K 576 -9.79 60.52 8.80
N LEU K 577 -9.63 61.24 9.90
CA LEU K 577 -9.89 62.69 9.98
C LEU K 577 -8.64 63.53 9.80
N ASN K 578 -7.46 62.90 9.77
CA ASN K 578 -6.20 63.57 9.61
C ASN K 578 -5.38 62.87 8.55
N ASP K 579 -4.44 63.60 7.95
CA ASP K 579 -3.49 63.04 6.97
C ASP K 579 -2.03 63.37 7.34
N LEU K 580 -1.09 62.70 6.69
CA LEU K 580 0.35 62.99 6.84
C LEU K 580 0.94 63.58 5.56
N GLU K 581 1.86 64.54 5.70
CA GLU K 581 2.68 65.06 4.59
C GLU K 581 3.82 64.11 4.32
N ILE K 582 3.89 63.57 3.11
CA ILE K 582 4.94 62.64 2.70
C ILE K 582 5.80 63.35 1.62
N GLU K 583 7.11 63.25 1.74
CA GLU K 583 8.04 63.68 0.71
C GLU K 583 8.10 62.59 -0.34
N SER K 584 7.97 62.96 -1.61
CA SER K 584 8.00 61.96 -2.67
C SER K 584 9.40 61.40 -2.87
N PRO K 585 9.54 60.07 -2.93
CA PRO K 585 10.78 59.48 -3.41
C PRO K 585 10.97 59.57 -4.93
N LEU K 586 9.97 60.03 -5.69
CA LEU K 586 10.06 60.15 -7.15
C LEU K 586 9.85 61.58 -7.62
N ALA K 587 10.58 62.00 -8.66
CA ALA K 587 10.40 63.32 -9.24
C ALA K 587 9.14 63.41 -10.13
N GLN K 588 8.71 62.28 -10.65
CA GLN K 588 7.47 62.15 -11.42
C GLN K 588 6.89 60.73 -11.28
N ALA K 589 5.61 60.55 -11.57
CA ALA K 589 4.93 59.25 -11.39
C ALA K 589 4.08 58.89 -12.61
N HIS K 590 4.25 57.66 -13.11
CA HIS K 590 3.51 57.16 -14.30
C HIS K 590 3.00 55.71 -14.20
N THR K 591 3.81 54.80 -13.66
CA THR K 591 3.51 53.36 -13.68
C THR K 591 2.82 52.84 -12.40
N ALA K 592 2.30 51.61 -12.47
CA ALA K 592 1.73 50.93 -11.31
C ALA K 592 2.81 50.75 -10.24
N ALA K 593 4.02 50.40 -10.66
CA ALA K 593 5.15 50.29 -9.72
C ALA K 593 5.47 51.62 -9.02
N ASP K 594 5.36 52.73 -9.75
CA ASP K 594 5.54 54.07 -9.16
C ASP K 594 4.52 54.31 -8.03
N TRP K 595 3.25 53.99 -8.29
CA TRP K 595 2.20 54.15 -7.29
C TRP K 595 2.51 53.30 -6.04
N ASP K 596 2.96 52.06 -6.24
CA ASP K 596 3.37 51.18 -5.12
C ASP K 596 4.47 51.78 -4.30
N GLN K 597 5.42 52.41 -4.97
CA GLN K 597 6.49 53.12 -4.28
C GLN K 597 5.96 54.28 -3.41
N LEU K 598 5.00 55.05 -3.91
CA LEU K 598 4.39 56.14 -3.12
C LEU K 598 3.61 55.61 -1.91
N THR K 599 2.88 54.50 -2.09
CA THR K 599 2.15 53.88 -0.95
C THR K 599 3.14 53.28 0.05
N ASP K 600 4.24 52.67 -0.41
CA ASP K 600 5.30 52.18 0.52
C ASP K 600 5.92 53.32 1.33
N ALA K 601 6.18 54.46 0.71
CA ALA K 601 6.75 55.62 1.44
C ALA K 601 5.80 56.16 2.52
N PHE K 602 4.50 56.15 2.24
CA PHE K 602 3.47 56.51 3.24
C PHE K 602 3.49 55.54 4.42
N ASN K 603 3.43 54.23 4.13
CA ASN K 603 3.45 53.20 5.20
C ASN K 603 4.69 53.32 6.11
N ALA K 604 5.86 53.56 5.51
CA ALA K 604 7.09 53.74 6.29
C ALA K 604 7.05 54.99 7.17
N THR K 605 6.64 56.14 6.63
CA THR K 605 6.48 57.35 7.44
C THR K 605 5.44 57.18 8.57
N TYR K 606 4.32 56.52 8.28
CA TYR K 606 3.29 56.29 9.29
C TYR K 606 3.84 55.47 10.42
N GLY K 607 4.68 54.50 10.10
CA GLY K 607 5.36 53.67 11.11
C GLY K 607 6.28 54.43 12.03
N ARG K 608 6.99 55.42 11.48
CA ARG K 608 7.87 56.30 12.29
C ARG K 608 7.13 57.34 13.11
N VAL K 609 6.11 57.98 12.53
CA VAL K 609 5.30 58.99 13.25
C VAL K 609 4.52 58.36 14.43
N TYR K 610 4.00 57.16 14.22
CA TYR K 610 3.13 56.47 15.19
C TYR K 610 3.85 55.21 15.67
N ALA K 611 3.56 54.05 15.08
CA ALA K 611 4.30 52.79 15.33
C ALA K 611 4.01 51.81 14.18
N ALA K 612 4.89 50.82 13.94
CA ALA K 612 4.66 49.84 12.87
C ALA K 612 3.32 49.10 13.03
N SER K 613 3.00 48.74 14.28
CA SER K 613 1.77 48.00 14.58
C SER K 613 0.51 48.84 14.50
N ALA K 614 0.61 50.14 14.33
CA ALA K 614 -0.52 51.00 14.12
C ALA K 614 -1.03 51.05 12.67
N ARG K 615 -0.25 50.54 11.72
CA ARG K 615 -0.65 50.53 10.32
C ARG K 615 -1.92 49.70 10.12
N SER K 616 -2.83 50.18 9.28
CA SER K 616 -4.13 49.54 8.99
C SER K 616 -4.41 49.45 7.47
N PRO K 617 -3.52 48.76 6.71
CA PRO K 617 -3.67 48.63 5.24
C PRO K 617 -4.99 48.00 4.80
N GLU K 618 -5.59 47.14 5.64
CA GLU K 618 -6.89 46.55 5.33
C GLU K 618 -8.02 47.57 5.07
N LEU K 619 -7.86 48.82 5.52
CA LEU K 619 -8.88 49.87 5.27
C LEU K 619 -8.75 50.59 3.92
N GLY K 620 -7.65 50.38 3.22
CA GLY K 620 -7.34 51.12 1.99
C GLY K 620 -6.83 52.55 2.26
N TYR K 621 -6.59 53.31 1.18
CA TYR K 621 -5.84 54.58 1.22
C TYR K 621 -6.58 55.72 0.52
N SER K 622 -6.34 56.95 0.97
CA SER K 622 -6.77 58.17 0.30
C SER K 622 -5.61 59.13 0.18
N VAL K 623 -5.41 59.67 -1.01
CA VAL K 623 -4.52 60.81 -1.21
C VAL K 623 -5.40 62.05 -1.27
N THR K 624 -5.12 62.99 -0.37
CA THR K 624 -5.97 64.15 -0.12
C THR K 624 -5.38 65.45 -0.62
N GLY K 625 -4.14 65.44 -1.09
CA GLY K 625 -3.49 66.66 -1.57
C GLY K 625 -2.13 66.45 -2.24
N ALA K 626 -1.74 67.42 -3.05
CA ALA K 626 -0.41 67.49 -3.66
C ALA K 626 0.34 68.73 -3.20
N ILE K 627 1.67 68.63 -3.18
CA ILE K 627 2.57 69.70 -2.74
C ILE K 627 3.75 69.80 -3.73
N MET K 628 4.20 71.03 -4.00
CA MET K 628 5.49 71.28 -4.65
C MET K 628 6.24 72.40 -3.94
N ARG K 629 7.50 72.15 -3.61
CA ARG K 629 8.45 73.15 -3.13
C ARG K 629 9.61 73.35 -4.13
N GLY K 630 10.11 74.57 -4.21
CA GLY K 630 11.29 74.91 -4.96
C GLY K 630 12.23 75.73 -4.10
N MET K 631 13.53 75.51 -4.27
CA MET K 631 14.59 76.17 -3.49
C MET K 631 15.73 76.68 -4.38
N VAL K 632 16.31 77.82 -4.01
CA VAL K 632 17.58 78.29 -4.57
C VAL K 632 18.52 78.63 -3.41
N PRO K 633 19.84 78.43 -3.60
CA PRO K 633 20.81 78.70 -2.53
C PRO K 633 21.09 80.20 -2.30
N ILE K 634 21.28 80.59 -1.05
CA ILE K 634 21.77 81.94 -0.65
C ILE K 634 22.71 81.75 0.54
N PRO K 635 23.61 82.71 0.79
CA PRO K 635 24.49 82.56 1.96
C PRO K 635 23.73 82.64 3.29
N LYS K 636 24.12 81.78 4.23
CA LYS K 636 23.60 81.78 5.59
C LYS K 636 24.44 82.73 6.47
N PRO K 637 23.84 83.31 7.53
CA PRO K 637 24.66 84.06 8.50
C PRO K 637 25.69 83.17 9.18
N LYS K 638 26.94 83.62 9.18
CA LYS K 638 28.02 82.89 9.79
C LYS K 638 28.01 83.11 11.31
N ILE K 639 27.92 82.03 12.08
CA ILE K 639 27.99 82.12 13.54
C ILE K 639 29.46 82.33 13.91
N PRO K 640 29.78 83.35 14.73
CA PRO K 640 31.19 83.57 15.11
C PRO K 640 31.82 82.36 15.82
N LYS K 641 33.13 82.18 15.63
CA LYS K 641 33.92 81.12 16.29
C LYS K 641 35.26 81.73 16.59
N GLU K 642 35.36 82.45 17.70
CA GLU K 642 36.62 83.06 18.11
C GLU K 642 37.22 82.31 19.30
N PRO K 643 38.56 82.38 19.47
CA PRO K 643 39.16 81.67 20.61
C PRO K 643 39.01 82.52 21.89
N GLU K 644 38.92 81.85 23.03
CA GLU K 644 38.72 82.54 24.30
C GLU K 644 40.03 83.20 24.75
N GLU K 645 39.92 84.41 25.30
CA GLU K 645 41.00 85.13 25.93
C GLU K 645 40.82 84.96 27.44
N GLY K 646 41.37 85.82 28.27
CA GLY K 646 41.25 85.67 29.73
C GLY K 646 39.91 86.03 30.34
N GLU K 647 39.82 85.83 31.65
CA GLU K 647 38.60 86.11 32.45
C GLU K 647 38.31 87.59 32.72
N THR K 648 39.37 88.41 32.78
CA THR K 648 39.21 89.81 33.16
C THR K 648 38.94 90.74 31.97
N PRO K 649 37.77 91.42 31.97
CA PRO K 649 37.53 92.43 30.92
C PRO K 649 38.60 93.54 30.94
N PRO K 650 38.97 94.06 29.76
CA PRO K 650 39.86 95.21 29.77
C PRO K 650 39.18 96.41 30.44
N GLU K 651 39.97 97.25 31.10
CA GLU K 651 39.49 98.47 31.78
C GLU K 651 38.72 99.42 30.85
N SER K 652 39.12 99.45 29.59
CA SER K 652 38.47 100.26 28.58
C SER K 652 37.07 99.77 28.20
N ALA K 653 36.68 98.57 28.61
CA ALA K 653 35.28 98.12 28.42
C ALA K 653 34.30 98.74 29.44
N LYS K 654 34.83 99.30 30.54
CA LYS K 654 33.98 99.90 31.56
C LYS K 654 33.52 101.27 31.15
N ILE K 655 32.26 101.57 31.41
CA ILE K 655 31.68 102.86 31.07
C ILE K 655 31.04 103.57 32.26
N GLY K 656 31.45 103.25 33.49
CA GLY K 656 30.95 103.95 34.68
C GLY K 656 30.12 103.05 35.57
N THR K 657 29.44 103.67 36.54
CA THR K 657 28.54 102.97 37.47
C THR K 657 27.21 103.69 37.55
N ARG K 658 26.18 102.97 37.99
CA ARG K 658 24.84 103.53 38.16
C ARG K 658 24.15 102.90 39.37
N LYS K 659 23.44 103.72 40.14
CA LYS K 659 22.65 103.21 41.29
C LYS K 659 21.55 102.28 40.82
N PHE K 660 21.45 101.11 41.47
CA PHE K 660 20.61 99.97 41.04
C PHE K 660 19.87 99.38 42.26
N TYR K 661 18.54 99.25 42.18
CA TYR K 661 17.69 98.84 43.31
C TYR K 661 16.96 97.53 43.08
N ARG K 662 17.20 96.57 43.98
CA ARG K 662 16.50 95.28 44.00
C ARG K 662 16.61 94.65 45.39
N LYS K 663 15.56 93.91 45.78
CA LYS K 663 15.49 93.27 47.11
C LYS K 663 15.83 94.27 48.24
N LYS K 664 15.20 95.45 48.19
CA LYS K 664 15.31 96.50 49.23
C LYS K 664 16.71 97.09 49.48
N ARG K 665 17.61 96.99 48.49
CA ARG K 665 18.97 97.49 48.61
C ARG K 665 19.43 98.23 47.35
N TRP K 666 19.98 99.43 47.56
CA TRP K 666 20.74 100.16 46.55
C TRP K 666 22.18 99.61 46.47
N VAL K 667 22.64 99.36 45.24
CA VAL K 667 24.03 99.00 44.98
C VAL K 667 24.58 99.83 43.80
N ASP K 668 25.90 99.91 43.71
CA ASP K 668 26.56 100.47 42.54
C ASP K 668 26.76 99.39 41.48
N ALA K 669 25.97 99.43 40.42
CA ALA K 669 26.14 98.47 39.31
C ALA K 669 27.27 98.91 38.40
N GLN K 670 28.17 97.98 38.05
CA GLN K 670 29.24 98.26 37.11
C GLN K 670 28.69 98.19 35.68
N LEU K 671 28.92 99.24 34.89
CA LEU K 671 28.44 99.30 33.50
C LEU K 671 29.54 98.88 32.54
N TYR K 672 29.18 98.14 31.50
CA TYR K 672 30.16 97.71 30.47
C TYR K 672 29.56 97.98 29.09
N HIS K 673 30.42 98.32 28.15
CA HIS K 673 30.07 98.35 26.72
C HIS K 673 30.11 96.92 26.16
N MET K 674 28.96 96.40 25.73
CA MET K 674 28.81 94.97 25.31
C MET K 674 29.85 94.58 24.28
N GLU K 675 29.97 95.40 23.24
CA GLU K 675 30.81 95.09 22.09
C GLU K 675 32.32 95.19 22.40
N SER K 676 32.70 95.82 23.54
CA SER K 676 34.09 95.84 24.01
C SER K 676 34.51 94.61 24.83
N LEU K 677 33.54 93.80 25.28
CA LEU K 677 33.87 92.57 26.02
C LEU K 677 34.45 91.53 25.07
N ARG K 678 35.32 90.66 25.61
CA ARG K 678 36.04 89.66 24.82
C ARG K 678 35.66 88.24 25.19
N PRO K 679 35.71 87.31 24.21
CA PRO K 679 35.43 85.90 24.54
C PRO K 679 36.32 85.45 25.71
N GLY K 680 35.74 84.71 26.66
CA GLY K 680 36.40 84.29 27.88
C GLY K 680 36.11 85.16 29.09
N ASN K 681 35.69 86.41 28.88
CA ASN K 681 35.48 87.36 29.95
C ASN K 681 34.31 86.92 30.87
N ARG K 682 34.48 87.12 32.18
CA ARG K 682 33.43 86.90 33.18
C ARG K 682 33.07 88.22 33.84
N VAL K 683 31.77 88.44 34.08
CA VAL K 683 31.27 89.64 34.79
C VAL K 683 30.39 89.20 35.96
N MET K 684 30.75 89.65 37.16
CA MET K 684 30.03 89.32 38.39
C MET K 684 29.00 90.43 38.71
N GLY K 685 27.76 90.05 39.01
CA GLY K 685 26.72 91.03 39.36
C GLY K 685 27.05 91.66 40.71
N PRO K 686 26.62 92.90 40.98
CA PRO K 686 25.70 93.70 40.15
C PRO K 686 26.38 94.44 38.97
N ALA K 687 25.81 94.26 37.78
CA ALA K 687 26.36 94.83 36.55
C ALA K 687 25.27 94.95 35.50
N VAL K 688 25.46 95.92 34.61
CA VAL K 688 24.58 96.10 33.46
C VAL K 688 25.46 96.16 32.21
N ILE K 689 25.23 95.24 31.28
CA ILE K 689 25.98 95.16 30.03
C ILE K 689 25.16 95.80 28.89
N GLU K 690 25.62 96.96 28.39
CA GLU K 690 24.83 97.84 27.50
C GLU K 690 25.28 97.85 26.06
N SER K 691 24.35 97.62 25.15
CA SER K 691 24.59 97.75 23.70
C SER K 691 23.74 98.96 23.28
N ASP K 692 23.66 99.22 21.97
CA ASP K 692 22.88 100.34 21.44
C ASP K 692 21.36 100.06 21.31
N ALA K 693 20.96 98.78 21.22
CA ALA K 693 19.50 98.41 21.18
C ALA K 693 19.10 97.26 22.14
N THR K 694 20.01 96.81 22.99
CA THR K 694 19.61 95.94 24.12
C THR K 694 20.45 96.25 25.35
N THR K 695 19.97 95.72 26.48
CA THR K 695 20.60 95.91 27.77
C THR K 695 20.45 94.59 28.53
N PHE K 696 21.58 94.04 28.98
CA PHE K 696 21.64 92.75 29.70
C PHE K 696 21.90 93.00 31.19
N VAL K 697 20.87 92.76 32.00
CA VAL K 697 20.89 93.09 33.44
C VAL K 697 21.37 91.88 34.26
N VAL K 698 22.41 92.07 35.07
CA VAL K 698 23.03 91.01 35.87
C VAL K 698 23.03 91.41 37.34
N PRO K 699 21.91 91.13 38.07
CA PRO K 699 21.87 91.63 39.46
C PRO K 699 22.85 90.95 40.41
N ASP K 700 22.96 91.49 41.62
CA ASP K 700 23.67 90.85 42.72
C ASP K 700 23.08 89.44 42.90
N GLY K 701 23.93 88.42 43.05
CA GLY K 701 23.47 87.03 43.07
C GLY K 701 23.50 86.30 41.73
N PHE K 702 23.91 86.99 40.67
CA PHE K 702 24.09 86.40 39.34
C PHE K 702 25.51 86.73 38.79
N GLU K 703 25.89 85.96 37.77
CA GLU K 703 27.19 86.06 37.07
C GLU K 703 26.97 85.67 35.59
N THR K 704 27.79 86.22 34.68
CA THR K 704 27.75 85.81 33.28
C THR K 704 29.14 85.59 32.73
N TRP K 705 29.26 84.76 31.70
CA TRP K 705 30.51 84.64 30.96
C TRP K 705 30.20 84.61 29.47
N LEU K 706 31.13 85.17 28.68
CA LEU K 706 30.99 85.31 27.22
C LEU K 706 31.82 84.25 26.50
N ASP K 707 31.21 83.53 25.56
CA ASP K 707 31.93 82.47 24.81
C ASP K 707 32.45 83.02 23.47
N GLY K 708 33.13 82.16 22.73
CA GLY K 708 33.63 82.49 21.38
C GLY K 708 32.60 82.63 20.26
N HIS K 709 31.33 82.37 20.55
CA HIS K 709 30.24 82.53 19.57
C HIS K 709 29.44 83.81 19.80
N ARG K 710 29.99 84.74 20.61
CA ARG K 710 29.27 85.93 21.07
C ARG K 710 27.93 85.62 21.79
N LEU K 711 27.93 84.53 22.57
CA LEU K 711 26.78 84.16 23.43
C LEU K 711 27.21 84.36 24.89
N PHE K 712 26.40 85.12 25.65
CA PHE K 712 26.51 85.19 27.10
C PHE K 712 25.77 84.02 27.75
N HIS K 713 26.36 83.45 28.82
CA HIS K 713 25.76 82.39 29.62
C HIS K 713 25.49 82.97 31.01
N LEU K 714 24.26 82.81 31.51
CA LEU K 714 23.88 83.41 32.80
C LEU K 714 23.75 82.35 33.89
N ARG K 715 24.28 82.62 35.08
CA ARG K 715 24.27 81.65 36.21
C ARG K 715 23.88 82.34 37.51
N GLU K 716 23.27 81.59 38.42
CA GLU K 716 23.00 82.06 39.79
C GLU K 716 24.22 81.70 40.64
N VAL K 717 24.64 82.58 41.55
CA VAL K 717 25.79 82.30 42.47
C VAL K 717 25.40 82.31 43.94
N ALA L 2 3.95 84.22 52.60
CA ALA L 2 2.74 84.92 53.08
C ALA L 2 2.16 85.84 52.03
N TYR L 3 0.84 85.98 52.03
CA TYR L 3 0.19 87.00 51.23
C TYR L 3 -0.03 88.20 52.16
N THR L 4 -0.18 89.39 51.59
CA THR L 4 -0.49 90.58 52.38
C THR L 4 -1.90 90.50 52.94
N ARG L 5 -2.14 91.26 54.01
CA ARG L 5 -3.47 91.34 54.59
C ARG L 5 -4.48 91.84 53.54
N SER L 6 -4.09 92.82 52.72
CA SER L 6 -4.95 93.35 51.65
C SER L 6 -5.49 92.31 50.67
N LYS L 7 -4.62 91.41 50.21
CA LYS L 7 -5.01 90.37 49.26
C LYS L 7 -5.97 89.35 49.88
N ILE L 8 -5.76 89.04 51.16
CA ILE L 8 -6.69 88.18 51.87
C ILE L 8 -8.05 88.87 52.11
N VAL L 9 -8.04 90.16 52.41
CA VAL L 9 -9.29 90.97 52.41
C VAL L 9 -10.00 90.88 51.03
N ASP L 10 -9.27 91.09 49.94
CA ASP L 10 -9.87 91.01 48.58
C ASP L 10 -10.44 89.60 48.28
N LEU L 11 -9.73 88.56 48.71
CA LEU L 11 -10.22 87.17 48.63
C LEU L 11 -11.58 86.99 49.33
N VAL L 12 -11.65 87.37 50.60
CA VAL L 12 -12.89 87.31 51.40
C VAL L 12 -14.08 88.07 50.75
N ASP L 13 -13.79 89.22 50.15
CA ASP L 13 -14.81 90.06 49.52
C ASP L 13 -15.17 89.61 48.08
N GLY L 14 -14.50 88.59 47.53
CA GLY L 14 -14.69 88.24 46.11
C GLY L 14 -14.23 89.31 45.10
N LYS L 15 -13.21 90.08 45.48
CA LYS L 15 -12.66 91.15 44.61
C LYS L 15 -11.20 90.91 44.23
N ILE L 16 -10.68 89.72 44.52
CA ILE L 16 -9.26 89.45 44.28
C ILE L 16 -8.89 89.46 42.79
N ASP L 17 -7.70 89.96 42.46
CA ASP L 17 -7.24 90.04 41.06
C ASP L 17 -6.85 88.65 40.56
N PRO L 18 -6.97 88.44 39.23
CA PRO L 18 -6.68 87.11 38.65
C PRO L 18 -5.25 86.58 38.82
N ASP L 19 -4.23 87.45 38.84
CA ASP L 19 -2.83 87.02 39.06
C ASP L 19 -2.65 86.46 40.46
N THR L 20 -3.11 87.20 41.48
CA THR L 20 -2.98 86.73 42.86
C THR L 20 -3.79 85.41 43.10
N LEU L 21 -5.00 85.35 42.56
CA LEU L 21 -5.83 84.14 42.67
C LEU L 21 -5.14 82.91 42.09
N HIS L 22 -4.54 83.06 40.90
CA HIS L 22 -3.82 81.96 40.27
C HIS L 22 -2.57 81.58 41.08
N GLN L 23 -1.87 82.57 41.64
CA GLN L 23 -0.73 82.29 42.51
C GLN L 23 -1.14 81.46 43.74
N MET L 24 -2.24 81.86 44.37
CA MET L 24 -2.77 81.16 45.55
C MET L 24 -3.09 79.69 45.21
N LEU L 25 -3.71 79.48 44.04
CA LEU L 25 -4.05 78.12 43.57
C LEU L 25 -2.83 77.28 43.22
N SER L 26 -1.89 77.86 42.48
CA SER L 26 -0.82 77.07 41.84
C SER L 26 0.51 76.93 42.61
N THR L 27 0.65 77.58 43.77
CA THR L 27 1.88 77.50 44.58
C THR L 27 1.51 76.93 45.95
N PRO L 28 2.48 76.37 46.67
CA PRO L 28 2.23 75.82 48.02
C PRO L 28 1.57 76.82 48.97
N LYS L 29 0.70 76.34 49.86
CA LYS L 29 -0.10 77.23 50.70
C LYS L 29 0.73 77.96 51.73
N ASP L 30 0.34 79.20 52.00
CA ASP L 30 0.86 79.96 53.13
C ASP L 30 0.31 79.44 54.47
N PRO L 31 1.16 78.90 55.36
CA PRO L 31 0.65 78.43 56.68
C PRO L 31 0.00 79.51 57.53
N GLU L 32 0.33 80.77 57.29
CA GLU L 32 -0.20 81.90 58.05
C GLU L 32 -1.67 82.23 57.69
N ARG L 33 -2.23 81.59 56.65
CA ARG L 33 -3.59 81.95 56.20
C ARG L 33 -4.64 82.02 57.31
N PHE L 34 -4.75 80.96 58.13
CA PHE L 34 -5.85 80.90 59.12
C PHE L 34 -5.90 82.09 60.11
N VAL L 35 -4.75 82.39 60.70
CA VAL L 35 -4.63 83.49 61.69
C VAL L 35 -5.02 84.84 61.05
N THR L 36 -4.53 85.13 59.84
CA THR L 36 -4.90 86.37 59.13
C THR L 36 -6.40 86.38 58.77
N TYR L 37 -6.91 85.27 58.24
CA TYR L 37 -8.33 85.13 57.85
C TYR L 37 -9.29 85.41 59.03
N VAL L 38 -9.04 84.76 60.15
CA VAL L 38 -9.87 84.92 61.34
C VAL L 38 -9.79 86.36 61.91
N GLU L 39 -8.63 86.97 61.86
CA GLU L 39 -8.49 88.37 62.29
C GLU L 39 -9.36 89.32 61.43
N ILE L 40 -9.38 89.09 60.11
CA ILE L 40 -10.19 89.91 59.19
C ILE L 40 -11.69 89.74 59.52
N LEU L 41 -12.13 88.50 59.68
CA LEU L 41 -13.50 88.23 60.07
C LEU L 41 -13.89 88.84 61.41
N GLN L 42 -12.99 88.74 62.39
CA GLN L 42 -13.26 89.23 63.74
C GLN L 42 -13.56 90.74 63.73
N GLU L 43 -12.77 91.49 62.96
CA GLU L 43 -12.92 92.92 62.84
C GLU L 43 -14.27 93.33 62.23
N ARG L 44 -14.92 92.47 61.46
CA ARG L 44 -16.24 92.79 60.87
C ARG L 44 -17.45 92.44 61.73
N MET L 45 -17.27 91.71 62.83
CA MET L 45 -18.44 91.26 63.61
C MET L 45 -18.99 92.38 64.51
N PRO L 46 -20.34 92.44 64.68
CA PRO L 46 -20.92 93.41 65.61
C PRO L 46 -20.85 93.00 67.10
N TRP L 47 -20.03 92.01 67.48
CA TRP L 47 -19.86 91.55 68.84
C TRP L 47 -18.37 91.22 69.00
N ASP L 48 -17.88 91.16 70.23
CA ASP L 48 -16.40 90.97 70.44
C ASP L 48 -15.99 89.57 70.92
N ASP L 49 -16.95 88.67 71.10
CA ASP L 49 -16.64 87.25 71.37
C ASP L 49 -15.71 86.69 70.27
N LYS L 50 -14.77 85.85 70.68
CA LYS L 50 -13.69 85.38 69.83
C LYS L 50 -14.14 84.22 68.89
N ILE L 51 -13.99 84.42 67.58
CA ILE L 51 -14.21 83.35 66.58
C ILE L 51 -13.13 82.28 66.77
N ILE L 52 -13.57 81.03 66.86
CA ILE L 52 -12.72 79.86 66.93
C ILE L 52 -12.60 79.15 65.56
N LEU L 53 -13.71 79.07 64.82
CA LEU L 53 -13.71 78.42 63.49
C LEU L 53 -14.92 78.84 62.63
N PRO L 54 -14.67 79.41 61.44
CA PRO L 54 -15.80 79.68 60.50
C PRO L 54 -16.45 78.43 59.90
N LEU L 55 -17.78 78.37 59.94
CA LEU L 55 -18.57 77.29 59.37
C LEU L 55 -19.26 77.65 58.06
N GLY L 56 -19.46 78.95 57.83
CA GLY L 56 -19.95 79.46 56.55
C GLY L 56 -19.78 80.96 56.51
N PRO L 57 -20.23 81.61 55.43
CA PRO L 57 -20.02 83.06 55.30
C PRO L 57 -20.54 83.91 56.45
N LYS L 58 -21.62 83.47 57.11
CA LYS L 58 -22.22 84.20 58.24
C LYS L 58 -22.47 83.30 59.45
N LEU L 59 -21.65 82.24 59.59
CA LEU L 59 -21.85 81.23 60.66
C LEU L 59 -20.51 80.79 61.28
N PHE L 60 -20.43 80.76 62.62
CA PHE L 60 -19.15 80.61 63.34
C PHE L 60 -19.28 79.78 64.63
N ILE L 61 -18.23 79.02 64.97
CA ILE L 61 -18.04 78.56 66.35
C ILE L 61 -17.28 79.70 67.07
N VAL L 62 -17.84 80.18 68.19
CA VAL L 62 -17.23 81.25 68.99
C VAL L 62 -17.06 80.86 70.46
N GLN L 63 -16.12 81.54 71.10
CA GLN L 63 -15.95 81.50 72.55
C GLN L 63 -16.72 82.67 73.20
N GLN L 64 -17.69 82.36 74.04
CA GLN L 64 -18.46 83.36 74.81
C GLN L 64 -17.49 84.16 75.72
N LYS L 65 -17.56 85.49 75.64
CA LYS L 65 -16.65 86.39 76.37
C LYS L 65 -16.64 86.11 77.88
N VAL L 66 -17.81 85.97 78.49
CA VAL L 66 -17.91 85.75 79.96
C VAL L 66 -17.84 84.27 80.39
N SER L 67 -18.74 83.41 79.91
CA SER L 67 -18.78 82.00 80.39
C SER L 67 -17.63 81.11 79.86
N LYS L 68 -17.02 81.55 78.76
CA LYS L 68 -16.03 80.77 78.01
C LYS L 68 -16.55 79.46 77.40
N LYS L 69 -17.87 79.27 77.34
CA LYS L 69 -18.45 78.14 76.59
C LYS L 69 -18.32 78.41 75.10
N TRP L 70 -18.28 77.35 74.30
CA TRP L 70 -18.22 77.51 72.83
C TRP L 70 -19.60 77.18 72.21
N THR L 71 -20.10 78.08 71.37
CA THR L 71 -21.40 77.96 70.74
C THR L 71 -21.31 78.19 69.23
N VAL L 72 -22.32 77.69 68.50
CA VAL L 72 -22.50 78.06 67.09
C VAL L 72 -23.30 79.37 67.04
N ARG L 73 -22.77 80.36 66.33
CA ARG L 73 -23.34 81.72 66.28
C ARG L 73 -23.47 82.28 64.85
N CYS L 74 -24.60 82.94 64.58
CA CYS L 74 -24.82 83.70 63.35
C CYS L 74 -24.11 85.07 63.42
N GLU L 75 -23.77 85.66 62.28
CA GLU L 75 -23.20 87.02 62.26
C GLU L 75 -24.04 88.04 63.06
N CYS L 76 -25.37 87.90 63.03
CA CYS L 76 -26.23 88.87 63.71
C CYS L 76 -26.13 88.81 65.25
N GLY L 77 -25.58 87.73 65.79
CA GLY L 77 -25.44 87.55 67.25
C GLY L 77 -26.16 86.37 67.85
N HIS L 78 -27.08 85.77 67.11
CA HIS L 78 -27.87 84.67 67.63
C HIS L 78 -27.05 83.42 67.92
N ASP L 79 -27.13 82.90 69.14
CA ASP L 79 -26.50 81.59 69.48
C ASP L 79 -27.50 80.42 69.29
N PHE L 80 -27.16 79.44 68.46
CA PHE L 80 -28.03 78.27 68.23
C PHE L 80 -27.93 77.22 69.35
N CYS L 81 -26.71 76.83 69.71
CA CYS L 81 -26.46 75.64 70.55
C CYS L 81 -24.99 75.51 70.91
N ASP L 82 -24.69 74.55 71.80
CA ASP L 82 -23.30 74.13 72.10
C ASP L 82 -22.58 73.68 70.81
N TRP L 83 -21.27 73.93 70.75
CA TRP L 83 -20.49 73.62 69.53
C TRP L 83 -20.49 72.15 69.05
N LYS L 84 -20.76 71.18 69.95
CA LYS L 84 -20.82 69.76 69.56
C LYS L 84 -22.19 69.30 69.02
N ASP L 85 -23.23 70.11 69.20
CA ASP L 85 -24.58 69.82 68.74
C ASP L 85 -24.74 70.33 67.29
N ASN L 86 -25.77 69.85 66.61
CA ASN L 86 -26.08 70.27 65.26
C ASN L 86 -26.96 71.52 65.30
N TRP L 87 -26.39 72.65 64.88
CA TRP L 87 -27.13 73.94 64.84
C TRP L 87 -28.50 73.86 64.13
N LYS L 88 -28.61 73.01 63.10
CA LYS L 88 -29.86 72.89 62.34
C LYS L 88 -31.05 72.42 63.17
N LEU L 89 -30.81 71.61 64.20
CA LEU L 89 -31.88 71.15 65.08
C LEU L 89 -32.48 72.30 65.91
N HIS L 90 -31.79 73.45 65.98
CA HIS L 90 -32.25 74.65 66.69
C HIS L 90 -32.59 75.83 65.75
N ALA L 91 -32.68 75.58 64.46
CA ALA L 91 -32.96 76.60 63.45
C ALA L 91 -34.43 76.53 63.05
N ARG L 92 -34.82 77.38 62.09
CA ARG L 92 -36.14 77.30 61.44
C ARG L 92 -36.00 76.71 60.03
N VAL L 93 -37.02 75.99 59.56
CA VAL L 93 -36.94 75.30 58.26
C VAL L 93 -38.15 75.58 57.41
N HIS L 94 -37.91 75.76 56.10
CA HIS L 94 -38.99 75.80 55.08
C HIS L 94 -38.72 74.68 54.09
N VAL L 95 -39.71 73.79 53.92
CA VAL L 95 -39.55 72.63 53.04
C VAL L 95 -40.36 72.79 51.76
N ARG L 96 -39.70 72.77 50.61
CA ARG L 96 -40.40 72.82 49.32
C ARG L 96 -40.74 71.38 48.96
N ASP L 97 -41.98 70.98 49.22
CA ASP L 97 -42.48 69.61 48.95
C ASP L 97 -43.73 69.55 48.08
N THR L 98 -44.01 70.62 47.34
CA THR L 98 -45.08 70.67 46.38
C THR L 98 -44.57 71.30 45.07
N PRO L 99 -45.24 71.02 43.93
CA PRO L 99 -44.83 71.66 42.69
C PRO L 99 -44.84 73.23 42.69
N GLN L 100 -45.84 73.84 43.30
CA GLN L 100 -45.89 75.31 43.37
C GLN L 100 -44.62 75.86 44.09
N LYS L 101 -44.24 75.21 45.20
CA LYS L 101 -43.08 75.69 45.95
C LYS L 101 -41.78 75.49 45.14
N MET L 102 -41.67 74.38 44.40
CA MET L 102 -40.49 74.17 43.54
C MET L 102 -40.42 75.17 42.41
N GLU L 103 -41.58 75.55 41.87
CA GLU L 103 -41.63 76.46 40.71
C GLU L 103 -41.34 77.94 41.06
N GLU L 104 -41.36 78.28 42.35
CA GLU L 104 -40.85 79.61 42.78
C GLU L 104 -39.37 79.80 42.45
N ILE L 105 -38.59 78.71 42.47
CA ILE L 105 -37.13 78.76 42.33
C ILE L 105 -36.51 78.08 41.09
N TYR L 106 -37.31 77.30 40.33
CA TYR L 106 -36.91 76.64 39.07
C TYR L 106 -38.07 76.75 38.07
N PRO L 107 -37.79 76.80 36.75
CA PRO L 107 -38.87 76.60 35.77
C PRO L 107 -39.50 75.20 35.88
N ARG L 108 -40.82 75.09 35.63
CA ARG L 108 -41.44 73.78 35.44
C ARG L 108 -40.60 72.93 34.46
N LEU L 109 -40.55 71.61 34.69
CA LEU L 109 -39.70 70.64 33.97
C LEU L 109 -38.20 70.61 34.41
N MET L 110 -37.64 71.77 34.71
CA MET L 110 -36.30 71.86 35.31
C MET L 110 -36.34 71.65 36.85
N ALA L 111 -37.50 71.84 37.46
CA ALA L 111 -37.69 71.55 38.87
C ALA L 111 -37.61 70.05 39.21
N PRO L 112 -36.97 69.71 40.35
CA PRO L 112 -37.16 68.37 40.91
C PRO L 112 -38.63 68.02 41.20
N THR L 113 -38.93 66.72 41.15
CA THR L 113 -40.27 66.19 41.49
C THR L 113 -40.31 65.88 43.02
N PRO L 114 -41.20 66.56 43.78
CA PRO L 114 -41.13 66.51 45.25
C PRO L 114 -41.44 65.16 45.90
N SER L 115 -42.11 64.23 45.21
CA SER L 115 -42.27 62.86 45.75
C SER L 115 -40.97 62.03 45.69
N TRP L 116 -39.95 62.53 44.98
CA TRP L 116 -38.62 61.96 44.90
C TRP L 116 -37.53 62.76 45.68
N GLN L 117 -37.57 64.10 45.59
CA GLN L 117 -36.59 64.98 46.24
C GLN L 117 -37.26 66.26 46.72
N VAL L 118 -36.97 66.69 47.95
CA VAL L 118 -37.47 67.94 48.49
C VAL L 118 -36.28 68.88 48.73
N ILE L 119 -36.56 70.18 48.89
CA ILE L 119 -35.53 71.19 49.17
C ILE L 119 -35.87 71.73 50.57
N ARG L 120 -34.90 71.68 51.48
CA ARG L 120 -35.08 72.06 52.89
C ARG L 120 -34.14 73.24 53.21
N GLU L 121 -34.74 74.42 53.45
CA GLU L 121 -34.02 75.71 53.69
C GLU L 121 -33.94 76.01 55.20
N TYR L 122 -32.72 76.18 55.74
CA TYR L 122 -32.49 76.39 57.17
C TYR L 122 -32.03 77.84 57.44
N PHE L 123 -32.81 78.53 58.29
CA PHE L 123 -32.68 79.97 58.59
C PHE L 123 -32.27 80.27 60.04
N CYS L 124 -31.55 81.36 60.24
CA CYS L 124 -31.43 81.99 61.55
C CYS L 124 -32.80 82.56 61.96
N PRO L 125 -33.25 82.28 63.18
CA PRO L 125 -34.56 82.83 63.64
C PRO L 125 -34.62 84.32 63.92
N GLU L 126 -33.46 85.00 64.00
CA GLU L 126 -33.45 86.44 64.26
C GLU L 126 -33.40 87.30 63.00
N CYS L 127 -32.50 86.99 62.07
CA CYS L 127 -32.31 87.83 60.89
C CYS L 127 -32.80 87.23 59.56
N GLY L 128 -33.17 85.94 59.55
CA GLY L 128 -33.64 85.29 58.32
C GLY L 128 -32.56 85.00 57.28
N THR L 129 -31.30 85.03 57.69
CA THR L 129 -30.22 84.56 56.85
C THR L 129 -30.40 83.04 56.55
N LEU L 130 -30.17 82.68 55.28
CA LEU L 130 -30.18 81.29 54.84
C LEU L 130 -28.77 80.71 54.99
N HIS L 131 -28.58 79.80 55.93
CA HIS L 131 -27.26 79.20 56.20
C HIS L 131 -26.98 77.87 55.50
N ASP L 132 -28.05 77.12 55.17
CA ASP L 132 -27.89 75.85 54.46
C ASP L 132 -29.15 75.44 53.72
N VAL L 133 -28.95 74.73 52.61
CA VAL L 133 -30.05 74.10 51.85
C VAL L 133 -29.72 72.64 51.61
N GLU L 134 -30.51 71.74 52.20
CA GLU L 134 -30.41 70.30 51.95
C GLU L 134 -31.37 69.92 50.80
N ALA L 135 -31.01 68.86 50.05
CA ALA L 135 -31.87 68.36 48.98
C ALA L 135 -32.01 66.81 48.95
N PRO L 136 -32.56 66.22 50.04
CA PRO L 136 -32.66 64.76 50.10
C PRO L 136 -34.05 64.22 49.70
N THR L 137 -34.25 62.90 49.88
CA THR L 137 -35.60 62.31 49.76
C THR L 137 -36.53 62.70 50.94
N PRO L 138 -37.86 62.54 50.74
CA PRO L 138 -38.76 62.45 51.90
C PRO L 138 -38.21 61.47 52.97
N TRP L 139 -38.48 61.77 54.25
CA TRP L 139 -38.12 60.97 55.43
C TRP L 139 -36.62 61.09 55.90
N TYR L 140 -35.77 61.80 55.16
CA TYR L 140 -34.33 61.70 55.42
C TYR L 140 -33.98 62.46 56.70
N PRO L 141 -33.13 61.88 57.56
CA PRO L 141 -32.67 62.66 58.73
C PRO L 141 -32.04 64.04 58.38
N VAL L 142 -32.12 64.99 59.32
CA VAL L 142 -31.40 66.25 59.23
C VAL L 142 -29.89 65.91 59.36
N ILE L 143 -29.09 66.47 58.48
CA ILE L 143 -27.65 66.10 58.43
C ILE L 143 -26.81 66.99 59.38
N HIS L 144 -25.92 66.33 60.14
CA HIS L 144 -24.98 66.97 61.03
C HIS L 144 -23.68 67.07 60.25
N ASP L 145 -23.46 68.20 59.59
CA ASP L 145 -22.49 68.31 58.49
C ASP L 145 -21.00 68.13 58.88
N PHE L 146 -20.60 68.62 60.06
CA PHE L 146 -19.18 68.72 60.41
C PHE L 146 -18.97 68.77 61.92
N SER L 147 -18.20 67.81 62.44
CA SER L 147 -17.70 67.78 63.82
C SER L 147 -16.14 67.96 63.79
N PRO L 148 -15.66 69.22 63.90
CA PRO L 148 -14.20 69.47 63.80
C PRO L 148 -13.43 69.03 65.05
N ASP L 149 -12.25 68.49 64.82
CA ASP L 149 -11.27 68.22 65.86
C ASP L 149 -10.45 69.52 66.13
N ILE L 150 -11.04 70.45 66.88
CA ILE L 150 -10.44 71.76 67.09
C ILE L 150 -9.12 71.70 67.91
N GLU L 151 -9.11 70.85 68.92
CA GLU L 151 -7.91 70.63 69.72
C GLU L 151 -6.73 70.18 68.86
N GLY L 152 -6.96 69.14 68.05
CA GLY L 152 -5.94 68.64 67.12
C GLY L 152 -5.49 69.66 66.10
N PHE L 153 -6.45 70.40 65.54
CA PHE L 153 -6.17 71.43 64.53
C PHE L 153 -5.24 72.53 65.08
N TYR L 154 -5.60 73.10 66.23
CA TYR L 154 -4.85 74.20 66.82
C TYR L 154 -3.47 73.72 67.29
N GLN L 155 -3.42 72.68 68.13
CA GLN L 155 -2.15 72.27 68.76
C GLN L 155 -1.16 71.62 67.81
N GLU L 156 -1.63 70.72 66.96
CA GLU L 156 -0.74 69.90 66.12
C GLU L 156 -0.48 70.44 64.74
N TRP L 157 -1.47 71.04 64.10
CA TRP L 157 -1.28 71.52 62.73
C TRP L 157 -0.91 72.99 62.68
N LEU L 158 -1.56 73.84 63.47
CA LEU L 158 -1.20 75.28 63.51
C LEU L 158 -0.13 75.63 64.55
N GLY L 159 0.10 74.78 65.57
CA GLY L 159 1.08 75.05 66.62
C GLY L 159 0.68 76.19 67.55
N LEU L 160 -0.62 76.29 67.85
CA LEU L 160 -1.17 77.31 68.73
C LEU L 160 -1.85 76.60 69.91
N PRO L 161 -1.90 77.27 71.09
CA PRO L 161 -2.67 76.64 72.17
C PRO L 161 -4.15 76.69 71.86
N VAL L 162 -4.90 75.78 72.49
CA VAL L 162 -6.34 75.73 72.34
C VAL L 162 -6.91 76.90 73.13
N PRO L 163 -7.86 77.64 72.57
CA PRO L 163 -8.49 78.68 73.39
C PRO L 163 -9.21 78.13 74.62
N GLU L 164 -9.31 78.95 75.66
CA GLU L 164 -10.03 78.58 76.88
C GLU L 164 -11.43 78.08 76.57
N ARG L 165 -11.84 77.05 77.29
CA ARG L 165 -13.16 76.50 77.14
C ARG L 165 -13.76 75.99 78.45
N ALA L 166 -14.98 76.41 78.75
CA ALA L 166 -15.82 75.78 79.77
C ALA L 166 -16.72 74.80 79.05
#